data_7ELL
#
_entry.id   7ELL
#
_cell.length_a   1.00
_cell.length_b   1.00
_cell.length_c   1.00
_cell.angle_alpha   90.00
_cell.angle_beta   90.00
_cell.angle_gamma   90.00
#
_symmetry.space_group_name_H-M   'P 1'
#
loop_
_entity.id
_entity.type
_entity.pdbx_description
1 polymer Mu1
2 polymer Mu1
3 polymer 'mRNA (guanine-N(7)-)-methyltransferase'
4 non-polymer 'MYRISTIC ACID'
#
loop_
_entity_poly.entity_id
_entity_poly.type
_entity_poly.pdbx_seq_one_letter_code
_entity_poly.pdbx_strand_id
1 'polypeptide(L)' GNASSIVQTINVTGDGNVFKPSAETSSTAVPSLSLSPGMLN A,B,C,D,E,F,G,H,I,J
2 'polypeptide(L)'
;PGGVPWIAVGDETSVTSPGALRRMTSKDIPETAIINTDNSSGAVPSESALVPYIDEPLVVVTEHAITNFTKAEMALEFNR
EFLDKMRVLSVSPKYSDLLTYVDCYVGVSARQALNNFQKQVPVITPTRQTMYVDSIQAALKALEKWEIDLRVAQTLLPTN
VPIGEVSCPMQSVVKLLDDQLPDDSLIRRYPKEAAVALAKRNGGIQWMDVSEGTVMNEAVNAVAASALAPSASAPPLEEK
SKLTEQAMDLVTAAEPEIIASLVPVPAPVFAIPPKPADYNVRTLRIDEATWLRMIPKSMNTPFQIQVTDNTGTNWHLNLR
GGTRVVNLDQIAPMRFVLDLGGKSYKETSWDPNGKKVGFIVFQSKIPFELWTAASQIGQATVVNYVQLYAEDSSFTAQSI
IATTSLAYNYEPEQLNKTDPEMNYYLLATFIDSAAITPTNMTQPDVWDALLTMSPLSAGEVTVKGAVVSEVVPADLIGSY
TPESLNTSLPNDAARCMIDRASKIAEAIKIDDDAGPDEYSPNSVPIQGQLAISQLETGYGVRIFNPKGILSKIASRAMQA
FIGDPSTIITQAAPVLSDKNNWIALAQGVKTSLRTKSLSAGVKTAVSKLSSSESIQNWTQGFLDKVSAHFPAPKPDCPTS
GDSGESSNRRVKRDSYAGVVKRGYTR
;
a,b,c,d,e,f,g,h,i,j
3 'polypeptide(L)'
;MANVWGVRLADSLSSPTIETRTRQYTLHDLCSDLDANPGREPWKPLRNQRTNNIVAVQLFRPLQGLVLDTQLYGFPGAFD
DWERFMREKLRVLKYEVLRIYPISNYSNEHVNVFVANALVGAFLSNQAFYDLLPLLIINDTMIGDLLGTGASLSQFFQSH
GDVLEVAAGRKYLQMENYSNDDDDPPLFAKDLSDYAKAFYSDTYEVLDRFFWTHDSSAGVLVHYDKPTNGHHYLLGTLTQ
MVSAPPYIINATDAMLLESCLEQFSANVRARPAQPVTRLDQCYHLRWGAQYVGEDSLTYRLGVLSLLATNGYQLARPIPR
QLTNRWLSSFVSQIMSDGVNETPLWPQERYVQIAYDSPSVVDGATQYGYVRKNQLRLGMRISALQSLSDTPSPVQWLPQY
TIDQAAMDEGDLMVSRLTQLPLRPDYGNIWVGDALSYYVDYNRSHRVVLSSELPQLPDTYFDGDEQYGRSLFSLARKIGD
RSLVKDTAVLKHAYQAIDPNTGKEYLRSGQSVAYFGASAGHSGADQPLVIEPWIQGKISGVPPPSSVRQFGYDVARGAIV
DLARPFPSGDYQFVYSDVDQVVDGHDDLSISSGLVESLLSSCMHATAPGGSFVVKINFPTRPVWHYIEQKILPNITSYML
IKPFVTNNVELFFVAFGVHQHSSLTWTSGVYFFLVDHFYRYETLSTISRQLPSFGYVDDGSSVTGIETISIENPGFSNMT
QAARIGISGLCANVGNARKSIAIYESHGARVLTITSRRSPASARRKSRLRYLPLIDPRSLEVQARTILPADPVLFENVSG
ASPHVCLTMMYNFEVSSAVYDGDVVLDLGTGPEAKILELIPATSPVTCVDIRPTAQPSGCWNVRTTFLELDYLSDGWITG
VRGDIVTCMLSLGAAAAGKSMTFDAAFQQLIKVLSKSTANVVLVQVNCPTDVVRSIKGYLEIDSTNKRYRFPKFGRDEPY
SDMDALEKICRTAWPNCSITWVPLSYDLRWTRLALLESTTLSSASIRIAELMYKYMPIMRIDIHGLPMEKRGNFIVGQNC
SLVIPGFNAQDVFNCYFNSALAFSTEDVNAAMIPQVSAQFDATKGEWTLDMVFSDAGIYTMQALVGSNANPVSLGSFVVD
SPDVDITDAWPAQLDFTIAGTDVDITVNPYYRLMTFVRIDGQWQIANPDKFQFFSSASGTLVMNVKLDIADKYLLYYIRD
VQSRDVGFYIQHPLQLLNTITLPTNEDLFLSAPDMREWAVKESGNTICILNSQGFVLPQDWDVLTDTISWSPSIPTYIVP
PGDYTLTPL
;
K
#
loop_
_chem_comp.id
_chem_comp.type
_chem_comp.name
_chem_comp.formula
MYR non-polymer 'MYRISTIC ACID' 'C14 H28 O2'
#
# COMPACT_ATOMS: atom_id res chain seq x y z
N GLY A 1 -20.57 -39.14 27.88
CA GLY A 1 -20.68 -40.59 27.62
C GLY A 1 -19.60 -41.34 28.34
N ASN A 2 -18.39 -40.78 28.35
CA ASN A 2 -17.22 -41.38 29.01
C ASN A 2 -17.50 -41.94 30.40
N ALA A 3 -17.60 -43.27 30.49
CA ALA A 3 -17.87 -43.98 31.73
C ALA A 3 -16.61 -44.46 32.44
N SER A 4 -15.45 -44.09 31.93
CA SER A 4 -14.18 -44.51 32.52
C SER A 4 -13.24 -43.34 32.81
N SER A 5 -12.35 -43.53 33.77
CA SER A 5 -11.39 -42.51 34.16
C SER A 5 -10.47 -42.16 32.99
N ILE A 6 -10.05 -43.18 32.25
CA ILE A 6 -9.19 -42.98 31.09
C ILE A 6 -10.04 -43.21 29.85
N VAL A 7 -10.01 -42.26 28.93
CA VAL A 7 -10.80 -42.37 27.71
C VAL A 7 -9.94 -42.60 26.47
N GLN A 8 -10.32 -43.62 25.71
CA GLN A 8 -9.62 -43.97 24.48
C GLN A 8 -10.65 -44.22 23.37
N THR A 9 -11.85 -43.71 23.59
CA THR A 9 -12.93 -43.88 22.61
C THR A 9 -12.89 -42.83 21.50
N ILE A 10 -14.04 -42.22 21.22
CA ILE A 10 -14.35 -41.19 20.24
C ILE A 10 -15.35 -40.24 20.86
N ASN A 11 -14.86 -39.09 21.33
CA ASN A 11 -15.72 -38.17 22.04
C ASN A 11 -16.73 -37.60 21.06
N VAL A 12 -17.97 -38.08 21.15
CA VAL A 12 -19.00 -37.64 20.21
C VAL A 12 -19.21 -36.13 20.33
N THR A 13 -19.34 -35.65 21.56
CA THR A 13 -19.49 -34.22 21.79
C THR A 13 -18.14 -33.52 21.96
N GLY A 14 -17.04 -34.21 21.67
CA GLY A 14 -15.74 -33.58 21.66
C GLY A 14 -15.52 -32.75 20.42
N ASP A 15 -14.34 -32.16 20.34
CA ASP A 15 -13.99 -31.32 19.20
C ASP A 15 -13.33 -32.17 18.11
N GLY A 16 -12.95 -31.51 17.02
CA GLY A 16 -12.25 -32.19 15.95
C GLY A 16 -13.11 -33.06 15.07
N ASN A 17 -14.38 -33.23 15.39
CA ASN A 17 -15.27 -34.01 14.55
C ASN A 17 -15.69 -33.19 13.34
N VAL A 18 -16.04 -33.87 12.26
CA VAL A 18 -16.22 -33.25 10.96
C VAL A 18 -17.61 -33.59 10.42
N PHE A 19 -18.31 -32.59 9.90
CA PHE A 19 -19.63 -32.76 9.30
C PHE A 19 -19.63 -31.99 7.97
N LYS A 20 -19.35 -32.70 6.88
CA LYS A 20 -19.29 -32.10 5.54
C LYS A 20 -20.16 -32.89 4.58
N PRO A 21 -21.47 -32.69 4.62
CA PRO A 21 -22.34 -33.38 3.66
C PRO A 21 -21.96 -33.03 2.23
N SER A 22 -21.63 -34.06 1.47
CA SER A 22 -21.17 -33.89 0.10
C SER A 22 -22.01 -34.76 -0.82
N ALA A 23 -22.09 -34.34 -2.08
CA ALA A 23 -22.83 -35.11 -3.07
C ALA A 23 -22.19 -36.48 -3.27
N GLU A 24 -20.86 -36.53 -3.29
CA GLU A 24 -20.17 -37.78 -3.52
C GLU A 24 -20.45 -38.80 -2.42
N THR A 25 -20.85 -38.35 -1.24
CA THR A 25 -21.12 -39.24 -0.12
C THR A 25 -22.61 -39.36 0.16
N SER A 26 -23.44 -39.35 -0.88
CA SER A 26 -24.86 -39.48 -0.68
C SER A 26 -25.16 -40.82 0.00
N SER A 27 -25.75 -40.75 1.18
CA SER A 27 -25.93 -41.96 1.99
C SER A 27 -26.92 -42.92 1.33
N THR A 28 -26.70 -44.21 1.59
CA THR A 28 -27.60 -45.30 1.24
C THR A 28 -27.11 -46.56 1.95
N ALA A 29 -28.03 -47.48 2.24
CA ALA A 29 -27.61 -48.75 2.85
C ALA A 29 -27.89 -49.94 1.94
N VAL A 30 -29.15 -50.30 1.73
CA VAL A 30 -29.60 -51.44 0.90
C VAL A 30 -31.05 -51.22 0.50
N PRO A 31 -31.32 -50.39 -0.50
CA PRO A 31 -32.72 -50.12 -0.83
C PRO A 31 -33.46 -51.34 -1.36
N SER A 32 -32.93 -52.01 -2.36
CA SER A 32 -33.64 -53.11 -3.00
C SER A 32 -32.66 -54.13 -3.53
N LEU A 33 -33.14 -55.37 -3.64
CA LEU A 33 -32.37 -56.48 -4.18
C LEU A 33 -33.10 -57.10 -5.35
N SER A 34 -32.32 -57.58 -6.32
CA SER A 34 -32.88 -58.21 -7.51
C SER A 34 -33.33 -59.63 -7.15
N LEU A 35 -34.35 -59.69 -6.29
CA LEU A 35 -34.92 -60.95 -5.85
C LEU A 35 -35.97 -61.49 -6.81
N SER A 36 -35.96 -61.02 -8.06
CA SER A 36 -36.85 -61.57 -9.06
C SER A 36 -36.64 -63.06 -9.17
N PRO A 37 -37.69 -63.86 -9.22
CA PRO A 37 -37.53 -65.31 -9.06
C PRO A 37 -37.09 -65.99 -10.34
N GLY A 38 -37.44 -65.40 -11.48
CA GLY A 38 -36.91 -65.89 -12.73
C GLY A 38 -35.41 -65.81 -12.78
N MET A 39 -34.85 -64.70 -12.31
CA MET A 39 -33.41 -64.56 -12.22
C MET A 39 -32.83 -65.36 -11.06
N LEU A 40 -33.64 -65.79 -10.11
CA LEU A 40 -33.16 -66.61 -9.01
C LEU A 40 -33.16 -68.10 -9.31
N ASN A 41 -33.87 -68.53 -10.35
CA ASN A 41 -33.85 -69.91 -10.82
C ASN A 41 -34.27 -70.90 -9.75
N PRO B 1 -24.51 -72.59 -13.73
CA PRO B 1 -25.76 -73.03 -14.34
C PRO B 1 -26.95 -72.84 -13.42
N GLY B 2 -27.95 -73.71 -13.55
CA GLY B 2 -29.13 -73.64 -12.69
C GLY B 2 -30.05 -74.83 -12.83
N GLY B 3 -30.60 -75.30 -11.72
CA GLY B 3 -31.53 -76.41 -11.75
C GLY B 3 -31.41 -77.32 -10.56
N VAL B 4 -31.26 -78.62 -10.83
CA VAL B 4 -31.17 -79.64 -9.79
C VAL B 4 -30.04 -80.59 -10.14
N PRO B 5 -29.25 -81.06 -9.17
CA PRO B 5 -28.20 -82.03 -9.48
C PRO B 5 -28.80 -83.36 -9.91
N TRP B 6 -28.04 -84.07 -10.75
CA TRP B 6 -28.47 -85.36 -11.26
C TRP B 6 -27.36 -86.38 -11.08
N ILE B 7 -27.76 -87.64 -10.91
CA ILE B 7 -26.83 -88.74 -10.73
C ILE B 7 -27.19 -89.85 -11.71
N ALA B 8 -26.17 -90.45 -12.32
CA ALA B 8 -26.41 -91.51 -13.29
C ALA B 8 -26.57 -92.86 -12.58
N VAL B 9 -27.19 -93.80 -13.29
CA VAL B 9 -27.22 -95.17 -12.82
C VAL B 9 -26.59 -96.10 -13.85
N GLY B 10 -27.12 -96.09 -15.08
CA GLY B 10 -26.63 -96.98 -16.10
C GLY B 10 -25.34 -96.50 -16.72
N ASP B 11 -24.73 -97.40 -17.49
CA ASP B 11 -23.47 -97.12 -18.20
C ASP B 11 -23.72 -96.53 -19.58
N GLU B 12 -24.53 -95.47 -19.65
CA GLU B 12 -24.80 -94.78 -20.90
C GLU B 12 -24.20 -93.39 -20.85
N THR B 13 -23.77 -92.91 -22.01
CA THR B 13 -23.21 -91.59 -22.15
C THR B 13 -23.88 -90.77 -23.24
N SER B 14 -24.47 -91.41 -24.23
CA SER B 14 -25.06 -90.69 -25.34
C SER B 14 -26.17 -89.78 -24.86
N VAL B 15 -26.25 -88.59 -25.46
CA VAL B 15 -27.40 -87.73 -25.25
C VAL B 15 -28.65 -88.48 -25.72
N THR B 16 -29.75 -88.24 -25.01
CA THR B 16 -31.03 -88.94 -25.24
C THR B 16 -30.93 -90.43 -24.93
N SER B 17 -30.11 -90.80 -23.96
CA SER B 17 -30.17 -92.16 -23.45
C SER B 17 -31.43 -92.30 -22.59
N PRO B 18 -32.25 -93.31 -22.82
CA PRO B 18 -33.59 -93.35 -22.20
C PRO B 18 -33.60 -93.30 -20.68
N GLY B 19 -33.00 -94.27 -20.00
CA GLY B 19 -33.06 -94.28 -18.57
C GLY B 19 -31.75 -93.94 -17.90
N ALA B 20 -31.00 -93.01 -18.47
CA ALA B 20 -29.65 -92.76 -17.99
C ALA B 20 -29.66 -92.09 -16.62
N LEU B 21 -30.45 -91.05 -16.46
CA LEU B 21 -30.28 -90.13 -15.34
C LEU B 21 -31.43 -90.23 -14.35
N ARG B 22 -31.09 -90.08 -13.08
CA ARG B 22 -32.04 -90.03 -11.98
C ARG B 22 -31.58 -88.99 -10.98
N ARG B 23 -32.52 -88.44 -10.23
CA ARG B 23 -32.18 -87.36 -9.33
C ARG B 23 -31.21 -87.82 -8.26
N MET B 24 -30.47 -86.88 -7.70
CA MET B 24 -29.51 -87.14 -6.64
C MET B 24 -29.98 -86.51 -5.35
N THR B 25 -30.16 -87.33 -4.32
CA THR B 25 -30.61 -86.87 -3.02
C THR B 25 -29.43 -86.26 -2.27
N SER B 26 -29.60 -86.04 -0.96
CA SER B 26 -28.50 -85.58 -0.14
C SER B 26 -27.50 -86.68 0.15
N LYS B 27 -27.98 -87.91 0.33
CA LYS B 27 -27.12 -89.01 0.73
C LYS B 27 -25.99 -89.27 -0.24
N ASP B 28 -26.14 -88.88 -1.50
CA ASP B 28 -25.13 -89.19 -2.51
C ASP B 28 -24.02 -88.15 -2.57
N ILE B 29 -23.77 -87.42 -1.48
CA ILE B 29 -22.67 -86.47 -1.43
C ILE B 29 -21.33 -87.19 -1.47
N TYR B 53 -31.02 -91.23 8.02
CA TYR B 53 -31.75 -90.32 8.88
C TYR B 53 -32.81 -89.57 8.09
N ILE B 54 -32.48 -88.34 7.69
CA ILE B 54 -33.39 -87.51 6.91
C ILE B 54 -32.69 -87.25 5.57
N ASP B 55 -33.09 -87.99 4.55
CA ASP B 55 -32.53 -87.84 3.21
C ASP B 55 -33.51 -87.05 2.37
N GLU B 56 -33.05 -85.90 1.88
CA GLU B 56 -33.89 -84.95 1.16
C GLU B 56 -33.22 -84.58 -0.16
N PRO B 57 -33.99 -84.09 -1.12
CA PRO B 57 -33.41 -83.72 -2.41
C PRO B 57 -32.58 -82.45 -2.31
N LEU B 58 -31.81 -82.20 -3.35
CA LEU B 58 -30.86 -81.09 -3.39
C LEU B 58 -31.14 -80.22 -4.61
N VAL B 59 -30.79 -78.94 -4.51
CA VAL B 59 -31.02 -77.98 -5.58
C VAL B 59 -29.73 -77.24 -5.86
N VAL B 60 -29.59 -76.80 -7.10
CA VAL B 60 -28.38 -76.12 -7.56
C VAL B 60 -28.60 -74.62 -7.49
N VAL B 61 -27.83 -73.95 -6.64
CA VAL B 61 -27.89 -72.50 -6.57
C VAL B 61 -27.13 -71.89 -7.74
N THR B 62 -27.43 -70.63 -8.04
CA THR B 62 -26.77 -69.90 -9.11
C THR B 62 -25.85 -68.83 -8.55
N GLU B 63 -25.03 -68.27 -9.43
CA GLU B 63 -24.17 -67.16 -9.05
C GLU B 63 -24.99 -65.95 -8.63
N HIS B 64 -26.05 -65.66 -9.38
CA HIS B 64 -26.82 -64.45 -9.13
C HIS B 64 -27.46 -64.49 -7.75
N ALA B 65 -28.03 -65.64 -7.41
CA ALA B 65 -28.65 -65.80 -6.09
C ALA B 65 -27.62 -65.69 -4.98
N ILE B 66 -26.44 -66.26 -5.19
CA ILE B 66 -25.39 -66.17 -4.19
C ILE B 66 -25.02 -64.72 -3.95
N THR B 67 -24.81 -63.97 -5.03
CA THR B 67 -24.47 -62.56 -4.89
C THR B 67 -25.56 -61.82 -4.12
N ASN B 68 -26.81 -62.05 -4.48
CA ASN B 68 -27.90 -61.34 -3.83
C ASN B 68 -27.97 -61.66 -2.34
N PHE B 69 -27.89 -62.95 -2.00
CA PHE B 69 -28.04 -63.33 -0.61
C PHE B 69 -26.86 -62.84 0.24
N THR B 70 -25.65 -62.85 -0.32
CA THR B 70 -24.53 -62.27 0.41
C THR B 70 -24.75 -60.78 0.63
N LYS B 71 -25.24 -60.07 -0.39
CA LYS B 71 -25.54 -58.66 -0.19
C LYS B 71 -26.59 -58.47 0.89
N ALA B 72 -27.53 -59.42 1.01
CA ALA B 72 -28.55 -59.33 2.05
C ALA B 72 -27.91 -59.35 3.43
N GLU B 73 -26.90 -60.20 3.63
CA GLU B 73 -26.21 -60.21 4.91
C GLU B 73 -25.52 -58.89 5.19
N MET B 74 -24.95 -58.26 4.16
CA MET B 74 -24.17 -57.05 4.39
C MET B 74 -25.02 -55.92 4.94
N ALA B 75 -26.35 -56.02 4.82
CA ALA B 75 -27.21 -55.08 5.51
C ALA B 75 -27.11 -55.23 7.02
N LEU B 76 -26.98 -56.46 7.50
CA LEU B 76 -26.99 -56.68 8.94
C LEU B 76 -25.81 -56.01 9.62
N GLU B 77 -24.63 -56.13 9.04
CA GLU B 77 -23.44 -55.58 9.67
C GLU B 77 -23.37 -54.07 9.59
N PHE B 78 -24.31 -53.43 8.88
CA PHE B 78 -24.46 -51.98 8.99
C PHE B 78 -24.85 -51.56 10.40
N ASN B 79 -25.32 -52.50 11.22
CA ASN B 79 -25.80 -52.21 12.55
C ASN B 79 -25.11 -53.08 13.58
N ARG B 80 -23.94 -53.61 13.22
CA ARG B 80 -23.26 -54.59 14.08
C ARG B 80 -23.08 -54.07 15.48
N GLU B 81 -22.73 -52.80 15.63
CA GLU B 81 -22.43 -52.24 16.94
C GLU B 81 -23.65 -52.31 17.86
N PHE B 82 -24.78 -51.81 17.39
CA PHE B 82 -25.98 -51.85 18.21
C PHE B 82 -26.38 -53.28 18.51
N LEU B 83 -26.19 -54.19 17.55
CA LEU B 83 -26.50 -55.59 17.77
C LEU B 83 -25.69 -56.15 18.94
N ASP B 84 -24.37 -56.17 18.80
CA ASP B 84 -23.59 -56.79 19.87
C ASP B 84 -23.71 -56.03 21.16
N LYS B 85 -24.17 -54.77 21.12
CA LYS B 85 -24.55 -54.12 22.36
C LYS B 85 -25.82 -54.74 22.94
N MET B 86 -26.75 -55.10 22.04
CA MET B 86 -28.02 -55.68 22.42
C MET B 86 -28.00 -57.20 22.59
N ARG B 87 -26.82 -57.80 22.49
CA ARG B 87 -26.62 -59.23 22.68
C ARG B 87 -27.58 -60.02 21.78
N VAL B 88 -27.39 -59.85 20.48
CA VAL B 88 -28.17 -60.57 19.49
C VAL B 88 -27.25 -60.93 18.33
N LEU B 89 -27.37 -62.17 17.85
CA LEU B 89 -26.75 -62.58 16.59
C LEU B 89 -25.24 -62.35 16.64
N SER B 90 -24.60 -63.13 17.52
CA SER B 90 -23.19 -62.94 17.80
C SER B 90 -22.27 -63.59 16.77
N VAL B 91 -22.80 -64.33 15.81
CA VAL B 91 -21.97 -64.90 14.75
C VAL B 91 -22.66 -64.69 13.41
N SER B 92 -21.88 -64.27 12.40
CA SER B 92 -22.42 -63.87 11.12
C SER B 92 -23.03 -65.07 10.37
N PRO B 93 -24.05 -64.83 9.56
CA PRO B 93 -24.70 -65.97 8.85
C PRO B 93 -23.78 -66.69 7.89
N LYS B 94 -23.01 -65.97 7.08
CA LYS B 94 -22.02 -66.59 6.18
C LYS B 94 -22.68 -67.58 5.21
N TYR B 95 -23.45 -67.01 4.28
CA TYR B 95 -24.20 -67.82 3.33
C TYR B 95 -23.30 -68.77 2.55
N SER B 96 -22.15 -68.29 2.07
CA SER B 96 -21.30 -69.12 1.22
C SER B 96 -20.87 -70.40 1.93
N ASP B 97 -20.91 -70.42 3.25
CA ASP B 97 -20.51 -71.62 3.98
C ASP B 97 -21.54 -72.73 3.86
N LEU B 98 -22.82 -72.39 3.96
CA LEU B 98 -23.86 -73.41 4.03
C LEU B 98 -23.92 -74.26 2.77
N LEU B 99 -23.29 -73.80 1.70
CA LEU B 99 -23.32 -74.48 0.42
C LEU B 99 -22.63 -75.84 0.51
N THR B 100 -22.77 -76.61 -0.56
CA THR B 100 -22.06 -77.86 -0.74
C THR B 100 -21.54 -77.89 -2.17
N TYR B 101 -20.38 -78.50 -2.37
CA TYR B 101 -19.73 -78.48 -3.67
C TYR B 101 -19.68 -79.89 -4.25
N VAL B 102 -20.24 -80.05 -5.45
CA VAL B 102 -20.14 -81.29 -6.21
C VAL B 102 -19.95 -80.94 -7.67
N ASP B 103 -19.55 -81.95 -8.46
CA ASP B 103 -19.49 -81.83 -9.92
C ASP B 103 -20.17 -83.04 -10.53
N CYS B 104 -21.49 -82.97 -10.63
CA CYS B 104 -22.25 -84.05 -11.24
C CYS B 104 -23.10 -83.47 -12.37
N TYR B 105 -23.99 -84.28 -12.93
CA TYR B 105 -24.89 -83.76 -13.94
C TYR B 105 -25.86 -82.77 -13.31
N VAL B 106 -26.22 -81.76 -14.08
CA VAL B 106 -27.05 -80.67 -13.56
C VAL B 106 -27.95 -80.17 -14.69
N GLY B 107 -29.16 -79.78 -14.30
CA GLY B 107 -30.16 -79.34 -15.26
C GLY B 107 -31.53 -79.32 -14.58
N VAL B 108 -32.56 -79.38 -15.41
CA VAL B 108 -33.92 -79.45 -14.90
C VAL B 108 -34.59 -80.71 -15.39
N SER B 109 -34.58 -80.93 -16.69
CA SER B 109 -35.05 -82.18 -17.25
C SER B 109 -33.87 -83.13 -17.46
N ALA B 110 -34.10 -84.42 -17.22
CA ALA B 110 -33.04 -85.39 -17.42
C ALA B 110 -32.52 -85.38 -18.85
N ARG B 111 -33.44 -85.26 -19.81
CA ARG B 111 -33.06 -85.22 -21.22
C ARG B 111 -32.43 -83.88 -21.62
N GLN B 112 -32.11 -83.03 -20.65
CA GLN B 112 -31.37 -81.80 -20.92
C GLN B 112 -30.14 -81.75 -20.02
N ALA B 113 -30.28 -82.20 -18.78
CA ALA B 113 -29.11 -82.33 -17.92
C ALA B 113 -28.12 -83.32 -18.49
N LEU B 114 -28.61 -84.28 -19.27
CA LEU B 114 -27.76 -85.31 -19.85
C LEU B 114 -26.68 -84.72 -20.75
N ASN B 115 -26.88 -83.50 -21.24
CA ASN B 115 -25.88 -82.83 -22.04
C ASN B 115 -25.44 -81.55 -21.34
N ASN B 116 -25.16 -81.66 -20.05
CA ASN B 116 -24.70 -80.51 -19.27
C ASN B 116 -24.06 -81.04 -18.00
N PHE B 117 -22.77 -80.80 -17.83
CA PHE B 117 -22.00 -81.35 -16.71
C PHE B 117 -20.98 -80.32 -16.27
N GLN B 118 -21.27 -79.63 -15.18
CA GLN B 118 -20.43 -78.53 -14.71
C GLN B 118 -19.53 -79.01 -13.57
N LYS B 119 -18.70 -78.10 -13.09
CA LYS B 119 -17.70 -78.34 -12.05
C LYS B 119 -17.96 -77.48 -10.83
N GLN B 120 -17.91 -78.09 -9.65
CA GLN B 120 -17.94 -77.36 -8.38
C GLN B 120 -19.20 -76.52 -8.26
N VAL B 121 -20.34 -77.09 -8.62
CA VAL B 121 -21.59 -76.35 -8.50
C VAL B 121 -21.95 -76.19 -7.03
N PRO B 122 -22.56 -75.07 -6.63
CA PRO B 122 -23.05 -74.96 -5.24
C PRO B 122 -24.42 -75.62 -5.12
N VAL B 123 -24.58 -76.44 -4.08
CA VAL B 123 -25.81 -77.18 -3.84
C VAL B 123 -26.21 -77.00 -2.39
N ILE B 124 -27.50 -77.17 -2.11
CA ILE B 124 -28.03 -76.90 -0.79
C ILE B 124 -29.32 -77.69 -0.58
N THR B 125 -29.55 -78.08 0.67
CA THR B 125 -30.84 -78.69 1.01
C THR B 125 -31.89 -77.60 1.12
N PRO B 126 -33.15 -77.89 0.79
CA PRO B 126 -34.20 -76.89 0.99
C PRO B 126 -34.34 -76.46 2.43
N THR B 127 -34.19 -77.38 3.38
CA THR B 127 -34.42 -77.04 4.77
C THR B 127 -33.33 -76.12 5.32
N ARG B 128 -32.08 -76.42 5.02
CA ARG B 128 -30.99 -75.56 5.48
C ARG B 128 -31.10 -74.17 4.86
N GLN B 129 -31.47 -74.11 3.58
CA GLN B 129 -31.68 -72.83 2.93
C GLN B 129 -32.81 -72.06 3.60
N THR B 130 -33.89 -72.74 3.94
CA THR B 130 -34.98 -72.11 4.66
C THR B 130 -34.52 -71.60 6.02
N MET B 131 -33.71 -72.38 6.71
CA MET B 131 -33.20 -71.96 8.01
C MET B 131 -32.37 -70.71 7.88
N TYR B 132 -31.55 -70.64 6.84
CA TYR B 132 -30.76 -69.44 6.58
C TYR B 132 -31.63 -68.22 6.33
N VAL B 133 -32.58 -68.33 5.41
CA VAL B 133 -33.38 -67.16 5.09
C VAL B 133 -34.25 -66.78 6.27
N ASP B 134 -34.64 -67.76 7.09
CA ASP B 134 -35.44 -67.45 8.27
C ASP B 134 -34.62 -66.71 9.31
N SER B 135 -33.35 -67.10 9.47
CA SER B 135 -32.48 -66.36 10.37
C SER B 135 -32.37 -64.92 9.90
N ILE B 136 -32.19 -64.72 8.60
CA ILE B 136 -32.09 -63.36 8.08
C ILE B 136 -33.37 -62.59 8.36
N GLN B 137 -34.52 -63.21 8.08
CA GLN B 137 -35.79 -62.51 8.20
C GLN B 137 -36.06 -62.12 9.64
N ALA B 138 -35.85 -63.05 10.57
CA ALA B 138 -36.09 -62.76 11.97
C ALA B 138 -35.09 -61.74 12.50
N ALA B 139 -33.85 -61.78 12.00
CA ALA B 139 -32.88 -60.76 12.38
C ALA B 139 -33.37 -59.38 11.95
N LEU B 140 -33.79 -59.26 10.70
CA LEU B 140 -34.29 -57.98 10.22
C LEU B 140 -35.56 -57.57 10.97
N LYS B 141 -36.28 -58.52 11.53
CA LYS B 141 -37.45 -58.17 12.33
C LYS B 141 -37.05 -57.34 13.54
N ALA B 142 -36.00 -57.73 14.25
CA ALA B 142 -35.68 -57.12 15.53
C ALA B 142 -35.40 -55.63 15.38
N LEU B 143 -34.65 -55.27 14.36
CA LEU B 143 -34.20 -53.89 14.20
C LEU B 143 -35.28 -52.98 13.64
N GLU B 144 -36.54 -53.45 13.68
CA GLU B 144 -37.63 -52.72 13.04
C GLU B 144 -37.81 -51.32 13.60
N LYS B 145 -37.31 -51.05 14.80
CA LYS B 145 -37.43 -49.73 15.40
C LYS B 145 -36.13 -48.94 15.32
N TRP B 146 -35.00 -49.60 15.59
CA TRP B 146 -33.71 -48.94 15.57
C TRP B 146 -33.45 -48.27 14.23
N GLU B 147 -33.84 -48.93 13.14
CA GLU B 147 -33.74 -48.31 11.82
C GLU B 147 -34.54 -47.03 11.76
N ILE B 148 -35.77 -47.05 12.29
CA ILE B 148 -36.59 -45.85 12.27
C ILE B 148 -35.90 -44.72 13.02
N ASP B 149 -35.33 -45.03 14.19
CA ASP B 149 -34.66 -43.99 14.95
C ASP B 149 -33.50 -43.40 14.16
N LEU B 150 -32.72 -44.25 13.50
CA LEU B 150 -31.62 -43.74 12.70
C LEU B 150 -32.12 -42.88 11.53
N ARG B 151 -33.22 -43.29 10.91
CA ARG B 151 -33.79 -42.49 9.83
C ARG B 151 -34.19 -41.11 10.35
N VAL B 152 -34.82 -41.07 11.52
CA VAL B 152 -35.15 -39.80 12.13
C VAL B 152 -33.88 -38.96 12.29
N ALA B 153 -32.81 -39.58 12.77
CA ALA B 153 -31.57 -38.86 13.02
C ALA B 153 -31.01 -38.26 11.75
N GLN B 154 -31.01 -39.03 10.65
CA GLN B 154 -30.44 -38.53 9.41
C GLN B 154 -31.36 -37.61 8.66
N THR B 155 -32.65 -37.58 8.98
CA THR B 155 -33.58 -36.81 8.18
C THR B 155 -34.02 -35.52 8.84
N LEU B 156 -33.91 -35.42 10.17
CA LEU B 156 -34.34 -34.21 10.85
C LEU B 156 -33.63 -32.98 10.32
N LEU B 157 -32.43 -33.13 9.80
CA LEU B 157 -31.71 -32.07 9.14
C LEU B 157 -30.94 -32.65 7.96
N PRO B 158 -30.63 -31.85 6.95
CA PRO B 158 -30.14 -32.42 5.69
C PRO B 158 -28.75 -33.02 5.78
N THR B 159 -28.67 -34.35 5.79
CA THR B 159 -27.41 -35.07 5.73
C THR B 159 -27.08 -35.53 4.32
N ASN B 160 -27.62 -34.85 3.32
CA ASN B 160 -27.27 -35.09 1.92
C ASN B 160 -27.60 -33.84 1.12
N VAL B 161 -26.81 -33.63 0.07
CA VAL B 161 -26.93 -32.43 -0.76
C VAL B 161 -26.86 -32.86 -2.22
N PRO B 162 -27.53 -32.17 -3.14
CA PRO B 162 -27.39 -32.54 -4.56
C PRO B 162 -26.01 -32.25 -5.14
N ILE B 163 -25.46 -31.06 -4.94
CA ILE B 163 -24.26 -30.64 -5.65
C ILE B 163 -23.23 -30.10 -4.67
N GLY B 164 -21.96 -30.28 -5.03
CA GLY B 164 -20.87 -29.75 -4.22
C GLY B 164 -20.86 -30.35 -2.83
N GLU B 165 -20.68 -29.49 -1.83
CA GLU B 165 -20.55 -29.95 -0.46
C GLU B 165 -20.84 -28.80 0.50
N VAL B 166 -21.56 -29.12 1.57
CA VAL B 166 -21.87 -28.15 2.63
C VAL B 166 -21.22 -28.65 3.91
N SER B 167 -21.38 -27.89 4.99
CA SER B 167 -20.67 -28.21 6.23
C SER B 167 -21.26 -27.40 7.39
N CYS B 168 -21.02 -27.90 8.60
CA CYS B 168 -21.55 -27.30 9.83
C CYS B 168 -20.86 -27.90 11.05
N PRO B 169 -20.53 -27.10 12.06
CA PRO B 169 -19.77 -27.61 13.22
C PRO B 169 -20.53 -28.69 13.97
N MET B 170 -19.78 -29.69 14.45
CA MET B 170 -20.38 -30.87 15.06
C MET B 170 -21.01 -30.57 16.41
N GLN B 171 -20.39 -29.70 17.22
CA GLN B 171 -21.03 -29.35 18.48
C GLN B 171 -22.43 -28.79 18.25
N SER B 172 -22.59 -27.92 17.26
CA SER B 172 -23.89 -27.35 17.01
C SER B 172 -24.92 -28.42 16.66
N VAL B 173 -24.60 -29.26 15.68
CA VAL B 173 -25.56 -30.25 15.21
C VAL B 173 -25.86 -31.27 16.30
N VAL B 174 -24.86 -31.64 17.11
CA VAL B 174 -25.14 -32.56 18.20
C VAL B 174 -26.03 -31.90 19.25
N LYS B 175 -25.76 -30.63 19.55
CA LYS B 175 -26.62 -29.91 20.48
C LYS B 175 -28.04 -29.81 19.95
N LEU B 176 -28.20 -29.84 18.63
CA LEU B 176 -29.53 -29.82 18.05
C LEU B 176 -30.22 -31.17 18.24
N LEU B 177 -29.50 -32.27 17.99
CA LEU B 177 -30.12 -33.58 18.09
C LEU B 177 -30.58 -33.87 19.52
N ASP B 178 -29.78 -33.49 20.50
CA ASP B 178 -30.23 -33.65 21.88
C ASP B 178 -31.32 -32.67 22.23
N ASP B 179 -31.88 -31.98 21.24
CA ASP B 179 -32.95 -31.04 21.45
C ASP B 179 -34.22 -31.37 20.68
N GLN B 180 -34.18 -32.33 19.77
CA GLN B 180 -35.37 -32.61 18.96
C GLN B 180 -35.73 -34.09 18.90
N LEU B 181 -34.76 -34.99 19.01
CA LEU B 181 -35.09 -36.40 19.00
C LEU B 181 -36.02 -36.74 20.15
N PRO B 182 -37.02 -37.59 19.92
CA PRO B 182 -37.96 -37.92 20.98
C PRO B 182 -37.28 -38.68 22.11
N ASP B 183 -37.80 -38.51 23.32
CA ASP B 183 -37.16 -39.10 24.49
C ASP B 183 -37.01 -40.61 24.35
N ASP B 184 -37.93 -41.25 23.63
CA ASP B 184 -37.86 -42.69 23.46
C ASP B 184 -36.85 -43.13 22.41
N SER B 185 -36.28 -42.21 21.63
CA SER B 185 -35.36 -42.60 20.58
C SER B 185 -34.18 -43.36 21.17
N LEU B 186 -33.80 -44.44 20.49
CA LEU B 186 -32.70 -45.27 20.98
C LEU B 186 -31.38 -44.54 21.01
N ILE B 187 -31.24 -43.45 20.25
CA ILE B 187 -29.97 -42.72 20.26
C ILE B 187 -29.69 -42.15 21.62
N ARG B 188 -30.75 -41.74 22.34
CA ARG B 188 -30.57 -41.18 23.68
C ARG B 188 -29.96 -42.18 24.65
N ARG B 189 -30.07 -43.46 24.37
CA ARG B 189 -29.51 -44.45 25.30
C ARG B 189 -28.38 -45.27 24.72
N TYR B 190 -28.15 -45.16 23.42
CA TYR B 190 -27.10 -45.93 22.76
C TYR B 190 -26.34 -45.04 21.77
N PRO B 191 -25.61 -44.05 22.27
CA PRO B 191 -25.06 -43.01 21.39
C PRO B 191 -23.95 -43.44 20.44
N LYS B 192 -22.89 -44.05 20.96
CA LYS B 192 -21.68 -44.24 20.15
C LYS B 192 -21.93 -45.17 18.98
N GLU B 193 -22.61 -46.28 19.21
CA GLU B 193 -22.95 -47.18 18.11
C GLU B 193 -23.81 -46.48 17.08
N ALA B 194 -24.75 -45.64 17.51
CA ALA B 194 -25.55 -44.88 16.55
C ALA B 194 -24.66 -43.98 15.71
N ALA B 195 -23.70 -43.32 16.35
CA ALA B 195 -22.81 -42.43 15.62
C ALA B 195 -21.97 -43.20 14.60
N VAL B 196 -21.41 -44.33 15.02
CA VAL B 196 -20.54 -45.08 14.12
C VAL B 196 -21.35 -45.68 12.98
N ALA B 197 -22.57 -46.12 13.26
CA ALA B 197 -23.45 -46.58 12.20
C ALA B 197 -23.74 -45.46 11.22
N LEU B 198 -24.04 -44.27 11.72
CA LEU B 198 -24.25 -43.12 10.85
C LEU B 198 -23.06 -42.93 9.93
N ALA B 199 -21.86 -42.91 10.49
CA ALA B 199 -20.67 -42.72 9.66
C ALA B 199 -20.41 -43.91 8.74
N LYS B 200 -21.01 -45.06 9.02
CA LYS B 200 -20.78 -46.22 8.16
C LYS B 200 -21.39 -46.04 6.78
N ARG B 201 -22.35 -45.13 6.61
CA ARG B 201 -22.96 -44.92 5.31
C ARG B 201 -22.93 -43.46 4.86
N ASN B 202 -22.43 -42.55 5.67
CA ASN B 202 -22.37 -41.14 5.32
C ASN B 202 -20.92 -40.68 5.40
N GLY B 203 -20.24 -40.62 4.25
CA GLY B 203 -18.87 -40.15 4.25
C GLY B 203 -18.71 -38.73 4.70
N GLY B 204 -19.80 -37.96 4.71
CA GLY B 204 -19.76 -36.58 5.11
C GLY B 204 -19.72 -36.34 6.59
N ILE B 205 -19.75 -37.40 7.40
CA ILE B 205 -19.59 -37.29 8.84
C ILE B 205 -18.42 -38.18 9.23
N GLN B 206 -17.49 -37.61 10.01
CA GLN B 206 -16.33 -38.35 10.45
C GLN B 206 -16.11 -38.09 11.93
N TRP B 207 -15.47 -39.05 12.59
CA TRP B 207 -15.22 -39.01 14.01
C TRP B 207 -13.71 -39.02 14.25
N MET B 208 -13.25 -38.12 15.11
CA MET B 208 -11.83 -38.09 15.45
C MET B 208 -11.45 -39.37 16.18
N ASP B 209 -10.18 -39.74 16.08
CA ASP B 209 -9.63 -40.92 16.74
C ASP B 209 -8.61 -40.43 17.77
N VAL B 210 -9.13 -40.03 18.94
CA VAL B 210 -8.29 -39.42 19.98
C VAL B 210 -7.12 -40.32 20.36
N SER B 211 -7.23 -41.62 20.12
CA SER B 211 -6.07 -42.50 20.28
C SER B 211 -4.89 -41.97 19.47
N GLU B 212 -5.12 -41.68 18.20
CA GLU B 212 -4.11 -41.08 17.35
C GLU B 212 -4.40 -39.63 16.98
N GLY B 213 -5.66 -39.25 16.84
CA GLY B 213 -6.00 -37.90 16.45
C GLY B 213 -6.07 -37.74 14.94
N THR B 214 -6.88 -38.58 14.30
CA THR B 214 -6.97 -38.61 12.86
C THR B 214 -8.43 -38.61 12.45
N VAL B 215 -8.73 -37.98 11.32
CA VAL B 215 -10.06 -37.95 10.73
C VAL B 215 -10.00 -38.70 9.41
N MET B 216 -11.03 -39.51 9.14
CA MET B 216 -10.93 -40.45 8.03
C MET B 216 -12.33 -40.87 7.62
N ASN B 217 -12.54 -40.98 6.31
CA ASN B 217 -13.80 -41.53 5.82
C ASN B 217 -13.98 -42.94 6.36
N GLU B 218 -15.20 -43.23 6.79
CA GLU B 218 -15.55 -44.57 7.21
C GLU B 218 -16.71 -45.14 6.43
N ALA B 219 -17.37 -44.34 5.61
CA ALA B 219 -18.52 -44.83 4.86
C ALA B 219 -18.10 -45.95 3.94
N VAL B 220 -19.03 -46.89 3.75
CA VAL B 220 -18.73 -48.12 3.04
C VAL B 220 -19.37 -48.16 1.65
N ASN B 221 -20.52 -47.53 1.47
CA ASN B 221 -21.18 -47.51 0.17
C ASN B 221 -20.56 -46.47 -0.74
N ALA B 222 -19.23 -46.51 -0.89
CA ALA B 222 -18.54 -45.51 -1.69
C ALA B 222 -18.97 -45.58 -3.14
N VAL B 223 -18.70 -46.71 -3.80
CA VAL B 223 -19.01 -46.83 -5.21
C VAL B 223 -20.51 -46.69 -5.46
N ALA B 224 -21.32 -47.16 -4.52
CA ALA B 224 -22.77 -47.09 -4.71
C ALA B 224 -23.25 -45.65 -4.83
N ALA B 225 -22.52 -44.72 -4.23
CA ALA B 225 -22.92 -43.32 -4.24
C ALA B 225 -22.34 -42.54 -5.41
N SER B 226 -21.33 -43.09 -6.08
CA SER B 226 -20.73 -42.37 -7.20
C SER B 226 -21.73 -42.15 -8.32
N ALA B 227 -22.44 -43.22 -8.72
CA ALA B 227 -23.45 -43.08 -9.76
C ALA B 227 -24.56 -42.13 -9.33
N LEU B 228 -24.77 -41.97 -8.03
CA LEU B 228 -25.78 -41.07 -7.52
C LEU B 228 -25.28 -39.64 -7.38
N ALA B 229 -24.26 -39.26 -8.14
CA ALA B 229 -23.67 -37.94 -7.98
C ALA B 229 -23.65 -37.18 -9.30
N PRO B 230 -23.68 -35.86 -9.24
CA PRO B 230 -23.49 -35.06 -10.46
C PRO B 230 -22.02 -35.01 -10.85
N SER B 231 -21.74 -34.20 -11.87
CA SER B 231 -20.39 -34.07 -12.41
C SER B 231 -20.05 -32.64 -12.81
N ALA B 232 -20.86 -31.67 -12.36
CA ALA B 232 -20.71 -30.24 -12.61
C ALA B 232 -20.95 -29.87 -14.07
N SER B 233 -21.13 -30.82 -14.94
CA SER B 233 -21.57 -30.49 -16.29
C SER B 233 -22.80 -31.28 -16.69
N ALA B 234 -22.87 -32.55 -16.32
CA ALA B 234 -23.96 -33.43 -16.67
C ALA B 234 -24.81 -33.73 -15.44
N PRO B 235 -26.05 -34.17 -15.64
CA PRO B 235 -26.83 -34.69 -14.53
C PRO B 235 -26.29 -36.04 -14.09
N PRO B 236 -26.56 -36.47 -12.86
CA PRO B 236 -26.16 -37.82 -12.43
C PRO B 236 -26.62 -38.93 -13.38
N LEU B 237 -26.02 -40.11 -13.25
CA LEU B 237 -26.30 -41.19 -14.18
C LEU B 237 -27.66 -41.83 -13.91
N GLU B 238 -28.03 -41.94 -12.63
CA GLU B 238 -29.16 -42.78 -12.27
C GLU B 238 -30.46 -42.24 -12.83
N GLU B 239 -30.69 -40.94 -12.77
CA GLU B 239 -31.94 -40.43 -13.31
C GLU B 239 -31.94 -40.50 -14.83
N LYS B 240 -30.78 -40.39 -15.47
CA LYS B 240 -30.75 -40.60 -16.91
C LYS B 240 -31.21 -42.00 -17.24
N SER B 241 -30.58 -43.00 -16.62
CA SER B 241 -30.91 -44.39 -16.92
C SER B 241 -32.36 -44.70 -16.56
N LYS B 242 -32.81 -44.22 -15.41
CA LYS B 242 -34.15 -44.56 -14.94
C LYS B 242 -35.23 -43.86 -15.76
N LEU B 243 -34.98 -42.60 -16.14
CA LEU B 243 -35.96 -41.89 -16.94
C LEU B 243 -36.12 -42.56 -18.30
N THR B 244 -35.00 -42.91 -18.94
CA THR B 244 -35.18 -43.62 -20.19
C THR B 244 -35.75 -45.02 -19.98
N GLU B 245 -35.56 -45.60 -18.78
CA GLU B 245 -36.27 -46.83 -18.44
C GLU B 245 -37.79 -46.63 -18.49
N GLN B 246 -38.29 -45.61 -17.79
CA GLN B 246 -39.73 -45.38 -17.82
C GLN B 246 -40.23 -45.07 -19.20
N ALA B 247 -39.44 -44.36 -20.01
CA ALA B 247 -39.85 -44.09 -21.38
C ALA B 247 -40.02 -45.39 -22.15
N MET B 248 -39.00 -46.24 -22.13
CA MET B 248 -39.09 -47.51 -22.85
C MET B 248 -40.22 -48.36 -22.30
N ASP B 249 -40.43 -48.35 -20.99
CA ASP B 249 -41.51 -49.12 -20.40
C ASP B 249 -42.87 -48.66 -20.92
N LEU B 250 -43.10 -47.35 -20.94
CA LEU B 250 -44.38 -46.85 -21.42
C LEU B 250 -44.59 -47.20 -22.88
N VAL B 251 -43.58 -46.96 -23.71
CA VAL B 251 -43.77 -47.20 -25.13
C VAL B 251 -43.99 -48.69 -25.40
N THR B 252 -43.32 -49.55 -24.64
CA THR B 252 -43.54 -50.98 -24.78
C THR B 252 -44.96 -51.35 -24.37
N ALA B 253 -45.37 -50.94 -23.18
CA ALA B 253 -46.69 -51.30 -22.69
C ALA B 253 -47.81 -50.68 -23.51
N ALA B 254 -47.50 -49.71 -24.36
CA ALA B 254 -48.51 -49.14 -25.23
C ALA B 254 -48.79 -50.00 -26.45
N GLU B 255 -47.96 -50.98 -26.75
CA GLU B 255 -48.12 -51.87 -27.90
C GLU B 255 -48.14 -51.06 -29.19
N PRO B 256 -47.00 -50.50 -29.60
CA PRO B 256 -47.00 -49.58 -30.74
C PRO B 256 -47.31 -50.24 -32.06
N GLU B 257 -47.08 -51.54 -32.18
CA GLU B 257 -47.49 -52.24 -33.40
C GLU B 257 -48.99 -52.24 -33.55
N ILE B 258 -49.71 -52.68 -32.51
CA ILE B 258 -51.16 -52.80 -32.61
C ILE B 258 -51.80 -51.44 -32.81
N ILE B 259 -51.37 -50.44 -32.06
CA ILE B 259 -52.05 -49.15 -32.10
C ILE B 259 -51.97 -48.53 -33.49
N ALA B 260 -50.89 -48.79 -34.23
CA ALA B 260 -50.72 -48.25 -35.56
C ALA B 260 -50.91 -49.32 -36.63
N SER B 261 -51.70 -50.34 -36.36
CA SER B 261 -51.85 -51.45 -37.29
C SER B 261 -52.64 -51.00 -38.51
N LEU B 262 -52.93 -51.95 -39.40
CA LEU B 262 -53.65 -51.65 -40.63
C LEU B 262 -54.68 -52.71 -40.98
N VAL B 263 -54.97 -53.66 -40.09
CA VAL B 263 -55.83 -54.80 -40.38
C VAL B 263 -56.79 -55.01 -39.21
N PRO B 264 -57.75 -55.92 -39.31
CA PRO B 264 -58.61 -56.22 -38.15
C PRO B 264 -57.80 -56.70 -36.95
N VAL B 265 -58.26 -56.32 -35.77
CA VAL B 265 -57.71 -56.80 -34.50
C VAL B 265 -58.87 -57.14 -33.59
N PRO B 266 -58.89 -58.33 -32.99
CA PRO B 266 -59.97 -58.65 -32.07
C PRO B 266 -59.99 -57.70 -30.89
N ALA B 267 -61.18 -57.29 -30.48
CA ALA B 267 -61.29 -56.37 -29.36
C ALA B 267 -60.61 -56.89 -28.10
N PRO B 268 -60.73 -58.16 -27.70
CA PRO B 268 -60.00 -58.64 -26.52
C PRO B 268 -58.51 -58.37 -26.57
N VAL B 269 -58.00 -57.95 -27.72
CA VAL B 269 -56.63 -57.48 -27.84
C VAL B 269 -56.63 -55.96 -27.76
N PHE B 270 -57.38 -55.32 -28.64
CA PHE B 270 -57.37 -53.86 -28.70
C PHE B 270 -57.92 -53.25 -27.42
N ALA B 271 -58.97 -53.85 -26.85
CA ALA B 271 -59.72 -53.22 -25.78
C ALA B 271 -58.82 -52.88 -24.59
N ILE B 272 -59.33 -51.97 -23.75
CA ILE B 272 -58.64 -51.52 -22.54
C ILE B 272 -59.67 -51.29 -21.44
N PRO B 273 -59.24 -51.19 -20.20
CA PRO B 273 -60.17 -50.82 -19.12
C PRO B 273 -60.74 -49.43 -19.37
N PRO B 274 -62.06 -49.33 -19.52
CA PRO B 274 -62.64 -48.03 -19.89
C PRO B 274 -63.13 -47.24 -18.69
N LYS B 275 -63.46 -45.96 -18.92
CA LYS B 275 -64.01 -45.06 -17.93
C LYS B 275 -65.47 -44.73 -18.26
N PRO B 276 -66.29 -44.44 -17.25
CA PRO B 276 -67.71 -44.19 -17.52
C PRO B 276 -67.99 -42.87 -18.24
N ALA B 277 -69.25 -42.63 -18.55
CA ALA B 277 -69.65 -41.43 -19.28
C ALA B 277 -70.82 -40.75 -18.58
N ASP B 278 -71.01 -39.48 -18.93
CA ASP B 278 -72.09 -38.67 -18.40
C ASP B 278 -72.98 -38.24 -19.55
N TYR B 279 -74.29 -38.25 -19.31
CA TYR B 279 -75.23 -37.96 -20.39
C TYR B 279 -76.50 -37.34 -19.84
N ASN B 280 -77.22 -36.68 -20.76
CA ASN B 280 -78.60 -36.28 -20.55
C ASN B 280 -79.33 -36.56 -21.85
N VAL B 281 -80.16 -37.60 -21.86
CA VAL B 281 -80.72 -38.11 -23.10
C VAL B 281 -81.52 -37.03 -23.82
N ARG B 282 -82.27 -36.22 -23.08
CA ARG B 282 -83.05 -35.17 -23.72
C ARG B 282 -82.17 -34.14 -24.42
N THR B 283 -80.94 -33.97 -23.97
CA THR B 283 -80.09 -32.95 -24.56
C THR B 283 -79.49 -33.39 -25.88
N LEU B 284 -79.66 -34.65 -26.25
CA LEU B 284 -78.88 -35.23 -27.34
C LEU B 284 -79.56 -35.04 -28.68
N ARG B 285 -78.79 -35.28 -29.73
CA ARG B 285 -79.28 -35.21 -31.11
C ARG B 285 -79.66 -36.65 -31.44
N ILE B 286 -80.86 -36.84 -31.99
CA ILE B 286 -81.33 -38.19 -32.29
C ILE B 286 -80.53 -38.81 -33.42
N ASP B 287 -80.12 -38.02 -34.41
CA ASP B 287 -79.44 -38.58 -35.57
C ASP B 287 -77.97 -38.88 -35.28
N GLU B 288 -77.31 -38.00 -34.51
CA GLU B 288 -75.91 -38.24 -34.20
C GLU B 288 -75.75 -39.50 -33.37
N ALA B 289 -76.62 -39.69 -32.38
CA ALA B 289 -76.55 -40.86 -31.51
C ALA B 289 -77.30 -42.01 -32.19
N THR B 290 -76.54 -42.96 -32.72
CA THR B 290 -77.13 -44.07 -33.45
C THR B 290 -77.89 -45.03 -32.55
N TRP B 291 -77.81 -44.88 -31.23
CA TRP B 291 -78.37 -45.85 -30.29
C TRP B 291 -79.63 -45.32 -29.61
N LEU B 292 -80.47 -44.62 -30.35
CA LEU B 292 -81.74 -44.14 -29.82
C LEU B 292 -82.83 -44.24 -30.87
N ARG B 293 -84.04 -44.50 -30.41
CA ARG B 293 -85.24 -44.45 -31.22
C ARG B 293 -86.23 -43.51 -30.57
N MET B 294 -87.07 -42.89 -31.38
CA MET B 294 -87.96 -41.86 -30.88
C MET B 294 -89.33 -41.98 -31.53
N ILE B 295 -90.38 -41.79 -30.73
CA ILE B 295 -91.75 -41.77 -31.26
C ILE B 295 -92.05 -40.37 -31.75
N PRO B 296 -92.34 -40.26 -33.06
CA PRO B 296 -92.64 -39.04 -33.83
C PRO B 296 -93.38 -37.96 -33.05
N LYS B 297 -92.81 -36.75 -33.06
CA LYS B 297 -93.39 -35.62 -32.37
C LYS B 297 -94.68 -35.19 -33.08
N SER B 298 -95.65 -34.71 -32.29
CA SER B 298 -96.94 -34.25 -32.80
C SER B 298 -97.69 -35.31 -33.62
N MET B 299 -97.63 -36.56 -33.18
CA MET B 299 -98.30 -37.66 -33.85
C MET B 299 -99.75 -37.81 -33.37
N ASN B 300 -100.08 -37.06 -32.32
CA ASN B 300 -101.41 -37.03 -31.71
C ASN B 300 -101.89 -38.39 -31.19
N THR B 301 -100.96 -39.19 -30.68
CA THR B 301 -101.30 -40.49 -30.13
C THR B 301 -100.83 -40.60 -28.68
N PRO B 302 -101.78 -40.87 -27.77
CA PRO B 302 -101.49 -41.03 -26.35
C PRO B 302 -102.11 -42.30 -25.81
N PHE B 303 -101.37 -43.40 -25.80
CA PHE B 303 -101.95 -44.63 -25.29
C PHE B 303 -101.38 -44.97 -23.92
N GLN B 304 -102.13 -45.78 -23.17
CA GLN B 304 -101.77 -46.11 -21.80
C GLN B 304 -101.69 -47.62 -21.66
N ILE B 305 -100.58 -48.11 -21.11
CA ILE B 305 -100.31 -49.53 -21.04
C ILE B 305 -99.88 -49.89 -19.62
N GLN B 306 -99.94 -51.19 -19.32
CA GLN B 306 -99.71 -51.69 -17.97
C GLN B 306 -98.68 -52.81 -18.00
N VAL B 307 -97.77 -52.79 -17.03
CA VAL B 307 -96.68 -53.76 -16.93
C VAL B 307 -96.59 -54.22 -15.48
N THR B 308 -95.97 -55.37 -15.27
CA THR B 308 -95.82 -55.95 -13.95
C THR B 308 -94.36 -55.90 -13.52
N ASP B 309 -94.15 -55.97 -12.21
CA ASP B 309 -92.81 -56.00 -11.64
C ASP B 309 -92.30 -57.44 -11.58
N ASN B 310 -91.19 -57.65 -10.89
CA ASN B 310 -90.70 -59.02 -10.71
C ASN B 310 -91.56 -59.81 -9.74
N THR B 311 -92.41 -59.15 -8.96
CA THR B 311 -93.42 -59.81 -8.14
C THR B 311 -94.81 -59.72 -8.75
N GLY B 312 -94.91 -59.30 -10.01
CA GLY B 312 -96.15 -59.40 -10.75
C GLY B 312 -97.12 -58.25 -10.57
N THR B 313 -96.84 -57.31 -9.66
CA THR B 313 -97.75 -56.21 -9.43
C THR B 313 -97.84 -55.33 -10.67
N ASN B 314 -99.06 -55.02 -11.09
CA ASN B 314 -99.28 -54.31 -12.34
C ASN B 314 -99.21 -52.80 -12.14
N TRP B 315 -98.33 -52.14 -12.89
CA TRP B 315 -98.19 -50.69 -12.85
C TRP B 315 -98.72 -50.10 -14.15
N HIS B 316 -99.45 -48.99 -14.05
CA HIS B 316 -100.00 -48.32 -15.22
C HIS B 316 -99.14 -47.14 -15.66
N LEU B 317 -98.77 -47.13 -16.94
CA LEU B 317 -97.95 -46.06 -17.50
C LEU B 317 -98.51 -45.54 -18.81
N ASN B 318 -98.27 -44.27 -19.11
CA ASN B 318 -98.76 -43.65 -20.33
C ASN B 318 -97.63 -43.23 -21.28
N LEU B 319 -97.83 -43.49 -22.57
CA LEU B 319 -96.84 -43.15 -23.59
C LEU B 319 -97.44 -42.14 -24.55
N ARG B 320 -96.55 -41.39 -25.21
CA ARG B 320 -96.99 -40.38 -26.16
C ARG B 320 -95.85 -40.08 -27.12
N GLY B 321 -96.21 -39.45 -28.24
CA GLY B 321 -95.19 -38.92 -29.12
C GLY B 321 -94.28 -37.96 -28.40
N GLY B 322 -93.02 -37.95 -28.82
CA GLY B 322 -91.97 -37.32 -28.05
C GLY B 322 -91.26 -38.24 -27.09
N THR B 323 -91.75 -39.46 -26.94
CA THR B 323 -91.04 -40.48 -26.16
C THR B 323 -89.68 -40.76 -26.79
N ARG B 324 -88.70 -41.11 -25.95
CA ARG B 324 -87.39 -41.54 -26.41
C ARG B 324 -86.99 -42.81 -25.67
N VAL B 325 -86.24 -43.67 -26.36
CA VAL B 325 -85.75 -44.92 -25.79
C VAL B 325 -84.30 -45.16 -26.19
N VAL B 326 -83.77 -46.32 -25.82
CA VAL B 326 -82.46 -46.76 -26.25
C VAL B 326 -82.59 -48.13 -26.91
N ASN B 327 -81.83 -48.34 -27.98
CA ASN B 327 -81.88 -49.61 -28.71
C ASN B 327 -80.91 -50.57 -28.04
N LEU B 328 -81.45 -51.39 -27.14
CA LEU B 328 -80.61 -52.21 -26.28
C LEU B 328 -79.85 -53.29 -27.04
N ASP B 329 -80.19 -53.54 -28.30
CA ASP B 329 -79.36 -54.41 -29.11
C ASP B 329 -78.07 -53.69 -29.50
N GLN B 330 -77.06 -54.48 -29.83
CA GLN B 330 -75.74 -53.99 -30.25
C GLN B 330 -75.25 -52.85 -29.34
N ILE B 331 -75.08 -53.21 -28.07
CA ILE B 331 -74.67 -52.23 -27.05
C ILE B 331 -73.38 -52.61 -26.34
N ALA B 332 -72.88 -53.84 -26.48
CA ALA B 332 -71.73 -54.26 -25.67
C ALA B 332 -72.08 -54.14 -24.20
N PRO B 333 -72.66 -55.21 -23.63
CA PRO B 333 -73.47 -55.12 -22.39
C PRO B 333 -73.02 -54.09 -21.38
N MET B 334 -73.96 -53.25 -20.97
CA MET B 334 -73.66 -52.03 -20.25
C MET B 334 -74.33 -52.02 -18.88
N ARG B 335 -73.98 -51.01 -18.07
CA ARG B 335 -74.65 -50.71 -16.81
C ARG B 335 -75.08 -49.26 -16.84
N PHE B 336 -76.36 -49.00 -16.58
CA PHE B 336 -76.90 -47.66 -16.54
C PHE B 336 -77.37 -47.31 -15.14
N VAL B 337 -76.98 -46.13 -14.66
CA VAL B 337 -77.55 -45.55 -13.46
C VAL B 337 -78.06 -44.16 -13.81
N LEU B 338 -79.27 -43.86 -13.38
CA LEU B 338 -79.87 -42.56 -13.65
C LEU B 338 -79.82 -41.68 -12.41
N ASP B 339 -79.82 -40.37 -12.65
CA ASP B 339 -79.77 -39.38 -11.57
C ASP B 339 -80.72 -38.25 -11.95
N LEU B 340 -81.69 -37.96 -11.07
CA LEU B 340 -82.73 -36.98 -11.37
C LEU B 340 -82.54 -35.65 -10.64
N GLY B 341 -81.56 -35.55 -9.75
CA GLY B 341 -81.46 -34.40 -8.88
C GLY B 341 -81.45 -33.05 -9.58
N GLY B 342 -82.26 -32.13 -9.08
CA GLY B 342 -82.28 -30.77 -9.57
C GLY B 342 -83.41 -30.47 -10.54
N LYS B 343 -83.98 -31.50 -11.15
CA LYS B 343 -85.01 -31.30 -12.15
C LYS B 343 -86.35 -30.97 -11.50
N SER B 344 -87.19 -30.25 -12.24
CA SER B 344 -88.43 -29.73 -11.67
C SER B 344 -89.53 -30.81 -11.67
N TYR B 345 -89.99 -31.17 -12.85
CA TYR B 345 -91.06 -32.16 -13.04
C TYR B 345 -92.31 -31.83 -12.23
N LYS B 346 -92.45 -30.58 -11.82
CA LYS B 346 -93.68 -30.12 -11.20
C LYS B 346 -94.77 -29.94 -12.25
N GLU B 347 -96.02 -30.09 -11.84
CA GLU B 347 -97.12 -30.02 -12.78
C GLU B 347 -98.37 -29.50 -12.08
N THR B 348 -99.30 -28.99 -12.90
CA THR B 348 -100.51 -28.38 -12.37
C THR B 348 -101.23 -29.29 -11.40
N SER B 349 -101.47 -30.54 -11.80
CA SER B 349 -102.18 -31.48 -10.95
C SER B 349 -101.38 -32.77 -10.80
N TRP B 350 -100.05 -32.66 -10.87
CA TRP B 350 -99.20 -33.86 -10.84
C TRP B 350 -97.90 -33.46 -10.15
N ASP B 351 -97.87 -33.60 -8.82
CA ASP B 351 -96.66 -33.24 -8.08
C ASP B 351 -95.68 -34.41 -8.09
N PRO B 352 -94.43 -34.18 -8.46
CA PRO B 352 -93.46 -35.29 -8.45
C PRO B 352 -93.29 -35.95 -7.09
N ASN B 353 -93.50 -35.20 -6.01
CA ASN B 353 -93.35 -35.78 -4.69
C ASN B 353 -94.35 -36.91 -4.47
N GLY B 354 -93.86 -38.02 -3.90
CA GLY B 354 -94.69 -39.17 -3.67
C GLY B 354 -94.81 -40.13 -4.83
N LYS B 355 -94.28 -39.78 -6.00
CA LYS B 355 -94.44 -40.61 -7.17
C LYS B 355 -93.29 -41.61 -7.27
N LYS B 356 -93.29 -42.38 -8.35
CA LYS B 356 -92.30 -43.41 -8.61
C LYS B 356 -91.80 -43.29 -10.04
N VAL B 357 -90.55 -43.70 -10.27
CA VAL B 357 -90.03 -43.89 -11.61
C VAL B 357 -89.28 -45.21 -11.64
N GLY B 358 -89.12 -45.75 -12.85
CA GLY B 358 -88.48 -47.03 -13.00
C GLY B 358 -87.83 -47.21 -14.35
N PHE B 359 -86.96 -48.20 -14.43
CA PHE B 359 -86.43 -48.66 -15.70
C PHE B 359 -87.33 -49.76 -16.25
N ILE B 360 -87.94 -49.50 -17.39
CA ILE B 360 -88.88 -50.42 -18.01
C ILE B 360 -88.28 -50.90 -19.32
N VAL B 361 -88.26 -52.22 -19.51
CA VAL B 361 -87.71 -52.84 -20.71
C VAL B 361 -88.87 -53.17 -21.65
N PHE B 362 -88.66 -52.93 -22.94
CA PHE B 362 -89.68 -53.21 -23.94
C PHE B 362 -89.10 -54.14 -24.99
N GLN B 363 -89.79 -55.24 -25.24
CA GLN B 363 -89.34 -56.31 -26.12
C GLN B 363 -90.39 -56.54 -27.18
N SER B 364 -90.05 -56.27 -28.43
CA SER B 364 -91.02 -56.35 -29.52
C SER B 364 -90.26 -56.49 -30.84
N LYS B 365 -91.00 -56.85 -31.88
CA LYS B 365 -90.45 -56.87 -33.22
C LYS B 365 -90.68 -55.57 -33.96
N ILE B 366 -91.65 -54.78 -33.53
CA ILE B 366 -92.03 -53.55 -34.21
C ILE B 366 -91.02 -52.44 -33.91
N PRO B 367 -90.62 -51.65 -34.92
CA PRO B 367 -89.79 -50.47 -34.65
C PRO B 367 -90.51 -49.47 -33.76
N PHE B 368 -89.74 -48.82 -32.87
CA PHE B 368 -90.33 -47.88 -31.94
C PHE B 368 -90.96 -46.69 -32.64
N GLU B 369 -90.62 -46.47 -33.91
CA GLU B 369 -91.28 -45.44 -34.68
C GLU B 369 -92.66 -45.85 -35.16
N LEU B 370 -93.09 -47.08 -34.89
CA LEU B 370 -94.35 -47.59 -35.39
C LEU B 370 -95.29 -48.02 -34.26
N TRP B 371 -95.11 -47.46 -33.08
CA TRP B 371 -95.91 -47.84 -31.92
C TRP B 371 -97.00 -46.81 -31.69
N THR B 372 -98.26 -47.22 -31.80
CA THR B 372 -99.40 -46.36 -31.49
C THR B 372 -100.44 -47.02 -30.61
N ALA B 373 -100.50 -48.34 -30.56
CA ALA B 373 -101.47 -49.09 -29.79
C ALA B 373 -100.78 -49.76 -28.62
N ALA B 374 -101.50 -50.66 -27.94
CA ALA B 374 -100.94 -51.34 -26.78
C ALA B 374 -100.29 -52.67 -27.16
N SER B 375 -101.06 -53.58 -27.76
CA SER B 375 -100.54 -54.92 -28.02
C SER B 375 -99.35 -54.92 -28.98
N GLN B 376 -99.02 -53.77 -29.55
CA GLN B 376 -97.80 -53.68 -30.37
C GLN B 376 -96.55 -53.93 -29.55
N ILE B 377 -96.59 -53.64 -28.24
CA ILE B 377 -95.37 -53.61 -27.44
C ILE B 377 -94.74 -54.97 -27.23
N GLY B 378 -95.45 -56.06 -27.50
CA GLY B 378 -94.88 -57.38 -27.23
C GLY B 378 -94.74 -57.62 -25.74
N GLN B 379 -93.55 -58.02 -25.31
CA GLN B 379 -93.27 -58.33 -23.92
C GLN B 379 -92.61 -57.13 -23.24
N ALA B 380 -93.00 -56.89 -21.99
CA ALA B 380 -92.53 -55.74 -21.24
C ALA B 380 -92.32 -56.12 -19.78
N THR B 381 -91.37 -55.45 -19.14
CA THR B 381 -91.08 -55.68 -17.73
C THR B 381 -90.46 -54.40 -17.17
N VAL B 382 -90.59 -54.22 -15.86
CA VAL B 382 -89.86 -53.19 -15.13
C VAL B 382 -88.83 -53.89 -14.27
N VAL B 383 -87.62 -53.34 -14.24
CA VAL B 383 -86.51 -54.01 -13.57
C VAL B 383 -86.16 -53.40 -12.21
N ASN B 384 -86.54 -52.14 -11.97
CA ASN B 384 -86.27 -51.51 -10.68
C ASN B 384 -86.99 -50.16 -10.68
N TYR B 385 -87.46 -49.75 -9.51
CA TYR B 385 -88.14 -48.47 -9.36
C TYR B 385 -87.76 -47.83 -8.04
N VAL B 386 -88.03 -46.53 -7.92
CA VAL B 386 -87.66 -45.72 -6.77
C VAL B 386 -88.85 -44.84 -6.40
N GLN B 387 -88.75 -44.17 -5.26
CA GLN B 387 -89.66 -43.10 -4.87
C GLN B 387 -88.92 -41.77 -4.87
N LEU B 388 -89.60 -40.72 -5.31
CA LEU B 388 -89.01 -39.39 -5.43
C LEU B 388 -89.30 -38.56 -4.19
N TYR B 389 -88.55 -37.47 -4.07
CA TYR B 389 -88.78 -36.50 -3.01
C TYR B 389 -88.56 -35.10 -3.55
N ALA B 390 -89.20 -34.12 -2.91
CA ALA B 390 -89.28 -32.78 -3.48
C ALA B 390 -88.98 -31.74 -2.42
N GLU B 391 -87.86 -31.06 -2.57
CA GLU B 391 -87.52 -29.91 -1.73
C GLU B 391 -87.49 -28.65 -2.60
N ASP B 392 -87.05 -27.54 -2.00
CA ASP B 392 -87.07 -26.24 -2.63
C ASP B 392 -85.65 -25.71 -2.83
N SER B 393 -85.48 -24.87 -3.84
CA SER B 393 -84.15 -24.48 -4.32
C SER B 393 -83.95 -22.98 -4.31
N SER B 394 -82.86 -22.56 -4.96
CA SER B 394 -82.47 -21.17 -5.05
C SER B 394 -83.60 -20.29 -5.59
N PHE B 395 -84.32 -20.78 -6.58
CA PHE B 395 -85.41 -20.01 -7.15
C PHE B 395 -86.63 -20.09 -6.27
N THR B 396 -87.32 -18.96 -6.11
CA THR B 396 -88.44 -18.87 -5.19
C THR B 396 -89.65 -19.62 -5.71
N ALA B 397 -90.26 -20.42 -4.85
CA ALA B 397 -91.44 -21.22 -5.18
C ALA B 397 -91.16 -22.10 -6.40
N GLN B 398 -90.23 -23.02 -6.19
CA GLN B 398 -89.91 -24.04 -7.18
C GLN B 398 -89.44 -25.28 -6.44
N SER B 399 -89.89 -26.45 -6.88
CA SER B 399 -89.61 -27.69 -6.17
C SER B 399 -88.56 -28.52 -6.92
N ILE B 400 -87.80 -29.30 -6.15
CA ILE B 400 -86.60 -29.95 -6.67
C ILE B 400 -86.56 -31.40 -6.20
N ILE B 401 -86.18 -32.30 -7.10
CA ILE B 401 -86.12 -33.72 -6.82
C ILE B 401 -84.80 -34.07 -6.15
N ALA B 402 -84.81 -35.15 -5.37
CA ALA B 402 -83.62 -35.62 -4.67
C ALA B 402 -82.67 -36.33 -5.63
N THR B 403 -81.55 -36.81 -5.10
CA THR B 403 -80.60 -37.59 -5.87
C THR B 403 -81.10 -39.01 -6.01
N THR B 404 -81.30 -39.45 -7.25
CA THR B 404 -81.70 -40.81 -7.54
C THR B 404 -80.51 -41.57 -8.12
N SER B 405 -80.42 -42.85 -7.78
CA SER B 405 -79.35 -43.70 -8.26
C SER B 405 -79.90 -44.95 -8.91
N LEU B 406 -81.05 -44.85 -9.56
CA LEU B 406 -81.72 -46.02 -10.10
C LEU B 406 -80.88 -46.61 -11.23
N ALA B 407 -80.66 -47.92 -11.18
CA ALA B 407 -79.64 -48.54 -12.01
C ALA B 407 -80.17 -49.81 -12.67
N TYR B 408 -79.51 -50.19 -13.77
CA TYR B 408 -79.76 -51.48 -14.43
C TYR B 408 -78.54 -51.89 -15.21
N ASN B 409 -77.93 -53.01 -14.82
CA ASN B 409 -76.78 -53.56 -15.51
C ASN B 409 -77.24 -54.63 -16.49
N TYR B 410 -76.91 -54.44 -17.77
CA TYR B 410 -77.46 -55.25 -18.85
C TYR B 410 -76.53 -56.35 -19.31
N GLU B 411 -77.11 -57.52 -19.59
CA GLU B 411 -76.40 -58.68 -20.07
C GLU B 411 -77.25 -59.36 -21.13
N PRO B 412 -76.71 -59.62 -22.32
CA PRO B 412 -77.51 -60.28 -23.35
C PRO B 412 -77.77 -61.74 -23.06
N GLU B 413 -77.12 -62.30 -22.03
CA GLU B 413 -77.32 -63.70 -21.70
C GLU B 413 -78.71 -63.91 -21.08
N GLN B 414 -79.12 -63.03 -20.18
CA GLN B 414 -80.36 -63.25 -19.45
C GLN B 414 -81.57 -63.22 -20.37
N LEU B 415 -81.68 -62.18 -21.21
CA LEU B 415 -82.83 -62.10 -22.10
C LEU B 415 -82.75 -63.15 -23.21
N ASN B 416 -81.55 -63.63 -23.52
CA ASN B 416 -81.35 -64.83 -24.33
C ASN B 416 -82.00 -64.69 -25.71
N LYS B 417 -81.42 -63.78 -26.50
CA LYS B 417 -81.95 -63.47 -27.82
C LYS B 417 -82.08 -64.72 -28.67
N THR B 418 -83.25 -64.91 -29.25
CA THR B 418 -83.51 -66.05 -30.13
C THR B 418 -83.81 -65.61 -31.55
N ASP B 419 -84.80 -64.77 -31.75
CA ASP B 419 -85.18 -64.33 -33.09
C ASP B 419 -84.37 -63.12 -33.50
N PRO B 420 -83.69 -63.14 -34.63
CA PRO B 420 -82.93 -61.97 -35.07
C PRO B 420 -83.78 -60.73 -35.30
N GLU B 421 -85.08 -60.89 -35.56
CA GLU B 421 -85.97 -59.76 -35.71
C GLU B 421 -86.45 -59.22 -34.37
N MET B 422 -86.09 -59.86 -33.27
CA MET B 422 -86.52 -59.40 -31.96
C MET B 422 -85.72 -58.17 -31.56
N ASN B 423 -86.41 -57.18 -30.99
CA ASN B 423 -85.80 -55.91 -30.62
C ASN B 423 -86.01 -55.64 -29.13
N TYR B 424 -85.08 -54.87 -28.56
CA TYR B 424 -85.04 -54.66 -27.12
C TYR B 424 -84.83 -53.17 -26.84
N TYR B 425 -85.81 -52.55 -26.18
CA TYR B 425 -85.74 -51.13 -25.86
C TYR B 425 -85.86 -50.92 -24.36
N LEU B 426 -85.09 -49.97 -23.84
CA LEU B 426 -85.13 -49.61 -22.43
C LEU B 426 -85.63 -48.18 -22.28
N LEU B 427 -86.53 -47.97 -21.33
CA LEU B 427 -87.07 -46.64 -21.05
C LEU B 427 -87.19 -46.42 -19.55
N ALA B 428 -87.08 -45.15 -19.17
CA ALA B 428 -87.29 -44.72 -17.79
C ALA B 428 -88.32 -43.61 -17.75
N THR B 429 -89.47 -43.88 -17.11
CA THR B 429 -90.51 -42.87 -16.95
C THR B 429 -91.29 -43.17 -15.67
N PHE B 430 -92.33 -42.39 -15.44
CA PHE B 430 -93.18 -42.58 -14.28
C PHE B 430 -93.91 -43.90 -14.35
N ILE B 431 -94.17 -44.47 -13.17
CA ILE B 431 -95.07 -45.61 -13.02
C ILE B 431 -95.88 -45.40 -11.75
N ASP B 432 -97.15 -45.77 -11.80
CA ASP B 432 -97.96 -45.81 -10.59
C ASP B 432 -98.98 -46.93 -10.69
N SER B 433 -99.53 -47.31 -9.55
CA SER B 433 -100.50 -48.40 -9.45
C SER B 433 -101.93 -47.95 -9.72
N ALA B 434 -102.10 -46.74 -10.24
CA ALA B 434 -103.41 -46.25 -10.66
C ALA B 434 -103.25 -45.64 -12.04
N ALA B 435 -104.27 -45.81 -12.87
CA ALA B 435 -104.19 -45.39 -14.27
C ALA B 435 -104.11 -43.88 -14.35
N ILE B 436 -102.92 -43.36 -14.70
CA ILE B 436 -102.72 -41.91 -14.76
C ILE B 436 -103.45 -41.33 -15.96
N THR B 437 -104.25 -40.31 -15.72
CA THR B 437 -104.86 -39.55 -16.80
C THR B 437 -103.76 -38.90 -17.64
N PRO B 438 -103.71 -39.13 -18.95
CA PRO B 438 -102.64 -38.53 -19.76
C PRO B 438 -102.59 -37.02 -19.68
N THR B 439 -103.74 -36.35 -19.61
CA THR B 439 -103.73 -34.91 -19.59
C THR B 439 -103.20 -34.35 -18.28
N ASN B 440 -102.99 -35.19 -17.27
CA ASN B 440 -102.48 -34.74 -15.99
C ASN B 440 -101.01 -34.39 -16.01
N MET B 441 -100.29 -34.77 -17.07
CA MET B 441 -98.85 -34.63 -17.12
C MET B 441 -98.40 -34.67 -18.57
N THR B 442 -97.36 -33.90 -18.88
CA THR B 442 -96.99 -33.66 -20.26
C THR B 442 -95.63 -34.21 -20.65
N GLN B 443 -94.82 -34.65 -19.71
CA GLN B 443 -93.51 -35.17 -20.06
C GLN B 443 -93.66 -36.53 -20.72
N PRO B 444 -93.14 -36.73 -21.93
CA PRO B 444 -93.22 -38.05 -22.57
C PRO B 444 -92.32 -39.10 -21.93
N ASP B 445 -91.45 -38.68 -21.03
CA ASP B 445 -90.54 -39.57 -20.31
C ASP B 445 -89.87 -38.73 -19.23
N VAL B 446 -88.87 -39.30 -18.58
CA VAL B 446 -88.04 -38.48 -17.70
C VAL B 446 -86.58 -38.66 -18.07
N TRP B 447 -86.29 -38.84 -19.35
CA TRP B 447 -84.88 -38.89 -19.74
C TRP B 447 -84.18 -37.55 -19.57
N ASP B 448 -84.92 -36.47 -19.33
CA ASP B 448 -84.28 -35.20 -19.00
C ASP B 448 -83.72 -35.36 -17.61
N ALA B 449 -82.52 -35.92 -17.54
CA ALA B 449 -81.86 -36.18 -16.27
C ALA B 449 -80.43 -36.59 -16.57
N LEU B 450 -79.51 -36.17 -15.71
CA LEU B 450 -78.12 -36.57 -15.88
C LEU B 450 -78.01 -38.08 -15.75
N LEU B 451 -77.48 -38.70 -16.79
CA LEU B 451 -77.35 -40.14 -16.88
C LEU B 451 -75.88 -40.52 -16.83
N THR B 452 -75.55 -41.51 -16.02
CA THR B 452 -74.20 -42.08 -16.01
C THR B 452 -74.27 -43.48 -16.59
N MET B 453 -73.29 -43.80 -17.45
CA MET B 453 -73.27 -45.04 -18.19
C MET B 453 -71.89 -45.66 -18.04
N SER B 454 -71.82 -46.81 -17.39
CA SER B 454 -70.55 -47.44 -17.08
C SER B 454 -70.47 -48.81 -17.72
N PRO B 455 -69.39 -49.11 -18.44
CA PRO B 455 -69.32 -50.39 -19.15
C PRO B 455 -69.37 -51.53 -18.16
N LEU B 456 -70.06 -52.60 -18.54
CA LEU B 456 -70.23 -53.74 -17.66
C LEU B 456 -69.40 -54.93 -18.10
N SER B 457 -68.78 -54.86 -19.28
CA SER B 457 -67.87 -55.89 -19.75
C SER B 457 -66.59 -55.23 -20.24
N ALA B 458 -65.54 -56.05 -20.38
CA ALA B 458 -64.24 -55.53 -20.79
C ALA B 458 -63.72 -56.24 -22.04
N GLY B 459 -64.55 -57.01 -22.73
CA GLY B 459 -64.10 -57.77 -23.88
C GLY B 459 -64.89 -57.51 -25.15
N GLU B 460 -65.52 -56.35 -25.24
CA GLU B 460 -66.19 -55.92 -26.46
C GLU B 460 -65.87 -54.46 -26.70
N VAL B 461 -65.90 -54.07 -27.97
CA VAL B 461 -65.58 -52.71 -28.40
C VAL B 461 -66.56 -52.31 -29.49
N THR B 462 -67.00 -51.05 -29.46
CA THR B 462 -67.98 -50.53 -30.40
C THR B 462 -67.37 -49.42 -31.25
N VAL B 463 -68.17 -48.93 -32.20
CA VAL B 463 -67.72 -47.85 -33.09
C VAL B 463 -68.92 -46.99 -33.46
N LYS B 464 -68.89 -45.72 -33.06
CA LYS B 464 -69.96 -44.78 -33.36
C LYS B 464 -71.32 -45.36 -32.96
N GLY B 465 -71.36 -46.00 -31.79
CA GLY B 465 -72.58 -46.63 -31.33
C GLY B 465 -72.87 -47.98 -31.94
N ALA B 466 -72.01 -48.46 -32.83
CA ALA B 466 -72.19 -49.76 -33.46
C ALA B 466 -71.23 -50.76 -32.84
N VAL B 467 -71.77 -51.93 -32.45
CA VAL B 467 -70.91 -53.01 -31.99
C VAL B 467 -70.07 -53.50 -33.15
N VAL B 468 -68.91 -54.06 -32.84
CA VAL B 468 -67.98 -54.52 -33.86
C VAL B 468 -67.06 -55.56 -33.22
N SER B 469 -66.40 -56.34 -34.05
CA SER B 469 -65.58 -57.45 -33.60
C SER B 469 -64.15 -57.39 -34.10
N GLU B 470 -63.86 -56.56 -35.09
CA GLU B 470 -62.56 -56.56 -35.76
C GLU B 470 -62.33 -55.15 -36.25
N VAL B 471 -61.57 -54.38 -35.49
CA VAL B 471 -61.35 -52.97 -35.80
C VAL B 471 -60.04 -52.84 -36.55
N VAL B 472 -59.93 -51.77 -37.32
CA VAL B 472 -58.65 -51.38 -37.91
C VAL B 472 -58.17 -50.13 -37.18
N PRO B 473 -57.13 -50.24 -36.34
CA PRO B 473 -56.69 -49.08 -35.57
C PRO B 473 -56.25 -47.92 -36.43
N ALA B 474 -55.94 -48.15 -37.70
CA ALA B 474 -55.55 -47.04 -38.57
C ALA B 474 -56.73 -46.14 -38.87
N ASP B 475 -57.74 -46.68 -39.55
CA ASP B 475 -58.85 -45.88 -40.07
C ASP B 475 -59.67 -45.22 -38.99
N LEU B 476 -59.32 -45.34 -37.71
CA LEU B 476 -59.90 -44.46 -36.70
C LEU B 476 -59.34 -43.05 -36.76
N ILE B 477 -58.28 -42.83 -37.55
CA ILE B 477 -57.72 -41.49 -37.69
C ILE B 477 -58.72 -40.61 -38.42
N GLY B 478 -58.99 -39.43 -37.86
CA GLY B 478 -59.72 -38.39 -38.56
C GLY B 478 -61.15 -38.74 -38.92
N SER B 479 -61.67 -39.82 -38.37
CA SER B 479 -63.01 -40.28 -38.69
C SER B 479 -64.08 -39.72 -37.76
N TYR B 480 -63.72 -38.80 -36.88
CA TYR B 480 -64.62 -38.35 -35.83
C TYR B 480 -64.72 -36.83 -35.81
N THR B 481 -65.93 -36.35 -35.70
CA THR B 481 -66.26 -34.97 -35.38
C THR B 481 -66.31 -34.78 -33.88
N PRO B 482 -66.15 -33.56 -33.38
CA PRO B 482 -66.11 -33.38 -31.92
C PRO B 482 -67.42 -33.76 -31.23
N GLU B 483 -68.54 -33.34 -31.81
CA GLU B 483 -69.83 -33.69 -31.21
C GLU B 483 -70.11 -35.18 -31.29
N SER B 484 -69.59 -35.87 -32.29
CA SER B 484 -69.65 -37.33 -32.27
C SER B 484 -68.76 -37.89 -31.17
N LEU B 485 -67.63 -37.25 -30.89
CA LEU B 485 -66.74 -37.71 -29.83
C LEU B 485 -67.42 -37.59 -28.47
N ASN B 486 -68.19 -36.53 -28.29
CA ASN B 486 -68.90 -36.30 -27.05
C ASN B 486 -70.16 -37.16 -26.98
N THR B 487 -70.57 -37.67 -28.13
CA THR B 487 -71.77 -38.51 -28.22
C THR B 487 -71.39 -39.98 -28.35
N SER B 488 -70.10 -40.27 -28.22
CA SER B 488 -69.60 -41.63 -28.32
C SER B 488 -69.98 -42.43 -27.08
N LEU B 489 -70.02 -43.75 -27.23
CA LEU B 489 -70.22 -44.62 -26.09
C LEU B 489 -68.94 -44.77 -25.28
N PRO B 490 -69.06 -45.06 -23.98
CA PRO B 490 -67.86 -45.18 -23.15
C PRO B 490 -66.93 -46.31 -23.57
N ASN B 491 -67.46 -47.42 -24.07
CA ASN B 491 -66.64 -48.53 -24.53
C ASN B 491 -66.42 -48.48 -26.04
N ASP B 492 -65.98 -47.35 -26.56
CA ASP B 492 -65.71 -47.20 -27.98
C ASP B 492 -64.21 -47.25 -28.25
N ALA B 493 -63.87 -47.72 -29.45
CA ALA B 493 -62.47 -47.89 -29.83
C ALA B 493 -61.71 -46.57 -29.75
N ALA B 494 -62.40 -45.46 -29.98
CA ALA B 494 -61.73 -44.17 -29.97
C ALA B 494 -61.10 -43.89 -28.62
N ARG B 495 -61.79 -44.22 -27.53
CA ARG B 495 -61.25 -43.93 -26.21
C ARG B 495 -60.03 -44.80 -25.91
N CYS B 496 -60.05 -46.06 -26.32
CA CYS B 496 -58.89 -46.90 -26.14
C CYS B 496 -57.71 -46.38 -26.94
N MET B 497 -57.96 -45.95 -28.17
CA MET B 497 -56.92 -45.32 -28.97
C MET B 497 -56.37 -44.10 -28.25
N ILE B 498 -57.25 -43.27 -27.68
CA ILE B 498 -56.81 -42.11 -26.93
C ILE B 498 -55.87 -42.51 -25.82
N ASP B 499 -56.25 -43.52 -25.05
CA ASP B 499 -55.49 -43.81 -23.84
C ASP B 499 -54.13 -44.41 -24.16
N ARG B 500 -54.06 -45.31 -25.14
CA ARG B 500 -52.76 -45.85 -25.49
C ARG B 500 -51.87 -44.78 -26.13
N ALA B 501 -52.42 -43.96 -27.03
CA ALA B 501 -51.65 -42.84 -27.53
C ALA B 501 -51.29 -41.86 -26.43
N SER B 502 -52.08 -41.82 -25.35
CA SER B 502 -51.76 -40.97 -24.22
C SER B 502 -50.49 -41.46 -23.54
N LYS B 503 -50.41 -42.78 -23.32
CA LYS B 503 -49.17 -43.36 -22.81
C LYS B 503 -48.00 -43.00 -23.72
N ILE B 504 -48.23 -43.04 -25.03
CA ILE B 504 -47.19 -42.59 -25.97
C ILE B 504 -46.84 -41.12 -25.71
N ALA B 505 -47.85 -40.30 -25.44
CA ALA B 505 -47.62 -38.88 -25.23
C ALA B 505 -46.74 -38.64 -24.01
N GLU B 506 -47.04 -39.30 -22.89
CA GLU B 506 -46.12 -39.19 -21.78
C GLU B 506 -44.73 -39.65 -22.18
N ALA B 507 -44.62 -40.86 -22.74
CA ALA B 507 -43.31 -41.36 -23.14
C ALA B 507 -42.50 -40.28 -23.86
N ILE B 508 -43.16 -39.58 -24.79
CA ILE B 508 -42.47 -38.47 -25.47
C ILE B 508 -42.10 -37.38 -24.48
N LYS B 509 -43.02 -37.00 -23.59
CA LYS B 509 -42.75 -35.88 -22.70
C LYS B 509 -41.58 -36.18 -21.76
N ILE B 510 -41.55 -37.38 -21.20
CA ILE B 510 -40.36 -37.82 -20.46
C ILE B 510 -39.12 -37.72 -21.33
N ASP B 511 -39.21 -38.20 -22.57
CA ASP B 511 -38.06 -38.08 -23.46
C ASP B 511 -37.85 -36.64 -23.90
N ASP B 512 -38.82 -36.09 -24.61
CA ASP B 512 -38.63 -34.83 -25.32
C ASP B 512 -38.61 -33.65 -24.36
N ASP B 513 -37.78 -32.67 -24.71
CA ASP B 513 -37.76 -31.39 -24.03
C ASP B 513 -37.70 -30.21 -24.97
N ALA B 514 -37.72 -30.44 -26.28
CA ALA B 514 -37.63 -29.35 -27.24
C ALA B 514 -38.77 -28.37 -27.02
N GLY B 515 -38.43 -27.09 -26.93
CA GLY B 515 -39.38 -26.06 -26.62
C GLY B 515 -40.17 -25.60 -27.82
N PRO B 516 -40.90 -24.50 -27.65
CA PRO B 516 -41.78 -24.03 -28.73
C PRO B 516 -41.01 -23.75 -30.01
N ASP B 517 -41.52 -24.31 -31.11
CA ASP B 517 -40.96 -24.11 -32.45
C ASP B 517 -39.52 -24.60 -32.53
N GLU B 518 -39.34 -25.89 -32.29
CA GLU B 518 -38.02 -26.50 -32.31
C GLU B 518 -38.14 -27.97 -32.69
N TYR B 519 -37.28 -28.41 -33.60
CA TYR B 519 -37.28 -29.79 -34.03
C TYR B 519 -36.68 -30.69 -32.96
N SER B 520 -37.22 -31.88 -32.85
CA SER B 520 -36.75 -32.89 -31.91
C SER B 520 -36.81 -34.24 -32.59
N PRO B 521 -36.04 -35.21 -32.12
CA PRO B 521 -36.09 -36.56 -32.70
C PRO B 521 -37.45 -37.23 -32.55
N ASN B 522 -38.42 -36.55 -31.94
CA ASN B 522 -39.78 -37.05 -31.89
C ASN B 522 -40.75 -36.21 -32.70
N SER B 523 -40.25 -35.47 -33.68
CA SER B 523 -41.10 -34.71 -34.59
C SER B 523 -40.71 -34.86 -36.05
N VAL B 524 -39.50 -35.30 -36.35
CA VAL B 524 -39.01 -35.37 -37.72
C VAL B 524 -39.70 -36.44 -38.57
N PRO B 525 -40.27 -37.52 -38.03
CA PRO B 525 -41.08 -38.38 -38.90
C PRO B 525 -42.22 -37.64 -39.56
N ILE B 526 -42.88 -36.76 -38.81
CA ILE B 526 -43.90 -35.91 -39.40
C ILE B 526 -43.28 -35.09 -40.54
N GLN B 527 -42.07 -34.60 -40.31
CA GLN B 527 -41.39 -33.80 -41.33
C GLN B 527 -41.18 -34.60 -42.60
N GLY B 528 -40.72 -35.84 -42.47
CA GLY B 528 -40.48 -36.66 -43.65
C GLY B 528 -41.75 -37.01 -44.39
N GLN B 529 -42.81 -37.36 -43.65
CA GLN B 529 -44.08 -37.67 -44.29
C GLN B 529 -44.57 -36.47 -45.08
N LEU B 530 -44.50 -35.28 -44.49
CA LEU B 530 -44.89 -34.07 -45.21
C LEU B 530 -44.00 -33.83 -46.43
N ALA B 531 -42.69 -34.02 -46.26
CA ALA B 531 -41.76 -33.66 -47.32
C ALA B 531 -41.99 -34.50 -48.56
N ILE B 532 -42.27 -35.79 -48.39
CA ILE B 532 -42.62 -36.57 -49.58
C ILE B 532 -44.07 -36.38 -49.98
N SER B 533 -44.92 -35.92 -49.06
CA SER B 533 -46.29 -35.62 -49.46
C SER B 533 -46.35 -34.41 -50.38
N GLN B 534 -45.46 -33.45 -50.15
CA GLN B 534 -45.44 -32.26 -50.99
C GLN B 534 -45.00 -32.60 -52.41
N LEU B 535 -44.20 -33.65 -52.57
CA LEU B 535 -43.65 -34.00 -53.87
C LEU B 535 -44.53 -34.97 -54.65
N GLU B 536 -45.63 -35.42 -54.07
CA GLU B 536 -46.44 -36.43 -54.74
C GLU B 536 -47.51 -35.80 -55.62
N THR B 537 -48.32 -36.66 -56.23
CA THR B 537 -49.21 -36.29 -57.33
C THR B 537 -50.62 -36.75 -56.99
N GLY B 538 -51.53 -35.80 -56.77
CA GLY B 538 -52.88 -36.11 -56.34
C GLY B 538 -53.86 -35.05 -56.77
N TYR B 539 -54.81 -34.74 -55.90
CA TYR B 539 -55.90 -33.81 -56.18
C TYR B 539 -55.55 -32.44 -55.60
N GLY B 540 -55.56 -31.42 -56.45
CA GLY B 540 -55.48 -30.05 -56.01
C GLY B 540 -54.15 -29.40 -56.36
N VAL B 541 -54.13 -28.08 -56.18
CA VAL B 541 -52.94 -27.29 -56.47
C VAL B 541 -51.80 -27.71 -55.54
N ARG B 542 -50.57 -27.47 -56.00
CA ARG B 542 -49.37 -27.71 -55.20
C ARG B 542 -48.95 -26.42 -54.49
N ILE B 543 -48.52 -26.57 -53.24
CA ILE B 543 -48.13 -25.44 -52.39
C ILE B 543 -46.74 -25.75 -51.86
N PHE B 544 -45.70 -25.29 -52.55
CA PHE B 544 -44.33 -25.58 -52.16
C PHE B 544 -43.94 -24.74 -50.95
N ASN B 545 -43.08 -25.30 -50.11
CA ASN B 545 -42.51 -24.63 -48.96
C ASN B 545 -41.09 -25.10 -48.77
N PRO B 546 -40.20 -24.24 -48.28
CA PRO B 546 -38.84 -24.67 -47.96
C PRO B 546 -38.86 -25.65 -46.81
N LYS B 547 -37.71 -26.27 -46.55
CA LYS B 547 -37.67 -27.33 -45.55
C LYS B 547 -37.85 -26.80 -44.15
N GLY B 548 -37.34 -25.60 -43.86
CA GLY B 548 -37.44 -25.08 -42.50
C GLY B 548 -38.87 -24.94 -42.03
N ILE B 549 -39.74 -24.44 -42.91
CA ILE B 549 -41.15 -24.34 -42.56
C ILE B 549 -41.73 -25.72 -42.26
N LEU B 550 -41.37 -26.71 -43.09
CA LEU B 550 -41.86 -28.06 -42.84
C LEU B 550 -41.45 -28.55 -41.45
N SER B 551 -40.18 -28.37 -41.10
CA SER B 551 -39.71 -28.83 -39.80
C SER B 551 -40.43 -28.11 -38.67
N LYS B 552 -40.57 -26.79 -38.80
CA LYS B 552 -41.24 -26.01 -37.77
C LYS B 552 -42.69 -26.47 -37.60
N ILE B 553 -43.37 -26.69 -38.72
CA ILE B 553 -44.75 -27.14 -38.69
C ILE B 553 -44.85 -28.49 -37.98
N ALA B 554 -43.95 -29.41 -38.33
CA ALA B 554 -44.00 -30.74 -37.72
C ALA B 554 -43.80 -30.64 -36.22
N SER B 555 -42.90 -29.75 -35.78
CA SER B 555 -42.71 -29.55 -34.35
C SER B 555 -44.00 -29.07 -33.70
N ARG B 556 -44.65 -28.08 -34.32
CA ARG B 556 -45.87 -27.54 -33.75
C ARG B 556 -46.97 -28.60 -33.69
N ALA B 557 -47.07 -29.42 -34.73
CA ALA B 557 -48.09 -30.47 -34.76
C ALA B 557 -47.83 -31.54 -33.71
N MET B 558 -46.57 -31.93 -33.53
CA MET B 558 -46.25 -32.91 -32.50
C MET B 558 -46.56 -32.37 -31.13
N GLN B 559 -46.21 -31.10 -30.88
CA GLN B 559 -46.55 -30.51 -29.60
C GLN B 559 -48.06 -30.40 -29.41
N ALA B 560 -48.79 -30.21 -30.51
CA ALA B 560 -50.24 -30.23 -30.41
C ALA B 560 -50.75 -31.59 -29.98
N PHE B 561 -50.18 -32.65 -30.56
CA PHE B 561 -50.54 -34.00 -30.13
C PHE B 561 -50.22 -34.21 -28.66
N ILE B 562 -49.06 -33.71 -28.22
CA ILE B 562 -48.70 -33.82 -26.80
C ILE B 562 -49.72 -33.11 -25.93
N GLY B 563 -50.14 -31.92 -26.36
CA GLY B 563 -51.12 -31.19 -25.60
C GLY B 563 -52.41 -31.96 -25.40
N ASP B 564 -52.90 -32.60 -26.46
CA ASP B 564 -54.13 -33.36 -26.36
C ASP B 564 -54.11 -34.61 -27.23
N PRO B 565 -54.06 -35.79 -26.62
CA PRO B 565 -54.04 -37.03 -27.41
C PRO B 565 -55.27 -37.21 -28.29
N SER B 566 -56.44 -36.77 -27.84
CA SER B 566 -57.66 -37.05 -28.59
C SER B 566 -57.67 -36.35 -29.93
N THR B 567 -56.77 -35.40 -30.15
CA THR B 567 -56.82 -34.59 -31.36
C THR B 567 -56.37 -35.33 -32.61
N ILE B 568 -55.76 -36.51 -32.48
CA ILE B 568 -55.34 -37.23 -33.68
C ILE B 568 -56.55 -37.76 -34.43
N ILE B 569 -57.53 -38.32 -33.71
CA ILE B 569 -58.71 -38.88 -34.36
C ILE B 569 -59.63 -37.83 -34.93
N THR B 570 -59.37 -36.56 -34.64
CA THR B 570 -60.31 -35.50 -34.97
C THR B 570 -60.41 -35.31 -36.48
N GLN B 571 -61.64 -35.27 -36.97
CA GLN B 571 -61.87 -34.88 -38.36
C GLN B 571 -61.34 -33.47 -38.59
N ALA B 572 -60.83 -33.25 -39.80
CA ALA B 572 -60.34 -31.94 -40.23
C ALA B 572 -59.23 -31.42 -39.31
N ALA B 573 -58.35 -32.30 -38.91
CA ALA B 573 -57.19 -31.89 -38.14
C ALA B 573 -56.13 -31.28 -39.04
N PRO B 574 -55.30 -30.38 -38.51
CA PRO B 574 -54.24 -29.80 -39.33
C PRO B 574 -53.25 -30.80 -39.89
N VAL B 575 -52.58 -31.57 -39.02
CA VAL B 575 -51.64 -32.59 -39.43
C VAL B 575 -52.07 -33.97 -38.96
N LEU B 576 -52.47 -34.09 -37.70
CA LEU B 576 -52.84 -35.36 -37.11
C LEU B 576 -54.01 -36.04 -37.84
N SER B 577 -54.62 -35.37 -38.81
CA SER B 577 -55.66 -35.97 -39.62
C SER B 577 -55.12 -37.01 -40.60
N ASP B 578 -53.81 -37.12 -40.75
CA ASP B 578 -53.21 -38.03 -41.70
C ASP B 578 -52.76 -39.31 -41.01
N LYS B 579 -53.17 -40.46 -41.54
CA LYS B 579 -52.79 -41.72 -40.94
C LYS B 579 -51.29 -41.96 -41.07
N ASN B 580 -50.71 -41.58 -42.21
CA ASN B 580 -49.28 -41.82 -42.42
C ASN B 580 -48.43 -41.05 -41.43
N ASN B 581 -48.80 -39.79 -41.15
CA ASN B 581 -48.11 -39.03 -40.13
C ASN B 581 -48.10 -39.79 -38.80
N TRP B 582 -49.27 -40.28 -38.40
CA TRP B 582 -49.40 -40.97 -37.12
C TRP B 582 -48.55 -42.23 -37.09
N ILE B 583 -48.57 -42.98 -38.19
CA ILE B 583 -47.82 -44.23 -38.24
C ILE B 583 -46.32 -43.96 -38.13
N ALA B 584 -45.84 -42.98 -38.88
CA ALA B 584 -44.41 -42.66 -38.83
C ALA B 584 -44.01 -42.18 -37.45
N LEU B 585 -44.85 -41.35 -36.83
CA LEU B 585 -44.56 -40.91 -35.46
C LEU B 585 -44.44 -42.10 -34.53
N ALA B 586 -45.45 -42.96 -34.53
CA ALA B 586 -45.46 -44.07 -33.59
C ALA B 586 -44.25 -44.97 -33.78
N GLN B 587 -43.90 -45.27 -35.02
CA GLN B 587 -42.78 -46.18 -35.24
C GLN B 587 -41.45 -45.51 -34.93
N GLY B 588 -41.24 -44.27 -35.37
CA GLY B 588 -40.00 -43.60 -35.06
C GLY B 588 -39.76 -43.41 -33.58
N VAL B 589 -40.81 -43.42 -32.77
CA VAL B 589 -40.64 -43.35 -31.32
C VAL B 589 -39.73 -44.48 -30.83
N LYS B 590 -40.00 -45.71 -31.29
CA LYS B 590 -39.25 -46.86 -30.80
C LYS B 590 -37.76 -46.69 -31.04
N THR B 591 -37.38 -46.39 -32.28
CA THR B 591 -35.98 -46.22 -32.60
C THR B 591 -35.39 -45.05 -31.83
N SER B 592 -36.16 -43.96 -31.71
CA SER B 592 -35.67 -42.79 -31.01
C SER B 592 -35.25 -43.14 -29.59
N LEU B 593 -36.07 -43.90 -28.89
CA LEU B 593 -35.69 -44.29 -27.53
C LEU B 593 -34.55 -45.30 -27.54
N ARG B 594 -34.66 -46.35 -28.36
CA ARG B 594 -33.69 -47.43 -28.29
C ARG B 594 -32.29 -47.00 -28.68
N THR B 595 -32.15 -45.96 -29.51
CA THR B 595 -30.85 -45.50 -29.95
C THR B 595 -30.21 -44.50 -29.00
N LYS B 596 -30.86 -44.15 -27.89
CA LYS B 596 -30.23 -43.26 -26.93
C LYS B 596 -29.01 -43.91 -26.32
N SER B 597 -28.04 -43.08 -25.90
CA SER B 597 -26.84 -43.56 -25.22
C SER B 597 -26.59 -42.70 -23.98
N LEU B 598 -27.27 -43.02 -22.89
CA LEU B 598 -27.10 -42.34 -21.60
C LEU B 598 -27.02 -40.83 -21.80
N SER B 599 -27.94 -40.30 -22.58
CA SER B 599 -27.93 -38.90 -22.97
C SER B 599 -29.14 -38.17 -22.41
N ALA B 600 -29.00 -36.85 -22.29
CA ALA B 600 -30.09 -35.99 -21.89
C ALA B 600 -29.99 -34.69 -22.69
N GLY B 601 -31.10 -33.95 -22.70
CA GLY B 601 -31.14 -32.70 -23.44
C GLY B 601 -30.32 -31.62 -22.79
N VAL B 602 -30.13 -30.54 -23.54
CA VAL B 602 -29.21 -29.48 -23.12
C VAL B 602 -29.82 -28.64 -22.01
N LYS B 603 -30.99 -28.05 -22.30
CA LYS B 603 -31.67 -27.23 -21.30
C LYS B 603 -31.96 -28.04 -20.05
N THR B 604 -32.32 -29.31 -20.22
CA THR B 604 -32.42 -30.23 -19.09
C THR B 604 -31.23 -30.08 -18.16
N ALA B 605 -30.03 -30.37 -18.68
CA ALA B 605 -28.85 -30.39 -17.84
C ALA B 605 -28.56 -29.02 -17.24
N VAL B 606 -28.67 -27.96 -18.05
CA VAL B 606 -28.30 -26.64 -17.57
C VAL B 606 -29.20 -26.23 -16.40
N SER B 607 -30.51 -26.35 -16.59
CA SER B 607 -31.43 -25.98 -15.52
C SER B 607 -31.24 -26.85 -14.30
N LYS B 608 -31.03 -28.15 -14.50
CA LYS B 608 -30.88 -29.05 -13.37
C LYS B 608 -29.68 -28.65 -12.52
N LEU B 609 -28.55 -28.39 -13.18
CA LEU B 609 -27.35 -27.99 -12.45
C LEU B 609 -27.55 -26.66 -11.73
N SER B 610 -28.17 -25.70 -12.40
CA SER B 610 -28.38 -24.39 -11.78
C SER B 610 -29.26 -24.51 -10.53
N SER B 611 -30.34 -25.27 -10.65
CA SER B 611 -31.23 -25.48 -9.52
C SER B 611 -30.50 -26.18 -8.38
N SER B 612 -29.68 -27.17 -8.72
CA SER B 612 -28.91 -27.87 -7.69
C SER B 612 -28.02 -26.92 -6.93
N GLU B 613 -27.32 -26.02 -7.64
CA GLU B 613 -26.46 -25.07 -6.95
C GLU B 613 -27.27 -24.15 -6.05
N SER B 614 -28.45 -23.73 -6.52
CA SER B 614 -29.33 -22.94 -5.67
C SER B 614 -29.65 -23.67 -4.37
N ILE B 615 -30.00 -24.95 -4.49
CA ILE B 615 -30.34 -25.73 -3.30
C ILE B 615 -29.13 -25.88 -2.39
N GLN B 616 -27.93 -25.98 -2.97
CA GLN B 616 -26.72 -26.02 -2.15
C GLN B 616 -26.61 -24.74 -1.32
N ASN B 617 -26.86 -23.59 -1.96
CA ASN B 617 -26.83 -22.33 -1.23
C ASN B 617 -27.85 -22.32 -0.11
N TRP B 618 -29.05 -22.84 -0.38
CA TRP B 618 -30.09 -22.91 0.63
C TRP B 618 -29.63 -23.74 1.83
N THR B 619 -29.07 -24.92 1.56
CA THR B 619 -28.63 -25.79 2.65
C THR B 619 -27.51 -25.14 3.45
N GLN B 620 -26.58 -24.48 2.77
CA GLN B 620 -25.50 -23.82 3.49
C GLN B 620 -26.03 -22.72 4.41
N GLY B 621 -26.96 -21.92 3.90
CA GLY B 621 -27.55 -20.89 4.74
C GLY B 621 -28.27 -21.47 5.94
N PHE B 622 -29.00 -22.57 5.74
CA PHE B 622 -29.73 -23.17 6.85
C PHE B 622 -28.79 -23.71 7.91
N LEU B 623 -27.76 -24.45 7.50
CA LEU B 623 -26.82 -24.98 8.49
C LEU B 623 -26.04 -23.86 9.16
N ASP B 624 -25.87 -22.73 8.47
CA ASP B 624 -25.30 -21.58 9.15
C ASP B 624 -26.22 -21.05 10.23
N LYS B 625 -27.52 -20.98 9.94
CA LYS B 625 -28.48 -20.62 10.98
C LYS B 625 -28.35 -21.54 12.18
N VAL B 626 -28.16 -22.83 11.93
CA VAL B 626 -27.96 -23.77 13.02
C VAL B 626 -26.72 -23.41 13.82
N SER B 627 -25.60 -23.22 13.11
CA SER B 627 -24.34 -22.99 13.80
C SER B 627 -24.39 -21.72 14.65
N ALA B 628 -25.12 -20.70 14.20
CA ALA B 628 -25.25 -19.51 15.02
C ALA B 628 -26.29 -19.66 16.11
N HIS B 629 -27.22 -20.60 15.97
CA HIS B 629 -28.26 -20.79 16.96
C HIS B 629 -27.96 -21.94 17.91
N PHE B 630 -26.74 -22.46 17.90
CA PHE B 630 -26.35 -23.58 18.75
C PHE B 630 -24.85 -23.56 18.94
N PRO B 631 -24.34 -22.59 19.69
CA PRO B 631 -22.89 -22.33 19.70
C PRO B 631 -22.10 -23.49 20.27
N ALA B 632 -20.80 -23.48 19.94
CA ALA B 632 -19.82 -24.44 20.40
C ALA B 632 -18.85 -23.79 21.38
N PRO B 633 -18.32 -24.55 22.35
CA PRO B 633 -17.38 -23.95 23.30
C PRO B 633 -16.00 -23.74 22.70
N THR C 9 -11.54 -42.49 -48.14
CA THR C 9 -11.82 -43.90 -47.91
C THR C 9 -13.17 -44.31 -48.48
N ILE C 10 -14.20 -44.32 -47.63
CA ILE C 10 -15.52 -44.74 -48.08
C ILE C 10 -16.23 -43.55 -48.70
N ASN C 11 -16.92 -43.79 -49.81
CA ASN C 11 -17.58 -42.73 -50.55
C ASN C 11 -19.06 -42.77 -50.25
N VAL C 12 -19.59 -41.70 -49.64
CA VAL C 12 -20.99 -41.68 -49.24
C VAL C 12 -21.88 -41.61 -50.48
N THR C 13 -21.55 -40.72 -51.42
CA THR C 13 -22.44 -40.45 -52.53
C THR C 13 -22.42 -41.56 -53.58
N GLY C 14 -21.28 -42.21 -53.78
CA GLY C 14 -21.18 -43.23 -54.78
C GLY C 14 -22.03 -44.44 -54.48
N ASP C 15 -22.09 -45.34 -55.47
CA ASP C 15 -22.94 -46.51 -55.38
C ASP C 15 -22.18 -47.64 -54.68
N GLY C 16 -22.76 -48.83 -54.72
CA GLY C 16 -22.16 -49.96 -54.05
C GLY C 16 -22.44 -50.04 -52.56
N ASN C 17 -23.32 -49.21 -52.04
CA ASN C 17 -23.69 -49.26 -50.64
C ASN C 17 -25.05 -49.93 -50.49
N VAL C 18 -25.50 -50.08 -49.25
CA VAL C 18 -26.70 -50.83 -48.97
C VAL C 18 -27.48 -50.19 -47.84
N PHE C 19 -28.77 -49.96 -48.05
CA PHE C 19 -29.68 -49.48 -47.01
C PHE C 19 -30.79 -50.50 -47.00
N LYS C 20 -30.61 -51.56 -46.21
CA LYS C 20 -31.52 -52.70 -46.18
C LYS C 20 -31.82 -53.03 -44.73
N PRO C 21 -32.65 -52.23 -44.08
CA PRO C 21 -32.97 -52.48 -42.67
C PRO C 21 -33.73 -53.78 -42.52
N SER C 22 -33.49 -54.44 -41.39
CA SER C 22 -34.05 -55.76 -41.15
C SER C 22 -34.26 -55.94 -39.65
N ALA C 23 -35.41 -56.52 -39.30
CA ALA C 23 -35.72 -56.73 -37.88
C ALA C 23 -34.72 -57.64 -37.20
N GLU C 24 -33.98 -58.44 -37.98
CA GLU C 24 -32.88 -59.19 -37.41
C GLU C 24 -31.75 -58.29 -36.94
N THR C 25 -31.68 -57.06 -37.45
CA THR C 25 -30.57 -56.14 -37.21
C THR C 25 -31.08 -54.81 -36.67
N SER C 26 -31.89 -54.84 -35.62
CA SER C 26 -32.42 -53.62 -35.03
C SER C 26 -31.29 -52.72 -34.52
N SER C 27 -31.63 -51.47 -34.26
CA SER C 27 -30.66 -50.46 -33.89
C SER C 27 -30.82 -50.09 -32.42
N THR C 28 -29.75 -50.30 -31.65
CA THR C 28 -29.66 -49.91 -30.24
C THR C 28 -28.19 -49.65 -29.93
N ALA C 29 -27.89 -48.56 -29.23
CA ALA C 29 -26.51 -48.36 -28.82
C ALA C 29 -26.27 -48.73 -27.36
N VAL C 30 -26.87 -47.97 -26.45
CA VAL C 30 -26.85 -48.17 -25.00
C VAL C 30 -28.05 -47.38 -24.48
N PRO C 31 -29.27 -47.90 -24.63
CA PRO C 31 -30.42 -47.09 -24.22
C PRO C 31 -30.37 -46.71 -22.75
N SER C 32 -29.89 -47.62 -21.93
CA SER C 32 -29.76 -47.49 -20.48
C SER C 32 -29.23 -48.79 -19.94
N LEU C 33 -28.68 -48.73 -18.73
CA LEU C 33 -28.24 -49.93 -18.04
C LEU C 33 -28.36 -49.69 -16.53
N SER C 34 -28.42 -50.79 -15.78
CA SER C 34 -28.84 -50.74 -14.39
C SER C 34 -27.72 -50.26 -13.48
N LEU C 35 -28.04 -49.37 -12.55
CA LEU C 35 -27.08 -48.85 -11.58
C LEU C 35 -27.59 -48.96 -10.16
N SER C 36 -28.60 -49.80 -9.92
CA SER C 36 -29.33 -49.76 -8.68
C SER C 36 -28.38 -49.84 -7.50
N PRO C 37 -28.49 -48.96 -6.51
CA PRO C 37 -27.45 -48.86 -5.49
C PRO C 37 -27.33 -50.10 -4.64
N GLY C 38 -28.46 -50.69 -4.23
CA GLY C 38 -28.40 -51.85 -3.37
C GLY C 38 -27.65 -53.00 -4.01
N MET C 39 -27.67 -53.07 -5.34
CA MET C 39 -26.97 -54.09 -6.09
C MET C 39 -25.66 -53.58 -6.68
N LEU C 40 -25.12 -52.50 -6.10
CA LEU C 40 -23.75 -52.08 -6.37
C LEU C 40 -22.90 -52.06 -5.12
N ASN C 41 -23.37 -51.42 -4.05
CA ASN C 41 -22.73 -51.45 -2.73
C ASN C 41 -21.31 -50.94 -2.75
N PRO D 1 -16.88 -60.28 -4.13
CA PRO D 1 -17.81 -60.18 -3.00
C PRO D 1 -18.24 -58.73 -2.77
N GLY D 2 -18.16 -58.28 -1.52
CA GLY D 2 -18.44 -56.89 -1.22
C GLY D 2 -17.99 -56.57 0.19
N GLY D 3 -17.82 -55.28 0.44
CA GLY D 3 -17.42 -54.85 1.76
C GLY D 3 -16.21 -53.93 1.77
N VAL D 4 -15.31 -54.15 2.72
CA VAL D 4 -14.14 -53.32 2.92
C VAL D 4 -12.95 -54.20 3.27
N PRO D 5 -11.78 -53.97 2.67
CA PRO D 5 -10.62 -54.83 2.94
C PRO D 5 -10.11 -54.63 4.36
N TRP D 6 -10.21 -55.67 5.17
CA TRP D 6 -9.73 -55.63 6.55
C TRP D 6 -8.34 -56.24 6.61
N ILE D 7 -7.51 -55.69 7.48
CA ILE D 7 -6.13 -56.12 7.65
C ILE D 7 -5.99 -56.74 9.04
N ALA D 8 -4.97 -57.58 9.19
CA ALA D 8 -4.62 -58.12 10.49
C ALA D 8 -3.63 -57.19 11.16
N VAL D 9 -3.95 -56.77 12.38
CA VAL D 9 -3.03 -55.98 13.17
C VAL D 9 -2.15 -56.95 13.96
N GLY D 10 -0.97 -56.50 14.33
CA GLY D 10 -0.06 -57.32 15.11
C GLY D 10 0.70 -58.28 14.23
N ASP D 11 0.41 -59.58 14.37
CA ASP D 11 1.19 -60.63 13.76
C ASP D 11 0.47 -61.18 12.53
N GLU D 12 1.17 -61.99 11.76
CA GLU D 12 0.58 -62.65 10.60
C GLU D 12 -0.20 -63.88 11.05
N THR D 13 -1.44 -64.00 10.58
CA THR D 13 -2.32 -65.13 10.89
C THR D 13 -2.65 -65.23 12.38
N SER D 14 -2.39 -64.18 13.15
CA SER D 14 -2.77 -64.15 14.56
C SER D 14 -4.21 -63.76 14.77
N VAL D 15 -5.00 -63.64 13.69
CA VAL D 15 -6.38 -63.24 13.84
C VAL D 15 -7.15 -64.27 14.66
N THR D 16 -7.64 -63.85 15.81
CA THR D 16 -8.44 -64.71 16.66
C THR D 16 -9.67 -64.01 17.24
N SER D 17 -9.68 -62.68 17.30
CA SER D 17 -10.76 -61.90 17.86
C SER D 17 -11.07 -60.74 16.93
N PRO D 18 -12.31 -60.24 16.95
CA PRO D 18 -12.65 -59.08 16.10
C PRO D 18 -11.89 -57.83 16.46
N GLY D 19 -11.31 -57.78 17.66
CA GLY D 19 -10.51 -56.63 18.04
C GLY D 19 -9.07 -56.69 17.58
N ALA D 20 -8.71 -57.68 16.77
CA ALA D 20 -7.35 -57.85 16.30
C ALA D 20 -7.21 -57.52 14.82
N LEU D 21 -8.07 -56.66 14.30
CA LEU D 21 -8.07 -56.30 12.88
C LEU D 21 -8.12 -54.79 12.76
N ARG D 22 -8.12 -54.32 11.51
CA ARG D 22 -8.06 -52.89 11.22
C ARG D 22 -8.40 -52.71 9.75
N ARG D 23 -9.09 -51.61 9.46
CA ARG D 23 -9.36 -51.26 8.06
C ARG D 23 -8.06 -50.96 7.35
N MET D 24 -7.90 -51.50 6.15
CA MET D 24 -6.72 -51.12 5.38
C MET D 24 -6.80 -49.68 4.92
N THR D 25 -5.68 -49.21 4.38
CA THR D 25 -5.52 -47.83 4.01
C THR D 25 -4.43 -47.77 2.96
N SER D 26 -4.55 -46.80 2.05
CA SER D 26 -3.70 -46.77 0.87
C SER D 26 -2.22 -46.69 1.22
N LYS D 27 -1.89 -46.31 2.45
CA LYS D 27 -0.52 -46.51 2.93
C LYS D 27 -0.12 -47.97 2.87
N ASP D 28 -1.02 -48.86 3.29
CA ASP D 28 -0.69 -50.28 3.36
C ASP D 28 -0.47 -50.87 1.98
N ILE D 29 -1.27 -50.44 1.00
CA ILE D 29 -1.16 -50.94 -0.37
C ILE D 29 -0.88 -49.73 -1.25
N PRO D 30 0.38 -49.29 -1.34
CA PRO D 30 0.66 -47.99 -1.98
C PRO D 30 0.34 -47.95 -3.46
N GLU D 31 0.18 -49.11 -4.11
CA GLU D 31 -0.22 -49.09 -5.52
C GLU D 31 -1.50 -48.30 -5.72
N THR D 32 -2.43 -48.35 -4.76
CA THR D 32 -3.69 -47.61 -4.85
C THR D 32 -3.60 -46.25 -4.19
N ALA D 33 -2.57 -45.49 -4.51
CA ALA D 33 -2.39 -44.16 -3.98
C ALA D 33 -2.00 -43.24 -5.11
N ILE D 34 -2.53 -42.04 -5.13
CA ILE D 34 -2.40 -41.26 -6.36
C ILE D 34 -1.09 -40.52 -6.35
N ILE D 35 -0.01 -41.28 -6.59
CA ILE D 35 1.20 -40.82 -7.24
C ILE D 35 1.60 -41.95 -8.18
N ASN D 36 0.84 -43.05 -8.10
CA ASN D 36 1.12 -44.27 -8.86
C ASN D 36 0.14 -44.52 -9.99
N THR D 37 -1.08 -44.00 -9.89
CA THR D 37 -2.15 -44.40 -10.80
C THR D 37 -1.81 -44.12 -12.25
N ASP D 38 -2.13 -45.09 -13.11
CA ASP D 38 -1.99 -44.90 -14.54
C ASP D 38 -2.80 -43.69 -14.99
N ASN D 39 -2.12 -42.62 -15.37
CA ASN D 39 -2.76 -41.35 -15.68
C ASN D 39 -3.37 -41.31 -17.06
N SER D 40 -3.50 -42.45 -17.73
CA SER D 40 -4.23 -42.51 -18.99
C SER D 40 -5.55 -41.77 -18.85
N SER D 41 -5.85 -40.94 -19.84
CA SER D 41 -6.91 -39.93 -19.89
C SER D 41 -6.48 -38.65 -19.20
N GLY D 42 -5.29 -38.61 -18.61
CA GLY D 42 -4.72 -37.35 -18.13
C GLY D 42 -5.53 -36.64 -17.07
N ALA D 43 -6.04 -37.37 -16.09
CA ALA D 43 -6.90 -36.74 -15.10
C ALA D 43 -6.10 -36.04 -14.01
N VAL D 44 -5.29 -36.79 -13.26
CA VAL D 44 -4.54 -36.17 -12.17
C VAL D 44 -3.48 -35.25 -12.76
N PRO D 45 -3.16 -34.13 -12.12
CA PRO D 45 -2.12 -33.24 -12.64
C PRO D 45 -0.74 -33.89 -12.62
N SER D 46 0.22 -33.15 -13.16
CA SER D 46 1.60 -33.58 -13.21
C SER D 46 2.54 -32.71 -12.38
N GLU D 47 2.06 -31.61 -11.82
CA GLU D 47 2.84 -30.86 -10.84
C GLU D 47 3.11 -31.76 -9.63
N SER D 48 4.38 -31.95 -9.29
CA SER D 48 4.66 -32.64 -8.04
C SER D 48 4.19 -31.83 -6.85
N ALA D 49 3.88 -30.56 -7.04
CA ALA D 49 3.45 -29.70 -5.94
C ALA D 49 1.95 -29.71 -5.74
N LEU D 50 1.18 -30.37 -6.60
CA LEU D 50 -0.27 -30.49 -6.39
C LEU D 50 -0.61 -31.97 -6.36
N VAL D 51 -0.35 -32.61 -5.23
CA VAL D 51 -0.61 -34.03 -4.99
C VAL D 51 -0.70 -34.21 -3.48
N PRO D 52 -1.70 -34.94 -3.00
CA PRO D 52 -1.95 -34.95 -1.54
C PRO D 52 -0.85 -35.57 -0.70
N TYR D 53 -0.36 -36.76 -1.06
CA TYR D 53 0.43 -37.59 -0.15
C TYR D 53 -0.33 -37.90 1.13
N ILE D 54 -1.66 -37.97 1.03
CA ILE D 54 -2.52 -38.27 2.18
C ILE D 54 -3.31 -39.52 1.84
N ASP D 55 -3.24 -40.51 2.72
CA ASP D 55 -3.83 -41.81 2.44
C ASP D 55 -5.35 -41.77 2.61
N GLU D 56 -6.02 -42.75 2.02
CA GLU D 56 -7.48 -42.77 1.99
C GLU D 56 -7.98 -44.19 2.14
N PRO D 57 -9.24 -44.37 2.55
CA PRO D 57 -9.73 -45.72 2.81
C PRO D 57 -9.87 -46.53 1.54
N LEU D 58 -9.96 -47.84 1.71
CA LEU D 58 -10.05 -48.76 0.60
C LEU D 58 -11.42 -49.44 0.62
N VAL D 59 -11.99 -49.63 -0.55
CA VAL D 59 -13.33 -50.19 -0.67
C VAL D 59 -13.28 -51.33 -1.67
N VAL D 60 -14.18 -52.28 -1.52
CA VAL D 60 -14.26 -53.45 -2.38
C VAL D 60 -15.39 -53.30 -3.37
N VAL D 61 -15.12 -53.59 -4.63
CA VAL D 61 -16.12 -53.58 -5.67
C VAL D 61 -16.72 -54.98 -5.78
N THR D 62 -17.91 -55.06 -6.35
CA THR D 62 -18.66 -56.30 -6.45
C THR D 62 -18.66 -56.79 -7.88
N GLU D 63 -18.55 -58.12 -8.05
CA GLU D 63 -18.41 -58.71 -9.37
C GLU D 63 -19.54 -58.29 -10.30
N HIS D 64 -20.73 -58.04 -9.75
CA HIS D 64 -21.85 -57.63 -10.57
C HIS D 64 -21.85 -56.12 -10.82
N ALA D 65 -20.86 -55.41 -10.29
CA ALA D 65 -20.72 -53.98 -10.54
C ALA D 65 -19.68 -53.65 -11.60
N ILE D 66 -18.65 -54.48 -11.76
CA ILE D 66 -17.67 -54.21 -12.80
C ILE D 66 -18.30 -54.39 -14.18
N THR D 67 -19.14 -55.41 -14.31
CA THR D 67 -19.88 -55.59 -15.56
C THR D 67 -20.71 -54.36 -15.88
N ASN D 68 -21.27 -53.71 -14.86
CA ASN D 68 -22.08 -52.53 -15.09
C ASN D 68 -21.21 -51.34 -15.47
N PHE D 69 -20.09 -51.13 -14.78
CA PHE D 69 -19.30 -49.93 -15.03
C PHE D 69 -18.47 -50.04 -16.29
N THR D 70 -18.08 -51.24 -16.71
CA THR D 70 -17.42 -51.38 -18.00
C THR D 70 -18.35 -50.97 -19.13
N LYS D 71 -19.61 -51.42 -19.09
CA LYS D 71 -20.57 -51.03 -20.11
C LYS D 71 -20.82 -49.53 -20.11
N ALA D 72 -20.60 -48.87 -18.98
CA ALA D 72 -20.74 -47.42 -18.93
C ALA D 72 -19.77 -46.77 -19.90
N GLU D 73 -18.55 -47.29 -19.96
CA GLU D 73 -17.57 -46.86 -20.95
C GLU D 73 -18.02 -47.15 -22.37
N MET D 74 -18.80 -48.20 -22.57
CA MET D 74 -19.18 -48.59 -23.91
C MET D 74 -20.05 -47.55 -24.59
N ALA D 75 -20.71 -46.69 -23.81
CA ALA D 75 -21.54 -45.65 -24.41
C ALA D 75 -20.71 -44.69 -25.25
N LEU D 76 -19.53 -44.32 -24.76
CA LEU D 76 -18.68 -43.38 -25.49
C LEU D 76 -18.25 -43.96 -26.82
N GLU D 77 -17.95 -45.26 -26.86
CA GLU D 77 -17.27 -45.82 -28.02
C GLU D 77 -18.16 -45.80 -29.24
N PHE D 78 -19.47 -45.72 -29.06
CA PHE D 78 -20.38 -45.45 -30.17
C PHE D 78 -20.20 -44.05 -30.76
N ASN D 79 -19.25 -43.26 -30.25
CA ASN D 79 -19.06 -41.91 -30.78
C ASN D 79 -17.60 -41.53 -30.93
N ARG D 80 -16.67 -42.49 -30.83
CA ARG D 80 -15.26 -42.15 -30.84
C ARG D 80 -14.81 -41.53 -32.15
N GLU D 81 -15.57 -41.73 -33.22
CA GLU D 81 -15.25 -41.06 -34.48
C GLU D 81 -15.34 -39.55 -34.31
N PHE D 82 -16.36 -39.09 -33.60
CA PHE D 82 -16.53 -37.67 -33.30
C PHE D 82 -15.57 -37.21 -32.20
N LEU D 83 -15.29 -38.07 -31.22
CA LEU D 83 -14.42 -37.69 -30.11
C LEU D 83 -13.05 -37.26 -30.61
N ASP D 84 -12.42 -38.10 -31.41
CA ASP D 84 -11.10 -37.78 -31.91
C ASP D 84 -11.13 -36.57 -32.83
N LYS D 85 -12.27 -36.28 -33.44
CA LYS D 85 -12.43 -35.00 -34.11
C LYS D 85 -12.54 -33.88 -33.07
N MET D 86 -13.32 -34.15 -32.03
CA MET D 86 -13.50 -33.23 -30.92
C MET D 86 -12.23 -33.22 -30.06
N ARG D 87 -11.37 -34.22 -30.27
CA ARG D 87 -10.08 -34.35 -29.61
C ARG D 87 -10.23 -34.31 -28.08
N VAL D 88 -10.92 -35.35 -27.61
CA VAL D 88 -11.22 -35.55 -26.20
C VAL D 88 -11.04 -37.02 -25.89
N LEU D 89 -10.37 -37.31 -24.78
CA LEU D 89 -10.30 -38.67 -24.24
C LEU D 89 -9.72 -39.63 -25.27
N SER D 90 -8.42 -39.41 -25.56
CA SER D 90 -7.77 -40.17 -26.62
C SER D 90 -7.59 -41.65 -26.27
N VAL D 91 -7.52 -42.01 -25.00
CA VAL D 91 -7.37 -43.40 -24.59
C VAL D 91 -8.54 -43.78 -23.70
N SER D 92 -9.26 -44.82 -24.07
CA SER D 92 -10.43 -45.22 -23.30
C SER D 92 -10.02 -45.65 -21.91
N PRO D 93 -10.72 -45.19 -20.87
CA PRO D 93 -10.25 -45.43 -19.49
C PRO D 93 -9.97 -46.88 -19.15
N LYS D 94 -10.81 -47.82 -19.60
CA LYS D 94 -10.61 -49.24 -19.32
C LYS D 94 -10.53 -49.48 -17.82
N TYR D 95 -11.69 -49.29 -17.19
CA TYR D 95 -11.88 -49.36 -15.74
C TYR D 95 -11.04 -50.41 -15.05
N SER D 96 -10.85 -51.55 -15.70
CA SER D 96 -10.12 -52.65 -15.08
C SER D 96 -8.72 -52.23 -14.65
N ASP D 97 -8.10 -51.28 -15.34
CA ASP D 97 -6.76 -50.86 -14.97
C ASP D 97 -6.72 -50.20 -13.59
N LEU D 98 -7.73 -49.38 -13.28
CA LEU D 98 -7.74 -48.68 -12.00
C LEU D 98 -7.88 -49.65 -10.84
N LEU D 99 -8.50 -50.81 -11.07
CA LEU D 99 -8.65 -51.80 -10.02
C LEU D 99 -7.32 -52.44 -9.69
N THR D 100 -7.21 -52.95 -8.47
CA THR D 100 -6.06 -53.75 -8.05
C THR D 100 -6.57 -54.92 -7.22
N TYR D 101 -6.06 -56.11 -7.51
CA TYR D 101 -6.54 -57.33 -6.90
C TYR D 101 -5.60 -57.72 -5.77
N VAL D 102 -6.04 -57.51 -4.53
CA VAL D 102 -5.34 -57.96 -3.34
C VAL D 102 -6.29 -58.88 -2.60
N ASP D 103 -5.73 -59.78 -1.79
CA ASP D 103 -6.53 -60.77 -1.09
C ASP D 103 -6.36 -60.59 0.41
N CYS D 104 -7.47 -60.61 1.12
CA CYS D 104 -7.48 -60.38 2.56
C CYS D 104 -8.84 -60.76 3.10
N TYR D 105 -9.05 -60.49 4.38
CA TYR D 105 -10.37 -60.60 4.99
C TYR D 105 -11.19 -59.38 4.60
N VAL D 106 -12.41 -59.63 4.10
CA VAL D 106 -13.25 -58.58 3.55
C VAL D 106 -14.63 -58.66 4.16
N GLY D 107 -15.17 -57.51 4.53
CA GLY D 107 -16.48 -57.46 5.14
C GLY D 107 -16.86 -56.03 5.47
N VAL D 108 -18.04 -55.90 6.08
CA VAL D 108 -18.51 -54.59 6.51
C VAL D 108 -18.65 -54.57 8.02
N SER D 109 -17.83 -55.34 8.70
CA SER D 109 -17.63 -55.27 10.14
C SER D 109 -16.47 -56.18 10.50
N ALA D 110 -15.65 -55.75 11.45
CA ALA D 110 -14.49 -56.54 11.85
C ALA D 110 -14.90 -57.92 12.30
N ARG D 111 -16.07 -58.06 12.90
CA ARG D 111 -16.53 -59.37 13.35
C ARG D 111 -16.71 -60.32 12.18
N GLN D 112 -17.60 -59.99 11.25
CA GLN D 112 -17.92 -60.95 10.21
C GLN D 112 -16.81 -61.03 9.16
N ALA D 113 -16.06 -59.95 8.98
CA ALA D 113 -14.90 -60.00 8.10
C ALA D 113 -13.82 -60.93 8.64
N LEU D 114 -13.79 -61.14 9.96
CA LEU D 114 -12.87 -62.12 10.53
C LEU D 114 -13.11 -63.50 9.91
N ASN D 115 -14.35 -63.95 9.89
CA ASN D 115 -14.70 -65.26 9.40
C ASN D 115 -14.73 -65.33 7.87
N ASN D 116 -14.30 -64.29 7.18
CA ASN D 116 -14.50 -64.21 5.73
C ASN D 116 -13.19 -63.80 5.07
N PHE D 117 -12.35 -64.79 4.76
CA PHE D 117 -11.15 -64.56 3.98
C PHE D 117 -11.43 -64.86 2.52
N GLN D 118 -10.72 -64.15 1.64
CA GLN D 118 -10.94 -64.30 0.21
C GLN D 118 -9.60 -64.10 -0.50
N LYS D 119 -9.56 -64.53 -1.75
CA LYS D 119 -8.35 -64.45 -2.56
C LYS D 119 -8.70 -63.65 -3.81
N GLN D 120 -7.83 -62.72 -4.18
CA GLN D 120 -7.98 -61.88 -5.37
C GLN D 120 -9.27 -61.04 -5.30
N VAL D 121 -9.25 -60.11 -4.36
CA VAL D 121 -10.35 -59.18 -4.16
C VAL D 121 -9.98 -57.84 -4.81
N PRO D 122 -10.71 -57.38 -5.81
CA PRO D 122 -10.44 -56.06 -6.38
C PRO D 122 -10.70 -54.97 -5.36
N VAL D 123 -9.89 -53.91 -5.42
CA VAL D 123 -10.02 -52.81 -4.47
C VAL D 123 -9.96 -51.50 -5.21
N ILE D 124 -10.52 -50.46 -4.61
CA ILE D 124 -10.52 -49.12 -5.18
C ILE D 124 -10.58 -48.09 -4.06
N THR D 125 -10.06 -46.90 -4.34
CA THR D 125 -10.17 -45.81 -3.39
C THR D 125 -11.23 -44.82 -3.84
N PRO D 126 -11.99 -44.25 -2.90
CA PRO D 126 -13.12 -43.40 -3.30
C PRO D 126 -12.73 -42.26 -4.20
N THR D 127 -11.56 -41.66 -3.96
CA THR D 127 -11.12 -40.55 -4.79
C THR D 127 -10.86 -41.00 -6.21
N ARG D 128 -10.20 -42.14 -6.38
CA ARG D 128 -9.98 -42.68 -7.72
C ARG D 128 -11.29 -43.07 -8.37
N GLN D 129 -12.23 -43.61 -7.59
CA GLN D 129 -13.51 -43.99 -8.16
C GLN D 129 -14.24 -42.78 -8.73
N THR D 130 -14.20 -41.66 -8.02
CA THR D 130 -14.87 -40.46 -8.52
C THR D 130 -14.26 -39.99 -9.83
N MET D 131 -12.95 -40.17 -9.98
CA MET D 131 -12.29 -39.77 -11.22
C MET D 131 -12.82 -40.54 -12.41
N TYR D 132 -13.00 -41.85 -12.26
CA TYR D 132 -13.47 -42.66 -13.37
C TYR D 132 -14.90 -42.32 -13.75
N VAL D 133 -15.80 -42.26 -12.78
CA VAL D 133 -17.18 -41.92 -13.09
C VAL D 133 -17.23 -40.53 -13.71
N ASP D 134 -16.39 -39.62 -13.23
CA ASP D 134 -16.23 -38.34 -13.89
C ASP D 134 -15.75 -38.54 -15.31
N SER D 135 -14.70 -39.35 -15.49
CA SER D 135 -14.08 -39.50 -16.80
C SER D 135 -15.09 -39.88 -17.87
N ILE D 136 -16.09 -40.69 -17.50
CA ILE D 136 -17.15 -41.01 -18.45
C ILE D 136 -18.11 -39.84 -18.60
N GLN D 137 -18.78 -39.48 -17.51
CA GLN D 137 -19.91 -38.57 -17.60
C GLN D 137 -19.46 -37.14 -17.90
N ALA D 138 -18.17 -36.84 -17.72
CA ALA D 138 -17.67 -35.58 -18.23
C ALA D 138 -17.78 -35.52 -19.75
N ALA D 139 -17.32 -36.57 -20.42
CA ALA D 139 -17.33 -36.58 -21.87
C ALA D 139 -18.75 -36.57 -22.41
N LEU D 140 -19.69 -37.20 -21.69
CA LEU D 140 -21.08 -37.16 -22.11
C LEU D 140 -21.56 -35.74 -22.32
N LYS D 141 -21.07 -34.79 -21.51
CA LYS D 141 -21.47 -33.40 -21.69
C LYS D 141 -21.08 -32.91 -23.08
N ALA D 142 -19.91 -33.32 -23.55
CA ALA D 142 -19.50 -32.97 -24.91
C ALA D 142 -20.44 -33.58 -25.94
N LEU D 143 -20.84 -34.83 -25.74
CA LEU D 143 -21.66 -35.48 -26.76
C LEU D 143 -23.04 -34.97 -26.79
N GLU D 144 -23.35 -33.90 -26.08
CA GLU D 144 -24.74 -33.57 -25.82
C GLU D 144 -25.55 -33.41 -27.11
N LYS D 145 -24.99 -32.74 -28.13
CA LYS D 145 -25.78 -32.42 -29.31
C LYS D 145 -25.35 -33.18 -30.55
N TRP D 146 -24.13 -33.69 -30.60
CA TRP D 146 -23.83 -34.72 -31.59
C TRP D 146 -24.75 -35.90 -31.38
N GLU D 147 -25.12 -36.18 -30.14
CA GLU D 147 -26.09 -37.23 -29.84
C GLU D 147 -27.44 -36.90 -30.45
N ILE D 148 -27.90 -35.67 -30.27
CA ILE D 148 -29.21 -35.29 -30.76
C ILE D 148 -29.25 -35.39 -32.28
N ASP D 149 -28.19 -34.93 -32.94
CA ASP D 149 -28.17 -34.88 -34.39
C ASP D 149 -28.34 -36.27 -34.99
N LEU D 150 -27.50 -37.21 -34.57
CA LEU D 150 -27.54 -38.55 -35.16
C LEU D 150 -28.80 -39.29 -34.78
N ARG D 151 -29.35 -39.02 -33.60
CA ARG D 151 -30.62 -39.67 -33.26
C ARG D 151 -31.73 -39.17 -34.18
N VAL D 152 -31.55 -37.97 -34.76
CA VAL D 152 -32.46 -37.51 -35.81
C VAL D 152 -32.26 -38.31 -37.08
N ALA D 153 -31.00 -38.51 -37.49
CA ALA D 153 -30.74 -39.24 -38.72
C ALA D 153 -31.27 -40.66 -38.65
N GLN D 154 -31.43 -41.20 -37.45
CA GLN D 154 -31.98 -42.53 -37.30
C GLN D 154 -33.49 -42.53 -37.49
N THR D 155 -34.17 -41.43 -37.21
CA THR D 155 -35.62 -41.44 -37.10
C THR D 155 -36.33 -40.51 -38.06
N LEU D 156 -35.61 -39.73 -38.86
CA LEU D 156 -36.29 -38.91 -39.86
C LEU D 156 -36.99 -39.79 -40.90
N LEU D 157 -36.36 -40.90 -41.26
CA LEU D 157 -36.97 -41.88 -42.15
C LEU D 157 -36.88 -43.25 -41.50
N PRO D 158 -37.84 -44.13 -41.80
CA PRO D 158 -37.87 -45.44 -41.14
C PRO D 158 -36.61 -46.25 -41.42
N THR D 159 -35.84 -46.52 -40.37
CA THR D 159 -34.65 -47.35 -40.47
C THR D 159 -34.76 -48.65 -39.68
N ASN D 160 -35.83 -48.85 -38.93
CA ASN D 160 -36.11 -50.13 -38.27
C ASN D 160 -37.46 -50.64 -38.73
N VAL D 161 -37.54 -51.95 -38.96
CA VAL D 161 -38.78 -52.55 -39.43
C VAL D 161 -39.26 -53.57 -38.41
N PRO D 162 -40.55 -53.65 -38.14
CA PRO D 162 -41.05 -54.65 -37.17
C PRO D 162 -40.76 -56.08 -37.57
N ILE D 163 -40.77 -56.39 -38.87
CA ILE D 163 -40.69 -57.77 -39.32
C ILE D 163 -40.05 -57.78 -40.70
N GLY D 164 -39.55 -58.94 -41.12
CA GLY D 164 -38.99 -59.06 -42.45
C GLY D 164 -37.84 -58.10 -42.66
N GLU D 165 -37.83 -57.47 -43.83
CA GLU D 165 -36.77 -56.52 -44.17
C GLU D 165 -37.22 -55.70 -45.36
N VAL D 166 -36.61 -54.51 -45.49
CA VAL D 166 -36.99 -53.56 -46.53
C VAL D 166 -35.72 -52.98 -47.13
N SER D 167 -35.85 -52.34 -48.28
CA SER D 167 -34.66 -51.96 -49.03
C SER D 167 -34.90 -50.70 -49.84
N CYS D 168 -33.81 -49.97 -50.08
CA CYS D 168 -33.75 -48.78 -50.91
C CYS D 168 -32.29 -48.41 -51.14
N PRO D 169 -31.93 -47.92 -52.32
CA PRO D 169 -30.55 -47.54 -52.56
C PRO D 169 -30.13 -46.35 -51.72
N MET D 170 -28.90 -46.43 -51.20
CA MET D 170 -28.30 -45.30 -50.47
C MET D 170 -28.42 -44.01 -51.26
N GLN D 171 -27.87 -43.98 -52.47
CA GLN D 171 -27.75 -42.73 -53.23
C GLN D 171 -29.06 -41.96 -53.29
N SER D 172 -30.18 -42.63 -53.09
CA SER D 172 -31.46 -41.93 -53.05
C SER D 172 -31.68 -41.27 -51.70
N VAL D 173 -31.60 -42.05 -50.61
CA VAL D 173 -31.95 -41.53 -49.30
C VAL D 173 -31.01 -40.41 -48.89
N VAL D 174 -29.74 -40.49 -49.30
CA VAL D 174 -28.78 -39.45 -48.94
C VAL D 174 -29.22 -38.12 -49.53
N LYS D 175 -29.68 -38.13 -50.78
CA LYS D 175 -30.19 -36.90 -51.38
C LYS D 175 -31.34 -36.33 -50.57
N LEU D 176 -32.15 -37.19 -49.95
CA LEU D 176 -33.24 -36.71 -49.11
C LEU D 176 -32.72 -36.06 -47.84
N LEU D 177 -31.77 -36.71 -47.15
CA LEU D 177 -31.21 -36.12 -45.95
C LEU D 177 -30.53 -34.81 -46.27
N ASP D 178 -29.81 -34.77 -47.39
CA ASP D 178 -29.28 -33.51 -47.89
C ASP D 178 -30.38 -32.49 -48.07
N ASP D 179 -31.59 -32.96 -48.41
CA ASP D 179 -32.71 -32.06 -48.65
C ASP D 179 -33.39 -31.60 -47.37
N GLN D 180 -33.19 -32.29 -46.25
CA GLN D 180 -34.00 -32.03 -45.07
C GLN D 180 -33.25 -31.85 -43.76
N LEU D 181 -32.00 -32.27 -43.65
CA LEU D 181 -31.30 -32.14 -42.38
C LEU D 181 -31.15 -30.65 -42.05
N PRO D 182 -31.45 -30.24 -40.82
CA PRO D 182 -31.29 -28.83 -40.46
C PRO D 182 -29.88 -28.36 -40.76
N ASP D 183 -29.77 -27.13 -41.26
CA ASP D 183 -28.48 -26.64 -41.71
C ASP D 183 -27.47 -26.53 -40.59
N ASP D 184 -27.91 -26.58 -39.32
CA ASP D 184 -27.00 -26.55 -38.20
C ASP D 184 -26.65 -27.94 -37.66
N SER D 185 -27.07 -28.99 -38.36
CA SER D 185 -26.75 -30.35 -37.93
C SER D 185 -25.28 -30.64 -38.17
N LEU D 186 -24.65 -31.29 -37.19
CA LEU D 186 -23.25 -31.64 -37.32
C LEU D 186 -22.99 -32.55 -38.51
N ILE D 187 -23.99 -33.31 -38.95
CA ILE D 187 -23.80 -34.20 -40.10
C ILE D 187 -23.31 -33.42 -41.31
N ARG D 188 -23.88 -32.24 -41.54
CA ARG D 188 -23.48 -31.44 -42.69
C ARG D 188 -22.03 -30.99 -42.61
N ARG D 189 -21.41 -31.05 -41.43
CA ARG D 189 -19.98 -30.78 -41.33
C ARG D 189 -19.14 -32.03 -41.22
N TYR D 190 -19.69 -33.13 -40.72
CA TYR D 190 -18.96 -34.38 -40.55
C TYR D 190 -19.78 -35.53 -41.10
N PRO D 191 -19.88 -35.63 -42.41
CA PRO D 191 -20.66 -36.73 -43.00
C PRO D 191 -20.02 -38.09 -42.77
N LYS D 192 -18.72 -38.20 -43.13
CA LYS D 192 -18.05 -39.50 -43.08
C LYS D 192 -18.18 -40.15 -41.71
N GLU D 193 -17.81 -39.41 -40.67
CA GLU D 193 -17.87 -39.95 -39.32
C GLU D 193 -19.29 -40.28 -38.93
N ALA D 194 -20.26 -39.45 -39.32
CA ALA D 194 -21.65 -39.77 -39.03
C ALA D 194 -22.07 -41.05 -39.72
N ALA D 195 -21.60 -41.24 -40.95
CA ALA D 195 -21.91 -42.48 -41.68
C ALA D 195 -21.38 -43.70 -40.94
N VAL D 196 -20.13 -43.64 -40.47
CA VAL D 196 -19.56 -44.78 -39.76
C VAL D 196 -20.34 -45.05 -38.49
N ALA D 197 -20.62 -43.99 -37.71
CA ALA D 197 -21.21 -44.18 -36.40
C ALA D 197 -22.56 -44.86 -36.49
N LEU D 198 -23.38 -44.49 -37.47
CA LEU D 198 -24.65 -45.17 -37.66
C LEU D 198 -24.43 -46.64 -37.95
N ALA D 199 -23.56 -46.94 -38.92
CA ALA D 199 -23.33 -48.32 -39.32
C ALA D 199 -22.82 -49.16 -38.17
N LYS D 200 -22.25 -48.54 -37.14
CA LYS D 200 -21.93 -49.27 -35.93
C LYS D 200 -23.18 -49.85 -35.28
N ARG D 201 -24.25 -49.07 -35.24
CA ARG D 201 -25.43 -49.43 -34.47
C ARG D 201 -26.64 -49.73 -35.35
N ASN D 202 -26.42 -50.14 -36.59
CA ASN D 202 -27.54 -50.55 -37.45
C ASN D 202 -27.01 -51.56 -38.46
N GLY D 203 -27.48 -52.81 -38.35
CA GLY D 203 -27.00 -53.85 -39.24
C GLY D 203 -27.25 -53.55 -40.70
N GLY D 204 -28.41 -52.96 -41.02
CA GLY D 204 -28.77 -52.77 -42.41
C GLY D 204 -27.87 -51.80 -43.13
N ILE D 205 -27.55 -50.67 -42.51
CA ILE D 205 -26.62 -49.72 -43.12
C ILE D 205 -25.28 -50.39 -43.29
N GLN D 206 -24.74 -50.35 -44.51
CA GLN D 206 -23.51 -51.08 -44.82
C GLN D 206 -22.75 -50.30 -45.88
N TRP D 207 -21.72 -49.57 -45.46
CA TRP D 207 -20.91 -48.83 -46.40
C TRP D 207 -19.92 -49.75 -47.10
N MET D 208 -19.38 -49.27 -48.21
CA MET D 208 -18.51 -50.06 -49.07
C MET D 208 -17.07 -49.56 -49.00
N ASP D 209 -16.14 -50.49 -48.89
CA ASP D 209 -14.71 -50.18 -48.91
C ASP D 209 -14.25 -50.04 -50.35
N VAL D 210 -13.90 -48.82 -50.75
CA VAL D 210 -13.57 -48.58 -52.15
C VAL D 210 -12.29 -49.31 -52.56
N SER D 211 -11.45 -49.68 -51.60
CA SER D 211 -10.18 -50.32 -51.93
C SER D 211 -10.39 -51.67 -52.59
N GLU D 212 -11.33 -52.47 -52.08
CA GLU D 212 -11.63 -53.74 -52.75
C GLU D 212 -13.13 -54.05 -52.78
N GLY D 213 -13.97 -53.04 -52.70
CA GLY D 213 -15.39 -53.21 -53.01
C GLY D 213 -16.12 -54.28 -52.23
N THR D 214 -15.91 -54.32 -50.92
CA THR D 214 -16.58 -55.31 -50.07
C THR D 214 -17.57 -54.62 -49.16
N VAL D 215 -18.73 -55.26 -48.98
CA VAL D 215 -19.77 -54.76 -48.11
C VAL D 215 -20.06 -55.82 -47.06
N MET D 216 -20.00 -55.44 -45.78
CA MET D 216 -20.24 -56.36 -44.68
C MET D 216 -21.02 -55.66 -43.58
N ASN D 217 -21.60 -56.47 -42.70
CA ASN D 217 -22.31 -55.93 -41.54
C ASN D 217 -21.31 -55.34 -40.54
N GLU D 218 -21.70 -54.22 -39.94
CA GLU D 218 -20.88 -53.56 -38.93
C GLU D 218 -21.60 -53.43 -37.60
N ALA D 219 -22.78 -54.03 -37.46
CA ALA D 219 -23.49 -53.94 -36.20
C ALA D 219 -22.66 -54.57 -35.09
N VAL D 220 -22.50 -53.85 -33.98
CA VAL D 220 -21.87 -54.41 -32.80
C VAL D 220 -22.90 -54.91 -31.81
N ASN D 221 -24.17 -54.68 -32.06
CA ASN D 221 -25.27 -55.09 -31.19
C ASN D 221 -26.09 -56.21 -31.82
N ALA D 222 -25.41 -57.14 -32.47
CA ALA D 222 -26.10 -58.22 -33.14
C ALA D 222 -26.82 -59.14 -32.17
N VAL D 223 -26.44 -59.12 -30.90
CA VAL D 223 -27.08 -59.99 -29.92
C VAL D 223 -28.26 -59.30 -29.26
N ALA D 224 -28.18 -57.99 -29.04
CA ALA D 224 -29.31 -57.28 -28.47
C ALA D 224 -30.50 -57.32 -29.43
N ALA D 225 -30.25 -57.12 -30.71
CA ALA D 225 -31.33 -57.18 -31.68
C ALA D 225 -31.91 -58.58 -31.82
N SER D 226 -31.16 -59.60 -31.42
CA SER D 226 -31.65 -60.96 -31.56
C SER D 226 -32.94 -61.17 -30.77
N ALA D 227 -32.94 -60.75 -29.51
CA ALA D 227 -34.13 -60.89 -28.68
C ALA D 227 -35.13 -59.77 -28.92
N LEU D 228 -34.85 -58.86 -29.84
CA LEU D 228 -35.78 -57.82 -30.18
C LEU D 228 -36.54 -58.11 -31.46
N ALA D 229 -36.03 -59.01 -32.29
CA ALA D 229 -36.77 -59.45 -33.45
C ALA D 229 -37.91 -60.38 -33.04
N PRO D 230 -38.98 -60.44 -33.83
CA PRO D 230 -39.97 -61.50 -33.66
C PRO D 230 -39.58 -62.74 -34.45
N SER D 231 -40.20 -63.86 -34.08
CA SER D 231 -40.11 -65.05 -34.90
C SER D 231 -41.09 -64.96 -36.05
N ALA D 232 -41.34 -66.09 -36.70
CA ALA D 232 -42.42 -66.18 -37.66
C ALA D 232 -43.72 -66.67 -37.03
N SER D 233 -43.75 -66.89 -35.71
CA SER D 233 -44.94 -67.41 -35.07
C SER D 233 -45.32 -66.75 -33.75
N ALA D 234 -44.45 -65.97 -33.13
CA ALA D 234 -44.73 -65.39 -31.81
C ALA D 234 -44.14 -64.00 -31.72
N PRO D 235 -44.65 -63.18 -30.82
CA PRO D 235 -44.05 -61.85 -30.58
C PRO D 235 -42.59 -61.96 -30.19
N PRO D 236 -41.85 -60.85 -30.25
CA PRO D 236 -40.45 -60.87 -29.82
C PRO D 236 -40.30 -61.21 -28.34
N LEU D 237 -39.13 -61.74 -27.99
CA LEU D 237 -38.88 -62.23 -26.64
C LEU D 237 -38.66 -61.12 -25.63
N GLU D 238 -37.99 -60.02 -26.03
CA GLU D 238 -37.55 -59.04 -25.05
C GLU D 238 -38.71 -58.46 -24.26
N GLU D 239 -39.89 -58.38 -24.89
CA GLU D 239 -40.98 -57.63 -24.32
C GLU D 239 -41.88 -58.47 -23.43
N LYS D 240 -42.05 -59.76 -23.74
CA LYS D 240 -42.92 -60.58 -22.93
C LYS D 240 -42.50 -60.56 -21.48
N SER D 241 -41.21 -60.81 -21.23
CA SER D 241 -40.70 -60.70 -19.88
C SER D 241 -40.87 -59.29 -19.33
N LYS D 242 -40.58 -58.28 -20.17
CA LYS D 242 -40.94 -56.92 -19.82
C LYS D 242 -42.43 -56.80 -19.55
N LEU D 243 -43.25 -57.36 -20.43
CA LEU D 243 -44.68 -57.27 -20.26
C LEU D 243 -45.15 -58.06 -19.04
N THR D 244 -44.54 -59.23 -18.82
CA THR D 244 -45.08 -60.14 -17.81
C THR D 244 -44.75 -59.68 -16.39
N GLU D 245 -43.58 -59.10 -16.17
CA GLU D 245 -43.31 -58.58 -14.83
C GLU D 245 -44.16 -57.37 -14.53
N GLN D 246 -44.55 -56.63 -15.58
CA GLN D 246 -45.15 -55.34 -15.36
C GLN D 246 -46.55 -55.49 -14.76
N ALA D 247 -47.26 -56.54 -15.14
CA ALA D 247 -48.45 -56.91 -14.38
C ALA D 247 -48.05 -57.30 -12.96
N MET D 248 -46.97 -58.04 -12.80
CA MET D 248 -46.58 -58.48 -11.47
C MET D 248 -46.14 -57.33 -10.59
N ASP D 249 -45.88 -56.15 -11.17
CA ASP D 249 -45.61 -54.99 -10.33
C ASP D 249 -46.90 -54.40 -9.78
N LEU D 250 -47.98 -54.41 -10.55
CA LEU D 250 -49.23 -53.88 -10.05
C LEU D 250 -49.76 -54.69 -8.87
N VAL D 251 -49.67 -56.02 -8.94
CA VAL D 251 -50.26 -56.86 -7.91
C VAL D 251 -49.59 -56.61 -6.56
N THR D 252 -48.25 -56.62 -6.53
CA THR D 252 -47.56 -56.42 -5.28
C THR D 252 -47.84 -55.04 -4.70
N ALA D 253 -47.87 -54.02 -5.56
CA ALA D 253 -48.27 -52.70 -5.11
C ALA D 253 -49.67 -52.73 -4.53
N ALA D 254 -50.54 -53.57 -5.09
CA ALA D 254 -51.90 -53.69 -4.60
C ALA D 254 -52.02 -54.58 -3.36
N GLU D 255 -50.96 -55.32 -3.02
CA GLU D 255 -50.89 -56.10 -1.79
C GLU D 255 -52.10 -57.03 -1.64
N PRO D 256 -52.12 -58.15 -2.36
CA PRO D 256 -53.37 -58.93 -2.47
C PRO D 256 -53.97 -59.34 -1.14
N GLU D 257 -53.15 -59.75 -0.17
CA GLU D 257 -53.73 -60.27 1.07
C GLU D 257 -54.54 -59.21 1.80
N ILE D 258 -54.06 -57.97 1.83
CA ILE D 258 -54.74 -56.92 2.58
C ILE D 258 -56.13 -56.69 2.02
N ILE D 259 -56.25 -56.69 0.70
CA ILE D 259 -57.53 -56.42 0.06
C ILE D 259 -58.34 -57.69 -0.05
N ALA D 260 -57.86 -58.76 0.57
CA ALA D 260 -58.61 -59.99 0.71
C ALA D 260 -58.40 -60.55 2.12
N SER D 261 -58.53 -59.69 3.12
CA SER D 261 -58.19 -60.04 4.49
C SER D 261 -59.46 -60.04 5.34
N LEU D 262 -59.62 -61.09 6.14
CA LEU D 262 -60.79 -61.22 7.01
C LEU D 262 -60.55 -60.68 8.41
N VAL D 263 -59.30 -60.64 8.87
CA VAL D 263 -59.02 -60.11 10.19
C VAL D 263 -59.21 -58.60 10.15
N PRO D 264 -59.38 -57.94 11.29
CA PRO D 264 -59.39 -56.49 11.30
C PRO D 264 -58.08 -55.92 10.79
N VAL D 265 -58.17 -54.83 10.04
CA VAL D 265 -57.01 -54.16 9.45
C VAL D 265 -57.04 -52.71 9.88
N PRO D 266 -55.92 -52.15 10.34
CA PRO D 266 -55.92 -50.77 10.83
C PRO D 266 -56.08 -49.77 9.69
N ALA D 267 -56.30 -48.51 10.09
CA ALA D 267 -56.50 -47.45 9.09
C ALA D 267 -55.21 -47.09 8.37
N PRO D 268 -54.15 -46.62 9.05
CA PRO D 268 -53.01 -46.07 8.31
C PRO D 268 -52.30 -47.07 7.42
N VAL D 269 -52.46 -48.37 7.66
CA VAL D 269 -51.90 -49.36 6.74
C VAL D 269 -52.82 -49.57 5.55
N PHE D 270 -54.12 -49.30 5.71
CA PHE D 270 -55.09 -49.45 4.64
C PHE D 270 -55.37 -48.15 3.90
N ALA D 271 -55.36 -47.03 4.60
CA ALA D 271 -55.66 -45.76 3.98
C ALA D 271 -54.68 -45.46 2.86
N ILE D 272 -55.19 -44.92 1.76
CA ILE D 272 -54.39 -44.57 0.59
C ILE D 272 -54.82 -43.21 0.09
N PRO D 273 -53.97 -42.54 -0.70
CA PRO D 273 -54.23 -41.13 -1.06
C PRO D 273 -55.62 -40.93 -1.63
N PRO D 274 -56.33 -39.93 -1.15
CA PRO D 274 -57.76 -39.79 -1.49
C PRO D 274 -58.01 -38.98 -2.75
N LYS D 275 -59.29 -38.74 -3.04
CA LYS D 275 -59.70 -37.98 -4.21
C LYS D 275 -60.79 -36.99 -3.82
N PRO D 276 -60.76 -35.78 -4.36
CA PRO D 276 -61.81 -34.80 -4.06
C PRO D 276 -63.17 -35.29 -4.50
N ALA D 277 -64.18 -34.99 -3.69
CA ALA D 277 -65.54 -35.43 -3.96
C ALA D 277 -66.48 -34.23 -3.93
N ASP D 278 -67.56 -34.35 -4.71
CA ASP D 278 -68.49 -33.25 -4.93
C ASP D 278 -69.91 -33.70 -4.58
N TYR D 279 -70.64 -32.84 -3.86
CA TYR D 279 -72.00 -33.13 -3.45
C TYR D 279 -72.85 -31.87 -3.51
N ASN D 280 -74.17 -32.07 -3.55
CA ASN D 280 -75.15 -31.01 -3.35
C ASN D 280 -75.96 -31.30 -2.09
N VAL D 281 -76.20 -30.27 -1.30
CA VAL D 281 -76.56 -30.49 0.10
C VAL D 281 -78.07 -30.54 0.30
N ARG D 282 -78.84 -29.66 -0.37
CA ARG D 282 -80.29 -29.74 -0.20
C ARG D 282 -80.84 -31.03 -0.80
N THR D 283 -80.25 -31.48 -1.89
CA THR D 283 -80.81 -32.58 -2.66
C THR D 283 -80.61 -33.93 -1.97
N LEU D 284 -79.78 -33.99 -0.94
CA LEU D 284 -79.46 -35.26 -0.30
C LEU D 284 -80.56 -35.67 0.67
N ARG D 285 -81.01 -36.91 0.55
CA ARG D 285 -82.01 -37.47 1.46
C ARG D 285 -81.37 -37.38 2.84
N ILE D 286 -82.07 -36.74 3.78
CA ILE D 286 -81.50 -36.51 5.11
C ILE D 286 -81.21 -37.82 5.81
N ASP D 287 -82.03 -38.85 5.58
CA ASP D 287 -81.87 -40.16 6.22
C ASP D 287 -80.84 -41.03 5.52
N GLU D 288 -80.01 -40.47 4.64
CA GLU D 288 -78.97 -41.23 3.97
C GLU D 288 -77.61 -41.05 4.63
N ALA D 289 -77.13 -39.81 4.71
CA ALA D 289 -75.84 -39.52 5.29
C ALA D 289 -76.01 -39.09 6.73
N THR D 290 -75.22 -39.69 7.62
CA THR D 290 -75.30 -39.32 9.02
C THR D 290 -74.68 -37.96 9.29
N TRP D 291 -73.80 -37.50 8.42
CA TRP D 291 -73.11 -36.25 8.63
C TRP D 291 -73.95 -35.03 8.25
N LEU D 292 -75.26 -35.20 8.11
CA LEU D 292 -76.18 -34.12 7.82
C LEU D 292 -77.25 -34.10 8.91
N ARG D 293 -77.12 -33.18 9.87
CA ARG D 293 -78.14 -32.93 10.87
C ARG D 293 -78.98 -31.74 10.40
N MET D 294 -80.27 -31.98 10.18
CA MET D 294 -81.17 -30.98 9.63
C MET D 294 -82.32 -30.76 10.59
N ILE D 295 -82.63 -29.50 10.87
CA ILE D 295 -83.82 -29.16 11.67
C ILE D 295 -85.06 -29.49 10.85
N PRO D 296 -85.93 -30.35 11.41
CA PRO D 296 -87.21 -30.87 10.89
C PRO D 296 -87.92 -29.99 9.87
N LYS D 297 -88.27 -30.58 8.74
CA LYS D 297 -88.92 -29.87 7.64
C LYS D 297 -90.26 -29.29 8.06
N SER D 298 -90.56 -28.11 7.52
CA SER D 298 -91.78 -27.34 7.78
C SER D 298 -91.94 -26.98 9.26
N MET D 299 -90.83 -26.68 9.91
CA MET D 299 -90.82 -26.31 11.32
C MET D 299 -91.56 -24.99 11.52
N ASN D 300 -91.36 -24.07 10.57
CA ASN D 300 -92.00 -22.76 10.61
C ASN D 300 -91.75 -21.97 11.89
N THR D 301 -90.51 -22.02 12.38
CA THR D 301 -90.14 -21.31 13.59
C THR D 301 -89.17 -20.19 13.26
N PRO D 302 -89.48 -18.97 13.72
CA PRO D 302 -88.67 -17.78 13.47
C PRO D 302 -87.80 -17.43 14.68
N PHE D 303 -86.51 -17.25 14.46
CA PHE D 303 -85.59 -16.92 15.55
C PHE D 303 -84.31 -16.25 15.07
N GLN D 304 -84.19 -14.95 15.34
CA GLN D 304 -83.02 -14.18 14.97
C GLN D 304 -81.93 -14.38 16.01
N ILE D 305 -80.73 -13.88 15.69
CA ILE D 305 -79.54 -14.17 16.49
C ILE D 305 -78.39 -13.24 16.16
N GLN D 306 -77.61 -12.87 17.18
CA GLN D 306 -76.37 -12.16 17.05
C GLN D 306 -75.20 -13.12 17.30
N VAL D 307 -74.19 -13.05 16.44
CA VAL D 307 -72.99 -13.86 16.58
C VAL D 307 -71.77 -12.98 16.36
N THR D 308 -70.64 -13.42 16.91
CA THR D 308 -69.38 -12.69 16.83
C THR D 308 -68.31 -13.55 16.18
N ASP D 309 -67.52 -12.93 15.30
CA ASP D 309 -66.53 -13.66 14.52
C ASP D 309 -65.22 -13.79 15.30
N ASN D 310 -64.15 -14.19 14.60
CA ASN D 310 -62.85 -14.39 15.25
C ASN D 310 -62.28 -13.09 15.78
N THR D 311 -62.71 -11.95 15.27
CA THR D 311 -62.43 -10.66 15.89
C THR D 311 -63.62 -10.14 16.67
N GLY D 312 -64.69 -10.93 16.77
CA GLY D 312 -65.91 -10.50 17.43
C GLY D 312 -66.78 -9.60 16.60
N THR D 313 -66.31 -9.19 15.42
CA THR D 313 -67.07 -8.34 14.52
C THR D 313 -68.44 -8.96 14.26
N ASN D 314 -69.48 -8.33 14.76
CA ASN D 314 -70.80 -8.96 14.84
C ASN D 314 -71.37 -9.23 13.44
N TRP D 315 -72.03 -10.37 13.31
CA TRP D 315 -72.80 -10.69 12.12
C TRP D 315 -74.14 -11.25 12.55
N HIS D 316 -75.14 -11.11 11.68
CA HIS D 316 -76.52 -11.43 12.02
C HIS D 316 -77.11 -12.37 10.98
N LEU D 317 -77.87 -13.34 11.48
CA LEU D 317 -78.49 -14.41 10.68
C LEU D 317 -79.63 -15.09 11.45
N ASN D 318 -80.57 -15.70 10.71
CA ASN D 318 -81.76 -16.30 11.29
C ASN D 318 -81.76 -17.79 10.99
N LEU D 319 -82.45 -18.54 11.83
CA LEU D 319 -82.60 -19.98 11.66
C LEU D 319 -84.06 -20.36 11.59
N ARG D 320 -84.37 -21.35 10.76
CA ARG D 320 -85.74 -21.74 10.52
C ARG D 320 -85.79 -23.22 10.16
N GLY D 321 -87.01 -23.74 10.08
CA GLY D 321 -87.18 -25.14 9.73
C GLY D 321 -86.58 -25.45 8.37
N GLY D 322 -85.96 -26.62 8.26
CA GLY D 322 -85.32 -27.03 7.05
C GLY D 322 -83.86 -26.66 6.94
N THR D 323 -83.33 -25.90 7.89
CA THR D 323 -81.90 -25.64 7.94
C THR D 323 -81.15 -26.94 8.19
N ARG D 324 -80.11 -27.18 7.41
CA ARG D 324 -79.32 -28.40 7.46
C ARG D 324 -77.88 -28.08 7.83
N VAL D 325 -77.35 -28.76 8.86
CA VAL D 325 -75.99 -28.50 9.29
C VAL D 325 -75.20 -29.81 9.31
N VAL D 326 -73.90 -29.70 9.13
CA VAL D 326 -73.01 -30.85 9.05
C VAL D 326 -72.62 -31.29 10.45
N ASN D 327 -72.79 -32.57 10.75
CA ASN D 327 -72.43 -33.11 12.05
C ASN D 327 -70.91 -33.20 12.15
N LEU D 328 -70.29 -32.14 12.64
CA LEU D 328 -68.87 -31.92 12.43
C LEU D 328 -67.97 -32.94 13.11
N ASP D 329 -68.46 -33.64 14.13
CA ASP D 329 -67.61 -34.66 14.72
C ASP D 329 -67.45 -35.82 13.73
N GLN D 330 -66.56 -36.75 14.09
CA GLN D 330 -66.22 -37.91 13.28
C GLN D 330 -66.10 -37.58 11.79
N ILE D 331 -65.44 -36.48 11.46
CA ILE D 331 -65.32 -36.05 10.07
C ILE D 331 -63.89 -36.22 9.53
N ALA D 332 -62.92 -36.58 10.39
CA ALA D 332 -61.63 -37.00 9.86
C ALA D 332 -60.93 -35.87 9.10
N PRO D 333 -60.18 -35.00 9.80
CA PRO D 333 -60.02 -33.59 9.41
C PRO D 333 -60.07 -33.34 7.92
N MET D 334 -60.95 -32.42 7.53
CA MET D 334 -61.52 -32.41 6.20
C MET D 334 -61.43 -30.99 5.68
N ARG D 335 -61.49 -30.79 4.36
CA ARG D 335 -61.46 -29.44 3.80
C ARG D 335 -62.71 -29.18 2.97
N PHE D 336 -63.58 -28.30 3.47
CA PHE D 336 -64.76 -27.88 2.73
C PHE D 336 -64.47 -26.59 1.98
N VAL D 337 -64.75 -26.60 0.68
CA VAL D 337 -64.83 -25.38 -0.10
C VAL D 337 -66.13 -25.41 -0.89
N LEU D 338 -66.90 -24.34 -0.78
CA LEU D 338 -68.24 -24.29 -1.34
C LEU D 338 -68.28 -23.35 -2.53
N ASP D 339 -69.05 -23.72 -3.54
CA ASP D 339 -69.07 -23.04 -4.83
C ASP D 339 -70.51 -22.71 -5.18
N LEU D 340 -70.87 -21.44 -5.05
CA LEU D 340 -72.26 -21.01 -5.17
C LEU D 340 -72.60 -20.50 -6.56
N GLY D 341 -71.64 -20.50 -7.49
CA GLY D 341 -71.83 -19.89 -8.79
C GLY D 341 -72.95 -20.47 -9.61
N GLY D 342 -73.90 -19.62 -10.01
CA GLY D 342 -74.98 -20.05 -10.86
C GLY D 342 -76.34 -19.91 -10.23
N LYS D 343 -76.46 -20.28 -8.95
CA LYS D 343 -77.75 -20.21 -8.29
C LYS D 343 -78.17 -18.76 -8.08
N SER D 344 -79.48 -18.54 -8.01
CA SER D 344 -80.01 -17.18 -7.96
C SER D 344 -80.25 -16.69 -6.54
N TYR D 345 -81.16 -17.34 -5.82
CA TYR D 345 -81.58 -16.91 -4.49
C TYR D 345 -82.35 -15.60 -4.51
N LYS D 346 -82.45 -14.95 -5.67
CA LYS D 346 -83.04 -13.62 -5.75
C LYS D 346 -84.52 -13.72 -5.43
N GLU D 347 -84.88 -13.33 -4.21
CA GLU D 347 -86.27 -13.36 -3.77
C GLU D 347 -86.97 -12.11 -4.27
N THR D 348 -88.20 -11.88 -3.81
CA THR D 348 -89.00 -10.75 -4.28
C THR D 348 -88.74 -9.48 -3.49
N SER D 349 -88.08 -9.56 -2.35
CA SER D 349 -87.88 -8.42 -1.49
C SER D 349 -86.45 -8.34 -0.96
N TRP D 350 -85.59 -9.26 -1.34
CA TRP D 350 -84.28 -9.41 -0.69
C TRP D 350 -83.30 -9.92 -1.75
N ASP D 351 -82.57 -9.00 -2.34
CA ASP D 351 -81.64 -9.35 -3.41
C ASP D 351 -80.33 -9.86 -2.84
N PRO D 352 -79.66 -10.76 -3.56
CA PRO D 352 -78.39 -11.30 -3.08
C PRO D 352 -77.24 -10.34 -3.26
N ASN D 353 -77.34 -9.49 -4.29
CA ASN D 353 -76.19 -8.69 -4.70
C ASN D 353 -75.73 -7.77 -3.58
N GLY D 354 -74.42 -7.69 -3.39
CA GLY D 354 -73.85 -6.89 -2.34
C GLY D 354 -74.14 -7.40 -0.94
N LYS D 355 -74.02 -8.70 -0.72
CA LYS D 355 -74.21 -9.30 0.58
C LYS D 355 -73.07 -10.28 0.86
N LYS D 356 -73.01 -10.77 2.08
CA LYS D 356 -71.98 -11.70 2.49
C LYS D 356 -72.60 -13.00 2.96
N VAL D 357 -71.90 -14.10 2.70
CA VAL D 357 -72.22 -15.39 3.29
C VAL D 357 -70.98 -15.88 4.00
N GLY D 358 -71.13 -16.97 4.75
CA GLY D 358 -69.98 -17.54 5.43
C GLY D 358 -70.34 -18.83 6.13
N PHE D 359 -69.29 -19.60 6.45
CA PHE D 359 -69.44 -20.76 7.31
C PHE D 359 -69.62 -20.32 8.76
N ILE D 360 -70.49 -21.03 9.48
CA ILE D 360 -70.68 -20.81 10.91
C ILE D 360 -70.52 -22.15 11.61
N VAL D 361 -69.77 -22.16 12.70
CA VAL D 361 -69.48 -23.38 13.46
C VAL D 361 -70.24 -23.31 14.77
N PHE D 362 -71.02 -24.35 15.05
CA PHE D 362 -71.85 -24.40 16.24
C PHE D 362 -71.31 -25.42 17.22
N GLN D 363 -71.36 -25.07 18.50
CA GLN D 363 -70.84 -25.92 19.57
C GLN D 363 -71.78 -25.83 20.75
N SER D 364 -72.47 -26.92 21.07
CA SER D 364 -73.31 -26.93 22.27
C SER D 364 -73.51 -28.35 22.75
N LYS D 365 -74.02 -28.45 23.99
CA LYS D 365 -74.44 -29.72 24.54
C LYS D 365 -75.77 -30.20 23.98
N ILE D 366 -76.70 -29.29 23.73
CA ILE D 366 -78.05 -29.68 23.31
C ILE D 366 -78.01 -30.29 21.92
N PRO D 367 -78.74 -31.37 21.66
CA PRO D 367 -78.87 -31.86 20.29
C PRO D 367 -79.43 -30.79 19.38
N PHE D 368 -78.92 -30.75 18.15
CA PHE D 368 -79.21 -29.64 17.26
C PHE D 368 -80.63 -29.70 16.70
N GLU D 369 -81.12 -30.91 16.40
CA GLU D 369 -82.46 -31.03 15.80
C GLU D 369 -83.56 -30.50 16.70
N LEU D 370 -83.27 -30.36 17.99
CA LEU D 370 -84.27 -29.94 18.96
C LEU D 370 -84.24 -28.43 19.22
N TRP D 371 -83.52 -27.68 18.40
CA TRP D 371 -83.26 -26.28 18.69
C TRP D 371 -84.51 -25.42 18.52
N THR D 372 -84.70 -24.48 19.44
CA THR D 372 -85.75 -23.48 19.31
C THR D 372 -85.31 -22.07 19.67
N ALA D 373 -84.22 -21.88 20.41
CA ALA D 373 -83.87 -20.58 20.93
C ALA D 373 -82.36 -20.45 20.98
N ALA D 374 -81.90 -19.29 21.43
CA ALA D 374 -80.47 -18.97 21.45
C ALA D 374 -79.73 -19.61 22.62
N SER D 375 -80.44 -20.12 23.62
CA SER D 375 -79.77 -20.79 24.73
C SER D 375 -79.34 -22.20 24.37
N GLN D 376 -79.67 -22.68 23.18
CA GLN D 376 -79.36 -24.02 22.76
C GLN D 376 -78.21 -24.08 21.77
N ILE D 377 -77.73 -22.94 21.29
CA ILE D 377 -76.61 -22.94 20.36
C ILE D 377 -75.29 -23.18 21.07
N GLY D 378 -75.22 -22.92 22.37
CA GLY D 378 -73.98 -23.02 23.12
C GLY D 378 -73.01 -21.94 22.71
N GLN D 379 -71.94 -22.33 22.02
CA GLN D 379 -70.94 -21.39 21.53
C GLN D 379 -70.85 -21.51 20.02
N ALA D 380 -70.91 -20.38 19.32
CA ALA D 380 -70.94 -20.38 17.87
C ALA D 380 -70.21 -19.16 17.33
N THR D 381 -69.46 -19.35 16.25
CA THR D 381 -68.71 -18.28 15.61
C THR D 381 -68.72 -18.46 14.10
N VAL D 382 -68.35 -17.41 13.40
CA VAL D 382 -68.07 -17.49 11.97
C VAL D 382 -66.58 -17.78 11.81
N VAL D 383 -66.22 -18.41 10.69
CA VAL D 383 -64.82 -18.70 10.41
C VAL D 383 -64.34 -18.16 9.08
N ASN D 384 -65.22 -17.80 8.15
CA ASN D 384 -64.81 -17.11 6.93
C ASN D 384 -66.07 -16.60 6.23
N TYR D 385 -65.89 -15.55 5.43
CA TYR D 385 -67.01 -15.00 4.68
C TYR D 385 -66.51 -14.46 3.35
N VAL D 386 -67.44 -14.26 2.42
CA VAL D 386 -67.15 -13.78 1.07
C VAL D 386 -68.22 -12.77 0.65
N GLN D 387 -68.12 -12.30 -0.58
CA GLN D 387 -69.01 -11.30 -1.15
C GLN D 387 -69.58 -11.82 -2.47
N LEU D 388 -70.85 -11.56 -2.73
CA LEU D 388 -71.58 -12.12 -3.86
C LEU D 388 -71.91 -11.07 -4.89
N TYR D 389 -71.68 -11.39 -6.17
CA TYR D 389 -72.00 -10.52 -7.29
C TYR D 389 -73.00 -11.20 -8.21
N ALA D 390 -73.75 -10.37 -8.93
CA ALA D 390 -74.84 -10.85 -9.75
C ALA D 390 -74.56 -10.62 -11.23
N GLU D 391 -75.19 -11.43 -12.07
CA GLU D 391 -75.14 -11.29 -13.52
C GLU D 391 -76.53 -11.60 -14.05
N ASP D 392 -76.67 -11.78 -15.36
CA ASP D 392 -77.95 -12.16 -15.94
C ASP D 392 -77.81 -13.46 -16.73
N SER D 393 -78.79 -14.34 -16.56
CA SER D 393 -78.67 -15.71 -17.01
C SER D 393 -79.49 -15.95 -18.27
N SER D 394 -79.54 -17.22 -18.69
CA SER D 394 -80.25 -17.62 -19.89
C SER D 394 -81.75 -17.44 -19.77
N PHE D 395 -82.28 -17.38 -18.56
CA PHE D 395 -83.71 -17.21 -18.33
C PHE D 395 -83.98 -15.75 -18.00
N THR D 396 -84.69 -15.07 -18.89
CA THR D 396 -84.82 -13.62 -18.84
C THR D 396 -85.64 -13.16 -17.65
N ALA D 397 -85.24 -12.01 -17.10
CA ALA D 397 -85.90 -11.33 -15.98
C ALA D 397 -85.65 -12.02 -14.64
N GLN D 398 -84.48 -12.65 -14.50
CA GLN D 398 -83.96 -13.03 -13.20
C GLN D 398 -82.44 -13.10 -13.31
N SER D 399 -81.77 -12.61 -12.27
CA SER D 399 -80.32 -12.46 -12.28
C SER D 399 -79.67 -13.79 -11.92
N ILE D 400 -78.39 -13.77 -11.61
CA ILE D 400 -77.64 -14.98 -11.31
C ILE D 400 -76.38 -14.59 -10.54
N ILE D 401 -76.07 -15.35 -9.51
CA ILE D 401 -74.93 -15.06 -8.66
C ILE D 401 -73.65 -15.48 -9.37
N ALA D 402 -72.59 -14.68 -9.21
CA ALA D 402 -71.31 -15.04 -9.77
C ALA D 402 -70.74 -16.26 -9.04
N THR D 403 -69.54 -16.66 -9.43
CA THR D 403 -68.90 -17.82 -8.83
C THR D 403 -68.25 -17.46 -7.50
N THR D 404 -68.37 -18.36 -6.53
CA THR D 404 -67.89 -18.14 -5.18
C THR D 404 -66.99 -19.29 -4.75
N SER D 405 -66.06 -19.01 -3.84
CA SER D 405 -65.19 -20.04 -3.31
C SER D 405 -65.06 -19.90 -1.80
N LEU D 406 -66.20 -19.80 -1.11
CA LEU D 406 -66.17 -19.83 0.35
C LEU D 406 -65.50 -21.11 0.82
N ALA D 407 -64.52 -20.98 1.72
CA ALA D 407 -63.69 -22.11 2.10
C ALA D 407 -63.47 -22.11 3.60
N TYR D 408 -63.24 -23.31 4.13
CA TYR D 408 -62.86 -23.53 5.52
C TYR D 408 -62.43 -24.97 5.67
N ASN D 409 -61.31 -25.18 6.36
CA ASN D 409 -60.78 -26.51 6.60
C ASN D 409 -61.05 -26.92 8.03
N TYR D 410 -61.50 -28.16 8.23
CA TYR D 410 -61.84 -28.65 9.55
C TYR D 410 -60.72 -29.53 10.10
N GLU D 411 -60.33 -29.25 11.34
CA GLU D 411 -59.34 -30.04 12.05
C GLU D 411 -59.71 -30.14 13.52
N PRO D 412 -59.85 -31.34 14.06
CA PRO D 412 -60.23 -31.47 15.48
C PRO D 412 -59.06 -31.31 16.42
N GLU D 413 -57.83 -31.40 15.91
CA GLU D 413 -56.67 -31.37 16.78
C GLU D 413 -56.49 -30.03 17.48
N GLN D 414 -57.22 -29.00 17.05
CA GLN D 414 -57.10 -27.67 17.64
C GLN D 414 -58.28 -27.30 18.52
N LEU D 415 -59.49 -27.69 18.13
CA LEU D 415 -60.65 -27.45 18.98
C LEU D 415 -60.54 -28.23 20.28
N ASN D 416 -59.93 -29.41 20.24
CA ASN D 416 -59.67 -30.22 21.43
C ASN D 416 -60.99 -30.58 22.12
N LYS D 417 -61.87 -31.22 21.36
CA LYS D 417 -63.13 -31.70 21.93
C LYS D 417 -62.83 -32.66 23.06
N THR D 418 -63.19 -32.27 24.28
CA THR D 418 -62.83 -32.99 25.49
C THR D 418 -64.00 -33.63 26.20
N ASP D 419 -65.23 -33.37 25.76
CA ASP D 419 -66.41 -33.95 26.37
C ASP D 419 -67.29 -34.50 25.26
N PRO D 420 -67.61 -35.79 25.27
CA PRO D 420 -68.35 -36.37 24.13
C PRO D 420 -69.69 -35.68 23.87
N GLU D 421 -70.43 -35.36 24.93
CA GLU D 421 -71.70 -34.68 24.76
C GLU D 421 -71.55 -33.34 24.08
N MET D 422 -70.36 -32.73 24.14
CA MET D 422 -70.16 -31.45 23.46
C MET D 422 -70.23 -31.68 21.96
N ASN D 423 -71.09 -30.95 21.28
CA ASN D 423 -71.45 -31.27 19.91
C ASN D 423 -71.04 -30.16 18.96
N TYR D 424 -70.42 -30.56 17.86
CA TYR D 424 -69.83 -29.66 16.88
C TYR D 424 -70.67 -29.71 15.60
N TYR D 425 -71.22 -28.56 15.21
CA TYR D 425 -72.01 -28.46 14.00
C TYR D 425 -71.59 -27.24 13.20
N LEU D 426 -71.73 -27.33 11.89
CA LEU D 426 -71.37 -26.25 10.99
C LEU D 426 -72.51 -25.96 10.03
N LEU D 427 -72.82 -24.69 9.87
CA LEU D 427 -73.82 -24.19 8.93
C LEU D 427 -73.20 -23.15 8.02
N ALA D 428 -73.66 -23.13 6.78
CA ALA D 428 -73.42 -22.04 5.85
C ALA D 428 -74.73 -21.33 5.58
N THR D 429 -74.74 -20.00 5.69
CA THR D 429 -75.95 -19.21 5.49
C THR D 429 -75.55 -17.76 5.27
N PHE D 430 -76.56 -16.92 5.03
CA PHE D 430 -76.33 -15.49 4.89
C PHE D 430 -75.87 -14.89 6.21
N ILE D 431 -74.98 -13.90 6.13
CA ILE D 431 -74.54 -13.14 7.29
C ILE D 431 -74.54 -11.67 6.92
N ASP D 432 -74.94 -10.83 7.87
CA ASP D 432 -75.00 -9.39 7.62
C ASP D 432 -74.79 -8.65 8.92
N SER D 433 -74.38 -7.38 8.81
CA SER D 433 -74.19 -6.51 9.95
C SER D 433 -75.49 -6.12 10.64
N ALA D 434 -76.64 -6.39 10.03
CA ALA D 434 -77.91 -6.01 10.62
C ALA D 434 -78.83 -7.23 10.65
N ALA D 435 -79.64 -7.31 11.69
CA ALA D 435 -80.64 -8.37 11.77
C ALA D 435 -81.57 -8.29 10.57
N ILE D 436 -81.94 -9.45 10.04
CA ILE D 436 -82.70 -9.55 8.80
C ILE D 436 -84.09 -10.07 9.13
N THR D 437 -85.07 -9.69 8.31
CA THR D 437 -86.44 -10.04 8.59
C THR D 437 -86.72 -11.48 8.20
N PRO D 438 -87.31 -12.28 9.08
CA PRO D 438 -87.64 -13.67 8.71
C PRO D 438 -88.55 -13.78 7.50
N THR D 439 -89.51 -12.87 7.36
CA THR D 439 -90.47 -12.98 6.26
C THR D 439 -89.78 -12.86 4.91
N ASN D 440 -88.63 -12.21 4.87
CA ASN D 440 -87.88 -12.06 3.63
C ASN D 440 -86.83 -13.14 3.42
N MET D 441 -86.09 -13.51 4.47
CA MET D 441 -85.05 -14.53 4.33
C MET D 441 -85.67 -15.90 4.59
N THR D 442 -86.46 -16.35 3.63
CA THR D 442 -87.12 -17.64 3.75
C THR D 442 -86.20 -18.80 3.43
N GLN D 443 -85.01 -18.53 2.92
CA GLN D 443 -84.08 -19.61 2.60
C GLN D 443 -83.54 -20.21 3.89
N PRO D 444 -83.70 -21.51 4.11
CA PRO D 444 -83.29 -22.09 5.41
C PRO D 444 -81.79 -22.05 5.63
N ASP D 445 -81.03 -21.86 4.56
CA ASP D 445 -79.59 -22.03 4.54
C ASP D 445 -79.07 -21.41 3.25
N VAL D 446 -77.84 -21.72 2.88
CA VAL D 446 -77.40 -21.42 1.52
C VAL D 446 -76.86 -22.69 0.88
N TRP D 447 -77.36 -23.85 1.32
CA TRP D 447 -76.80 -25.13 0.92
C TRP D 447 -77.18 -25.56 -0.48
N ASP D 448 -77.77 -24.68 -1.29
CA ASP D 448 -78.21 -25.06 -2.63
C ASP D 448 -77.10 -24.78 -3.64
N ALA D 449 -75.91 -25.27 -3.33
CA ALA D 449 -74.76 -25.00 -4.19
C ALA D 449 -73.85 -26.22 -4.21
N LEU D 450 -73.17 -26.38 -5.34
CA LEU D 450 -72.14 -27.40 -5.46
C LEU D 450 -71.08 -27.20 -4.38
N LEU D 451 -70.62 -28.30 -3.81
CA LEU D 451 -69.70 -28.27 -2.69
C LEU D 451 -68.60 -29.29 -2.88
N THR D 452 -67.36 -28.87 -2.70
CA THR D 452 -66.19 -29.71 -2.92
C THR D 452 -65.57 -30.07 -1.56
N MET D 453 -64.97 -31.26 -1.49
CA MET D 453 -64.40 -31.76 -0.26
C MET D 453 -63.10 -32.50 -0.54
N SER D 454 -62.07 -32.22 0.26
CA SER D 454 -60.79 -32.88 0.13
C SER D 454 -60.29 -33.22 1.53
N PRO D 455 -59.82 -34.45 1.74
CA PRO D 455 -59.33 -34.80 3.07
C PRO D 455 -57.98 -34.19 3.34
N LEU D 456 -57.80 -33.68 4.56
CA LEU D 456 -56.54 -33.13 5.01
C LEU D 456 -55.78 -34.11 5.90
N SER D 457 -56.00 -35.41 5.69
CA SER D 457 -55.33 -36.43 6.48
C SER D 457 -55.44 -37.75 5.75
N ALA D 458 -54.35 -38.51 5.71
CA ALA D 458 -54.31 -39.78 5.00
C ALA D 458 -54.24 -40.95 5.96
N GLY D 459 -54.61 -40.75 7.22
CA GLY D 459 -54.59 -41.82 8.19
C GLY D 459 -55.95 -42.16 8.75
N GLU D 460 -56.98 -41.44 8.33
CA GLU D 460 -58.33 -41.62 8.84
C GLU D 460 -59.20 -42.21 7.75
N VAL D 461 -59.82 -43.35 8.04
CA VAL D 461 -60.65 -44.08 7.08
C VAL D 461 -62.08 -44.02 7.58
N THR D 462 -62.98 -43.54 6.72
CA THR D 462 -64.38 -43.46 7.06
C THR D 462 -65.15 -44.58 6.38
N VAL D 463 -66.14 -45.12 7.08
CA VAL D 463 -67.08 -46.10 6.53
C VAL D 463 -68.48 -45.68 6.94
N LYS D 464 -69.41 -45.76 5.99
CA LYS D 464 -70.83 -45.48 6.24
C LYS D 464 -71.02 -44.21 7.07
N GLY D 465 -70.40 -43.13 6.62
CA GLY D 465 -70.56 -41.85 7.27
C GLY D 465 -69.61 -41.59 8.43
N ALA D 466 -69.28 -42.63 9.19
CA ALA D 466 -68.47 -42.50 10.38
C ALA D 466 -67.05 -42.97 10.12
N VAL D 467 -66.19 -42.77 11.13
CA VAL D 467 -64.77 -43.06 11.02
C VAL D 467 -64.38 -44.02 12.13
N VAL D 468 -63.60 -45.03 11.78
CA VAL D 468 -63.12 -46.02 12.74
C VAL D 468 -61.75 -46.51 12.29
N SER D 469 -60.81 -46.57 13.23
CA SER D 469 -59.43 -46.94 12.90
C SER D 469 -59.29 -48.40 12.50
N GLU D 470 -60.31 -49.22 12.71
CA GLU D 470 -60.28 -50.62 12.35
C GLU D 470 -61.21 -50.87 11.18
N VAL D 471 -60.75 -51.65 10.21
CA VAL D 471 -61.57 -52.06 9.08
C VAL D 471 -61.35 -53.55 8.83
N VAL D 472 -62.41 -54.24 8.46
CA VAL D 472 -62.28 -55.59 7.94
C VAL D 472 -62.52 -55.54 6.44
N PRO D 473 -61.48 -55.62 5.62
CA PRO D 473 -61.66 -55.44 4.17
C PRO D 473 -62.35 -56.60 3.49
N ALA D 474 -62.64 -57.68 4.19
CA ALA D 474 -63.42 -58.74 3.60
C ALA D 474 -64.89 -58.39 3.55
N ASP D 475 -65.40 -57.66 4.53
CA ASP D 475 -66.82 -57.38 4.63
C ASP D 475 -67.28 -56.30 3.66
N LEU D 476 -66.36 -55.47 3.16
CA LEU D 476 -66.79 -54.41 2.24
C LEU D 476 -67.25 -54.96 0.90
N ILE D 477 -67.05 -56.24 0.65
CA ILE D 477 -67.52 -56.85 -0.59
C ILE D 477 -69.05 -56.82 -0.59
N GLY D 478 -69.61 -56.21 -1.62
CA GLY D 478 -71.05 -56.28 -1.86
C GLY D 478 -71.89 -55.78 -0.71
N SER D 479 -71.37 -54.85 0.09
CA SER D 479 -72.05 -54.36 1.27
C SER D 479 -72.45 -52.90 1.17
N TYR D 480 -72.44 -52.33 -0.03
CA TYR D 480 -72.88 -50.97 -0.25
C TYR D 480 -73.96 -50.91 -1.32
N THR D 481 -74.74 -49.85 -1.27
CA THR D 481 -75.75 -49.51 -2.25
C THR D 481 -75.28 -48.37 -3.14
N PRO D 482 -75.84 -48.23 -4.34
CA PRO D 482 -75.51 -47.06 -5.15
C PRO D 482 -75.76 -45.76 -4.43
N GLU D 483 -76.81 -45.72 -3.61
CA GLU D 483 -77.09 -44.55 -2.80
C GLU D 483 -76.02 -44.33 -1.74
N SER D 484 -75.43 -45.42 -1.23
CA SER D 484 -74.40 -45.27 -0.22
C SER D 484 -73.18 -44.55 -0.77
N LEU D 485 -72.82 -44.85 -2.02
CA LEU D 485 -71.55 -44.36 -2.57
C LEU D 485 -71.59 -42.87 -2.82
N ASN D 486 -72.64 -42.37 -3.47
CA ASN D 486 -72.67 -40.93 -3.72
C ASN D 486 -72.81 -40.15 -2.42
N THR D 487 -73.49 -40.72 -1.43
CA THR D 487 -73.52 -40.11 -0.11
C THR D 487 -72.26 -40.39 0.70
N SER D 488 -71.41 -41.31 0.24
CA SER D 488 -70.23 -41.70 1.01
C SER D 488 -69.23 -40.56 1.12
N LEU D 489 -68.58 -40.48 2.27
CA LEU D 489 -67.60 -39.44 2.51
C LEU D 489 -66.42 -39.64 1.57
N PRO D 490 -65.74 -38.55 1.21
CA PRO D 490 -64.65 -38.66 0.22
C PRO D 490 -63.55 -39.61 0.66
N ASN D 491 -63.29 -39.74 1.95
CA ASN D 491 -62.35 -40.73 2.46
C ASN D 491 -63.06 -42.00 2.89
N ASP D 492 -63.93 -42.55 2.05
CA ASP D 492 -64.59 -43.79 2.40
C ASP D 492 -63.70 -44.95 1.99
N ALA D 493 -63.71 -46.01 2.79
CA ALA D 493 -62.84 -47.14 2.52
C ALA D 493 -63.14 -47.75 1.16
N ALA D 494 -64.42 -47.94 0.84
CA ALA D 494 -64.76 -48.51 -0.45
C ALA D 494 -64.26 -47.64 -1.60
N ARG D 495 -64.17 -46.32 -1.37
CA ARG D 495 -63.47 -45.50 -2.34
C ARG D 495 -61.99 -45.87 -2.40
N CYS D 496 -61.33 -45.92 -1.25
CA CYS D 496 -59.95 -46.36 -1.22
C CYS D 496 -59.82 -47.79 -1.74
N MET D 497 -60.79 -48.64 -1.39
CA MET D 497 -60.69 -50.06 -1.73
C MET D 497 -60.59 -50.28 -3.23
N ILE D 498 -61.53 -49.70 -3.98
CA ILE D 498 -61.54 -49.93 -5.43
C ILE D 498 -60.29 -49.36 -6.06
N ASP D 499 -59.69 -48.34 -5.45
CA ASP D 499 -58.43 -47.83 -5.94
C ASP D 499 -57.33 -48.88 -5.79
N ARG D 500 -57.25 -49.51 -4.63
CA ARG D 500 -56.32 -50.63 -4.48
C ARG D 500 -56.67 -51.76 -5.43
N ALA D 501 -57.97 -52.04 -5.57
CA ALA D 501 -58.41 -53.11 -6.44
C ALA D 501 -58.23 -52.77 -7.91
N SER D 502 -58.08 -51.48 -8.24
CA SER D 502 -58.01 -51.10 -9.64
C SER D 502 -56.76 -51.67 -10.31
N LYS D 503 -55.62 -51.64 -9.62
CA LYS D 503 -54.41 -52.23 -10.18
C LYS D 503 -54.59 -53.73 -10.42
N ILE D 504 -55.19 -54.44 -9.46
CA ILE D 504 -55.50 -55.84 -9.68
C ILE D 504 -56.34 -56.02 -10.93
N ALA D 505 -57.35 -55.16 -11.10
CA ALA D 505 -58.13 -55.17 -12.33
C ALA D 505 -57.25 -54.94 -13.55
N GLU D 506 -56.39 -53.92 -13.50
CA GLU D 506 -55.53 -53.64 -14.63
C GLU D 506 -54.58 -54.81 -14.92
N ALA D 507 -54.00 -55.39 -13.87
CA ALA D 507 -53.00 -56.43 -14.08
C ALA D 507 -53.57 -57.60 -14.86
N ILE D 508 -54.86 -57.87 -14.68
CA ILE D 508 -55.49 -58.95 -15.42
C ILE D 508 -55.49 -58.65 -16.91
N LYS D 509 -55.96 -57.46 -17.28
CA LYS D 509 -56.21 -57.16 -18.69
C LYS D 509 -54.93 -57.27 -19.50
N ILE D 510 -53.80 -56.90 -18.90
CA ILE D 510 -52.52 -57.05 -19.57
C ILE D 510 -52.29 -58.51 -19.94
N ASP D 511 -52.73 -59.42 -19.07
CA ASP D 511 -52.59 -60.85 -19.34
C ASP D 511 -53.68 -61.37 -20.26
N ASP D 512 -54.93 -61.31 -19.80
CA ASP D 512 -56.03 -61.95 -20.51
C ASP D 512 -56.37 -61.23 -21.79
N ASP D 513 -56.68 -61.99 -22.84
CA ASP D 513 -57.18 -61.44 -24.09
C ASP D 513 -58.29 -62.32 -24.63
N ALA D 514 -59.22 -62.73 -23.77
CA ALA D 514 -60.28 -63.65 -24.11
C ALA D 514 -61.57 -62.92 -24.43
N GLY D 515 -62.48 -63.63 -25.09
CA GLY D 515 -63.73 -63.04 -25.53
C GLY D 515 -64.90 -63.51 -24.69
N PRO D 516 -66.10 -63.47 -25.27
CA PRO D 516 -67.29 -63.90 -24.52
C PRO D 516 -67.18 -65.35 -24.07
N ASP D 517 -67.57 -65.59 -22.83
CA ASP D 517 -67.70 -66.92 -22.25
C ASP D 517 -66.38 -67.68 -22.20
N GLU D 518 -65.27 -67.03 -22.51
CA GLU D 518 -64.01 -67.73 -22.73
C GLU D 518 -63.30 -67.94 -21.41
N TYR D 519 -63.15 -69.20 -21.02
CA TYR D 519 -62.53 -69.50 -19.73
C TYR D 519 -61.05 -69.14 -19.77
N SER D 520 -60.61 -68.36 -18.80
CA SER D 520 -59.24 -67.91 -18.70
C SER D 520 -58.62 -68.44 -17.42
N PRO D 521 -57.29 -68.47 -17.33
CA PRO D 521 -56.66 -68.83 -16.05
C PRO D 521 -57.07 -67.91 -14.93
N ASN D 522 -57.50 -66.70 -15.24
CA ASN D 522 -57.99 -65.76 -14.23
C ASN D 522 -59.51 -65.74 -14.16
N SER D 523 -60.19 -66.67 -14.83
CA SER D 523 -61.62 -66.88 -14.67
C SER D 523 -61.93 -68.05 -13.76
N VAL D 524 -61.19 -69.15 -13.91
CA VAL D 524 -61.44 -70.38 -13.16
C VAL D 524 -61.31 -70.21 -11.64
N PRO D 525 -60.59 -69.20 -11.10
CA PRO D 525 -60.68 -69.01 -9.65
C PRO D 525 -62.10 -68.90 -9.16
N ILE D 526 -62.95 -68.20 -9.90
CA ILE D 526 -64.35 -68.12 -9.53
C ILE D 526 -65.06 -69.42 -9.83
N GLN D 527 -64.75 -70.04 -10.98
CA GLN D 527 -65.47 -71.24 -11.40
C GLN D 527 -65.51 -72.28 -10.30
N GLY D 528 -64.39 -72.50 -9.63
CA GLY D 528 -64.37 -73.47 -8.55
C GLY D 528 -65.30 -73.09 -7.41
N GLN D 529 -65.23 -71.84 -6.98
CA GLN D 529 -66.11 -71.41 -5.90
C GLN D 529 -67.57 -71.52 -6.30
N LEU D 530 -67.87 -71.35 -7.58
CA LEU D 530 -69.23 -71.63 -8.03
C LEU D 530 -69.50 -73.12 -7.99
N ALA D 531 -68.50 -73.95 -8.23
CA ALA D 531 -68.71 -75.39 -8.27
C ALA D 531 -69.22 -75.92 -6.94
N ILE D 532 -68.57 -75.54 -5.85
CA ILE D 532 -69.00 -75.99 -4.54
C ILE D 532 -70.27 -75.26 -4.12
N SER D 533 -70.27 -73.93 -4.25
CA SER D 533 -71.37 -73.13 -3.71
C SER D 533 -72.71 -73.50 -4.34
N GLN D 534 -72.71 -73.86 -5.63
CA GLN D 534 -73.95 -74.38 -6.21
C GLN D 534 -74.38 -75.64 -5.49
N LEU D 535 -73.44 -76.55 -5.24
CA LEU D 535 -73.78 -77.86 -4.74
C LEU D 535 -74.13 -77.86 -3.26
N GLU D 536 -73.74 -76.84 -2.51
CA GLU D 536 -74.02 -76.86 -1.08
C GLU D 536 -75.47 -76.47 -0.79
N THR D 537 -75.88 -76.75 0.44
CA THR D 537 -77.27 -76.62 0.86
C THR D 537 -77.52 -75.18 1.32
N GLY D 538 -77.65 -74.28 0.35
CA GLY D 538 -77.89 -72.89 0.65
C GLY D 538 -79.35 -72.59 0.86
N TYR D 539 -79.64 -71.31 1.16
CA TYR D 539 -81.01 -70.87 1.33
C TYR D 539 -81.71 -70.85 -0.03
N GLY D 540 -82.77 -71.64 -0.15
CA GLY D 540 -83.55 -71.74 -1.37
C GLY D 540 -83.53 -73.15 -1.93
N VAL D 541 -84.16 -73.28 -3.09
CA VAL D 541 -84.14 -74.54 -3.83
C VAL D 541 -82.76 -74.75 -4.42
N ARG D 542 -82.22 -75.96 -4.22
CA ARG D 542 -80.99 -76.33 -4.90
C ARG D 542 -81.25 -76.50 -6.39
N ILE D 543 -80.48 -75.79 -7.21
CA ILE D 543 -80.53 -75.87 -8.65
C ILE D 543 -79.15 -76.24 -9.15
N PHE D 544 -79.10 -77.10 -10.17
CA PHE D 544 -77.84 -77.63 -10.67
C PHE D 544 -77.57 -77.11 -12.07
N ASN D 545 -76.32 -76.78 -12.34
CA ASN D 545 -75.86 -76.41 -13.67
C ASN D 545 -74.60 -77.18 -14.00
N PRO D 546 -74.34 -77.45 -15.28
CA PRO D 546 -73.15 -78.21 -15.66
C PRO D 546 -71.92 -77.33 -15.69
N LYS D 547 -70.76 -77.98 -15.91
CA LYS D 547 -69.49 -77.28 -15.80
C LYS D 547 -69.38 -76.15 -16.81
N GLY D 548 -69.83 -76.38 -18.05
CA GLY D 548 -69.74 -75.34 -19.06
C GLY D 548 -70.47 -74.08 -18.66
N ILE D 549 -71.64 -74.23 -18.03
CA ILE D 549 -72.36 -73.07 -17.53
C ILE D 549 -71.53 -72.34 -16.49
N LEU D 550 -71.02 -73.06 -15.50
CA LEU D 550 -70.26 -72.42 -14.44
C LEU D 550 -69.04 -71.70 -14.99
N SER D 551 -68.50 -72.18 -16.10
CA SER D 551 -67.42 -71.45 -16.75
C SER D 551 -67.91 -70.09 -17.20
N LYS D 552 -68.89 -70.05 -18.11
CA LYS D 552 -69.32 -68.79 -18.68
C LYS D 552 -69.88 -67.86 -17.63
N ILE D 553 -70.66 -68.38 -16.67
CA ILE D 553 -71.20 -67.52 -15.64
C ILE D 553 -70.09 -66.86 -14.85
N ALA D 554 -69.05 -67.63 -14.52
CA ALA D 554 -67.85 -67.03 -13.97
C ALA D 554 -67.21 -66.09 -14.98
N SER D 555 -67.22 -66.48 -16.25
CA SER D 555 -66.54 -65.68 -17.28
C SER D 555 -67.15 -64.28 -17.38
N ARG D 556 -68.49 -64.19 -17.39
CA ARG D 556 -69.11 -62.87 -17.40
C ARG D 556 -68.73 -62.09 -16.15
N ALA D 557 -68.76 -62.74 -14.99
CA ALA D 557 -68.45 -62.06 -13.75
C ALA D 557 -67.03 -61.53 -13.75
N MET D 558 -66.09 -62.34 -14.23
CA MET D 558 -64.71 -61.89 -14.39
C MET D 558 -64.64 -60.53 -15.08
N GLN D 559 -65.07 -60.49 -16.33
CA GLN D 559 -64.98 -59.25 -17.10
C GLN D 559 -65.82 -58.15 -16.46
N ALA D 560 -66.98 -58.51 -15.93
CA ALA D 560 -67.80 -57.52 -15.24
C ALA D 560 -67.03 -56.84 -14.12
N PHE D 561 -66.08 -57.55 -13.53
CA PHE D 561 -65.15 -56.90 -12.61
C PHE D 561 -64.19 -56.01 -13.36
N ILE D 562 -63.59 -56.53 -14.43
CA ILE D 562 -62.58 -55.77 -15.17
C ILE D 562 -63.19 -54.54 -15.81
N GLY D 563 -64.39 -54.68 -16.38
CA GLY D 563 -65.06 -53.54 -16.95
C GLY D 563 -65.27 -52.42 -15.96
N ASP D 564 -65.61 -52.75 -14.72
CA ASP D 564 -65.87 -51.73 -13.72
C ASP D 564 -65.64 -52.26 -12.30
N PRO D 565 -64.81 -51.58 -11.50
CA PRO D 565 -64.49 -52.11 -10.17
C PRO D 565 -65.57 -51.90 -9.13
N SER D 566 -66.37 -50.83 -9.24
CA SER D 566 -67.37 -50.54 -8.23
C SER D 566 -68.34 -51.68 -7.99
N THR D 567 -68.31 -52.71 -8.83
CA THR D 567 -69.21 -53.85 -8.72
C THR D 567 -68.80 -54.83 -7.63
N ILE D 568 -67.62 -54.65 -7.03
CA ILE D 568 -67.21 -55.54 -5.95
C ILE D 568 -67.81 -55.12 -4.62
N ILE D 569 -68.29 -53.89 -4.53
CA ILE D 569 -68.82 -53.32 -3.29
C ILE D 569 -70.29 -52.99 -3.49
N THR D 570 -70.97 -53.76 -4.33
CA THR D 570 -72.33 -53.45 -4.75
C THR D 570 -73.30 -54.45 -4.13
N GLN D 571 -74.36 -53.93 -3.52
CA GLN D 571 -75.42 -54.77 -2.99
C GLN D 571 -76.00 -55.67 -4.08
N ALA D 572 -76.05 -56.96 -3.79
CA ALA D 572 -76.71 -57.94 -4.67
C ALA D 572 -76.11 -57.93 -6.07
N ALA D 573 -74.79 -58.10 -6.14
CA ALA D 573 -74.14 -58.25 -7.42
C ALA D 573 -74.47 -59.62 -8.02
N PRO D 574 -74.27 -59.78 -9.34
CA PRO D 574 -74.50 -61.11 -9.96
C PRO D 574 -73.85 -62.26 -9.19
N VAL D 575 -72.53 -62.25 -9.02
CA VAL D 575 -71.89 -63.18 -8.11
C VAL D 575 -71.16 -62.39 -7.04
N LEU D 576 -70.61 -61.24 -7.44
CA LEU D 576 -69.60 -60.54 -6.65
C LEU D 576 -70.07 -60.18 -5.25
N SER D 577 -71.38 -60.09 -5.02
CA SER D 577 -71.87 -59.85 -3.68
C SER D 577 -71.33 -60.89 -2.71
N ASP D 578 -71.05 -62.09 -3.20
CA ASP D 578 -70.33 -63.08 -2.42
C ASP D 578 -69.02 -62.51 -1.92
N LYS D 579 -68.84 -62.51 -0.60
CA LYS D 579 -67.51 -62.24 -0.05
C LYS D 579 -66.50 -63.30 -0.48
N ASN D 580 -66.95 -64.55 -0.59
CA ASN D 580 -66.01 -65.66 -0.77
C ASN D 580 -65.30 -65.58 -2.11
N ASN D 581 -66.02 -65.27 -3.18
CA ASN D 581 -65.43 -65.31 -4.51
C ASN D 581 -64.33 -64.28 -4.67
N TRP D 582 -64.53 -63.07 -4.12
CA TRP D 582 -63.48 -62.07 -4.16
C TRP D 582 -62.20 -62.58 -3.52
N ILE D 583 -62.33 -63.35 -2.44
CA ILE D 583 -61.16 -63.94 -1.79
C ILE D 583 -60.41 -64.83 -2.79
N ALA D 584 -61.09 -65.86 -3.28
CA ALA D 584 -60.43 -66.79 -4.20
C ALA D 584 -60.05 -66.14 -5.52
N LEU D 585 -60.57 -64.94 -5.80
CA LEU D 585 -60.23 -64.28 -7.06
C LEU D 585 -58.79 -63.78 -7.04
N ALA D 586 -58.38 -63.12 -5.97
CA ALA D 586 -57.05 -62.53 -5.91
C ALA D 586 -55.97 -63.60 -5.85
N GLN D 587 -56.13 -64.58 -4.96
CA GLN D 587 -55.11 -65.60 -4.81
C GLN D 587 -54.94 -66.44 -6.07
N GLY D 588 -55.90 -66.41 -6.99
CA GLY D 588 -55.65 -66.95 -8.31
C GLY D 588 -54.62 -66.16 -9.09
N VAL D 589 -54.59 -64.84 -8.89
CA VAL D 589 -53.79 -63.97 -9.75
C VAL D 589 -52.31 -64.32 -9.64
N LYS D 590 -51.82 -64.47 -8.40
CA LYS D 590 -50.39 -64.68 -8.19
C LYS D 590 -49.93 -65.98 -8.84
N THR D 591 -50.62 -67.08 -8.57
CA THR D 591 -50.21 -68.35 -9.13
C THR D 591 -50.29 -68.32 -10.65
N SER D 592 -51.33 -67.69 -11.18
CA SER D 592 -51.42 -67.44 -12.61
C SER D 592 -50.18 -66.70 -13.10
N LEU D 593 -49.82 -65.62 -12.41
CA LEU D 593 -48.74 -64.77 -12.89
C LEU D 593 -47.40 -65.46 -12.73
N ARG D 594 -47.14 -66.03 -11.56
CA ARG D 594 -45.82 -66.57 -11.29
C ARG D 594 -45.52 -67.85 -12.05
N THR D 595 -46.50 -68.45 -12.73
CA THR D 595 -46.28 -69.69 -13.44
C THR D 595 -46.29 -69.52 -14.95
N LYS D 596 -46.60 -68.32 -15.44
CA LYS D 596 -46.31 -68.01 -16.83
C LYS D 596 -44.83 -68.21 -17.11
N SER D 597 -44.53 -68.82 -18.26
CA SER D 597 -43.15 -69.03 -18.68
C SER D 597 -43.04 -68.55 -20.12
N LEU D 598 -42.84 -67.25 -20.29
CA LEU D 598 -42.49 -66.65 -21.57
C LEU D 598 -43.49 -67.00 -22.67
N SER D 599 -44.74 -66.55 -22.49
CA SER D 599 -45.72 -66.69 -23.54
C SER D 599 -46.84 -65.68 -23.34
N ALA D 600 -47.53 -65.37 -24.44
CA ALA D 600 -48.70 -64.52 -24.43
C ALA D 600 -49.88 -65.27 -25.03
N GLY D 601 -51.00 -64.57 -25.17
CA GLY D 601 -52.21 -65.21 -25.65
C GLY D 601 -52.07 -65.70 -27.08
N VAL D 602 -52.80 -66.78 -27.39
CA VAL D 602 -52.78 -67.30 -28.75
C VAL D 602 -53.40 -66.28 -29.70
N LYS D 603 -54.42 -65.55 -29.25
CA LYS D 603 -54.97 -64.47 -30.06
C LYS D 603 -53.94 -63.38 -30.30
N THR D 604 -53.16 -63.05 -29.27
CA THR D 604 -52.23 -61.93 -29.41
C THR D 604 -51.18 -62.22 -30.47
N ALA D 605 -50.69 -63.46 -30.53
CA ALA D 605 -49.70 -63.79 -31.55
C ALA D 605 -50.25 -63.56 -32.95
N VAL D 606 -51.42 -64.13 -33.25
CA VAL D 606 -51.92 -64.04 -34.61
C VAL D 606 -52.19 -62.59 -34.99
N SER D 607 -52.66 -61.78 -34.04
CA SER D 607 -52.90 -60.37 -34.32
C SER D 607 -51.59 -59.65 -34.58
N LYS D 608 -50.59 -59.89 -33.73
CA LYS D 608 -49.37 -59.10 -33.81
C LYS D 608 -48.63 -59.33 -35.13
N LEU D 609 -48.50 -60.59 -35.53
CA LEU D 609 -47.76 -60.89 -36.75
C LEU D 609 -48.43 -60.26 -37.96
N SER D 610 -49.73 -60.51 -38.13
CA SER D 610 -50.45 -59.90 -39.23
C SER D 610 -50.39 -58.38 -39.17
N SER D 611 -50.52 -57.81 -37.97
CA SER D 611 -50.39 -56.37 -37.84
C SER D 611 -48.99 -55.90 -38.17
N SER D 612 -47.98 -56.53 -37.57
CA SER D 612 -46.61 -56.05 -37.74
C SER D 612 -46.18 -56.08 -39.20
N GLU D 613 -46.54 -57.12 -39.93
CA GLU D 613 -46.16 -57.17 -41.33
C GLU D 613 -46.81 -56.05 -42.13
N SER D 614 -47.99 -55.60 -41.71
CA SER D 614 -48.65 -54.50 -42.42
C SER D 614 -47.80 -53.25 -42.38
N ILE D 615 -47.13 -52.99 -41.27
CA ILE D 615 -46.16 -51.89 -41.23
C ILE D 615 -45.03 -52.15 -42.20
N GLN D 616 -44.49 -53.37 -42.19
CA GLN D 616 -43.43 -53.71 -43.13
C GLN D 616 -43.94 -53.55 -44.56
N ASN D 617 -45.18 -53.96 -44.81
CA ASN D 617 -45.80 -53.67 -46.09
C ASN D 617 -45.90 -52.16 -46.28
N TRP D 618 -46.35 -51.44 -45.26
CA TRP D 618 -46.52 -49.99 -45.37
C TRP D 618 -45.18 -49.29 -45.50
N THR D 619 -44.21 -49.66 -44.66
CA THR D 619 -42.93 -48.96 -44.63
C THR D 619 -42.25 -49.01 -45.98
N GLN D 620 -42.26 -50.18 -46.61
CA GLN D 620 -41.77 -50.25 -47.98
C GLN D 620 -42.53 -49.28 -48.87
N GLY D 621 -43.84 -49.17 -48.65
CA GLY D 621 -44.63 -48.24 -49.44
C GLY D 621 -44.09 -46.83 -49.36
N PHE D 622 -43.89 -46.33 -48.13
CA PHE D 622 -43.19 -45.06 -47.95
C PHE D 622 -41.86 -45.07 -48.68
N LEU D 623 -41.08 -46.13 -48.51
CA LEU D 623 -39.70 -46.11 -48.97
C LEU D 623 -39.63 -45.95 -50.48
N ASP D 624 -40.41 -46.75 -51.22
CA ASP D 624 -40.34 -46.68 -52.68
C ASP D 624 -40.81 -45.35 -53.23
N LYS D 625 -41.50 -44.54 -52.41
CA LYS D 625 -41.80 -43.18 -52.82
C LYS D 625 -40.53 -42.35 -52.95
N VAL D 626 -39.54 -42.61 -52.10
CA VAL D 626 -38.34 -41.79 -52.14
C VAL D 626 -37.53 -42.05 -53.39
N SER D 627 -37.36 -43.33 -53.74
CA SER D 627 -36.55 -43.67 -54.91
C SER D 627 -37.12 -43.04 -56.18
N ALA D 628 -38.43 -42.83 -56.22
CA ALA D 628 -39.05 -42.22 -57.39
C ALA D 628 -38.68 -40.75 -57.51
N HIS D 629 -39.03 -39.96 -56.51
CA HIS D 629 -38.81 -38.52 -56.57
C HIS D 629 -37.40 -38.11 -56.18
N PHE D 630 -36.54 -39.06 -55.83
CA PHE D 630 -35.10 -38.83 -55.68
C PHE D 630 -34.38 -39.93 -56.45
N PRO D 631 -34.37 -39.83 -57.77
CA PRO D 631 -33.92 -40.96 -58.58
C PRO D 631 -32.45 -41.28 -58.38
N ALA D 632 -32.15 -42.57 -58.49
CA ALA D 632 -30.77 -43.01 -58.45
C ALA D 632 -30.13 -42.81 -59.82
N PRO D 633 -29.01 -42.10 -59.92
CA PRO D 633 -28.38 -41.76 -61.20
C PRO D 633 -28.02 -42.98 -62.03
N THR E 9 -46.87 -95.83 -14.46
CA THR E 9 -45.71 -95.85 -13.59
C THR E 9 -45.91 -94.91 -12.42
N ILE E 10 -47.00 -94.15 -12.48
CA ILE E 10 -47.46 -93.31 -11.37
C ILE E 10 -48.97 -93.39 -11.34
N ASN E 11 -49.54 -93.48 -10.15
CA ASN E 11 -50.99 -93.68 -9.99
C ASN E 11 -51.60 -92.34 -9.61
N VAL E 12 -52.03 -91.59 -10.62
CA VAL E 12 -52.65 -90.29 -10.38
C VAL E 12 -53.89 -90.44 -9.52
N THR E 13 -54.65 -91.51 -9.71
CA THR E 13 -55.85 -91.77 -8.93
C THR E 13 -55.62 -92.77 -7.83
N GLY E 14 -54.37 -93.13 -7.56
CA GLY E 14 -54.06 -94.00 -6.44
C GLY E 14 -53.73 -93.22 -5.19
N ASP E 15 -53.77 -93.92 -4.07
CA ASP E 15 -53.46 -93.33 -2.78
C ASP E 15 -51.96 -93.11 -2.68
N GLY E 16 -51.48 -92.70 -1.50
CA GLY E 16 -50.07 -92.53 -1.27
C GLY E 16 -49.46 -91.27 -1.87
N ASN E 17 -50.22 -90.49 -2.62
CA ASN E 17 -49.72 -89.26 -3.22
C ASN E 17 -49.97 -88.08 -2.29
N VAL E 18 -48.98 -87.20 -2.19
CA VAL E 18 -48.97 -86.13 -1.20
C VAL E 18 -49.40 -84.83 -1.85
N PHE E 19 -50.40 -84.17 -1.25
CA PHE E 19 -50.83 -82.84 -1.65
C PHE E 19 -50.90 -82.00 -0.40
N LYS E 20 -50.05 -80.99 -0.31
CA LYS E 20 -49.96 -80.21 0.92
C LYS E 20 -49.35 -78.83 0.66
N PRO E 21 -50.18 -77.85 0.33
CA PRO E 21 -49.64 -76.52 0.02
C PRO E 21 -48.96 -75.88 1.21
N SER E 22 -47.68 -75.57 1.05
CA SER E 22 -46.94 -74.80 2.02
C SER E 22 -46.52 -73.48 1.38
N ALA E 23 -46.45 -72.44 2.21
CA ALA E 23 -45.89 -71.19 1.74
C ALA E 23 -44.47 -71.39 1.26
N GLU E 24 -43.69 -72.16 2.01
CA GLU E 24 -42.33 -72.48 1.63
C GLU E 24 -42.27 -73.32 0.36
N THR E 25 -43.40 -73.90 -0.03
CA THR E 25 -43.52 -74.60 -1.31
C THR E 25 -44.18 -73.73 -2.36
N SER E 26 -43.93 -72.43 -2.33
CA SER E 26 -44.49 -71.51 -3.31
C SER E 26 -44.16 -71.96 -4.73
N SER E 27 -44.99 -71.54 -5.68
CA SER E 27 -44.92 -72.03 -7.04
C SER E 27 -44.50 -70.91 -7.99
N THR E 28 -43.47 -71.17 -8.79
CA THR E 28 -43.04 -70.30 -9.86
C THR E 28 -42.63 -71.17 -11.04
N ALA E 29 -42.71 -70.63 -12.26
CA ALA E 29 -42.09 -71.32 -13.38
C ALA E 29 -40.95 -70.51 -13.98
N VAL E 30 -41.23 -69.41 -14.69
CA VAL E 30 -40.27 -68.50 -15.28
C VAL E 30 -41.05 -67.23 -15.59
N PRO E 31 -41.31 -66.38 -14.62
CA PRO E 31 -42.11 -65.19 -14.91
C PRO E 31 -41.48 -64.32 -15.98
N SER E 32 -40.26 -63.87 -15.75
CA SER E 32 -39.63 -62.93 -16.66
C SER E 32 -38.11 -63.05 -16.56
N LEU E 33 -37.43 -62.49 -17.55
CA LEU E 33 -35.99 -62.36 -17.57
C LEU E 33 -35.63 -60.94 -17.98
N SER E 34 -34.42 -60.52 -17.61
CA SER E 34 -33.98 -59.14 -17.80
C SER E 34 -33.23 -59.05 -19.12
N LEU E 35 -33.91 -58.55 -20.16
CA LEU E 35 -33.29 -58.46 -21.47
C LEU E 35 -33.18 -57.01 -21.95
N SER E 36 -32.73 -56.12 -21.08
CA SER E 36 -32.52 -54.74 -21.50
C SER E 36 -31.40 -54.72 -22.54
N PRO E 37 -31.66 -54.19 -23.74
CA PRO E 37 -30.62 -54.23 -24.78
C PRO E 37 -29.31 -53.60 -24.37
N GLY E 38 -29.36 -52.60 -23.48
CA GLY E 38 -28.13 -52.02 -22.99
C GLY E 38 -27.27 -53.04 -22.28
N MET E 39 -27.89 -53.91 -21.49
CA MET E 39 -27.17 -54.90 -20.70
C MET E 39 -26.90 -56.19 -21.46
N LEU E 40 -27.07 -56.20 -22.79
CA LEU E 40 -26.70 -57.35 -23.59
C LEU E 40 -25.61 -57.05 -24.61
N ASN E 41 -25.36 -55.79 -24.92
CA ASN E 41 -24.24 -55.41 -25.78
C ASN E 41 -24.25 -56.18 -27.09
N PRO F 1 -16.68 -59.39 -21.96
CA PRO F 1 -16.65 -57.93 -22.03
C PRO F 1 -17.73 -57.36 -22.94
N GLY F 2 -17.51 -57.45 -24.23
CA GLY F 2 -18.45 -56.90 -25.19
C GLY F 2 -17.72 -56.52 -26.46
N GLY F 3 -18.43 -55.81 -27.32
CA GLY F 3 -17.83 -55.32 -28.54
C GLY F 3 -17.69 -56.36 -29.64
N VAL F 4 -16.60 -56.28 -30.38
CA VAL F 4 -16.39 -57.09 -31.58
C VAL F 4 -14.97 -57.66 -31.56
N PRO F 5 -14.77 -58.89 -32.02
CA PRO F 5 -13.40 -59.43 -32.12
C PRO F 5 -12.59 -58.68 -33.16
N TRP F 6 -11.51 -58.04 -32.72
CA TRP F 6 -10.66 -57.26 -33.58
C TRP F 6 -9.36 -58.01 -33.86
N ILE F 7 -8.93 -57.99 -35.11
CA ILE F 7 -7.68 -58.62 -35.51
C ILE F 7 -6.69 -57.53 -35.88
N ALA F 8 -5.41 -57.81 -35.68
CA ALA F 8 -4.35 -56.83 -35.86
C ALA F 8 -3.64 -57.04 -37.18
N VAL F 9 -3.30 -55.93 -37.84
CA VAL F 9 -2.55 -55.96 -39.09
C VAL F 9 -1.39 -54.98 -39.01
N GLY F 10 -1.42 -54.11 -38.00
CA GLY F 10 -0.35 -53.13 -37.87
C GLY F 10 1.02 -53.76 -37.71
N ASP F 11 1.11 -54.77 -36.86
CA ASP F 11 2.21 -55.72 -36.70
C ASP F 11 3.41 -55.11 -35.97
N GLU F 12 3.43 -53.82 -35.69
CA GLU F 12 4.46 -53.25 -34.82
C GLU F 12 3.85 -52.15 -33.96
N THR F 13 2.65 -52.39 -33.42
CA THR F 13 1.86 -51.36 -32.79
C THR F 13 1.58 -51.70 -31.33
N SER F 14 1.42 -50.65 -30.52
CA SER F 14 0.99 -50.84 -29.15
C SER F 14 -0.37 -50.19 -28.89
N VAL F 15 -0.48 -48.86 -29.04
CA VAL F 15 -1.70 -48.14 -28.67
C VAL F 15 -1.83 -46.94 -29.60
N THR F 16 -3.08 -46.54 -29.84
CA THR F 16 -3.42 -45.34 -30.59
C THR F 16 -2.80 -45.31 -31.98
N SER F 17 -2.27 -46.42 -32.47
CA SER F 17 -1.55 -46.40 -33.73
C SER F 17 -2.51 -46.18 -34.89
N PRO F 18 -2.05 -45.56 -35.97
CA PRO F 18 -2.96 -45.24 -37.08
C PRO F 18 -3.75 -46.43 -37.63
N GLY F 19 -3.10 -47.51 -38.04
CA GLY F 19 -3.84 -48.52 -38.77
C GLY F 19 -3.65 -49.93 -38.28
N ALA F 20 -3.58 -50.12 -36.97
CA ALA F 20 -3.18 -51.41 -36.42
C ALA F 20 -4.25 -52.47 -36.63
N LEU F 21 -5.51 -52.16 -36.36
CA LEU F 21 -6.55 -53.17 -36.19
C LEU F 21 -7.48 -53.25 -37.39
N ARG F 22 -8.05 -54.45 -37.55
CA ARG F 22 -9.00 -54.78 -38.59
C ARG F 22 -10.04 -55.71 -37.98
N ARG F 23 -11.20 -55.77 -38.61
CA ARG F 23 -12.24 -56.68 -38.14
C ARG F 23 -11.83 -58.13 -38.36
N MET F 24 -12.25 -59.01 -37.45
CA MET F 24 -11.95 -60.43 -37.54
C MET F 24 -13.18 -61.18 -38.03
N THR F 25 -13.07 -61.79 -39.18
CA THR F 25 -14.19 -62.44 -39.85
C THR F 25 -14.12 -63.95 -39.65
N SER F 26 -15.16 -64.63 -40.14
CA SER F 26 -15.30 -66.06 -39.94
C SER F 26 -14.29 -66.88 -40.74
N LYS F 27 -13.53 -66.26 -41.66
CA LYS F 27 -12.42 -66.98 -42.26
C LYS F 27 -11.25 -67.07 -41.31
N ASP F 28 -11.10 -66.09 -40.42
CA ASP F 28 -10.01 -66.11 -39.46
C ASP F 28 -10.21 -67.20 -38.43
N ILE F 29 -11.47 -67.47 -38.06
CA ILE F 29 -11.81 -68.52 -37.12
C ILE F 29 -12.82 -69.43 -37.81
N PRO F 30 -12.39 -70.46 -38.53
CA PRO F 30 -13.35 -71.30 -39.27
C PRO F 30 -14.37 -72.01 -38.40
N GLU F 31 -14.09 -72.21 -37.11
CA GLU F 31 -15.07 -72.85 -36.25
C GLU F 31 -16.40 -72.11 -36.27
N THR F 32 -16.34 -70.79 -36.40
CA THR F 32 -17.54 -69.95 -36.48
C THR F 32 -18.01 -69.84 -37.93
N ALA F 33 -18.17 -70.98 -38.58
CA ALA F 33 -18.68 -71.03 -39.93
C ALA F 33 -19.96 -71.82 -39.94
N ILE F 34 -20.86 -71.47 -40.87
CA ILE F 34 -22.05 -72.29 -41.03
C ILE F 34 -21.79 -73.33 -42.10
N ILE F 35 -20.92 -74.29 -41.79
CA ILE F 35 -20.94 -75.62 -42.33
C ILE F 35 -20.54 -76.51 -41.17
N ASN F 36 -19.98 -75.88 -40.14
CA ASN F 36 -19.39 -76.56 -39.01
C ASN F 36 -20.19 -76.38 -37.74
N THR F 37 -21.34 -75.72 -37.81
CA THR F 37 -22.23 -75.69 -36.66
C THR F 37 -22.76 -77.09 -36.40
N ASP F 38 -22.74 -77.50 -35.13
CA ASP F 38 -23.36 -78.76 -34.79
C ASP F 38 -24.84 -78.73 -35.17
N ASN F 39 -25.26 -79.67 -35.99
CA ASN F 39 -26.61 -79.66 -36.53
C ASN F 39 -27.62 -80.32 -35.62
N SER F 40 -27.34 -80.40 -34.32
CA SER F 40 -28.38 -80.77 -33.37
C SER F 40 -29.50 -79.75 -33.48
N SER F 41 -30.74 -80.26 -33.50
CA SER F 41 -31.98 -79.60 -33.87
C SER F 41 -32.12 -79.46 -35.39
N GLY F 42 -31.09 -79.78 -36.16
CA GLY F 42 -31.21 -79.82 -37.61
C GLY F 42 -31.64 -78.53 -38.27
N ALA F 43 -31.45 -77.39 -37.61
CA ALA F 43 -32.01 -76.15 -38.15
C ALA F 43 -31.32 -75.68 -39.42
N VAL F 44 -30.20 -76.26 -39.80
CA VAL F 44 -29.55 -75.94 -41.07
C VAL F 44 -29.55 -77.20 -41.93
N PRO F 45 -29.86 -77.09 -43.22
CA PRO F 45 -30.00 -78.29 -44.05
C PRO F 45 -28.70 -79.04 -44.19
N SER F 46 -28.83 -80.35 -44.40
CA SER F 46 -27.70 -81.22 -44.68
C SER F 46 -27.43 -81.39 -46.16
N GLU F 47 -28.25 -80.80 -47.02
CA GLU F 47 -27.98 -80.86 -48.45
C GLU F 47 -26.82 -79.95 -48.80
N SER F 48 -25.86 -80.50 -49.56
CA SER F 48 -24.66 -79.74 -49.89
C SER F 48 -25.00 -78.48 -50.67
N ALA F 49 -25.97 -78.57 -51.57
CA ALA F 49 -26.28 -77.45 -52.45
C ALA F 49 -26.70 -76.19 -51.70
N LEU F 50 -27.19 -76.31 -50.47
CA LEU F 50 -27.81 -75.17 -49.79
C LEU F 50 -27.00 -74.80 -48.56
N VAL F 51 -25.91 -74.08 -48.79
CA VAL F 51 -25.17 -73.34 -47.77
C VAL F 51 -24.58 -72.12 -48.49
N PRO F 52 -24.61 -70.94 -47.88
CA PRO F 52 -24.10 -69.75 -48.59
C PRO F 52 -22.62 -69.80 -48.94
N TYR F 53 -21.82 -70.60 -48.24
CA TYR F 53 -20.38 -70.66 -48.46
C TYR F 53 -19.70 -69.31 -48.27
N ILE F 54 -20.36 -68.36 -47.62
CA ILE F 54 -19.83 -67.03 -47.44
C ILE F 54 -19.37 -66.86 -46.00
N ASP F 55 -18.71 -65.73 -45.75
CA ASP F 55 -18.24 -65.37 -44.41
C ASP F 55 -19.08 -64.24 -43.85
N GLU F 56 -19.21 -64.24 -42.53
CA GLU F 56 -19.98 -63.25 -41.79
C GLU F 56 -19.11 -62.73 -40.66
N PRO F 57 -19.38 -61.53 -40.20
CA PRO F 57 -18.62 -61.00 -39.06
C PRO F 57 -18.95 -61.74 -37.79
N LEU F 58 -18.05 -61.62 -36.83
CA LEU F 58 -18.19 -62.28 -35.54
C LEU F 58 -18.40 -61.22 -34.48
N VAL F 59 -19.15 -61.57 -33.42
CA VAL F 59 -19.43 -60.64 -32.34
C VAL F 59 -19.24 -61.38 -31.02
N VAL F 60 -19.22 -60.60 -29.94
CA VAL F 60 -18.80 -61.07 -28.63
C VAL F 60 -20.02 -61.22 -27.74
N VAL F 61 -20.08 -62.33 -27.02
CA VAL F 61 -21.19 -62.61 -26.11
C VAL F 61 -20.68 -62.41 -24.70
N THR F 62 -21.48 -61.75 -23.88
CA THR F 62 -21.02 -61.27 -22.58
C THR F 62 -21.43 -62.24 -21.48
N GLU F 63 -21.04 -61.90 -20.25
CA GLU F 63 -21.44 -62.70 -19.10
C GLU F 63 -22.95 -62.76 -18.97
N HIS F 64 -23.61 -61.62 -19.13
CA HIS F 64 -25.01 -61.52 -18.78
C HIS F 64 -25.87 -62.24 -19.81
N ALA F 65 -25.45 -62.21 -21.08
CA ALA F 65 -26.22 -62.87 -22.13
C ALA F 65 -26.23 -64.37 -21.97
N ILE F 66 -25.06 -64.97 -21.78
CA ILE F 66 -24.98 -66.42 -21.60
C ILE F 66 -25.78 -66.83 -20.37
N THR F 67 -25.61 -66.11 -19.27
CA THR F 67 -26.34 -66.42 -18.06
C THR F 67 -27.83 -66.17 -18.21
N ASN F 68 -28.26 -65.52 -19.29
CA ASN F 68 -29.69 -65.27 -19.50
C ASN F 68 -30.27 -66.10 -20.62
N PHE F 69 -29.61 -66.15 -21.78
CA PHE F 69 -30.10 -67.01 -22.86
C PHE F 69 -30.14 -68.46 -22.43
N THR F 70 -29.21 -68.88 -21.58
CA THR F 70 -29.31 -70.21 -20.99
C THR F 70 -30.50 -70.28 -20.04
N LYS F 71 -30.74 -69.22 -19.28
CA LYS F 71 -31.87 -69.23 -18.35
C LYS F 71 -33.18 -69.43 -19.10
N ALA F 72 -33.26 -68.94 -20.32
CA ALA F 72 -34.47 -69.12 -21.12
C ALA F 72 -34.73 -70.58 -21.42
N GLU F 73 -33.68 -71.40 -21.47
CA GLU F 73 -33.84 -72.80 -21.83
C GLU F 73 -34.70 -73.55 -20.83
N MET F 74 -34.74 -73.11 -19.58
CA MET F 74 -35.53 -73.83 -18.60
C MET F 74 -37.02 -73.69 -18.87
N ALA F 75 -37.45 -72.57 -19.46
CA ALA F 75 -38.86 -72.39 -19.77
C ALA F 75 -39.36 -73.53 -20.65
N LEU F 76 -38.53 -73.98 -21.58
CA LEU F 76 -38.82 -75.22 -22.28
C LEU F 76 -38.77 -76.41 -21.33
N GLU F 77 -37.66 -76.55 -20.60
CA GLU F 77 -37.41 -77.77 -19.85
C GLU F 77 -38.35 -77.92 -18.66
N PHE F 78 -39.04 -76.86 -18.24
CA PHE F 78 -40.12 -77.05 -17.28
C PHE F 78 -41.27 -77.85 -17.89
N ASN F 79 -41.31 -77.95 -19.22
CA ASN F 79 -42.36 -78.61 -19.95
C ASN F 79 -41.77 -79.60 -20.94
N ARG F 80 -40.76 -80.36 -20.50
CA ARG F 80 -39.99 -81.19 -21.42
C ARG F 80 -40.77 -82.43 -21.85
N GLU F 81 -41.64 -82.95 -20.97
CA GLU F 81 -42.38 -84.15 -21.32
C GLU F 81 -43.34 -83.90 -22.47
N PHE F 82 -44.05 -82.76 -22.43
CA PHE F 82 -44.97 -82.46 -23.51
C PHE F 82 -44.24 -82.31 -24.84
N LEU F 83 -43.00 -81.82 -24.80
CA LEU F 83 -42.22 -81.70 -26.02
C LEU F 83 -42.03 -83.05 -26.70
N ASP F 84 -41.54 -84.04 -25.96
CA ASP F 84 -41.29 -85.35 -26.56
C ASP F 84 -42.60 -86.11 -26.79
N LYS F 85 -43.65 -85.82 -26.02
CA LYS F 85 -44.95 -86.31 -26.41
C LYS F 85 -45.40 -85.70 -27.72
N MET F 86 -44.72 -84.59 -28.06
CA MET F 86 -44.92 -83.78 -29.26
C MET F 86 -43.82 -83.95 -30.31
N ARG F 87 -42.70 -84.57 -29.90
CA ARG F 87 -41.59 -84.96 -30.77
C ARG F 87 -40.94 -83.76 -31.45
N VAL F 88 -40.76 -82.68 -30.67
CA VAL F 88 -40.10 -81.47 -31.12
C VAL F 88 -38.95 -81.15 -30.15
N LEU F 89 -37.80 -80.76 -30.69
CA LEU F 89 -36.58 -80.51 -29.91
C LEU F 89 -36.16 -81.74 -29.10
N SER F 90 -35.75 -82.77 -29.83
CA SER F 90 -35.22 -83.96 -29.17
C SER F 90 -33.96 -83.67 -28.37
N VAL F 91 -33.22 -82.61 -28.70
CA VAL F 91 -31.97 -82.29 -28.04
C VAL F 91 -32.00 -80.82 -27.62
N SER F 92 -31.71 -80.55 -26.36
CA SER F 92 -31.69 -79.18 -25.88
C SER F 92 -30.59 -78.37 -26.56
N PRO F 93 -30.82 -77.09 -26.82
CA PRO F 93 -29.82 -76.29 -27.55
C PRO F 93 -28.46 -76.20 -26.87
N LYS F 94 -28.42 -76.07 -25.54
CA LYS F 94 -27.18 -76.00 -24.78
C LYS F 94 -26.26 -74.92 -25.39
N TYR F 95 -26.74 -73.69 -25.22
CA TYR F 95 -26.17 -72.51 -25.88
C TYR F 95 -24.64 -72.50 -25.93
N SER F 96 -24.00 -72.92 -24.85
CA SER F 96 -22.55 -72.89 -24.78
C SER F 96 -21.91 -73.84 -25.78
N ASP F 97 -22.72 -74.51 -26.58
CA ASP F 97 -22.21 -75.42 -27.60
C ASP F 97 -22.04 -74.76 -28.96
N LEU F 98 -22.61 -73.59 -29.16
CA LEU F 98 -22.52 -72.88 -30.43
C LEU F 98 -21.51 -71.75 -30.41
N LEU F 99 -20.65 -71.68 -29.39
CA LEU F 99 -19.68 -70.61 -29.27
C LEU F 99 -18.30 -71.08 -29.65
N THR F 100 -17.39 -70.13 -29.84
CA THR F 100 -15.98 -70.43 -30.05
C THR F 100 -15.15 -69.53 -29.15
N TYR F 101 -14.33 -70.12 -28.30
CA TYR F 101 -13.58 -69.39 -27.30
C TYR F 101 -12.21 -69.03 -27.87
N VAL F 102 -11.96 -67.73 -28.02
CA VAL F 102 -10.77 -67.21 -28.67
C VAL F 102 -10.17 -66.14 -27.76
N ASP F 103 -8.91 -65.79 -28.03
CA ASP F 103 -8.21 -64.72 -27.34
C ASP F 103 -7.62 -63.78 -28.38
N CYS F 104 -8.15 -62.56 -28.45
CA CYS F 104 -7.68 -61.54 -29.39
C CYS F 104 -8.15 -60.18 -28.88
N TYR F 105 -7.85 -59.13 -29.64
CA TYR F 105 -8.27 -57.79 -29.26
C TYR F 105 -9.78 -57.67 -29.40
N VAL F 106 -10.43 -57.12 -28.37
CA VAL F 106 -11.88 -57.11 -28.26
C VAL F 106 -12.34 -55.73 -27.86
N GLY F 107 -13.40 -55.26 -28.49
CA GLY F 107 -13.92 -53.94 -28.15
C GLY F 107 -14.76 -53.37 -29.25
N VAL F 108 -15.62 -52.42 -28.87
CA VAL F 108 -16.58 -51.85 -29.81
C VAL F 108 -15.86 -51.08 -30.91
N SER F 109 -14.84 -50.33 -30.55
CA SER F 109 -14.00 -49.64 -31.52
C SER F 109 -12.59 -50.20 -31.45
N ALA F 110 -11.84 -49.99 -32.53
CA ALA F 110 -10.45 -50.43 -32.56
C ALA F 110 -9.63 -49.69 -31.52
N ARG F 111 -9.99 -48.44 -31.23
CA ARG F 111 -9.19 -47.65 -30.33
C ARG F 111 -9.12 -48.28 -28.94
N GLN F 112 -10.24 -48.77 -28.44
CA GLN F 112 -10.23 -49.37 -27.11
C GLN F 112 -10.21 -50.89 -27.15
N ALA F 113 -10.30 -51.49 -28.34
CA ALA F 113 -9.92 -52.88 -28.46
C ALA F 113 -8.41 -53.03 -28.41
N LEU F 114 -7.69 -51.94 -28.69
CA LEU F 114 -6.26 -52.01 -28.90
C LEU F 114 -5.48 -52.25 -27.62
N ASN F 115 -6.07 -51.99 -26.45
CA ASN F 115 -5.44 -52.36 -25.19
C ASN F 115 -6.24 -53.39 -24.40
N ASN F 116 -7.24 -54.00 -25.02
CA ASN F 116 -8.15 -54.91 -24.34
C ASN F 116 -7.96 -56.29 -24.96
N PHE F 117 -6.96 -57.02 -24.48
CA PHE F 117 -6.63 -58.34 -25.00
C PHE F 117 -7.02 -59.37 -23.96
N GLN F 118 -8.13 -60.06 -24.21
CA GLN F 118 -8.69 -61.00 -23.26
C GLN F 118 -8.43 -62.43 -23.74
N LYS F 119 -9.00 -63.39 -23.03
CA LYS F 119 -8.79 -64.80 -23.30
C LYS F 119 -10.10 -65.55 -23.20
N GLN F 120 -10.31 -66.49 -24.12
CA GLN F 120 -11.50 -67.34 -24.12
C GLN F 120 -12.78 -66.50 -24.16
N VAL F 121 -12.77 -65.48 -25.01
CA VAL F 121 -14.00 -64.72 -25.23
C VAL F 121 -14.91 -65.57 -26.10
N PRO F 122 -16.20 -65.67 -25.78
CA PRO F 122 -17.11 -66.37 -26.69
C PRO F 122 -17.35 -65.54 -27.94
N VAL F 123 -17.58 -66.23 -29.05
CA VAL F 123 -17.66 -65.62 -30.36
C VAL F 123 -18.73 -66.32 -31.17
N ILE F 124 -19.44 -65.56 -32.00
CA ILE F 124 -20.61 -66.09 -32.69
C ILE F 124 -20.85 -65.25 -33.94
N THR F 125 -21.56 -65.82 -34.89
CA THR F 125 -21.95 -65.10 -36.10
C THR F 125 -23.39 -64.64 -35.97
N PRO F 126 -23.79 -63.59 -36.71
CA PRO F 126 -25.19 -63.17 -36.65
C PRO F 126 -26.14 -64.28 -37.02
N THR F 127 -25.79 -65.09 -38.01
CA THR F 127 -26.69 -66.13 -38.47
C THR F 127 -26.76 -67.31 -37.51
N ARG F 128 -25.61 -67.78 -37.01
CA ARG F 128 -25.64 -68.89 -36.07
C ARG F 128 -26.35 -68.49 -34.78
N GLN F 129 -26.11 -67.26 -34.32
CA GLN F 129 -26.81 -66.80 -33.13
C GLN F 129 -28.28 -66.56 -33.41
N THR F 130 -28.62 -66.10 -34.62
CA THR F 130 -30.03 -65.99 -35.00
C THR F 130 -30.70 -67.35 -34.96
N MET F 131 -30.03 -68.35 -35.55
CA MET F 131 -30.58 -69.70 -35.58
C MET F 131 -30.90 -70.21 -34.19
N TYR F 132 -30.07 -69.85 -33.21
CA TYR F 132 -30.29 -70.31 -31.84
C TYR F 132 -31.62 -69.81 -31.28
N VAL F 133 -31.88 -68.51 -31.37
CA VAL F 133 -33.10 -68.00 -30.75
C VAL F 133 -34.33 -68.47 -31.50
N ASP F 134 -34.21 -68.74 -32.81
CA ASP F 134 -35.33 -69.35 -33.51
C ASP F 134 -35.67 -70.71 -32.90
N SER F 135 -34.65 -71.48 -32.55
CA SER F 135 -34.91 -72.79 -31.96
C SER F 135 -35.73 -72.67 -30.69
N ILE F 136 -35.34 -71.74 -29.82
CA ILE F 136 -36.06 -71.57 -28.56
C ILE F 136 -37.48 -71.10 -28.81
N GLN F 137 -37.63 -70.05 -29.60
CA GLN F 137 -38.92 -69.38 -29.67
C GLN F 137 -39.93 -70.23 -30.41
N ALA F 138 -39.47 -71.15 -31.24
CA ALA F 138 -40.39 -72.09 -31.88
C ALA F 138 -41.11 -72.93 -30.84
N ALA F 139 -40.37 -73.43 -29.85
CA ALA F 139 -40.98 -74.26 -28.82
C ALA F 139 -42.03 -73.49 -28.03
N LEU F 140 -41.79 -72.21 -27.78
CA LEU F 140 -42.80 -71.40 -27.09
C LEU F 140 -44.10 -71.39 -27.87
N LYS F 141 -44.00 -71.31 -29.20
CA LYS F 141 -45.19 -71.44 -30.03
C LYS F 141 -45.83 -72.80 -29.85
N ALA F 142 -45.02 -73.85 -29.79
CA ALA F 142 -45.57 -75.20 -29.66
C ALA F 142 -46.31 -75.38 -28.34
N LEU F 143 -45.77 -74.81 -27.27
CA LEU F 143 -46.35 -74.95 -25.94
C LEU F 143 -47.47 -73.97 -25.67
N GLU F 144 -48.01 -73.31 -26.69
CA GLU F 144 -48.91 -72.19 -26.45
C GLU F 144 -50.16 -72.61 -25.71
N LYS F 145 -50.75 -73.74 -26.08
CA LYS F 145 -51.96 -74.18 -25.41
C LYS F 145 -51.66 -75.00 -24.17
N TRP F 146 -50.54 -75.74 -24.17
CA TRP F 146 -50.12 -76.42 -22.95
C TRP F 146 -50.08 -75.45 -21.79
N GLU F 147 -49.46 -74.29 -21.99
CA GLU F 147 -49.30 -73.33 -20.90
C GLU F 147 -50.65 -72.85 -20.38
N ILE F 148 -51.60 -72.62 -21.28
CA ILE F 148 -52.92 -72.20 -20.82
C ILE F 148 -53.59 -73.34 -20.05
N ASP F 149 -53.49 -74.56 -20.57
CA ASP F 149 -54.07 -75.70 -19.87
C ASP F 149 -53.36 -75.95 -18.54
N LEU F 150 -52.04 -75.80 -18.48
CA LEU F 150 -51.33 -76.02 -17.23
C LEU F 150 -51.80 -75.04 -16.17
N ARG F 151 -51.92 -73.76 -16.55
CA ARG F 151 -52.24 -72.74 -15.55
C ARG F 151 -53.64 -72.94 -14.98
N VAL F 152 -54.62 -73.19 -15.84
CA VAL F 152 -56.00 -73.29 -15.37
C VAL F 152 -56.17 -74.48 -14.43
N ALA F 153 -55.29 -75.47 -14.51
CA ALA F 153 -55.30 -76.54 -13.52
C ALA F 153 -54.79 -76.04 -12.18
N GLN F 154 -53.96 -75.00 -12.18
CA GLN F 154 -53.42 -74.47 -10.94
C GLN F 154 -54.31 -73.38 -10.36
N THR F 155 -54.78 -72.48 -11.22
CA THR F 155 -55.60 -71.36 -10.77
C THR F 155 -57.07 -71.72 -10.64
N LEU F 156 -57.40 -73.00 -10.65
CA LEU F 156 -58.80 -73.37 -10.40
C LEU F 156 -59.10 -73.30 -8.92
N LEU F 157 -58.43 -74.13 -8.14
CA LEU F 157 -58.59 -74.11 -6.71
C LEU F 157 -57.31 -73.58 -6.06
N PRO F 158 -57.41 -72.95 -4.90
CA PRO F 158 -56.20 -72.39 -4.25
C PRO F 158 -55.18 -73.46 -3.96
N THR F 159 -53.99 -73.30 -4.53
CA THR F 159 -52.89 -74.22 -4.32
C THR F 159 -51.69 -73.61 -3.62
N ASN F 160 -51.54 -72.29 -3.63
CA ASN F 160 -50.54 -71.62 -2.84
C ASN F 160 -51.22 -70.82 -1.75
N VAL F 161 -50.57 -70.72 -0.61
CA VAL F 161 -51.11 -69.96 0.52
C VAL F 161 -49.99 -69.06 1.04
N PRO F 162 -50.30 -67.83 1.47
CA PRO F 162 -49.23 -66.97 1.97
C PRO F 162 -48.50 -67.51 3.19
N ILE F 163 -49.16 -68.20 4.09
CA ILE F 163 -48.55 -68.57 5.37
C ILE F 163 -48.88 -70.02 5.70
N GLY F 164 -47.97 -70.65 6.43
CA GLY F 164 -48.27 -71.93 7.01
C GLY F 164 -48.58 -72.98 5.96
N GLU F 165 -49.31 -74.00 6.40
CA GLU F 165 -49.62 -75.14 5.56
C GLU F 165 -51.08 -75.52 5.70
N VAL F 166 -51.67 -75.92 4.59
CA VAL F 166 -53.02 -76.47 4.54
C VAL F 166 -52.88 -77.90 4.05
N SER F 167 -54.01 -78.61 3.93
CA SER F 167 -53.94 -79.99 3.48
C SER F 167 -55.22 -80.38 2.76
N CYS F 168 -55.11 -81.42 1.95
CA CYS F 168 -56.25 -82.00 1.25
C CYS F 168 -55.88 -83.37 0.72
N PRO F 169 -56.73 -84.38 0.91
CA PRO F 169 -56.45 -85.70 0.36
C PRO F 169 -56.40 -85.67 -1.16
N MET F 170 -55.57 -86.55 -1.72
CA MET F 170 -55.36 -86.55 -3.16
C MET F 170 -56.61 -86.98 -3.92
N GLN F 171 -57.24 -88.08 -3.50
CA GLN F 171 -58.35 -88.59 -4.28
C GLN F 171 -59.49 -87.58 -4.35
N SER F 172 -59.63 -86.71 -3.35
CA SER F 172 -60.60 -85.63 -3.44
C SER F 172 -60.19 -84.63 -4.52
N VAL F 173 -58.95 -84.15 -4.48
CA VAL F 173 -58.57 -83.08 -5.38
C VAL F 173 -58.49 -83.56 -6.83
N VAL F 174 -58.01 -84.79 -7.05
CA VAL F 174 -58.00 -85.30 -8.42
C VAL F 174 -59.42 -85.49 -8.93
N LYS F 175 -60.34 -85.90 -8.05
CA LYS F 175 -61.73 -86.01 -8.46
C LYS F 175 -62.32 -84.65 -8.77
N LEU F 176 -61.93 -83.61 -8.03
CA LEU F 176 -62.52 -82.30 -8.25
C LEU F 176 -62.21 -81.78 -9.64
N LEU F 177 -60.93 -81.82 -10.03
CA LEU F 177 -60.59 -81.38 -11.39
C LEU F 177 -61.31 -82.19 -12.44
N ASP F 178 -61.59 -83.47 -12.14
CA ASP F 178 -62.13 -84.38 -13.13
C ASP F 178 -63.37 -83.82 -13.81
N ASP F 179 -64.31 -83.28 -13.06
CA ASP F 179 -65.58 -82.87 -13.64
C ASP F 179 -65.58 -81.44 -14.13
N GLN F 180 -64.79 -80.56 -13.52
CA GLN F 180 -64.85 -79.14 -13.84
C GLN F 180 -63.79 -78.69 -14.83
N LEU F 181 -62.98 -79.59 -15.33
CA LEU F 181 -62.08 -78.98 -16.30
C LEU F 181 -62.65 -79.07 -17.70
N PRO F 182 -62.26 -78.16 -18.59
CA PRO F 182 -62.84 -78.15 -19.94
C PRO F 182 -62.59 -79.46 -20.68
N ASP F 183 -63.56 -79.83 -21.51
CA ASP F 183 -63.47 -81.11 -22.22
C ASP F 183 -62.26 -81.13 -23.15
N ASP F 184 -62.00 -80.04 -23.84
CA ASP F 184 -60.90 -79.92 -24.76
C ASP F 184 -59.56 -79.65 -24.08
N SER F 185 -59.47 -79.88 -22.77
CA SER F 185 -58.22 -79.67 -22.08
C SER F 185 -57.18 -80.67 -22.54
N LEU F 186 -55.94 -80.21 -22.65
CA LEU F 186 -54.86 -81.15 -22.94
C LEU F 186 -54.58 -82.06 -21.76
N ILE F 187 -55.06 -81.69 -20.57
CA ILE F 187 -54.90 -82.59 -19.42
C ILE F 187 -55.67 -83.88 -19.64
N ARG F 188 -56.91 -83.78 -20.10
CA ARG F 188 -57.67 -84.97 -20.44
C ARG F 188 -56.90 -85.88 -21.38
N ARG F 189 -56.26 -85.29 -22.39
CA ARG F 189 -55.51 -86.06 -23.37
C ARG F 189 -54.38 -86.83 -22.72
N TYR F 190 -53.45 -86.13 -22.08
CA TYR F 190 -52.19 -86.70 -21.61
C TYR F 190 -52.08 -86.42 -20.12
N PRO F 191 -52.78 -87.20 -19.29
CA PRO F 191 -52.92 -86.81 -17.88
C PRO F 191 -51.68 -87.01 -17.04
N LYS F 192 -50.86 -88.02 -17.33
CA LYS F 192 -49.70 -88.25 -16.48
C LYS F 192 -48.60 -87.23 -16.72
N GLU F 193 -48.53 -86.68 -17.92
CA GLU F 193 -47.62 -85.56 -18.16
C GLU F 193 -48.03 -84.34 -17.35
N ALA F 194 -49.35 -84.11 -17.23
CA ALA F 194 -49.81 -83.04 -16.36
C ALA F 194 -49.45 -83.32 -14.91
N ALA F 195 -49.33 -84.59 -14.53
CA ALA F 195 -48.94 -84.93 -13.17
C ALA F 195 -47.50 -84.54 -12.89
N VAL F 196 -46.60 -84.86 -13.82
CA VAL F 196 -45.19 -84.67 -13.56
C VAL F 196 -44.83 -83.19 -13.53
N ALA F 197 -45.52 -82.38 -14.31
CA ALA F 197 -45.11 -80.99 -14.46
C ALA F 197 -45.34 -80.19 -13.18
N LEU F 198 -46.40 -80.48 -12.43
CA LEU F 198 -46.66 -79.74 -11.22
C LEU F 198 -45.54 -79.92 -10.20
N ALA F 199 -45.19 -81.17 -9.90
CA ALA F 199 -44.20 -81.42 -8.85
C ALA F 199 -42.87 -80.79 -9.19
N LYS F 200 -42.60 -80.58 -10.48
CA LYS F 200 -41.38 -79.86 -10.85
C LYS F 200 -41.44 -78.42 -10.40
N ARG F 201 -42.63 -77.81 -10.40
CA ARG F 201 -42.78 -76.39 -10.10
C ARG F 201 -43.51 -76.10 -8.81
N ASN F 202 -44.08 -77.11 -8.15
CA ASN F 202 -44.83 -76.92 -6.91
C ASN F 202 -44.40 -78.00 -5.93
N GLY F 203 -43.68 -77.59 -4.88
CA GLY F 203 -43.21 -78.57 -3.92
C GLY F 203 -44.32 -79.28 -3.18
N GLY F 204 -45.46 -78.60 -2.98
CA GLY F 204 -46.54 -79.20 -2.21
C GLY F 204 -47.05 -80.48 -2.84
N ILE F 205 -47.28 -80.47 -4.14
CA ILE F 205 -47.70 -81.67 -4.85
C ILE F 205 -46.52 -82.62 -4.98
N GLN F 206 -46.74 -83.87 -4.61
CA GLN F 206 -45.72 -84.91 -4.70
C GLN F 206 -46.37 -86.23 -5.09
N TRP F 207 -45.67 -87.00 -5.91
CA TRP F 207 -46.21 -88.22 -6.50
C TRP F 207 -45.47 -89.43 -5.94
N MET F 208 -46.21 -90.35 -5.36
CA MET F 208 -45.61 -91.55 -4.81
C MET F 208 -45.17 -92.46 -5.94
N ASP F 209 -43.85 -92.59 -6.12
CA ASP F 209 -43.32 -93.51 -7.12
C ASP F 209 -43.60 -94.93 -6.66
N VAL F 210 -44.41 -95.66 -7.43
CA VAL F 210 -44.95 -96.94 -7.00
C VAL F 210 -43.89 -98.00 -6.78
N SER F 211 -42.68 -97.79 -7.29
CA SER F 211 -41.66 -98.83 -7.21
C SER F 211 -41.29 -99.14 -5.76
N GLU F 212 -41.28 -98.13 -4.91
CA GLU F 212 -40.84 -98.31 -3.53
C GLU F 212 -41.85 -97.83 -2.49
N GLY F 213 -42.98 -97.28 -2.91
CA GLY F 213 -43.86 -96.64 -1.95
C GLY F 213 -43.23 -95.45 -1.28
N THR F 214 -42.33 -94.76 -1.97
CA THR F 214 -41.66 -93.59 -1.43
C THR F 214 -42.31 -92.32 -1.95
N VAL F 215 -41.88 -91.18 -1.40
CA VAL F 215 -42.34 -89.89 -1.85
C VAL F 215 -41.36 -88.83 -1.35
N MET F 216 -41.06 -87.86 -2.21
CA MET F 216 -40.12 -86.82 -1.85
C MET F 216 -40.52 -85.52 -2.54
N ASN F 217 -39.70 -84.50 -2.34
CA ASN F 217 -39.91 -83.22 -3.00
C ASN F 217 -39.31 -83.24 -4.40
N GLU F 218 -39.87 -82.40 -5.26
CA GLU F 218 -39.47 -82.41 -6.66
C GLU F 218 -39.29 -81.03 -7.26
N ALA F 219 -39.68 -79.97 -6.57
CA ALA F 219 -39.67 -78.64 -7.17
C ALA F 219 -38.24 -78.20 -7.44
N VAL F 220 -38.02 -77.65 -8.64
CA VAL F 220 -36.69 -77.18 -9.02
C VAL F 220 -36.41 -75.77 -8.54
N ASN F 221 -37.44 -75.05 -8.08
CA ASN F 221 -37.34 -73.64 -7.73
C ASN F 221 -37.24 -73.42 -6.22
N ALA F 222 -36.62 -74.35 -5.50
CA ALA F 222 -36.69 -74.32 -4.04
C ALA F 222 -36.11 -73.03 -3.48
N VAL F 223 -34.98 -72.57 -4.02
CA VAL F 223 -34.32 -71.39 -3.48
C VAL F 223 -35.19 -70.16 -3.65
N ALA F 224 -35.83 -70.03 -4.82
CA ALA F 224 -36.59 -68.82 -5.10
C ALA F 224 -37.80 -68.70 -4.19
N ALA F 225 -38.50 -69.81 -3.94
CA ALA F 225 -39.72 -69.76 -3.13
C ALA F 225 -39.44 -69.17 -1.75
N SER F 226 -38.27 -69.46 -1.19
CA SER F 226 -37.93 -68.90 0.11
C SER F 226 -37.89 -67.38 0.05
N ALA F 227 -37.33 -66.82 -1.02
CA ALA F 227 -37.27 -65.37 -1.17
C ALA F 227 -38.65 -64.75 -1.25
N LEU F 228 -39.67 -65.53 -1.61
CA LEU F 228 -41.04 -65.06 -1.69
C LEU F 228 -41.89 -65.54 -0.53
N ALA F 229 -41.28 -66.17 0.45
CA ALA F 229 -42.09 -66.78 1.50
C ALA F 229 -41.95 -65.99 2.81
N PRO F 230 -43.05 -65.74 3.50
CA PRO F 230 -42.97 -65.02 4.77
C PRO F 230 -42.32 -65.88 5.84
N SER F 231 -41.64 -65.21 6.76
CA SER F 231 -41.48 -65.79 8.07
C SER F 231 -42.59 -65.29 8.97
N ALA F 232 -42.83 -66.01 10.05
CA ALA F 232 -43.95 -65.64 10.92
C ALA F 232 -43.70 -64.36 11.69
N SER F 233 -42.63 -63.64 11.34
CA SER F 233 -42.26 -62.41 12.01
C SER F 233 -42.39 -61.17 11.16
N ALA F 234 -42.39 -61.29 9.83
CA ALA F 234 -42.29 -60.12 8.97
C ALA F 234 -42.71 -60.52 7.57
N PRO F 235 -42.97 -59.55 6.68
CA PRO F 235 -43.37 -59.88 5.32
C PRO F 235 -42.23 -60.49 4.54
N PRO F 236 -42.52 -61.14 3.40
CA PRO F 236 -41.45 -61.75 2.60
C PRO F 236 -40.45 -60.73 2.09
N LEU F 237 -39.21 -61.18 1.94
CA LEU F 237 -38.15 -60.33 1.42
C LEU F 237 -38.44 -59.83 0.02
N GLU F 238 -39.20 -60.58 -0.77
CA GLU F 238 -39.37 -60.31 -2.19
C GLU F 238 -39.87 -58.89 -2.45
N GLU F 239 -41.07 -58.59 -1.96
CA GLU F 239 -41.66 -57.28 -2.19
C GLU F 239 -41.14 -56.21 -1.23
N LYS F 240 -40.66 -56.59 -0.05
CA LYS F 240 -40.03 -55.59 0.80
C LYS F 240 -38.91 -54.89 0.06
N SER F 241 -38.27 -55.61 -0.87
CA SER F 241 -37.36 -54.98 -1.82
C SER F 241 -38.11 -54.26 -2.94
N LYS F 242 -39.36 -54.62 -3.20
CA LYS F 242 -40.09 -54.07 -4.35
C LYS F 242 -40.95 -52.88 -3.97
N LEU F 243 -41.72 -52.99 -2.89
CA LEU F 243 -42.55 -51.87 -2.45
C LEU F 243 -41.73 -50.66 -2.09
N THR F 244 -40.41 -50.82 -1.92
CA THR F 244 -39.57 -49.66 -1.67
C THR F 244 -39.03 -49.06 -2.95
N GLU F 245 -38.75 -49.89 -3.96
CA GLU F 245 -38.16 -49.38 -5.19
C GLU F 245 -39.10 -48.41 -5.90
N GLN F 246 -40.40 -48.72 -5.90
CA GLN F 246 -41.35 -47.87 -6.60
C GLN F 246 -41.33 -46.45 -6.04
N ALA F 247 -41.12 -46.31 -4.74
CA ALA F 247 -40.94 -44.99 -4.18
C ALA F 247 -39.74 -44.30 -4.80
N MET F 248 -38.58 -44.96 -4.80
CA MET F 248 -37.41 -44.40 -5.47
C MET F 248 -37.68 -44.15 -6.94
N ASP F 249 -38.56 -44.94 -7.55
CA ASP F 249 -38.94 -44.71 -8.93
C ASP F 249 -39.81 -43.48 -9.07
N LEU F 250 -40.79 -43.33 -8.19
CA LEU F 250 -41.71 -42.20 -8.30
C LEU F 250 -41.00 -40.89 -8.00
N VAL F 251 -40.08 -40.91 -7.04
CA VAL F 251 -39.32 -39.70 -6.73
C VAL F 251 -38.44 -39.31 -7.92
N THR F 252 -37.78 -40.28 -8.53
CA THR F 252 -36.96 -40.01 -9.71
C THR F 252 -37.78 -39.31 -10.78
N ALA F 253 -39.04 -39.71 -10.94
CA ALA F 253 -39.91 -39.05 -11.91
C ALA F 253 -40.15 -37.60 -11.56
N ALA F 254 -40.44 -37.32 -10.28
CA ALA F 254 -40.79 -35.97 -9.89
C ALA F 254 -39.62 -35.02 -10.07
N GLU F 255 -38.39 -35.51 -9.94
CA GLU F 255 -37.18 -34.71 -10.03
C GLU F 255 -37.15 -33.64 -8.96
N PRO F 256 -36.94 -34.01 -7.69
CA PRO F 256 -36.95 -32.99 -6.63
C PRO F 256 -35.88 -31.93 -6.80
N GLU F 257 -34.96 -32.09 -7.74
CA GLU F 257 -34.07 -30.99 -8.11
C GLU F 257 -34.86 -29.81 -8.63
N ILE F 258 -35.96 -30.07 -9.34
CA ILE F 258 -36.75 -29.02 -9.95
C ILE F 258 -37.72 -28.41 -8.96
N ILE F 259 -38.52 -29.24 -8.30
CA ILE F 259 -39.61 -28.75 -7.47
C ILE F 259 -39.08 -28.17 -6.16
N ALA F 260 -37.76 -28.20 -5.99
CA ALA F 260 -37.13 -27.49 -4.88
C ALA F 260 -36.23 -26.36 -5.37
N SER F 261 -36.40 -25.93 -6.61
CA SER F 261 -35.49 -24.96 -7.20
C SER F 261 -35.82 -23.54 -6.77
N LEU F 262 -34.78 -22.76 -6.52
CA LEU F 262 -34.91 -21.35 -6.16
C LEU F 262 -34.45 -20.43 -7.28
N VAL F 263 -34.44 -20.92 -8.52
CA VAL F 263 -33.95 -20.14 -9.66
C VAL F 263 -34.93 -20.28 -10.81
N PRO F 264 -34.90 -19.35 -11.76
CA PRO F 264 -35.77 -19.49 -12.93
C PRO F 264 -35.46 -20.76 -13.70
N VAL F 265 -36.51 -21.42 -14.18
CA VAL F 265 -36.36 -22.69 -14.88
C VAL F 265 -37.14 -22.60 -16.19
N PRO F 266 -36.52 -22.94 -17.32
CA PRO F 266 -37.22 -22.86 -18.60
C PRO F 266 -38.50 -23.69 -18.61
N ALA F 267 -39.50 -23.17 -19.31
CA ALA F 267 -40.81 -23.80 -19.31
C ALA F 267 -40.83 -25.23 -19.83
N PRO F 268 -40.15 -25.58 -20.94
CA PRO F 268 -40.21 -26.98 -21.38
C PRO F 268 -39.71 -27.96 -20.34
N VAL F 269 -38.69 -27.58 -19.58
CA VAL F 269 -38.21 -28.44 -18.50
C VAL F 269 -39.31 -28.64 -17.46
N PHE F 270 -39.97 -27.55 -17.08
CA PHE F 270 -40.94 -27.62 -15.99
C PHE F 270 -42.26 -28.23 -16.42
N ALA F 271 -42.58 -28.15 -17.71
CA ALA F 271 -43.92 -28.46 -18.18
C ALA F 271 -44.25 -29.94 -18.05
N ILE F 272 -45.53 -30.24 -17.94
CA ILE F 272 -46.07 -31.60 -17.96
C ILE F 272 -47.32 -31.62 -18.82
N PRO F 273 -47.72 -32.79 -19.29
CA PRO F 273 -48.94 -32.88 -20.10
C PRO F 273 -50.15 -32.37 -19.34
N PRO F 274 -51.02 -31.63 -20.00
CA PRO F 274 -52.14 -30.99 -19.31
C PRO F 274 -53.42 -31.80 -19.37
N LYS F 275 -54.47 -31.28 -18.74
CA LYS F 275 -55.77 -31.93 -18.75
C LYS F 275 -56.86 -30.92 -19.08
N PRO F 276 -57.96 -31.38 -19.67
CA PRO F 276 -59.07 -30.46 -19.94
C PRO F 276 -59.64 -29.89 -18.66
N ALA F 277 -60.22 -28.70 -18.77
CA ALA F 277 -60.83 -28.00 -17.66
C ALA F 277 -62.16 -27.42 -18.13
N ASP F 278 -62.87 -26.76 -17.22
CA ASP F 278 -64.21 -26.27 -17.50
C ASP F 278 -64.37 -24.87 -16.90
N TYR F 279 -65.17 -24.03 -17.58
CA TYR F 279 -65.38 -22.67 -17.12
C TYR F 279 -66.78 -22.23 -17.52
N ASN F 280 -67.20 -21.09 -16.94
CA ASN F 280 -68.43 -20.40 -17.34
C ASN F 280 -68.12 -18.91 -17.35
N VAL F 281 -67.97 -18.36 -18.55
CA VAL F 281 -67.53 -16.98 -18.69
C VAL F 281 -68.55 -16.03 -18.09
N ARG F 282 -69.84 -16.33 -18.26
CA ARG F 282 -70.88 -15.42 -17.80
C ARG F 282 -70.79 -15.21 -16.29
N THR F 283 -70.57 -16.27 -15.53
CA THR F 283 -70.48 -16.17 -14.10
C THR F 283 -69.04 -15.99 -13.59
N LEU F 284 -68.07 -15.91 -14.49
CA LEU F 284 -66.68 -15.78 -14.07
C LEU F 284 -66.39 -14.33 -13.66
N ARG F 285 -66.12 -14.15 -12.36
CA ARG F 285 -65.79 -12.84 -11.73
C ARG F 285 -64.78 -12.12 -12.62
N ILE F 286 -65.08 -10.88 -13.01
CA ILE F 286 -64.21 -10.28 -14.02
C ILE F 286 -62.81 -10.05 -13.50
N ASP F 287 -62.67 -9.70 -12.22
CA ASP F 287 -61.36 -9.36 -11.67
C ASP F 287 -60.48 -10.57 -11.41
N GLU F 288 -61.06 -11.77 -11.35
CA GLU F 288 -60.26 -12.93 -11.04
C GLU F 288 -59.62 -13.53 -12.28
N ALA F 289 -60.35 -13.62 -13.38
CA ALA F 289 -59.81 -14.09 -14.65
C ALA F 289 -59.23 -12.90 -15.39
N THR F 290 -57.94 -12.68 -15.24
CA THR F 290 -57.28 -11.50 -15.79
C THR F 290 -57.09 -11.58 -17.28
N TRP F 291 -57.77 -12.52 -17.93
CA TRP F 291 -57.65 -12.71 -19.36
C TRP F 291 -58.95 -12.41 -20.10
N LEU F 292 -59.96 -11.94 -19.40
CA LEU F 292 -61.26 -11.63 -20.00
C LEU F 292 -61.39 -10.11 -20.12
N ARG F 293 -61.72 -9.65 -21.31
CA ARG F 293 -62.03 -8.25 -21.55
C ARG F 293 -63.54 -8.07 -21.62
N MET F 294 -64.03 -6.97 -21.08
CA MET F 294 -65.46 -6.74 -20.99
C MET F 294 -65.78 -5.28 -21.27
N ILE F 295 -66.60 -5.04 -22.28
CA ILE F 295 -67.13 -3.69 -22.48
C ILE F 295 -68.02 -3.35 -21.29
N PRO F 296 -67.89 -2.16 -20.70
CA PRO F 296 -68.74 -1.82 -19.56
C PRO F 296 -70.21 -1.86 -19.96
N LYS F 297 -71.08 -1.77 -18.96
CA LYS F 297 -72.51 -1.73 -19.24
C LYS F 297 -73.09 -0.42 -18.74
N SER F 298 -74.36 -0.21 -19.09
CA SER F 298 -75.08 1.04 -18.85
C SER F 298 -74.33 2.23 -19.46
N MET F 299 -74.26 2.21 -20.79
CA MET F 299 -74.01 3.42 -21.56
C MET F 299 -75.12 3.75 -22.55
N ASN F 300 -76.00 2.79 -22.85
CA ASN F 300 -77.03 3.00 -23.86
C ASN F 300 -76.55 2.84 -25.28
N THR F 301 -75.24 2.68 -25.49
CA THR F 301 -74.73 2.43 -26.82
C THR F 301 -75.22 1.09 -27.33
N PRO F 302 -75.45 1.02 -28.64
CA PRO F 302 -76.01 -0.18 -29.25
C PRO F 302 -75.89 -0.11 -30.76
N PHE F 303 -75.40 -1.16 -31.40
CA PHE F 303 -75.16 -1.12 -32.85
C PHE F 303 -75.06 -2.55 -33.38
N GLN F 304 -74.74 -2.67 -34.67
CA GLN F 304 -74.62 -3.94 -35.35
C GLN F 304 -73.42 -3.85 -36.29
N ILE F 305 -72.95 -5.01 -36.75
CA ILE F 305 -71.78 -5.09 -37.62
C ILE F 305 -71.89 -6.36 -38.46
N GLN F 306 -71.12 -6.41 -39.55
CA GLN F 306 -71.18 -7.49 -40.53
C GLN F 306 -69.78 -7.99 -40.83
N VAL F 307 -69.58 -9.31 -40.75
CA VAL F 307 -68.25 -9.91 -40.86
C VAL F 307 -68.36 -11.23 -41.60
N THR F 308 -67.53 -11.40 -42.63
CA THR F 308 -67.58 -12.59 -43.46
C THR F 308 -66.75 -13.71 -42.83
N ASP F 309 -66.61 -14.82 -43.57
CA ASP F 309 -65.84 -15.97 -43.13
C ASP F 309 -64.83 -16.35 -44.19
N ASN F 310 -64.19 -17.51 -44.05
CA ASN F 310 -63.25 -17.96 -45.07
C ASN F 310 -63.92 -18.19 -46.42
N THR F 311 -65.20 -18.52 -46.43
CA THR F 311 -65.92 -18.77 -47.67
C THR F 311 -66.42 -17.51 -48.34
N GLY F 312 -66.31 -16.35 -47.69
CA GLY F 312 -66.66 -15.09 -48.30
C GLY F 312 -68.10 -14.67 -48.13
N THR F 313 -68.97 -15.51 -47.58
CA THR F 313 -70.35 -15.12 -47.33
C THR F 313 -70.43 -14.21 -46.11
N ASN F 314 -71.23 -13.15 -46.23
CA ASN F 314 -71.37 -12.15 -45.18
C ASN F 314 -72.32 -12.63 -44.08
N TRP F 315 -72.28 -11.95 -42.94
CA TRP F 315 -73.07 -12.33 -41.78
C TRP F 315 -73.48 -11.07 -41.03
N HIS F 316 -74.56 -11.19 -40.26
CA HIS F 316 -75.16 -10.06 -39.57
C HIS F 316 -75.33 -10.40 -38.11
N LEU F 317 -74.90 -9.49 -37.23
CA LEU F 317 -75.01 -9.69 -35.80
C LEU F 317 -75.14 -8.37 -35.05
N ASN F 318 -75.07 -8.44 -33.73
CA ASN F 318 -75.18 -7.27 -32.87
C ASN F 318 -74.00 -7.20 -31.91
N LEU F 319 -73.86 -6.05 -31.25
CA LEU F 319 -72.93 -5.87 -30.15
C LEU F 319 -73.48 -4.89 -29.15
N ARG F 320 -73.09 -5.05 -27.89
CA ARG F 320 -73.46 -4.11 -26.84
C ARG F 320 -72.59 -4.39 -25.62
N GLY F 321 -72.77 -3.57 -24.58
CA GLY F 321 -71.95 -3.66 -23.40
C GLY F 321 -72.22 -4.90 -22.58
N GLY F 322 -71.35 -5.11 -21.60
CA GLY F 322 -71.37 -6.32 -20.82
C GLY F 322 -70.75 -7.51 -21.51
N THR F 323 -70.34 -7.34 -22.77
CA THR F 323 -69.90 -8.45 -23.58
C THR F 323 -68.50 -8.88 -23.15
N ARG F 324 -68.33 -10.17 -22.92
CA ARG F 324 -67.06 -10.72 -22.50
C ARG F 324 -66.38 -11.39 -23.68
N VAL F 325 -65.05 -11.25 -23.76
CA VAL F 325 -64.23 -11.89 -24.77
C VAL F 325 -63.00 -12.44 -24.07
N VAL F 326 -62.26 -13.28 -24.78
CA VAL F 326 -61.01 -13.82 -24.28
C VAL F 326 -59.87 -13.17 -25.06
N ASN F 327 -58.83 -12.78 -24.35
CA ASN F 327 -57.65 -12.21 -24.99
C ASN F 327 -56.85 -13.36 -25.56
N LEU F 328 -56.96 -13.57 -26.88
CA LEU F 328 -56.30 -14.71 -27.50
C LEU F 328 -54.80 -14.64 -27.31
N ASP F 329 -54.25 -13.43 -27.20
CA ASP F 329 -52.81 -13.28 -27.03
C ASP F 329 -52.39 -13.86 -25.70
N GLN F 330 -51.13 -14.29 -25.65
CA GLN F 330 -50.47 -14.79 -24.44
C GLN F 330 -51.31 -15.83 -23.71
N ILE F 331 -51.93 -16.74 -24.46
CA ILE F 331 -52.67 -17.84 -23.85
C ILE F 331 -52.24 -19.16 -24.48
N ALA F 332 -51.02 -19.21 -25.04
CA ALA F 332 -50.31 -20.48 -25.20
C ALA F 332 -51.16 -21.55 -25.87
N PRO F 333 -51.26 -21.57 -27.20
CA PRO F 333 -52.50 -21.93 -27.90
C PRO F 333 -53.42 -22.97 -27.27
N MET F 334 -54.70 -22.63 -27.26
CA MET F 334 -55.77 -23.39 -26.64
C MET F 334 -56.70 -23.96 -27.71
N ARG F 335 -57.54 -24.91 -27.28
CA ARG F 335 -58.65 -25.39 -28.08
C ARG F 335 -59.94 -25.12 -27.32
N PHE F 336 -60.92 -24.54 -28.00
CA PHE F 336 -62.16 -24.08 -27.37
C PHE F 336 -63.34 -24.90 -27.85
N VAL F 337 -64.05 -25.53 -26.92
CA VAL F 337 -65.29 -26.23 -27.22
C VAL F 337 -66.36 -25.75 -26.26
N LEU F 338 -67.48 -25.27 -26.80
CA LEU F 338 -68.50 -24.60 -26.02
C LEU F 338 -69.86 -25.20 -26.33
N ASP F 339 -70.44 -25.90 -25.35
CA ASP F 339 -71.72 -26.58 -25.51
C ASP F 339 -72.83 -25.71 -24.94
N LEU F 340 -73.67 -25.16 -25.81
CA LEU F 340 -74.82 -24.39 -25.37
C LEU F 340 -75.91 -25.27 -24.78
N GLY F 341 -75.79 -26.58 -24.87
CA GLY F 341 -76.82 -27.47 -24.40
C GLY F 341 -77.14 -27.29 -22.94
N GLY F 342 -78.38 -26.96 -22.62
CA GLY F 342 -78.81 -26.76 -21.25
C GLY F 342 -79.27 -25.36 -20.91
N LYS F 343 -79.34 -24.44 -21.86
CA LYS F 343 -79.62 -23.03 -21.57
C LYS F 343 -80.93 -22.64 -22.25
N SER F 344 -81.49 -21.50 -21.86
CA SER F 344 -82.78 -21.07 -22.39
C SER F 344 -82.65 -19.99 -23.46
N TYR F 345 -82.12 -18.83 -23.10
CA TYR F 345 -81.89 -17.69 -24.00
C TYR F 345 -83.16 -17.22 -24.69
N LYS F 346 -84.32 -17.71 -24.30
CA LYS F 346 -85.56 -17.32 -24.96
C LYS F 346 -85.88 -15.86 -24.66
N GLU F 347 -86.37 -15.15 -25.68
CA GLU F 347 -86.71 -13.74 -25.56
C GLU F 347 -88.07 -13.48 -26.17
N THR F 348 -88.71 -12.41 -25.70
CA THR F 348 -90.15 -12.22 -25.92
C THR F 348 -90.50 -12.25 -27.41
N SER F 349 -89.59 -11.83 -28.28
CA SER F 349 -89.82 -11.90 -29.72
C SER F 349 -88.78 -12.72 -30.44
N TRP F 350 -87.84 -13.32 -29.74
CA TRP F 350 -86.73 -14.05 -30.36
C TRP F 350 -86.53 -15.34 -29.60
N ASP F 351 -86.96 -16.45 -30.19
CA ASP F 351 -86.50 -17.74 -29.72
C ASP F 351 -85.16 -18.05 -30.38
N PRO F 352 -84.36 -18.91 -29.77
CA PRO F 352 -83.05 -19.23 -30.36
C PRO F 352 -83.11 -20.32 -31.40
N ASN F 353 -84.21 -21.05 -31.50
CA ASN F 353 -84.26 -22.23 -32.35
C ASN F 353 -84.08 -21.86 -33.81
N GLY F 354 -83.49 -22.78 -34.57
CA GLY F 354 -83.34 -22.61 -36.00
C GLY F 354 -82.16 -21.75 -36.37
N LYS F 355 -81.87 -20.75 -35.54
CA LYS F 355 -80.78 -19.83 -35.82
C LYS F 355 -79.45 -20.54 -35.63
N LYS F 356 -78.38 -19.79 -35.82
CA LYS F 356 -77.03 -20.32 -35.68
C LYS F 356 -76.20 -19.36 -34.85
N VAL F 357 -75.19 -19.91 -34.16
CA VAL F 357 -74.21 -19.12 -33.44
C VAL F 357 -72.82 -19.64 -33.77
N GLY F 358 -71.82 -18.79 -33.58
CA GLY F 358 -70.47 -19.17 -33.96
C GLY F 358 -69.42 -18.30 -33.32
N PHE F 359 -68.16 -18.68 -33.56
CA PHE F 359 -67.01 -17.97 -33.03
C PHE F 359 -66.62 -16.82 -33.95
N ILE F 360 -66.18 -15.73 -33.37
CA ILE F 360 -65.70 -14.56 -34.10
C ILE F 360 -64.34 -14.16 -33.56
N VAL F 361 -63.39 -13.91 -34.46
CA VAL F 361 -62.06 -13.45 -34.09
C VAL F 361 -61.93 -12.00 -34.55
N PHE F 362 -61.30 -11.18 -33.72
CA PHE F 362 -61.15 -9.75 -34.00
C PHE F 362 -59.68 -9.37 -33.96
N GLN F 363 -59.38 -8.25 -34.60
CA GLN F 363 -58.00 -7.81 -34.75
C GLN F 363 -58.01 -6.30 -34.88
N SER F 364 -57.27 -5.59 -34.03
CA SER F 364 -57.26 -4.13 -34.06
C SER F 364 -56.13 -3.60 -33.20
N LYS F 365 -55.92 -2.28 -33.33
CA LYS F 365 -55.18 -1.54 -32.32
C LYS F 365 -56.10 -1.10 -31.19
N ILE F 366 -57.29 -0.63 -31.53
CA ILE F 366 -58.21 -0.07 -30.54
C ILE F 366 -58.59 -1.14 -29.54
N PRO F 367 -58.41 -0.91 -28.26
CA PRO F 367 -58.77 -1.94 -27.27
C PRO F 367 -60.27 -2.21 -27.25
N PHE F 368 -60.61 -3.43 -26.86
CA PHE F 368 -61.99 -3.91 -26.96
C PHE F 368 -62.93 -3.09 -26.07
N GLU F 369 -62.41 -2.44 -25.04
CA GLU F 369 -63.26 -1.66 -24.15
C GLU F 369 -63.85 -0.44 -24.86
N LEU F 370 -63.05 0.27 -25.64
CA LEU F 370 -63.52 1.53 -26.22
C LEU F 370 -64.52 1.31 -27.35
N TRP F 371 -64.69 0.08 -27.82
CA TRP F 371 -65.56 -0.21 -28.95
C TRP F 371 -66.96 0.36 -28.72
N THR F 372 -67.34 1.33 -29.54
CA THR F 372 -68.67 1.91 -29.44
C THR F 372 -69.33 2.15 -30.78
N ALA F 373 -68.60 2.06 -31.89
CA ALA F 373 -69.16 2.16 -33.24
C ALA F 373 -68.71 0.94 -34.03
N ALA F 374 -68.88 1.01 -35.35
CA ALA F 374 -68.61 -0.13 -36.20
C ALA F 374 -67.21 -0.13 -36.81
N SER F 375 -66.55 1.03 -36.89
CA SER F 375 -65.27 1.10 -37.59
C SER F 375 -64.08 0.95 -36.67
N GLN F 376 -64.29 0.54 -35.43
CA GLN F 376 -63.21 0.36 -34.46
C GLN F 376 -62.78 -1.09 -34.34
N ILE F 377 -63.32 -1.99 -35.16
CA ILE F 377 -63.00 -3.41 -35.05
C ILE F 377 -61.81 -3.80 -35.91
N GLY F 378 -61.36 -2.92 -36.80
CA GLY F 378 -60.24 -3.24 -37.67
C GLY F 378 -60.50 -4.47 -38.52
N GLN F 379 -59.84 -5.56 -38.20
CA GLN F 379 -59.98 -6.80 -38.95
C GLN F 379 -60.88 -7.77 -38.20
N ALA F 380 -61.61 -8.60 -38.97
CA ALA F 380 -62.54 -9.55 -38.40
C ALA F 380 -62.78 -10.69 -39.39
N THR F 381 -63.12 -11.85 -38.83
CA THR F 381 -63.45 -13.03 -39.61
C THR F 381 -64.26 -13.96 -38.72
N VAL F 382 -65.12 -14.76 -39.33
CA VAL F 382 -65.94 -15.74 -38.62
C VAL F 382 -65.34 -17.12 -38.89
N VAL F 383 -64.88 -17.78 -37.84
CA VAL F 383 -64.02 -18.95 -37.99
C VAL F 383 -64.78 -20.27 -37.85
N ASN F 384 -65.96 -20.26 -37.25
CA ASN F 384 -66.79 -21.46 -37.16
C ASN F 384 -68.20 -21.03 -36.73
N TYR F 385 -69.13 -21.96 -36.84
CA TYR F 385 -70.52 -21.71 -36.47
C TYR F 385 -71.31 -22.99 -36.58
N VAL F 386 -72.44 -23.04 -35.86
CA VAL F 386 -73.35 -24.18 -35.88
C VAL F 386 -74.77 -23.67 -35.59
N GLN F 387 -75.75 -24.48 -35.96
CA GLN F 387 -77.17 -24.22 -35.75
C GLN F 387 -77.59 -24.64 -34.35
N LEU F 388 -78.78 -24.20 -33.93
CA LEU F 388 -79.34 -24.50 -32.63
C LEU F 388 -80.58 -25.37 -32.79
N TYR F 389 -80.66 -26.45 -32.03
CA TYR F 389 -81.85 -27.29 -31.96
C TYR F 389 -82.35 -27.27 -30.53
N ALA F 390 -83.59 -26.83 -30.33
CA ALA F 390 -84.18 -26.74 -29.00
C ALA F 390 -85.23 -27.83 -28.84
N GLU F 391 -85.01 -28.72 -27.89
CA GLU F 391 -86.05 -29.61 -27.37
C GLU F 391 -86.68 -28.96 -26.15
N ASP F 392 -87.44 -29.73 -25.37
CA ASP F 392 -88.03 -29.20 -24.15
C ASP F 392 -87.63 -30.08 -22.97
N SER F 393 -87.74 -29.50 -21.78
CA SER F 393 -87.14 -30.07 -20.57
C SER F 393 -88.21 -30.38 -19.54
N SER F 394 -87.76 -30.80 -18.35
CA SER F 394 -88.65 -30.95 -17.21
C SER F 394 -89.29 -29.62 -16.86
N PHE F 395 -88.49 -28.56 -16.80
CA PHE F 395 -88.99 -27.27 -16.35
C PHE F 395 -90.12 -26.83 -17.27
N THR F 396 -91.34 -26.78 -16.72
CA THR F 396 -92.56 -26.87 -17.50
C THR F 396 -92.64 -25.76 -18.54
N ALA F 397 -93.18 -26.11 -19.72
CA ALA F 397 -93.57 -25.15 -20.74
C ALA F 397 -92.39 -24.43 -21.36
N GLN F 398 -91.20 -24.64 -20.82
CA GLN F 398 -90.00 -23.94 -21.23
C GLN F 398 -89.09 -24.89 -21.99
N SER F 399 -88.74 -24.53 -23.22
CA SER F 399 -87.83 -25.29 -24.06
C SER F 399 -86.39 -25.03 -23.66
N ILE F 400 -85.51 -25.94 -24.06
CA ILE F 400 -84.08 -25.85 -23.79
C ILE F 400 -83.31 -26.23 -25.04
N ILE F 401 -82.09 -25.71 -25.14
CA ILE F 401 -81.17 -26.03 -26.22
C ILE F 401 -80.70 -27.47 -26.09
N ALA F 402 -80.45 -28.11 -27.22
CA ALA F 402 -79.85 -29.44 -27.22
C ALA F 402 -78.33 -29.30 -27.30
N THR F 403 -77.63 -30.43 -27.21
CA THR F 403 -76.17 -30.41 -27.13
C THR F 403 -75.57 -29.78 -28.39
N THR F 404 -74.53 -28.96 -28.18
CA THR F 404 -73.83 -28.25 -29.24
C THR F 404 -72.33 -28.43 -29.05
N SER F 405 -71.56 -28.20 -30.11
CA SER F 405 -70.12 -28.43 -30.07
C SER F 405 -69.35 -27.35 -30.83
N LEU F 406 -69.72 -26.09 -30.65
CA LEU F 406 -68.96 -25.02 -31.30
C LEU F 406 -67.50 -25.14 -30.92
N ALA F 407 -66.64 -25.43 -31.90
CA ALA F 407 -65.26 -25.80 -31.66
C ALA F 407 -64.33 -24.95 -32.49
N TYR F 408 -63.23 -24.51 -31.87
CA TYR F 408 -62.18 -23.76 -32.55
C TYR F 408 -60.92 -23.84 -31.73
N ASN F 409 -59.76 -23.83 -32.42
CA ASN F 409 -58.47 -23.88 -31.75
C ASN F 409 -57.59 -22.72 -32.21
N TYR F 410 -57.30 -21.82 -31.29
CA TYR F 410 -56.43 -20.68 -31.53
C TYR F 410 -55.01 -21.14 -31.78
N GLU F 411 -54.41 -20.66 -32.87
CA GLU F 411 -53.00 -20.93 -33.15
C GLU F 411 -52.27 -19.63 -33.45
N PRO F 412 -51.25 -19.27 -32.68
CA PRO F 412 -50.53 -18.02 -32.96
C PRO F 412 -49.80 -18.01 -34.30
N GLU F 413 -48.99 -19.03 -34.58
CA GLU F 413 -48.13 -18.99 -35.76
C GLU F 413 -48.92 -18.77 -37.05
N GLN F 414 -50.08 -19.40 -37.18
CA GLN F 414 -50.95 -19.06 -38.31
C GLN F 414 -51.41 -17.62 -38.24
N LEU F 415 -51.80 -17.16 -37.05
CA LEU F 415 -52.29 -15.79 -36.92
C LEU F 415 -51.16 -14.77 -37.11
N ASN F 416 -49.90 -15.22 -37.03
CA ASN F 416 -48.75 -14.47 -37.52
C ASN F 416 -48.66 -13.10 -36.83
N LYS F 417 -48.37 -13.17 -35.53
CA LYS F 417 -48.15 -11.95 -34.75
C LYS F 417 -46.99 -11.17 -35.34
N THR F 418 -47.24 -9.91 -35.65
CA THR F 418 -46.19 -9.04 -36.16
C THR F 418 -46.14 -7.71 -35.44
N ASP F 419 -47.29 -7.14 -35.10
CA ASP F 419 -47.34 -5.77 -34.61
C ASP F 419 -47.44 -5.77 -33.09
N PRO F 420 -46.56 -5.08 -32.38
CA PRO F 420 -46.70 -5.00 -30.91
C PRO F 420 -47.97 -4.30 -30.47
N GLU F 421 -48.61 -3.53 -31.34
CA GLU F 421 -49.79 -2.76 -31.00
C GLU F 421 -51.09 -3.47 -31.40
N MET F 422 -51.01 -4.74 -31.75
CA MET F 422 -52.19 -5.48 -32.13
C MET F 422 -52.99 -5.89 -30.90
N ASN F 423 -54.13 -6.55 -31.17
CA ASN F 423 -55.04 -7.05 -30.15
C ASN F 423 -55.98 -8.04 -30.79
N TYR F 424 -56.20 -9.17 -30.13
CA TYR F 424 -56.99 -10.25 -30.70
C TYR F 424 -57.98 -10.77 -29.66
N TYR F 425 -59.25 -10.89 -30.07
CA TYR F 425 -60.30 -11.35 -29.17
C TYR F 425 -61.18 -12.38 -29.85
N LEU F 426 -61.82 -13.21 -29.04
CA LEU F 426 -62.72 -14.26 -29.51
C LEU F 426 -64.11 -14.00 -28.95
N LEU F 427 -65.11 -14.08 -29.82
CA LEU F 427 -66.48 -13.77 -29.45
C LEU F 427 -67.40 -14.82 -30.02
N ALA F 428 -68.39 -15.23 -29.23
CA ALA F 428 -69.38 -16.20 -29.65
C ALA F 428 -70.76 -15.67 -29.28
N THR F 429 -71.66 -15.61 -30.26
CA THR F 429 -72.99 -15.06 -30.05
C THR F 429 -73.85 -15.43 -31.26
N PHE F 430 -75.09 -14.97 -31.25
CA PHE F 430 -75.98 -15.24 -32.35
C PHE F 430 -75.51 -14.54 -33.61
N ILE F 431 -75.52 -15.26 -34.72
CA ILE F 431 -75.18 -14.71 -36.02
C ILE F 431 -76.28 -15.11 -37.00
N ASP F 432 -76.50 -14.28 -38.00
CA ASP F 432 -77.61 -14.54 -38.91
C ASP F 432 -77.33 -13.95 -40.28
N SER F 433 -77.96 -14.54 -41.29
CA SER F 433 -77.87 -14.03 -42.64
C SER F 433 -78.41 -12.60 -42.72
N ALA F 434 -79.64 -12.39 -42.26
CA ALA F 434 -80.24 -11.08 -42.21
C ALA F 434 -79.91 -10.40 -40.90
N ALA F 435 -79.89 -9.07 -40.91
CA ALA F 435 -79.61 -8.29 -39.72
C ALA F 435 -80.63 -8.61 -38.63
N ILE F 436 -80.32 -8.12 -37.43
CA ILE F 436 -81.15 -8.37 -36.25
C ILE F 436 -81.54 -7.03 -35.63
N THR F 437 -82.82 -6.89 -35.29
CA THR F 437 -83.22 -5.75 -34.49
C THR F 437 -82.49 -5.77 -33.16
N PRO F 438 -81.85 -4.66 -32.77
CA PRO F 438 -81.03 -4.68 -31.54
C PRO F 438 -81.83 -4.92 -30.28
N THR F 439 -83.15 -4.83 -30.34
CA THR F 439 -83.99 -5.03 -29.17
C THR F 439 -84.80 -6.32 -29.23
N ASN F 440 -84.91 -6.95 -30.40
CA ASN F 440 -85.49 -8.29 -30.44
C ASN F 440 -84.61 -9.27 -29.71
N MET F 441 -83.32 -8.98 -29.60
CA MET F 441 -82.36 -9.76 -28.83
C MET F 441 -81.75 -8.85 -27.77
N THR F 442 -81.42 -9.44 -26.61
CA THR F 442 -80.90 -8.67 -25.49
C THR F 442 -79.61 -9.22 -24.89
N GLN F 443 -79.23 -10.45 -25.19
CA GLN F 443 -78.10 -11.06 -24.50
C GLN F 443 -76.79 -10.44 -24.96
N PRO F 444 -75.95 -9.95 -24.06
CA PRO F 444 -74.70 -9.29 -24.48
C PRO F 444 -73.81 -10.20 -25.29
N ASP F 445 -73.87 -11.50 -25.03
CA ASP F 445 -73.29 -12.56 -25.85
C ASP F 445 -73.89 -13.86 -25.35
N VAL F 446 -73.37 -14.98 -25.81
CA VAL F 446 -73.95 -16.26 -25.43
C VAL F 446 -73.01 -17.02 -24.49
N TRP F 447 -72.15 -16.31 -23.77
CA TRP F 447 -71.20 -16.99 -22.89
C TRP F 447 -71.88 -17.69 -21.72
N ASP F 448 -73.16 -17.41 -21.47
CA ASP F 448 -73.87 -18.08 -20.38
C ASP F 448 -74.11 -19.51 -20.82
N ALA F 449 -73.09 -20.34 -20.63
CA ALA F 449 -73.06 -21.71 -21.11
C ALA F 449 -71.89 -22.41 -20.44
N LEU F 450 -71.56 -23.60 -20.92
CA LEU F 450 -70.39 -24.33 -20.45
C LEU F 450 -69.33 -24.39 -21.54
N LEU F 451 -68.11 -24.02 -21.18
CA LEU F 451 -66.96 -24.11 -22.06
C LEU F 451 -65.98 -25.15 -21.54
N THR F 452 -65.35 -25.86 -22.46
CA THR F 452 -64.26 -26.77 -22.16
C THR F 452 -62.99 -26.24 -22.79
N MET F 453 -61.89 -26.31 -22.07
CA MET F 453 -60.69 -25.57 -22.45
C MET F 453 -59.47 -26.47 -22.26
N SER F 454 -58.90 -26.93 -23.37
CA SER F 454 -57.77 -27.84 -23.35
C SER F 454 -56.55 -27.18 -23.97
N PRO F 455 -55.36 -27.35 -23.40
CA PRO F 455 -54.16 -26.79 -24.00
C PRO F 455 -53.75 -27.51 -25.27
N LEU F 456 -53.03 -26.80 -26.12
CA LEU F 456 -52.43 -27.36 -27.31
C LEU F 456 -50.91 -27.27 -27.34
N SER F 457 -50.33 -26.21 -26.79
CA SER F 457 -48.91 -26.16 -26.57
C SER F 457 -48.52 -27.12 -25.45
N ALA F 458 -47.25 -27.53 -25.46
CA ALA F 458 -46.77 -28.47 -24.46
C ALA F 458 -45.71 -27.87 -23.54
N GLY F 459 -44.60 -27.40 -24.09
CA GLY F 459 -43.48 -26.94 -23.30
C GLY F 459 -43.55 -25.48 -22.91
N GLU F 460 -44.71 -24.85 -23.03
CA GLU F 460 -44.89 -23.44 -22.76
C GLU F 460 -46.07 -23.28 -21.80
N VAL F 461 -45.84 -22.57 -20.68
CA VAL F 461 -46.78 -22.57 -19.57
C VAL F 461 -47.08 -21.14 -19.13
N THR F 462 -48.28 -20.93 -18.61
CA THR F 462 -48.71 -19.65 -18.08
C THR F 462 -48.70 -19.67 -16.56
N VAL F 463 -48.56 -18.47 -15.98
CA VAL F 463 -48.69 -18.28 -14.54
C VAL F 463 -49.61 -17.09 -14.31
N LYS F 464 -50.70 -17.31 -13.57
CA LYS F 464 -51.69 -16.28 -13.32
C LYS F 464 -52.19 -15.68 -14.63
N GLY F 465 -52.51 -16.52 -15.60
CA GLY F 465 -53.07 -16.07 -16.85
C GLY F 465 -52.11 -15.37 -17.77
N ALA F 466 -50.80 -15.45 -17.53
CA ALA F 466 -49.80 -14.84 -18.37
C ALA F 466 -48.71 -15.86 -18.67
N VAL F 467 -48.27 -15.91 -19.91
CA VAL F 467 -47.27 -16.90 -20.34
C VAL F 467 -45.89 -16.32 -20.14
N VAL F 468 -44.92 -17.19 -19.83
CA VAL F 468 -43.56 -16.76 -19.53
C VAL F 468 -42.60 -17.88 -19.86
N SER F 469 -41.41 -17.52 -20.36
CA SER F 469 -40.43 -18.53 -20.72
C SER F 469 -39.84 -19.22 -19.50
N GLU F 470 -39.43 -18.45 -18.50
CA GLU F 470 -38.83 -19.01 -17.30
C GLU F 470 -39.84 -19.02 -16.17
N VAL F 471 -39.61 -19.92 -15.22
CA VAL F 471 -40.46 -20.03 -14.04
C VAL F 471 -39.62 -20.47 -12.86
N VAL F 472 -39.95 -19.95 -11.68
CA VAL F 472 -39.29 -20.33 -10.43
C VAL F 472 -40.29 -21.15 -9.62
N PRO F 473 -40.00 -22.42 -9.32
CA PRO F 473 -40.98 -23.21 -8.56
C PRO F 473 -41.33 -22.60 -7.22
N ALA F 474 -40.37 -22.00 -6.54
CA ALA F 474 -40.62 -21.49 -5.19
C ALA F 474 -41.60 -20.33 -5.21
N ASP F 475 -41.57 -19.51 -6.26
CA ASP F 475 -42.44 -18.34 -6.21
C ASP F 475 -43.90 -18.69 -6.39
N LEU F 476 -44.24 -19.97 -6.36
CA LEU F 476 -45.63 -20.41 -6.45
C LEU F 476 -46.23 -20.80 -5.11
N ILE F 477 -45.40 -21.19 -4.13
CA ILE F 477 -45.92 -21.78 -2.90
C ILE F 477 -46.72 -20.75 -2.12
N GLY F 478 -47.98 -21.06 -1.88
CA GLY F 478 -48.82 -20.23 -1.02
C GLY F 478 -49.13 -18.85 -1.56
N SER F 479 -49.42 -18.75 -2.85
CA SER F 479 -49.81 -17.48 -3.45
C SER F 479 -51.06 -17.55 -4.31
N TYR F 480 -51.45 -18.73 -4.78
CA TYR F 480 -52.66 -18.88 -5.56
C TYR F 480 -53.84 -19.02 -4.61
N THR F 481 -54.64 -17.97 -4.48
CA THR F 481 -55.81 -18.02 -3.63
C THR F 481 -56.81 -19.03 -4.19
N PRO F 482 -57.69 -19.57 -3.33
CA PRO F 482 -58.66 -20.54 -3.82
C PRO F 482 -59.48 -20.03 -5.00
N GLU F 483 -59.82 -18.75 -5.01
CA GLU F 483 -60.51 -18.18 -6.15
C GLU F 483 -59.60 -18.17 -7.37
N SER F 484 -58.40 -17.64 -7.22
CA SER F 484 -57.52 -17.42 -8.36
C SER F 484 -57.19 -18.73 -9.07
N LEU F 485 -57.11 -19.83 -8.32
CA LEU F 485 -56.90 -21.12 -8.94
C LEU F 485 -58.07 -21.47 -9.87
N ASN F 486 -59.29 -21.37 -9.36
CA ASN F 486 -60.44 -21.78 -10.15
C ASN F 486 -60.54 -20.96 -11.43
N THR F 487 -60.28 -19.67 -11.35
CA THR F 487 -60.31 -18.79 -12.50
C THR F 487 -59.05 -18.86 -13.34
N SER F 488 -58.17 -19.81 -13.09
CA SER F 488 -56.91 -19.88 -13.82
C SER F 488 -57.09 -20.64 -15.13
N LEU F 489 -55.99 -20.88 -15.81
CA LEU F 489 -55.96 -21.58 -17.09
C LEU F 489 -55.70 -23.06 -16.88
N PRO F 490 -55.90 -23.87 -17.91
CA PRO F 490 -55.45 -25.26 -17.82
C PRO F 490 -53.93 -25.37 -17.80
N ASN F 491 -53.27 -24.72 -18.77
CA ASN F 491 -51.83 -24.87 -18.91
C ASN F 491 -51.09 -23.98 -17.94
N ASP F 492 -51.45 -24.05 -16.66
CA ASP F 492 -50.92 -23.13 -15.67
C ASP F 492 -49.82 -23.80 -14.86
N ALA F 493 -48.90 -22.98 -14.36
CA ALA F 493 -47.79 -23.52 -13.59
C ALA F 493 -48.29 -24.19 -12.32
N ALA F 494 -49.33 -23.62 -11.69
CA ALA F 494 -49.87 -24.22 -10.48
C ALA F 494 -50.39 -25.63 -10.76
N ARG F 495 -51.25 -25.78 -11.76
CA ARG F 495 -51.72 -27.11 -12.12
C ARG F 495 -50.55 -27.99 -12.54
N CYS F 496 -49.62 -27.42 -13.31
CA CYS F 496 -48.41 -28.16 -13.66
C CYS F 496 -47.62 -28.51 -12.41
N MET F 497 -47.81 -27.77 -11.32
CA MET F 497 -47.11 -28.07 -10.07
C MET F 497 -47.88 -29.10 -9.26
N ILE F 498 -49.22 -29.03 -9.26
CA ILE F 498 -50.01 -29.93 -8.43
C ILE F 498 -49.72 -31.38 -8.79
N ASP F 499 -49.76 -31.70 -10.09
CA ASP F 499 -49.61 -33.08 -10.52
C ASP F 499 -48.18 -33.56 -10.31
N ARG F 500 -47.20 -32.78 -10.76
CA ARG F 500 -45.82 -33.26 -10.71
C ARG F 500 -45.39 -33.53 -9.28
N ALA F 501 -45.73 -32.64 -8.37
CA ALA F 501 -45.41 -32.87 -6.96
C ALA F 501 -46.39 -33.82 -6.29
N SER F 502 -47.50 -34.17 -6.96
CA SER F 502 -48.39 -35.17 -6.40
C SER F 502 -47.71 -36.53 -6.31
N LYS F 503 -46.88 -36.86 -7.31
CA LYS F 503 -46.22 -38.17 -7.32
C LYS F 503 -45.38 -38.39 -6.08
N ILE F 504 -44.94 -37.31 -5.44
CA ILE F 504 -44.32 -37.44 -4.12
C ILE F 504 -45.29 -38.06 -3.13
N ALA F 505 -46.56 -37.62 -3.15
CA ALA F 505 -47.51 -38.09 -2.16
C ALA F 505 -47.74 -39.59 -2.30
N GLU F 506 -47.85 -40.08 -3.52
CA GLU F 506 -47.92 -41.52 -3.73
C GLU F 506 -46.71 -42.20 -3.09
N ALA F 507 -45.53 -41.63 -3.27
CA ALA F 507 -44.31 -42.23 -2.74
C ALA F 507 -44.29 -42.22 -1.22
N ILE F 508 -44.77 -41.14 -0.60
CA ILE F 508 -44.71 -41.03 0.85
C ILE F 508 -45.63 -42.04 1.51
N LYS F 509 -46.84 -42.21 0.96
CA LYS F 509 -47.82 -43.07 1.61
C LYS F 509 -47.43 -44.55 1.50
N ILE F 510 -46.80 -44.94 0.40
CA ILE F 510 -46.44 -46.35 0.26
C ILE F 510 -45.24 -46.69 1.12
N ASP F 511 -44.50 -45.67 1.56
CA ASP F 511 -43.34 -45.93 2.40
C ASP F 511 -43.67 -45.82 3.89
N ASP F 512 -44.33 -44.74 4.28
CA ASP F 512 -44.66 -44.46 5.67
C ASP F 512 -46.10 -44.84 5.97
N ASP F 513 -46.40 -45.00 7.26
CA ASP F 513 -47.73 -45.39 7.70
C ASP F 513 -48.12 -44.72 9.01
N ALA F 514 -47.66 -43.50 9.24
CA ALA F 514 -47.92 -42.86 10.53
C ALA F 514 -49.42 -42.65 10.72
N GLY F 515 -49.90 -42.99 11.90
CA GLY F 515 -51.28 -42.74 12.28
C GLY F 515 -51.46 -41.31 12.73
N PRO F 516 -52.60 -41.00 13.31
CA PRO F 516 -52.87 -39.61 13.69
C PRO F 516 -51.96 -39.16 14.80
N ASP F 517 -51.33 -38.01 14.59
CA ASP F 517 -50.63 -37.28 15.67
C ASP F 517 -49.49 -38.10 16.27
N GLU F 518 -48.75 -38.81 15.42
CA GLU F 518 -47.45 -39.32 15.82
C GLU F 518 -46.49 -39.15 14.65
N TYR F 519 -45.22 -39.00 14.96
CA TYR F 519 -44.25 -38.58 13.97
C TYR F 519 -44.03 -39.67 12.92
N SER F 520 -43.16 -39.36 11.96
CA SER F 520 -42.74 -40.28 10.91
C SER F 520 -41.43 -39.77 10.37
N PRO F 521 -40.60 -40.64 9.78
CA PRO F 521 -39.33 -40.18 9.21
C PRO F 521 -39.50 -39.17 8.08
N ASN F 522 -40.68 -39.09 7.48
CA ASN F 522 -40.95 -38.04 6.49
C ASN F 522 -41.65 -36.84 7.10
N SER F 523 -42.20 -36.97 8.30
CA SER F 523 -42.75 -35.82 9.00
C SER F 523 -41.66 -34.96 9.62
N VAL F 524 -40.45 -35.49 9.74
CA VAL F 524 -39.42 -34.86 10.56
C VAL F 524 -38.71 -33.69 9.88
N PRO F 525 -38.46 -33.67 8.56
CA PRO F 525 -37.79 -32.48 8.01
C PRO F 525 -38.54 -31.19 8.29
N ILE F 526 -39.87 -31.23 8.21
CA ILE F 526 -40.67 -30.11 8.66
C ILE F 526 -40.40 -29.83 10.12
N GLN F 527 -40.38 -30.89 10.93
CA GLN F 527 -40.19 -30.76 12.37
C GLN F 527 -38.88 -30.07 12.72
N GLY F 528 -37.91 -30.07 11.81
CA GLY F 528 -36.66 -29.39 12.06
C GLY F 528 -36.67 -27.97 11.54
N GLN F 529 -37.30 -27.78 10.39
CA GLN F 529 -37.38 -26.45 9.78
C GLN F 529 -38.23 -25.48 10.59
N LEU F 530 -38.79 -25.93 11.72
CA LEU F 530 -39.61 -25.06 12.55
C LEU F 530 -38.83 -24.52 13.74
N ALA F 531 -38.17 -25.41 14.49
CA ALA F 531 -37.49 -24.99 15.71
C ALA F 531 -36.58 -23.80 15.46
N ILE F 532 -35.87 -23.83 14.33
CA ILE F 532 -34.99 -22.72 14.00
C ILE F 532 -35.76 -21.57 13.36
N SER F 533 -36.89 -21.86 12.71
CA SER F 533 -37.76 -20.78 12.27
C SER F 533 -38.35 -20.04 13.46
N GLN F 534 -38.30 -20.65 14.63
CA GLN F 534 -38.90 -20.11 15.84
C GLN F 534 -37.89 -19.45 16.76
N LEU F 535 -36.71 -20.03 16.90
CA LEU F 535 -35.76 -19.57 17.90
C LEU F 535 -35.22 -18.18 17.59
N GLU F 536 -35.07 -17.85 16.31
CA GLU F 536 -34.47 -16.56 15.94
C GLU F 536 -35.34 -15.40 16.41
N THR F 537 -34.75 -14.19 16.36
CA THR F 537 -35.40 -12.97 16.83
C THR F 537 -36.01 -12.22 15.64
N GLY F 538 -37.31 -11.98 15.69
CA GLY F 538 -37.97 -11.31 14.59
C GLY F 538 -39.26 -10.57 14.92
N TYR F 539 -40.01 -10.22 13.89
CA TYR F 539 -41.26 -9.48 14.00
C TYR F 539 -42.35 -10.38 14.58
N GLY F 540 -43.27 -9.76 15.30
CA GLY F 540 -44.33 -10.51 15.95
C GLY F 540 -44.00 -10.83 17.40
N VAL F 541 -44.82 -11.69 17.98
CA VAL F 541 -44.65 -12.16 19.35
C VAL F 541 -44.15 -13.59 19.27
N ARG F 542 -42.85 -13.78 19.55
CA ARG F 542 -42.22 -15.09 19.39
C ARG F 542 -42.91 -16.12 20.28
N ILE F 543 -43.21 -17.28 19.71
CA ILE F 543 -44.00 -18.31 20.39
C ILE F 543 -43.11 -19.52 20.60
N PHE F 544 -42.98 -19.93 21.84
CA PHE F 544 -42.09 -21.03 22.21
C PHE F 544 -42.90 -22.31 22.39
N ASN F 545 -42.27 -23.44 22.05
CA ASN F 545 -43.00 -24.67 22.06
C ASN F 545 -42.06 -25.85 22.30
N PRO F 546 -42.49 -26.84 23.08
CA PRO F 546 -41.70 -28.05 23.26
C PRO F 546 -41.65 -28.87 21.97
N LYS F 547 -40.60 -29.66 21.85
CA LYS F 547 -40.47 -30.53 20.68
C LYS F 547 -41.64 -31.50 20.59
N GLY F 548 -42.21 -31.88 21.74
CA GLY F 548 -43.43 -32.68 21.72
C GLY F 548 -44.57 -31.96 21.05
N ILE F 549 -44.56 -30.63 21.05
CA ILE F 549 -45.55 -29.87 20.32
C ILE F 549 -45.07 -29.60 18.90
N LEU F 550 -43.81 -29.19 18.76
CA LEU F 550 -43.24 -28.97 17.44
C LEU F 550 -43.34 -30.22 16.57
N SER F 551 -43.27 -31.41 17.18
CA SER F 551 -43.37 -32.63 16.41
C SER F 551 -44.74 -32.78 15.78
N LYS F 552 -45.81 -32.66 16.59
CA LYS F 552 -47.14 -33.00 16.11
C LYS F 552 -47.61 -32.07 15.01
N ILE F 553 -47.19 -30.81 15.06
CA ILE F 553 -47.59 -29.85 14.03
C ILE F 553 -47.20 -30.36 12.66
N ALA F 554 -45.94 -30.77 12.50
CA ALA F 554 -45.53 -31.35 11.23
C ALA F 554 -46.25 -32.66 10.97
N SER F 555 -46.41 -33.48 12.00
CA SER F 555 -47.05 -34.78 11.83
C SER F 555 -48.46 -34.64 11.26
N ARG F 556 -49.19 -33.61 11.70
CA ARG F 556 -50.46 -33.31 11.05
C ARG F 556 -50.25 -32.70 9.69
N ALA F 557 -49.31 -31.75 9.59
CA ALA F 557 -49.09 -31.05 8.34
C ALA F 557 -48.68 -31.98 7.22
N MET F 558 -47.90 -33.02 7.53
CA MET F 558 -47.53 -33.99 6.50
C MET F 558 -48.77 -34.77 6.04
N GLN F 559 -49.67 -35.09 6.95
CA GLN F 559 -50.90 -35.76 6.57
C GLN F 559 -51.72 -34.90 5.64
N ALA F 560 -51.84 -33.61 5.94
CA ALA F 560 -52.60 -32.71 5.08
C ALA F 560 -52.00 -32.61 3.69
N PHE F 561 -50.67 -32.73 3.59
CA PHE F 561 -50.05 -32.64 2.27
C PHE F 561 -50.45 -33.81 1.40
N ILE F 562 -50.58 -35.00 1.99
CA ILE F 562 -50.92 -36.18 1.22
C ILE F 562 -52.33 -36.08 0.68
N GLY F 563 -53.28 -35.74 1.54
CA GLY F 563 -54.67 -35.77 1.13
C GLY F 563 -54.96 -34.83 -0.02
N ASP F 564 -54.45 -33.61 0.06
CA ASP F 564 -54.60 -32.61 -0.99
C ASP F 564 -53.25 -31.98 -1.22
N PRO F 565 -52.45 -32.54 -2.13
CA PRO F 565 -51.16 -31.91 -2.43
C PRO F 565 -51.31 -30.49 -2.92
N SER F 566 -52.45 -30.17 -3.54
CA SER F 566 -52.72 -28.80 -3.97
C SER F 566 -52.96 -27.85 -2.81
N THR F 567 -52.83 -28.30 -1.56
CA THR F 567 -52.98 -27.39 -0.44
C THR F 567 -51.76 -26.49 -0.28
N ILE F 568 -50.59 -26.97 -0.69
CA ILE F 568 -49.36 -26.19 -0.50
C ILE F 568 -49.46 -24.89 -1.28
N ILE F 569 -50.08 -24.92 -2.46
CA ILE F 569 -50.17 -23.73 -3.28
C ILE F 569 -51.18 -22.74 -2.73
N THR F 570 -52.09 -23.19 -1.88
CA THR F 570 -53.12 -22.31 -1.34
C THR F 570 -52.48 -21.14 -0.60
N GLN F 571 -52.91 -19.92 -0.93
CA GLN F 571 -52.45 -18.76 -0.19
C GLN F 571 -52.93 -18.87 1.26
N ALA F 572 -52.09 -18.43 2.18
CA ALA F 572 -52.39 -18.50 3.61
C ALA F 572 -52.73 -19.94 4.01
N ALA F 573 -51.97 -20.88 3.47
CA ALA F 573 -52.03 -22.25 3.92
C ALA F 573 -51.61 -22.33 5.38
N PRO F 574 -52.10 -23.32 6.13
CA PRO F 574 -51.81 -23.36 7.57
C PRO F 574 -50.33 -23.47 7.91
N VAL F 575 -49.67 -24.52 7.44
CA VAL F 575 -48.30 -24.84 7.81
C VAL F 575 -47.38 -24.90 6.61
N LEU F 576 -47.85 -25.47 5.50
CA LEU F 576 -47.04 -25.70 4.32
C LEU F 576 -46.83 -24.45 3.48
N SER F 577 -47.10 -23.27 4.03
CA SER F 577 -46.87 -22.03 3.28
C SER F 577 -45.39 -21.82 3.01
N ASP F 578 -44.57 -21.91 4.06
CA ASP F 578 -43.15 -21.61 3.95
C ASP F 578 -42.51 -22.43 2.86
N LYS F 579 -41.69 -21.76 2.04
CA LYS F 579 -40.88 -22.49 1.08
C LYS F 579 -39.91 -23.42 1.78
N ASN F 580 -39.30 -22.96 2.87
CA ASN F 580 -38.35 -23.80 3.60
C ASN F 580 -39.02 -25.08 4.09
N ASN F 581 -40.28 -25.00 4.51
CA ASN F 581 -41.03 -26.22 4.79
C ASN F 581 -41.02 -27.14 3.58
N TRP F 582 -41.39 -26.60 2.42
CA TRP F 582 -41.49 -27.44 1.22
C TRP F 582 -40.12 -27.97 0.83
N ILE F 583 -39.08 -27.15 0.91
CA ILE F 583 -37.76 -27.57 0.49
C ILE F 583 -37.25 -28.72 1.36
N ALA F 584 -37.35 -28.54 2.69
CA ALA F 584 -36.81 -29.52 3.60
C ALA F 584 -37.49 -30.87 3.42
N LEU F 585 -38.83 -30.85 3.36
CA LEU F 585 -39.57 -32.08 3.12
C LEU F 585 -39.23 -32.69 1.77
N ALA F 586 -39.27 -31.88 0.72
CA ALA F 586 -39.08 -32.42 -0.63
C ALA F 586 -37.70 -33.01 -0.80
N GLN F 587 -36.67 -32.35 -0.25
CA GLN F 587 -35.33 -32.88 -0.37
C GLN F 587 -35.19 -34.19 0.40
N GLY F 588 -35.78 -34.27 1.59
CA GLY F 588 -35.57 -35.41 2.46
C GLY F 588 -36.21 -36.69 2.00
N VAL F 589 -37.25 -36.61 1.18
CA VAL F 589 -37.92 -37.83 0.73
C VAL F 589 -36.95 -38.70 -0.05
N LYS F 590 -36.05 -38.07 -0.80
CA LYS F 590 -35.01 -38.82 -1.50
C LYS F 590 -34.12 -39.57 -0.51
N THR F 591 -33.67 -38.88 0.53
CA THR F 591 -32.77 -39.49 1.51
C THR F 591 -33.45 -40.63 2.24
N SER F 592 -34.69 -40.41 2.71
CA SER F 592 -35.37 -41.41 3.51
C SER F 592 -35.58 -42.71 2.75
N LEU F 593 -35.54 -42.67 1.42
CA LEU F 593 -35.62 -43.90 0.63
C LEU F 593 -34.26 -44.53 0.43
N ARG F 594 -33.23 -43.72 0.19
CA ARG F 594 -31.90 -44.28 -0.03
C ARG F 594 -31.39 -45.03 1.18
N THR F 595 -31.87 -44.69 2.37
CA THR F 595 -31.31 -45.26 3.59
C THR F 595 -32.17 -46.35 4.19
N LYS F 596 -33.25 -46.75 3.54
CA LYS F 596 -34.01 -47.89 4.03
C LYS F 596 -33.24 -49.17 3.82
N SER F 597 -33.46 -50.15 4.70
CA SER F 597 -32.81 -51.45 4.65
C SER F 597 -33.86 -52.54 4.76
N LEU F 598 -34.45 -52.91 3.62
CA LEU F 598 -35.38 -54.03 3.55
C LEU F 598 -36.36 -54.05 4.71
N SER F 599 -36.80 -52.88 5.17
CA SER F 599 -37.53 -52.77 6.40
C SER F 599 -38.99 -52.46 6.13
N ALA F 600 -39.87 -53.09 6.90
CA ALA F 600 -41.28 -52.75 6.93
C ALA F 600 -41.57 -51.94 8.19
N GLY F 601 -42.75 -51.34 8.23
CA GLY F 601 -43.16 -50.62 9.42
C GLY F 601 -43.54 -51.57 10.54
N VAL F 602 -43.47 -51.05 11.77
CA VAL F 602 -43.86 -51.86 12.92
C VAL F 602 -45.36 -52.15 12.89
N LYS F 603 -46.15 -51.15 12.48
CA LYS F 603 -47.59 -51.37 12.35
C LYS F 603 -47.89 -52.30 11.20
N THR F 604 -47.27 -52.06 10.05
CA THR F 604 -47.69 -52.70 8.80
C THR F 604 -47.58 -54.22 8.87
N ALA F 605 -46.40 -54.72 9.26
CA ALA F 605 -46.09 -56.13 9.07
C ALA F 605 -47.05 -57.02 9.83
N VAL F 606 -47.39 -56.63 11.06
CA VAL F 606 -48.28 -57.46 11.86
C VAL F 606 -49.62 -57.66 11.17
N SER F 607 -50.15 -56.59 10.58
CA SER F 607 -51.43 -56.71 9.88
C SER F 607 -51.34 -57.70 8.73
N LYS F 608 -50.25 -57.64 7.97
CA LYS F 608 -50.06 -58.60 6.88
C LYS F 608 -49.99 -60.02 7.42
N LEU F 609 -49.25 -60.23 8.50
CA LEU F 609 -49.20 -61.56 9.11
C LEU F 609 -50.58 -61.97 9.62
N SER F 610 -51.28 -61.05 10.30
CA SER F 610 -52.61 -61.35 10.79
C SER F 610 -53.56 -61.64 9.63
N SER F 611 -53.42 -60.90 8.54
CA SER F 611 -54.21 -61.20 7.35
C SER F 611 -53.84 -62.56 6.79
N SER F 612 -52.55 -62.88 6.76
CA SER F 612 -52.09 -64.08 6.07
C SER F 612 -52.66 -65.34 6.70
N GLU F 613 -52.74 -65.39 8.03
CA GLU F 613 -53.30 -66.58 8.66
C GLU F 613 -54.78 -66.73 8.37
N SER F 614 -55.51 -65.62 8.33
CA SER F 614 -56.94 -65.69 8.08
C SER F 614 -57.21 -66.33 6.74
N ILE F 615 -56.45 -65.91 5.72
CA ILE F 615 -56.55 -66.52 4.40
C ILE F 615 -56.19 -68.00 4.48
N GLN F 616 -55.18 -68.33 5.28
CA GLN F 616 -54.89 -69.74 5.55
C GLN F 616 -56.09 -70.41 6.19
N ASN F 617 -56.73 -69.75 7.16
CA ASN F 617 -57.95 -70.30 7.75
C ASN F 617 -59.06 -70.40 6.72
N TRP F 618 -59.14 -69.45 5.81
CA TRP F 618 -60.15 -69.53 4.76
C TRP F 618 -59.91 -70.73 3.86
N THR F 619 -58.66 -70.97 3.48
CA THR F 619 -58.35 -72.05 2.54
C THR F 619 -58.75 -73.41 3.12
N GLN F 620 -58.29 -73.69 4.34
CA GLN F 620 -58.56 -75.00 4.91
C GLN F 620 -60.05 -75.22 5.09
N GLY F 621 -60.80 -74.15 5.39
CA GLY F 621 -62.25 -74.26 5.37
C GLY F 621 -62.77 -74.63 4.00
N PHE F 622 -62.19 -74.05 2.96
CA PHE F 622 -62.55 -74.43 1.59
C PHE F 622 -62.12 -75.86 1.30
N LEU F 623 -60.91 -76.22 1.68
CA LEU F 623 -60.35 -77.51 1.30
C LEU F 623 -61.16 -78.68 1.86
N ASP F 624 -61.94 -78.44 2.92
CA ASP F 624 -62.81 -79.47 3.43
C ASP F 624 -64.06 -79.62 2.57
N LYS F 625 -64.52 -78.53 1.96
CA LYS F 625 -65.63 -78.64 1.04
C LYS F 625 -65.31 -79.55 -0.14
N VAL F 626 -64.03 -79.70 -0.47
CA VAL F 626 -63.64 -80.73 -1.42
C VAL F 626 -63.80 -82.11 -0.79
N SER F 627 -63.39 -82.24 0.47
CA SER F 627 -63.47 -83.53 1.16
C SER F 627 -64.90 -83.99 1.32
N ALA F 628 -65.80 -83.10 1.73
CA ALA F 628 -67.16 -83.52 2.05
C ALA F 628 -67.95 -83.94 0.80
N HIS F 629 -67.57 -83.45 -0.38
CA HIS F 629 -68.31 -83.78 -1.58
C HIS F 629 -67.58 -84.71 -2.52
N PHE F 630 -66.27 -84.90 -2.34
CA PHE F 630 -65.47 -85.79 -3.19
C PHE F 630 -64.65 -86.69 -2.29
N PRO F 631 -65.28 -87.69 -1.67
CA PRO F 631 -64.57 -88.54 -0.71
C PRO F 631 -63.63 -89.51 -1.41
N ALA F 632 -62.92 -90.28 -0.60
CA ALA F 632 -61.97 -91.22 -1.16
C ALA F 632 -62.23 -92.62 -0.63
N PRO F 633 -61.99 -93.66 -1.45
CA PRO F 633 -62.09 -95.06 -1.00
C PRO F 633 -60.95 -95.45 -0.07
N THR G 9 -4.12 -29.25 -2.77
CA THR G 9 -3.12 -29.35 -1.71
C THR G 9 -2.70 -27.97 -1.26
N ILE G 10 -3.56 -26.98 -1.53
CA ILE G 10 -3.32 -25.61 -1.15
C ILE G 10 -4.60 -25.05 -0.55
N ASN G 11 -4.47 -24.10 0.35
CA ASN G 11 -5.60 -23.58 1.12
C ASN G 11 -5.99 -22.23 0.54
N VAL G 12 -7.17 -22.17 -0.08
CA VAL G 12 -7.58 -20.95 -0.77
C VAL G 12 -7.82 -19.83 0.23
N THR G 13 -8.58 -20.09 1.28
CA THR G 13 -8.91 -19.09 2.27
C THR G 13 -8.04 -19.18 3.52
N GLY G 14 -6.93 -19.90 3.45
CA GLY G 14 -5.97 -19.92 4.53
C GLY G 14 -5.11 -18.68 4.54
N ASP G 15 -4.20 -18.63 5.51
CA ASP G 15 -3.23 -17.55 5.60
C ASP G 15 -2.00 -17.94 4.80
N GLY G 16 -0.91 -17.20 4.98
CA GLY G 16 0.32 -17.54 4.32
C GLY G 16 0.40 -17.02 2.90
N ASN G 17 -0.74 -16.91 2.24
CA ASN G 17 -0.77 -16.37 0.89
C ASN G 17 -0.41 -14.89 0.91
N VAL G 18 -0.01 -14.38 -0.25
CA VAL G 18 0.35 -12.98 -0.41
C VAL G 18 -0.32 -12.44 -1.65
N PHE G 19 -0.76 -11.19 -1.58
CA PHE G 19 -1.42 -10.49 -2.68
C PHE G 19 -0.73 -9.14 -2.80
N LYS G 20 0.32 -9.09 -3.61
CA LYS G 20 1.14 -7.89 -3.77
C LYS G 20 1.29 -7.59 -5.26
N PRO G 21 0.25 -7.05 -5.89
CA PRO G 21 0.39 -6.66 -7.30
C PRO G 21 1.48 -5.62 -7.47
N SER G 22 2.21 -5.73 -8.58
CA SER G 22 3.34 -4.85 -8.84
C SER G 22 3.41 -4.50 -10.32
N ALA G 23 4.20 -3.47 -10.61
CA ALA G 23 4.50 -3.15 -12.00
C ALA G 23 5.22 -4.31 -12.68
N GLU G 24 6.19 -4.90 -11.99
CA GLU G 24 7.01 -5.94 -12.60
C GLU G 24 6.26 -7.24 -12.75
N THR G 25 5.11 -7.40 -12.10
CA THR G 25 4.33 -8.62 -12.21
C THR G 25 2.94 -8.31 -12.75
N SER G 26 2.88 -7.53 -13.83
CA SER G 26 1.61 -7.20 -14.46
C SER G 26 1.17 -8.34 -15.37
N SER G 27 -0.05 -8.80 -15.19
CA SER G 27 -0.51 -10.01 -15.85
C SER G 27 -0.61 -9.85 -17.35
N THR G 28 -0.29 -10.93 -18.06
CA THR G 28 -0.58 -11.11 -19.47
C THR G 28 -0.29 -12.56 -19.84
N ALA G 29 -1.07 -13.13 -20.74
CA ALA G 29 -0.83 -14.50 -21.18
C ALA G 29 -0.41 -14.55 -22.64
N VAL G 30 -1.30 -14.21 -23.58
CA VAL G 30 -1.06 -14.39 -25.01
C VAL G 30 -2.05 -13.49 -25.74
N PRO G 31 -1.76 -12.22 -25.90
CA PRO G 31 -2.68 -11.35 -26.64
C PRO G 31 -2.78 -11.73 -28.11
N SER G 32 -1.65 -11.71 -28.81
CA SER G 32 -1.63 -11.90 -30.25
C SER G 32 -0.22 -12.29 -30.68
N LEU G 33 -0.15 -13.11 -31.73
CA LEU G 33 1.11 -13.50 -32.32
C LEU G 33 1.19 -12.93 -33.73
N SER G 34 2.40 -12.96 -34.30
CA SER G 34 2.64 -12.38 -35.62
C SER G 34 2.58 -13.50 -36.65
N LEU G 35 1.40 -13.69 -37.24
CA LEU G 35 1.14 -14.80 -38.15
C LEU G 35 0.85 -14.32 -39.57
N SER G 36 1.65 -13.38 -40.06
CA SER G 36 1.42 -12.85 -41.40
C SER G 36 1.52 -13.95 -42.45
N PRO G 37 0.69 -13.92 -43.49
CA PRO G 37 0.86 -14.88 -44.58
C PRO G 37 2.19 -14.75 -45.28
N GLY G 38 2.70 -13.53 -45.43
CA GLY G 38 4.04 -13.37 -45.97
C GLY G 38 5.10 -13.93 -45.04
N MET G 39 4.94 -13.72 -43.74
CA MET G 39 5.90 -14.20 -42.76
C MET G 39 5.96 -15.72 -42.73
N LEU G 40 4.82 -16.40 -42.86
CA LEU G 40 4.80 -17.85 -42.73
C LEU G 40 5.19 -18.59 -44.00
N ASN G 41 5.33 -17.90 -45.14
CA ASN G 41 5.76 -18.49 -46.40
C ASN G 41 4.86 -19.58 -46.96
N PRO H 1 15.17 -21.83 -44.45
CA PRO H 1 14.70 -21.54 -45.80
C PRO H 1 13.20 -21.73 -45.93
N GLY H 2 12.67 -21.54 -47.13
CA GLY H 2 11.25 -21.72 -47.37
C GLY H 2 11.05 -22.35 -48.73
N GLY H 3 9.79 -22.67 -49.01
CA GLY H 3 9.45 -23.22 -50.31
C GLY H 3 8.97 -24.64 -50.25
N VAL H 4 9.48 -25.49 -51.14
CA VAL H 4 9.01 -26.86 -51.31
C VAL H 4 10.20 -27.73 -51.72
N PRO H 5 10.31 -28.97 -51.24
CA PRO H 5 11.49 -29.78 -51.58
C PRO H 5 11.48 -30.21 -53.04
N TRP H 6 12.68 -30.55 -53.51
CA TRP H 6 12.87 -31.10 -54.84
C TRP H 6 13.96 -32.16 -54.76
N ILE H 7 14.16 -32.88 -55.86
CA ILE H 7 15.19 -33.89 -55.96
C ILE H 7 15.72 -33.91 -57.38
N ALA H 8 17.00 -34.20 -57.54
CA ALA H 8 17.58 -34.31 -58.86
C ALA H 8 17.04 -35.55 -59.56
N VAL H 9 17.00 -35.49 -60.88
CA VAL H 9 16.54 -36.61 -61.67
C VAL H 9 17.68 -37.28 -62.45
N GLY H 10 18.88 -36.71 -62.41
CA GLY H 10 20.05 -37.29 -63.03
C GLY H 10 21.31 -36.86 -62.31
N ASP H 11 22.38 -36.68 -63.06
CA ASP H 11 23.63 -36.12 -62.55
C ASP H 11 23.74 -34.62 -62.83
N GLU H 12 22.70 -33.86 -62.52
CA GLU H 12 22.62 -32.45 -62.89
C GLU H 12 23.12 -31.60 -61.73
N THR H 13 24.44 -31.42 -61.66
CA THR H 13 25.08 -30.60 -60.65
C THR H 13 25.18 -29.13 -61.08
N SER H 14 24.63 -28.78 -62.23
CA SER H 14 24.75 -27.43 -62.77
C SER H 14 23.44 -26.67 -62.62
N VAL H 15 23.54 -25.41 -62.16
CA VAL H 15 22.36 -24.57 -62.12
C VAL H 15 21.87 -24.33 -63.54
N THR H 16 20.58 -24.02 -63.66
CA THR H 16 19.96 -23.63 -64.92
C THR H 16 20.01 -24.74 -65.96
N SER H 17 20.03 -25.99 -65.53
CA SER H 17 19.84 -27.09 -66.45
C SER H 17 18.34 -27.28 -66.74
N PRO H 18 17.99 -27.64 -67.96
CA PRO H 18 16.57 -27.63 -68.35
C PRO H 18 15.69 -28.62 -67.59
N GLY H 19 15.97 -29.91 -67.69
CA GLY H 19 15.13 -30.91 -67.05
C GLY H 19 15.67 -31.27 -65.69
N ALA H 20 15.84 -30.28 -64.82
CA ALA H 20 16.71 -30.45 -63.67
C ALA H 20 16.09 -31.30 -62.58
N LEU H 21 14.90 -30.94 -62.10
CA LEU H 21 14.43 -31.45 -60.83
C LEU H 21 12.97 -31.89 -60.92
N ARG H 22 12.47 -32.38 -59.79
CA ARG H 22 11.06 -32.74 -59.66
C ARG H 22 10.69 -32.75 -58.19
N ARG H 23 9.39 -32.66 -57.93
CA ARG H 23 8.87 -32.48 -56.57
C ARG H 23 9.07 -33.73 -55.75
N MET H 24 9.46 -33.54 -54.48
CA MET H 24 9.52 -34.65 -53.55
C MET H 24 8.11 -34.96 -53.08
N THR H 25 7.75 -36.24 -53.15
CA THR H 25 6.43 -36.68 -52.75
C THR H 25 6.55 -37.64 -51.58
N SER H 26 5.42 -37.94 -50.94
CA SER H 26 5.49 -38.74 -49.73
C SER H 26 5.91 -40.18 -49.98
N LYS H 27 5.97 -40.65 -51.24
CA LYS H 27 6.63 -41.93 -51.45
C LYS H 27 8.12 -41.85 -51.16
N ASP H 28 8.73 -40.71 -51.42
CA ASP H 28 10.16 -40.59 -51.21
C ASP H 28 10.51 -40.52 -49.74
N ILE H 29 9.54 -40.16 -48.90
CA ILE H 29 9.70 -40.22 -47.45
C ILE H 29 8.50 -40.98 -46.89
N PRO H 30 8.56 -42.30 -46.78
CA PRO H 30 7.42 -43.05 -46.25
C PRO H 30 7.11 -42.71 -44.81
N GLU H 31 7.87 -41.80 -44.19
CA GLU H 31 7.64 -41.43 -42.81
C GLU H 31 6.75 -40.19 -42.71
N THR H 32 6.84 -39.29 -43.69
CA THR H 32 5.94 -38.15 -43.75
C THR H 32 4.67 -38.50 -44.49
N ALA H 33 4.08 -39.62 -44.12
CA ALA H 33 2.81 -40.06 -44.66
C ALA H 33 1.89 -40.34 -43.50
N ILE H 34 0.59 -40.19 -43.72
CA ILE H 34 -0.33 -40.45 -42.62
C ILE H 34 -0.67 -41.92 -42.60
N ILE H 35 0.31 -42.73 -42.23
CA ILE H 35 0.10 -44.08 -41.75
C ILE H 35 1.11 -44.30 -40.65
N ASN H 36 2.09 -43.40 -40.60
CA ASN H 36 3.16 -43.45 -39.60
C ASN H 36 3.15 -42.27 -38.66
N THR H 37 2.21 -41.34 -38.81
CA THR H 37 2.13 -40.20 -37.91
C THR H 37 1.95 -40.70 -36.48
N ASP H 38 2.55 -39.99 -35.53
CA ASP H 38 2.31 -40.26 -34.13
C ASP H 38 0.87 -39.92 -33.76
N ASN H 39 0.42 -40.46 -32.64
CA ASN H 39 -0.89 -40.15 -32.08
C ASN H 39 -0.76 -39.77 -30.62
N SER H 40 -0.44 -38.52 -30.36
CA SER H 40 -0.63 -37.96 -29.04
C SER H 40 -2.03 -37.42 -28.87
N SER H 41 -2.53 -36.69 -29.86
CA SER H 41 -3.93 -36.31 -29.91
C SER H 41 -4.82 -37.45 -30.40
N GLY H 42 -4.25 -38.50 -30.99
CA GLY H 42 -5.04 -39.60 -31.51
C GLY H 42 -5.99 -39.21 -32.61
N ALA H 43 -5.62 -38.22 -33.44
CA ALA H 43 -6.59 -37.67 -34.38
C ALA H 43 -6.86 -38.61 -35.55
N VAL H 44 -5.84 -39.28 -36.06
CA VAL H 44 -6.07 -40.24 -37.14
C VAL H 44 -6.76 -41.47 -36.54
N PRO H 45 -7.82 -41.98 -37.16
CA PRO H 45 -8.51 -43.13 -36.58
C PRO H 45 -7.58 -44.33 -36.47
N SER H 46 -7.69 -45.07 -35.37
CA SER H 46 -6.83 -46.23 -35.16
C SER H 46 -7.17 -47.38 -36.08
N GLU H 47 -8.30 -47.30 -36.77
CA GLU H 47 -8.75 -48.37 -37.65
C GLU H 47 -7.84 -48.48 -38.87
N SER H 48 -7.57 -49.70 -39.31
CA SER H 48 -6.83 -49.89 -40.55
C SER H 48 -7.69 -49.59 -41.77
N ALA H 49 -8.94 -50.04 -41.79
CA ALA H 49 -9.75 -49.92 -42.99
C ALA H 49 -10.21 -48.51 -43.27
N LEU H 50 -9.99 -47.56 -42.35
CA LEU H 50 -10.37 -46.16 -42.56
C LEU H 50 -9.09 -45.33 -42.48
N VAL H 51 -8.34 -45.30 -43.57
CA VAL H 51 -7.06 -44.60 -43.67
C VAL H 51 -6.82 -44.22 -45.12
N PRO H 52 -6.45 -42.98 -45.41
CA PRO H 52 -6.25 -42.59 -46.81
C PRO H 52 -5.12 -43.32 -47.51
N TYR H 53 -3.92 -43.24 -46.95
CA TYR H 53 -2.68 -43.72 -47.55
C TYR H 53 -2.57 -43.40 -49.05
N ILE H 54 -3.04 -42.24 -49.46
CA ILE H 54 -2.80 -41.72 -50.80
C ILE H 54 -1.67 -40.72 -50.72
N ASP H 55 -0.85 -40.66 -51.76
CA ASP H 55 0.33 -39.79 -51.70
C ASP H 55 -0.08 -38.33 -51.68
N GLU H 56 0.60 -37.55 -50.85
CA GLU H 56 0.32 -36.13 -50.73
C GLU H 56 1.63 -35.36 -50.70
N PRO H 57 1.68 -34.18 -51.31
CA PRO H 57 2.95 -33.48 -51.44
C PRO H 57 3.54 -33.04 -50.10
N LEU H 58 4.68 -32.37 -50.17
CA LEU H 58 5.40 -31.92 -48.98
C LEU H 58 5.76 -30.46 -49.13
N VAL H 59 5.61 -29.70 -48.04
CA VAL H 59 5.98 -28.30 -48.02
C VAL H 59 7.12 -28.10 -47.04
N VAL H 60 7.88 -27.04 -47.25
CA VAL H 60 8.96 -26.67 -46.36
C VAL H 60 8.42 -25.71 -45.32
N VAL H 61 8.72 -25.97 -44.05
CA VAL H 61 8.25 -25.15 -42.95
C VAL H 61 9.36 -24.21 -42.52
N THR H 62 9.02 -22.94 -42.38
CA THR H 62 9.98 -21.90 -42.07
C THR H 62 10.05 -21.68 -40.56
N GLU H 63 11.18 -21.12 -40.12
CA GLU H 63 11.42 -21.01 -38.69
C GLU H 63 10.41 -20.08 -38.03
N HIS H 64 10.13 -18.94 -38.66
CA HIS H 64 9.23 -17.99 -38.02
C HIS H 64 7.85 -18.58 -37.83
N ALA H 65 7.50 -19.60 -38.62
CA ALA H 65 6.32 -20.39 -38.31
C ALA H 65 6.50 -21.17 -37.02
N ILE H 66 7.67 -21.81 -36.87
CA ILE H 66 7.91 -22.62 -35.68
C ILE H 66 7.88 -21.74 -34.43
N THR H 67 8.53 -20.59 -34.48
CA THR H 67 8.50 -19.68 -33.35
C THR H 67 7.07 -19.28 -33.00
N ASN H 68 6.19 -19.25 -33.99
CA ASN H 68 4.82 -18.82 -33.78
C ASN H 68 3.89 -19.98 -33.49
N PHE H 69 3.92 -21.02 -34.33
CA PHE H 69 3.00 -22.12 -34.14
C PHE H 69 3.29 -22.86 -32.83
N THR H 70 4.56 -23.07 -32.50
CA THR H 70 4.85 -23.64 -31.19
C THR H 70 4.55 -22.68 -30.06
N LYS H 71 4.30 -21.41 -30.35
CA LYS H 71 3.78 -20.52 -29.33
C LYS H 71 2.27 -20.65 -29.18
N ALA H 72 1.57 -21.11 -30.20
CA ALA H 72 0.13 -21.27 -30.11
C ALA H 72 -0.25 -22.27 -29.04
N GLU H 73 0.49 -23.39 -28.96
CA GLU H 73 0.20 -24.37 -27.92
C GLU H 73 0.47 -23.83 -26.52
N MET H 74 1.46 -22.95 -26.38
CA MET H 74 1.69 -22.31 -25.08
C MET H 74 0.49 -21.50 -24.64
N ALA H 75 -0.29 -20.97 -25.58
CA ALA H 75 -1.54 -20.31 -25.21
C ALA H 75 -2.48 -21.27 -24.52
N LEU H 76 -2.45 -22.54 -24.92
CA LEU H 76 -3.31 -23.54 -24.30
C LEU H 76 -2.90 -23.78 -22.86
N GLU H 77 -1.65 -24.18 -22.64
CA GLU H 77 -1.26 -24.74 -21.36
C GLU H 77 -1.28 -23.73 -20.22
N PHE H 78 -1.59 -22.46 -20.47
CA PHE H 78 -2.02 -21.62 -19.35
C PHE H 78 -3.24 -22.17 -18.67
N ASN H 79 -4.00 -23.01 -19.33
CA ASN H 79 -5.18 -23.60 -18.72
C ASN H 79 -5.07 -25.11 -18.68
N ARG H 80 -3.83 -25.62 -18.65
CA ARG H 80 -3.61 -27.05 -18.48
C ARG H 80 -4.30 -27.56 -17.23
N GLU H 81 -4.23 -26.78 -16.16
CA GLU H 81 -4.90 -27.18 -14.92
C GLU H 81 -6.41 -27.15 -15.06
N PHE H 82 -6.93 -26.89 -16.24
CA PHE H 82 -8.36 -26.95 -16.52
C PHE H 82 -8.70 -27.88 -17.67
N LEU H 83 -7.81 -28.01 -18.66
CA LEU H 83 -8.03 -29.00 -19.71
C LEU H 83 -8.14 -30.40 -19.14
N ASP H 84 -7.23 -30.75 -18.22
CA ASP H 84 -7.31 -32.07 -17.62
C ASP H 84 -8.57 -32.23 -16.80
N LYS H 85 -9.08 -31.15 -16.23
CA LYS H 85 -10.39 -31.19 -15.60
C LYS H 85 -11.47 -31.51 -16.60
N MET H 86 -11.15 -31.27 -17.87
CA MET H 86 -12.05 -31.44 -19.00
C MET H 86 -11.74 -32.61 -19.93
N ARG H 87 -10.66 -33.34 -19.62
CA ARG H 87 -10.29 -34.55 -20.35
C ARG H 87 -10.14 -34.28 -21.84
N VAL H 88 -9.56 -33.14 -22.18
CA VAL H 88 -9.37 -32.71 -23.56
C VAL H 88 -7.89 -32.54 -23.80
N LEU H 89 -7.37 -33.23 -24.83
CA LEU H 89 -5.97 -33.14 -25.22
C LEU H 89 -5.07 -33.57 -24.06
N SER H 90 -5.24 -34.84 -23.69
CA SER H 90 -4.63 -35.37 -22.47
C SER H 90 -3.12 -35.43 -22.54
N VAL H 91 -2.53 -35.23 -23.71
CA VAL H 91 -1.09 -35.07 -23.85
C VAL H 91 -0.82 -33.95 -24.85
N SER H 92 0.17 -33.14 -24.53
CA SER H 92 0.38 -31.87 -25.22
C SER H 92 0.77 -32.10 -26.69
N PRO H 93 0.51 -31.12 -27.56
CA PRO H 93 0.67 -31.39 -29.00
C PRO H 93 2.11 -31.49 -29.48
N LYS H 94 3.01 -30.62 -29.02
CA LYS H 94 4.44 -30.73 -29.39
C LYS H 94 4.62 -30.69 -30.90
N TYR H 95 4.38 -29.49 -31.44
CA TYR H 95 4.38 -29.28 -32.89
C TYR H 95 5.65 -29.78 -33.56
N SER H 96 6.81 -29.60 -32.92
CA SER H 96 8.06 -29.96 -33.58
C SER H 96 8.16 -31.45 -33.83
N ASP H 97 7.46 -32.26 -33.02
CA ASP H 97 7.52 -33.70 -33.21
C ASP H 97 6.99 -34.11 -34.58
N LEU H 98 5.88 -33.51 -35.00
CA LEU H 98 5.30 -33.86 -36.29
C LEU H 98 6.24 -33.57 -37.44
N LEU H 99 7.19 -32.67 -37.25
CA LEU H 99 8.06 -32.25 -38.33
C LEU H 99 8.98 -33.39 -38.76
N THR H 100 9.72 -33.13 -39.82
CA THR H 100 10.73 -34.06 -40.32
C THR H 100 11.92 -33.28 -40.80
N TYR H 101 13.10 -33.80 -40.54
CA TYR H 101 14.35 -33.10 -40.81
C TYR H 101 15.08 -33.85 -41.90
N VAL H 102 15.00 -33.32 -43.12
CA VAL H 102 15.72 -33.86 -44.26
C VAL H 102 16.53 -32.72 -44.88
N ASP H 103 17.18 -33.02 -45.99
CA ASP H 103 18.06 -32.04 -46.62
C ASP H 103 18.11 -32.30 -48.12
N CYS H 104 17.30 -31.56 -48.86
CA CYS H 104 17.31 -31.58 -50.31
C CYS H 104 17.16 -30.14 -50.79
N TYR H 105 17.15 -29.95 -52.10
CA TYR H 105 17.03 -28.62 -52.66
C TYR H 105 15.63 -28.10 -52.39
N VAL H 106 15.54 -26.92 -51.77
CA VAL H 106 14.26 -26.37 -51.33
C VAL H 106 14.05 -25.01 -51.98
N GLY H 107 12.82 -24.77 -52.40
CA GLY H 107 12.47 -23.49 -52.97
C GLY H 107 11.10 -23.51 -53.59
N VAL H 108 10.79 -22.41 -54.26
CA VAL H 108 9.49 -22.19 -54.88
C VAL H 108 9.44 -22.71 -56.30
N SER H 109 10.47 -22.38 -57.09
CA SER H 109 10.60 -22.87 -58.43
C SER H 109 11.90 -23.64 -58.54
N ALA H 110 11.98 -24.51 -59.55
CA ALA H 110 13.18 -25.31 -59.71
C ALA H 110 14.40 -24.44 -59.96
N ARG H 111 14.28 -23.44 -60.83
CA ARG H 111 15.45 -22.72 -61.27
C ARG H 111 15.97 -21.75 -60.22
N GLN H 112 15.51 -21.86 -58.99
CA GLN H 112 16.17 -21.18 -57.88
C GLN H 112 16.42 -22.17 -56.76
N ALA H 113 15.61 -23.22 -56.69
CA ALA H 113 15.94 -24.33 -55.81
C ALA H 113 17.18 -25.06 -56.30
N LEU H 114 17.50 -24.96 -57.58
CA LEU H 114 18.73 -25.51 -58.11
C LEU H 114 19.95 -24.75 -57.62
N ASN H 115 19.75 -23.60 -57.00
CA ASN H 115 20.84 -22.82 -56.43
C ASN H 115 20.86 -22.88 -54.92
N ASN H 116 19.97 -23.66 -54.32
CA ASN H 116 19.78 -23.64 -52.87
C ASN H 116 19.78 -25.07 -52.35
N PHE H 117 20.76 -25.41 -51.53
CA PHE H 117 20.84 -26.69 -50.85
C PHE H 117 20.98 -26.44 -49.36
N GLN H 118 20.06 -27.00 -48.58
CA GLN H 118 20.04 -26.77 -47.15
C GLN H 118 19.96 -28.09 -46.40
N LYS H 119 20.38 -28.06 -45.15
CA LYS H 119 20.36 -29.21 -44.26
C LYS H 119 19.30 -29.03 -43.18
N GLN H 120 18.86 -30.15 -42.61
CA GLN H 120 17.90 -30.16 -41.50
C GLN H 120 16.62 -29.41 -41.85
N VAL H 121 16.22 -29.49 -43.11
CA VAL H 121 15.06 -28.74 -43.56
C VAL H 121 13.81 -29.33 -42.91
N PRO H 122 12.97 -28.52 -42.27
CA PRO H 122 11.75 -29.04 -41.62
C PRO H 122 10.63 -29.19 -42.64
N VAL H 123 10.25 -30.42 -42.93
CA VAL H 123 9.24 -30.72 -43.93
C VAL H 123 8.03 -31.33 -43.24
N ILE H 124 6.84 -30.93 -43.70
CA ILE H 124 5.58 -31.43 -43.16
C ILE H 124 4.60 -31.66 -44.30
N THR H 125 3.48 -32.25 -43.97
CA THR H 125 2.48 -32.62 -44.93
C THR H 125 1.19 -31.85 -44.67
N PRO H 126 0.54 -31.32 -45.71
CA PRO H 126 -0.65 -30.49 -45.47
C PRO H 126 -1.71 -31.18 -44.66
N THR H 127 -1.94 -32.48 -44.88
CA THR H 127 -2.87 -33.21 -44.04
C THR H 127 -2.40 -33.22 -42.59
N ARG H 128 -1.12 -33.51 -42.37
CA ARG H 128 -0.60 -33.44 -41.01
C ARG H 128 -0.62 -32.00 -40.50
N GLN H 129 -0.23 -31.05 -41.36
CA GLN H 129 -0.31 -29.64 -40.99
C GLN H 129 -1.74 -29.22 -40.70
N THR H 130 -2.69 -29.64 -41.54
CA THR H 130 -4.08 -29.31 -41.25
C THR H 130 -4.49 -29.88 -39.91
N MET H 131 -4.14 -31.15 -39.66
CA MET H 131 -4.55 -31.82 -38.44
C MET H 131 -4.07 -31.08 -37.21
N TYR H 132 -2.81 -30.63 -37.23
CA TYR H 132 -2.23 -30.01 -36.05
C TYR H 132 -2.99 -28.75 -35.64
N VAL H 133 -3.24 -27.86 -36.60
CA VAL H 133 -3.90 -26.60 -36.27
C VAL H 133 -5.30 -26.85 -35.71
N ASP H 134 -5.95 -27.93 -36.12
CA ASP H 134 -7.23 -28.25 -35.51
C ASP H 134 -7.07 -28.57 -34.05
N SER H 135 -6.01 -29.29 -33.68
CA SER H 135 -5.79 -29.61 -32.28
C SER H 135 -5.71 -28.34 -31.46
N ILE H 136 -4.97 -27.34 -31.96
CA ILE H 136 -5.01 -26.03 -31.34
C ILE H 136 -6.43 -25.48 -31.38
N GLN H 137 -7.05 -25.50 -32.55
CA GLN H 137 -8.36 -24.90 -32.70
C GLN H 137 -9.39 -25.60 -31.82
N ALA H 138 -9.48 -26.93 -31.94
CA ALA H 138 -10.47 -27.67 -31.18
C ALA H 138 -10.27 -27.53 -29.69
N ALA H 139 -9.03 -27.31 -29.26
CA ALA H 139 -8.78 -27.10 -27.84
C ALA H 139 -9.41 -25.80 -27.37
N LEU H 140 -9.15 -24.70 -28.09
CA LEU H 140 -9.67 -23.39 -27.68
C LEU H 140 -11.17 -23.42 -27.47
N LYS H 141 -11.89 -24.17 -28.28
CA LYS H 141 -13.34 -24.12 -28.26
C LYS H 141 -13.88 -24.39 -26.86
N ALA H 142 -13.41 -25.46 -26.22
CA ALA H 142 -13.92 -25.82 -24.91
C ALA H 142 -13.73 -24.71 -23.89
N LEU H 143 -12.79 -23.81 -24.13
CA LEU H 143 -12.40 -22.78 -23.20
C LEU H 143 -12.96 -21.43 -23.55
N GLU H 144 -13.96 -21.38 -24.43
CA GLU H 144 -14.54 -20.10 -24.80
C GLU H 144 -15.19 -19.42 -23.61
N LYS H 145 -15.83 -20.20 -22.75
CA LYS H 145 -16.54 -19.66 -21.59
C LYS H 145 -15.65 -19.57 -20.36
N TRP H 146 -14.69 -20.49 -20.24
CA TRP H 146 -13.79 -20.49 -19.10
C TRP H 146 -12.92 -19.24 -19.09
N GLU H 147 -12.35 -18.87 -20.24
CA GLU H 147 -11.44 -17.73 -20.27
C GLU H 147 -12.17 -16.42 -20.01
N ILE H 148 -13.48 -16.37 -20.23
CA ILE H 148 -14.21 -15.17 -19.86
C ILE H 148 -14.12 -14.96 -18.36
N ASP H 149 -14.32 -16.03 -17.59
CA ASP H 149 -14.34 -15.91 -16.14
C ASP H 149 -13.02 -15.38 -15.60
N LEU H 150 -11.90 -15.94 -16.06
CA LEU H 150 -10.62 -15.46 -15.58
C LEU H 150 -10.43 -13.99 -15.91
N ARG H 151 -10.81 -13.60 -17.13
CA ARG H 151 -10.78 -12.18 -17.46
C ARG H 151 -11.71 -11.40 -16.55
N VAL H 152 -12.90 -11.94 -16.27
CA VAL H 152 -13.82 -11.27 -15.36
C VAL H 152 -13.26 -11.27 -13.94
N ALA H 153 -12.72 -12.41 -13.49
CA ALA H 153 -12.23 -12.49 -12.12
C ALA H 153 -11.15 -11.46 -11.85
N GLN H 154 -10.26 -11.26 -12.80
CA GLN H 154 -9.18 -10.28 -12.60
C GLN H 154 -9.72 -8.85 -12.60
N THR H 155 -10.54 -8.50 -13.59
CA THR H 155 -10.94 -7.11 -13.74
C THR H 155 -11.98 -6.68 -12.72
N LEU H 156 -12.54 -7.62 -11.96
CA LEU H 156 -13.47 -7.24 -10.88
C LEU H 156 -12.84 -6.26 -9.92
N LEU H 157 -11.54 -6.37 -9.68
CA LEU H 157 -10.86 -5.50 -8.74
C LEU H 157 -9.48 -5.19 -9.28
N PRO H 158 -8.85 -4.14 -8.78
CA PRO H 158 -7.48 -3.84 -9.25
C PRO H 158 -6.50 -4.95 -8.91
N THR H 159 -6.02 -5.66 -9.92
CA THR H 159 -4.96 -6.64 -9.75
C THR H 159 -3.64 -6.18 -10.35
N ASN H 160 -3.63 -5.05 -11.03
CA ASN H 160 -2.42 -4.51 -11.64
C ASN H 160 -2.32 -3.03 -11.29
N VAL H 161 -1.10 -2.53 -11.29
CA VAL H 161 -0.86 -1.11 -11.03
C VAL H 161 0.02 -0.57 -12.14
N PRO H 162 -0.09 0.70 -12.48
CA PRO H 162 0.86 1.29 -13.44
C PRO H 162 2.29 1.29 -12.94
N ILE H 163 2.50 1.27 -11.61
CA ILE H 163 3.82 1.43 -11.03
C ILE H 163 3.75 1.04 -9.57
N GLY H 164 4.88 0.60 -9.02
CA GLY H 164 4.97 0.40 -7.58
C GLY H 164 4.29 -0.88 -7.12
N GLU H 165 3.67 -0.81 -5.94
CA GLU H 165 3.13 -1.99 -5.28
C GLU H 165 1.89 -1.60 -4.48
N VAL H 166 0.97 -2.55 -4.34
CA VAL H 166 -0.17 -2.43 -3.44
C VAL H 166 -0.35 -3.75 -2.70
N SER H 167 -0.95 -3.68 -1.51
CA SER H 167 -1.05 -4.85 -0.66
C SER H 167 -2.45 -4.92 -0.03
N CYS H 168 -2.89 -6.16 0.23
CA CYS H 168 -4.19 -6.43 0.81
C CYS H 168 -4.27 -7.88 1.27
N PRO H 169 -4.85 -8.16 2.45
CA PRO H 169 -4.93 -9.54 2.93
C PRO H 169 -5.69 -10.45 1.99
N MET H 170 -5.16 -11.65 1.80
CA MET H 170 -5.66 -12.55 0.76
C MET H 170 -6.99 -13.17 1.15
N GLN H 171 -7.23 -13.36 2.44
CA GLN H 171 -8.56 -13.80 2.86
C GLN H 171 -9.61 -12.78 2.46
N SER H 172 -9.32 -11.50 2.70
CA SER H 172 -10.31 -10.46 2.47
C SER H 172 -10.71 -10.39 1.00
N VAL H 173 -9.72 -10.42 0.11
CA VAL H 173 -10.01 -10.27 -1.32
C VAL H 173 -10.87 -11.43 -1.81
N VAL H 174 -10.51 -12.66 -1.45
CA VAL H 174 -11.24 -13.81 -1.93
C VAL H 174 -12.66 -13.84 -1.38
N LYS H 175 -12.91 -13.09 -0.30
CA LYS H 175 -14.28 -12.98 0.18
C LYS H 175 -15.12 -12.10 -0.74
N LEU H 176 -14.52 -11.03 -1.28
CA LEU H 176 -15.24 -10.21 -2.24
C LEU H 176 -15.54 -10.99 -3.51
N LEU H 177 -14.57 -11.78 -3.98
CA LEU H 177 -14.84 -12.61 -5.16
C LEU H 177 -16.01 -13.55 -4.91
N ASP H 178 -16.02 -14.21 -3.74
CA ASP H 178 -17.18 -14.98 -3.32
C ASP H 178 -18.45 -14.16 -3.28
N ASP H 179 -18.34 -12.84 -3.28
CA ASP H 179 -19.46 -11.96 -3.03
C ASP H 179 -20.05 -11.37 -4.29
N GLN H 180 -19.23 -11.07 -5.30
CA GLN H 180 -19.72 -10.43 -6.50
C GLN H 180 -19.67 -11.28 -7.76
N LEU H 181 -18.94 -12.39 -7.77
CA LEU H 181 -18.88 -13.21 -8.97
C LEU H 181 -20.27 -13.69 -9.36
N PRO H 182 -20.55 -13.79 -10.66
CA PRO H 182 -21.87 -14.26 -11.09
C PRO H 182 -22.11 -15.66 -10.57
N ASP H 183 -23.38 -15.98 -10.35
CA ASP H 183 -23.72 -17.26 -9.74
C ASP H 183 -23.25 -18.44 -10.59
N ASP H 184 -23.22 -18.29 -11.91
CA ASP H 184 -22.79 -19.35 -12.80
C ASP H 184 -21.30 -19.29 -13.13
N SER H 185 -20.48 -18.77 -12.23
CA SER H 185 -19.05 -18.65 -12.49
C SER H 185 -18.36 -20.00 -12.30
N LEU H 186 -17.56 -20.39 -13.30
CA LEU H 186 -16.72 -21.57 -13.15
C LEU H 186 -15.65 -21.37 -12.10
N ILE H 187 -15.34 -20.12 -11.74
CA ILE H 187 -14.34 -19.87 -10.72
C ILE H 187 -14.79 -20.46 -9.39
N ARG H 188 -16.05 -20.23 -9.03
CA ARG H 188 -16.60 -20.85 -7.84
C ARG H 188 -16.56 -22.36 -7.94
N ARG H 189 -16.90 -22.88 -9.11
CA ARG H 189 -17.04 -24.31 -9.31
C ARG H 189 -15.69 -25.03 -9.38
N TYR H 190 -14.61 -24.33 -9.65
CA TYR H 190 -13.26 -24.89 -9.61
C TYR H 190 -12.27 -23.90 -8.99
N PRO H 191 -12.38 -23.67 -7.69
CA PRO H 191 -11.49 -22.69 -7.05
C PRO H 191 -10.01 -23.02 -7.18
N LYS H 192 -9.63 -24.29 -7.05
CA LYS H 192 -8.21 -24.63 -7.02
C LYS H 192 -7.57 -24.41 -8.38
N GLU H 193 -8.22 -24.85 -9.44
CA GLU H 193 -7.70 -24.62 -10.78
C GLU H 193 -7.63 -23.14 -11.08
N ALA H 194 -8.66 -22.38 -10.70
CA ALA H 194 -8.63 -20.95 -10.92
C ALA H 194 -7.51 -20.30 -10.12
N ALA H 195 -7.23 -20.82 -8.93
CA ALA H 195 -6.17 -20.26 -8.12
C ALA H 195 -4.83 -20.36 -8.84
N VAL H 196 -4.47 -21.55 -9.29
CA VAL H 196 -3.20 -21.74 -9.95
C VAL H 196 -3.19 -21.07 -11.32
N ALA H 197 -4.33 -21.08 -12.00
CA ALA H 197 -4.39 -20.44 -13.32
C ALA H 197 -4.15 -18.95 -13.20
N LEU H 198 -4.73 -18.31 -12.19
CA LEU H 198 -4.41 -16.92 -11.91
C LEU H 198 -2.91 -16.76 -11.67
N ALA H 199 -2.40 -17.45 -10.65
CA ALA H 199 -1.01 -17.29 -10.23
C ALA H 199 -0.03 -17.61 -11.35
N LYS H 200 -0.45 -18.39 -12.34
CA LYS H 200 0.44 -18.69 -13.45
C LYS H 200 0.72 -17.45 -14.28
N ARG H 201 -0.30 -16.63 -14.54
CA ARG H 201 -0.12 -15.49 -15.42
C ARG H 201 0.22 -14.19 -14.71
N ASN H 202 -0.17 -14.04 -13.45
CA ASN H 202 0.18 -12.86 -12.67
C ASN H 202 1.02 -13.28 -11.49
N GLY H 203 2.28 -12.86 -11.49
CA GLY H 203 3.17 -13.22 -10.40
C GLY H 203 2.88 -12.50 -9.11
N GLY H 204 2.17 -11.38 -9.16
CA GLY H 204 1.92 -10.60 -7.97
C GLY H 204 1.12 -11.34 -6.92
N ILE H 205 0.39 -12.37 -7.31
CA ILE H 205 -0.32 -13.24 -6.38
C ILE H 205 0.49 -14.52 -6.23
N GLN H 206 0.67 -14.96 -4.99
CA GLN H 206 1.45 -16.15 -4.70
C GLN H 206 0.75 -16.95 -3.63
N TRP H 207 0.39 -18.18 -3.95
CA TRP H 207 -0.34 -19.04 -3.04
C TRP H 207 0.61 -19.67 -2.03
N MET H 208 0.07 -20.63 -1.27
CA MET H 208 0.81 -21.26 -0.18
C MET H 208 1.01 -22.74 -0.44
N ASP H 209 2.19 -23.23 -0.10
CA ASP H 209 2.52 -24.66 -0.18
C ASP H 209 2.47 -25.21 1.23
N VAL H 210 1.28 -25.61 1.67
CA VAL H 210 1.09 -26.03 3.05
C VAL H 210 1.91 -27.27 3.40
N SER H 211 2.35 -28.03 2.40
CA SER H 211 3.17 -29.20 2.66
C SER H 211 4.52 -28.81 3.27
N GLU H 212 5.13 -27.73 2.76
CA GLU H 212 6.44 -27.32 3.23
C GLU H 212 6.47 -25.93 3.85
N GLY H 213 5.39 -25.18 3.77
CA GLY H 213 5.40 -23.84 4.31
C GLY H 213 6.35 -22.91 3.58
N THR H 214 6.03 -22.62 2.32
CA THR H 214 6.76 -21.64 1.54
C THR H 214 5.78 -20.85 0.68
N VAL H 215 6.15 -19.62 0.38
CA VAL H 215 5.46 -18.81 -0.61
C VAL H 215 6.46 -18.39 -1.66
N MET H 216 6.05 -18.42 -2.91
CA MET H 216 7.00 -18.22 -3.99
C MET H 216 6.25 -17.76 -5.24
N ASN H 217 6.79 -16.73 -5.88
CA ASN H 217 6.21 -16.25 -7.12
C ASN H 217 6.21 -17.34 -8.18
N GLU H 218 5.18 -17.38 -9.01
CA GLU H 218 5.04 -18.46 -9.96
C GLU H 218 4.73 -18.00 -11.38
N ALA H 219 4.94 -16.73 -11.69
CA ALA H 219 4.62 -16.24 -13.02
C ALA H 219 5.49 -16.91 -14.07
N VAL H 220 4.93 -17.01 -15.27
CA VAL H 220 5.67 -17.46 -16.44
C VAL H 220 6.02 -16.32 -17.39
N ASN H 221 5.31 -15.19 -17.31
CA ASN H 221 5.57 -14.05 -18.19
C ASN H 221 6.43 -13.00 -17.48
N ALA H 222 7.61 -13.43 -17.03
CA ALA H 222 8.47 -12.49 -16.34
C ALA H 222 9.20 -11.59 -17.33
N VAL H 223 9.91 -12.19 -18.28
CA VAL H 223 10.69 -11.44 -19.25
C VAL H 223 9.81 -10.45 -19.98
N ALA H 224 8.66 -10.92 -20.48
CA ALA H 224 7.80 -10.06 -21.30
C ALA H 224 7.20 -8.93 -20.48
N ALA H 225 6.78 -9.22 -19.25
CA ALA H 225 6.14 -8.19 -18.46
C ALA H 225 7.09 -7.05 -18.11
N SER H 226 8.39 -7.34 -18.01
CA SER H 226 9.33 -6.33 -17.55
C SER H 226 9.38 -5.16 -18.51
N ALA H 227 9.10 -5.39 -19.79
CA ALA H 227 8.92 -4.28 -20.70
C ALA H 227 7.69 -3.46 -20.32
N LEU H 228 6.62 -4.13 -19.90
CA LEU H 228 5.38 -3.45 -19.57
C LEU H 228 5.49 -2.59 -18.32
N ALA H 229 6.55 -2.71 -17.56
CA ALA H 229 6.68 -1.87 -16.39
C ALA H 229 7.64 -0.72 -16.67
N PRO H 230 7.45 0.42 -16.03
CA PRO H 230 8.34 1.57 -16.24
C PRO H 230 9.70 1.31 -15.59
N SER H 231 10.64 2.18 -15.94
CA SER H 231 11.85 2.30 -15.13
C SER H 231 11.50 3.07 -13.85
N ALA H 232 12.54 3.41 -13.08
CA ALA H 232 12.32 4.25 -11.91
C ALA H 232 11.77 5.61 -12.31
N SER H 233 12.31 6.19 -13.40
CA SER H 233 11.86 7.50 -13.83
C SER H 233 11.73 7.60 -15.35
N ALA H 234 11.16 6.59 -16.00
CA ALA H 234 11.03 6.61 -17.44
C ALA H 234 9.92 5.65 -17.85
N PRO H 235 9.06 6.06 -18.78
CA PRO H 235 7.88 5.26 -19.12
C PRO H 235 8.29 3.94 -19.73
N PRO H 236 7.43 2.93 -19.63
CA PRO H 236 7.77 1.63 -20.23
C PRO H 236 8.06 1.77 -21.70
N LEU H 237 9.00 0.95 -22.18
CA LEU H 237 9.49 1.09 -23.56
C LEU H 237 8.33 1.00 -24.55
N GLU H 238 7.34 0.16 -24.26
CA GLU H 238 6.16 0.04 -25.10
C GLU H 238 5.66 1.41 -25.55
N GLU H 239 5.24 2.22 -24.59
CA GLU H 239 4.68 3.53 -24.92
C GLU H 239 5.65 4.34 -25.76
N LYS H 240 6.94 4.23 -25.45
CA LYS H 240 7.94 4.82 -26.34
C LYS H 240 7.99 4.08 -27.66
N SER H 241 8.06 2.75 -27.61
CA SER H 241 8.29 1.98 -28.82
C SER H 241 7.06 1.89 -29.70
N LYS H 242 5.89 1.63 -29.11
CA LYS H 242 4.72 1.39 -29.95
C LYS H 242 4.16 2.68 -30.52
N LEU H 243 4.18 3.77 -29.75
CA LEU H 243 3.61 5.02 -30.25
C LEU H 243 4.30 5.48 -31.52
N THR H 244 5.62 5.51 -31.52
CA THR H 244 6.34 6.04 -32.67
C THR H 244 6.05 5.26 -33.94
N GLU H 245 5.82 3.96 -33.85
CA GLU H 245 5.46 3.20 -35.04
C GLU H 245 4.16 3.72 -35.63
N GLN H 246 3.17 3.97 -34.76
CA GLN H 246 1.91 4.54 -35.23
C GLN H 246 2.15 5.84 -35.99
N ALA H 247 3.06 6.67 -35.50
CA ALA H 247 3.36 7.92 -36.20
C ALA H 247 3.88 7.64 -37.61
N MET H 248 4.79 6.69 -37.75
CA MET H 248 5.34 6.37 -39.05
C MET H 248 4.28 5.79 -39.97
N ASP H 249 3.35 5.01 -39.43
CA ASP H 249 2.25 4.53 -40.25
C ASP H 249 1.49 5.70 -40.83
N LEU H 250 1.28 6.75 -40.04
CA LEU H 250 0.55 7.91 -40.54
C LEU H 250 1.32 8.61 -41.65
N VAL H 251 2.62 8.82 -41.46
CA VAL H 251 3.38 9.60 -42.44
C VAL H 251 3.44 8.89 -43.77
N THR H 252 3.65 7.56 -43.77
CA THR H 252 3.62 6.83 -45.03
C THR H 252 2.20 6.75 -45.58
N ALA H 253 1.21 6.73 -44.70
CA ALA H 253 -0.18 6.82 -45.16
C ALA H 253 -0.47 8.17 -45.78
N ALA H 254 0.38 9.16 -45.54
CA ALA H 254 0.21 10.47 -46.14
C ALA H 254 1.09 10.70 -47.35
N GLU H 255 2.07 9.84 -47.59
CA GLU H 255 2.92 9.88 -48.77
C GLU H 255 3.51 11.27 -48.96
N PRO H 256 4.48 11.65 -48.13
CA PRO H 256 4.99 13.03 -48.17
C PRO H 256 5.71 13.38 -49.45
N GLU H 257 5.98 12.40 -50.32
CA GLU H 257 6.57 12.71 -51.62
C GLU H 257 5.59 13.49 -52.48
N ILE H 258 4.32 13.09 -52.50
CA ILE H 258 3.36 13.73 -53.37
C ILE H 258 2.92 15.08 -52.82
N ILE H 259 2.47 15.12 -51.57
CA ILE H 259 1.94 16.36 -51.00
C ILE H 259 2.93 17.51 -51.08
N ALA H 260 4.20 17.23 -51.34
CA ALA H 260 5.22 18.25 -51.48
C ALA H 260 5.94 18.13 -52.82
N SER H 261 5.20 18.02 -53.91
CA SER H 261 5.83 17.81 -55.20
C SER H 261 5.91 19.11 -56.00
N LEU H 262 6.45 19.01 -57.21
CA LEU H 262 6.57 20.17 -58.08
C LEU H 262 6.20 19.84 -59.53
N VAL H 263 5.59 18.70 -59.80
CA VAL H 263 5.33 18.28 -61.17
C VAL H 263 3.90 17.79 -61.27
N PRO H 264 3.33 17.76 -62.48
CA PRO H 264 1.96 17.28 -62.64
C PRO H 264 1.78 15.85 -62.14
N VAL H 265 0.62 15.60 -61.52
CA VAL H 265 0.37 14.34 -60.84
C VAL H 265 -1.03 13.84 -61.19
N PRO H 266 -1.19 12.55 -61.49
CA PRO H 266 -2.50 12.06 -61.95
C PRO H 266 -3.57 12.13 -60.88
N ALA H 267 -4.81 12.29 -61.33
CA ALA H 267 -5.96 12.29 -60.42
C ALA H 267 -6.12 10.97 -59.67
N PRO H 268 -6.05 9.80 -60.30
CA PRO H 268 -6.23 8.56 -59.53
C PRO H 268 -5.17 8.33 -58.49
N VAL H 269 -4.06 9.04 -58.58
CA VAL H 269 -2.99 8.92 -57.58
C VAL H 269 -3.17 9.93 -56.46
N PHE H 270 -3.69 11.12 -56.77
CA PHE H 270 -3.80 12.15 -55.74
C PHE H 270 -5.09 12.06 -54.96
N ALA H 271 -6.16 11.59 -55.59
CA ALA H 271 -7.47 11.62 -54.95
C ALA H 271 -7.52 10.72 -53.73
N ILE H 272 -8.54 10.93 -52.91
CA ILE H 272 -8.82 10.13 -51.72
C ILE H 272 -10.31 9.88 -51.64
N PRO H 273 -10.75 8.99 -50.76
CA PRO H 273 -12.19 8.82 -50.57
C PRO H 273 -12.82 10.10 -50.05
N PRO H 274 -13.72 10.69 -50.81
CA PRO H 274 -14.19 12.05 -50.49
C PRO H 274 -15.37 12.08 -49.55
N LYS H 275 -15.85 13.29 -49.25
CA LYS H 275 -16.96 13.53 -48.34
C LYS H 275 -17.93 14.52 -48.96
N PRO H 276 -19.20 14.54 -48.50
CA PRO H 276 -20.20 15.44 -49.09
C PRO H 276 -19.94 16.90 -48.80
N ALA H 277 -20.82 17.76 -49.31
CA ALA H 277 -20.69 19.20 -49.13
C ALA H 277 -22.08 19.84 -49.27
N ASP H 278 -22.23 21.00 -48.65
CA ASP H 278 -23.53 21.65 -48.54
C ASP H 278 -23.48 23.07 -49.08
N TYR H 279 -24.49 23.43 -49.86
CA TYR H 279 -24.55 24.72 -50.53
C TYR H 279 -25.97 25.23 -50.56
N ASN H 280 -26.11 26.52 -50.88
CA ASN H 280 -27.39 27.18 -51.10
C ASN H 280 -27.28 27.97 -52.40
N VAL H 281 -27.84 27.41 -53.48
CA VAL H 281 -27.61 27.97 -54.80
C VAL H 281 -28.04 29.42 -54.87
N ARG H 282 -29.04 29.81 -54.07
CA ARG H 282 -29.39 31.22 -53.99
C ARG H 282 -28.22 32.03 -53.43
N THR H 283 -27.69 31.60 -52.29
CA THR H 283 -26.60 32.31 -51.60
C THR H 283 -25.44 32.82 -52.46
N LEU H 284 -24.89 31.98 -53.33
CA LEU H 284 -23.77 32.42 -54.17
C LEU H 284 -24.25 33.56 -55.06
N ARG H 285 -23.46 34.63 -55.12
CA ARG H 285 -23.86 35.78 -55.94
C ARG H 285 -23.92 35.45 -57.42
N ILE H 286 -22.89 34.75 -57.91
CA ILE H 286 -22.59 34.26 -59.29
C ILE H 286 -21.10 33.91 -59.43
N ASP H 287 -20.25 34.92 -59.29
CA ASP H 287 -18.80 34.81 -59.44
C ASP H 287 -18.02 33.90 -58.47
N GLU H 288 -18.42 33.85 -57.20
CA GLU H 288 -17.67 33.05 -56.24
C GLU H 288 -17.59 31.57 -56.60
N ALA H 289 -18.67 30.99 -57.08
CA ALA H 289 -18.64 29.58 -57.49
C ALA H 289 -18.62 29.55 -59.01
N THR H 290 -17.55 29.04 -59.58
CA THR H 290 -17.42 29.02 -61.03
C THR H 290 -18.13 27.86 -61.72
N TRP H 291 -19.32 27.49 -61.24
CA TRP H 291 -20.04 26.41 -61.89
C TRP H 291 -21.55 26.64 -61.90
N LEU H 292 -22.00 27.88 -61.74
CA LEU H 292 -23.39 28.24 -61.93
C LEU H 292 -23.50 29.19 -63.09
N ARG H 293 -24.70 29.27 -63.67
CA ARG H 293 -24.94 30.19 -64.77
C ARG H 293 -26.23 30.96 -64.53
N MET H 294 -26.16 32.28 -64.70
CA MET H 294 -27.25 33.19 -64.42
C MET H 294 -27.83 33.76 -65.70
N ILE H 295 -29.15 33.85 -65.76
CA ILE H 295 -29.87 34.66 -66.74
C ILE H 295 -30.09 36.03 -66.12
N PRO H 296 -29.71 37.13 -66.78
CA PRO H 296 -29.75 38.44 -66.14
C PRO H 296 -31.14 38.84 -65.64
N LYS H 297 -31.19 39.88 -64.82
CA LYS H 297 -32.42 40.32 -64.17
C LYS H 297 -33.09 41.45 -64.94
N SER H 298 -34.35 41.69 -64.60
CA SER H 298 -35.08 42.90 -64.97
C SER H 298 -35.04 43.13 -66.48
N MET H 299 -35.63 42.19 -67.21
CA MET H 299 -35.55 42.28 -68.66
C MET H 299 -36.85 41.88 -69.36
N ASN H 300 -37.97 41.84 -68.63
CA ASN H 300 -39.23 41.45 -69.24
C ASN H 300 -39.23 40.04 -69.76
N THR H 301 -38.30 39.21 -69.33
CA THR H 301 -38.21 37.82 -69.77
C THR H 301 -39.09 36.98 -68.86
N PRO H 302 -40.25 36.56 -69.38
CA PRO H 302 -41.10 35.59 -68.71
C PRO H 302 -41.76 34.76 -69.80
N PHE H 303 -41.22 33.57 -70.05
CA PHE H 303 -41.73 32.69 -71.08
C PHE H 303 -41.94 31.29 -70.51
N GLN H 304 -42.63 30.45 -71.28
CA GLN H 304 -43.09 29.17 -70.78
C GLN H 304 -42.81 28.06 -71.79
N ILE H 305 -42.37 26.91 -71.29
CA ILE H 305 -42.03 25.77 -72.14
C ILE H 305 -42.71 24.50 -71.62
N GLN H 306 -42.91 23.55 -72.54
CA GLN H 306 -43.45 22.24 -72.25
C GLN H 306 -42.35 21.20 -72.33
N VAL H 307 -42.24 20.34 -71.31
CA VAL H 307 -41.21 19.32 -71.26
C VAL H 307 -41.86 17.97 -70.94
N THR H 308 -41.21 16.90 -71.35
CA THR H 308 -41.66 15.53 -71.09
C THR H 308 -40.69 14.82 -70.16
N ASP H 309 -41.17 13.73 -69.59
CA ASP H 309 -40.40 12.86 -68.71
C ASP H 309 -40.01 11.60 -69.48
N ASN H 310 -39.51 10.60 -68.73
CA ASN H 310 -39.22 9.31 -69.34
C ASN H 310 -40.46 8.71 -69.99
N THR H 311 -41.61 8.89 -69.36
CA THR H 311 -42.87 8.29 -69.80
C THR H 311 -43.77 9.31 -70.51
N GLY H 312 -43.19 10.18 -71.33
CA GLY H 312 -43.95 11.00 -72.24
C GLY H 312 -44.91 11.99 -71.61
N THR H 313 -45.04 11.95 -70.29
CA THR H 313 -45.90 12.90 -69.60
C THR H 313 -45.41 14.32 -69.83
N ASN H 314 -46.22 15.11 -70.53
CA ASN H 314 -45.84 16.50 -70.73
C ASN H 314 -45.96 17.27 -69.43
N TRP H 315 -45.08 18.26 -69.28
CA TRP H 315 -45.05 19.11 -68.10
C TRP H 315 -45.02 20.56 -68.56
N HIS H 316 -45.40 21.47 -67.66
CA HIS H 316 -45.31 22.89 -67.93
C HIS H 316 -44.71 23.58 -66.72
N LEU H 317 -44.02 24.70 -67.00
CA LEU H 317 -43.36 25.53 -66.00
C LEU H 317 -43.00 26.86 -66.65
N ASN H 318 -42.57 27.83 -65.83
CA ASN H 318 -42.24 29.16 -66.30
C ASN H 318 -40.82 29.54 -65.92
N LEU H 319 -40.22 30.37 -66.76
CA LEU H 319 -38.85 30.84 -66.56
C LEU H 319 -38.82 32.35 -66.62
N ARG H 320 -37.86 32.93 -65.89
CA ARG H 320 -37.68 34.37 -65.90
C ARG H 320 -36.23 34.68 -65.54
N GLY H 321 -35.88 35.96 -65.65
CA GLY H 321 -34.56 36.38 -65.27
C GLY H 321 -34.29 36.07 -63.80
N GLY H 322 -33.06 35.67 -63.52
CA GLY H 322 -32.70 35.22 -62.19
C GLY H 322 -32.65 33.73 -62.01
N THR H 323 -32.96 32.96 -63.04
CA THR H 323 -32.85 31.51 -62.95
C THR H 323 -31.38 31.10 -62.89
N ARG H 324 -31.07 30.19 -61.98
CA ARG H 324 -29.74 29.65 -61.84
C ARG H 324 -29.72 28.18 -62.26
N VAL H 325 -28.62 27.77 -62.88
CA VAL H 325 -28.39 26.38 -63.23
C VAL H 325 -26.95 26.04 -62.89
N VAL H 326 -26.56 24.79 -63.13
CA VAL H 326 -25.18 24.38 -63.04
C VAL H 326 -24.74 23.90 -64.41
N ASN H 327 -23.59 24.38 -64.87
CA ASN H 327 -22.99 23.80 -66.06
C ASN H 327 -22.59 22.38 -65.69
N LEU H 328 -23.38 21.42 -66.17
CA LEU H 328 -23.17 20.04 -65.75
C LEU H 328 -21.93 19.44 -66.38
N ASP H 329 -21.28 20.15 -67.28
CA ASP H 329 -20.02 19.72 -67.87
C ASP H 329 -18.88 20.01 -66.90
N GLN H 330 -17.74 19.35 -67.14
CA GLN H 330 -16.58 19.30 -66.26
C GLN H 330 -16.98 19.24 -64.79
N ILE H 331 -17.79 18.24 -64.47
CA ILE H 331 -18.32 18.07 -63.12
C ILE H 331 -17.86 16.78 -62.45
N ALA H 332 -17.27 15.82 -63.19
CA ALA H 332 -16.69 14.65 -62.54
C ALA H 332 -17.75 13.88 -61.73
N PRO H 333 -18.45 12.93 -62.36
CA PRO H 333 -19.83 12.56 -61.97
C PRO H 333 -20.22 12.72 -60.52
N MET H 334 -21.40 13.28 -60.32
CA MET H 334 -21.81 13.85 -59.05
C MET H 334 -23.24 13.39 -58.72
N ARG H 335 -23.61 13.53 -57.46
CA ARG H 335 -24.95 13.16 -56.99
C ARG H 335 -25.57 14.33 -56.26
N PHE H 336 -26.76 14.75 -56.69
CA PHE H 336 -27.46 15.87 -56.08
C PHE H 336 -28.68 15.37 -55.31
N VAL H 337 -28.82 15.86 -54.10
CA VAL H 337 -29.98 15.58 -53.25
C VAL H 337 -30.48 16.90 -52.69
N LEU H 338 -31.79 17.10 -52.73
CA LEU H 338 -32.39 18.37 -52.39
C LEU H 338 -33.22 18.27 -51.12
N ASP H 339 -33.21 19.35 -50.35
CA ASP H 339 -33.93 19.42 -49.08
C ASP H 339 -34.72 20.73 -49.03
N LEU H 340 -36.00 20.67 -49.39
CA LEU H 340 -36.87 21.83 -49.32
C LEU H 340 -37.37 22.10 -47.90
N GLY H 341 -37.12 21.19 -46.96
CA GLY H 341 -37.60 21.37 -45.61
C GLY H 341 -37.06 22.63 -44.97
N GLY H 342 -37.94 23.45 -44.41
CA GLY H 342 -37.55 24.67 -43.75
C GLY H 342 -37.95 25.94 -44.46
N LYS H 343 -38.42 25.89 -45.71
CA LYS H 343 -38.68 27.08 -46.49
C LYS H 343 -40.18 27.30 -46.63
N SER H 344 -40.54 28.48 -47.13
CA SER H 344 -41.94 28.91 -47.17
C SER H 344 -42.55 28.80 -48.57
N TYR H 345 -41.97 29.50 -49.54
CA TYR H 345 -42.41 29.50 -50.94
C TYR H 345 -43.90 29.78 -51.09
N LYS H 346 -44.52 30.39 -50.08
CA LYS H 346 -45.96 30.65 -50.13
C LYS H 346 -46.19 32.02 -50.76
N GLU H 347 -46.64 32.02 -52.01
CA GLU H 347 -46.82 33.24 -52.78
C GLU H 347 -48.15 33.87 -52.42
N THR H 348 -48.39 35.05 -53.00
CA THR H 348 -49.64 35.77 -52.75
C THR H 348 -50.84 34.94 -53.17
N SER H 349 -50.82 34.44 -54.41
CA SER H 349 -51.91 33.67 -54.98
C SER H 349 -51.40 32.33 -55.47
N TRP H 350 -50.48 31.74 -54.70
CA TRP H 350 -49.89 30.45 -55.05
C TRP H 350 -49.40 29.81 -53.76
N ASP H 351 -50.05 28.72 -53.34
CA ASP H 351 -49.61 27.98 -52.18
C ASP H 351 -48.95 26.69 -52.64
N PRO H 352 -47.69 26.45 -52.26
CA PRO H 352 -46.98 25.28 -52.81
C PRO H 352 -47.54 23.94 -52.36
N ASN H 353 -48.46 23.91 -51.42
CA ASN H 353 -49.01 22.63 -51.00
C ASN H 353 -49.72 21.94 -52.16
N GLY H 354 -49.40 20.67 -52.36
CA GLY H 354 -49.94 19.91 -53.45
C GLY H 354 -49.21 20.09 -54.77
N LYS H 355 -48.37 21.12 -54.89
CA LYS H 355 -47.64 21.33 -56.12
C LYS H 355 -46.51 20.30 -56.22
N LYS H 356 -45.68 20.43 -57.26
CA LYS H 356 -44.61 19.48 -57.49
C LYS H 356 -43.37 20.20 -58.01
N VAL H 357 -42.21 19.64 -57.71
CA VAL H 357 -40.93 20.13 -58.21
C VAL H 357 -40.25 18.96 -58.90
N GLY H 358 -39.18 19.29 -59.62
CA GLY H 358 -38.40 18.26 -60.28
C GLY H 358 -37.11 18.82 -60.81
N PHE H 359 -36.16 17.92 -61.08
CA PHE H 359 -34.93 18.31 -61.73
C PHE H 359 -35.10 18.27 -63.24
N ILE H 360 -34.61 19.31 -63.92
CA ILE H 360 -34.71 19.43 -65.37
C ILE H 360 -33.32 19.59 -65.93
N VAL H 361 -32.98 18.76 -66.91
CA VAL H 361 -31.67 18.74 -67.52
C VAL H 361 -31.81 19.26 -68.94
N PHE H 362 -31.13 20.36 -69.23
CA PHE H 362 -31.27 21.06 -70.50
C PHE H 362 -30.07 20.79 -71.37
N GLN H 363 -30.34 20.40 -72.61
CA GLN H 363 -29.32 19.99 -73.56
C GLN H 363 -29.48 20.84 -74.81
N SER H 364 -28.70 21.92 -74.91
CA SER H 364 -28.79 22.81 -76.06
C SER H 364 -27.43 23.44 -76.31
N LYS H 365 -27.27 23.99 -77.52
CA LYS H 365 -26.02 24.61 -77.90
C LYS H 365 -25.96 26.08 -77.56
N ILE H 366 -27.09 26.75 -77.49
CA ILE H 366 -27.12 28.17 -77.16
C ILE H 366 -26.69 28.36 -75.69
N PRO H 367 -25.82 29.31 -75.39
CA PRO H 367 -25.44 29.53 -73.99
C PRO H 367 -26.64 29.94 -73.15
N PHE H 368 -26.60 29.52 -71.88
CA PHE H 368 -27.78 29.63 -71.03
C PHE H 368 -28.14 31.09 -70.74
N GLU H 369 -27.16 31.99 -70.80
CA GLU H 369 -27.45 33.38 -70.47
C GLU H 369 -28.41 34.03 -71.44
N LEU H 370 -28.59 33.44 -72.61
CA LEU H 370 -29.43 33.98 -73.67
C LEU H 370 -30.52 32.99 -74.06
N TRP H 371 -31.19 32.41 -73.06
CA TRP H 371 -32.31 31.51 -73.30
C TRP H 371 -33.61 32.28 -73.09
N THR H 372 -34.02 33.00 -74.12
CA THR H 372 -35.16 33.90 -74.04
C THR H 372 -36.36 33.46 -74.85
N ALA H 373 -36.16 32.66 -75.90
CA ALA H 373 -37.25 32.07 -76.64
C ALA H 373 -37.40 30.61 -76.24
N ALA H 374 -38.61 30.08 -76.41
CA ALA H 374 -38.88 28.70 -76.01
C ALA H 374 -38.04 27.73 -76.82
N SER H 375 -37.94 27.95 -78.13
CA SER H 375 -37.20 27.03 -78.98
C SER H 375 -35.71 27.01 -78.69
N GLN H 376 -35.19 28.00 -77.96
CA GLN H 376 -33.78 28.01 -77.61
C GLN H 376 -33.40 26.84 -76.70
N ILE H 377 -34.36 26.19 -76.05
CA ILE H 377 -34.03 25.13 -75.10
C ILE H 377 -33.35 23.95 -75.76
N GLY H 378 -33.50 23.81 -77.07
CA GLY H 378 -33.01 22.59 -77.72
C GLY H 378 -33.67 21.37 -77.13
N GLN H 379 -32.90 20.31 -76.93
CA GLN H 379 -33.38 19.12 -76.26
C GLN H 379 -33.53 19.39 -74.76
N ALA H 380 -34.45 18.67 -74.14
CA ALA H 380 -34.69 18.81 -72.71
C ALA H 380 -35.38 17.56 -72.19
N THR H 381 -35.39 17.42 -70.86
CA THR H 381 -36.02 16.28 -70.21
C THR H 381 -36.09 16.53 -68.71
N VAL H 382 -37.25 16.26 -68.13
CA VAL H 382 -37.38 16.19 -66.67
C VAL H 382 -37.13 14.75 -66.25
N VAL H 383 -36.41 14.58 -65.15
CA VAL H 383 -35.86 13.26 -64.82
C VAL H 383 -36.43 12.70 -63.53
N ASN H 384 -36.51 13.52 -62.49
CA ASN H 384 -37.04 13.04 -61.22
C ASN H 384 -37.79 14.20 -60.58
N TYR H 385 -39.02 13.93 -60.15
CA TYR H 385 -39.89 14.96 -59.62
C TYR H 385 -40.48 14.50 -58.30
N VAL H 386 -40.67 15.45 -57.39
CA VAL H 386 -41.08 15.17 -56.02
C VAL H 386 -42.15 16.16 -55.62
N GLN H 387 -43.21 15.66 -54.98
CA GLN H 387 -44.31 16.50 -54.52
C GLN H 387 -44.03 17.04 -53.13
N LEU H 388 -44.22 18.35 -52.98
CA LEU H 388 -44.02 19.06 -51.72
C LEU H 388 -45.26 18.95 -50.84
N TYR H 389 -45.07 19.32 -49.56
CA TYR H 389 -46.15 19.34 -48.58
C TYR H 389 -45.96 20.52 -47.65
N ALA H 390 -47.06 20.97 -47.06
CA ALA H 390 -47.02 22.13 -46.18
C ALA H 390 -47.42 21.74 -44.75
N GLU H 391 -47.00 22.59 -43.81
CA GLU H 391 -47.25 22.41 -42.39
C GLU H 391 -46.79 23.69 -41.70
N ASP H 392 -47.48 24.06 -40.62
CA ASP H 392 -47.26 25.40 -40.08
C ASP H 392 -45.94 25.47 -39.32
N SER H 393 -45.64 26.66 -38.82
CA SER H 393 -44.30 27.03 -38.37
C SER H 393 -44.30 27.44 -36.91
N SER H 394 -43.14 27.98 -36.49
CA SER H 394 -43.05 28.72 -35.23
C SER H 394 -43.77 30.07 -35.33
N PHE H 395 -43.94 30.58 -36.54
CA PHE H 395 -44.44 31.94 -36.73
C PHE H 395 -45.96 31.95 -36.83
N THR H 396 -46.58 32.87 -36.09
CA THR H 396 -48.04 32.95 -36.09
C THR H 396 -48.56 33.30 -37.48
N ALA H 397 -49.51 32.50 -37.96
CA ALA H 397 -50.05 32.63 -39.32
C ALA H 397 -48.93 32.51 -40.36
N GLN H 398 -48.36 31.32 -40.40
CA GLN H 398 -47.24 31.01 -41.29
C GLN H 398 -47.31 29.53 -41.63
N SER H 399 -46.59 29.14 -42.68
CA SER H 399 -46.52 27.75 -43.09
C SER H 399 -45.15 27.45 -43.68
N ILE H 400 -44.80 26.15 -43.68
CA ILE H 400 -43.49 25.69 -44.12
C ILE H 400 -43.68 24.52 -45.09
N ILE H 401 -42.60 24.22 -45.81
CA ILE H 401 -42.48 22.99 -46.57
C ILE H 401 -42.05 21.87 -45.62
N ALA H 402 -42.13 20.62 -46.10
CA ALA H 402 -41.63 19.48 -45.37
C ALA H 402 -40.29 19.02 -45.95
N THR H 403 -39.60 18.14 -45.22
CA THR H 403 -38.34 17.61 -45.73
C THR H 403 -38.57 16.77 -46.99
N THR H 404 -37.71 16.99 -47.97
CA THR H 404 -37.80 16.31 -49.25
C THR H 404 -36.47 15.63 -49.53
N SER H 405 -36.48 14.75 -50.54
CA SER H 405 -35.27 14.09 -50.99
C SER H 405 -35.25 14.02 -52.51
N LEU H 406 -35.71 15.08 -53.16
CA LEU H 406 -35.60 15.18 -54.61
C LEU H 406 -34.14 14.98 -54.98
N ALA H 407 -33.84 13.86 -55.62
CA ALA H 407 -32.47 13.41 -55.79
C ALA H 407 -32.19 13.04 -57.24
N TYR H 408 -30.94 13.25 -57.65
CA TYR H 408 -30.50 12.92 -58.99
C TYR H 408 -29.00 12.81 -58.98
N ASN H 409 -28.47 11.80 -59.67
CA ASN H 409 -27.05 11.59 -59.78
C ASN H 409 -26.60 11.72 -61.23
N TYR H 410 -25.57 12.51 -61.46
CA TYR H 410 -25.13 12.80 -62.81
C TYR H 410 -23.93 11.93 -63.17
N GLU H 411 -23.95 11.38 -64.38
CA GLU H 411 -22.82 10.68 -64.95
C GLU H 411 -22.82 10.97 -66.43
N PRO H 412 -21.66 11.17 -67.06
CA PRO H 412 -21.64 11.55 -68.47
C PRO H 412 -21.90 10.40 -69.43
N GLU H 413 -21.72 9.14 -69.02
CA GLU H 413 -21.79 8.05 -69.98
C GLU H 413 -23.17 7.90 -70.58
N GLN H 414 -24.21 7.92 -69.75
CA GLN H 414 -25.55 7.56 -70.26
C GLN H 414 -26.14 8.63 -71.16
N LEU H 415 -25.69 9.87 -71.03
CA LEU H 415 -26.21 10.93 -71.90
C LEU H 415 -25.43 11.08 -73.19
N ASN H 416 -24.23 10.48 -73.29
CA ASN H 416 -23.51 10.35 -74.55
C ASN H 416 -23.17 11.72 -75.15
N LYS H 417 -22.28 12.43 -74.46
CA LYS H 417 -21.77 13.67 -75.05
C LYS H 417 -20.94 13.33 -76.28
N THR H 418 -21.50 13.57 -77.46
CA THR H 418 -20.83 13.28 -78.71
C THR H 418 -20.58 14.52 -79.56
N ASP H 419 -21.46 15.50 -79.49
CA ASP H 419 -21.20 16.73 -80.23
C ASP H 419 -20.36 17.67 -79.38
N PRO H 420 -19.21 18.13 -79.88
CA PRO H 420 -18.27 18.86 -79.01
C PRO H 420 -18.83 20.14 -78.41
N GLU H 421 -19.83 20.76 -79.05
CA GLU H 421 -20.39 22.00 -78.56
C GLU H 421 -21.70 21.79 -77.83
N MET H 422 -21.96 20.58 -77.36
CA MET H 422 -23.27 20.19 -76.84
C MET H 422 -23.28 20.54 -75.35
N ASN H 423 -24.00 21.59 -74.98
CA ASN H 423 -23.93 22.09 -73.61
C ASN H 423 -25.02 21.49 -72.74
N TYR H 424 -24.74 21.43 -71.43
CA TYR H 424 -25.60 20.73 -70.47
C TYR H 424 -25.82 21.63 -69.25
N TYR H 425 -27.04 22.06 -69.04
CA TYR H 425 -27.39 22.88 -67.88
C TYR H 425 -28.50 22.18 -67.10
N LEU H 426 -28.32 22.11 -65.78
CA LEU H 426 -29.24 21.43 -64.87
C LEU H 426 -30.05 22.46 -64.10
N LEU H 427 -31.37 22.32 -64.13
CA LEU H 427 -32.27 23.28 -63.51
C LEU H 427 -33.23 22.55 -62.58
N ALA H 428 -33.68 23.26 -61.55
CA ALA H 428 -34.65 22.73 -60.60
C ALA H 428 -35.68 23.80 -60.29
N THR H 429 -36.95 23.53 -60.63
CA THR H 429 -38.02 24.49 -60.41
C THR H 429 -39.32 23.75 -60.19
N PHE H 430 -40.35 24.53 -59.90
CA PHE H 430 -41.72 24.01 -59.84
C PHE H 430 -42.13 23.47 -61.20
N ILE H 431 -42.92 22.39 -61.20
CA ILE H 431 -43.52 21.89 -62.43
C ILE H 431 -44.97 21.53 -62.18
N ASP H 432 -45.71 21.39 -63.27
CA ASP H 432 -47.14 21.12 -63.19
C ASP H 432 -47.57 20.43 -64.48
N SER H 433 -48.79 19.93 -64.47
CA SER H 433 -49.42 19.39 -65.67
C SER H 433 -50.04 20.46 -66.54
N ALA H 434 -50.19 21.69 -66.04
CA ALA H 434 -50.92 22.73 -66.73
C ALA H 434 -50.06 23.98 -66.87
N ALA H 435 -50.56 24.93 -67.64
CA ALA H 435 -49.85 26.19 -67.86
C ALA H 435 -49.87 27.04 -66.60
N ILE H 436 -48.72 27.57 -66.21
CA ILE H 436 -48.61 28.36 -64.99
C ILE H 436 -48.55 29.83 -65.36
N THR H 437 -49.38 30.62 -64.71
CA THR H 437 -49.36 32.06 -64.92
C THR H 437 -48.07 32.64 -64.37
N PRO H 438 -47.24 33.29 -65.19
CA PRO H 438 -45.94 33.78 -64.70
C PRO H 438 -46.07 34.81 -63.59
N THR H 439 -47.21 35.48 -63.46
CA THR H 439 -47.43 36.36 -62.33
C THR H 439 -48.06 35.64 -61.15
N ASN H 440 -48.63 34.46 -61.36
CA ASN H 440 -49.16 33.69 -60.24
C ASN H 440 -48.04 33.00 -59.46
N MET H 441 -46.97 32.59 -60.13
CA MET H 441 -45.78 32.04 -59.50
C MET H 441 -44.61 32.91 -59.92
N THR H 442 -43.92 33.51 -58.94
CA THR H 442 -42.90 34.48 -59.26
C THR H 442 -41.49 34.12 -58.80
N GLN H 443 -41.33 33.25 -57.81
CA GLN H 443 -40.00 32.84 -57.43
C GLN H 443 -39.30 32.18 -58.62
N PRO H 444 -38.11 32.63 -59.00
CA PRO H 444 -37.52 32.14 -60.26
C PRO H 444 -37.35 30.64 -60.30
N ASP H 445 -36.92 30.03 -59.20
CA ASP H 445 -36.74 28.59 -59.13
C ASP H 445 -36.71 28.19 -57.66
N VAL H 446 -36.59 26.89 -57.42
CA VAL H 446 -36.66 26.38 -56.06
C VAL H 446 -35.25 26.17 -55.55
N TRP H 447 -34.29 26.92 -56.11
CA TRP H 447 -32.91 26.83 -55.67
C TRP H 447 -32.69 27.46 -54.31
N ASP H 448 -33.69 28.12 -53.73
CA ASP H 448 -33.57 28.69 -52.40
C ASP H 448 -33.86 27.62 -51.35
N ALA H 449 -33.02 26.59 -51.41
CA ALA H 449 -33.12 25.43 -50.53
C ALA H 449 -31.69 25.07 -50.12
N LEU H 450 -31.52 23.85 -49.59
CA LEU H 450 -30.22 23.41 -49.11
C LEU H 450 -29.82 22.16 -49.91
N LEU H 451 -28.92 22.36 -50.87
CA LEU H 451 -28.49 21.30 -51.77
C LEU H 451 -27.19 20.68 -51.30
N THR H 452 -27.15 19.35 -51.29
CA THR H 452 -25.99 18.59 -50.83
C THR H 452 -25.40 17.80 -51.99
N MET H 453 -24.18 18.13 -52.36
CA MET H 453 -23.44 17.43 -53.40
C MET H 453 -22.56 16.36 -52.75
N SER H 454 -22.54 15.17 -53.34
CA SER H 454 -21.73 14.08 -52.84
C SER H 454 -20.99 13.46 -54.02
N PRO H 455 -19.66 13.42 -53.99
CA PRO H 455 -18.91 12.92 -55.15
C PRO H 455 -19.32 11.51 -55.51
N LEU H 456 -19.47 11.27 -56.81
CA LEU H 456 -19.90 9.99 -57.33
C LEU H 456 -18.80 9.29 -58.14
N SER H 457 -17.57 9.74 -57.99
CA SER H 457 -16.41 9.09 -58.57
C SER H 457 -15.14 9.57 -57.89
N ALA H 458 -14.46 8.69 -57.17
CA ALA H 458 -13.28 9.08 -56.40
C ALA H 458 -12.01 9.07 -57.23
N GLY H 459 -12.12 8.99 -58.56
CA GLY H 459 -10.97 9.04 -59.43
C GLY H 459 -10.75 10.35 -60.15
N GLU H 460 -11.49 11.40 -59.80
CA GLU H 460 -11.38 12.68 -60.48
C GLU H 460 -11.18 13.80 -59.46
N VAL H 461 -10.52 14.86 -59.89
CA VAL H 461 -10.19 15.99 -59.04
C VAL H 461 -10.43 17.28 -59.80
N THR H 462 -11.04 18.25 -59.14
CA THR H 462 -11.31 19.55 -59.72
C THR H 462 -10.50 20.62 -59.02
N VAL H 463 -10.12 21.65 -59.77
CA VAL H 463 -9.40 22.79 -59.23
C VAL H 463 -10.20 24.06 -59.51
N LYS H 464 -10.56 24.76 -58.44
CA LYS H 464 -11.38 25.97 -58.49
C LYS H 464 -12.51 25.83 -59.52
N GLY H 465 -13.27 24.76 -59.38
CA GLY H 465 -14.45 24.54 -60.18
C GLY H 465 -14.24 23.76 -61.46
N ALA H 466 -13.00 23.50 -61.86
CA ALA H 466 -12.71 22.84 -63.12
C ALA H 466 -12.07 21.49 -62.86
N VAL H 467 -12.61 20.44 -63.47
CA VAL H 467 -11.96 19.14 -63.44
C VAL H 467 -10.69 19.18 -64.28
N VAL H 468 -9.64 18.51 -63.80
CA VAL H 468 -8.36 18.47 -64.49
C VAL H 468 -7.68 17.15 -64.15
N SER H 469 -6.86 16.66 -65.07
CA SER H 469 -6.25 15.34 -64.92
C SER H 469 -4.92 15.37 -64.19
N GLU H 470 -4.20 16.50 -64.23
CA GLU H 470 -2.92 16.63 -63.58
C GLU H 470 -3.04 17.73 -62.54
N VAL H 471 -2.50 17.50 -61.34
CA VAL H 471 -2.46 18.52 -60.31
C VAL H 471 -1.06 18.57 -59.73
N VAL H 472 -0.54 19.79 -59.57
CA VAL H 472 0.78 20.01 -58.98
C VAL H 472 0.56 20.48 -57.54
N PRO H 473 0.85 19.66 -56.55
CA PRO H 473 0.51 20.00 -55.16
C PRO H 473 1.28 21.20 -54.63
N ALA H 474 2.12 21.81 -55.46
CA ALA H 474 2.88 22.97 -55.00
C ALA H 474 2.03 24.24 -55.03
N ASP H 475 1.43 24.54 -56.18
CA ASP H 475 0.72 25.81 -56.30
C ASP H 475 -0.58 25.83 -55.52
N LEU H 476 -1.05 24.70 -55.01
CA LEU H 476 -2.27 24.75 -54.21
C LEU H 476 -2.07 25.58 -52.95
N ILE H 477 -0.82 25.84 -52.58
CA ILE H 477 -0.51 26.60 -51.38
C ILE H 477 -0.89 28.06 -51.59
N GLY H 478 -1.85 28.54 -50.80
CA GLY H 478 -2.28 29.93 -50.95
C GLY H 478 -2.88 30.23 -52.30
N SER H 479 -3.77 29.37 -52.78
CA SER H 479 -4.46 29.58 -54.05
C SER H 479 -5.97 29.57 -53.87
N TYR H 480 -6.46 29.73 -52.64
CA TYR H 480 -7.88 29.72 -52.36
C TYR H 480 -8.18 30.79 -51.34
N THR H 481 -9.14 31.54 -51.61
CA THR H 481 -9.76 32.45 -50.66
C THR H 481 -10.90 31.74 -49.95
N PRO H 482 -11.20 32.14 -48.72
CA PRO H 482 -12.27 31.47 -47.98
C PRO H 482 -13.60 31.45 -48.71
N GLU H 483 -13.92 32.50 -49.45
CA GLU H 483 -15.15 32.51 -50.22
C GLU H 483 -15.15 31.39 -51.24
N SER H 484 -14.09 31.28 -52.03
CA SER H 484 -14.00 30.20 -53.00
C SER H 484 -13.74 28.87 -52.33
N LEU H 485 -12.97 28.88 -51.24
CA LEU H 485 -12.71 27.64 -50.51
C LEU H 485 -14.00 27.00 -50.03
N ASN H 486 -14.91 27.82 -49.52
CA ASN H 486 -16.22 27.31 -49.14
C ASN H 486 -17.14 27.15 -50.33
N THR H 487 -16.78 27.70 -51.48
CA THR H 487 -17.57 27.56 -52.70
C THR H 487 -17.05 26.48 -53.63
N SER H 488 -15.98 25.78 -53.25
CA SER H 488 -15.46 24.73 -54.12
C SER H 488 -16.38 23.51 -54.10
N LEU H 489 -16.22 22.69 -55.13
CA LEU H 489 -16.99 21.46 -55.25
C LEU H 489 -16.48 20.44 -54.25
N PRO H 490 -17.28 19.40 -53.95
CA PRO H 490 -16.81 18.37 -53.03
C PRO H 490 -15.55 17.66 -53.49
N ASN H 491 -15.40 17.43 -54.79
CA ASN H 491 -14.24 16.72 -55.32
C ASN H 491 -13.19 17.70 -55.80
N ASP H 492 -12.73 18.54 -54.88
CA ASP H 492 -11.73 19.55 -55.20
C ASP H 492 -10.37 19.15 -54.67
N ALA H 493 -9.32 19.59 -55.37
CA ALA H 493 -7.96 19.23 -54.99
C ALA H 493 -7.64 19.70 -53.59
N ALA H 494 -8.02 20.93 -53.25
CA ALA H 494 -7.75 21.45 -51.92
C ALA H 494 -8.36 20.56 -50.85
N ARG H 495 -9.56 20.04 -51.10
CA ARG H 495 -10.19 19.17 -50.12
C ARG H 495 -9.33 17.93 -49.86
N CYS H 496 -8.92 17.24 -50.92
CA CYS H 496 -8.06 16.07 -50.73
C CYS H 496 -6.75 16.45 -50.08
N MET H 497 -6.17 17.58 -50.48
CA MET H 497 -4.94 18.07 -49.86
C MET H 497 -5.13 18.24 -48.36
N ILE H 498 -6.21 18.89 -47.95
CA ILE H 498 -6.41 19.17 -46.53
C ILE H 498 -6.48 17.87 -45.74
N ASP H 499 -7.21 16.88 -46.26
CA ASP H 499 -7.32 15.61 -45.55
C ASP H 499 -6.00 14.87 -45.51
N ARG H 500 -5.29 14.82 -46.65
CA ARG H 500 -3.99 14.16 -46.64
C ARG H 500 -3.02 14.87 -45.72
N ALA H 501 -3.00 16.21 -45.78
CA ALA H 501 -2.19 16.96 -44.83
C ALA H 501 -2.60 16.66 -43.40
N SER H 502 -3.90 16.44 -43.18
CA SER H 502 -4.37 16.12 -41.84
C SER H 502 -3.67 14.89 -41.29
N LYS H 503 -3.33 13.94 -42.15
CA LYS H 503 -2.67 12.73 -41.69
C LYS H 503 -1.26 12.99 -41.18
N ILE H 504 -0.64 14.09 -41.59
CA ILE H 504 0.58 14.55 -40.94
C ILE H 504 0.28 15.09 -39.54
N ALA H 505 -0.85 15.79 -39.41
CA ALA H 505 -1.11 16.54 -38.19
C ALA H 505 -1.10 15.64 -36.96
N GLU H 506 -1.78 14.50 -37.03
CA GLU H 506 -1.70 13.55 -35.94
C GLU H 506 -0.25 13.16 -35.66
N ALA H 507 0.52 12.90 -36.71
CA ALA H 507 1.86 12.37 -36.52
C ALA H 507 2.73 13.32 -35.70
N ILE H 508 2.64 14.62 -35.98
CA ILE H 508 3.45 15.59 -35.25
C ILE H 508 3.17 15.51 -33.76
N LYS H 509 1.90 15.38 -33.39
CA LYS H 509 1.53 15.54 -32.00
C LYS H 509 2.11 14.44 -31.10
N ILE H 510 2.22 13.21 -31.60
CA ILE H 510 2.82 12.16 -30.78
C ILE H 510 4.28 12.49 -30.48
N ASP H 511 5.04 12.84 -31.51
CA ASP H 511 6.44 13.21 -31.27
C ASP H 511 6.54 14.55 -30.56
N ASP H 512 5.82 15.55 -31.06
CA ASP H 512 5.97 16.91 -30.55
C ASP H 512 5.07 17.16 -29.36
N ASP H 513 5.63 17.76 -28.31
CA ASP H 513 4.87 18.17 -27.15
C ASP H 513 5.27 19.56 -26.68
N ALA H 514 5.88 20.35 -27.56
CA ALA H 514 6.38 21.66 -27.16
C ALA H 514 5.24 22.56 -26.72
N GLY H 515 5.50 23.38 -25.70
CA GLY H 515 4.54 24.33 -25.23
C GLY H 515 4.58 25.60 -26.05
N PRO H 516 4.00 26.68 -25.51
CA PRO H 516 3.95 27.95 -26.24
C PRO H 516 5.33 28.43 -26.67
N ASP H 517 5.47 28.71 -27.96
CA ASP H 517 6.58 29.49 -28.50
C ASP H 517 7.95 28.90 -28.15
N GLU H 518 8.08 27.60 -28.31
CA GLU H 518 9.36 26.95 -28.13
C GLU H 518 9.62 26.00 -29.28
N TYR H 519 10.88 25.90 -29.67
CA TYR H 519 11.27 25.03 -30.77
C TYR H 519 11.09 23.56 -30.40
N SER H 520 10.70 22.78 -31.40
CA SER H 520 10.77 21.32 -31.36
C SER H 520 11.30 20.87 -32.71
N PRO H 521 11.89 19.67 -32.78
CA PRO H 521 12.52 19.25 -34.03
C PRO H 521 11.64 19.33 -35.26
N ASN H 522 10.34 19.52 -35.06
CA ASN H 522 9.42 19.72 -36.17
C ASN H 522 9.33 21.16 -36.62
N SER H 523 9.63 22.11 -35.74
CA SER H 523 9.58 23.52 -36.09
C SER H 523 10.81 24.00 -36.85
N VAL H 524 11.98 23.51 -36.51
CA VAL H 524 13.24 23.99 -37.08
C VAL H 524 13.36 23.79 -38.59
N PRO H 525 12.73 22.80 -39.22
CA PRO H 525 12.78 22.78 -40.70
C PRO H 525 12.26 24.06 -41.31
N ILE H 526 11.22 24.64 -40.72
CA ILE H 526 10.70 25.91 -41.19
C ILE H 526 11.74 27.00 -41.01
N GLN H 527 12.49 26.94 -39.90
CA GLN H 527 13.47 27.98 -39.60
C GLN H 527 14.52 28.08 -40.70
N GLY H 528 14.94 26.94 -41.24
CA GLY H 528 16.02 26.95 -42.22
C GLY H 528 15.69 27.79 -43.44
N GLN H 529 14.44 27.77 -43.87
CA GLN H 529 14.04 28.62 -44.98
C GLN H 529 13.93 30.08 -44.55
N LEU H 530 13.37 30.33 -43.36
CA LEU H 530 13.12 31.70 -42.94
C LEU H 530 14.42 32.49 -42.86
N ALA H 531 15.49 31.85 -42.38
CA ALA H 531 16.77 32.54 -42.32
C ALA H 531 17.26 32.92 -43.70
N ILE H 532 17.25 31.96 -44.63
CA ILE H 532 17.83 32.20 -45.95
C ILE H 532 17.05 33.26 -46.69
N SER H 533 15.72 33.28 -46.51
CA SER H 533 14.92 34.32 -47.14
C SER H 533 15.35 35.69 -46.66
N GLN H 534 15.58 35.83 -45.36
CA GLN H 534 15.91 37.13 -44.78
C GLN H 534 17.17 37.72 -45.39
N LEU H 535 17.99 36.89 -46.03
CA LEU H 535 19.27 37.32 -46.58
C LEU H 535 19.21 37.62 -48.07
N GLU H 536 18.03 37.87 -48.61
CA GLU H 536 17.91 38.13 -50.04
C GLU H 536 17.95 39.63 -50.33
N THR H 537 17.98 39.96 -51.62
CA THR H 537 18.05 41.34 -52.10
C THR H 537 17.17 41.44 -53.35
N GLY H 538 15.95 41.92 -53.16
CA GLY H 538 15.02 42.02 -54.27
C GLY H 538 13.85 42.95 -54.01
N TYR H 539 12.66 42.53 -54.40
CA TYR H 539 11.46 43.36 -54.28
C TYR H 539 11.10 43.57 -52.81
N GLY H 540 10.69 44.79 -52.48
CA GLY H 540 10.27 45.11 -51.13
C GLY H 540 11.41 45.57 -50.25
N VAL H 541 11.14 45.62 -48.95
CA VAL H 541 12.04 46.18 -47.97
C VAL H 541 12.48 45.10 -46.99
N ARG H 542 13.79 45.00 -46.75
CA ARG H 542 14.34 44.03 -45.82
C ARG H 542 14.07 44.51 -44.39
N ILE H 543 13.55 43.62 -43.56
CA ILE H 543 13.31 43.89 -42.15
C ILE H 543 13.86 42.71 -41.37
N PHE H 544 15.01 42.89 -40.74
CA PHE H 544 15.83 41.82 -40.21
C PHE H 544 15.26 41.27 -38.92
N ASN H 545 15.78 40.11 -38.50
CA ASN H 545 15.48 39.50 -37.22
C ASN H 545 16.69 38.71 -36.75
N PRO H 546 16.81 38.49 -35.45
CA PRO H 546 17.80 37.55 -34.93
C PRO H 546 17.23 36.14 -34.84
N LYS H 547 18.12 35.19 -34.55
CA LYS H 547 17.71 33.79 -34.51
C LYS H 547 16.73 33.52 -33.37
N GLY H 548 16.82 34.30 -32.28
CA GLY H 548 15.86 34.14 -31.21
C GLY H 548 14.44 34.48 -31.65
N ILE H 549 14.30 35.48 -32.51
CA ILE H 549 12.99 35.76 -33.09
C ILE H 549 12.54 34.61 -33.97
N LEU H 550 13.46 34.08 -34.79
CA LEU H 550 13.06 33.14 -35.84
C LEU H 550 12.62 31.81 -35.24
N SER H 551 13.38 31.28 -34.28
CA SER H 551 12.94 30.07 -33.61
C SER H 551 11.56 30.25 -33.03
N LYS H 552 11.25 31.46 -32.57
CA LYS H 552 9.95 31.75 -32.00
C LYS H 552 8.89 31.90 -33.07
N ILE H 553 9.25 32.47 -34.23
CA ILE H 553 8.29 32.64 -35.31
C ILE H 553 7.87 31.29 -35.87
N ALA H 554 8.85 30.53 -36.38
CA ALA H 554 8.54 29.27 -37.03
C ALA H 554 7.81 28.33 -36.09
N SER H 555 8.21 28.32 -34.82
CA SER H 555 7.48 27.53 -33.84
C SER H 555 5.99 27.85 -33.88
N ARG H 556 5.66 29.14 -33.90
CA ARG H 556 4.26 29.52 -33.91
C ARG H 556 3.57 29.06 -35.17
N ALA H 557 4.19 29.29 -36.33
CA ALA H 557 3.57 28.93 -37.60
C ALA H 557 3.26 27.44 -37.64
N MET H 558 4.25 26.60 -37.36
CA MET H 558 4.03 25.16 -37.34
C MET H 558 3.03 24.78 -36.27
N GLN H 559 3.14 25.41 -35.09
CA GLN H 559 2.16 25.15 -34.05
C GLN H 559 0.79 25.63 -34.50
N ALA H 560 0.73 26.80 -35.13
CA ALA H 560 -0.55 27.29 -35.64
C ALA H 560 -1.06 26.42 -36.77
N PHE H 561 -0.16 25.82 -37.56
CA PHE H 561 -0.59 24.91 -38.60
C PHE H 561 -1.33 23.72 -38.02
N ILE H 562 -0.87 23.21 -36.87
CA ILE H 562 -1.46 22.03 -36.28
C ILE H 562 -2.93 22.25 -35.97
N GLY H 563 -3.28 23.45 -35.51
CA GLY H 563 -4.67 23.72 -35.15
C GLY H 563 -5.62 23.53 -36.31
N ASP H 564 -5.20 23.90 -37.51
CA ASP H 564 -6.01 23.71 -38.70
C ASP H 564 -5.11 23.44 -39.89
N PRO H 565 -5.19 22.26 -40.48
CA PRO H 565 -4.41 21.99 -41.70
C PRO H 565 -4.78 22.91 -42.85
N SER H 566 -6.02 23.42 -42.89
CA SER H 566 -6.49 24.12 -44.08
C SER H 566 -5.76 25.43 -44.33
N THR H 567 -4.96 25.90 -43.38
CA THR H 567 -4.32 27.20 -43.54
C THR H 567 -3.32 27.19 -44.69
N ILE H 568 -2.65 26.07 -44.92
CA ILE H 568 -1.61 26.00 -45.94
C ILE H 568 -2.16 26.37 -47.32
N ILE H 569 -3.46 26.17 -47.55
CA ILE H 569 -4.07 26.50 -48.83
C ILE H 569 -4.82 27.82 -48.80
N THR H 570 -5.10 28.37 -47.63
CA THR H 570 -5.76 29.67 -47.55
C THR H 570 -4.84 30.74 -48.14
N GLN H 571 -5.40 31.59 -49.00
CA GLN H 571 -4.60 32.63 -49.62
C GLN H 571 -4.10 33.61 -48.58
N ALA H 572 -2.88 34.09 -48.77
CA ALA H 572 -2.28 35.10 -47.92
C ALA H 572 -2.31 34.68 -46.45
N ALA H 573 -1.86 33.46 -46.20
CA ALA H 573 -1.68 32.99 -44.83
C ALA H 573 -0.51 33.74 -44.20
N PRO H 574 -0.38 33.71 -42.87
CA PRO H 574 0.75 34.39 -42.24
C PRO H 574 2.11 33.94 -42.77
N VAL H 575 2.42 32.65 -42.60
CA VAL H 575 3.71 32.11 -42.99
C VAL H 575 3.56 30.95 -43.97
N LEU H 576 2.60 30.07 -43.73
CA LEU H 576 2.39 28.91 -44.58
C LEU H 576 1.97 29.27 -46.00
N SER H 577 1.68 30.54 -46.26
CA SER H 577 1.30 30.98 -47.60
C SER H 577 2.34 30.65 -48.65
N ASP H 578 3.61 30.54 -48.26
CA ASP H 578 4.69 30.20 -49.18
C ASP H 578 4.89 28.70 -49.20
N LYS H 579 5.06 28.14 -50.41
CA LYS H 579 5.19 26.69 -50.53
C LYS H 579 6.52 26.20 -50.01
N ASN H 580 7.56 27.03 -50.08
CA ASN H 580 8.90 26.58 -49.73
C ASN H 580 8.96 26.05 -48.31
N ASN H 581 8.31 26.74 -47.38
CA ASN H 581 8.30 26.28 -46.01
C ASN H 581 7.57 24.96 -45.87
N TRP H 582 6.51 24.77 -46.64
CA TRP H 582 5.76 23.53 -46.59
C TRP H 582 6.66 22.33 -46.91
N ILE H 583 7.33 22.39 -48.05
CA ILE H 583 8.23 21.30 -48.45
C ILE H 583 9.27 21.06 -47.37
N ALA H 584 9.91 22.13 -46.89
CA ALA H 584 10.91 21.99 -45.83
C ALA H 584 10.30 21.33 -44.60
N LEU H 585 9.06 21.68 -44.26
CA LEU H 585 8.37 20.97 -43.21
C LEU H 585 8.03 19.55 -43.64
N ALA H 586 7.56 19.39 -44.87
CA ALA H 586 7.06 18.09 -45.30
C ALA H 586 8.18 17.08 -45.43
N GLN H 587 9.26 17.46 -46.10
CA GLN H 587 10.37 16.53 -46.29
C GLN H 587 11.15 16.32 -45.01
N GLY H 588 11.13 17.30 -44.10
CA GLY H 588 11.93 17.17 -42.90
C GLY H 588 11.29 16.39 -41.77
N VAL H 589 9.97 16.20 -41.79
CA VAL H 589 9.31 15.54 -40.68
C VAL H 589 9.73 14.08 -40.62
N LYS H 590 9.90 13.45 -41.78
CA LYS H 590 10.21 12.02 -41.83
C LYS H 590 11.54 11.71 -41.19
N THR H 591 12.59 12.46 -41.52
CA THR H 591 13.90 12.20 -40.96
C THR H 591 13.93 12.44 -39.47
N SER H 592 13.03 13.26 -38.94
CA SER H 592 12.94 13.43 -37.50
C SER H 592 12.50 12.15 -36.82
N LEU H 593 11.50 11.48 -37.38
CA LEU H 593 11.00 10.27 -36.73
C LEU H 593 11.92 9.09 -36.93
N ARG H 594 12.58 9.00 -38.10
CA ARG H 594 13.43 7.86 -38.37
C ARG H 594 14.68 7.84 -37.51
N THR H 595 15.04 8.96 -36.92
CA THR H 595 16.26 9.06 -36.14
C THR H 595 15.99 9.09 -34.63
N LYS H 596 14.74 8.94 -34.22
CA LYS H 596 14.45 8.79 -32.81
C LYS H 596 15.05 7.48 -32.30
N SER H 597 15.38 7.46 -31.02
CA SER H 597 16.00 6.29 -30.40
C SER H 597 15.22 5.92 -29.15
N LEU H 598 14.14 5.16 -29.33
CA LEU H 598 13.30 4.66 -28.24
C LEU H 598 13.01 5.71 -27.18
N SER H 599 12.78 6.94 -27.60
CA SER H 599 12.68 8.07 -26.70
C SER H 599 11.24 8.59 -26.63
N ALA H 600 11.04 9.53 -25.72
CA ALA H 600 9.79 10.27 -25.61
C ALA H 600 10.13 11.73 -25.32
N GLY H 601 9.11 12.51 -25.01
CA GLY H 601 9.34 13.89 -24.64
C GLY H 601 9.84 14.03 -23.22
N VAL H 602 10.58 15.12 -22.98
CA VAL H 602 11.09 15.36 -21.64
C VAL H 602 9.96 15.70 -20.69
N LYS H 603 8.95 16.43 -21.15
CA LYS H 603 7.83 16.77 -20.28
C LYS H 603 6.84 15.63 -20.12
N THR H 604 6.82 14.68 -21.04
CA THR H 604 5.90 13.54 -20.88
C THR H 604 6.21 12.78 -19.61
N ALA H 605 7.49 12.47 -19.38
CA ALA H 605 7.86 11.58 -18.30
C ALA H 605 7.44 12.15 -16.95
N VAL H 606 7.75 13.42 -16.70
CA VAL H 606 7.47 13.98 -15.39
C VAL H 606 5.98 13.94 -15.10
N SER H 607 5.16 14.31 -16.08
CA SER H 607 3.71 14.20 -15.89
C SER H 607 3.29 12.75 -15.84
N LYS H 608 3.75 11.95 -16.80
CA LYS H 608 3.33 10.56 -16.88
C LYS H 608 3.74 9.80 -15.63
N LEU H 609 4.98 10.00 -15.18
CA LEU H 609 5.40 9.38 -13.93
C LEU H 609 4.52 9.82 -12.77
N SER H 610 4.36 11.13 -12.60
CA SER H 610 3.57 11.63 -11.47
C SER H 610 2.13 11.17 -11.57
N SER H 611 1.56 11.19 -12.78
CA SER H 611 0.17 10.79 -12.94
C SER H 611 -0.04 9.36 -12.49
N SER H 612 0.86 8.46 -12.87
CA SER H 612 0.76 7.08 -12.41
C SER H 612 0.93 6.96 -10.90
N GLU H 613 1.74 7.82 -10.31
CA GLU H 613 1.90 7.78 -8.86
C GLU H 613 0.57 8.05 -8.17
N SER H 614 -0.18 9.04 -8.64
CA SER H 614 -1.50 9.28 -8.09
C SER H 614 -2.37 8.05 -8.23
N ILE H 615 -2.31 7.39 -9.38
CA ILE H 615 -3.12 6.20 -9.60
C ILE H 615 -2.76 5.12 -8.60
N GLN H 616 -1.47 4.88 -8.41
CA GLN H 616 -1.04 3.90 -7.41
C GLN H 616 -1.50 4.29 -6.02
N ASN H 617 -1.36 5.57 -5.67
CA ASN H 617 -1.88 6.03 -4.39
C ASN H 617 -3.37 5.82 -4.30
N TRP H 618 -4.09 6.14 -5.38
CA TRP H 618 -5.54 5.98 -5.39
C TRP H 618 -5.93 4.52 -5.23
N THR H 619 -5.20 3.62 -5.89
CA THR H 619 -5.51 2.20 -5.79
C THR H 619 -5.37 1.71 -4.35
N GLN H 620 -4.23 1.98 -3.73
CA GLN H 620 -4.02 1.51 -2.37
C GLN H 620 -5.10 2.02 -1.44
N GLY H 621 -5.65 3.21 -1.72
CA GLY H 621 -6.79 3.69 -0.96
C GLY H 621 -8.01 2.81 -1.15
N PHE H 622 -8.26 2.37 -2.38
CA PHE H 622 -9.39 1.47 -2.61
C PHE H 622 -9.18 0.15 -1.89
N LEU H 623 -8.03 -0.48 -2.10
CA LEU H 623 -7.73 -1.74 -1.43
C LEU H 623 -7.73 -1.57 0.09
N ASP H 624 -7.44 -0.37 0.57
CA ASP H 624 -7.52 -0.13 2.01
C ASP H 624 -8.94 -0.32 2.52
N LYS H 625 -9.93 0.11 1.76
CA LYS H 625 -11.31 -0.07 2.16
C LYS H 625 -11.77 -1.51 1.97
N VAL H 626 -11.11 -2.24 1.07
CA VAL H 626 -11.53 -3.61 0.78
C VAL H 626 -11.28 -4.52 1.96
N SER H 627 -10.16 -4.31 2.66
CA SER H 627 -9.83 -5.14 3.82
C SER H 627 -10.84 -4.93 4.94
N ALA H 628 -11.30 -3.70 5.11
CA ALA H 628 -12.11 -3.38 6.28
C ALA H 628 -13.44 -4.11 6.26
N HIS H 629 -14.17 -4.02 5.16
CA HIS H 629 -15.53 -4.56 5.12
C HIS H 629 -15.57 -6.06 4.92
N PHE H 630 -14.41 -6.69 4.68
CA PHE H 630 -14.28 -8.14 4.69
C PHE H 630 -13.07 -8.48 5.54
N PRO H 631 -13.19 -8.34 6.86
CA PRO H 631 -12.01 -8.48 7.72
C PRO H 631 -11.47 -9.89 7.71
N ALA H 632 -10.23 -10.01 8.19
CA ALA H 632 -9.59 -11.30 8.27
C ALA H 632 -9.55 -11.79 9.72
N PRO H 633 -9.77 -13.09 9.95
CA PRO H 633 -9.81 -13.64 11.31
C PRO H 633 -8.47 -13.57 12.02
N THR I 9 41.34 15.68 -33.55
CA THR I 9 41.36 14.49 -34.37
C THR I 9 40.56 14.70 -35.65
N ILE I 10 39.38 15.30 -35.50
CA ILE I 10 38.63 15.82 -36.63
C ILE I 10 38.44 17.31 -36.44
N ASN I 11 38.70 18.08 -37.48
CA ASN I 11 38.48 19.53 -37.45
C ASN I 11 37.13 19.80 -38.09
N VAL I 12 36.15 20.18 -37.28
CA VAL I 12 34.84 20.51 -37.82
C VAL I 12 34.93 21.70 -38.76
N THR I 13 35.67 22.72 -38.36
CA THR I 13 35.81 23.93 -39.16
C THR I 13 36.89 23.82 -40.23
N GLY I 14 37.57 22.67 -40.31
CA GLY I 14 38.58 22.50 -41.32
C GLY I 14 38.02 21.99 -42.63
N ASP I 15 38.92 21.88 -43.61
CA ASP I 15 38.59 21.39 -44.94
C ASP I 15 38.78 19.88 -45.00
N GLY I 16 38.33 19.29 -46.09
CA GLY I 16 38.44 17.86 -46.30
C GLY I 16 37.20 17.06 -46.00
N ASN I 17 36.24 17.62 -45.26
CA ASN I 17 35.05 16.87 -44.92
C ASN I 17 34.12 16.77 -46.13
N VAL I 18 33.21 15.81 -46.06
CA VAL I 18 32.33 15.49 -47.18
C VAL I 18 30.88 15.56 -46.71
N PHE I 19 30.06 16.29 -47.45
CA PHE I 19 28.64 16.42 -47.14
C PHE I 19 27.86 16.14 -48.42
N LYS I 20 27.58 14.86 -48.68
CA LYS I 20 26.76 14.44 -49.80
C LYS I 20 25.65 13.55 -49.31
N PRO I 21 24.57 14.12 -48.78
CA PRO I 21 23.38 13.32 -48.49
C PRO I 21 22.89 12.62 -49.73
N SER I 22 22.41 11.40 -49.55
CA SER I 22 21.98 10.58 -50.67
C SER I 22 20.81 9.71 -50.25
N ALA I 23 20.09 9.22 -51.26
CA ALA I 23 18.94 8.37 -51.00
C ALA I 23 19.36 7.01 -50.46
N GLU I 24 20.57 6.56 -50.79
CA GLU I 24 21.00 5.24 -50.33
C GLU I 24 21.55 5.29 -48.91
N THR I 25 21.95 6.47 -48.45
CA THR I 25 22.47 6.60 -47.10
C THR I 25 21.49 7.41 -46.26
N SER I 26 20.21 7.10 -46.42
CA SER I 26 19.18 7.66 -45.56
C SER I 26 19.60 7.51 -44.10
N SER I 27 19.41 8.58 -43.34
CA SER I 27 19.76 8.57 -41.93
C SER I 27 18.61 8.01 -41.13
N THR I 28 18.90 7.06 -40.25
CA THR I 28 17.94 6.51 -39.31
C THR I 28 18.63 5.61 -38.29
N ALA I 29 18.40 5.85 -36.99
CA ALA I 29 19.19 5.10 -36.04
C ALA I 29 18.49 3.87 -35.49
N VAL I 30 17.50 4.07 -34.62
CA VAL I 30 16.75 2.99 -33.99
C VAL I 30 15.40 3.54 -33.59
N PRO I 31 14.43 3.61 -34.50
CA PRO I 31 13.13 4.16 -34.14
C PRO I 31 12.48 3.41 -33.01
N SER I 32 12.23 2.12 -33.20
CA SER I 32 11.64 1.25 -32.18
C SER I 32 11.83 -0.18 -32.64
N LEU I 33 11.20 -1.12 -31.94
CA LEU I 33 11.33 -2.52 -32.27
C LEU I 33 10.23 -3.31 -31.57
N SER I 34 10.08 -4.56 -32.00
CA SER I 34 9.04 -5.44 -31.47
C SER I 34 9.29 -5.76 -30.01
N LEU I 35 8.37 -5.33 -29.15
CA LEU I 35 8.41 -5.66 -27.74
C LEU I 35 7.09 -6.19 -27.23
N SER I 36 6.16 -6.52 -28.14
CA SER I 36 4.81 -6.88 -27.73
C SER I 36 4.84 -8.12 -26.85
N PRO I 37 3.90 -8.25 -25.91
CA PRO I 37 4.04 -9.31 -24.90
C PRO I 37 3.89 -10.70 -25.47
N GLY I 38 2.88 -10.94 -26.32
CA GLY I 38 2.58 -12.31 -26.70
C GLY I 38 3.75 -13.01 -27.36
N MET I 39 4.37 -12.36 -28.33
CA MET I 39 5.46 -12.95 -29.08
C MET I 39 6.81 -12.76 -28.39
N LEU I 40 6.77 -12.37 -27.12
CA LEU I 40 7.97 -12.19 -26.31
C LEU I 40 8.04 -13.19 -25.16
N ASN I 41 6.91 -13.54 -24.57
CA ASN I 41 6.80 -14.56 -23.51
C ASN I 41 7.59 -14.25 -22.25
N PRO J 1 13.21 -21.86 -27.17
CA PRO J 1 11.76 -22.04 -27.17
C PRO J 1 11.04 -21.09 -26.23
N GLY J 2 10.63 -21.59 -25.07
CA GLY J 2 9.96 -20.76 -24.09
C GLY J 2 9.48 -21.63 -22.94
N GLY J 3 8.97 -20.96 -21.91
CA GLY J 3 8.46 -21.65 -20.75
C GLY J 3 9.29 -21.45 -19.51
N VAL J 4 9.29 -22.44 -18.61
CA VAL J 4 10.00 -22.34 -17.34
C VAL J 4 10.72 -23.64 -17.08
N PRO J 5 11.92 -23.57 -16.46
CA PRO J 5 12.67 -24.79 -16.19
C PRO J 5 11.91 -25.74 -15.26
N TRP J 6 12.18 -27.03 -15.43
CA TRP J 6 11.57 -28.06 -14.60
C TRP J 6 12.58 -29.15 -14.29
N ILE J 7 12.43 -29.75 -13.11
CA ILE J 7 13.32 -30.82 -12.65
C ILE J 7 12.47 -32.01 -12.25
N ALA J 8 13.05 -33.20 -12.31
CA ALA J 8 12.32 -34.44 -12.17
C ALA J 8 12.56 -35.06 -10.80
N VAL J 9 11.49 -35.50 -10.15
CA VAL J 9 11.56 -36.22 -8.88
C VAL J 9 10.94 -37.61 -8.97
N GLY J 10 10.67 -38.09 -10.17
CA GLY J 10 10.17 -39.44 -10.36
C GLY J 10 10.39 -39.89 -11.79
N ASP J 11 10.61 -41.19 -12.00
CA ASP J 11 10.98 -41.67 -13.32
C ASP J 11 9.93 -41.27 -14.35
N GLU J 12 10.41 -40.79 -15.49
CA GLU J 12 9.57 -40.36 -16.60
C GLU J 12 9.41 -41.47 -17.63
N THR J 13 8.90 -42.60 -17.14
CA THR J 13 8.65 -43.74 -18.01
C THR J 13 7.77 -43.34 -19.18
N SER J 14 6.64 -42.72 -18.90
CA SER J 14 5.70 -42.30 -19.92
C SER J 14 5.28 -40.87 -19.65
N VAL J 15 4.87 -40.17 -20.72
CA VAL J 15 4.27 -38.87 -20.54
C VAL J 15 2.92 -39.04 -19.84
N THR J 16 2.44 -37.96 -19.24
CA THR J 16 1.26 -38.00 -18.37
C THR J 16 1.52 -38.90 -17.16
N SER J 17 2.46 -38.49 -16.33
CA SER J 17 2.73 -39.17 -15.07
C SER J 17 2.26 -38.32 -13.90
N PRO J 18 1.79 -38.93 -12.83
CA PRO J 18 1.04 -38.16 -11.81
C PRO J 18 1.88 -37.17 -11.05
N GLY J 19 3.18 -37.11 -11.29
CA GLY J 19 4.10 -36.33 -10.46
C GLY J 19 5.36 -36.08 -11.27
N ALA J 20 6.45 -35.83 -10.57
CA ALA J 20 7.80 -36.02 -11.07
C ALA J 20 8.33 -34.88 -11.90
N LEU J 21 7.65 -33.74 -11.92
CA LEU J 21 8.23 -32.50 -12.41
C LEU J 21 8.11 -31.47 -11.31
N ARG J 22 9.20 -30.77 -11.04
CA ARG J 22 9.23 -29.76 -10.00
C ARG J 22 9.79 -28.46 -10.57
N ARG J 23 9.25 -27.36 -10.06
CA ARG J 23 9.79 -26.06 -10.44
C ARG J 23 11.23 -25.95 -9.95
N MET J 24 12.11 -25.47 -10.82
CA MET J 24 13.46 -25.20 -10.36
C MET J 24 13.54 -23.86 -9.66
N THR J 25 14.64 -23.69 -8.92
CA THR J 25 14.88 -22.49 -8.15
C THR J 25 16.37 -22.23 -8.19
N SER J 26 16.75 -20.97 -7.96
CA SER J 26 18.18 -20.64 -7.96
C SER J 26 18.94 -21.43 -6.91
N LYS J 27 18.24 -21.94 -5.89
CA LYS J 27 18.88 -22.86 -4.95
C LYS J 27 19.36 -24.13 -5.64
N ASP J 28 18.71 -24.52 -6.74
CA ASP J 28 19.20 -25.66 -7.52
C ASP J 28 20.43 -25.29 -8.33
N ILE J 29 20.42 -24.13 -8.97
CA ILE J 29 21.55 -23.69 -9.77
C ILE J 29 22.07 -22.42 -9.13
N PRO J 30 23.03 -22.50 -8.22
CA PRO J 30 23.50 -21.31 -7.50
C PRO J 30 24.11 -20.27 -8.41
N GLU J 31 24.52 -20.65 -9.63
CA GLU J 31 25.00 -19.66 -10.57
C GLU J 31 23.95 -18.58 -10.82
N THR J 32 22.70 -18.99 -10.99
CA THR J 32 21.64 -18.05 -11.34
C THR J 32 21.01 -17.45 -10.10
N ALA J 33 21.83 -16.97 -9.19
CA ALA J 33 21.37 -16.31 -7.97
C ALA J 33 22.15 -15.02 -7.78
N ILE J 34 21.50 -14.04 -7.17
CA ILE J 34 22.14 -12.73 -7.12
C ILE J 34 23.09 -12.65 -5.94
N ILE J 35 24.21 -13.36 -6.07
CA ILE J 35 25.42 -13.14 -5.28
C ILE J 35 26.58 -13.34 -6.23
N ASN J 36 26.31 -13.97 -7.36
CA ASN J 36 27.32 -14.34 -8.33
C ASN J 36 27.26 -13.53 -9.60
N THR J 37 26.21 -12.72 -9.78
CA THR J 37 26.11 -11.88 -10.96
C THR J 37 27.34 -11.01 -11.09
N ASP J 38 27.86 -10.92 -12.31
CA ASP J 38 28.99 -10.02 -12.53
C ASP J 38 28.55 -8.59 -12.29
N ASN J 39 29.19 -7.93 -11.33
CA ASN J 39 28.76 -6.60 -10.95
C ASN J 39 29.21 -5.55 -11.94
N SER J 40 29.66 -5.95 -13.13
CA SER J 40 29.83 -5.01 -14.21
C SER J 40 28.53 -4.24 -14.41
N SER J 41 28.66 -2.94 -14.60
CA SER J 41 27.62 -1.91 -14.54
C SER J 41 27.27 -1.56 -13.10
N GLY J 42 27.83 -2.25 -12.12
CA GLY J 42 27.79 -1.80 -10.73
C GLY J 42 26.40 -1.60 -10.14
N ALA J 43 25.44 -2.45 -10.51
CA ALA J 43 24.11 -2.30 -9.94
C ALA J 43 24.02 -2.96 -8.57
N VAL J 44 24.18 -4.27 -8.51
CA VAL J 44 24.09 -4.97 -7.21
C VAL J 44 25.22 -4.47 -6.31
N PRO J 45 24.97 -4.23 -5.02
CA PRO J 45 25.96 -3.54 -4.19
C PRO J 45 27.25 -4.32 -3.98
N SER J 46 28.16 -3.75 -3.19
CA SER J 46 29.36 -4.44 -2.76
C SER J 46 29.37 -4.72 -1.27
N GLU J 47 28.52 -4.07 -0.49
CA GLU J 47 28.47 -4.30 0.94
C GLU J 47 27.67 -5.56 1.22
N SER J 48 28.21 -6.40 2.11
CA SER J 48 27.64 -7.74 2.27
C SER J 48 26.21 -7.70 2.77
N ALA J 49 25.93 -6.85 3.76
CA ALA J 49 24.66 -6.89 4.47
C ALA J 49 23.48 -6.50 3.59
N LEU J 50 23.71 -5.97 2.40
CA LEU J 50 22.62 -5.60 1.51
C LEU J 50 22.72 -6.46 0.26
N VAL J 51 22.21 -7.68 0.38
CA VAL J 51 22.05 -8.64 -0.72
C VAL J 51 20.93 -9.57 -0.28
N PRO J 52 19.89 -9.75 -1.08
CA PRO J 52 18.67 -10.40 -0.56
C PRO J 52 18.89 -11.79 0.02
N TYR J 53 19.83 -12.56 -0.53
CA TYR J 53 20.21 -13.87 0.03
C TYR J 53 19.06 -14.87 0.01
N ILE J 54 18.07 -14.68 -0.86
CA ILE J 54 16.91 -15.56 -0.91
C ILE J 54 16.77 -16.12 -2.31
N ASP J 55 16.53 -17.42 -2.41
CA ASP J 55 16.38 -18.07 -3.69
C ASP J 55 15.06 -17.65 -4.35
N GLU J 56 15.02 -17.78 -5.67
CA GLU J 56 13.96 -17.18 -6.47
C GLU J 56 13.67 -18.09 -7.65
N PRO J 57 12.52 -17.93 -8.29
CA PRO J 57 12.21 -18.76 -9.46
C PRO J 57 13.10 -18.41 -10.65
N LEU J 58 13.18 -19.36 -11.57
CA LEU J 58 13.92 -19.22 -12.81
C LEU J 58 12.97 -19.23 -14.00
N VAL J 59 13.31 -18.48 -15.04
CA VAL J 59 12.47 -18.34 -16.22
C VAL J 59 13.32 -18.41 -17.48
N VAL J 60 12.78 -19.04 -18.51
CA VAL J 60 13.47 -19.24 -19.77
C VAL J 60 13.16 -18.06 -20.68
N VAL J 61 14.21 -17.41 -21.18
CA VAL J 61 14.03 -16.41 -22.21
C VAL J 61 13.85 -17.12 -23.54
N THR J 62 12.98 -16.56 -24.38
CA THR J 62 12.79 -17.15 -25.69
C THR J 62 13.94 -16.75 -26.61
N GLU J 63 14.05 -17.47 -27.72
CA GLU J 63 15.06 -17.11 -28.71
C GLU J 63 14.79 -15.72 -29.27
N HIS J 64 13.52 -15.37 -29.45
CA HIS J 64 13.18 -14.11 -30.09
C HIS J 64 13.40 -12.95 -29.13
N ALA J 65 13.27 -13.21 -27.83
CA ALA J 65 13.48 -12.18 -26.83
C ALA J 65 14.92 -11.68 -26.84
N ILE J 66 15.88 -12.59 -27.01
CA ILE J 66 17.28 -12.20 -27.01
C ILE J 66 17.54 -11.18 -28.10
N THR J 67 17.03 -11.46 -29.30
CA THR J 67 17.31 -10.61 -30.46
C THR J 67 16.86 -9.18 -30.20
N ASN J 68 15.65 -9.00 -29.67
CA ASN J 68 15.09 -7.66 -29.57
C ASN J 68 15.79 -6.84 -28.49
N PHE J 69 16.13 -7.45 -27.36
CA PHE J 69 16.82 -6.71 -26.33
C PHE J 69 18.21 -6.30 -26.78
N THR J 70 18.93 -7.21 -27.42
CA THR J 70 20.28 -6.88 -27.89
C THR J 70 20.23 -5.74 -28.89
N LYS J 71 19.20 -5.72 -29.73
CA LYS J 71 18.98 -4.56 -30.58
C LYS J 71 18.70 -3.32 -29.75
N ALA J 72 17.84 -3.45 -28.74
CA ALA J 72 17.53 -2.33 -27.87
C ALA J 72 18.79 -1.75 -27.25
N GLU J 73 19.78 -2.59 -26.99
CA GLU J 73 21.07 -2.09 -26.53
C GLU J 73 21.71 -1.18 -27.56
N MET J 74 21.63 -1.56 -28.84
CA MET J 74 22.42 -0.90 -29.87
C MET J 74 22.11 0.58 -29.93
N ALA J 75 20.90 0.99 -29.56
CA ALA J 75 20.55 2.40 -29.54
C ALA J 75 21.44 3.18 -28.59
N LEU J 76 21.73 2.60 -27.42
CA LEU J 76 22.55 3.30 -26.44
C LEU J 76 23.93 3.62 -27.00
N GLU J 77 24.55 2.65 -27.66
CA GLU J 77 25.93 2.83 -28.09
C GLU J 77 26.10 3.85 -29.19
N PHE J 78 25.00 4.34 -29.77
CA PHE J 78 25.07 5.45 -30.69
C PHE J 78 25.55 6.73 -30.01
N ASN J 79 25.59 6.76 -28.68
CA ASN J 79 25.94 7.96 -27.95
C ASN J 79 27.12 7.75 -27.04
N ARG J 80 27.93 6.71 -27.30
CA ARG J 80 29.04 6.42 -26.42
C ARG J 80 30.00 7.58 -26.30
N GLU J 81 30.19 8.35 -27.37
CA GLU J 81 31.08 9.49 -27.29
C GLU J 81 30.53 10.53 -26.32
N PHE J 82 29.22 10.76 -26.35
CA PHE J 82 28.60 11.69 -25.42
C PHE J 82 28.45 11.09 -24.03
N LEU J 83 28.25 9.78 -23.93
CA LEU J 83 27.91 9.19 -22.64
C LEU J 83 29.08 9.24 -21.68
N ASP J 84 30.26 8.85 -22.13
CA ASP J 84 31.42 8.87 -21.27
C ASP J 84 31.74 10.28 -20.80
N LYS J 85 31.24 11.29 -21.49
CA LYS J 85 31.37 12.65 -20.98
C LYS J 85 30.57 12.82 -19.69
N MET J 86 29.36 12.26 -19.64
CA MET J 86 28.61 12.23 -18.38
C MET J 86 29.16 11.18 -17.43
N ARG J 87 29.97 10.25 -17.92
CA ARG J 87 30.50 9.13 -17.13
C ARG J 87 29.35 8.31 -16.52
N VAL J 88 28.59 7.73 -17.43
CA VAL J 88 27.49 6.84 -17.07
C VAL J 88 27.67 5.54 -17.85
N LEU J 89 27.43 4.42 -17.18
CA LEU J 89 27.39 3.11 -17.82
C LEU J 89 28.70 2.84 -18.57
N SER J 90 29.77 2.76 -17.81
CA SER J 90 31.09 2.65 -18.42
C SER J 90 31.36 1.28 -19.00
N VAL J 91 30.39 0.38 -19.11
CA VAL J 91 30.56 -0.89 -19.80
C VAL J 91 29.29 -1.20 -20.57
N SER J 92 29.46 -1.92 -21.68
CA SER J 92 28.30 -2.44 -22.39
C SER J 92 27.64 -3.55 -21.58
N PRO J 93 26.32 -3.51 -21.40
CA PRO J 93 25.66 -4.59 -20.64
C PRO J 93 25.87 -5.98 -21.20
N LYS J 94 25.79 -6.17 -22.52
CA LYS J 94 25.95 -7.51 -23.10
C LYS J 94 24.98 -8.49 -22.46
N TYR J 95 23.69 -8.33 -22.77
CA TYR J 95 22.62 -9.13 -22.21
C TYR J 95 22.95 -10.62 -22.12
N SER J 96 23.82 -11.11 -23.00
CA SER J 96 24.24 -12.51 -22.95
C SER J 96 24.97 -12.86 -21.66
N ASP J 97 25.73 -11.91 -21.11
CA ASP J 97 26.44 -12.17 -19.85
C ASP J 97 25.51 -12.57 -18.73
N LEU J 98 24.24 -12.16 -18.80
CA LEU J 98 23.35 -12.38 -17.69
C LEU J 98 22.78 -13.80 -17.72
N LEU J 99 22.76 -14.41 -18.89
CA LEU J 99 22.12 -15.70 -19.10
C LEU J 99 23.02 -16.84 -18.66
N THR J 100 22.40 -17.99 -18.44
CA THR J 100 23.10 -19.25 -18.22
C THR J 100 22.43 -20.35 -19.03
N TYR J 101 23.22 -21.36 -19.40
CA TYR J 101 22.77 -22.41 -20.29
C TYR J 101 22.70 -23.71 -19.52
N VAL J 102 21.56 -24.39 -19.61
CA VAL J 102 21.30 -25.62 -18.87
C VAL J 102 20.27 -26.43 -19.62
N ASP J 103 20.49 -27.75 -19.68
CA ASP J 103 19.65 -28.64 -20.47
C ASP J 103 18.70 -29.46 -19.59
N CYS J 104 17.43 -29.09 -19.60
CA CYS J 104 16.46 -29.71 -18.70
C CYS J 104 15.09 -29.72 -19.38
N TYR J 105 14.04 -29.93 -18.60
CA TYR J 105 12.67 -29.86 -19.09
C TYR J 105 12.17 -28.43 -18.99
N VAL J 106 11.70 -27.89 -20.11
CA VAL J 106 11.27 -26.50 -20.19
C VAL J 106 9.83 -26.47 -20.68
N GLY J 107 9.01 -25.66 -20.03
CA GLY J 107 7.63 -25.57 -20.43
C GLY J 107 6.71 -24.84 -19.48
N VAL J 108 5.68 -24.20 -20.05
CA VAL J 108 4.77 -23.39 -19.27
C VAL J 108 4.05 -24.22 -18.22
N SER J 109 3.91 -25.51 -18.45
CA SER J 109 3.34 -26.42 -17.47
C SER J 109 4.22 -27.64 -17.33
N ALA J 110 4.02 -28.38 -16.23
CA ALA J 110 4.73 -29.65 -16.09
C ALA J 110 4.30 -30.61 -17.18
N ARG J 111 3.02 -30.60 -17.53
CA ARG J 111 2.50 -31.60 -18.46
C ARG J 111 3.16 -31.48 -19.83
N GLN J 112 3.35 -30.27 -20.35
CA GLN J 112 3.86 -30.18 -21.71
C GLN J 112 5.37 -30.03 -21.76
N ALA J 113 5.99 -29.66 -20.65
CA ALA J 113 7.44 -29.74 -20.55
C ALA J 113 7.89 -31.18 -20.40
N LEU J 114 7.07 -31.99 -19.74
CA LEU J 114 7.44 -33.38 -19.47
C LEU J 114 7.80 -34.10 -20.75
N ASN J 115 7.08 -33.81 -21.84
CA ASN J 115 7.43 -34.38 -23.13
C ASN J 115 8.58 -33.66 -23.79
N ASN J 116 9.01 -32.52 -23.26
CA ASN J 116 9.87 -31.60 -24.00
C ASN J 116 11.15 -31.34 -23.23
N PHE J 117 12.12 -32.22 -23.38
CA PHE J 117 13.48 -31.97 -22.90
C PHE J 117 14.21 -31.09 -23.90
N GLN J 118 15.16 -30.30 -23.40
CA GLN J 118 15.84 -29.34 -24.26
C GLN J 118 17.30 -29.21 -23.87
N LYS J 119 18.06 -28.54 -24.71
CA LYS J 119 19.51 -28.58 -24.66
C LYS J 119 20.09 -27.18 -24.71
N GLN J 120 20.89 -26.82 -23.71
CA GLN J 120 21.47 -25.48 -23.59
C GLN J 120 20.38 -24.41 -23.67
N VAL J 121 19.54 -24.41 -22.65
CA VAL J 121 18.41 -23.49 -22.56
C VAL J 121 18.85 -22.26 -21.77
N PRO J 122 18.76 -21.06 -22.33
CA PRO J 122 19.09 -19.86 -21.56
C PRO J 122 18.03 -19.58 -20.51
N VAL J 123 18.48 -19.23 -19.30
CA VAL J 123 17.57 -19.01 -18.18
C VAL J 123 18.01 -17.73 -17.48
N ILE J 124 17.06 -17.12 -16.75
CA ILE J 124 17.29 -15.86 -16.08
C ILE J 124 16.41 -15.80 -14.84
N THR J 125 16.77 -14.92 -13.90
CA THR J 125 15.85 -14.75 -12.78
C THR J 125 15.06 -13.46 -12.94
N PRO J 126 13.82 -13.42 -12.44
CA PRO J 126 13.03 -12.20 -12.61
C PRO J 126 13.69 -11.00 -12.00
N THR J 127 14.46 -11.20 -10.93
CA THR J 127 15.25 -10.11 -10.37
C THR J 127 16.30 -9.65 -11.36
N ARG J 128 17.18 -10.58 -11.77
CA ARG J 128 18.29 -10.20 -12.63
C ARG J 128 17.79 -9.65 -13.96
N GLN J 129 16.78 -10.29 -14.53
CA GLN J 129 16.14 -9.76 -15.73
C GLN J 129 15.70 -8.32 -15.52
N THR J 130 15.13 -8.02 -14.35
CA THR J 130 14.76 -6.65 -14.04
C THR J 130 15.98 -5.73 -14.01
N MET J 131 17.08 -6.20 -13.42
CA MET J 131 18.26 -5.36 -13.31
C MET J 131 18.77 -4.90 -14.66
N TYR J 132 18.44 -5.63 -15.73
CA TYR J 132 18.92 -5.28 -17.06
C TYR J 132 18.05 -4.20 -17.70
N VAL J 133 16.75 -4.45 -17.79
CA VAL J 133 15.85 -3.45 -18.37
C VAL J 133 15.87 -2.18 -17.53
N ASP J 134 16.14 -2.29 -16.24
CA ASP J 134 16.40 -1.11 -15.43
C ASP J 134 17.67 -0.41 -15.91
N SER J 135 18.73 -1.18 -16.15
CA SER J 135 20.01 -0.59 -16.53
C SER J 135 19.90 0.21 -17.81
N ILE J 136 19.21 -0.34 -18.80
CA ILE J 136 19.10 0.34 -20.09
C ILE J 136 18.29 1.61 -19.94
N GLN J 137 17.06 1.49 -19.44
CA GLN J 137 16.20 2.66 -19.36
C GLN J 137 16.81 3.76 -18.52
N ALA J 138 17.59 3.39 -17.50
CA ALA J 138 18.28 4.40 -16.71
C ALA J 138 19.26 5.18 -17.55
N ALA J 139 20.00 4.50 -18.44
CA ALA J 139 20.93 5.19 -19.31
C ALA J 139 20.21 6.08 -20.30
N LEU J 140 18.98 5.72 -20.69
CA LEU J 140 18.21 6.59 -21.56
C LEU J 140 17.85 7.91 -20.90
N LYS J 141 17.88 7.98 -19.57
CA LYS J 141 17.39 9.15 -18.88
C LYS J 141 18.19 10.38 -19.25
N ALA J 142 19.52 10.31 -19.12
CA ALA J 142 20.35 11.47 -19.42
C ALA J 142 20.23 11.87 -20.88
N LEU J 143 19.99 10.91 -21.76
CA LEU J 143 19.87 11.20 -23.18
C LEU J 143 18.62 12.01 -23.52
N GLU J 144 17.81 12.42 -22.54
CA GLU J 144 16.50 12.96 -22.88
C GLU J 144 16.60 14.19 -23.76
N LYS J 145 17.52 15.10 -23.46
CA LYS J 145 17.62 16.31 -24.26
C LYS J 145 18.65 16.21 -25.37
N TRP J 146 19.82 15.62 -25.09
CA TRP J 146 20.83 15.45 -26.12
C TRP J 146 20.24 14.79 -27.35
N GLU J 147 19.39 13.78 -27.14
CA GLU J 147 18.64 13.21 -28.25
C GLU J 147 17.89 14.29 -29.01
N ILE J 148 17.17 15.14 -28.29
CA ILE J 148 16.42 16.22 -28.92
C ILE J 148 17.36 17.12 -29.71
N ASP J 149 18.46 17.55 -29.08
CA ASP J 149 19.37 18.47 -29.74
C ASP J 149 19.93 17.87 -31.02
N LEU J 150 20.24 16.57 -31.00
CA LEU J 150 20.67 15.90 -32.23
C LEU J 150 19.58 15.95 -33.29
N ARG J 151 18.34 15.68 -32.89
CA ARG J 151 17.25 15.73 -33.86
C ARG J 151 17.00 17.16 -34.31
N VAL J 152 17.25 18.14 -33.43
CA VAL J 152 17.22 19.53 -33.87
C VAL J 152 18.25 19.78 -34.95
N ALA J 153 19.45 19.24 -34.76
CA ALA J 153 20.52 19.46 -35.73
C ALA J 153 20.22 18.78 -37.06
N GLN J 154 19.87 17.49 -37.00
CA GLN J 154 19.73 16.71 -38.23
C GLN J 154 18.65 17.28 -39.14
N THR J 155 17.51 17.63 -38.57
CA THR J 155 16.37 18.02 -39.38
C THR J 155 16.26 19.52 -39.61
N LEU J 156 17.18 20.30 -39.05
CA LEU J 156 17.11 21.74 -39.29
C LEU J 156 17.26 22.06 -40.77
N LEU J 157 18.19 21.41 -41.44
CA LEU J 157 18.37 21.56 -42.87
C LEU J 157 18.20 20.20 -43.54
N PRO J 158 17.87 20.17 -44.82
CA PRO J 158 17.65 18.87 -45.48
C PRO J 158 18.91 18.03 -45.51
N THR J 159 18.92 16.94 -44.75
CA THR J 159 20.05 16.02 -44.73
C THR J 159 19.77 14.71 -45.43
N ASN J 160 18.53 14.49 -45.86
CA ASN J 160 18.16 13.32 -46.64
C ASN J 160 17.44 13.79 -47.89
N VAL J 161 17.48 12.98 -48.94
CA VAL J 161 16.80 13.30 -50.18
C VAL J 161 16.05 12.06 -50.62
N PRO J 162 14.83 12.19 -51.17
CA PRO J 162 14.11 10.99 -51.60
C PRO J 162 14.82 10.17 -52.66
N ILE J 163 15.52 10.80 -53.60
CA ILE J 163 16.19 10.08 -54.67
C ILE J 163 17.46 10.81 -55.05
N GLY J 164 18.46 10.07 -55.51
CA GLY J 164 19.70 10.69 -55.93
C GLY J 164 20.51 11.20 -54.75
N GLU J 165 21.31 12.24 -55.01
CA GLU J 165 22.17 12.82 -53.99
C GLU J 165 22.48 14.26 -54.36
N VAL J 166 22.76 15.06 -53.33
CA VAL J 166 23.06 16.47 -53.48
C VAL J 166 24.12 16.82 -52.44
N SER J 167 24.92 17.84 -52.74
CA SER J 167 26.12 18.10 -51.95
C SER J 167 26.31 19.60 -51.73
N CYS J 168 27.02 19.93 -50.65
CA CYS J 168 27.32 21.29 -50.26
C CYS J 168 28.52 21.26 -49.33
N PRO J 169 29.40 22.25 -49.38
CA PRO J 169 30.62 22.20 -48.55
C PRO J 169 30.32 22.15 -47.05
N MET J 170 31.11 21.35 -46.34
CA MET J 170 31.02 21.30 -44.89
C MET J 170 31.35 22.65 -44.27
N GLN J 171 32.41 23.29 -44.75
CA GLN J 171 32.80 24.58 -44.19
C GLN J 171 31.66 25.58 -44.28
N SER J 172 30.88 25.52 -45.37
CA SER J 172 29.73 26.39 -45.49
C SER J 172 28.68 26.08 -44.42
N VAL J 173 28.28 24.82 -44.32
CA VAL J 173 27.08 24.49 -43.53
C VAL J 173 27.31 24.74 -42.04
N VAL J 174 28.51 24.45 -41.54
CA VAL J 174 28.74 24.59 -40.12
C VAL J 174 28.48 26.03 -39.69
N LYS J 175 28.90 26.99 -40.50
CA LYS J 175 28.65 28.39 -40.20
C LYS J 175 27.16 28.66 -40.10
N LEU J 176 26.37 28.07 -40.98
CA LEU J 176 24.92 28.20 -40.89
C LEU J 176 24.41 27.69 -39.54
N LEU J 177 24.76 26.45 -39.20
CA LEU J 177 24.30 25.88 -37.93
C LEU J 177 24.81 26.70 -36.76
N ASP J 178 26.03 27.21 -36.85
CA ASP J 178 26.55 28.07 -35.80
C ASP J 178 25.71 29.32 -35.62
N ASP J 179 24.93 29.69 -36.62
CA ASP J 179 24.08 30.87 -36.55
C ASP J 179 22.66 30.56 -36.10
N GLN J 180 22.27 29.29 -36.00
CA GLN J 180 20.84 29.02 -35.86
C GLN J 180 20.50 28.09 -34.71
N LEU J 181 21.39 27.17 -34.38
CA LEU J 181 21.14 26.32 -33.23
C LEU J 181 21.02 27.20 -31.98
N PRO J 182 19.98 27.04 -31.18
CA PRO J 182 19.82 27.90 -30.01
C PRO J 182 20.95 27.66 -29.03
N ASP J 183 21.25 28.71 -28.25
CA ASP J 183 22.43 28.66 -27.39
C ASP J 183 22.34 27.53 -26.37
N ASP J 184 21.17 27.34 -25.76
CA ASP J 184 21.05 26.32 -24.74
C ASP J 184 21.13 24.91 -25.29
N SER J 185 21.38 24.74 -26.59
CA SER J 185 21.64 23.42 -27.14
C SER J 185 22.93 22.86 -26.57
N LEU J 186 23.02 21.53 -26.55
CA LEU J 186 24.20 20.85 -26.05
C LEU J 186 25.31 20.75 -27.07
N ILE J 187 25.05 21.11 -28.33
CA ILE J 187 26.08 21.06 -29.35
C ILE J 187 27.17 22.08 -29.04
N ARG J 188 26.79 23.24 -28.52
CA ARG J 188 27.77 24.24 -28.15
C ARG J 188 28.64 23.77 -27.01
N ARG J 189 28.15 22.85 -26.17
CA ARG J 189 28.98 22.31 -25.12
C ARG J 189 30.01 21.33 -25.67
N TYR J 190 29.61 20.48 -26.60
CA TYR J 190 30.44 19.37 -27.08
C TYR J 190 30.34 19.27 -28.59
N PRO J 191 31.00 20.16 -29.32
CA PRO J 191 30.89 20.12 -30.78
C PRO J 191 31.40 18.83 -31.40
N LYS J 192 32.40 18.20 -30.79
CA LYS J 192 33.00 17.04 -31.42
C LYS J 192 32.16 15.79 -31.20
N GLU J 193 31.78 15.50 -29.95
CA GLU J 193 31.02 14.28 -29.69
C GLU J 193 29.70 14.28 -30.42
N ALA J 194 29.12 15.46 -30.64
CA ALA J 194 27.92 15.52 -31.47
C ALA J 194 28.23 15.24 -32.92
N ALA J 195 29.40 15.66 -33.40
CA ALA J 195 29.76 15.40 -34.78
C ALA J 195 29.85 13.90 -35.05
N VAL J 196 30.47 13.15 -34.15
CA VAL J 196 30.68 11.73 -34.41
C VAL J 196 29.36 10.97 -34.38
N ALA J 197 28.40 11.41 -33.58
CA ALA J 197 27.11 10.75 -33.58
C ALA J 197 26.44 10.82 -34.94
N LEU J 198 26.50 11.98 -35.58
CA LEU J 198 25.95 12.11 -36.92
C LEU J 198 26.63 11.15 -37.89
N ALA J 199 27.94 10.98 -37.75
CA ALA J 199 28.66 10.07 -38.63
C ALA J 199 28.12 8.65 -38.51
N LYS J 200 27.74 8.25 -37.29
CA LYS J 200 27.28 6.89 -37.09
C LYS J 200 25.97 6.63 -37.82
N ARG J 201 25.16 7.66 -38.03
CA ARG J 201 23.80 7.45 -38.52
C ARG J 201 23.48 8.22 -39.79
N ASN J 202 24.47 8.63 -40.57
CA ASN J 202 24.20 9.29 -41.85
C ASN J 202 25.46 9.21 -42.71
N GLY J 203 25.41 8.42 -43.78
CA GLY J 203 26.60 8.21 -44.59
C GLY J 203 27.07 9.47 -45.29
N GLY J 204 26.17 10.44 -45.49
CA GLY J 204 26.56 11.66 -46.16
C GLY J 204 27.60 12.46 -45.40
N ILE J 205 27.54 12.43 -44.08
CA ILE J 205 28.37 13.29 -43.25
C ILE J 205 29.66 12.55 -42.91
N GLN J 206 30.75 12.93 -43.58
CA GLN J 206 32.04 12.26 -43.43
C GLN J 206 33.12 13.28 -43.12
N TRP J 207 33.92 12.99 -42.10
CA TRP J 207 35.02 13.85 -41.68
C TRP J 207 36.34 13.36 -42.23
N MET J 208 37.34 14.22 -42.18
CA MET J 208 38.69 13.87 -42.59
C MET J 208 39.55 13.58 -41.38
N ASP J 209 40.16 12.40 -41.36
CA ASP J 209 41.04 12.00 -40.26
C ASP J 209 42.38 12.70 -40.45
N VAL J 210 42.68 13.66 -39.56
CA VAL J 210 43.88 14.45 -39.70
C VAL J 210 45.14 13.60 -39.55
N SER J 211 45.02 12.40 -38.97
CA SER J 211 46.18 11.53 -38.85
C SER J 211 46.70 11.11 -40.22
N GLU J 212 45.79 10.76 -41.13
CA GLU J 212 46.21 10.34 -42.45
C GLU J 212 45.38 10.98 -43.57
N GLY J 213 44.48 11.90 -43.26
CA GLY J 213 43.76 12.60 -44.30
C GLY J 213 42.80 11.74 -45.08
N THR J 214 42.35 10.64 -44.51
CA THR J 214 41.36 9.81 -45.18
C THR J 214 39.96 10.28 -44.83
N VAL J 215 39.05 10.11 -45.80
CA VAL J 215 37.63 10.35 -45.62
C VAL J 215 36.91 9.09 -46.02
N MET J 216 36.03 8.59 -45.14
CA MET J 216 35.50 7.27 -45.35
C MET J 216 34.08 7.24 -44.82
N ASN J 217 33.21 6.52 -45.52
CA ASN J 217 31.83 6.36 -45.07
C ASN J 217 31.81 5.67 -43.71
N GLU J 218 30.81 6.02 -42.89
CA GLU J 218 30.74 5.51 -41.53
C GLU J 218 29.36 5.06 -41.08
N ALA J 219 28.29 5.39 -41.78
CA ALA J 219 26.94 5.09 -41.29
C ALA J 219 26.79 3.59 -41.08
N VAL J 220 26.55 3.20 -39.83
CA VAL J 220 26.50 1.78 -39.51
C VAL J 220 25.24 1.11 -40.01
N ASN J 221 24.16 1.87 -40.23
CA ASN J 221 22.87 1.32 -40.62
C ASN J 221 22.76 1.14 -42.12
N ALA J 222 23.88 0.98 -42.81
CA ALA J 222 23.84 0.95 -44.27
C ALA J 222 22.98 -0.18 -44.80
N VAL J 223 22.79 -1.25 -44.04
CA VAL J 223 21.87 -2.29 -44.48
C VAL J 223 20.43 -1.88 -44.22
N ALA J 224 20.18 -1.10 -43.18
CA ALA J 224 18.83 -0.62 -42.93
C ALA J 224 18.34 0.28 -44.04
N ALA J 225 19.21 1.16 -44.54
CA ALA J 225 18.79 2.17 -45.49
C ALA J 225 18.24 1.56 -46.77
N SER J 226 18.88 0.49 -47.25
CA SER J 226 18.54 -0.05 -48.56
C SER J 226 17.05 -0.33 -48.70
N ALA J 227 16.41 -0.80 -47.62
CA ALA J 227 14.96 -0.98 -47.65
C ALA J 227 14.22 0.33 -47.89
N LEU J 228 14.77 1.46 -47.46
CA LEU J 228 14.14 2.75 -47.69
C LEU J 228 14.60 3.39 -48.99
N ALA J 229 15.76 3.02 -49.50
CA ALA J 229 16.30 3.67 -50.67
C ALA J 229 15.52 3.24 -51.91
N PRO J 230 15.07 4.19 -52.73
CA PRO J 230 14.46 3.83 -54.00
C PRO J 230 15.49 3.27 -54.97
N SER J 231 15.00 2.43 -55.88
CA SER J 231 15.81 2.05 -57.02
C SER J 231 15.71 3.13 -58.08
N ALA J 232 16.37 2.91 -59.21
CA ALA J 232 16.26 3.86 -60.31
C ALA J 232 14.91 3.77 -61.02
N SER J 233 14.09 2.75 -60.73
CA SER J 233 12.83 2.62 -61.44
C SER J 233 11.66 2.14 -60.59
N ALA J 234 11.74 2.19 -59.27
CA ALA J 234 10.65 1.69 -58.45
C ALA J 234 10.61 2.43 -57.12
N PRO J 235 9.45 2.42 -56.45
CA PRO J 235 9.34 3.07 -55.13
C PRO J 235 10.11 2.29 -54.08
N PRO J 236 10.35 2.88 -52.91
CA PRO J 236 11.06 2.16 -51.85
C PRO J 236 10.30 0.92 -51.40
N LEU J 237 11.06 -0.10 -50.99
CA LEU J 237 10.47 -1.39 -50.65
C LEU J 237 9.72 -1.34 -49.32
N GLU J 238 10.36 -0.82 -48.28
CA GLU J 238 9.65 -0.61 -47.03
C GLU J 238 8.43 0.27 -47.24
N GLU J 239 8.50 1.19 -48.20
CA GLU J 239 7.35 2.01 -48.53
C GLU J 239 6.22 1.15 -49.07
N LYS J 240 6.53 0.19 -49.93
CA LYS J 240 5.48 -0.61 -50.55
C LYS J 240 4.74 -1.46 -49.51
N SER J 241 5.47 -2.37 -48.85
CA SER J 241 4.83 -3.32 -47.96
C SER J 241 4.04 -2.62 -46.86
N LYS J 242 4.51 -1.46 -46.41
CA LYS J 242 3.80 -0.74 -45.36
C LYS J 242 2.42 -0.32 -45.84
N LEU J 243 2.28 0.01 -47.12
CA LEU J 243 0.97 0.39 -47.65
C LEU J 243 0.00 -0.77 -47.63
N THR J 244 0.42 -1.92 -48.17
CA THR J 244 -0.52 -3.01 -48.38
C THR J 244 -1.03 -3.56 -47.05
N GLU J 245 -0.18 -3.66 -46.04
CA GLU J 245 -0.66 -4.17 -44.77
C GLU J 245 -1.61 -3.22 -44.08
N GLN J 246 -1.58 -1.93 -44.42
CA GLN J 246 -2.69 -1.06 -44.01
C GLN J 246 -3.99 -1.55 -44.64
N ALA J 247 -3.95 -1.87 -45.93
CA ALA J 247 -5.15 -2.28 -46.63
C ALA J 247 -5.70 -3.59 -46.09
N MET J 248 -4.82 -4.56 -45.84
CA MET J 248 -5.30 -5.86 -45.38
C MET J 248 -5.90 -5.78 -43.98
N ASP J 249 -5.34 -4.92 -43.12
CA ASP J 249 -5.89 -4.77 -41.78
C ASP J 249 -7.31 -4.25 -41.84
N LEU J 250 -7.56 -3.27 -42.69
CA LEU J 250 -8.89 -2.66 -42.77
C LEU J 250 -9.95 -3.70 -43.13
N VAL J 251 -9.59 -4.70 -43.92
CA VAL J 251 -10.56 -5.72 -44.29
C VAL J 251 -10.91 -6.57 -43.08
N THR J 252 -9.90 -7.08 -42.39
CA THR J 252 -10.17 -7.82 -41.16
C THR J 252 -10.79 -6.93 -40.10
N ALA J 253 -10.50 -5.63 -40.13
CA ALA J 253 -11.20 -4.72 -39.23
C ALA J 253 -12.69 -4.69 -39.52
N ALA J 254 -13.04 -4.58 -40.81
CA ALA J 254 -14.44 -4.61 -41.21
C ALA J 254 -15.07 -5.98 -41.01
N GLU J 255 -14.25 -7.04 -40.95
CA GLU J 255 -14.71 -8.41 -40.88
C GLU J 255 -15.69 -8.68 -42.03
N PRO J 256 -15.16 -8.89 -43.24
CA PRO J 256 -16.01 -8.76 -44.44
C PRO J 256 -17.21 -9.69 -44.48
N GLU J 257 -17.03 -11.00 -44.25
CA GLU J 257 -18.14 -11.92 -44.47
C GLU J 257 -19.32 -11.67 -43.56
N ILE J 258 -19.13 -10.92 -42.47
CA ILE J 258 -20.26 -10.42 -41.70
C ILE J 258 -21.07 -9.45 -42.55
N ILE J 259 -20.40 -8.70 -43.43
CA ILE J 259 -21.06 -7.73 -44.29
C ILE J 259 -21.57 -8.36 -45.57
N ALA J 260 -21.50 -9.67 -45.68
CA ALA J 260 -22.00 -10.39 -46.84
C ALA J 260 -22.87 -11.56 -46.39
N SER J 261 -23.10 -11.68 -45.09
CA SER J 261 -23.84 -12.79 -44.54
C SER J 261 -25.28 -12.74 -45.00
N LEU J 262 -25.79 -13.86 -45.52
CA LEU J 262 -27.18 -13.97 -45.92
C LEU J 262 -28.06 -14.51 -44.81
N VAL J 263 -27.50 -14.82 -43.66
CA VAL J 263 -28.27 -15.41 -42.56
C VAL J 263 -28.39 -14.37 -41.46
N PRO J 264 -29.36 -14.50 -40.56
CA PRO J 264 -29.47 -13.55 -39.45
C PRO J 264 -28.21 -13.49 -38.61
N VAL J 265 -27.90 -12.28 -38.13
CA VAL J 265 -26.71 -12.01 -37.33
C VAL J 265 -27.14 -11.26 -36.08
N PRO J 266 -26.65 -11.63 -34.90
CA PRO J 266 -27.12 -11.02 -33.66
C PRO J 266 -26.83 -9.53 -33.59
N ALA J 267 -27.77 -8.79 -33.00
CA ALA J 267 -27.63 -7.35 -32.89
C ALA J 267 -26.34 -6.93 -32.18
N PRO J 268 -25.97 -7.50 -31.04
CA PRO J 268 -24.71 -7.04 -30.41
C PRO J 268 -23.50 -7.24 -31.29
N VAL J 269 -23.45 -8.34 -32.04
CA VAL J 269 -22.26 -8.65 -32.82
C VAL J 269 -22.13 -7.69 -33.99
N PHE J 270 -23.24 -7.41 -34.68
CA PHE J 270 -23.17 -6.69 -35.93
C PHE J 270 -22.72 -5.24 -35.72
N ALA J 271 -23.48 -4.47 -34.96
CA ALA J 271 -23.34 -3.02 -34.97
C ALA J 271 -22.02 -2.56 -34.36
N ILE J 272 -21.63 -1.34 -34.71
CA ILE J 272 -20.44 -0.66 -34.21
C ILE J 272 -20.90 0.63 -33.52
N PRO J 273 -20.01 1.40 -32.90
CA PRO J 273 -20.44 2.64 -32.22
C PRO J 273 -21.19 3.58 -33.14
N PRO J 274 -22.21 4.26 -32.63
CA PRO J 274 -23.00 5.17 -33.46
C PRO J 274 -22.51 6.60 -33.43
N LYS J 275 -23.18 7.48 -34.17
CA LYS J 275 -22.92 8.90 -34.21
C LYS J 275 -24.23 9.65 -34.03
N PRO J 276 -24.19 10.87 -33.49
CA PRO J 276 -25.43 11.57 -33.18
C PRO J 276 -26.15 12.03 -34.44
N ALA J 277 -27.46 12.15 -34.32
CA ALA J 277 -28.30 12.55 -35.44
C ALA J 277 -29.13 13.77 -35.08
N ASP J 278 -29.50 14.52 -36.11
CA ASP J 278 -30.18 15.80 -35.97
C ASP J 278 -31.50 15.76 -36.71
N TYR J 279 -32.54 16.33 -36.10
CA TYR J 279 -33.87 16.30 -36.70
C TYR J 279 -34.65 17.57 -36.41
N ASN J 280 -35.59 17.86 -37.30
CA ASN J 280 -36.66 18.82 -37.09
C ASN J 280 -37.98 18.06 -37.23
N VAL J 281 -38.71 17.93 -36.13
CA VAL J 281 -39.78 16.95 -36.08
C VAL J 281 -41.07 17.40 -36.75
N ARG J 282 -41.42 18.69 -36.69
CA ARG J 282 -42.62 19.12 -37.40
C ARG J 282 -42.49 18.91 -38.89
N THR J 283 -41.27 18.95 -39.39
CA THR J 283 -41.03 18.99 -40.81
C THR J 283 -41.06 17.60 -41.46
N LEU J 284 -40.99 16.54 -40.66
CA LEU J 284 -41.06 15.18 -41.18
C LEU J 284 -42.49 14.81 -41.55
N ARG J 285 -42.61 13.90 -42.52
CA ARG J 285 -43.89 13.35 -42.94
C ARG J 285 -44.28 12.29 -41.90
N ILE J 286 -45.57 11.98 -41.81
CA ILE J 286 -46.00 11.05 -40.77
C ILE J 286 -45.95 9.60 -41.23
N ASP J 287 -45.87 9.35 -42.53
CA ASP J 287 -45.76 8.01 -43.07
C ASP J 287 -44.32 7.60 -43.31
N GLU J 288 -43.36 8.39 -42.87
CA GLU J 288 -41.96 8.07 -43.03
C GLU J 288 -41.29 7.78 -41.70
N ALA J 289 -41.35 8.70 -40.76
CA ALA J 289 -40.82 8.48 -39.42
C ALA J 289 -41.90 7.79 -38.61
N THR J 290 -41.96 6.46 -38.75
CA THR J 290 -42.98 5.68 -38.06
C THR J 290 -42.91 5.86 -36.55
N TRP J 291 -41.76 6.23 -36.03
CA TRP J 291 -41.53 6.36 -34.60
C TRP J 291 -42.21 7.59 -34.00
N LEU J 292 -43.16 8.18 -34.71
CA LEU J 292 -43.97 9.28 -34.21
C LEU J 292 -45.42 8.86 -34.07
N ARG J 293 -46.10 9.43 -33.09
CA ARG J 293 -47.55 9.36 -32.97
C ARG J 293 -48.10 10.78 -33.06
N MET J 294 -49.13 10.96 -33.90
CA MET J 294 -49.51 12.30 -34.35
C MET J 294 -51.03 12.43 -34.23
N ILE J 295 -51.48 13.17 -33.23
CA ILE J 295 -52.93 13.40 -33.07
C ILE J 295 -53.48 14.03 -34.33
N PRO J 296 -54.59 13.54 -34.87
CA PRO J 296 -55.10 14.10 -36.13
C PRO J 296 -55.52 15.54 -35.96
N LYS J 297 -55.79 16.19 -37.09
CA LYS J 297 -56.38 17.50 -37.05
C LYS J 297 -57.90 17.37 -37.27
N SER J 298 -58.57 18.52 -37.26
CA SER J 298 -60.02 18.60 -37.47
C SER J 298 -60.77 17.79 -36.39
N MET J 299 -60.60 18.22 -35.14
CA MET J 299 -61.60 17.96 -34.12
C MET J 299 -61.89 19.14 -33.22
N ASN J 300 -61.03 20.16 -33.20
CA ASN J 300 -61.27 21.36 -32.40
C ASN J 300 -61.30 21.06 -30.92
N THR J 301 -61.34 19.78 -30.57
CA THR J 301 -61.37 19.32 -29.19
C THR J 301 -60.12 19.82 -28.49
N PRO J 302 -60.30 20.66 -27.48
CA PRO J 302 -59.20 21.47 -26.97
C PRO J 302 -59.28 21.44 -25.46
N PHE J 303 -58.45 20.60 -24.85
CA PHE J 303 -58.45 20.40 -23.41
C PHE J 303 -57.13 20.81 -22.83
N GLN J 304 -57.18 21.26 -21.58
CA GLN J 304 -56.01 21.61 -20.80
C GLN J 304 -55.99 20.71 -19.58
N ILE J 305 -54.80 20.22 -19.22
CA ILE J 305 -54.65 19.22 -18.17
C ILE J 305 -53.51 19.60 -17.26
N GLN J 306 -53.57 19.07 -16.03
CA GLN J 306 -52.57 19.28 -15.00
C GLN J 306 -51.65 18.08 -14.91
N VAL J 307 -50.47 18.29 -14.33
CA VAL J 307 -49.43 17.27 -14.32
C VAL J 307 -48.46 17.60 -13.20
N THR J 308 -47.85 16.57 -12.63
CA THR J 308 -46.90 16.73 -11.55
C THR J 308 -45.48 16.50 -12.04
N ASP J 309 -44.52 16.68 -11.13
CA ASP J 309 -43.11 16.45 -11.38
C ASP J 309 -42.53 15.59 -10.26
N ASN J 310 -41.21 15.43 -10.27
CA ASN J 310 -40.53 14.68 -9.23
C ASN J 310 -40.67 15.31 -7.86
N THR J 311 -41.08 16.58 -7.79
CA THR J 311 -41.39 17.23 -6.53
C THR J 311 -42.88 17.31 -6.27
N GLY J 312 -43.69 16.75 -7.16
CA GLY J 312 -45.13 16.92 -7.05
C GLY J 312 -45.62 18.33 -7.32
N THR J 313 -44.74 19.22 -7.76
CA THR J 313 -45.17 20.56 -8.15
C THR J 313 -46.03 20.46 -9.38
N ASN J 314 -47.24 21.01 -9.29
CA ASN J 314 -48.16 20.90 -10.41
C ASN J 314 -47.73 21.78 -11.58
N TRP J 315 -48.19 21.41 -12.77
CA TRP J 315 -48.03 22.22 -13.96
C TRP J 315 -49.26 22.06 -14.83
N HIS J 316 -49.66 23.12 -15.50
CA HIS J 316 -50.79 23.09 -16.42
C HIS J 316 -50.31 23.36 -17.83
N LEU J 317 -50.71 22.45 -18.73
CA LEU J 317 -50.34 22.40 -20.17
C LEU J 317 -51.54 22.05 -21.10
N ASN J 318 -51.46 22.45 -22.38
CA ASN J 318 -52.56 22.34 -23.33
C ASN J 318 -52.21 21.37 -24.43
N LEU J 319 -53.24 20.74 -24.99
CA LEU J 319 -53.11 19.78 -26.09
C LEU J 319 -54.20 20.06 -27.11
N ARG J 320 -53.95 19.69 -28.36
CA ARG J 320 -54.91 19.92 -29.42
C ARG J 320 -54.62 18.99 -30.58
N GLY J 321 -55.33 19.21 -31.68
CA GLY J 321 -55.03 18.49 -32.90
C GLY J 321 -53.69 18.91 -33.47
N GLY J 322 -53.07 18.02 -34.21
CA GLY J 322 -51.76 18.27 -34.75
C GLY J 322 -50.63 18.08 -33.79
N THR J 323 -50.92 17.71 -32.54
CA THR J 323 -49.87 17.35 -31.60
C THR J 323 -49.12 16.12 -32.09
N ARG J 324 -47.80 16.18 -32.04
CA ARG J 324 -46.94 15.06 -32.41
C ARG J 324 -46.09 14.65 -31.22
N VAL J 325 -46.01 13.34 -30.98
CA VAL J 325 -45.18 12.77 -29.92
C VAL J 325 -44.41 11.60 -30.48
N VAL J 326 -43.40 11.19 -29.74
CA VAL J 326 -42.62 10.02 -30.11
C VAL J 326 -43.26 8.79 -29.48
N ASN J 327 -43.01 7.62 -30.07
CA ASN J 327 -43.39 6.34 -29.46
C ASN J 327 -42.17 5.82 -28.73
N LEU J 328 -42.10 6.12 -27.44
CA LEU J 328 -40.87 5.91 -26.69
C LEU J 328 -40.49 4.44 -26.59
N ASP J 329 -41.45 3.53 -26.74
CA ASP J 329 -41.08 2.12 -26.65
C ASP J 329 -40.37 1.69 -27.93
N GLN J 330 -39.81 0.48 -27.90
CA GLN J 330 -39.06 -0.13 -28.99
C GLN J 330 -38.10 0.84 -29.68
N ILE J 331 -37.52 1.77 -28.94
CA ILE J 331 -36.54 2.70 -29.47
C ILE J 331 -35.25 2.60 -28.67
N ALA J 332 -34.86 1.37 -28.32
CA ALA J 332 -33.45 1.05 -28.16
C ALA J 332 -32.69 2.14 -27.42
N PRO J 333 -32.77 2.21 -26.08
CA PRO J 333 -32.68 3.49 -25.37
C PRO J 333 -31.76 4.54 -25.95
N MET J 334 -32.29 5.75 -26.07
CA MET J 334 -31.69 6.80 -26.88
C MET J 334 -31.91 8.14 -26.19
N ARG J 335 -30.86 8.96 -26.16
CA ARG J 335 -30.86 10.22 -25.42
C ARG J 335 -31.40 11.34 -26.30
N PHE J 336 -32.16 12.24 -25.68
CA PHE J 336 -32.72 13.38 -26.36
C PHE J 336 -32.18 14.66 -25.77
N VAL J 337 -31.69 15.55 -26.63
CA VAL J 337 -31.37 16.94 -26.28
C VAL J 337 -31.98 17.83 -27.34
N LEU J 338 -32.61 18.91 -26.91
CA LEU J 338 -33.40 19.77 -27.78
C LEU J 338 -32.88 21.20 -27.75
N ASP J 339 -32.79 21.81 -28.92
CA ASP J 339 -32.25 23.15 -29.08
C ASP J 339 -33.34 24.05 -29.64
N LEU J 340 -33.78 25.02 -28.85
CA LEU J 340 -34.86 25.92 -29.24
C LEU J 340 -34.34 27.22 -29.83
N GLY J 341 -33.02 27.43 -29.83
CA GLY J 341 -32.50 28.67 -30.35
C GLY J 341 -32.81 28.84 -31.83
N GLY J 342 -33.02 30.09 -32.25
CA GLY J 342 -33.32 30.42 -33.63
C GLY J 342 -34.79 30.62 -33.91
N LYS J 343 -35.66 29.88 -33.22
CA LYS J 343 -37.09 29.96 -33.46
C LYS J 343 -37.68 31.21 -32.81
N SER J 344 -38.94 31.48 -33.14
CA SER J 344 -39.65 32.64 -32.62
C SER J 344 -40.72 32.26 -31.59
N TYR J 345 -41.66 31.40 -31.97
CA TYR J 345 -42.74 30.95 -31.08
C TYR J 345 -43.52 32.11 -30.46
N LYS J 346 -43.43 33.30 -31.03
CA LYS J 346 -44.15 34.45 -30.50
C LYS J 346 -45.62 34.34 -30.88
N GLU J 347 -46.50 34.44 -29.89
CA GLU J 347 -47.93 34.46 -30.15
C GLU J 347 -48.51 35.84 -29.86
N THR J 348 -49.65 36.13 -30.49
CA THR J 348 -50.25 37.46 -30.41
C THR J 348 -50.49 37.89 -28.97
N SER J 349 -50.90 36.97 -28.11
CA SER J 349 -51.15 37.29 -26.71
C SER J 349 -50.45 36.29 -25.79
N TRP J 350 -49.41 35.63 -26.28
CA TRP J 350 -48.61 34.71 -25.48
C TRP J 350 -47.15 34.92 -25.89
N ASP J 351 -46.47 35.83 -25.21
CA ASP J 351 -45.07 36.03 -25.54
C ASP J 351 -44.23 34.94 -24.88
N PRO J 352 -43.42 34.21 -25.65
CA PRO J 352 -42.65 33.10 -25.07
C PRO J 352 -41.53 33.54 -24.14
N ASN J 353 -41.32 34.84 -23.95
CA ASN J 353 -40.21 35.28 -23.12
C ASN J 353 -40.45 34.94 -21.66
N GLY J 354 -39.41 34.48 -20.99
CA GLY J 354 -39.53 34.12 -19.59
C GLY J 354 -40.49 33.01 -19.30
N LYS J 355 -40.76 32.14 -20.27
CA LYS J 355 -41.72 31.06 -20.12
C LYS J 355 -40.98 29.74 -19.97
N LYS J 356 -41.75 28.66 -19.87
CA LYS J 356 -41.25 27.33 -19.57
C LYS J 356 -41.57 26.36 -20.69
N VAL J 357 -40.60 25.51 -21.02
CA VAL J 357 -40.85 24.34 -21.85
C VAL J 357 -40.11 23.17 -21.24
N GLY J 358 -40.65 21.98 -21.41
CA GLY J 358 -40.07 20.80 -20.80
C GLY J 358 -40.58 19.53 -21.42
N PHE J 359 -39.83 18.47 -21.18
CA PHE J 359 -40.21 17.14 -21.65
C PHE J 359 -41.27 16.55 -20.72
N ILE J 360 -42.30 15.96 -21.32
CA ILE J 360 -43.33 15.27 -20.55
C ILE J 360 -43.45 13.85 -21.10
N VAL J 361 -43.37 12.87 -20.20
CA VAL J 361 -43.43 11.46 -20.57
C VAL J 361 -44.84 10.95 -20.28
N PHE J 362 -45.42 10.28 -21.27
CA PHE J 362 -46.81 9.86 -21.21
C PHE J 362 -46.90 8.35 -21.15
N GLN J 363 -47.61 7.85 -20.15
CA GLN J 363 -47.77 6.42 -19.93
C GLN J 363 -49.26 6.16 -19.76
N SER J 364 -49.84 5.40 -20.68
CA SER J 364 -51.24 5.04 -20.56
C SER J 364 -51.51 3.82 -21.42
N LYS J 365 -52.63 3.15 -21.12
CA LYS J 365 -53.13 2.11 -22.01
C LYS J 365 -53.52 2.68 -23.35
N ILE J 366 -54.23 3.80 -23.35
CA ILE J 366 -54.96 4.25 -24.53
C ILE J 366 -53.98 4.73 -25.60
N PRO J 367 -54.15 4.30 -26.85
CA PRO J 367 -53.28 4.78 -27.92
C PRO J 367 -53.40 6.29 -28.12
N PHE J 368 -52.26 6.90 -28.46
CA PHE J 368 -52.18 8.36 -28.46
C PHE J 368 -53.07 9.00 -29.52
N GLU J 369 -53.35 8.27 -30.61
CA GLU J 369 -54.21 8.83 -31.65
C GLU J 369 -55.68 8.82 -31.26
N LEU J 370 -56.00 8.67 -29.98
CA LEU J 370 -57.37 8.61 -29.52
C LEU J 370 -57.61 9.48 -28.31
N TRP J 371 -56.71 10.40 -28.01
CA TRP J 371 -56.83 11.19 -26.80
C TRP J 371 -57.82 12.33 -27.00
N THR J 372 -58.84 12.38 -26.15
CA THR J 372 -59.88 13.37 -26.28
C THR J 372 -60.25 14.06 -24.98
N ALA J 373 -59.68 13.67 -23.86
CA ALA J 373 -59.95 14.31 -22.57
C ALA J 373 -58.94 13.80 -21.56
N ALA J 374 -58.98 14.42 -20.37
CA ALA J 374 -58.08 14.05 -19.29
C ALA J 374 -58.26 12.61 -18.85
N SER J 375 -59.38 11.99 -19.18
CA SER J 375 -59.68 10.64 -18.72
C SER J 375 -58.93 9.56 -19.49
N GLN J 376 -57.87 9.91 -20.22
CA GLN J 376 -57.23 8.98 -21.14
C GLN J 376 -55.71 9.01 -21.05
N ILE J 377 -55.15 9.68 -20.06
CA ILE J 377 -53.72 10.01 -20.09
C ILE J 377 -52.88 9.13 -19.17
N GLY J 378 -53.47 8.43 -18.22
CA GLY J 378 -52.68 7.63 -17.32
C GLY J 378 -51.75 8.44 -16.44
N GLN J 379 -50.45 8.34 -16.69
CA GLN J 379 -49.44 8.96 -15.83
C GLN J 379 -48.58 9.91 -16.65
N ALA J 380 -48.11 10.97 -16.00
CA ALA J 380 -47.25 11.93 -16.66
C ALA J 380 -46.39 12.63 -15.62
N THR J 381 -45.15 12.90 -15.97
CA THR J 381 -44.22 13.62 -15.12
C THR J 381 -43.34 14.50 -15.99
N VAL J 382 -43.11 15.72 -15.53
CA VAL J 382 -42.14 16.61 -16.16
C VAL J 382 -40.75 16.24 -15.67
N VAL J 383 -39.80 16.13 -16.59
CA VAL J 383 -38.53 15.50 -16.24
C VAL J 383 -37.39 16.50 -16.35
N ASN J 384 -37.61 17.58 -17.09
CA ASN J 384 -36.57 18.56 -17.33
C ASN J 384 -37.22 19.74 -18.02
N TYR J 385 -36.87 20.96 -17.60
CA TYR J 385 -37.49 22.16 -18.14
C TYR J 385 -36.50 23.30 -18.00
N VAL J 386 -36.72 24.35 -18.79
CA VAL J 386 -35.78 25.46 -18.88
C VAL J 386 -36.53 26.78 -18.92
N GLN J 387 -35.77 27.86 -18.99
CA GLN J 387 -36.27 29.24 -18.96
C GLN J 387 -35.89 29.93 -20.26
N LEU J 388 -36.88 30.48 -20.94
CA LEU J 388 -36.66 31.05 -22.26
C LEU J 388 -36.35 32.54 -22.19
N TYR J 389 -35.61 33.01 -23.18
CA TYR J 389 -35.25 34.41 -23.33
C TYR J 389 -35.31 34.79 -24.80
N ALA J 390 -35.88 35.96 -25.07
CA ALA J 390 -36.20 36.39 -26.42
C ALA J 390 -35.43 37.65 -26.76
N GLU J 391 -34.92 37.71 -27.99
CA GLU J 391 -34.04 38.79 -28.41
C GLU J 391 -34.27 39.07 -29.89
N ASP J 392 -34.15 40.35 -30.25
CA ASP J 392 -34.37 40.75 -31.63
C ASP J 392 -33.33 40.12 -32.55
N SER J 393 -33.54 40.28 -33.85
CA SER J 393 -32.72 39.55 -34.83
C SER J 393 -32.43 40.35 -36.08
N SER J 394 -31.94 39.64 -37.11
CA SER J 394 -31.86 40.20 -38.45
C SER J 394 -33.20 40.78 -38.88
N PHE J 395 -34.28 40.08 -38.54
CA PHE J 395 -35.62 40.52 -38.91
C PHE J 395 -36.07 41.62 -37.98
N THR J 396 -36.29 42.81 -38.53
CA THR J 396 -36.81 43.92 -37.74
C THR J 396 -38.23 43.62 -37.29
N ALA J 397 -38.56 44.06 -36.08
CA ALA J 397 -39.89 43.92 -35.51
C ALA J 397 -40.24 42.47 -35.20
N GLN J 398 -39.25 41.68 -34.81
CA GLN J 398 -39.52 40.41 -34.14
C GLN J 398 -38.27 39.95 -33.42
N SER J 399 -38.49 39.08 -32.44
CA SER J 399 -37.45 38.62 -31.53
C SER J 399 -37.28 37.10 -31.64
N ILE J 400 -36.11 36.63 -31.20
CA ILE J 400 -35.69 35.25 -31.37
C ILE J 400 -35.19 34.72 -30.03
N ILE J 401 -35.24 33.39 -29.88
CA ILE J 401 -34.98 32.73 -28.60
C ILE J 401 -33.53 32.29 -28.54
N ALA J 402 -32.93 32.38 -27.35
CA ALA J 402 -31.56 31.94 -27.14
C ALA J 402 -31.47 30.42 -27.18
N THR J 403 -30.24 29.92 -27.13
CA THR J 403 -30.00 28.48 -27.23
C THR J 403 -30.46 27.76 -25.98
N THR J 404 -30.96 26.53 -26.17
CA THR J 404 -31.35 25.67 -25.08
C THR J 404 -30.80 24.28 -25.33
N SER J 405 -30.59 23.53 -24.25
CA SER J 405 -30.22 22.13 -24.33
C SER J 405 -31.17 21.29 -23.50
N LEU J 406 -32.48 21.48 -23.73
CA LEU J 406 -33.50 20.73 -23.01
C LEU J 406 -33.26 19.24 -23.20
N ALA J 407 -32.86 18.56 -22.13
CA ALA J 407 -32.25 17.25 -22.21
C ALA J 407 -33.02 16.23 -21.39
N TYR J 408 -33.09 15.02 -21.93
CA TYR J 408 -33.65 13.89 -21.20
C TYR J 408 -33.06 12.61 -21.77
N ASN J 409 -32.66 11.71 -20.88
CA ASN J 409 -32.14 10.40 -21.26
C ASN J 409 -33.22 9.36 -21.04
N TYR J 410 -33.53 8.60 -22.07
CA TYR J 410 -34.57 7.58 -22.01
C TYR J 410 -33.93 6.20 -21.89
N GLU J 411 -34.44 5.41 -20.95
CA GLU J 411 -33.98 4.03 -20.76
C GLU J 411 -35.15 3.19 -20.29
N PRO J 412 -35.43 2.08 -20.96
CA PRO J 412 -36.57 1.25 -20.54
C PRO J 412 -36.39 0.62 -19.18
N GLU J 413 -35.15 0.51 -18.69
CA GLU J 413 -34.90 -0.31 -17.52
C GLU J 413 -35.43 0.32 -16.25
N GLN J 414 -35.41 1.65 -16.15
CA GLN J 414 -35.99 2.30 -14.99
C GLN J 414 -37.52 2.21 -15.01
N LEU J 415 -38.12 2.32 -16.19
CA LEU J 415 -39.57 2.38 -16.26
C LEU J 415 -40.23 1.03 -16.05
N ASN J 416 -39.50 -0.05 -16.34
CA ASN J 416 -39.99 -1.42 -16.14
C ASN J 416 -41.32 -1.64 -16.88
N LYS J 417 -41.23 -1.62 -18.20
CA LYS J 417 -42.41 -1.89 -18.99
C LYS J 417 -42.79 -3.36 -18.85
N THR J 418 -44.03 -3.60 -18.43
CA THR J 418 -44.54 -4.95 -18.20
C THR J 418 -45.74 -5.31 -19.06
N ASP J 419 -46.79 -4.51 -19.04
CA ASP J 419 -48.02 -4.87 -19.74
C ASP J 419 -47.82 -4.75 -21.24
N PRO J 420 -48.14 -5.77 -22.03
CA PRO J 420 -47.89 -5.70 -23.47
C PRO J 420 -48.67 -4.59 -24.16
N GLU J 421 -49.71 -4.08 -23.53
CA GLU J 421 -50.52 -3.02 -24.10
C GLU J 421 -50.18 -1.64 -23.55
N MET J 422 -49.12 -1.54 -22.75
CA MET J 422 -48.74 -0.29 -22.11
C MET J 422 -47.96 0.57 -23.10
N ASN J 423 -48.44 1.79 -23.35
CA ASN J 423 -47.82 2.68 -24.33
C ASN J 423 -46.94 3.72 -23.67
N TYR J 424 -45.99 4.23 -24.46
CA TYR J 424 -44.98 5.17 -23.97
C TYR J 424 -44.75 6.28 -24.98
N TYR J 425 -44.88 7.53 -24.54
CA TYR J 425 -44.74 8.69 -25.41
C TYR J 425 -43.91 9.77 -24.72
N LEU J 426 -43.39 10.69 -25.52
CA LEU J 426 -42.70 11.86 -25.01
C LEU J 426 -43.11 13.08 -25.81
N LEU J 427 -43.46 14.15 -25.12
CA LEU J 427 -43.92 15.38 -25.76
C LEU J 427 -43.20 16.58 -25.17
N ALA J 428 -42.98 17.58 -26.01
CA ALA J 428 -42.49 18.88 -25.58
C ALA J 428 -43.59 19.92 -25.79
N THR J 429 -43.88 20.70 -24.76
CA THR J 429 -44.95 21.70 -24.82
C THR J 429 -44.80 22.64 -23.64
N PHE J 430 -45.21 23.90 -23.85
CA PHE J 430 -45.18 24.91 -22.80
C PHE J 430 -45.88 24.40 -21.55
N ILE J 431 -45.31 24.72 -20.40
CA ILE J 431 -45.88 24.35 -19.11
C ILE J 431 -45.90 25.57 -18.21
N ASP J 432 -47.02 25.80 -17.54
CA ASP J 432 -47.14 26.92 -16.63
C ASP J 432 -47.78 26.47 -15.33
N SER J 433 -47.44 27.17 -14.25
CA SER J 433 -48.14 27.04 -12.98
C SER J 433 -49.59 27.44 -13.07
N ALA J 434 -49.96 28.23 -14.08
CA ALA J 434 -51.33 28.68 -14.28
C ALA J 434 -51.85 28.13 -15.60
N ALA J 435 -53.13 27.78 -15.64
CA ALA J 435 -53.70 27.16 -16.81
C ALA J 435 -53.68 28.13 -17.98
N ILE J 436 -52.79 27.90 -18.95
CA ILE J 436 -52.68 28.76 -20.11
C ILE J 436 -53.96 28.68 -20.91
N THR J 437 -54.53 29.83 -21.25
CA THR J 437 -55.75 29.86 -22.03
C THR J 437 -55.49 29.25 -23.41
N PRO J 438 -56.30 28.29 -23.85
CA PRO J 438 -56.03 27.60 -25.12
C PRO J 438 -56.00 28.53 -26.33
N THR J 439 -56.68 29.67 -26.28
CA THR J 439 -56.63 30.59 -27.41
C THR J 439 -55.28 31.29 -27.50
N ASN J 440 -54.70 31.67 -26.37
CA ASN J 440 -53.39 32.31 -26.40
C ASN J 440 -52.31 31.36 -26.88
N MET J 441 -52.53 30.06 -26.78
CA MET J 441 -51.55 29.05 -27.17
C MET J 441 -52.14 28.29 -28.35
N THR J 442 -51.74 28.67 -29.56
CA THR J 442 -52.30 28.08 -30.75
C THR J 442 -51.44 26.96 -31.34
N GLN J 443 -50.17 26.87 -30.95
CA GLN J 443 -49.32 25.86 -31.51
C GLN J 443 -49.76 24.47 -31.05
N PRO J 444 -49.64 23.45 -31.89
CA PRO J 444 -49.97 22.10 -31.41
C PRO J 444 -49.03 21.64 -30.32
N ASP J 445 -47.73 21.68 -30.59
CA ASP J 445 -46.69 21.35 -29.63
C ASP J 445 -45.56 22.33 -29.87
N VAL J 446 -44.37 22.03 -29.37
CA VAL J 446 -43.27 22.97 -29.55
C VAL J 446 -42.10 22.28 -30.24
N TRP J 447 -42.37 21.34 -31.13
CA TRP J 447 -41.31 20.57 -31.75
C TRP J 447 -40.70 21.26 -32.97
N ASP J 448 -41.06 22.50 -33.25
CA ASP J 448 -40.45 23.23 -34.37
C ASP J 448 -39.06 23.70 -33.99
N ALA J 449 -38.17 22.75 -33.78
CA ALA J 449 -36.87 23.07 -33.21
C ALA J 449 -35.83 22.08 -33.68
N LEU J 450 -34.57 22.49 -33.56
CA LEU J 450 -33.48 21.56 -33.75
C LEU J 450 -33.54 20.49 -32.67
N LEU J 451 -33.23 19.26 -33.06
CA LEU J 451 -33.27 18.13 -32.13
C LEU J 451 -32.08 17.24 -32.38
N THR J 452 -31.22 17.10 -31.38
CA THR J 452 -30.05 16.25 -31.45
C THR J 452 -30.31 14.98 -30.65
N MET J 453 -30.08 13.83 -31.28
CA MET J 453 -30.42 12.55 -30.70
C MET J 453 -29.18 11.67 -30.70
N SER J 454 -29.06 10.82 -29.68
CA SER J 454 -27.87 10.01 -29.50
C SER J 454 -28.23 8.71 -28.81
N PRO J 455 -27.76 7.57 -29.30
CA PRO J 455 -28.07 6.30 -28.64
C PRO J 455 -27.39 6.20 -27.29
N LEU J 456 -28.02 5.43 -26.40
CA LEU J 456 -27.46 5.18 -25.08
C LEU J 456 -27.09 3.71 -24.88
N SER J 457 -27.18 2.88 -25.92
CA SER J 457 -26.72 1.50 -25.82
C SER J 457 -26.45 0.97 -27.21
N ALA J 458 -25.19 0.66 -27.49
CA ALA J 458 -24.77 0.13 -28.78
C ALA J 458 -24.93 -1.39 -28.86
N GLY J 459 -25.77 -1.97 -28.01
CA GLY J 459 -26.10 -3.36 -28.12
C GLY J 459 -27.40 -3.58 -28.86
N GLU J 460 -28.13 -2.50 -29.13
CA GLU J 460 -29.44 -2.57 -29.77
C GLU J 460 -29.39 -1.96 -31.16
N VAL J 461 -30.02 -2.62 -32.11
CA VAL J 461 -29.97 -2.25 -33.52
C VAL J 461 -31.39 -2.10 -34.03
N THR J 462 -31.61 -1.11 -34.91
CA THR J 462 -32.93 -0.79 -35.41
C THR J 462 -32.94 -0.88 -36.93
N VAL J 463 -33.99 -1.49 -37.48
CA VAL J 463 -34.16 -1.61 -38.92
C VAL J 463 -35.51 -1.01 -39.31
N LYS J 464 -35.47 -0.01 -40.19
CA LYS J 464 -36.67 0.66 -40.70
C LYS J 464 -37.48 1.27 -39.55
N GLY J 465 -36.79 2.00 -38.69
CA GLY J 465 -37.47 2.74 -37.64
C GLY J 465 -38.04 1.90 -36.52
N ALA J 466 -37.55 0.68 -36.32
CA ALA J 466 -37.96 -0.15 -35.19
C ALA J 466 -36.81 -1.05 -34.81
N VAL J 467 -36.85 -1.55 -33.58
CA VAL J 467 -35.73 -2.28 -32.99
C VAL J 467 -35.91 -3.77 -33.22
N VAL J 468 -34.86 -4.43 -33.70
CA VAL J 468 -34.82 -5.87 -33.78
C VAL J 468 -33.48 -6.34 -33.26
N SER J 469 -33.45 -7.56 -32.74
CA SER J 469 -32.25 -8.15 -32.16
C SER J 469 -31.61 -9.17 -33.08
N GLU J 470 -31.84 -9.05 -34.38
CA GLU J 470 -31.36 -10.04 -35.34
C GLU J 470 -31.45 -9.44 -36.74
N VAL J 471 -30.34 -9.42 -37.46
CA VAL J 471 -30.24 -8.71 -38.73
C VAL J 471 -29.60 -9.62 -39.76
N VAL J 472 -30.22 -9.71 -40.94
CA VAL J 472 -29.58 -10.28 -42.12
C VAL J 472 -28.98 -9.13 -42.90
N PRO J 473 -27.65 -8.97 -42.89
CA PRO J 473 -27.05 -7.81 -43.58
C PRO J 473 -27.33 -7.76 -45.07
N ALA J 474 -27.49 -8.91 -45.74
CA ALA J 474 -27.74 -8.88 -47.17
C ALA J 474 -29.06 -8.23 -47.50
N ASP J 475 -30.04 -8.31 -46.59
CA ASP J 475 -31.33 -7.65 -46.80
C ASP J 475 -31.16 -6.15 -47.02
N LEU J 476 -30.25 -5.52 -46.27
CA LEU J 476 -30.12 -4.08 -46.27
C LEU J 476 -29.71 -3.51 -47.61
N ILE J 477 -29.20 -4.32 -48.53
CA ILE J 477 -28.75 -3.79 -49.80
C ILE J 477 -29.93 -3.26 -50.58
N GLY J 478 -29.79 -2.05 -51.14
CA GLY J 478 -30.75 -1.51 -52.06
C GLY J 478 -32.15 -1.34 -51.51
N SER J 479 -32.31 -1.33 -50.19
CA SER J 479 -33.63 -1.31 -49.58
C SER J 479 -34.10 0.08 -49.17
N TYR J 480 -33.20 1.00 -48.87
CA TYR J 480 -33.55 2.30 -48.32
C TYR J 480 -33.69 3.32 -49.44
N THR J 481 -34.62 4.22 -49.27
CA THR J 481 -34.83 5.36 -50.15
C THR J 481 -34.17 6.60 -49.57
N PRO J 482 -33.90 7.62 -50.41
CA PRO J 482 -33.27 8.82 -49.87
C PRO J 482 -34.06 9.47 -48.76
N GLU J 483 -35.39 9.48 -48.86
CA GLU J 483 -36.19 10.09 -47.80
C GLU J 483 -36.17 9.24 -46.53
N SER J 484 -35.85 7.95 -46.65
CA SER J 484 -35.81 7.08 -45.49
C SER J 484 -34.42 6.99 -44.87
N LEU J 485 -33.41 7.60 -45.49
CA LEU J 485 -32.09 7.62 -44.88
C LEU J 485 -32.10 8.48 -43.62
N ASN J 486 -32.41 9.76 -43.76
CA ASN J 486 -32.48 10.63 -42.60
C ASN J 486 -33.57 10.18 -41.64
N THR J 487 -34.72 9.77 -42.17
CA THR J 487 -35.91 9.50 -41.38
C THR J 487 -35.69 8.37 -40.37
N SER J 488 -34.53 7.73 -40.45
CA SER J 488 -34.20 6.63 -39.56
C SER J 488 -33.84 7.14 -38.17
N LEU J 489 -33.55 6.21 -37.28
CA LEU J 489 -33.03 6.50 -35.96
C LEU J 489 -31.50 6.56 -36.01
N PRO J 490 -30.88 7.25 -35.06
CA PRO J 490 -29.41 7.36 -35.08
C PRO J 490 -28.70 6.02 -35.12
N ASN J 491 -29.21 5.02 -34.42
CA ASN J 491 -28.57 3.70 -34.31
C ASN J 491 -29.15 2.71 -35.31
N ASP J 492 -29.21 3.07 -36.58
CA ASP J 492 -29.90 2.20 -37.50
C ASP J 492 -28.99 1.09 -38.00
N ALA J 493 -29.61 0.01 -38.46
CA ALA J 493 -28.84 -1.10 -39.03
C ALA J 493 -28.05 -0.64 -40.24
N ALA J 494 -28.68 0.13 -41.12
CA ALA J 494 -27.98 0.61 -42.30
C ALA J 494 -26.88 1.58 -41.92
N ARG J 495 -27.10 2.40 -40.90
CA ARG J 495 -26.07 3.36 -40.51
C ARG J 495 -24.81 2.64 -40.05
N CYS J 496 -24.96 1.57 -39.27
CA CYS J 496 -23.81 0.77 -38.91
C CYS J 496 -23.31 -0.08 -40.07
N MET J 497 -24.05 -0.14 -41.17
CA MET J 497 -23.59 -0.77 -42.40
C MET J 497 -22.75 0.17 -43.26
N ILE J 498 -23.24 1.39 -43.51
CA ILE J 498 -22.42 2.33 -44.28
C ILE J 498 -21.11 2.59 -43.56
N ASP J 499 -21.12 2.51 -42.23
CA ASP J 499 -19.90 2.73 -41.47
C ASP J 499 -18.87 1.64 -41.72
N ARG J 500 -19.29 0.37 -41.68
CA ARG J 500 -18.34 -0.72 -41.91
C ARG J 500 -17.86 -0.74 -43.34
N ALA J 501 -18.79 -0.68 -44.30
CA ALA J 501 -18.39 -0.72 -45.70
C ALA J 501 -17.61 0.51 -46.11
N SER J 502 -17.67 1.58 -45.31
CA SER J 502 -16.85 2.76 -45.59
C SER J 502 -15.37 2.39 -45.58
N LYS J 503 -14.93 1.62 -44.58
CA LYS J 503 -13.53 1.25 -44.50
C LYS J 503 -13.10 0.46 -45.72
N ILE J 504 -14.00 -0.31 -46.32
CA ILE J 504 -13.61 -1.11 -47.48
C ILE J 504 -13.20 -0.19 -48.63
N ALA J 505 -13.98 0.87 -48.88
CA ALA J 505 -13.55 1.87 -49.86
C ALA J 505 -12.22 2.49 -49.46
N GLU J 506 -12.05 2.73 -48.16
CA GLU J 506 -10.77 3.21 -47.66
C GLU J 506 -9.64 2.24 -47.98
N ALA J 507 -9.97 0.96 -48.19
CA ALA J 507 -8.93 -0.01 -48.52
C ALA J 507 -8.64 -0.01 -50.02
N ILE J 508 -9.66 0.11 -50.85
CA ILE J 508 -9.48 -0.01 -52.29
C ILE J 508 -8.59 1.10 -52.82
N LYS J 509 -8.70 2.30 -52.24
CA LYS J 509 -7.87 3.40 -52.73
C LYS J 509 -6.41 3.21 -52.37
N ILE J 510 -6.13 2.63 -51.21
CA ILE J 510 -4.75 2.33 -50.85
C ILE J 510 -4.12 1.42 -51.88
N ASP J 511 -4.88 0.44 -52.35
CA ASP J 511 -4.41 -0.44 -53.41
C ASP J 511 -4.58 0.19 -54.79
N ASP J 512 -5.82 0.45 -55.19
CA ASP J 512 -6.11 0.84 -56.56
C ASP J 512 -5.64 2.26 -56.84
N ASP J 513 -5.26 2.50 -58.09
CA ASP J 513 -4.91 3.84 -58.56
C ASP J 513 -5.40 4.05 -59.99
N ALA J 514 -6.59 3.55 -60.31
CA ALA J 514 -7.12 3.65 -61.65
C ALA J 514 -8.22 4.70 -61.69
N GLY J 515 -8.58 5.10 -62.90
CA GLY J 515 -9.53 6.17 -63.10
C GLY J 515 -10.66 5.80 -64.05
N PRO J 516 -10.84 6.59 -65.10
CA PRO J 516 -12.00 6.44 -65.98
C PRO J 516 -11.91 5.20 -66.85
N ASP J 517 -12.75 4.21 -66.56
CA ASP J 517 -13.15 3.14 -67.47
C ASP J 517 -12.15 1.99 -67.58
N GLU J 518 -11.10 1.92 -66.78
CA GLU J 518 -10.16 0.82 -66.90
C GLU J 518 -10.40 -0.22 -65.80
N TYR J 519 -10.59 -1.46 -66.22
CA TYR J 519 -10.70 -2.60 -65.32
C TYR J 519 -9.61 -2.59 -64.26
N SER J 520 -9.98 -2.89 -63.03
CA SER J 520 -9.03 -3.08 -61.95
C SER J 520 -9.34 -4.40 -61.27
N PRO J 521 -8.38 -4.98 -60.57
CA PRO J 521 -8.63 -6.26 -59.89
C PRO J 521 -9.82 -6.16 -58.95
N ASN J 522 -10.08 -4.95 -58.44
CA ASN J 522 -11.21 -4.70 -57.57
C ASN J 522 -12.48 -4.38 -58.35
N SER J 523 -12.39 -4.17 -59.65
CA SER J 523 -13.57 -3.85 -60.47
C SER J 523 -14.15 -5.06 -61.15
N VAL J 524 -13.30 -5.98 -61.58
CA VAL J 524 -13.72 -7.15 -62.36
C VAL J 524 -14.59 -8.14 -61.58
N PRO J 525 -14.56 -8.22 -60.24
CA PRO J 525 -15.48 -9.17 -59.59
C PRO J 525 -16.94 -8.84 -59.85
N ILE J 526 -17.24 -7.70 -60.46
CA ILE J 526 -18.60 -7.44 -60.88
C ILE J 526 -18.83 -7.88 -62.32
N GLN J 527 -17.76 -7.97 -63.12
CA GLN J 527 -17.85 -8.66 -64.40
C GLN J 527 -18.44 -10.05 -64.24
N GLY J 528 -18.07 -10.75 -63.17
CA GLY J 528 -18.59 -12.09 -62.99
C GLY J 528 -20.09 -12.12 -62.85
N GLN J 529 -20.63 -11.30 -61.95
CA GLN J 529 -22.07 -11.31 -61.72
C GLN J 529 -22.84 -10.75 -62.91
N LEU J 530 -22.32 -9.68 -63.51
CA LEU J 530 -23.00 -9.07 -64.63
C LEU J 530 -23.00 -9.99 -65.84
N ALA J 531 -21.87 -10.63 -66.13
CA ALA J 531 -21.78 -11.45 -67.33
C ALA J 531 -22.79 -12.58 -67.31
N ILE J 532 -22.84 -13.34 -66.21
CA ILE J 532 -23.80 -14.43 -66.13
C ILE J 532 -25.22 -13.89 -66.14
N SER J 533 -25.47 -12.84 -65.36
CA SER J 533 -26.81 -12.29 -65.25
C SER J 533 -27.30 -11.80 -66.61
N GLN J 534 -26.42 -11.16 -67.39
CA GLN J 534 -26.86 -10.67 -68.69
C GLN J 534 -27.28 -11.82 -69.58
N LEU J 535 -26.59 -12.96 -69.48
CA LEU J 535 -27.03 -14.15 -70.19
C LEU J 535 -28.22 -14.80 -69.51
N GLU J 536 -28.38 -14.57 -68.21
CA GLU J 536 -29.50 -15.16 -67.48
C GLU J 536 -30.80 -14.43 -67.80
N THR J 537 -31.83 -15.19 -68.12
CA THR J 537 -33.11 -14.62 -68.53
C THR J 537 -33.93 -14.27 -67.30
N GLY J 538 -34.40 -13.02 -67.23
CA GLY J 538 -35.24 -12.56 -66.14
C GLY J 538 -36.60 -12.09 -66.62
N TYR J 539 -37.26 -11.33 -65.74
CA TYR J 539 -38.57 -10.72 -66.04
C TYR J 539 -38.34 -9.46 -66.87
N GLY J 540 -38.01 -9.66 -68.14
CA GLY J 540 -37.69 -8.55 -69.01
C GLY J 540 -37.06 -9.06 -70.29
N VAL J 541 -36.68 -8.10 -71.14
CA VAL J 541 -36.20 -8.38 -72.49
C VAL J 541 -34.69 -8.30 -72.51
N ARG J 542 -34.05 -9.30 -73.13
CA ARG J 542 -32.62 -9.50 -73.00
C ARG J 542 -31.84 -8.63 -73.99
N ILE J 543 -30.91 -7.85 -73.46
CA ILE J 543 -30.02 -6.98 -74.23
C ILE J 543 -28.59 -7.50 -74.03
N PHE J 544 -27.89 -7.76 -75.13
CA PHE J 544 -26.59 -8.40 -75.09
C PHE J 544 -25.50 -7.42 -75.49
N ASN J 545 -24.43 -7.37 -74.72
CA ASN J 545 -23.36 -6.40 -74.91
C ASN J 545 -22.00 -7.09 -74.91
N PRO J 546 -21.05 -6.58 -75.67
CA PRO J 546 -19.70 -7.13 -75.63
C PRO J 546 -19.06 -7.02 -74.26
N LYS J 547 -18.01 -7.81 -74.07
CA LYS J 547 -17.28 -7.77 -72.81
C LYS J 547 -16.66 -6.41 -72.55
N GLY J 548 -16.40 -5.64 -73.62
CA GLY J 548 -15.86 -4.31 -73.43
C GLY J 548 -16.83 -3.38 -72.74
N ILE J 549 -18.11 -3.46 -73.10
CA ILE J 549 -19.11 -2.57 -72.51
C ILE J 549 -19.21 -2.82 -71.01
N LEU J 550 -19.26 -4.08 -70.60
CA LEU J 550 -19.34 -4.41 -69.19
C LEU J 550 -18.10 -3.93 -68.45
N SER J 551 -16.92 -4.20 -68.99
CA SER J 551 -15.70 -3.73 -68.37
C SER J 551 -15.74 -2.23 -68.13
N LYS J 552 -16.31 -1.49 -69.08
CA LYS J 552 -16.55 -0.07 -68.86
C LYS J 552 -17.56 0.14 -67.74
N ILE J 553 -18.63 -0.66 -67.72
CA ILE J 553 -19.65 -0.48 -66.69
C ILE J 553 -19.07 -0.68 -65.30
N ALA J 554 -18.35 -1.79 -65.11
CA ALA J 554 -17.86 -2.14 -63.79
C ALA J 554 -16.91 -1.07 -63.25
N SER J 555 -16.02 -0.56 -64.10
CA SER J 555 -15.12 0.49 -63.67
C SER J 555 -15.88 1.70 -63.14
N ARG J 556 -16.97 2.06 -63.82
CA ARG J 556 -17.79 3.15 -63.31
C ARG J 556 -18.56 2.72 -62.08
N ALA J 557 -18.95 1.45 -62.03
CA ALA J 557 -19.73 0.95 -60.90
C ALA J 557 -18.93 1.05 -59.61
N MET J 558 -17.71 0.50 -59.60
CA MET J 558 -16.91 0.50 -58.37
C MET J 558 -16.58 1.91 -57.94
N GLN J 559 -16.22 2.76 -58.90
CA GLN J 559 -15.77 4.11 -58.57
C GLN J 559 -16.86 4.90 -57.87
N ALA J 560 -18.11 4.69 -58.28
CA ALA J 560 -19.21 5.35 -57.59
C ALA J 560 -19.30 4.90 -56.14
N PHE J 561 -19.11 3.60 -55.90
CA PHE J 561 -19.09 3.11 -54.52
C PHE J 561 -17.95 3.73 -53.73
N ILE J 562 -16.76 3.81 -54.34
CA ILE J 562 -15.61 4.36 -53.62
C ILE J 562 -15.87 5.80 -53.22
N GLY J 563 -16.41 6.59 -54.15
CA GLY J 563 -16.68 7.99 -53.84
C GLY J 563 -17.73 8.15 -52.76
N ASP J 564 -18.79 7.38 -52.84
CA ASP J 564 -19.84 7.49 -51.83
C ASP J 564 -20.15 6.09 -51.30
N PRO J 565 -19.74 5.78 -50.07
CA PRO J 565 -19.95 4.42 -49.54
C PRO J 565 -21.41 4.05 -49.37
N SER J 566 -22.31 5.00 -49.28
CA SER J 566 -23.67 4.74 -48.87
C SER J 566 -24.61 4.46 -50.04
N THR J 567 -24.10 4.39 -51.26
CA THR J 567 -24.98 4.15 -52.39
C THR J 567 -25.57 2.74 -52.40
N ILE J 568 -24.97 1.80 -51.69
CA ILE J 568 -25.45 0.43 -51.75
C ILE J 568 -26.80 0.29 -51.06
N ILE J 569 -26.99 0.92 -49.89
CA ILE J 569 -28.29 0.84 -49.22
C ILE J 569 -29.38 1.59 -49.98
N THR J 570 -29.01 2.40 -50.96
CA THR J 570 -29.97 3.23 -51.66
C THR J 570 -30.87 2.37 -52.55
N GLN J 571 -32.17 2.62 -52.47
CA GLN J 571 -33.13 1.97 -53.35
C GLN J 571 -32.79 2.24 -54.80
N ALA J 572 -32.91 1.21 -55.62
CA ALA J 572 -32.79 1.34 -57.07
C ALA J 572 -31.47 1.99 -57.46
N ALA J 573 -30.39 1.53 -56.83
CA ALA J 573 -29.07 1.88 -57.30
C ALA J 573 -28.86 1.22 -58.66
N PRO J 574 -27.95 1.76 -59.46
CA PRO J 574 -27.75 1.21 -60.81
C PRO J 574 -27.36 -0.27 -60.83
N VAL J 575 -26.22 -0.63 -60.25
CA VAL J 575 -25.80 -2.03 -60.26
C VAL J 575 -25.59 -2.55 -58.85
N LEU J 576 -25.06 -1.70 -57.97
CA LEU J 576 -24.66 -2.16 -56.66
C LEU J 576 -25.82 -2.76 -55.89
N SER J 577 -27.03 -2.24 -56.09
CA SER J 577 -28.16 -2.64 -55.25
C SER J 577 -28.50 -4.13 -55.39
N ASP J 578 -28.14 -4.75 -56.50
CA ASP J 578 -28.28 -6.20 -56.60
C ASP J 578 -27.39 -6.88 -55.56
N LYS J 579 -27.98 -7.80 -54.79
CA LYS J 579 -27.24 -8.38 -53.68
C LYS J 579 -26.09 -9.25 -54.15
N ASN J 580 -26.24 -9.94 -55.28
CA ASN J 580 -25.14 -10.76 -55.78
C ASN J 580 -23.91 -9.91 -56.05
N ASN J 581 -24.13 -8.68 -56.54
CA ASN J 581 -23.01 -7.79 -56.79
C ASN J 581 -22.26 -7.46 -55.51
N TRP J 582 -22.99 -7.17 -54.44
CA TRP J 582 -22.32 -6.77 -53.21
C TRP J 582 -21.45 -7.89 -52.65
N ILE J 583 -21.94 -9.13 -52.76
CA ILE J 583 -21.19 -10.26 -52.23
C ILE J 583 -19.88 -10.45 -53.00
N ALA J 584 -19.93 -10.34 -54.32
CA ALA J 584 -18.73 -10.60 -55.10
C ALA J 584 -17.64 -9.59 -54.81
N LEU J 585 -18.01 -8.32 -54.66
CA LEU J 585 -17.00 -7.30 -54.43
C LEU J 585 -16.31 -7.50 -53.09
N ALA J 586 -17.04 -7.98 -52.08
CA ALA J 586 -16.50 -8.07 -50.74
C ALA J 586 -15.35 -9.06 -50.66
N GLN J 587 -15.65 -10.36 -50.75
CA GLN J 587 -14.59 -11.35 -50.72
C GLN J 587 -13.65 -11.23 -51.90
N GLY J 588 -14.06 -10.56 -52.98
CA GLY J 588 -13.14 -10.29 -54.06
C GLY J 588 -11.93 -9.49 -53.61
N VAL J 589 -12.09 -8.68 -52.57
CA VAL J 589 -11.00 -7.82 -52.12
C VAL J 589 -9.83 -8.66 -51.61
N LYS J 590 -10.13 -9.69 -50.84
CA LYS J 590 -9.07 -10.45 -50.18
C LYS J 590 -8.08 -11.04 -51.19
N THR J 591 -8.59 -11.76 -52.19
CA THR J 591 -7.70 -12.35 -53.17
C THR J 591 -6.99 -11.28 -53.98
N SER J 592 -7.61 -10.11 -54.16
CA SER J 592 -6.92 -8.98 -54.75
C SER J 592 -5.73 -8.56 -53.91
N LEU J 593 -5.78 -8.82 -52.60
CA LEU J 593 -4.76 -8.34 -51.69
C LEU J 593 -3.77 -9.42 -51.28
N ARG J 594 -4.27 -10.61 -50.93
CA ARG J 594 -3.39 -11.67 -50.46
C ARG J 594 -2.42 -12.12 -51.55
N THR J 595 -2.82 -12.00 -52.80
CA THR J 595 -2.01 -12.47 -53.92
C THR J 595 -1.11 -11.40 -54.49
N LYS J 596 -1.08 -10.21 -53.90
CA LYS J 596 -0.11 -9.21 -54.33
C LYS J 596 1.30 -9.66 -53.97
N SER J 597 2.28 -9.18 -54.72
CA SER J 597 3.68 -9.55 -54.53
C SER J 597 4.51 -8.27 -54.44
N LEU J 598 4.55 -7.70 -53.24
CA LEU J 598 5.34 -6.50 -52.94
C LEU J 598 5.32 -5.49 -54.09
N SER J 599 4.11 -5.18 -54.55
CA SER J 599 3.97 -4.44 -55.78
C SER J 599 3.00 -3.29 -55.59
N ALA J 600 3.18 -2.26 -56.40
CA ALA J 600 2.37 -1.05 -56.36
C ALA J 600 1.79 -0.80 -57.75
N GLY J 601 0.87 0.17 -57.82
CA GLY J 601 0.24 0.47 -59.09
C GLY J 601 1.24 1.00 -60.11
N VAL J 602 0.92 0.77 -61.38
CA VAL J 602 1.82 1.18 -62.44
C VAL J 602 1.92 2.70 -62.51
N LYS J 603 0.79 3.39 -62.46
CA LYS J 603 0.83 4.84 -62.40
C LYS J 603 1.50 5.33 -61.13
N THR J 604 1.16 4.70 -60.00
CA THR J 604 1.74 5.13 -58.74
C THR J 604 3.25 4.97 -58.75
N ALA J 605 3.75 3.97 -59.48
CA ALA J 605 5.19 3.82 -59.62
C ALA J 605 5.77 4.97 -60.43
N VAL J 606 5.21 5.24 -61.60
CA VAL J 606 5.84 6.18 -62.52
C VAL J 606 5.76 7.61 -61.99
N SER J 607 4.63 7.97 -61.39
CA SER J 607 4.47 9.34 -60.91
C SER J 607 5.42 9.63 -59.76
N LYS J 608 5.69 8.62 -58.92
CA LYS J 608 6.49 8.84 -57.73
C LYS J 608 7.92 9.25 -58.09
N LEU J 609 8.49 8.67 -59.14
CA LEU J 609 9.85 9.03 -59.51
C LEU J 609 9.96 10.51 -59.83
N SER J 610 9.11 11.00 -60.73
CA SER J 610 9.20 12.39 -61.13
C SER J 610 9.02 13.32 -59.94
N SER J 611 8.07 13.00 -59.06
CA SER J 611 7.91 13.77 -57.84
C SER J 611 9.15 13.69 -56.98
N SER J 612 9.73 12.49 -56.87
CA SER J 612 10.91 12.32 -56.04
C SER J 612 12.11 13.09 -56.56
N GLU J 613 12.33 13.09 -57.87
CA GLU J 613 13.45 13.84 -58.44
C GLU J 613 13.23 15.35 -58.39
N SER J 614 12.02 15.82 -58.64
CA SER J 614 11.77 17.25 -58.57
C SER J 614 12.11 17.79 -57.19
N ILE J 615 11.77 17.02 -56.15
CA ILE J 615 12.19 17.36 -54.80
C ILE J 615 13.70 17.37 -54.70
N GLN J 616 14.36 16.34 -55.26
CA GLN J 616 15.81 16.31 -55.21
C GLN J 616 16.42 17.55 -55.84
N ASN J 617 15.88 17.96 -56.99
CA ASN J 617 16.32 19.21 -57.59
C ASN J 617 16.02 20.39 -56.67
N TRP J 618 14.85 20.40 -56.06
CA TRP J 618 14.49 21.49 -55.16
C TRP J 618 15.45 21.59 -53.99
N THR J 619 15.80 20.45 -53.41
CA THR J 619 16.73 20.45 -52.29
C THR J 619 18.06 21.04 -52.68
N GLN J 620 18.56 20.67 -53.86
CA GLN J 620 19.85 21.19 -54.31
C GLN J 620 19.84 22.71 -54.33
N GLY J 621 18.74 23.30 -54.79
CA GLY J 621 18.65 24.75 -54.81
C GLY J 621 18.82 25.35 -53.43
N PHE J 622 18.27 24.71 -52.41
CA PHE J 622 18.43 25.25 -51.07
C PHE J 622 19.86 25.09 -50.58
N LEU J 623 20.55 24.03 -51.02
CA LEU J 623 21.94 23.85 -50.64
C LEU J 623 22.81 24.99 -51.15
N ASP J 624 22.56 25.45 -52.38
CA ASP J 624 23.42 26.48 -52.94
C ASP J 624 23.19 27.82 -52.25
N LYS J 625 21.94 28.15 -51.92
CA LYS J 625 21.67 29.40 -51.22
C LYS J 625 22.49 29.46 -49.94
N VAL J 626 22.55 28.35 -49.20
CA VAL J 626 23.48 28.25 -48.09
C VAL J 626 24.91 28.42 -48.56
N SER J 627 25.26 27.76 -49.67
CA SER J 627 26.63 27.77 -50.15
C SER J 627 27.10 29.17 -50.52
N ALA J 628 26.18 30.07 -50.87
CA ALA J 628 26.60 31.41 -51.27
C ALA J 628 26.55 32.41 -50.13
N HIS J 629 25.48 32.37 -49.33
CA HIS J 629 25.35 33.31 -48.23
C HIS J 629 26.28 33.01 -47.07
N PHE J 630 26.81 31.79 -47.00
CA PHE J 630 27.82 31.41 -46.01
C PHE J 630 28.98 30.78 -46.77
N PRO J 631 29.78 31.59 -47.45
CA PRO J 631 30.85 31.03 -48.29
C PRO J 631 31.87 30.27 -47.45
N ALA J 632 32.41 29.22 -48.04
CA ALA J 632 33.59 28.58 -47.48
C ALA J 632 34.83 29.41 -47.80
N PRO J 633 35.79 29.50 -46.88
CA PRO J 633 37.02 30.24 -47.14
C PRO J 633 37.85 29.63 -48.27
N THR K 9 2.58 -30.10 -72.69
CA THR K 9 2.59 -31.11 -71.65
C THR K 9 1.31 -31.10 -70.82
N ILE K 10 0.63 -29.96 -70.79
CA ILE K 10 -0.64 -29.85 -70.09
C ILE K 10 -1.62 -29.13 -71.00
N ASN K 11 -2.79 -29.72 -71.18
CA ASN K 11 -3.82 -29.16 -72.04
C ASN K 11 -4.76 -28.35 -71.16
N VAL K 12 -4.52 -27.04 -71.08
CA VAL K 12 -5.39 -26.17 -70.33
C VAL K 12 -6.81 -26.18 -70.88
N THR K 13 -6.99 -26.66 -72.10
CA THR K 13 -8.30 -26.91 -72.67
C THR K 13 -8.75 -28.36 -72.54
N GLY K 14 -7.90 -29.22 -71.95
CA GLY K 14 -8.20 -30.63 -71.87
C GLY K 14 -8.76 -31.04 -70.52
N ASP K 15 -9.33 -32.23 -70.48
CA ASP K 15 -9.99 -32.74 -69.29
C ASP K 15 -8.99 -33.47 -68.40
N GLY K 16 -9.50 -34.06 -67.32
CA GLY K 16 -8.66 -34.61 -66.29
C GLY K 16 -8.14 -33.60 -65.29
N ASN K 17 -8.42 -32.33 -65.49
CA ASN K 17 -8.00 -31.29 -64.57
C ASN K 17 -9.05 -31.10 -63.48
N VAL K 18 -8.62 -30.47 -62.39
CA VAL K 18 -9.42 -30.39 -61.17
C VAL K 18 -9.51 -28.95 -60.71
N PHE K 19 -10.72 -28.52 -60.35
CA PHE K 19 -10.97 -27.17 -59.85
C PHE K 19 -11.88 -27.26 -58.62
N LYS K 20 -11.29 -27.41 -57.44
CA LYS K 20 -12.04 -27.53 -56.20
C LYS K 20 -11.52 -26.51 -55.19
N PRO K 21 -11.95 -25.26 -55.30
CA PRO K 21 -11.53 -24.25 -54.32
C PRO K 21 -11.99 -24.62 -52.91
N SER K 22 -11.16 -24.29 -51.93
CA SER K 22 -11.45 -24.63 -50.54
C SER K 22 -10.71 -23.65 -49.64
N ALA K 23 -11.20 -23.56 -48.40
CA ALA K 23 -10.61 -22.61 -47.46
C ALA K 23 -9.21 -23.03 -47.04
N GLU K 24 -8.94 -24.34 -47.01
CA GLU K 24 -7.61 -24.82 -46.66
C GLU K 24 -6.57 -24.41 -47.68
N THR K 25 -6.96 -24.29 -48.94
CA THR K 25 -6.05 -23.95 -50.02
C THR K 25 -6.16 -22.48 -50.42
N SER K 26 -6.31 -21.59 -49.44
CA SER K 26 -6.45 -20.16 -49.68
C SER K 26 -5.32 -19.65 -50.55
N SER K 27 -5.54 -18.52 -51.23
CA SER K 27 -4.59 -18.00 -52.20
C SER K 27 -3.82 -16.82 -51.59
N THR K 28 -2.55 -17.03 -51.32
CA THR K 28 -1.63 -15.98 -50.91
C THR K 28 -0.30 -16.18 -51.61
N ALA K 29 0.42 -15.10 -51.90
CA ALA K 29 1.82 -15.23 -52.29
C ALA K 29 2.76 -14.56 -51.29
N VAL K 30 2.81 -13.23 -51.24
CA VAL K 30 3.62 -12.44 -50.32
C VAL K 30 3.05 -11.03 -50.34
N PRO K 31 1.99 -10.75 -49.63
CA PRO K 31 1.40 -9.41 -49.71
C PRO K 31 2.31 -8.38 -49.10
N SER K 32 2.74 -8.61 -47.86
CA SER K 32 3.56 -7.66 -47.13
C SER K 32 4.73 -8.38 -46.47
N LEU K 33 5.82 -7.64 -46.31
CA LEU K 33 6.99 -8.13 -45.60
C LEU K 33 7.28 -7.22 -44.41
N SER K 34 8.06 -7.74 -43.48
CA SER K 34 8.40 -7.04 -42.25
C SER K 34 9.83 -6.55 -42.35
N LEU K 35 9.99 -5.31 -42.80
CA LEU K 35 11.31 -4.71 -42.99
C LEU K 35 11.43 -3.43 -42.17
N SER K 36 10.91 -3.44 -40.96
CA SER K 36 10.95 -2.23 -40.13
C SER K 36 12.40 -1.89 -39.83
N PRO K 37 12.85 -0.66 -40.14
CA PRO K 37 14.28 -0.35 -40.05
C PRO K 37 14.86 -0.53 -38.67
N GLY K 38 14.08 -0.28 -37.62
CA GLY K 38 14.57 -0.52 -36.28
C GLY K 38 14.98 -1.97 -36.08
N MET K 39 14.22 -2.89 -36.67
CA MET K 39 14.42 -4.30 -36.42
C MET K 39 15.36 -4.93 -37.45
N LEU K 40 15.98 -4.10 -38.29
CA LEU K 40 16.96 -4.57 -39.26
C LEU K 40 18.40 -4.28 -38.86
N ASN K 41 18.65 -3.22 -38.11
CA ASN K 41 20.00 -2.73 -37.84
C ASN K 41 20.76 -2.52 -39.13
N PRO L 1 23.82 -10.61 -33.54
CA PRO L 1 24.42 -9.33 -33.11
C PRO L 1 24.04 -8.18 -34.02
N GLY L 2 25.02 -7.35 -34.34
CA GLY L 2 24.80 -6.24 -35.23
C GLY L 2 25.77 -5.12 -34.98
N GLY L 3 25.99 -4.31 -36.01
CA GLY L 3 26.92 -3.22 -35.90
C GLY L 3 28.06 -3.30 -36.89
N VAL L 4 29.28 -3.08 -36.41
CA VAL L 4 30.41 -2.96 -37.31
C VAL L 4 31.53 -3.91 -36.89
N PRO L 5 32.18 -4.59 -37.83
CA PRO L 5 33.36 -5.39 -37.49
C PRO L 5 34.53 -4.50 -37.11
N TRP L 6 35.39 -5.02 -36.24
CA TRP L 6 36.55 -4.28 -35.75
C TRP L 6 37.76 -5.19 -35.74
N ILE L 7 38.88 -4.68 -36.24
CA ILE L 7 40.13 -5.43 -36.26
C ILE L 7 41.06 -4.84 -35.21
N ALA L 8 42.09 -5.59 -34.86
CA ALA L 8 42.98 -5.25 -33.76
C ALA L 8 44.30 -4.68 -34.28
N VAL L 9 44.87 -3.76 -33.50
CA VAL L 9 46.18 -3.20 -33.84
C VAL L 9 47.19 -3.32 -32.70
N GLY L 10 46.75 -3.40 -31.44
CA GLY L 10 47.70 -3.43 -30.33
C GLY L 10 47.98 -4.84 -29.84
N ASP L 11 46.94 -5.67 -29.75
CA ASP L 11 47.03 -7.08 -29.39
C ASP L 11 47.41 -7.27 -27.93
N GLU L 12 47.43 -6.19 -27.15
CA GLU L 12 47.76 -6.25 -25.74
C GLU L 12 46.79 -5.43 -24.92
N THR L 13 45.49 -5.60 -25.18
CA THR L 13 44.46 -4.75 -24.60
C THR L 13 43.30 -5.60 -24.06
N SER L 14 42.76 -5.18 -22.93
CA SER L 14 41.65 -5.89 -22.31
C SER L 14 40.38 -5.05 -22.17
N VAL L 15 40.42 -3.91 -21.47
CA VAL L 15 39.22 -3.11 -21.20
C VAL L 15 39.62 -1.65 -21.04
N THR L 16 38.70 -0.76 -21.42
CA THR L 16 38.93 0.70 -21.47
C THR L 16 40.20 1.02 -22.24
N SER L 17 40.59 0.14 -23.14
CA SER L 17 41.71 0.39 -24.01
C SER L 17 41.37 1.52 -24.97
N PRO L 18 42.18 2.58 -25.02
CA PRO L 18 41.80 3.79 -25.77
C PRO L 18 41.47 3.55 -27.23
N GLY L 19 42.42 3.00 -27.99
CA GLY L 19 42.22 2.83 -29.41
C GLY L 19 42.65 1.46 -29.89
N ALA L 20 42.50 0.46 -29.02
CA ALA L 20 42.98 -0.88 -29.32
C ALA L 20 42.46 -1.39 -30.65
N LEU L 21 41.26 -1.00 -31.02
CA LEU L 21 40.58 -1.52 -32.20
C LEU L 21 40.61 -0.48 -33.31
N ARG L 22 40.13 -0.89 -34.47
CA ARG L 22 40.05 -0.01 -35.63
C ARG L 22 38.97 -0.55 -36.54
N ARG L 23 38.24 0.37 -37.17
CA ARG L 23 37.16 -0.03 -38.09
C ARG L 23 37.71 -0.85 -39.23
N MET L 24 37.32 -2.12 -39.28
CA MET L 24 37.70 -2.97 -40.39
C MET L 24 37.17 -2.40 -41.70
N THR L 25 37.87 -2.71 -42.78
CA THR L 25 37.51 -2.24 -44.11
C THR L 25 37.59 -3.40 -45.11
N SER L 26 36.96 -3.20 -46.27
CA SER L 26 36.89 -4.25 -47.27
C SER L 26 38.27 -4.71 -47.73
N LYS L 27 39.30 -3.89 -47.57
CA LYS L 27 40.61 -4.33 -48.01
C LYS L 27 41.18 -5.42 -47.11
N ASP L 28 40.90 -5.35 -45.81
CA ASP L 28 41.39 -6.35 -44.89
C ASP L 28 40.85 -7.73 -45.23
N ILE L 29 39.67 -7.81 -45.84
CA ILE L 29 39.05 -9.07 -46.18
C ILE L 29 38.73 -9.04 -47.68
N PRO L 30 39.73 -9.20 -48.53
CA PRO L 30 39.55 -8.87 -49.95
C PRO L 30 38.55 -9.75 -50.69
N GLU L 31 37.90 -10.67 -49.98
CA GLU L 31 36.76 -11.35 -50.56
C GLU L 31 35.55 -10.43 -50.59
N THR L 32 35.51 -9.45 -49.69
CA THR L 32 34.41 -8.49 -49.64
C THR L 32 34.72 -7.25 -50.47
N ALA L 33 35.13 -7.45 -51.72
CA ALA L 33 35.43 -6.38 -52.63
C ALA L 33 34.76 -6.68 -53.96
N ILE L 34 34.43 -5.62 -54.70
CA ILE L 34 33.78 -5.89 -55.98
C ILE L 34 34.84 -6.01 -57.06
N ILE L 35 35.59 -7.11 -57.00
CA ILE L 35 36.28 -7.65 -58.16
C ILE L 35 36.17 -9.16 -58.01
N ASN L 36 35.79 -9.58 -56.79
CA ASN L 36 35.64 -10.99 -56.47
C ASN L 36 34.20 -11.42 -56.36
N THR L 37 33.26 -10.48 -56.35
CA THR L 37 31.85 -10.83 -56.17
C THR L 37 31.37 -11.75 -57.28
N ASP L 38 30.63 -12.79 -56.89
CA ASP L 38 29.96 -13.63 -57.87
C ASP L 38 29.09 -12.76 -58.77
N ASN L 39 29.41 -12.74 -60.06
CA ASN L 39 28.70 -11.89 -60.99
C ASN L 39 27.48 -12.56 -61.58
N SER L 40 26.91 -13.53 -60.88
CA SER L 40 25.62 -14.06 -61.27
C SER L 40 24.63 -12.90 -61.41
N SER L 41 23.84 -12.93 -62.47
CA SER L 41 23.00 -11.85 -62.98
C SER L 41 23.82 -10.83 -63.76
N GLY L 42 25.14 -10.92 -63.77
CA GLY L 42 25.95 -10.03 -64.59
C GLY L 42 25.89 -8.58 -64.22
N ALA L 43 25.61 -8.28 -62.94
CA ALA L 43 25.40 -6.89 -62.53
C ALA L 43 26.65 -6.06 -62.77
N VAL L 44 27.74 -6.39 -62.09
CA VAL L 44 28.95 -5.58 -62.16
C VAL L 44 29.56 -5.74 -63.55
N PRO L 45 30.03 -4.65 -64.17
CA PRO L 45 30.63 -4.75 -65.50
C PRO L 45 31.75 -5.77 -65.56
N SER L 46 32.16 -6.09 -66.79
CA SER L 46 33.19 -7.08 -67.02
C SER L 46 34.42 -6.52 -67.71
N GLU L 47 34.67 -5.22 -67.60
CA GLU L 47 35.82 -4.58 -68.23
C GLU L 47 36.62 -3.82 -67.19
N SER L 48 37.90 -4.15 -67.06
CA SER L 48 38.70 -3.68 -65.93
C SER L 48 38.66 -2.17 -65.82
N ALA L 49 38.74 -1.47 -66.94
CA ALA L 49 38.80 -0.02 -66.91
C ALA L 49 37.58 0.61 -66.24
N LEU L 50 36.46 -0.09 -66.18
CA LEU L 50 35.22 0.46 -65.63
C LEU L 50 34.92 -0.30 -64.35
N VAL L 51 35.62 0.06 -63.27
CA VAL L 51 35.56 -0.61 -61.98
C VAL L 51 36.16 0.32 -60.93
N PRO L 52 35.53 0.48 -59.77
CA PRO L 52 36.03 1.44 -58.77
C PRO L 52 37.47 1.24 -58.33
N TYR L 53 37.88 0.01 -58.00
CA TYR L 53 39.19 -0.23 -57.35
C TYR L 53 39.34 0.59 -56.07
N ILE L 54 38.30 0.62 -55.25
CA ILE L 54 38.34 1.40 -54.02
C ILE L 54 37.61 0.62 -52.93
N ASP L 55 38.11 0.71 -51.71
CA ASP L 55 37.56 -0.08 -50.61
C ASP L 55 36.32 0.58 -50.04
N GLU L 56 35.62 -0.17 -49.19
CA GLU L 56 34.34 0.24 -48.64
C GLU L 56 34.24 -0.17 -47.18
N PRO L 57 33.37 0.48 -46.41
CA PRO L 57 33.15 0.05 -45.02
C PRO L 57 32.42 -1.28 -45.00
N LEU L 58 32.43 -1.90 -43.82
CA LEU L 58 31.78 -3.18 -43.63
C LEU L 58 30.66 -3.04 -42.61
N VAL L 59 29.55 -3.70 -42.89
CA VAL L 59 28.42 -3.71 -41.97
C VAL L 59 28.05 -5.17 -41.71
N VAL L 60 27.66 -5.45 -40.48
CA VAL L 60 27.23 -6.77 -40.08
C VAL L 60 25.77 -6.95 -40.45
N VAL L 61 25.42 -8.17 -40.88
CA VAL L 61 24.06 -8.49 -41.28
C VAL L 61 23.44 -9.40 -40.22
N THR L 62 22.27 -9.04 -39.74
CA THR L 62 21.67 -9.75 -38.62
C THR L 62 20.62 -10.74 -39.10
N GLU L 63 20.19 -11.61 -38.16
CA GLU L 63 19.31 -12.72 -38.49
C GLU L 63 18.07 -12.26 -39.23
N HIS L 64 17.55 -11.09 -38.88
CA HIS L 64 16.24 -10.70 -39.37
C HIS L 64 16.34 -10.05 -40.73
N ALA L 65 17.52 -9.57 -41.10
CA ALA L 65 17.76 -9.19 -42.48
C ALA L 65 17.75 -10.40 -43.40
N ILE L 66 18.43 -11.47 -42.99
CA ILE L 66 18.55 -12.64 -43.86
C ILE L 66 17.18 -13.30 -44.04
N THR L 67 16.43 -13.42 -42.96
CA THR L 67 15.12 -14.06 -43.04
C THR L 67 14.18 -13.31 -43.98
N ASN L 68 14.30 -11.98 -44.06
CA ASN L 68 13.38 -11.16 -44.84
C ASN L 68 13.90 -10.81 -46.22
N PHE L 69 15.18 -10.47 -46.35
CA PHE L 69 15.70 -10.15 -47.67
C PHE L 69 15.62 -11.35 -48.59
N THR L 70 15.97 -12.54 -48.09
CA THR L 70 15.75 -13.75 -48.87
C THR L 70 14.27 -14.00 -49.08
N LYS L 71 13.47 -13.80 -48.03
CA LYS L 71 12.03 -13.99 -48.17
C LYS L 71 11.46 -13.05 -49.22
N ALA L 72 12.09 -11.90 -49.40
CA ALA L 72 11.70 -11.02 -50.50
C ALA L 72 11.97 -11.66 -51.85
N GLU L 73 13.03 -12.46 -51.93
CA GLU L 73 13.37 -13.10 -53.20
C GLU L 73 12.25 -14.01 -53.68
N MET L 74 11.68 -14.81 -52.77
CA MET L 74 10.66 -15.77 -53.19
C MET L 74 9.45 -15.07 -53.82
N ALA L 75 9.14 -13.86 -53.38
CA ALA L 75 8.04 -13.12 -54.00
C ALA L 75 8.31 -12.89 -55.47
N LEU L 76 9.58 -12.86 -55.87
CA LEU L 76 9.91 -12.86 -57.29
C LEU L 76 9.60 -14.21 -57.91
N GLU L 77 10.00 -15.30 -57.27
CA GLU L 77 9.93 -16.62 -57.88
C GLU L 77 8.51 -17.14 -58.02
N PHE L 78 7.52 -16.47 -57.43
CA PHE L 78 6.14 -16.86 -57.68
C PHE L 78 5.74 -16.69 -59.13
N ASN L 79 6.53 -15.95 -59.91
CA ASN L 79 6.23 -15.68 -61.31
C ASN L 79 7.40 -16.02 -62.20
N ARG L 80 8.11 -17.11 -61.90
CA ARG L 80 9.34 -17.42 -62.62
C ARG L 80 9.06 -17.61 -64.10
N GLU L 81 7.98 -18.31 -64.43
CA GLU L 81 7.75 -18.75 -65.80
C GLU L 81 7.58 -17.57 -66.75
N PHE L 82 7.20 -16.41 -66.23
CA PHE L 82 7.11 -15.26 -67.11
C PHE L 82 8.42 -14.49 -67.14
N LEU L 83 9.08 -14.35 -65.99
CA LEU L 83 10.39 -13.71 -65.95
C LEU L 83 11.32 -14.32 -66.98
N ASP L 84 11.40 -15.65 -66.98
CA ASP L 84 12.23 -16.35 -67.95
C ASP L 84 11.73 -16.11 -69.37
N LYS L 85 10.41 -16.10 -69.55
CA LYS L 85 9.85 -15.78 -70.86
C LYS L 85 10.36 -14.45 -71.37
N MET L 86 10.66 -13.56 -70.42
CA MET L 86 11.19 -12.24 -70.75
C MET L 86 12.71 -12.26 -70.87
N ARG L 87 13.30 -13.45 -70.81
CA ARG L 87 14.75 -13.65 -70.94
C ARG L 87 15.51 -12.73 -69.98
N VAL L 88 15.08 -12.67 -68.73
CA VAL L 88 15.73 -11.83 -67.74
C VAL L 88 15.93 -12.61 -66.44
N LEU L 89 17.07 -12.40 -65.78
CA LEU L 89 17.40 -12.97 -64.49
C LEU L 89 17.39 -14.50 -64.54
N SER L 90 18.35 -15.04 -65.29
CA SER L 90 18.45 -16.48 -65.46
C SER L 90 18.88 -17.20 -64.19
N VAL L 91 19.48 -16.48 -63.23
CA VAL L 91 19.98 -17.09 -62.00
C VAL L 91 19.42 -16.29 -60.83
N SER L 92 18.75 -16.96 -59.91
CA SER L 92 18.18 -16.25 -58.77
C SER L 92 19.30 -15.75 -57.86
N PRO L 93 19.15 -14.56 -57.29
CA PRO L 93 20.27 -13.91 -56.61
C PRO L 93 20.92 -14.72 -55.49
N LYS L 94 20.16 -15.44 -54.65
CA LYS L 94 20.73 -16.17 -53.52
C LYS L 94 21.51 -15.23 -52.60
N TYR L 95 20.74 -14.38 -51.91
CA TYR L 95 21.29 -13.37 -51.02
C TYR L 95 22.51 -13.85 -50.24
N SER L 96 22.38 -15.01 -49.57
CA SER L 96 23.44 -15.46 -48.67
C SER L 96 24.76 -15.63 -49.39
N ASP L 97 24.73 -15.92 -50.68
CA ASP L 97 25.96 -16.13 -51.43
C ASP L 97 26.77 -14.84 -51.56
N LEU L 98 26.20 -13.69 -51.25
CA LEU L 98 26.92 -12.42 -51.28
C LEU L 98 27.52 -12.07 -49.93
N LEU L 99 27.63 -13.03 -49.02
CA LEU L 99 28.17 -12.80 -47.70
C LEU L 99 29.48 -13.55 -47.54
N THR L 100 30.20 -13.22 -46.46
CA THR L 100 31.45 -13.89 -46.11
C THR L 100 31.54 -13.93 -44.60
N TYR L 101 31.63 -15.11 -44.03
CA TYR L 101 31.55 -15.30 -42.60
C TYR L 101 32.92 -15.13 -41.95
N VAL L 102 33.04 -14.11 -41.11
CA VAL L 102 34.28 -13.71 -40.47
C VAL L 102 34.03 -13.76 -38.97
N ASP L 103 35.10 -13.69 -38.18
CA ASP L 103 34.98 -13.58 -36.73
C ASP L 103 35.91 -12.47 -36.25
N CYS L 104 35.32 -11.39 -35.74
CA CYS L 104 36.08 -10.31 -35.15
C CYS L 104 35.20 -9.62 -34.10
N TYR L 105 35.79 -8.67 -33.40
CA TYR L 105 35.05 -7.84 -32.47
C TYR L 105 34.02 -7.02 -33.24
N VAL L 106 32.74 -7.21 -32.91
CA VAL L 106 31.65 -6.58 -33.67
C VAL L 106 30.78 -5.80 -32.70
N GLY L 107 30.41 -4.59 -33.09
CA GLY L 107 29.57 -3.76 -32.24
C GLY L 107 29.36 -2.40 -32.86
N VAL L 108 28.35 -1.72 -32.33
CA VAL L 108 28.04 -0.37 -32.80
C VAL L 108 29.17 0.59 -32.43
N SER L 109 29.67 0.49 -31.21
CA SER L 109 30.78 1.29 -30.76
C SER L 109 31.99 0.39 -30.54
N ALA L 110 33.17 0.98 -30.68
CA ALA L 110 34.39 0.25 -30.36
C ALA L 110 34.43 -0.12 -28.89
N ARG L 111 33.78 0.69 -28.05
CA ARG L 111 33.71 0.38 -26.63
C ARG L 111 32.91 -0.88 -26.38
N GLN L 112 31.72 -0.96 -26.96
CA GLN L 112 30.86 -2.12 -26.72
C GLN L 112 31.37 -3.35 -27.43
N ALA L 113 31.95 -3.19 -28.62
CA ALA L 113 32.55 -4.31 -29.33
C ALA L 113 33.85 -4.79 -28.69
N LEU L 114 34.38 -4.04 -27.73
CA LEU L 114 35.65 -4.41 -27.14
C LEU L 114 35.59 -5.78 -26.51
N ASN L 115 34.53 -6.07 -25.75
CA ASN L 115 34.42 -7.37 -25.12
C ASN L 115 33.44 -8.28 -25.86
N ASN L 116 32.70 -7.76 -26.83
CA ASN L 116 31.74 -8.55 -27.59
C ASN L 116 32.44 -9.09 -28.82
N PHE L 117 32.89 -10.33 -28.73
CA PHE L 117 33.63 -11.00 -29.79
C PHE L 117 32.82 -12.21 -30.25
N GLN L 118 32.79 -12.43 -31.57
CA GLN L 118 31.92 -13.45 -32.14
C GLN L 118 32.70 -14.31 -33.11
N LYS L 119 32.02 -15.31 -33.65
CA LYS L 119 32.59 -16.30 -34.57
C LYS L 119 31.68 -16.47 -35.77
N GLN L 120 32.27 -16.46 -36.97
CA GLN L 120 31.57 -16.69 -38.23
C GLN L 120 30.40 -15.73 -38.40
N VAL L 121 30.74 -14.45 -38.49
CA VAL L 121 29.75 -13.38 -38.58
C VAL L 121 29.54 -13.00 -40.04
N PRO L 122 28.30 -12.89 -40.51
CA PRO L 122 28.08 -12.46 -41.89
C PRO L 122 28.46 -11.00 -42.07
N VAL L 123 29.14 -10.71 -43.18
CA VAL L 123 29.59 -9.36 -43.49
C VAL L 123 29.24 -9.04 -44.93
N ILE L 124 28.98 -7.76 -45.20
CA ILE L 124 28.81 -7.27 -46.56
C ILE L 124 29.14 -5.79 -46.59
N THR L 125 29.62 -5.32 -47.75
CA THR L 125 29.85 -3.91 -48.02
C THR L 125 28.56 -3.25 -48.49
N PRO L 126 28.43 -1.93 -48.31
CA PRO L 126 27.22 -1.25 -48.78
C PRO L 126 27.00 -1.37 -50.28
N THR L 127 28.05 -1.20 -51.08
CA THR L 127 27.88 -1.26 -52.53
C THR L 127 27.36 -2.61 -52.96
N ARG L 128 27.86 -3.70 -52.37
CA ARG L 128 27.37 -5.02 -52.72
C ARG L 128 25.91 -5.18 -52.32
N GLN L 129 25.56 -4.68 -51.14
CA GLN L 129 24.18 -4.82 -50.67
C GLN L 129 23.24 -3.95 -51.49
N THR L 130 23.70 -2.77 -51.89
CA THR L 130 22.87 -1.93 -52.74
C THR L 130 22.55 -2.61 -54.05
N MET L 131 23.56 -3.23 -54.67
CA MET L 131 23.35 -3.86 -55.97
C MET L 131 22.35 -5.01 -55.88
N TYR L 132 22.31 -5.72 -54.76
CA TYR L 132 21.46 -6.90 -54.65
C TYR L 132 19.99 -6.54 -54.79
N VAL L 133 19.53 -5.53 -54.04
CA VAL L 133 18.13 -5.15 -54.15
C VAL L 133 17.82 -4.59 -55.53
N ASP L 134 18.77 -3.86 -56.11
CA ASP L 134 18.58 -3.40 -57.48
C ASP L 134 18.32 -4.57 -58.41
N SER L 135 19.01 -5.69 -58.19
CA SER L 135 18.72 -6.88 -58.98
C SER L 135 17.30 -7.37 -58.70
N ILE L 136 16.89 -7.37 -57.43
CA ILE L 136 15.51 -7.75 -57.11
C ILE L 136 14.55 -6.73 -57.70
N GLN L 137 14.80 -5.47 -57.41
CA GLN L 137 13.78 -4.45 -57.63
C GLN L 137 13.52 -4.25 -59.12
N ALA L 138 14.56 -4.33 -59.94
CA ALA L 138 14.38 -4.14 -61.38
C ALA L 138 13.48 -5.23 -61.96
N ALA L 139 13.42 -6.39 -61.32
CA ALA L 139 12.50 -7.42 -61.79
C ALA L 139 11.07 -7.12 -61.38
N LEU L 140 10.87 -6.53 -60.20
CA LEU L 140 9.51 -6.18 -59.81
C LEU L 140 8.92 -5.17 -60.78
N LYS L 141 9.75 -4.24 -61.26
CA LYS L 141 9.34 -3.36 -62.34
C LYS L 141 9.05 -4.14 -63.61
N ALA L 142 9.87 -5.15 -63.89
CA ALA L 142 9.63 -5.96 -65.09
C ALA L 142 8.25 -6.59 -65.05
N LEU L 143 7.87 -7.12 -63.90
CA LEU L 143 6.52 -7.63 -63.69
C LEU L 143 5.59 -6.52 -63.24
N GLU L 144 5.40 -5.50 -64.08
CA GLU L 144 4.49 -4.44 -63.71
C GLU L 144 3.11 -4.64 -64.33
N LYS L 145 3.05 -5.37 -65.44
CA LYS L 145 1.77 -5.54 -66.11
C LYS L 145 1.27 -6.95 -65.96
N TRP L 146 2.18 -7.92 -65.93
CA TRP L 146 1.85 -9.31 -65.64
C TRP L 146 1.01 -9.47 -64.39
N GLU L 147 1.48 -8.93 -63.27
CA GLU L 147 0.84 -9.23 -62.01
C GLU L 147 -0.57 -8.65 -61.94
N ILE L 148 -0.79 -7.50 -62.60
CA ILE L 148 -2.12 -6.93 -62.63
C ILE L 148 -3.07 -7.88 -63.37
N ASP L 149 -2.64 -8.36 -64.53
CA ASP L 149 -3.49 -9.28 -65.29
C ASP L 149 -3.58 -10.65 -64.63
N LEU L 150 -2.62 -11.00 -63.78
CA LEU L 150 -2.75 -12.22 -63.01
C LEU L 150 -3.91 -12.12 -62.01
N ARG L 151 -3.97 -11.02 -61.27
CA ARG L 151 -4.97 -10.91 -60.22
C ARG L 151 -6.38 -10.95 -60.79
N VAL L 152 -6.59 -10.28 -61.93
CA VAL L 152 -7.94 -10.20 -62.47
C VAL L 152 -8.46 -11.59 -62.82
N ALA L 153 -7.57 -12.51 -63.17
CA ALA L 153 -8.00 -13.88 -63.41
C ALA L 153 -8.55 -14.51 -62.14
N GLN L 154 -7.87 -14.30 -61.02
CA GLN L 154 -8.32 -14.88 -59.76
C GLN L 154 -9.58 -14.17 -59.25
N THR L 155 -9.62 -12.85 -59.40
CA THR L 155 -10.70 -12.05 -58.83
C THR L 155 -11.95 -12.02 -59.69
N LEU L 156 -11.88 -12.48 -60.94
CA LEU L 156 -13.06 -12.44 -61.79
C LEU L 156 -14.14 -13.40 -61.30
N LEU L 157 -13.73 -14.51 -60.72
CA LEU L 157 -14.66 -15.49 -60.19
C LEU L 157 -14.17 -15.97 -58.83
N PRO L 158 -15.07 -16.40 -57.97
CA PRO L 158 -14.66 -16.80 -56.62
C PRO L 158 -13.70 -17.98 -56.64
N THR L 159 -12.44 -17.72 -56.33
CA THR L 159 -11.45 -18.78 -56.24
C THR L 159 -11.17 -19.22 -54.82
N ASN L 160 -11.60 -18.46 -53.83
CA ASN L 160 -11.42 -18.82 -52.43
C ASN L 160 -12.74 -18.68 -51.70
N VAL L 161 -12.97 -19.55 -50.74
CA VAL L 161 -14.23 -19.56 -49.99
C VAL L 161 -13.92 -19.54 -48.51
N PRO L 162 -14.72 -18.83 -47.71
CA PRO L 162 -14.40 -18.71 -46.28
C PRO L 162 -14.37 -20.04 -45.54
N ILE L 163 -15.20 -21.00 -45.91
CA ILE L 163 -15.24 -22.28 -45.20
C ILE L 163 -15.59 -23.37 -46.20
N GLY L 164 -15.06 -24.56 -45.95
CA GLY L 164 -15.45 -25.71 -46.73
C GLY L 164 -14.79 -25.75 -48.09
N GLU L 165 -15.41 -26.51 -48.98
CA GLU L 165 -14.92 -26.68 -50.34
C GLU L 165 -16.06 -26.49 -51.32
N VAL L 166 -15.72 -26.16 -52.55
CA VAL L 166 -16.67 -26.06 -53.65
C VAL L 166 -16.05 -26.75 -54.85
N SER L 167 -16.75 -26.69 -55.98
CA SER L 167 -16.33 -27.45 -57.15
C SER L 167 -17.03 -26.93 -58.39
N CYS L 168 -16.33 -27.02 -59.52
CA CYS L 168 -16.88 -26.70 -60.82
C CYS L 168 -15.95 -27.26 -61.90
N PRO L 169 -16.49 -27.85 -62.95
CA PRO L 169 -15.62 -28.43 -63.99
C PRO L 169 -14.65 -27.41 -64.54
N MET L 170 -13.40 -27.82 -64.70
CA MET L 170 -12.36 -26.90 -65.14
C MET L 170 -12.52 -26.56 -66.62
N GLN L 171 -13.08 -27.49 -67.39
CA GLN L 171 -13.41 -27.20 -68.78
C GLN L 171 -14.34 -25.99 -68.88
N SER L 172 -15.36 -25.93 -68.02
CA SER L 172 -16.30 -24.83 -68.07
C SER L 172 -15.65 -23.52 -67.67
N VAL L 173 -14.97 -23.52 -66.53
CA VAL L 173 -14.50 -22.27 -65.95
C VAL L 173 -13.54 -21.56 -66.88
N VAL L 174 -12.68 -22.32 -67.58
CA VAL L 174 -11.75 -21.68 -68.50
C VAL L 174 -12.49 -21.06 -69.67
N LYS L 175 -13.58 -21.70 -70.11
CA LYS L 175 -14.36 -21.12 -71.18
C LYS L 175 -14.98 -19.79 -70.76
N LEU L 176 -15.31 -19.64 -69.48
CA LEU L 176 -15.79 -18.35 -69.00
C LEU L 176 -14.69 -17.30 -69.03
N LEU L 177 -13.43 -17.70 -68.86
CA LEU L 177 -12.35 -16.73 -68.96
C LEU L 177 -12.28 -16.12 -70.34
N ASP L 178 -12.40 -16.94 -71.38
CA ASP L 178 -12.05 -16.48 -72.72
C ASP L 178 -12.95 -15.33 -73.17
N ASP L 179 -14.23 -15.38 -72.84
CA ASP L 179 -15.14 -14.35 -73.31
C ASP L 179 -15.27 -13.17 -72.36
N GLN L 180 -14.56 -13.17 -71.23
CA GLN L 180 -14.62 -12.04 -70.32
C GLN L 180 -13.26 -11.43 -70.00
N LEU L 181 -12.19 -11.85 -70.66
CA LEU L 181 -10.89 -11.26 -70.39
C LEU L 181 -10.50 -10.28 -71.48
N PRO L 182 -9.88 -9.16 -71.11
CA PRO L 182 -9.50 -8.17 -72.11
C PRO L 182 -8.56 -8.77 -73.15
N ASP L 183 -8.75 -8.35 -74.41
CA ASP L 183 -7.95 -8.91 -75.49
C ASP L 183 -6.46 -8.67 -75.27
N ASP L 184 -6.10 -7.58 -74.57
CA ASP L 184 -4.71 -7.26 -74.35
C ASP L 184 -4.10 -7.98 -73.15
N SER L 185 -4.87 -8.79 -72.43
CA SER L 185 -4.34 -9.42 -71.22
C SER L 185 -3.25 -10.42 -71.59
N LEU L 186 -2.17 -10.40 -70.80
CA LEU L 186 -1.02 -11.23 -71.09
C LEU L 186 -1.39 -12.71 -71.12
N ILE L 187 -2.41 -13.10 -70.37
CA ILE L 187 -2.81 -14.49 -70.32
C ILE L 187 -3.31 -14.95 -71.69
N ARG L 188 -3.90 -14.04 -72.46
CA ARG L 188 -4.25 -14.37 -73.84
C ARG L 188 -3.03 -14.86 -74.61
N ARG L 189 -1.89 -14.22 -74.41
CA ARG L 189 -0.70 -14.61 -75.15
C ARG L 189 -0.12 -15.92 -74.62
N TYR L 190 -0.05 -16.07 -73.30
CA TYR L 190 0.69 -17.17 -72.66
C TYR L 190 -0.24 -17.94 -71.74
N PRO L 191 -1.05 -18.84 -72.28
CA PRO L 191 -2.00 -19.55 -71.41
C PRO L 191 -1.32 -20.45 -70.39
N LYS L 192 -0.32 -21.22 -70.80
CA LYS L 192 0.24 -22.21 -69.89
C LYS L 192 1.05 -21.56 -68.78
N GLU L 193 1.69 -20.43 -69.05
CA GLU L 193 2.42 -19.72 -68.00
C GLU L 193 1.48 -19.28 -66.89
N ALA L 194 0.30 -18.77 -67.24
CA ALA L 194 -0.67 -18.45 -66.21
C ALA L 194 -1.07 -19.70 -65.43
N ALA L 195 -1.26 -20.82 -66.11
CA ALA L 195 -1.78 -22.01 -65.47
C ALA L 195 -0.84 -22.53 -64.38
N VAL L 196 0.45 -22.58 -64.68
CA VAL L 196 1.40 -22.96 -63.64
C VAL L 196 1.45 -21.90 -62.56
N ALA L 197 1.30 -20.62 -62.94
CA ALA L 197 1.43 -19.55 -61.97
C ALA L 197 0.35 -19.62 -60.89
N LEU L 198 -0.88 -19.93 -61.30
CA LEU L 198 -1.98 -19.96 -60.33
C LEU L 198 -1.89 -21.20 -59.45
N ALA L 199 -1.39 -22.30 -59.99
CA ALA L 199 -1.34 -23.54 -59.21
C ALA L 199 -0.39 -23.42 -58.04
N LYS L 200 0.66 -22.61 -58.18
CA LYS L 200 1.62 -22.47 -57.08
C LYS L 200 1.00 -21.79 -55.88
N ARG L 201 0.06 -20.89 -56.10
CA ARG L 201 -0.54 -20.12 -55.01
C ARG L 201 -1.98 -20.49 -54.76
N ASN L 202 -2.42 -21.67 -55.19
CA ASN L 202 -3.78 -22.13 -54.90
C ASN L 202 -3.85 -23.63 -55.08
N GLY L 203 -4.10 -24.34 -53.98
CA GLY L 203 -4.15 -25.80 -54.06
C GLY L 203 -5.31 -26.31 -54.89
N GLY L 204 -6.45 -25.63 -54.84
CA GLY L 204 -7.61 -26.11 -55.58
C GLY L 204 -7.35 -26.25 -57.06
N ILE L 205 -6.63 -25.30 -57.64
CA ILE L 205 -6.31 -25.32 -59.07
C ILE L 205 -5.15 -26.28 -59.29
N GLN L 206 -5.43 -27.43 -59.88
CA GLN L 206 -4.40 -28.43 -60.13
C GLN L 206 -4.60 -29.04 -61.50
N TRP L 207 -3.50 -29.16 -62.25
CA TRP L 207 -3.52 -29.54 -63.65
C TRP L 207 -3.07 -30.98 -63.83
N MET L 208 -3.84 -31.72 -64.63
CA MET L 208 -3.47 -33.06 -65.02
C MET L 208 -2.25 -33.02 -65.94
N ASP L 209 -1.39 -34.02 -65.79
CA ASP L 209 -0.23 -34.18 -66.66
C ASP L 209 -0.48 -35.35 -67.60
N VAL L 210 -0.33 -35.11 -68.90
CA VAL L 210 -0.69 -36.13 -69.88
C VAL L 210 0.28 -37.30 -69.86
N SER L 211 1.53 -37.08 -69.44
CA SER L 211 2.48 -38.18 -69.42
C SER L 211 2.10 -39.23 -68.40
N GLU L 212 2.13 -38.88 -67.12
CA GLU L 212 1.80 -39.84 -66.07
C GLU L 212 0.30 -40.00 -65.88
N GLY L 213 -0.52 -39.13 -66.46
CA GLY L 213 -1.95 -39.24 -66.26
C GLY L 213 -2.39 -39.12 -64.82
N THR L 214 -1.64 -38.38 -64.02
CA THR L 214 -1.98 -38.13 -62.63
C THR L 214 -2.10 -36.63 -62.39
N VAL L 215 -2.62 -36.30 -61.22
CA VAL L 215 -2.72 -34.90 -60.79
C VAL L 215 -2.74 -34.86 -59.28
N MET L 216 -2.06 -33.87 -58.70
CA MET L 216 -1.93 -33.76 -57.26
C MET L 216 -1.87 -32.29 -56.88
N ASN L 217 -1.88 -32.04 -55.58
CA ASN L 217 -1.83 -30.68 -55.08
C ASN L 217 -0.49 -30.04 -55.45
N GLU L 218 -0.48 -28.71 -55.45
CA GLU L 218 0.70 -28.02 -55.93
C GLU L 218 1.11 -26.84 -55.07
N ALA L 219 0.25 -26.36 -54.18
CA ALA L 219 0.46 -25.05 -53.56
C ALA L 219 1.73 -25.04 -52.73
N VAL L 220 2.43 -23.90 -52.76
CA VAL L 220 3.69 -23.76 -52.08
C VAL L 220 3.56 -23.10 -50.73
N ASN L 221 2.34 -22.76 -50.30
CA ASN L 221 2.13 -21.99 -49.09
C ASN L 221 1.12 -22.65 -48.18
N ALA L 222 1.19 -23.97 -48.05
CA ALA L 222 0.16 -24.68 -47.30
C ALA L 222 0.14 -24.25 -45.84
N VAL L 223 1.31 -24.04 -45.24
CA VAL L 223 1.33 -23.59 -43.85
C VAL L 223 0.67 -22.22 -43.72
N ALA L 224 0.98 -21.31 -44.64
CA ALA L 224 0.41 -19.98 -44.58
C ALA L 224 -1.11 -20.03 -44.69
N ALA L 225 -1.63 -20.90 -45.56
CA ALA L 225 -3.06 -21.00 -45.72
C ALA L 225 -3.73 -21.58 -44.49
N SER L 226 -3.00 -22.37 -43.71
CA SER L 226 -3.57 -22.97 -42.52
C SER L 226 -3.80 -21.94 -41.43
N ALA L 227 -3.12 -20.79 -41.49
CA ALA L 227 -3.39 -19.74 -40.53
C ALA L 227 -4.70 -19.03 -40.85
N LEU L 228 -4.93 -18.73 -42.13
CA LEU L 228 -6.11 -18.00 -42.54
C LEU L 228 -7.34 -18.88 -42.69
N ALA L 229 -7.17 -20.17 -42.59
CA ALA L 229 -8.30 -21.06 -42.79
C ALA L 229 -9.01 -21.33 -41.48
N PRO L 230 -10.32 -21.15 -41.42
CA PRO L 230 -11.04 -21.43 -40.17
C PRO L 230 -11.10 -22.91 -39.90
N SER L 231 -11.34 -23.23 -38.63
CA SER L 231 -11.65 -24.60 -38.27
C SER L 231 -13.08 -24.92 -38.64
N ALA L 232 -13.43 -26.21 -38.55
CA ALA L 232 -14.81 -26.60 -38.77
C ALA L 232 -15.73 -26.03 -37.71
N SER L 233 -15.19 -25.50 -36.61
CA SER L 233 -15.99 -24.96 -35.53
C SER L 233 -15.45 -23.67 -34.93
N ALA L 234 -14.32 -23.15 -35.41
CA ALA L 234 -13.72 -21.96 -34.81
C ALA L 234 -13.21 -21.02 -35.88
N PRO L 235 -13.14 -19.72 -35.59
CA PRO L 235 -12.68 -18.74 -36.57
C PRO L 235 -11.19 -18.88 -36.84
N PRO L 236 -10.69 -18.27 -37.91
CA PRO L 236 -9.25 -18.37 -38.22
C PRO L 236 -8.38 -17.73 -37.16
N LEU L 237 -7.21 -18.33 -36.95
CA LEU L 237 -6.30 -17.82 -35.95
C LEU L 237 -5.81 -16.42 -36.28
N GLU L 238 -5.37 -16.21 -37.53
CA GLU L 238 -4.77 -14.94 -37.92
C GLU L 238 -5.66 -13.76 -37.59
N GLU L 239 -6.93 -13.83 -37.99
CA GLU L 239 -7.82 -12.70 -37.79
C GLU L 239 -8.20 -12.53 -36.33
N LYS L 240 -7.83 -13.45 -35.45
CA LYS L 240 -8.00 -13.23 -34.02
C LYS L 240 -6.76 -12.56 -33.43
N SER L 241 -5.58 -13.09 -33.74
CA SER L 241 -4.33 -12.46 -33.35
C SER L 241 -4.16 -11.14 -34.09
N LYS L 242 -5.19 -10.73 -34.83
CA LYS L 242 -5.23 -9.43 -35.46
C LYS L 242 -6.16 -8.46 -34.76
N LEU L 243 -7.25 -8.95 -34.17
CA LEU L 243 -8.18 -8.04 -33.50
C LEU L 243 -7.59 -7.52 -32.19
N THR L 244 -7.17 -8.44 -31.32
CA THR L 244 -6.58 -8.02 -30.05
C THR L 244 -5.43 -7.07 -30.30
N GLU L 245 -4.76 -7.22 -31.43
CA GLU L 245 -3.71 -6.29 -31.82
C GLU L 245 -4.26 -4.88 -31.98
N GLN L 246 -5.32 -4.72 -32.77
CA GLN L 246 -5.90 -3.40 -32.99
C GLN L 246 -6.34 -2.77 -31.66
N ALA L 247 -7.03 -3.56 -30.84
CA ALA L 247 -7.60 -3.01 -29.61
C ALA L 247 -6.50 -2.50 -28.68
N MET L 248 -5.44 -3.28 -28.51
CA MET L 248 -4.30 -2.81 -27.74
C MET L 248 -3.67 -1.58 -28.40
N ASP L 249 -3.56 -1.60 -29.72
CA ASP L 249 -2.94 -0.49 -30.43
C ASP L 249 -3.72 0.80 -30.23
N LEU L 250 -5.05 0.70 -30.16
CA LEU L 250 -5.84 1.91 -29.92
C LEU L 250 -5.65 2.43 -28.51
N VAL L 251 -5.59 1.54 -27.53
CA VAL L 251 -5.45 1.96 -26.14
C VAL L 251 -4.12 2.67 -25.92
N THR L 252 -3.03 2.05 -26.39
CA THR L 252 -1.72 2.66 -26.23
C THR L 252 -1.66 4.04 -26.87
N ALA L 253 -2.44 4.26 -27.92
CA ALA L 253 -2.55 5.61 -28.48
C ALA L 253 -3.39 6.50 -27.58
N ALA L 254 -4.45 5.96 -27.00
CA ALA L 254 -5.31 6.76 -26.13
C ALA L 254 -4.62 7.11 -24.81
N GLU L 255 -3.54 6.43 -24.45
CA GLU L 255 -2.78 6.72 -23.23
C GLU L 255 -3.69 6.74 -22.00
N PRO L 256 -4.12 5.58 -21.52
CA PRO L 256 -5.06 5.56 -20.38
C PRO L 256 -4.51 6.19 -19.13
N GLU L 257 -3.20 6.25 -18.98
CA GLU L 257 -2.63 6.78 -17.75
C GLU L 257 -2.80 8.28 -17.62
N ILE L 258 -2.98 8.98 -18.74
CA ILE L 258 -3.34 10.40 -18.68
C ILE L 258 -4.77 10.56 -18.23
N ILE L 259 -5.72 10.03 -18.99
CA ILE L 259 -7.14 10.25 -18.77
C ILE L 259 -7.59 9.60 -17.46
N ALA L 260 -6.66 8.97 -16.76
CA ALA L 260 -6.91 8.47 -15.42
C ALA L 260 -6.11 9.22 -14.36
N SER L 261 -5.35 10.23 -14.73
CA SER L 261 -4.53 10.95 -13.77
C SER L 261 -5.40 11.66 -12.75
N LEU L 262 -5.05 11.53 -11.48
CA LEU L 262 -5.78 12.15 -10.39
C LEU L 262 -5.15 13.46 -9.94
N VAL L 263 -3.99 13.81 -10.49
CA VAL L 263 -3.25 15.01 -10.09
C VAL L 263 -3.09 15.91 -11.30
N PRO L 264 -2.56 17.13 -11.16
CA PRO L 264 -2.42 18.01 -12.33
C PRO L 264 -1.56 17.39 -13.41
N VAL L 265 -1.85 17.76 -14.66
CA VAL L 265 -1.08 17.34 -15.82
C VAL L 265 -0.84 18.55 -16.72
N PRO L 266 0.36 18.73 -17.26
CA PRO L 266 0.61 19.83 -18.19
C PRO L 266 -0.26 19.74 -19.43
N ALA L 267 -0.43 20.87 -20.09
CA ALA L 267 -1.34 21.00 -21.22
C ALA L 267 -0.81 20.41 -22.51
N PRO L 268 0.37 20.81 -23.00
CA PRO L 268 0.77 20.37 -24.35
C PRO L 268 0.85 18.87 -24.48
N VAL L 269 1.24 18.16 -23.42
CA VAL L 269 1.23 16.71 -23.44
C VAL L 269 -0.18 16.17 -23.50
N PHE L 270 -1.13 16.85 -22.85
CA PHE L 270 -2.49 16.33 -22.74
C PHE L 270 -3.29 16.51 -24.02
N ALA L 271 -3.17 17.66 -24.67
CA ALA L 271 -4.08 17.98 -25.77
C ALA L 271 -3.64 17.33 -27.07
N ILE L 272 -4.59 17.24 -28.00
CA ILE L 272 -4.39 16.58 -29.29
C ILE L 272 -5.13 17.36 -30.38
N PRO L 273 -4.96 17.04 -31.66
CA PRO L 273 -5.57 17.86 -32.73
C PRO L 273 -7.05 18.11 -32.48
N PRO L 274 -7.47 19.36 -32.54
CA PRO L 274 -8.88 19.69 -32.30
C PRO L 274 -9.67 19.81 -33.60
N LYS L 275 -10.98 19.96 -33.47
CA LYS L 275 -11.86 20.15 -34.62
C LYS L 275 -12.51 21.52 -34.54
N PRO L 276 -12.80 22.14 -35.68
CA PRO L 276 -13.44 23.46 -35.66
C PRO L 276 -14.84 23.38 -35.08
N ALA L 277 -15.24 24.44 -34.39
CA ALA L 277 -16.55 24.52 -33.75
C ALA L 277 -17.30 25.72 -34.30
N ASP L 278 -18.56 25.83 -33.89
CA ASP L 278 -19.40 26.91 -34.37
C ASP L 278 -20.36 27.35 -33.28
N TYR L 279 -20.69 28.64 -33.29
CA TYR L 279 -21.60 29.25 -32.33
C TYR L 279 -22.44 30.30 -33.04
N ASN L 280 -23.42 30.83 -32.32
CA ASN L 280 -24.30 31.90 -32.84
C ASN L 280 -24.35 33.00 -31.80
N VAL L 281 -23.50 34.01 -31.96
CA VAL L 281 -23.25 34.97 -30.89
C VAL L 281 -24.52 35.64 -30.42
N ARG L 282 -25.41 36.00 -31.36
CA ARG L 282 -26.64 36.67 -30.97
C ARG L 282 -27.52 35.80 -30.08
N THR L 283 -27.26 34.51 -30.05
CA THR L 283 -28.16 33.55 -29.43
C THR L 283 -27.58 32.90 -28.19
N LEU L 284 -26.29 33.06 -27.93
CA LEU L 284 -25.71 32.52 -26.70
C LEU L 284 -26.19 33.30 -25.48
N ARG L 285 -26.36 32.59 -24.38
CA ARG L 285 -26.69 33.24 -23.11
C ARG L 285 -25.46 33.94 -22.56
N ILE L 286 -25.56 35.26 -22.39
CA ILE L 286 -24.40 36.08 -22.06
C ILE L 286 -23.77 35.66 -20.74
N ASP L 287 -24.55 35.07 -19.84
CA ASP L 287 -23.97 34.61 -18.59
C ASP L 287 -23.22 33.30 -18.77
N GLU L 288 -23.76 32.40 -19.61
CA GLU L 288 -23.11 31.12 -19.85
C GLU L 288 -21.76 31.29 -20.54
N ALA L 289 -21.74 32.03 -21.65
CA ALA L 289 -20.54 32.16 -22.47
C ALA L 289 -19.70 33.31 -21.92
N THR L 290 -18.84 33.00 -20.94
CA THR L 290 -18.09 34.02 -20.23
C THR L 290 -17.07 34.71 -21.11
N TRP L 291 -16.77 34.16 -22.28
CA TRP L 291 -15.89 34.82 -23.23
C TRP L 291 -16.61 35.90 -24.04
N LEU L 292 -17.76 36.37 -23.57
CA LEU L 292 -18.50 37.44 -24.21
C LEU L 292 -18.58 38.64 -23.27
N ARG L 293 -18.63 39.83 -23.85
CA ARG L 293 -18.81 41.07 -23.11
C ARG L 293 -19.82 41.93 -23.86
N MET L 294 -20.70 42.60 -23.13
CA MET L 294 -21.81 43.29 -23.77
C MET L 294 -22.24 44.48 -22.92
N ILE L 295 -22.64 45.55 -23.60
CA ILE L 295 -23.08 46.78 -22.94
C ILE L 295 -24.50 46.62 -22.40
N PRO L 296 -24.77 47.08 -21.18
CA PRO L 296 -26.11 46.95 -20.61
C PRO L 296 -27.17 47.61 -21.49
N LYS L 297 -28.41 47.24 -21.24
CA LYS L 297 -29.52 47.99 -21.79
C LYS L 297 -29.70 49.28 -21.00
N SER L 298 -30.71 50.05 -21.40
CA SER L 298 -31.20 51.18 -20.63
C SER L 298 -30.07 52.20 -20.41
N MET L 299 -29.63 52.76 -21.52
CA MET L 299 -28.81 53.96 -21.53
C MET L 299 -29.48 55.10 -22.27
N ASN L 300 -30.30 54.80 -23.28
CA ASN L 300 -30.98 55.81 -24.04
C ASN L 300 -30.10 56.60 -24.97
N THR L 301 -28.81 56.34 -24.98
CA THR L 301 -27.89 57.07 -25.82
C THR L 301 -27.34 56.17 -26.91
N PRO L 302 -26.56 56.78 -27.80
CA PRO L 302 -26.17 56.17 -29.06
C PRO L 302 -25.13 57.07 -29.72
N PHE L 303 -24.04 56.52 -30.24
CA PHE L 303 -22.94 57.37 -30.67
C PHE L 303 -22.14 56.68 -31.75
N GLN L 304 -21.33 57.49 -32.44
CA GLN L 304 -20.57 57.05 -33.60
C GLN L 304 -19.10 57.38 -33.41
N ILE L 305 -18.24 56.52 -33.97
CA ILE L 305 -16.80 56.62 -33.79
C ILE L 305 -16.15 56.45 -35.15
N GLN L 306 -14.97 57.04 -35.30
CA GLN L 306 -14.14 56.86 -36.48
C GLN L 306 -12.95 55.98 -36.15
N VAL L 307 -12.65 55.03 -37.04
CA VAL L 307 -11.57 54.08 -36.86
C VAL L 307 -10.88 53.91 -38.21
N THR L 308 -9.57 53.74 -38.17
CA THR L 308 -8.76 53.64 -39.37
C THR L 308 -8.41 52.19 -39.69
N ASP L 309 -7.99 51.97 -40.93
CA ASP L 309 -7.56 50.66 -41.39
C ASP L 309 -6.05 50.61 -41.51
N ASN L 310 -5.53 49.43 -41.84
CA ASN L 310 -4.10 49.29 -42.06
C ASN L 310 -3.61 50.19 -43.18
N THR L 311 -4.47 50.50 -44.13
CA THR L 311 -4.11 51.33 -45.28
C THR L 311 -4.31 52.82 -44.99
N GLY L 312 -4.80 53.17 -43.80
CA GLY L 312 -5.04 54.55 -43.45
C GLY L 312 -6.40 55.08 -43.83
N THR L 313 -7.22 54.29 -44.52
CA THR L 313 -8.60 54.68 -44.79
C THR L 313 -9.35 54.81 -43.48
N ASN L 314 -10.20 55.85 -43.40
CA ASN L 314 -11.03 56.05 -42.24
C ASN L 314 -12.45 55.57 -42.49
N TRP L 315 -13.10 55.13 -41.41
CA TRP L 315 -14.44 54.57 -41.50
C TRP L 315 -15.26 55.04 -40.30
N HIS L 316 -16.58 55.03 -40.47
CA HIS L 316 -17.50 55.38 -39.40
C HIS L 316 -18.39 54.19 -39.09
N LEU L 317 -18.64 53.96 -37.78
CA LEU L 317 -19.46 52.83 -37.24
C LEU L 317 -20.07 53.19 -35.85
N ASN L 318 -21.35 52.85 -35.61
CA ASN L 318 -22.06 53.30 -34.42
C ASN L 318 -22.26 52.15 -33.44
N LEU L 319 -22.62 52.52 -32.22
CA LEU L 319 -22.60 51.63 -31.08
C LEU L 319 -23.79 51.92 -30.17
N ARG L 320 -24.29 50.90 -29.49
CA ARG L 320 -25.42 51.07 -28.58
C ARG L 320 -25.43 49.93 -27.55
N GLY L 321 -26.47 49.91 -26.73
CA GLY L 321 -26.56 48.90 -25.70
C GLY L 321 -26.87 47.52 -26.27
N GLY L 322 -26.32 46.50 -25.64
CA GLY L 322 -26.46 45.14 -26.10
C GLY L 322 -25.51 44.77 -27.21
N THR L 323 -24.75 45.73 -27.72
CA THR L 323 -23.70 45.42 -28.67
C THR L 323 -22.67 44.51 -28.01
N ARG L 324 -22.62 43.25 -28.44
CA ARG L 324 -21.75 42.27 -27.82
C ARG L 324 -20.37 42.30 -28.47
N VAL L 325 -19.35 42.13 -27.65
CA VAL L 325 -18.00 41.91 -28.16
C VAL L 325 -17.50 40.59 -27.60
N VAL L 326 -16.27 40.21 -27.94
CA VAL L 326 -15.65 39.03 -27.39
C VAL L 326 -14.35 39.44 -26.72
N ASN L 327 -14.11 38.89 -25.53
CA ASN L 327 -12.83 39.11 -24.85
C ASN L 327 -11.77 38.29 -25.56
N LEU L 328 -10.88 38.95 -26.30
CA LEU L 328 -9.81 38.22 -26.96
C LEU L 328 -8.86 37.61 -25.96
N ASP L 329 -8.87 38.09 -24.72
CA ASP L 329 -8.02 37.52 -23.70
C ASP L 329 -8.49 36.11 -23.36
N GLN L 330 -7.56 35.31 -22.85
CA GLN L 330 -7.78 33.90 -22.51
C GLN L 330 -8.52 33.17 -23.62
N ILE L 331 -7.96 33.28 -24.83
CA ILE L 331 -8.55 32.62 -25.99
C ILE L 331 -7.60 31.61 -26.64
N ALA L 332 -6.29 31.70 -26.39
CA ALA L 332 -5.38 30.70 -26.93
C ALA L 332 -5.54 30.63 -28.44
N PRO L 333 -4.85 31.50 -29.19
CA PRO L 333 -5.38 32.04 -30.45
C PRO L 333 -6.26 31.15 -31.29
N MET L 334 -7.39 31.70 -31.69
CA MET L 334 -8.39 31.06 -32.51
C MET L 334 -8.36 31.66 -33.91
N ARG L 335 -9.18 31.11 -34.80
CA ARG L 335 -9.43 31.70 -36.11
C ARG L 335 -10.90 32.10 -36.16
N PHE L 336 -11.16 33.39 -36.29
CA PHE L 336 -12.52 33.92 -36.31
C PHE L 336 -12.93 34.13 -37.76
N VAL L 337 -13.83 33.31 -38.25
CA VAL L 337 -14.34 33.41 -39.61
C VAL L 337 -15.84 33.61 -39.53
N LEU L 338 -16.36 34.61 -40.26
CA LEU L 338 -17.73 35.06 -40.10
C LEU L 338 -18.49 34.94 -41.41
N ASP L 339 -19.72 34.42 -41.34
CA ASP L 339 -20.58 34.26 -42.50
C ASP L 339 -21.93 34.92 -42.24
N LEU L 340 -22.47 35.60 -43.26
CA LEU L 340 -23.70 36.35 -43.12
C LEU L 340 -24.80 35.92 -44.07
N GLY L 341 -24.53 34.99 -44.99
CA GLY L 341 -25.56 34.54 -45.90
C GLY L 341 -26.76 34.00 -45.16
N GLY L 342 -27.96 34.42 -45.57
CA GLY L 342 -29.18 33.92 -44.96
C GLY L 342 -29.88 34.86 -44.02
N LYS L 343 -29.28 36.00 -43.67
CA LYS L 343 -29.95 36.99 -42.84
C LYS L 343 -30.44 38.14 -43.70
N SER L 344 -31.24 39.01 -43.09
CA SER L 344 -31.85 40.14 -43.79
C SER L 344 -31.18 41.47 -43.52
N TYR L 345 -31.17 41.90 -42.26
CA TYR L 345 -30.64 43.20 -41.86
C TYR L 345 -31.21 44.35 -42.69
N LYS L 346 -32.46 44.23 -43.13
CA LYS L 346 -33.11 45.30 -43.89
C LYS L 346 -34.00 46.12 -42.96
N GLU L 347 -33.95 47.45 -43.12
CA GLU L 347 -34.68 48.35 -42.25
C GLU L 347 -35.41 49.40 -43.07
N THR L 348 -36.35 50.08 -42.39
CA THR L 348 -37.21 51.06 -43.04
C THR L 348 -36.42 52.16 -43.73
N SER L 349 -35.22 52.43 -43.26
CA SER L 349 -34.38 53.48 -43.84
C SER L 349 -32.96 52.98 -44.05
N TRP L 350 -32.78 51.66 -44.09
CA TRP L 350 -31.45 51.07 -44.21
C TRP L 350 -31.55 49.84 -45.08
N ASP L 351 -31.02 49.94 -46.30
CA ASP L 351 -30.92 48.79 -47.19
C ASP L 351 -29.53 48.19 -47.07
N PRO L 352 -29.39 46.98 -46.54
CA PRO L 352 -28.05 46.42 -46.32
C PRO L 352 -27.26 46.20 -47.59
N ASN L 353 -27.93 46.03 -48.73
CA ASN L 353 -27.23 45.74 -49.98
C ASN L 353 -26.28 46.88 -50.33
N GLY L 354 -25.06 46.51 -50.72
CA GLY L 354 -24.08 47.47 -51.16
C GLY L 354 -23.18 48.03 -50.09
N LYS L 355 -23.55 47.86 -48.82
CA LYS L 355 -22.76 48.41 -47.72
C LYS L 355 -21.63 47.43 -47.39
N LYS L 356 -20.96 47.66 -46.26
CA LYS L 356 -19.81 46.87 -45.88
C LYS L 356 -19.83 46.56 -44.38
N VAL L 357 -19.24 45.42 -44.03
CA VAL L 357 -19.13 44.96 -42.66
C VAL L 357 -17.67 44.55 -42.43
N GLY L 358 -17.30 44.48 -41.17
CA GLY L 358 -15.92 44.19 -40.84
C GLY L 358 -15.72 43.89 -39.37
N PHE L 359 -14.57 43.27 -39.07
CA PHE L 359 -14.13 43.05 -37.71
C PHE L 359 -13.30 44.24 -37.24
N ILE L 360 -13.68 44.81 -36.11
CA ILE L 360 -12.97 45.92 -35.51
C ILE L 360 -12.39 45.44 -34.18
N VAL L 361 -11.12 45.75 -33.94
CA VAL L 361 -10.41 45.33 -32.74
C VAL L 361 -10.19 46.54 -31.86
N PHE L 362 -10.45 46.38 -30.57
CA PHE L 362 -10.36 47.48 -29.63
C PHE L 362 -9.31 47.19 -28.57
N GLN L 363 -8.67 48.25 -28.11
CA GLN L 363 -7.68 48.16 -27.04
C GLN L 363 -7.89 49.35 -26.11
N SER L 364 -8.43 49.09 -24.93
CA SER L 364 -8.62 50.11 -23.92
C SER L 364 -8.29 49.56 -22.55
N LYS L 365 -7.97 50.46 -21.63
CA LYS L 365 -7.94 50.11 -20.21
C LYS L 365 -9.34 50.07 -19.62
N ILE L 366 -10.23 50.92 -20.11
CA ILE L 366 -11.59 51.00 -19.57
C ILE L 366 -12.31 49.69 -19.85
N PRO L 367 -12.96 49.08 -18.87
CA PRO L 367 -13.71 47.84 -19.14
C PRO L 367 -14.90 48.10 -20.03
N PHE L 368 -15.16 47.15 -20.93
CA PHE L 368 -16.13 47.36 -21.99
C PHE L 368 -17.53 47.61 -21.44
N GLU L 369 -17.87 46.99 -20.30
CA GLU L 369 -19.22 47.08 -19.79
C GLU L 369 -19.62 48.51 -19.46
N LEU L 370 -18.64 49.37 -19.15
CA LEU L 370 -18.91 50.73 -18.70
C LEU L 370 -18.50 51.75 -19.74
N TRP L 371 -18.76 51.45 -21.01
CA TRP L 371 -18.59 52.44 -22.07
C TRP L 371 -19.85 53.29 -22.23
N THR L 372 -19.64 54.59 -22.44
CA THR L 372 -20.71 55.47 -22.89
C THR L 372 -20.29 56.48 -23.94
N ALA L 373 -19.00 56.72 -24.14
CA ALA L 373 -18.54 57.87 -24.90
C ALA L 373 -17.78 57.42 -26.13
N ALA L 374 -17.18 58.39 -26.83
CA ALA L 374 -16.37 58.12 -28.00
C ALA L 374 -14.89 58.40 -27.78
N SER L 375 -14.50 58.78 -26.57
CA SER L 375 -13.12 59.08 -26.24
C SER L 375 -12.49 58.03 -25.37
N GLN L 376 -13.13 56.89 -25.19
CA GLN L 376 -12.65 55.84 -24.32
C GLN L 376 -12.64 54.48 -25.00
N ILE L 377 -12.67 54.48 -26.34
CA ILE L 377 -12.40 53.25 -27.08
C ILE L 377 -10.95 52.82 -26.88
N GLY L 378 -10.04 53.77 -26.80
CA GLY L 378 -8.63 53.45 -26.74
C GLY L 378 -8.02 53.37 -28.12
N GLN L 379 -7.55 52.20 -28.51
CA GLN L 379 -6.91 51.99 -29.81
C GLN L 379 -7.74 51.06 -30.65
N ALA L 380 -7.94 51.42 -31.92
CA ALA L 380 -8.84 50.68 -32.79
C ALA L 380 -8.29 50.59 -34.20
N THR L 381 -8.63 49.50 -34.89
CA THR L 381 -8.23 49.30 -36.28
C THR L 381 -9.19 48.32 -36.92
N VAL L 382 -9.66 48.64 -38.12
CA VAL L 382 -10.62 47.79 -38.83
C VAL L 382 -9.81 46.68 -39.48
N VAL L 383 -9.64 45.58 -38.74
CA VAL L 383 -8.66 44.57 -39.09
C VAL L 383 -8.99 43.87 -40.40
N ASN L 384 -10.28 43.82 -40.78
CA ASN L 384 -10.69 43.22 -42.04
C ASN L 384 -12.14 43.61 -42.31
N TYR L 385 -12.52 43.64 -43.58
CA TYR L 385 -13.86 44.04 -43.98
C TYR L 385 -14.18 43.48 -45.36
N VAL L 386 -15.47 43.43 -45.69
CA VAL L 386 -15.95 42.87 -46.95
C VAL L 386 -17.29 43.50 -47.31
N GLN L 387 -17.57 43.56 -48.61
CA GLN L 387 -18.80 44.11 -49.18
C GLN L 387 -19.95 43.12 -49.05
N LEU L 388 -21.17 43.59 -49.36
CA LEU L 388 -22.39 42.81 -49.19
C LEU L 388 -23.23 42.78 -50.47
N TYR L 389 -23.89 41.66 -50.69
CA TYR L 389 -24.83 41.45 -51.79
C TYR L 389 -26.14 40.90 -51.22
N ALA L 390 -27.25 41.11 -51.93
CA ALA L 390 -28.56 40.73 -51.42
C ALA L 390 -29.41 40.09 -52.51
N GLU L 391 -30.17 39.06 -52.14
CA GLU L 391 -31.07 38.32 -53.03
C GLU L 391 -32.36 37.97 -52.30
N ASP L 392 -33.39 37.63 -53.06
CA ASP L 392 -34.70 37.32 -52.53
C ASP L 392 -34.82 35.84 -52.24
N SER L 393 -35.54 35.51 -51.18
CA SER L 393 -35.64 34.15 -50.68
C SER L 393 -37.09 33.67 -50.74
N SER L 394 -37.33 32.51 -50.12
CA SER L 394 -38.64 31.86 -50.20
C SER L 394 -39.74 32.74 -49.64
N PHE L 395 -39.50 33.39 -48.50
CA PHE L 395 -40.36 34.48 -48.08
C PHE L 395 -40.55 35.49 -49.20
N THR L 396 -41.79 35.67 -49.63
CA THR L 396 -42.10 36.59 -50.72
C THR L 396 -42.07 38.03 -50.22
N ALA L 397 -41.54 38.93 -51.07
CA ALA L 397 -41.49 40.36 -50.85
C ALA L 397 -40.48 40.79 -49.79
N GLN L 398 -39.38 40.06 -49.65
CA GLN L 398 -38.22 40.57 -48.92
C GLN L 398 -36.99 39.79 -49.32
N SER L 399 -35.86 40.50 -49.39
CA SER L 399 -34.59 39.93 -49.84
C SER L 399 -33.77 39.44 -48.65
N ILE L 400 -32.61 38.86 -48.97
CA ILE L 400 -31.73 38.21 -48.00
C ILE L 400 -30.29 38.35 -48.43
N ILE L 401 -29.41 38.55 -47.44
CA ILE L 401 -27.98 38.76 -47.67
C ILE L 401 -27.30 37.48 -48.10
N ALA L 402 -26.33 37.60 -49.00
CA ALA L 402 -25.64 36.46 -49.60
C ALA L 402 -24.38 36.10 -48.81
N THR L 403 -23.69 35.06 -49.28
CA THR L 403 -22.59 34.47 -48.52
C THR L 403 -21.48 35.47 -48.26
N THR L 404 -20.95 35.45 -47.03
CA THR L 404 -19.83 36.30 -46.64
C THR L 404 -18.74 35.44 -46.00
N SER L 405 -17.51 35.91 -46.11
CA SER L 405 -16.36 35.21 -45.55
C SER L 405 -15.45 36.18 -44.81
N LEU L 406 -16.02 37.01 -43.96
CA LEU L 406 -15.21 37.96 -43.19
C LEU L 406 -14.41 37.20 -42.14
N ALA L 407 -13.09 37.16 -42.29
CA ALA L 407 -12.25 36.31 -41.45
C ALA L 407 -11.14 37.13 -40.80
N TYR L 408 -10.85 36.79 -39.55
CA TYR L 408 -9.66 37.32 -38.88
C TYR L 408 -9.15 36.27 -37.92
N ASN L 409 -7.85 36.02 -37.95
CA ASN L 409 -7.20 35.08 -37.05
C ASN L 409 -6.55 35.83 -35.89
N TYR L 410 -7.09 35.62 -34.70
CA TYR L 410 -6.53 36.26 -33.51
C TYR L 410 -5.13 35.75 -33.25
N GLU L 411 -4.23 36.64 -32.93
CA GLU L 411 -2.86 36.23 -32.68
C GLU L 411 -2.26 37.11 -31.59
N PRO L 412 -2.13 36.60 -30.36
CA PRO L 412 -1.73 37.46 -29.25
C PRO L 412 -0.38 38.12 -29.41
N GLU L 413 0.58 37.47 -30.06
CA GLU L 413 1.90 38.08 -30.21
C GLU L 413 1.87 39.34 -31.04
N GLN L 414 0.80 39.56 -31.81
CA GLN L 414 0.60 40.86 -32.42
C GLN L 414 0.13 41.89 -31.38
N LEU L 415 -0.73 41.46 -30.46
CA LEU L 415 -1.33 42.41 -29.54
C LEU L 415 -0.31 42.98 -28.55
N ASN L 416 0.78 42.26 -28.30
CA ASN L 416 1.85 42.72 -27.42
C ASN L 416 1.30 43.08 -26.04
N LYS L 417 0.79 42.05 -25.37
CA LYS L 417 0.21 42.22 -24.03
C LYS L 417 1.31 42.63 -23.06
N THR L 418 1.20 43.85 -22.52
CA THR L 418 2.22 44.39 -21.63
C THR L 418 1.62 44.98 -20.37
N ASP L 419 0.32 45.29 -20.38
CA ASP L 419 -0.33 45.95 -19.26
C ASP L 419 -1.34 45.03 -18.60
N PRO L 420 -1.18 44.73 -17.30
CA PRO L 420 -2.09 43.79 -16.64
C PRO L 420 -3.53 44.26 -16.54
N GLU L 421 -3.80 45.54 -16.76
CA GLU L 421 -5.15 46.07 -16.73
C GLU L 421 -5.61 46.55 -18.09
N MET L 422 -4.86 46.25 -19.14
CA MET L 422 -5.24 46.54 -20.50
C MET L 422 -6.40 45.61 -20.90
N ASN L 423 -7.15 45.98 -21.95
CA ASN L 423 -8.22 45.10 -22.38
C ASN L 423 -8.35 45.11 -23.90
N TYR L 424 -8.77 43.97 -24.44
CA TYR L 424 -8.93 43.75 -25.88
C TYR L 424 -10.34 43.27 -26.17
N TYR L 425 -10.95 43.82 -27.21
CA TYR L 425 -12.31 43.47 -27.59
C TYR L 425 -12.43 43.42 -29.10
N LEU L 426 -13.29 42.52 -29.58
CA LEU L 426 -13.50 42.35 -31.01
C LEU L 426 -14.99 42.52 -31.31
N LEU L 427 -15.27 43.21 -32.40
CA LEU L 427 -16.62 43.59 -32.76
C LEU L 427 -16.91 43.18 -34.20
N ALA L 428 -18.20 43.01 -34.49
CA ALA L 428 -18.66 42.78 -35.86
C ALA L 428 -19.93 43.59 -36.06
N THR L 429 -19.85 44.60 -36.91
CA THR L 429 -20.99 45.49 -37.12
C THR L 429 -20.92 46.02 -38.54
N PHE L 430 -21.85 46.91 -38.86
CA PHE L 430 -21.80 47.63 -40.13
C PHE L 430 -20.66 48.62 -40.12
N ILE L 431 -20.13 48.89 -41.31
CA ILE L 431 -19.13 49.93 -41.51
C ILE L 431 -19.46 50.69 -42.80
N ASP L 432 -19.40 52.02 -42.72
CA ASP L 432 -19.64 52.87 -43.86
C ASP L 432 -18.52 53.90 -43.99
N SER L 433 -18.25 54.30 -45.23
CA SER L 433 -17.22 55.28 -45.51
C SER L 433 -17.48 56.62 -44.85
N ALA L 434 -18.71 57.10 -44.87
CA ALA L 434 -19.08 58.35 -44.23
C ALA L 434 -19.86 58.05 -42.96
N ALA L 435 -20.34 59.10 -42.31
CA ALA L 435 -21.13 58.91 -41.10
C ALA L 435 -22.47 58.28 -41.44
N ILE L 436 -23.03 57.57 -40.49
CA ILE L 436 -24.33 56.92 -40.63
C ILE L 436 -25.23 57.44 -39.52
N THR L 437 -26.48 57.73 -39.88
CA THR L 437 -27.42 58.22 -38.89
C THR L 437 -27.62 57.15 -37.83
N PRO L 438 -27.46 57.49 -36.54
CA PRO L 438 -27.64 56.48 -35.49
C PRO L 438 -29.05 55.93 -35.40
N THR L 439 -30.01 56.49 -36.13
CA THR L 439 -31.41 56.17 -35.93
C THR L 439 -31.99 55.26 -37.00
N ASN L 440 -31.57 55.41 -38.25
CA ASN L 440 -32.14 54.66 -39.34
C ASN L 440 -31.61 53.24 -39.45
N MET L 441 -30.63 52.87 -38.63
CA MET L 441 -30.13 51.51 -38.54
C MET L 441 -29.96 51.17 -37.07
N THR L 442 -30.84 50.31 -36.54
CA THR L 442 -30.93 50.06 -35.11
C THR L 442 -30.51 48.66 -34.72
N GLN L 443 -29.70 47.99 -35.53
CA GLN L 443 -29.15 46.71 -35.12
C GLN L 443 -28.03 46.93 -34.11
N PRO L 444 -28.10 46.31 -32.93
CA PRO L 444 -26.99 46.44 -31.98
C PRO L 444 -25.66 45.96 -32.52
N ASP L 445 -25.68 45.01 -33.44
CA ASP L 445 -24.48 44.36 -33.98
C ASP L 445 -24.95 43.37 -35.05
N VAL L 446 -24.01 42.89 -35.85
CA VAL L 446 -24.31 41.85 -36.82
C VAL L 446 -24.06 40.46 -36.25
N TRP L 447 -23.85 40.36 -34.95
CA TRP L 447 -23.43 39.11 -34.32
C TRP L 447 -24.46 38.00 -34.47
N ASP L 448 -25.58 38.28 -35.11
CA ASP L 448 -26.49 37.24 -35.58
C ASP L 448 -25.91 36.69 -36.88
N ALA L 449 -25.19 35.58 -36.77
CA ALA L 449 -24.49 35.02 -37.91
C ALA L 449 -24.14 33.57 -37.58
N LEU L 450 -23.32 32.97 -38.44
CA LEU L 450 -22.83 31.61 -38.24
C LEU L 450 -21.32 31.71 -38.12
N LEU L 451 -20.83 32.03 -36.93
CA LEU L 451 -19.40 32.21 -36.70
C LEU L 451 -18.75 30.86 -36.42
N THR L 452 -17.61 30.61 -37.04
CA THR L 452 -16.89 29.36 -36.86
C THR L 452 -15.59 29.64 -36.13
N MET L 453 -15.40 29.00 -34.98
CA MET L 453 -14.15 29.07 -34.24
C MET L 453 -13.24 27.97 -34.76
N SER L 454 -12.03 28.35 -35.19
CA SER L 454 -11.03 27.38 -35.61
C SER L 454 -9.79 27.62 -34.78
N PRO L 455 -9.32 26.64 -34.02
CA PRO L 455 -8.17 26.87 -33.13
C PRO L 455 -6.88 26.98 -33.92
N LEU L 456 -6.02 27.92 -33.53
CA LEU L 456 -4.65 28.00 -34.03
C LEU L 456 -3.64 27.40 -33.08
N SER L 457 -4.04 26.50 -32.19
CA SER L 457 -3.11 25.94 -31.22
C SER L 457 -3.53 24.55 -30.78
N ALA L 458 -2.56 23.79 -30.31
CA ALA L 458 -2.77 22.50 -29.67
C ALA L 458 -2.06 22.37 -28.34
N GLY L 459 -1.01 23.14 -28.08
CA GLY L 459 -0.42 23.15 -26.76
C GLY L 459 -1.16 23.99 -25.75
N GLU L 460 -2.15 24.75 -26.19
CA GLU L 460 -2.90 25.66 -25.32
C GLU L 460 -4.31 25.14 -25.19
N VAL L 461 -4.74 24.91 -23.95
CA VAL L 461 -6.06 24.37 -23.67
C VAL L 461 -6.81 25.34 -22.78
N THR L 462 -8.01 25.71 -23.20
CA THR L 462 -8.90 26.52 -22.39
C THR L 462 -9.87 25.61 -21.65
N VAL L 463 -10.37 26.10 -20.51
CA VAL L 463 -11.37 25.39 -19.73
C VAL L 463 -12.47 26.36 -19.32
N LYS L 464 -13.71 25.97 -19.57
CA LYS L 464 -14.88 26.81 -19.27
C LYS L 464 -14.72 28.19 -19.88
N GLY L 465 -14.20 28.23 -21.09
CA GLY L 465 -13.93 29.48 -21.78
C GLY L 465 -12.72 30.23 -21.28
N ALA L 466 -11.91 29.65 -20.41
CA ALA L 466 -10.76 30.31 -19.83
C ALA L 466 -9.56 29.39 -19.92
N VAL L 467 -8.41 29.95 -20.26
CA VAL L 467 -7.22 29.13 -20.46
C VAL L 467 -6.67 28.66 -19.12
N VAL L 468 -5.99 27.52 -19.14
CA VAL L 468 -5.15 27.11 -18.03
C VAL L 468 -4.09 26.18 -18.56
N SER L 469 -2.90 26.28 -17.99
CA SER L 469 -1.77 25.46 -18.39
C SER L 469 -1.73 24.11 -17.68
N GLU L 470 -2.75 23.79 -16.89
CA GLU L 470 -2.70 22.61 -16.04
C GLU L 470 -4.10 22.04 -15.90
N VAL L 471 -4.30 20.81 -16.36
CA VAL L 471 -5.59 20.16 -16.36
C VAL L 471 -5.52 18.95 -15.44
N VAL L 472 -6.63 18.62 -14.80
CA VAL L 472 -6.72 17.42 -14.00
C VAL L 472 -7.82 16.53 -14.57
N PRO L 473 -7.48 15.47 -15.31
CA PRO L 473 -8.52 14.67 -15.97
C PRO L 473 -9.56 14.13 -15.02
N ALA L 474 -9.18 13.88 -13.76
CA ALA L 474 -10.14 13.34 -12.80
C ALA L 474 -11.28 14.32 -12.54
N ASP L 475 -10.98 15.61 -12.47
CA ASP L 475 -11.99 16.59 -12.08
C ASP L 475 -12.86 17.04 -13.25
N LEU L 476 -12.56 16.64 -14.47
CA LEU L 476 -13.43 16.96 -15.58
C LEU L 476 -14.72 16.14 -15.57
N ILE L 477 -14.85 15.19 -14.67
CA ILE L 477 -15.98 14.27 -14.66
C ILE L 477 -17.10 14.87 -13.82
N GLY L 478 -18.32 14.80 -14.34
CA GLY L 478 -19.46 15.33 -13.61
C GLY L 478 -19.39 16.82 -13.39
N SER L 479 -18.82 17.55 -14.33
CA SER L 479 -18.64 18.99 -14.14
C SER L 479 -19.01 19.83 -15.35
N TYR L 480 -19.74 19.28 -16.31
CA TYR L 480 -20.29 20.06 -17.40
C TYR L 480 -21.80 19.87 -17.46
N THR L 481 -22.52 20.97 -17.53
CA THR L 481 -23.93 20.95 -17.82
C THR L 481 -24.15 20.72 -19.31
N PRO L 482 -25.34 20.25 -19.71
CA PRO L 482 -25.63 20.13 -21.14
C PRO L 482 -25.59 21.46 -21.87
N GLU L 483 -25.70 22.58 -21.17
CA GLU L 483 -25.52 23.89 -21.80
C GLU L 483 -24.05 24.31 -21.80
N SER L 484 -23.38 24.16 -20.66
CA SER L 484 -22.03 24.71 -20.52
C SER L 484 -21.09 24.20 -21.60
N LEU L 485 -21.31 22.97 -22.08
CA LEU L 485 -20.53 22.49 -23.21
C LEU L 485 -20.77 23.34 -24.44
N ASN L 486 -22.03 23.66 -24.73
CA ASN L 486 -22.35 24.41 -25.94
C ASN L 486 -21.95 25.86 -25.86
N THR L 487 -21.33 26.29 -24.75
CA THR L 487 -20.70 27.60 -24.69
C THR L 487 -19.19 27.54 -24.73
N SER L 488 -18.62 26.35 -24.58
CA SER L 488 -17.16 26.22 -24.54
C SER L 488 -16.55 26.46 -25.91
N LEU L 489 -15.25 26.75 -25.90
CA LEU L 489 -14.47 26.92 -27.11
C LEU L 489 -14.02 25.57 -27.65
N PRO L 490 -13.72 25.49 -28.96
CA PRO L 490 -13.27 24.22 -29.53
C PRO L 490 -12.01 23.68 -28.91
N ASN L 491 -11.10 24.54 -28.45
CA ASN L 491 -9.87 24.08 -27.81
C ASN L 491 -10.07 23.84 -26.33
N ASP L 492 -11.13 23.11 -25.98
CA ASP L 492 -11.47 22.87 -24.59
C ASP L 492 -10.90 21.54 -24.11
N ALA L 493 -10.76 21.42 -22.80
CA ALA L 493 -10.29 20.17 -22.22
C ALA L 493 -11.28 19.04 -22.47
N ALA L 494 -12.58 19.32 -22.32
CA ALA L 494 -13.59 18.28 -22.51
C ALA L 494 -13.50 17.70 -23.90
N ARG L 495 -13.54 18.55 -24.92
CA ARG L 495 -13.45 18.08 -26.29
C ARG L 495 -12.14 17.35 -26.54
N CYS L 496 -11.14 17.58 -25.69
CA CYS L 496 -9.93 16.77 -25.74
C CYS L 496 -10.09 15.49 -24.93
N MET L 497 -10.78 15.56 -23.80
CA MET L 497 -11.09 14.34 -23.07
C MET L 497 -12.05 13.47 -23.85
N ILE L 498 -12.95 14.07 -24.64
CA ILE L 498 -13.94 13.29 -25.38
C ILE L 498 -13.28 12.57 -26.54
N ASP L 499 -12.67 13.34 -27.45
CA ASP L 499 -12.15 12.74 -28.67
C ASP L 499 -11.02 11.76 -28.40
N ARG L 500 -10.48 11.76 -27.18
CA ARG L 500 -9.49 10.75 -26.81
C ARG L 500 -10.17 9.51 -26.24
N ALA L 501 -11.13 9.71 -25.35
CA ALA L 501 -11.83 8.58 -24.76
C ALA L 501 -12.59 7.76 -25.79
N SER L 502 -12.86 8.35 -26.95
CA SER L 502 -13.55 7.61 -28.01
C SER L 502 -12.75 6.40 -28.45
N LYS L 503 -11.43 6.54 -28.57
CA LYS L 503 -10.60 5.40 -28.93
C LYS L 503 -10.66 4.32 -27.86
N ILE L 504 -10.60 4.71 -26.59
CA ILE L 504 -10.90 3.78 -25.51
C ILE L 504 -12.31 3.24 -25.67
N ALA L 505 -13.25 4.12 -26.02
CA ALA L 505 -14.60 3.66 -26.31
C ALA L 505 -14.62 2.72 -27.49
N GLU L 506 -13.91 3.07 -28.56
CA GLU L 506 -13.80 2.18 -29.71
C GLU L 506 -13.08 0.90 -29.36
N ALA L 507 -12.12 0.98 -28.43
CA ALA L 507 -11.30 -0.19 -28.13
C ALA L 507 -12.15 -1.35 -27.62
N ILE L 508 -13.16 -1.04 -26.81
CA ILE L 508 -13.95 -2.09 -26.17
C ILE L 508 -14.62 -2.96 -27.22
N LYS L 509 -15.24 -2.32 -28.22
CA LYS L 509 -16.16 -3.02 -29.11
C LYS L 509 -15.47 -4.15 -29.86
N ILE L 510 -14.21 -3.96 -30.24
CA ILE L 510 -13.52 -5.00 -31.00
C ILE L 510 -13.40 -6.27 -30.18
N ASP L 511 -13.04 -6.14 -28.91
CA ASP L 511 -12.99 -7.33 -28.07
C ASP L 511 -14.38 -7.72 -27.57
N ASP L 512 -15.04 -6.82 -26.87
CA ASP L 512 -16.28 -7.15 -26.19
C ASP L 512 -17.40 -7.45 -27.16
N ASP L 513 -18.28 -8.37 -26.76
CA ASP L 513 -19.42 -8.73 -27.58
C ASP L 513 -20.68 -8.91 -26.74
N ALA L 514 -20.73 -8.28 -25.57
CA ALA L 514 -21.92 -8.34 -24.76
C ALA L 514 -23.11 -7.70 -25.48
N GLY L 515 -24.29 -7.83 -24.88
CA GLY L 515 -25.49 -7.30 -25.45
C GLY L 515 -26.36 -6.60 -24.42
N PRO L 516 -27.66 -6.85 -24.48
CA PRO L 516 -28.59 -6.16 -23.57
C PRO L 516 -28.60 -6.82 -22.20
N ASP L 517 -28.05 -6.10 -21.21
CA ASP L 517 -28.29 -6.38 -19.79
C ASP L 517 -27.63 -7.69 -19.35
N GLU L 518 -26.42 -7.94 -19.82
CA GLU L 518 -25.61 -9.04 -19.29
C GLU L 518 -24.17 -8.56 -19.12
N TYR L 519 -23.45 -9.22 -18.22
CA TYR L 519 -22.15 -8.75 -17.79
C TYR L 519 -21.11 -8.97 -18.87
N SER L 520 -19.87 -8.65 -18.54
CA SER L 520 -18.74 -8.69 -19.47
C SER L 520 -17.47 -8.39 -18.69
N PRO L 521 -16.30 -8.84 -19.14
CA PRO L 521 -15.07 -8.52 -18.40
C PRO L 521 -14.72 -7.05 -18.43
N ASN L 522 -15.35 -6.27 -19.29
CA ASN L 522 -15.06 -4.85 -19.41
C ASN L 522 -16.06 -3.97 -18.69
N SER L 523 -17.29 -4.44 -18.53
CA SER L 523 -18.28 -3.71 -17.74
C SER L 523 -18.13 -3.96 -16.25
N VAL L 524 -17.34 -4.95 -15.85
CA VAL L 524 -17.25 -5.35 -14.45
C VAL L 524 -16.41 -4.40 -13.59
N PRO L 525 -15.34 -3.75 -14.09
CA PRO L 525 -14.58 -2.88 -13.17
C PRO L 525 -15.42 -1.78 -12.56
N ILE L 526 -16.44 -1.32 -13.27
CA ILE L 526 -17.46 -0.48 -12.65
C ILE L 526 -18.08 -1.23 -11.47
N GLN L 527 -18.50 -2.46 -11.70
CA GLN L 527 -19.33 -3.16 -10.73
C GLN L 527 -18.60 -3.42 -9.43
N GLY L 528 -17.29 -3.63 -9.48
CA GLY L 528 -16.53 -3.76 -8.26
C GLY L 528 -16.56 -2.51 -7.42
N GLN L 529 -16.58 -1.34 -8.06
CA GLN L 529 -16.59 -0.09 -7.33
C GLN L 529 -17.93 0.20 -6.66
N LEU L 530 -19.00 -0.46 -7.10
CA LEU L 530 -20.31 -0.13 -6.57
C LEU L 530 -20.56 -0.83 -5.23
N ALA L 531 -20.19 -2.10 -5.12
CA ALA L 531 -20.47 -2.85 -3.90
C ALA L 531 -19.82 -2.19 -2.70
N ILE L 532 -18.56 -1.78 -2.84
CA ILE L 532 -17.87 -1.18 -1.71
C ILE L 532 -18.45 0.19 -1.37
N SER L 533 -18.88 0.96 -2.38
CA SER L 533 -19.40 2.29 -2.12
C SER L 533 -20.68 2.22 -1.30
N GLN L 534 -21.65 1.43 -1.73
CA GLN L 534 -22.90 1.36 -0.98
C GLN L 534 -22.68 0.68 0.36
N LEU L 535 -21.62 -0.12 0.48
CA LEU L 535 -21.39 -0.85 1.71
C LEU L 535 -20.92 0.08 2.81
N GLU L 536 -20.02 1.01 2.50
CA GLU L 536 -19.63 2.01 3.46
C GLU L 536 -20.76 3.02 3.64
N THR L 537 -20.92 3.50 4.87
CA THR L 537 -22.03 4.37 5.21
C THR L 537 -21.74 5.78 4.71
N GLY L 538 -22.68 6.38 4.00
CA GLY L 538 -22.51 7.71 3.47
C GLY L 538 -23.39 8.76 4.11
N TYR L 539 -24.22 9.42 3.29
CA TYR L 539 -25.11 10.46 3.76
C TYR L 539 -26.50 10.22 3.19
N GLY L 540 -27.52 10.56 3.98
CA GLY L 540 -28.89 10.29 3.60
C GLY L 540 -29.39 8.99 4.19
N VAL L 541 -29.93 8.11 3.35
CA VAL L 541 -30.41 6.81 3.79
C VAL L 541 -29.53 5.74 3.14
N ARG L 542 -28.95 4.88 3.98
CA ARG L 542 -28.29 3.70 3.45
C ARG L 542 -29.32 2.72 2.90
N ILE L 543 -29.06 2.23 1.71
CA ILE L 543 -29.90 1.26 1.02
C ILE L 543 -29.03 0.09 0.59
N PHE L 544 -29.63 -1.09 0.47
CA PHE L 544 -28.91 -2.31 0.13
C PHE L 544 -29.50 -2.93 -1.13
N ASN L 545 -28.62 -3.46 -1.99
CA ASN L 545 -29.03 -4.11 -3.23
C ASN L 545 -28.16 -5.33 -3.51
N PRO L 546 -28.77 -6.47 -3.81
CA PRO L 546 -27.98 -7.68 -4.09
C PRO L 546 -27.11 -7.50 -5.32
N LYS L 547 -26.17 -8.44 -5.49
CA LYS L 547 -25.18 -8.30 -6.55
C LYS L 547 -25.81 -8.40 -7.92
N GLY L 548 -26.89 -9.17 -8.07
CA GLY L 548 -27.55 -9.25 -9.36
C GLY L 548 -27.96 -7.89 -9.87
N ILE L 549 -28.43 -7.02 -8.97
CA ILE L 549 -28.79 -5.66 -9.37
C ILE L 549 -27.56 -4.89 -9.81
N LEU L 550 -26.48 -4.97 -9.02
CA LEU L 550 -25.27 -4.24 -9.36
C LEU L 550 -24.75 -4.63 -10.74
N SER L 551 -24.80 -5.93 -11.07
CA SER L 551 -24.21 -6.39 -12.33
C SER L 551 -24.88 -5.72 -13.53
N LYS L 552 -26.21 -5.63 -13.51
CA LYS L 552 -26.91 -4.98 -14.60
C LYS L 552 -26.53 -3.51 -14.70
N ILE L 553 -26.46 -2.84 -13.55
CA ILE L 553 -26.26 -1.39 -13.54
C ILE L 553 -24.91 -1.02 -14.14
N ALA L 554 -23.89 -1.85 -13.94
CA ALA L 554 -22.59 -1.59 -14.53
C ALA L 554 -22.64 -1.74 -16.05
N SER L 555 -23.16 -2.87 -16.53
CA SER L 555 -23.21 -3.09 -17.97
C SER L 555 -24.04 -2.04 -18.66
N ARG L 556 -25.21 -1.73 -18.11
CA ARG L 556 -26.07 -0.71 -18.70
C ARG L 556 -25.33 0.59 -18.86
N ALA L 557 -24.61 1.00 -17.82
CA ALA L 557 -23.83 2.23 -17.88
C ALA L 557 -22.73 2.12 -18.92
N MET L 558 -22.06 0.97 -18.99
CA MET L 558 -20.99 0.84 -19.97
C MET L 558 -21.54 0.84 -21.38
N GLN L 559 -22.75 0.30 -21.57
CA GLN L 559 -23.44 0.52 -22.84
C GLN L 559 -23.62 2.01 -23.10
N ALA L 560 -24.03 2.75 -22.08
CA ALA L 560 -24.23 4.19 -22.24
C ALA L 560 -22.94 4.90 -22.59
N PHE L 561 -21.81 4.40 -22.10
CA PHE L 561 -20.54 4.98 -22.49
C PHE L 561 -20.21 4.66 -23.94
N ILE L 562 -20.49 3.44 -24.38
CA ILE L 562 -20.27 3.08 -25.78
C ILE L 562 -21.25 3.82 -26.67
N GLY L 563 -22.50 3.96 -26.24
CA GLY L 563 -23.47 4.67 -27.04
C GLY L 563 -23.07 6.11 -27.30
N ASP L 564 -22.70 6.82 -26.24
CA ASP L 564 -22.19 8.19 -26.36
C ASP L 564 -20.89 8.27 -25.57
N PRO L 565 -19.75 8.38 -26.23
CA PRO L 565 -18.51 8.62 -25.49
C PRO L 565 -18.55 9.91 -24.68
N SER L 566 -19.33 10.89 -25.13
CA SER L 566 -19.36 12.19 -24.47
C SER L 566 -20.30 12.23 -23.28
N THR L 567 -20.59 11.08 -22.69
CA THR L 567 -21.53 11.00 -21.59
C THR L 567 -20.87 11.14 -20.23
N ILE L 568 -19.54 11.20 -20.16
CA ILE L 568 -18.88 11.16 -18.86
C ILE L 568 -18.52 12.56 -18.38
N ILE L 569 -18.27 13.49 -19.30
CA ILE L 569 -18.09 14.89 -18.92
C ILE L 569 -19.38 15.56 -18.51
N THR L 570 -20.53 14.95 -18.78
CA THR L 570 -21.78 15.56 -18.41
C THR L 570 -21.88 15.73 -16.90
N GLN L 571 -22.91 16.43 -16.46
CA GLN L 571 -23.20 16.51 -15.05
C GLN L 571 -24.36 15.57 -14.71
N ALA L 572 -24.22 14.86 -13.60
CA ALA L 572 -25.29 14.02 -13.05
C ALA L 572 -25.61 12.83 -13.96
N ALA L 573 -24.61 12.38 -14.71
CA ALA L 573 -24.77 11.12 -15.42
C ALA L 573 -24.99 10.01 -14.40
N PRO L 574 -25.97 9.13 -14.61
CA PRO L 574 -26.45 8.28 -13.51
C PRO L 574 -25.36 7.46 -12.83
N VAL L 575 -24.37 6.99 -13.57
CA VAL L 575 -23.35 6.12 -13.00
C VAL L 575 -21.96 6.67 -13.24
N LEU L 576 -21.70 7.10 -14.47
CA LEU L 576 -20.37 7.54 -14.86
C LEU L 576 -20.03 8.92 -14.33
N SER L 577 -20.82 9.48 -13.43
CA SER L 577 -20.48 10.80 -12.90
C SER L 577 -19.31 10.74 -11.94
N ASP L 578 -18.95 9.56 -11.47
CA ASP L 578 -17.92 9.44 -10.44
C ASP L 578 -16.61 8.95 -11.02
N LYS L 579 -15.52 9.55 -10.55
CA LYS L 579 -14.21 9.22 -11.08
C LYS L 579 -13.84 7.76 -10.78
N ASN L 580 -14.15 7.28 -9.57
CA ASN L 580 -13.79 5.92 -9.22
C ASN L 580 -14.37 4.94 -10.21
N ASN L 581 -15.60 5.16 -10.65
CA ASN L 581 -16.14 4.36 -11.73
C ASN L 581 -15.34 4.58 -13.02
N TRP L 582 -15.05 5.84 -13.33
CA TRP L 582 -14.28 6.12 -14.54
C TRP L 582 -12.88 5.56 -14.43
N ILE L 583 -12.23 5.71 -13.27
CA ILE L 583 -10.86 5.26 -13.13
C ILE L 583 -10.77 3.76 -13.30
N ALA L 584 -11.61 3.02 -12.57
CA ALA L 584 -11.50 1.56 -12.57
C ALA L 584 -11.73 1.00 -13.96
N LEU L 585 -12.64 1.60 -14.72
CA LEU L 585 -12.82 1.20 -16.10
C LEU L 585 -11.54 1.44 -16.90
N ALA L 586 -10.89 2.58 -16.68
CA ALA L 586 -9.70 2.93 -17.45
C ALA L 586 -8.61 1.89 -17.28
N GLN L 587 -8.32 1.51 -16.04
CA GLN L 587 -7.26 0.54 -15.80
C GLN L 587 -7.69 -0.88 -16.15
N GLY L 588 -8.99 -1.14 -16.17
CA GLY L 588 -9.47 -2.49 -16.40
C GLY L 588 -9.37 -2.96 -17.82
N VAL L 589 -9.37 -2.05 -18.79
CA VAL L 589 -9.29 -2.47 -20.19
C VAL L 589 -7.92 -3.05 -20.49
N LYS L 590 -6.87 -2.48 -19.90
CA LYS L 590 -5.53 -2.96 -20.17
C LYS L 590 -5.38 -4.42 -19.79
N THR L 591 -5.78 -4.76 -18.57
CA THR L 591 -5.74 -6.15 -18.13
C THR L 591 -6.60 -7.02 -19.03
N SER L 592 -7.85 -6.60 -19.28
CA SER L 592 -8.79 -7.45 -20.00
C SER L 592 -8.30 -7.82 -21.39
N LEU L 593 -7.38 -7.04 -21.95
CA LEU L 593 -6.85 -7.39 -23.26
C LEU L 593 -5.58 -8.20 -23.14
N ARG L 594 -4.66 -7.76 -22.29
CA ARG L 594 -3.40 -8.48 -22.14
C ARG L 594 -3.60 -9.88 -21.59
N THR L 595 -4.71 -10.15 -20.93
CA THR L 595 -4.95 -11.46 -20.35
C THR L 595 -5.77 -12.37 -21.25
N LYS L 596 -6.11 -11.94 -22.45
CA LYS L 596 -6.73 -12.84 -23.40
C LYS L 596 -5.69 -13.87 -23.86
N SER L 597 -6.18 -15.03 -24.29
CA SER L 597 -5.31 -16.09 -24.80
C SER L 597 -5.87 -16.52 -26.14
N LEU L 598 -5.52 -15.77 -27.20
CA LEU L 598 -5.98 -16.05 -28.56
C LEU L 598 -7.44 -16.45 -28.60
N SER L 599 -8.26 -15.72 -27.86
CA SER L 599 -9.66 -16.06 -27.68
C SER L 599 -10.55 -15.08 -28.43
N ALA L 600 -11.82 -15.45 -28.55
CA ALA L 600 -12.80 -14.62 -29.23
C ALA L 600 -14.15 -14.81 -28.57
N GLY L 601 -15.06 -13.88 -28.86
CA GLY L 601 -16.37 -13.91 -28.23
C GLY L 601 -17.09 -15.21 -28.51
N VAL L 602 -18.01 -15.55 -27.61
CA VAL L 602 -18.71 -16.83 -27.73
C VAL L 602 -19.91 -16.71 -28.67
N LYS L 603 -20.67 -15.61 -28.58
CA LYS L 603 -21.78 -15.44 -29.50
C LYS L 603 -21.30 -15.21 -30.92
N THR L 604 -20.26 -14.38 -31.07
CA THR L 604 -19.73 -14.12 -32.39
C THR L 604 -19.16 -15.38 -33.03
N ALA L 605 -18.49 -16.21 -32.23
CA ALA L 605 -17.93 -17.44 -32.76
C ALA L 605 -18.95 -18.26 -33.53
N VAL L 606 -20.16 -18.40 -32.97
CA VAL L 606 -21.22 -19.07 -33.71
C VAL L 606 -21.61 -18.28 -34.93
N SER L 607 -21.75 -16.96 -34.78
CA SER L 607 -22.22 -16.14 -35.89
C SER L 607 -21.22 -16.15 -37.05
N LYS L 608 -19.94 -16.01 -36.74
CA LYS L 608 -18.92 -16.11 -37.78
C LYS L 608 -19.08 -17.41 -38.56
N LEU L 609 -19.15 -18.53 -37.85
CA LEU L 609 -19.35 -19.80 -38.50
C LEU L 609 -20.65 -19.81 -39.30
N SER L 610 -21.76 -19.48 -38.64
CA SER L 610 -23.06 -19.59 -39.27
C SER L 610 -23.16 -18.71 -40.50
N SER L 611 -22.60 -17.51 -40.45
CA SER L 611 -22.60 -16.65 -41.61
C SER L 611 -21.82 -17.27 -42.75
N SER L 612 -20.71 -17.93 -42.42
CA SER L 612 -19.78 -18.33 -43.47
C SER L 612 -20.35 -19.38 -44.41
N GLU L 613 -21.00 -20.42 -43.89
CA GLU L 613 -21.45 -21.45 -44.82
C GLU L 613 -22.57 -20.93 -45.72
N SER L 614 -23.19 -19.82 -45.35
CA SER L 614 -24.07 -19.14 -46.29
C SER L 614 -23.27 -18.61 -47.48
N ILE L 615 -22.08 -18.07 -47.22
CA ILE L 615 -21.23 -17.62 -48.31
C ILE L 615 -20.84 -18.81 -49.19
N GLN L 616 -20.44 -19.91 -48.56
CA GLN L 616 -20.14 -21.13 -49.30
C GLN L 616 -21.32 -21.53 -50.14
N ASN L 617 -22.51 -21.56 -49.52
CA ASN L 617 -23.71 -21.96 -50.23
C ASN L 617 -23.96 -21.06 -51.43
N TRP L 618 -23.79 -19.75 -51.25
CA TRP L 618 -23.93 -18.84 -52.38
C TRP L 618 -22.89 -19.13 -53.45
N THR L 619 -21.64 -19.37 -53.04
CA THR L 619 -20.57 -19.55 -54.00
C THR L 619 -20.85 -20.74 -54.91
N GLN L 620 -21.23 -21.87 -54.32
CA GLN L 620 -21.47 -23.09 -55.10
C GLN L 620 -22.53 -22.85 -56.16
N GLY L 621 -23.63 -22.20 -55.79
CA GLY L 621 -24.66 -21.91 -56.77
C GLY L 621 -24.15 -21.03 -57.89
N PHE L 622 -23.22 -20.13 -57.59
CA PHE L 622 -22.66 -19.28 -58.64
C PHE L 622 -21.76 -20.09 -59.56
N LEU L 623 -21.01 -21.04 -59.01
CA LEU L 623 -20.24 -21.92 -59.88
C LEU L 623 -21.16 -22.77 -60.74
N ASP L 624 -22.34 -23.09 -60.24
CA ASP L 624 -23.28 -23.89 -61.00
C ASP L 624 -23.73 -23.15 -62.26
N LYS L 625 -23.95 -21.85 -62.16
CA LYS L 625 -24.34 -21.08 -63.33
C LYS L 625 -23.28 -21.18 -64.42
N VAL L 626 -22.02 -21.33 -64.04
CA VAL L 626 -20.95 -21.43 -65.01
C VAL L 626 -21.13 -22.66 -65.88
N SER L 627 -21.34 -23.82 -65.25
CA SER L 627 -21.50 -25.04 -66.01
C SER L 627 -22.77 -25.04 -66.83
N ALA L 628 -23.79 -24.35 -66.37
CA ALA L 628 -25.05 -24.29 -67.12
C ALA L 628 -24.85 -23.57 -68.44
N HIS L 629 -23.99 -22.56 -68.46
CA HIS L 629 -23.81 -21.70 -69.63
C HIS L 629 -22.43 -21.84 -70.26
N PHE L 630 -21.61 -22.77 -69.80
CA PHE L 630 -20.36 -23.12 -70.47
C PHE L 630 -20.16 -24.62 -70.35
N PRO L 631 -21.09 -25.41 -70.89
CA PRO L 631 -21.09 -26.84 -70.59
C PRO L 631 -19.93 -27.53 -71.28
N ALA L 632 -19.14 -28.25 -70.49
CA ALA L 632 -18.03 -29.01 -71.02
C ALA L 632 -18.54 -30.07 -71.99
N PRO L 633 -17.82 -30.35 -73.08
CA PRO L 633 -18.18 -31.37 -74.06
C PRO L 633 -18.29 -32.76 -73.47
N THR M 9 66.83 35.78 -26.65
CA THR M 9 66.62 34.34 -26.60
C THR M 9 65.13 33.99 -26.64
N ILE M 10 64.29 34.92 -26.22
CA ILE M 10 62.84 34.85 -26.44
C ILE M 10 62.37 36.23 -26.86
N ASN M 11 61.49 36.27 -27.85
CA ASN M 11 61.12 37.52 -28.50
C ASN M 11 59.69 37.90 -28.14
N VAL M 12 59.54 39.00 -27.43
CA VAL M 12 58.22 39.44 -27.00
C VAL M 12 57.40 39.90 -28.19
N THR M 13 58.04 40.58 -29.14
CA THR M 13 57.34 41.13 -30.29
C THR M 13 57.44 40.24 -31.52
N GLY M 14 58.27 39.21 -31.48
CA GLY M 14 58.31 38.24 -32.55
C GLY M 14 57.04 37.40 -32.55
N ASP M 15 56.94 36.53 -33.55
CA ASP M 15 55.72 35.79 -33.80
C ASP M 15 55.74 34.45 -33.07
N GLY M 16 54.75 33.61 -33.37
CA GLY M 16 54.67 32.27 -32.82
C GLY M 16 54.12 32.22 -31.42
N ASN M 17 54.34 33.28 -30.66
CA ASN M 17 53.83 33.35 -29.30
C ASN M 17 52.32 33.29 -29.32
N VAL M 18 51.75 32.88 -28.18
CA VAL M 18 50.32 32.61 -28.10
C VAL M 18 49.72 33.31 -26.89
N PHE M 19 48.45 33.69 -27.03
CA PHE M 19 47.67 34.34 -25.97
C PHE M 19 46.33 33.62 -25.93
N LYS M 20 46.24 32.55 -25.14
CA LYS M 20 45.04 31.73 -25.04
C LYS M 20 44.67 31.56 -23.57
N PRO M 21 44.19 32.61 -22.93
CA PRO M 21 43.81 32.48 -21.52
C PRO M 21 42.54 31.65 -21.34
N SER M 22 42.67 30.48 -20.73
CA SER M 22 41.55 29.58 -20.49
C SER M 22 41.37 29.38 -19.00
N ALA M 23 40.14 29.04 -18.60
CA ALA M 23 39.81 28.98 -17.17
C ALA M 23 40.65 27.95 -16.43
N GLU M 24 40.86 26.78 -17.03
CA GLU M 24 41.60 25.70 -16.39
C GLU M 24 43.05 26.08 -16.14
N THR M 25 43.41 27.31 -16.50
CA THR M 25 44.75 27.85 -16.30
C THR M 25 44.64 29.20 -15.62
N SER M 26 43.84 29.26 -14.55
CA SER M 26 43.64 30.51 -13.82
C SER M 26 44.95 30.96 -13.20
N SER M 27 45.22 32.26 -13.29
CA SER M 27 46.46 32.80 -12.75
C SER M 27 46.41 32.92 -11.25
N THR M 28 47.56 32.71 -10.61
CA THR M 28 47.77 32.99 -9.21
C THR M 28 49.26 32.88 -8.92
N ALA M 29 49.72 33.55 -7.87
CA ALA M 29 51.08 33.35 -7.42
C ALA M 29 51.13 32.72 -6.03
N VAL M 30 50.79 33.47 -4.98
CA VAL M 30 50.63 32.98 -3.60
C VAL M 30 49.81 34.02 -2.86
N PRO M 31 48.50 33.97 -2.88
CA PRO M 31 47.73 34.99 -2.15
C PRO M 31 47.94 34.95 -0.65
N SER M 32 47.62 33.81 -0.02
CA SER M 32 47.64 33.74 1.43
C SER M 32 47.84 32.30 1.87
N LEU M 33 48.20 32.14 3.15
CA LEU M 33 48.52 30.85 3.74
C LEU M 33 47.76 30.71 5.05
N SER M 34 48.17 29.72 5.84
CA SER M 34 47.59 29.46 7.15
C SER M 34 48.72 29.54 8.18
N LEU M 35 48.92 30.73 8.73
CA LEU M 35 49.96 31.00 9.72
C LEU M 35 49.40 31.20 11.12
N SER M 36 48.20 30.69 11.39
CA SER M 36 47.61 30.85 12.71
C SER M 36 48.57 30.29 13.76
N PRO M 37 48.82 31.04 14.84
CA PRO M 37 49.83 30.57 15.80
C PRO M 37 49.45 29.27 16.46
N GLY M 38 48.16 29.05 16.71
CA GLY M 38 47.75 27.83 17.37
C GLY M 38 48.05 26.60 16.54
N MET M 39 47.69 26.62 15.28
CA MET M 39 47.86 25.38 14.53
C MET M 39 49.29 25.28 13.95
N LEU M 40 50.16 26.09 14.56
CA LEU M 40 51.54 26.23 14.13
C LEU M 40 52.57 25.98 15.23
N ASN M 41 52.17 26.00 16.50
CA ASN M 41 53.10 26.18 17.64
C ASN M 41 54.02 27.37 17.44
N PRO N 1 55.40 15.75 16.28
CA PRO N 1 55.42 16.16 17.68
C PRO N 1 55.18 17.65 17.86
N GLY N 2 55.93 18.24 18.80
CA GLY N 2 55.78 19.64 19.12
C GLY N 2 56.05 19.91 20.57
N GLY N 3 56.69 21.04 20.87
CA GLY N 3 57.06 21.36 22.24
C GLY N 3 58.51 21.75 22.39
N VAL N 4 59.20 21.17 23.37
CA VAL N 4 60.60 21.50 23.64
C VAL N 4 61.36 20.24 24.00
N PRO N 5 62.61 20.15 23.57
CA PRO N 5 63.46 19.02 23.97
C PRO N 5 63.80 19.02 25.45
N TRP N 6 64.00 17.82 25.98
CA TRP N 6 64.43 17.61 27.35
C TRP N 6 65.54 16.56 27.38
N ILE N 7 66.35 16.62 28.43
CA ILE N 7 67.35 15.60 28.71
C ILE N 7 66.98 14.98 30.06
N ALA N 8 67.60 13.85 30.36
CA ALA N 8 67.27 13.09 31.57
C ALA N 8 68.30 13.40 32.66
N VAL N 9 67.98 14.41 33.48
CA VAL N 9 68.84 14.71 34.62
C VAL N 9 68.79 13.57 35.64
N GLY N 10 67.62 13.03 35.89
CA GLY N 10 67.44 11.89 36.77
C GLY N 10 67.11 10.66 35.95
N ASP N 11 67.81 9.57 36.21
CA ASP N 11 67.67 8.34 35.45
C ASP N 11 66.35 7.62 35.70
N GLU N 12 65.55 8.10 36.66
CA GLU N 12 64.30 7.46 37.06
C GLU N 12 63.33 7.36 35.90
N THR N 13 63.09 6.13 35.46
CA THR N 13 62.50 5.90 34.15
C THR N 13 60.98 6.16 34.14
N SER N 14 60.30 5.90 35.24
CA SER N 14 58.85 5.81 35.21
C SER N 14 58.19 7.12 34.86
N VAL N 15 56.89 7.03 34.58
CA VAL N 15 55.99 8.17 34.49
C VAL N 15 55.89 8.74 35.89
N THR N 16 55.41 9.98 36.02
CA THR N 16 55.39 10.73 37.27
C THR N 16 56.66 10.52 38.10
N SER N 17 57.81 10.64 37.45
CA SER N 17 59.07 10.71 38.19
C SER N 17 59.29 12.13 38.66
N PRO N 18 59.43 12.36 39.97
CA PRO N 18 59.38 13.75 40.49
C PRO N 18 60.43 14.68 39.89
N GLY N 19 61.69 14.28 39.90
CA GLY N 19 62.76 15.15 39.43
C GLY N 19 63.36 14.65 38.15
N ALA N 20 62.50 14.21 37.23
CA ALA N 20 62.97 13.45 36.08
C ALA N 20 63.83 14.28 35.14
N LEU N 21 63.35 15.45 34.74
CA LEU N 21 63.83 16.06 33.51
C LEU N 21 64.25 17.51 33.69
N ARG N 22 64.90 18.03 32.67
CA ARG N 22 65.33 19.41 32.57
C ARG N 22 65.34 19.83 31.11
N ARG N 23 65.33 21.14 30.88
CA ARG N 23 65.31 21.65 29.52
C ARG N 23 66.64 21.37 28.81
N MET N 24 66.55 21.10 27.52
CA MET N 24 67.73 20.97 26.65
C MET N 24 68.04 22.31 26.02
N THR N 25 69.33 22.61 25.87
CA THR N 25 69.77 23.90 25.39
C THR N 25 70.62 23.74 24.13
N SER N 26 71.17 24.86 23.67
CA SER N 26 71.99 24.84 22.46
C SER N 26 73.36 24.25 22.73
N LYS N 27 73.99 24.61 23.85
CA LYS N 27 75.35 24.16 24.10
C LYS N 27 75.45 22.66 24.27
N ASP N 28 74.33 21.98 24.52
CA ASP N 28 74.34 20.53 24.52
C ASP N 28 74.58 19.98 23.12
N ILE N 29 74.21 20.72 22.09
CA ILE N 29 74.41 20.33 20.71
C ILE N 29 75.28 21.38 20.04
N PRO N 30 76.58 21.18 19.97
CA PRO N 30 77.45 22.16 19.30
C PRO N 30 77.08 22.41 17.86
N GLU N 31 76.29 21.53 17.24
CA GLU N 31 75.82 21.79 15.89
C GLU N 31 74.90 23.00 15.85
N THR N 32 73.88 23.01 16.71
CA THR N 32 72.86 24.07 16.70
C THR N 32 73.37 25.27 17.50
N ALA N 33 74.18 26.08 16.82
CA ALA N 33 74.76 27.27 17.43
C ALA N 33 75.22 28.19 16.31
N ILE N 34 75.24 29.49 16.59
CA ILE N 34 75.62 30.39 15.52
C ILE N 34 77.14 30.49 15.52
N ILE N 35 77.77 29.38 15.14
CA ILE N 35 79.14 29.38 14.66
C ILE N 35 79.19 28.33 13.57
N ASN N 36 78.21 27.43 13.60
CA ASN N 36 78.15 26.28 12.70
C ASN N 36 76.92 26.33 11.80
N THR N 37 76.19 27.43 11.80
CA THR N 37 75.14 27.60 10.82
C THR N 37 75.75 27.63 9.44
N ASP N 38 75.08 27.01 8.48
CA ASP N 38 75.48 27.20 7.09
C ASP N 38 75.14 28.62 6.68
N ASN N 39 76.14 29.34 6.19
CA ASN N 39 76.02 30.76 5.97
C ASN N 39 75.49 31.10 4.59
N SER N 40 75.09 30.10 3.81
CA SER N 40 74.39 30.40 2.56
C SER N 40 73.25 31.35 2.86
N SER N 41 73.17 32.43 2.07
CA SER N 41 72.38 33.65 2.29
C SER N 41 73.08 34.61 3.23
N GLY N 42 74.35 34.37 3.56
CA GLY N 42 75.25 35.43 3.98
C GLY N 42 74.79 36.31 5.11
N ALA N 43 74.10 35.75 6.11
CA ALA N 43 73.62 36.58 7.21
C ALA N 43 74.69 36.80 8.27
N VAL N 44 75.10 35.74 8.94
CA VAL N 44 76.01 35.89 10.08
C VAL N 44 77.41 36.26 9.59
N PRO N 45 78.07 37.23 10.22
CA PRO N 45 79.34 37.76 9.70
C PRO N 45 80.42 36.70 9.61
N SER N 46 81.22 36.78 8.55
CA SER N 46 82.39 35.93 8.43
C SER N 46 83.51 36.34 9.38
N GLU N 47 83.41 37.50 10.02
CA GLU N 47 84.37 37.91 11.03
C GLU N 47 84.45 36.90 12.16
N SER N 48 85.68 36.55 12.53
CA SER N 48 85.87 35.72 13.71
C SER N 48 85.45 36.44 14.97
N ALA N 49 85.52 37.76 14.96
CA ALA N 49 85.30 38.57 16.16
C ALA N 49 83.83 38.70 16.52
N LEU N 50 82.92 38.67 15.56
CA LEU N 50 81.54 39.07 15.79
C LEU N 50 80.65 37.83 15.78
N VAL N 51 80.60 37.16 16.93
CA VAL N 51 79.71 36.02 17.18
C VAL N 51 79.33 36.08 18.65
N PRO N 52 78.09 35.77 19.02
CA PRO N 52 77.74 35.79 20.44
C PRO N 52 78.27 34.60 21.22
N TYR N 53 78.33 33.42 20.60
CA TYR N 53 78.78 32.17 21.21
C TYR N 53 78.22 31.99 22.63
N ILE N 54 76.93 32.30 22.79
CA ILE N 54 76.22 32.12 24.04
C ILE N 54 75.14 31.08 23.83
N ASP N 55 74.80 30.34 24.89
CA ASP N 55 73.76 29.34 24.81
C ASP N 55 72.42 29.96 24.45
N GLU N 56 71.46 29.11 24.13
CA GLU N 56 70.15 29.55 23.68
C GLU N 56 69.21 28.35 23.75
N PRO N 57 67.94 28.57 24.10
CA PRO N 57 67.01 27.44 24.21
C PRO N 57 66.72 26.78 22.87
N LEU N 58 65.89 25.73 22.88
CA LEU N 58 65.50 25.05 21.67
C LEU N 58 63.98 25.04 21.56
N VAL N 59 63.48 24.69 20.38
CA VAL N 59 62.06 24.43 20.16
C VAL N 59 61.94 23.25 19.19
N VAL N 60 60.69 22.92 18.86
CA VAL N 60 60.37 21.84 17.93
C VAL N 60 59.50 22.41 16.83
N VAL N 61 59.89 22.15 15.58
CA VAL N 61 59.11 22.57 14.43
C VAL N 61 58.27 21.41 13.94
N THR N 62 56.99 21.66 13.69
CA THR N 62 56.05 20.62 13.34
C THR N 62 55.93 20.45 11.83
N GLU N 63 55.27 19.36 11.44
CA GLU N 63 54.96 19.14 10.03
C GLU N 63 54.18 20.30 9.44
N HIS N 64 53.16 20.78 10.16
CA HIS N 64 52.40 21.92 9.68
C HIS N 64 53.26 23.18 9.72
N ALA N 65 54.23 23.23 10.62
CA ALA N 65 55.14 24.37 10.67
C ALA N 65 56.07 24.38 9.47
N ILE N 66 56.71 23.25 9.20
CA ILE N 66 57.69 23.21 8.12
C ILE N 66 56.99 23.33 6.77
N THR N 67 55.77 22.85 6.68
CA THR N 67 55.06 22.90 5.40
C THR N 67 54.81 24.33 4.95
N ASN N 68 54.88 25.29 5.87
CA ASN N 68 54.51 26.68 5.60
C ASN N 68 55.70 27.61 5.45
N PHE N 69 56.69 27.51 6.32
CA PHE N 69 57.87 28.35 6.16
C PHE N 69 58.57 28.04 4.84
N THR N 70 58.42 26.82 4.34
CA THR N 70 58.89 26.49 3.00
C THR N 70 57.99 27.10 1.94
N LYS N 71 56.73 27.33 2.27
CA LYS N 71 55.83 27.93 1.28
C LYS N 71 56.13 29.41 1.10
N ALA N 72 56.63 30.07 2.14
CA ALA N 72 57.03 31.47 1.98
C ALA N 72 58.08 31.60 0.88
N GLU N 73 59.00 30.64 0.80
CA GLU N 73 60.02 30.70 -0.24
C GLU N 73 59.42 30.57 -1.63
N MET N 74 58.27 29.90 -1.76
CA MET N 74 57.64 29.81 -3.06
C MET N 74 57.25 31.20 -3.57
N ALA N 75 56.96 32.13 -2.68
CA ALA N 75 56.68 33.50 -3.10
C ALA N 75 57.90 34.12 -3.78
N LEU N 76 59.07 33.87 -3.20
CA LEU N 76 60.29 34.50 -3.71
C LEU N 76 60.59 34.06 -5.13
N GLU N 77 60.42 32.77 -5.40
CA GLU N 77 60.87 32.22 -6.66
C GLU N 77 59.87 32.44 -7.79
N PHE N 78 58.70 32.99 -7.50
CA PHE N 78 57.86 33.49 -8.57
C PHE N 78 58.44 34.73 -9.21
N ASN N 79 59.50 35.29 -8.62
CA ASN N 79 60.15 36.49 -9.12
C ASN N 79 61.66 36.33 -9.17
N ARG N 80 62.16 35.09 -9.23
CA ARG N 80 63.60 34.87 -9.24
C ARG N 80 64.27 35.63 -10.35
N GLU N 81 63.66 35.66 -11.54
CA GLU N 81 64.24 36.34 -12.68
C GLU N 81 64.51 37.81 -12.39
N PHE N 82 63.78 38.42 -11.47
CA PHE N 82 63.99 39.81 -11.12
C PHE N 82 64.89 39.99 -9.92
N LEU N 83 64.85 39.06 -8.97
CA LEU N 83 65.69 39.19 -7.79
C LEU N 83 67.16 39.19 -8.16
N ASP N 84 67.57 38.27 -9.04
CA ASP N 84 68.97 38.20 -9.42
C ASP N 84 69.35 39.38 -10.30
N LYS N 85 68.40 39.87 -11.10
CA LYS N 85 68.62 41.09 -11.84
C LYS N 85 68.87 42.26 -10.90
N MET N 86 68.59 42.02 -9.62
CA MET N 86 68.84 42.99 -8.57
C MET N 86 70.07 42.54 -7.78
N ARG N 87 70.63 41.39 -8.17
CA ARG N 87 71.83 40.82 -7.54
C ARG N 87 71.67 40.73 -6.03
N VAL N 88 70.50 40.23 -5.60
CA VAL N 88 70.21 40.04 -4.19
C VAL N 88 69.84 38.58 -3.96
N LEU N 89 70.43 37.98 -2.91
CA LEU N 89 70.09 36.65 -2.44
C LEU N 89 70.28 35.62 -3.57
N SER N 90 71.55 35.44 -3.91
CA SER N 90 71.92 34.57 -5.02
C SER N 90 71.64 33.09 -4.74
N VAL N 91 71.42 32.70 -3.50
CA VAL N 91 71.14 31.31 -3.18
C VAL N 91 69.85 31.25 -2.37
N SER N 92 68.99 30.30 -2.70
CA SER N 92 67.73 30.15 -1.99
C SER N 92 67.99 29.76 -0.54
N PRO N 93 67.13 30.17 0.38
CA PRO N 93 67.43 29.92 1.80
C PRO N 93 67.33 28.45 2.22
N LYS N 94 66.37 27.70 1.69
CA LYS N 94 66.26 26.26 1.95
C LYS N 94 66.05 25.97 3.44
N TYR N 95 64.86 26.35 3.92
CA TYR N 95 64.49 26.12 5.31
C TYR N 95 64.91 24.76 5.85
N SER N 96 64.51 23.70 5.16
CA SER N 96 64.71 22.35 5.68
C SER N 96 66.16 22.08 6.04
N ASP N 97 67.09 22.72 5.33
CA ASP N 97 68.51 22.53 5.62
C ASP N 97 68.86 23.04 7.01
N LEU N 98 68.26 24.13 7.45
CA LEU N 98 68.69 24.79 8.68
C LEU N 98 68.40 23.98 9.93
N LEU N 99 67.66 22.89 9.83
CA LEU N 99 67.17 22.18 11.00
C LEU N 99 68.26 21.26 11.57
N THR N 100 67.85 20.43 12.52
CA THR N 100 68.73 19.42 13.09
C THR N 100 67.85 18.30 13.64
N TYR N 101 68.32 17.07 13.46
CA TYR N 101 67.52 15.90 13.81
C TYR N 101 68.14 15.24 15.03
N VAL N 102 67.56 15.51 16.19
CA VAL N 102 67.90 14.83 17.42
C VAL N 102 66.69 14.02 17.83
N ASP N 103 66.88 13.10 18.78
CA ASP N 103 65.78 12.29 19.30
C ASP N 103 65.95 12.16 20.81
N CYS N 104 65.00 12.72 21.55
CA CYS N 104 65.04 12.78 23.00
C CYS N 104 63.60 12.80 23.51
N TYR N 105 63.42 13.20 24.76
CA TYR N 105 62.09 13.50 25.27
C TYR N 105 61.67 14.89 24.83
N VAL N 106 60.48 14.99 24.24
CA VAL N 106 59.96 16.26 23.74
C VAL N 106 58.58 16.50 24.33
N GLY N 107 58.30 17.77 24.64
CA GLY N 107 56.98 18.14 25.10
C GLY N 107 56.94 19.61 25.47
N VAL N 108 55.75 20.02 25.92
CA VAL N 108 55.60 21.35 26.49
C VAL N 108 56.00 21.36 27.96
N SER N 109 55.44 20.44 28.74
CA SER N 109 55.81 20.27 30.13
C SER N 109 56.52 18.95 30.30
N ALA N 110 57.52 18.93 31.17
CA ALA N 110 58.25 17.71 31.44
C ALA N 110 57.31 16.58 31.86
N ARG N 111 56.35 16.89 32.74
CA ARG N 111 55.47 15.87 33.29
C ARG N 111 54.66 15.16 32.21
N GLN N 112 54.80 15.58 30.95
CA GLN N 112 54.18 14.83 29.87
C GLN N 112 55.21 14.47 28.82
N ALA N 113 56.25 15.29 28.70
CA ALA N 113 57.37 14.90 27.84
C ALA N 113 58.04 13.63 28.35
N LEU N 114 57.89 13.33 29.64
CA LEU N 114 58.38 12.09 30.20
C LEU N 114 57.69 10.88 29.57
N ASN N 115 56.56 11.09 28.91
CA ASN N 115 55.84 10.03 28.22
C ASN N 115 56.03 10.10 26.71
N ASN N 116 56.60 11.17 26.20
CA ASN N 116 56.66 11.42 24.76
C ASN N 116 58.11 11.36 24.32
N PHE N 117 58.59 10.15 24.05
CA PHE N 117 59.91 9.95 23.48
C PHE N 117 59.75 9.72 21.98
N GLN N 118 60.36 10.58 21.18
CA GLN N 118 60.23 10.50 19.74
C GLN N 118 61.62 10.39 19.11
N LYS N 119 61.62 10.21 17.79
CA LYS N 119 62.82 10.02 16.99
C LYS N 119 62.97 11.14 15.99
N GLN N 120 64.19 11.66 15.83
CA GLN N 120 64.53 12.58 14.76
C GLN N 120 63.59 13.78 14.73
N VAL N 121 63.32 14.34 15.89
CA VAL N 121 62.47 15.53 15.96
C VAL N 121 63.29 16.74 15.52
N PRO N 122 62.82 17.53 14.55
CA PRO N 122 63.60 18.66 14.07
C PRO N 122 63.51 19.82 15.05
N VAL N 123 64.66 20.37 15.42
CA VAL N 123 64.77 21.44 16.39
C VAL N 123 65.50 22.60 15.74
N ILE N 124 65.51 23.73 16.44
CA ILE N 124 66.10 24.95 15.90
C ILE N 124 66.26 25.95 17.04
N THR N 125 67.34 26.73 16.97
CA THR N 125 67.46 27.85 17.89
C THR N 125 66.72 29.07 17.34
N PRO N 126 66.02 29.81 18.20
CA PRO N 126 65.38 31.05 17.73
C PRO N 126 66.31 32.00 17.01
N THR N 127 67.59 32.07 17.41
CA THR N 127 68.51 32.94 16.68
C THR N 127 68.55 32.57 15.20
N ARG N 128 68.67 31.29 14.90
CA ARG N 128 68.62 30.85 13.51
C ARG N 128 67.25 31.11 12.90
N GLN N 129 66.19 30.75 13.62
CA GLN N 129 64.85 30.87 13.06
C GLN N 129 64.46 32.32 12.89
N THR N 130 65.06 33.23 13.65
CA THR N 130 64.91 34.65 13.38
C THR N 130 65.76 35.06 12.18
N MET N 131 66.91 34.42 11.99
CA MET N 131 67.71 34.68 10.82
C MET N 131 66.97 34.27 9.54
N TYR N 132 66.15 33.23 9.63
CA TYR N 132 65.52 32.70 8.43
C TYR N 132 64.32 33.53 8.03
N VAL N 133 63.38 33.73 8.96
CA VAL N 133 62.17 34.49 8.63
C VAL N 133 62.55 35.88 8.15
N ASP N 134 63.66 36.42 8.65
CA ASP N 134 64.17 37.67 8.10
C ASP N 134 64.62 37.49 6.66
N SER N 135 65.31 36.39 6.36
CA SER N 135 65.86 36.23 5.02
C SER N 135 64.76 36.21 3.97
N ILE N 136 63.63 35.58 4.28
CA ILE N 136 62.47 35.72 3.42
C ILE N 136 61.99 37.16 3.38
N GLN N 137 61.96 37.82 4.54
CA GLN N 137 61.31 39.12 4.61
C GLN N 137 62.07 40.16 3.79
N ALA N 138 63.40 40.17 3.90
CA ALA N 138 64.21 41.19 3.25
C ALA N 138 64.01 41.19 1.75
N ALA N 139 63.94 40.00 1.16
CA ALA N 139 63.72 39.92 -0.28
C ALA N 139 62.39 40.55 -0.67
N LEU N 140 61.37 40.37 0.16
CA LEU N 140 60.06 40.96 -0.15
C LEU N 140 60.17 42.47 -0.30
N LYS N 141 60.89 43.12 0.61
CA LYS N 141 61.05 44.56 0.51
C LYS N 141 61.77 44.96 -0.78
N ALA N 142 62.67 44.10 -1.25
CA ALA N 142 63.27 44.35 -2.56
C ALA N 142 62.26 44.20 -3.69
N LEU N 143 61.12 43.57 -3.42
CA LEU N 143 60.11 43.29 -4.44
C LEU N 143 58.86 44.12 -4.26
N GLU N 144 58.92 45.24 -3.55
CA GLU N 144 57.70 46.00 -3.30
C GLU N 144 57.14 46.57 -4.60
N LYS N 145 57.94 47.30 -5.35
CA LYS N 145 57.43 47.92 -6.57
C LYS N 145 57.28 46.93 -7.72
N TRP N 146 58.13 45.91 -7.77
CA TRP N 146 58.08 44.97 -8.88
C TRP N 146 56.77 44.19 -8.90
N GLU N 147 56.22 43.85 -7.74
CA GLU N 147 54.94 43.18 -7.72
C GLU N 147 53.80 44.13 -8.06
N ILE N 148 53.89 45.37 -7.59
CA ILE N 148 52.90 46.37 -7.98
C ILE N 148 52.82 46.46 -9.50
N ASP N 149 53.99 46.49 -10.14
CA ASP N 149 54.02 46.66 -11.58
C ASP N 149 53.47 45.45 -12.32
N LEU N 150 53.83 44.24 -11.87
CA LEU N 150 53.34 43.05 -12.54
C LEU N 150 51.82 42.97 -12.47
N ARG N 151 51.25 43.26 -11.30
CA ARG N 151 49.81 43.14 -11.15
C ARG N 151 49.08 44.08 -12.11
N VAL N 152 49.60 45.29 -12.27
CA VAL N 152 48.94 46.26 -13.15
C VAL N 152 48.96 45.78 -14.58
N ALA N 153 50.09 45.23 -15.02
CA ALA N 153 50.17 44.67 -16.37
C ALA N 153 49.15 43.56 -16.57
N GLN N 154 48.82 42.83 -15.50
CA GLN N 154 47.87 41.73 -15.63
C GLN N 154 46.45 42.23 -15.79
N THR N 155 46.05 43.22 -15.00
CA THR N 155 44.66 43.64 -14.95
C THR N 155 44.33 44.76 -15.91
N LEU N 156 45.32 45.28 -16.65
CA LEU N 156 45.01 46.34 -17.60
C LEU N 156 44.10 45.83 -18.71
N LEU N 157 43.98 44.52 -18.86
CA LEU N 157 43.11 43.89 -19.84
C LEU N 157 42.73 42.51 -19.29
N PRO N 158 41.67 41.91 -19.79
CA PRO N 158 41.21 40.65 -19.17
C PRO N 158 42.09 39.44 -19.49
N THR N 159 42.87 38.98 -18.52
CA THR N 159 43.70 37.80 -18.72
C THR N 159 43.11 36.54 -18.09
N ASN N 160 42.06 36.65 -17.30
CA ASN N 160 41.39 35.48 -16.74
C ASN N 160 39.92 35.51 -17.13
N VAL N 161 39.43 34.35 -17.56
CA VAL N 161 38.07 34.22 -18.08
C VAL N 161 37.31 33.17 -17.28
N PRO N 162 36.08 33.46 -16.87
CA PRO N 162 35.35 32.52 -16.01
C PRO N 162 35.12 31.16 -16.62
N ILE N 163 35.01 31.05 -17.94
CA ILE N 163 34.74 29.77 -18.58
C ILE N 163 35.14 29.87 -20.04
N GLY N 164 35.75 28.79 -20.54
CA GLY N 164 36.09 28.74 -21.95
C GLY N 164 37.46 29.31 -22.24
N GLU N 165 37.69 29.58 -23.53
CA GLU N 165 39.00 30.01 -23.99
C GLU N 165 38.84 31.23 -24.89
N VAL N 166 39.72 32.21 -24.69
CA VAL N 166 39.78 33.40 -25.52
C VAL N 166 41.15 33.47 -26.17
N SER N 167 41.25 34.24 -27.25
CA SER N 167 42.48 34.23 -28.03
C SER N 167 42.68 35.57 -28.71
N CYS N 168 43.94 35.86 -29.04
CA CYS N 168 44.37 37.11 -29.66
C CYS N 168 45.84 37.02 -30.08
N PRO N 169 46.21 37.60 -31.20
CA PRO N 169 47.62 37.56 -31.60
C PRO N 169 48.49 38.41 -30.68
N MET N 170 49.59 37.80 -30.22
CA MET N 170 50.42 38.44 -29.21
C MET N 170 51.02 39.74 -29.70
N GLN N 171 51.45 39.79 -30.96
CA GLN N 171 52.00 41.01 -31.50
C GLN N 171 51.03 42.16 -31.36
N SER N 172 49.73 41.89 -31.44
CA SER N 172 48.74 42.92 -31.16
C SER N 172 48.84 43.39 -29.72
N VAL N 173 48.79 42.45 -28.77
CA VAL N 173 48.56 42.84 -27.40
C VAL N 173 49.75 43.61 -26.84
N VAL N 174 50.97 43.19 -27.17
CA VAL N 174 52.13 43.90 -26.65
C VAL N 174 52.15 45.34 -27.15
N LYS N 175 51.70 45.55 -28.38
CA LYS N 175 51.62 46.91 -28.90
C LYS N 175 50.68 47.75 -28.07
N LEU N 176 49.54 47.18 -27.68
CA LEU N 176 48.64 47.89 -26.77
C LEU N 176 49.25 48.04 -25.39
N LEU N 177 49.95 47.02 -24.92
CA LEU N 177 50.67 47.13 -23.66
C LEU N 177 51.70 48.24 -23.72
N ASP N 178 52.47 48.31 -24.82
CA ASP N 178 53.44 49.38 -24.93
C ASP N 178 52.81 50.76 -24.95
N ASP N 179 51.49 50.84 -24.95
CA ASP N 179 50.79 52.09 -25.14
C ASP N 179 50.17 52.63 -23.87
N GLN N 180 50.01 51.82 -22.82
CA GLN N 180 49.29 52.24 -21.63
C GLN N 180 50.04 52.06 -20.33
N LEU N 181 51.08 51.24 -20.28
CA LEU N 181 51.89 51.19 -19.07
C LEU N 181 52.57 52.52 -18.83
N PRO N 182 52.68 52.95 -17.59
CA PRO N 182 53.33 54.23 -17.31
C PRO N 182 54.81 54.18 -17.67
N ASP N 183 55.34 55.34 -18.03
CA ASP N 183 56.74 55.44 -18.45
C ASP N 183 57.71 54.96 -17.39
N ASP N 184 57.30 54.96 -16.13
CA ASP N 184 58.15 54.50 -15.03
C ASP N 184 57.98 53.02 -14.75
N SER N 185 57.21 52.30 -15.57
CA SER N 185 57.01 50.88 -15.34
C SER N 185 58.32 50.11 -15.35
N LEU N 186 58.50 49.25 -14.35
CA LEU N 186 59.65 48.37 -14.36
C LEU N 186 59.58 47.38 -15.51
N ILE N 187 58.36 47.05 -15.97
CA ILE N 187 58.24 46.18 -17.13
C ILE N 187 58.90 46.81 -18.33
N ARG N 188 58.70 48.11 -18.52
CA ARG N 188 59.36 48.82 -19.61
C ARG N 188 60.87 48.68 -19.52
N ARG N 189 61.42 48.79 -18.31
CA ARG N 189 62.86 48.70 -18.17
C ARG N 189 63.37 47.29 -18.41
N TYR N 190 62.64 46.28 -17.95
CA TYR N 190 63.05 44.88 -18.04
C TYR N 190 61.93 44.07 -18.66
N PRO N 191 61.72 44.21 -19.97
CA PRO N 191 60.60 43.49 -20.59
C PRO N 191 60.80 41.99 -20.63
N LYS N 192 62.04 41.51 -20.63
CA LYS N 192 62.28 40.08 -20.68
C LYS N 192 61.81 39.40 -19.40
N GLU N 193 62.20 39.94 -18.26
CA GLU N 193 61.89 39.30 -16.99
C GLU N 193 60.40 39.32 -16.69
N ALA N 194 59.66 40.24 -17.32
CA ALA N 194 58.21 40.23 -17.14
C ALA N 194 57.58 39.06 -17.87
N ALA N 195 58.04 38.80 -19.10
CA ALA N 195 57.44 37.74 -19.89
C ALA N 195 57.60 36.38 -19.22
N VAL N 196 58.78 36.13 -18.67
CA VAL N 196 58.98 34.88 -17.95
C VAL N 196 58.15 34.84 -16.67
N ALA N 197 58.04 35.97 -15.98
CA ALA N 197 57.27 36.00 -14.74
C ALA N 197 55.81 35.67 -14.99
N LEU N 198 55.23 36.23 -16.04
CA LEU N 198 53.83 36.00 -16.32
C LEU N 198 53.57 34.57 -16.74
N ALA N 199 54.40 34.05 -17.66
CA ALA N 199 54.22 32.68 -18.11
C ALA N 199 54.46 31.66 -17.01
N LYS N 200 55.04 32.08 -15.89
CA LYS N 200 55.15 31.23 -14.72
C LYS N 200 53.86 31.18 -13.92
N ARG N 201 52.93 32.10 -14.16
CA ARG N 201 51.71 32.15 -13.37
C ARG N 201 50.43 32.15 -14.20
N ASN N 202 50.52 32.16 -15.53
CA ASN N 202 49.34 32.09 -16.39
C ASN N 202 49.57 31.02 -17.45
N GLY N 203 48.78 29.96 -17.40
CA GLY N 203 48.92 28.90 -18.38
C GLY N 203 48.46 29.28 -19.77
N GLY N 204 47.91 30.47 -19.94
CA GLY N 204 47.39 30.88 -21.23
C GLY N 204 48.41 31.55 -22.12
N ILE N 205 49.32 32.33 -21.54
CA ILE N 205 50.28 33.11 -22.31
C ILE N 205 51.61 32.40 -22.28
N GLN N 206 52.22 32.24 -23.45
CA GLN N 206 53.35 31.37 -23.65
C GLN N 206 54.27 31.97 -24.70
N TRP N 207 55.53 31.54 -24.68
CA TRP N 207 56.53 32.08 -25.59
C TRP N 207 57.21 30.93 -26.33
N MET N 208 57.18 30.98 -27.65
CA MET N 208 57.99 30.09 -28.45
C MET N 208 59.47 30.31 -28.17
N ASP N 209 60.21 29.21 -28.00
CA ASP N 209 61.65 29.29 -27.83
C ASP N 209 62.31 29.36 -29.20
N VAL N 210 63.00 30.47 -29.48
CA VAL N 210 63.57 30.69 -30.80
C VAL N 210 64.61 29.63 -31.15
N SER N 211 65.26 29.05 -30.14
CA SER N 211 66.24 28.00 -30.43
C SER N 211 65.56 26.77 -31.02
N GLU N 212 64.46 26.34 -30.43
CA GLU N 212 63.67 25.24 -30.98
C GLU N 212 62.59 25.72 -31.94
N GLY N 213 62.17 26.97 -31.85
CA GLY N 213 60.99 27.41 -32.58
C GLY N 213 59.74 26.70 -32.10
N THR N 214 59.64 26.42 -30.81
CA THR N 214 58.56 25.63 -30.25
C THR N 214 58.03 26.28 -28.99
N VAL N 215 56.73 26.07 -28.72
CA VAL N 215 56.05 26.69 -27.60
C VAL N 215 55.46 25.60 -26.72
N MET N 216 55.57 25.80 -25.41
CA MET N 216 55.00 24.89 -24.43
C MET N 216 54.42 25.72 -23.28
N ASN N 217 53.46 25.12 -22.58
CA ASN N 217 53.02 25.68 -21.31
C ASN N 217 54.19 25.71 -20.34
N GLU N 218 54.24 26.79 -19.55
CA GLU N 218 55.23 26.92 -18.49
C GLU N 218 54.61 27.02 -17.10
N ALA N 219 53.28 27.14 -17.02
CA ALA N 219 52.64 27.51 -15.77
C ALA N 219 52.91 26.48 -14.68
N VAL N 220 52.98 26.96 -13.44
CA VAL N 220 53.29 26.13 -12.29
C VAL N 220 52.02 25.80 -11.52
N ASN N 221 51.04 26.69 -11.57
CA ASN N 221 49.85 26.57 -10.73
C ASN N 221 48.74 25.80 -11.45
N ALA N 222 49.03 24.55 -11.78
CA ALA N 222 48.06 23.75 -12.52
C ALA N 222 46.95 23.25 -11.61
N VAL N 223 47.31 22.56 -10.53
CA VAL N 223 46.31 21.99 -9.65
C VAL N 223 45.49 23.09 -8.98
N ALA N 224 46.15 24.19 -8.61
CA ALA N 224 45.41 25.31 -8.03
C ALA N 224 44.37 25.84 -9.01
N ALA N 225 44.70 25.83 -10.30
CA ALA N 225 43.74 26.24 -11.31
C ALA N 225 42.55 25.32 -11.39
N SER N 226 42.73 24.04 -11.09
CA SER N 226 41.64 23.08 -11.26
C SER N 226 40.44 23.45 -10.40
N ALA N 227 40.66 23.66 -9.10
CA ALA N 227 39.56 23.94 -8.20
C ALA N 227 38.81 25.21 -8.56
N LEU N 228 39.42 26.09 -9.34
CA LEU N 228 38.84 27.39 -9.66
C LEU N 228 38.01 27.40 -10.95
N ALA N 229 38.06 26.36 -11.75
CA ALA N 229 37.33 26.53 -13.01
C ALA N 229 36.03 25.76 -12.98
N PRO N 230 34.92 26.39 -13.37
CA PRO N 230 33.64 25.66 -13.42
C PRO N 230 33.69 24.55 -14.45
N SER N 231 33.01 23.45 -14.15
CA SER N 231 32.92 22.33 -15.07
C SER N 231 31.71 22.51 -16.00
N ALA N 232 31.41 21.46 -16.76
CA ALA N 232 30.41 21.56 -17.82
C ALA N 232 29.02 21.89 -17.28
N SER N 233 28.74 21.58 -16.02
CA SER N 233 27.43 21.86 -15.47
C SER N 233 27.46 22.33 -14.02
N ALA N 234 28.60 22.77 -13.51
CA ALA N 234 28.70 23.10 -12.10
C ALA N 234 29.63 24.27 -11.89
N PRO N 235 29.38 25.08 -10.87
CA PRO N 235 30.33 26.12 -10.49
C PRO N 235 31.60 25.50 -9.93
N PRO N 236 32.68 26.25 -9.83
CA PRO N 236 33.92 25.67 -9.31
C PRO N 236 33.77 25.25 -7.86
N LEU N 237 34.63 24.31 -7.45
CA LEU N 237 34.61 23.82 -6.08
C LEU N 237 34.76 24.96 -5.08
N GLU N 238 35.43 26.04 -5.47
CA GLU N 238 35.73 27.10 -4.52
C GLU N 238 34.46 27.75 -4.01
N GLU N 239 33.58 28.17 -4.91
CA GLU N 239 32.39 28.88 -4.48
C GLU N 239 31.55 28.02 -3.57
N LYS N 240 31.36 26.75 -3.93
CA LYS N 240 30.68 25.84 -3.03
C LYS N 240 31.42 25.75 -1.70
N SER N 241 32.72 25.53 -1.76
CA SER N 241 33.52 25.39 -0.54
C SER N 241 33.62 26.71 0.22
N LYS N 242 33.71 27.82 -0.49
CA LYS N 242 33.87 29.08 0.22
C LYS N 242 32.54 29.61 0.74
N LEU N 243 31.49 29.61 -0.09
CA LEU N 243 30.24 30.24 0.31
C LEU N 243 29.67 29.63 1.57
N THR N 244 29.62 28.30 1.63
CA THR N 244 29.09 27.66 2.83
C THR N 244 30.00 27.87 4.03
N GLU N 245 31.25 28.24 3.82
CA GLU N 245 32.09 28.59 4.95
C GLU N 245 31.56 29.84 5.65
N GLN N 246 31.04 30.79 4.88
CA GLN N 246 30.30 31.89 5.48
C GLN N 246 29.06 31.38 6.21
N ALA N 247 28.32 30.47 5.56
CA ALA N 247 27.01 30.09 6.06
C ALA N 247 27.10 29.50 7.46
N MET N 248 27.92 28.47 7.63
CA MET N 248 28.09 27.88 8.95
C MET N 248 28.71 28.87 9.91
N ASP N 249 29.47 29.83 9.38
CA ASP N 249 30.16 30.78 10.24
C ASP N 249 29.17 31.66 10.98
N LEU N 250 28.15 32.16 10.28
CA LEU N 250 27.20 33.06 10.91
C LEU N 250 26.42 32.35 12.01
N VAL N 251 25.89 31.17 11.71
CA VAL N 251 25.09 30.46 12.70
C VAL N 251 25.92 30.16 13.94
N THR N 252 27.20 29.83 13.75
CA THR N 252 28.07 29.67 14.91
C THR N 252 28.22 30.99 15.65
N ALA N 253 28.48 32.08 14.92
CA ALA N 253 28.58 33.38 15.55
C ALA N 253 27.23 33.88 16.04
N ALA N 254 26.13 33.31 15.56
CA ALA N 254 24.83 33.69 16.08
C ALA N 254 24.56 33.10 17.45
N GLU N 255 25.27 32.03 17.83
CA GLU N 255 24.98 31.28 19.06
C GLU N 255 23.52 30.90 19.10
N PRO N 256 23.07 29.94 18.31
CA PRO N 256 21.63 29.63 18.28
C PRO N 256 21.10 29.12 19.60
N GLU N 257 21.95 28.59 20.47
CA GLU N 257 21.47 28.07 21.75
C GLU N 257 20.81 29.16 22.57
N ILE N 258 21.46 30.31 22.69
CA ILE N 258 20.93 31.36 23.55
C ILE N 258 19.69 31.99 22.92
N ILE N 259 19.73 32.25 21.61
CA ILE N 259 18.60 32.91 20.96
C ILE N 259 17.38 32.02 20.88
N ALA N 260 17.55 30.71 21.12
CA ALA N 260 16.45 29.76 21.13
C ALA N 260 16.19 29.19 22.52
N SER N 261 16.73 29.82 23.56
CA SER N 261 16.63 29.26 24.90
C SER N 261 15.21 29.37 25.43
N LEU N 262 14.92 28.53 26.44
CA LEU N 262 13.63 28.49 27.11
C LEU N 262 13.75 28.70 28.61
N VAL N 263 14.85 29.30 29.07
CA VAL N 263 15.07 29.55 30.48
C VAL N 263 15.63 30.94 30.65
N PRO N 264 15.70 31.45 31.88
CA PRO N 264 16.37 32.74 32.10
C PRO N 264 17.80 32.70 31.60
N VAL N 265 18.23 33.80 30.99
CA VAL N 265 19.56 33.88 30.40
C VAL N 265 20.27 35.12 30.94
N PRO N 266 21.44 34.96 31.56
CA PRO N 266 22.12 36.13 32.14
C PRO N 266 22.37 37.23 31.12
N ALA N 267 22.07 38.45 31.53
CA ALA N 267 22.05 39.58 30.60
C ALA N 267 23.39 39.85 29.93
N PRO N 268 24.53 39.90 30.63
CA PRO N 268 25.77 40.31 29.97
C PRO N 268 26.17 39.41 28.83
N VAL N 269 25.63 38.20 28.77
CA VAL N 269 25.93 37.28 27.69
C VAL N 269 25.02 37.51 26.49
N PHE N 270 23.76 37.84 26.76
CA PHE N 270 22.73 37.86 25.72
C PHE N 270 22.77 39.12 24.86
N ALA N 271 23.50 40.15 25.29
CA ALA N 271 23.45 41.41 24.56
C ALA N 271 24.61 41.54 23.58
N ILE N 272 24.38 42.34 22.55
CA ILE N 272 25.40 42.71 21.57
C ILE N 272 25.54 44.23 21.58
N PRO N 273 26.62 44.77 21.04
CA PRO N 273 26.79 46.22 20.99
C PRO N 273 25.64 46.89 20.24
N PRO N 274 24.97 47.83 20.87
CA PRO N 274 23.75 48.39 20.30
C PRO N 274 23.99 49.57 19.37
N LYS N 275 22.90 50.18 18.90
CA LYS N 275 22.90 51.33 18.02
C LYS N 275 21.97 52.40 18.59
N PRO N 276 22.21 53.67 18.25
CA PRO N 276 21.40 54.76 18.83
C PRO N 276 19.93 54.71 18.38
N ALA N 277 19.14 55.63 18.92
CA ALA N 277 17.72 55.71 18.62
C ALA N 277 17.29 57.17 18.64
N ASP N 278 16.11 57.43 18.09
CA ASP N 278 15.55 58.78 18.03
C ASP N 278 14.15 58.78 18.61
N TYR N 279 13.81 59.88 19.28
CA TYR N 279 12.49 60.02 19.89
C TYR N 279 12.11 61.49 19.89
N ASN N 280 10.81 61.75 20.03
CA ASN N 280 10.28 63.11 20.17
C ASN N 280 9.22 63.06 21.25
N VAL N 281 9.59 63.47 22.47
CA VAL N 281 8.88 63.07 23.67
C VAL N 281 7.41 63.49 23.61
N ARG N 282 7.16 64.73 23.22
CA ARG N 282 5.77 65.19 23.13
C ARG N 282 4.96 64.33 22.16
N THR N 283 5.60 63.85 21.09
CA THR N 283 4.89 63.05 20.13
C THR N 283 4.51 61.68 20.70
N LEU N 284 5.36 61.14 21.56
CA LEU N 284 5.13 59.83 22.15
C LEU N 284 4.09 59.79 23.26
N ARG N 285 3.21 58.79 23.22
CA ARG N 285 2.17 58.62 24.22
C ARG N 285 2.79 58.29 25.57
N ILE N 286 2.23 58.83 26.64
CA ILE N 286 2.73 58.59 27.99
C ILE N 286 2.63 57.13 28.42
N ASP N 287 1.51 56.49 28.10
CA ASP N 287 1.31 55.10 28.47
C ASP N 287 2.30 54.17 27.80
N GLU N 288 2.57 54.40 26.52
CA GLU N 288 3.50 53.59 25.75
C GLU N 288 4.91 53.71 26.32
N ALA N 289 5.29 54.93 26.69
CA ALA N 289 6.61 55.18 27.23
C ALA N 289 6.63 55.09 28.75
N THR N 290 6.63 53.85 29.26
CA THR N 290 6.66 53.61 30.70
C THR N 290 7.78 54.37 31.40
N TRP N 291 8.73 54.91 30.64
CA TRP N 291 9.81 55.71 31.19
C TRP N 291 9.51 57.20 31.15
N LEU N 292 8.25 57.57 31.27
CA LEU N 292 7.85 58.97 31.22
C LEU N 292 6.84 59.25 32.30
N ARG N 293 7.20 60.11 33.24
CA ARG N 293 6.27 60.65 34.21
C ARG N 293 5.83 62.04 33.75
N MET N 294 4.59 62.38 34.06
CA MET N 294 3.97 63.55 33.46
C MET N 294 3.02 64.18 34.46
N ILE N 295 3.08 65.50 34.57
CA ILE N 295 2.26 66.22 35.55
C ILE N 295 0.86 66.40 34.96
N PRO N 296 -0.18 66.28 35.77
CA PRO N 296 -1.55 66.41 35.23
C PRO N 296 -1.83 67.80 34.71
N LYS N 297 -2.72 67.87 33.72
CA LYS N 297 -3.23 69.13 33.23
C LYS N 297 -4.29 69.65 34.20
N SER N 298 -5.04 70.64 33.73
CA SER N 298 -6.32 71.03 34.33
C SER N 298 -6.18 71.28 35.82
N MET N 299 -5.08 71.92 36.21
CA MET N 299 -4.90 72.38 37.56
C MET N 299 -4.54 73.85 37.66
N ASN N 300 -3.91 74.44 36.64
CA ASN N 300 -3.60 75.85 36.68
C ASN N 300 -2.73 76.25 37.85
N THR N 301 -2.00 75.29 38.41
CA THR N 301 -1.14 75.53 39.57
C THR N 301 0.28 75.72 39.05
N PRO N 302 0.63 76.96 38.71
CA PRO N 302 1.92 77.29 38.11
C PRO N 302 2.80 77.87 39.20
N PHE N 303 3.93 77.23 39.45
CA PHE N 303 4.84 77.64 40.50
C PHE N 303 6.28 77.58 40.00
N GLN N 304 7.16 78.26 40.73
CA GLN N 304 8.48 78.62 40.25
C GLN N 304 9.53 78.33 41.31
N ILE N 305 10.75 78.00 40.88
CA ILE N 305 11.83 77.68 41.80
C ILE N 305 13.17 78.13 41.24
N GLN N 306 14.19 78.00 42.09
CA GLN N 306 15.57 78.30 41.76
C GLN N 306 16.40 77.04 41.85
N VAL N 307 17.43 76.96 41.03
CA VAL N 307 18.34 75.81 41.02
C VAL N 307 19.76 76.34 40.98
N THR N 308 20.70 75.55 41.49
CA THR N 308 22.12 75.88 41.42
C THR N 308 22.82 74.91 40.48
N ASP N 309 23.81 75.44 39.76
CA ASP N 309 24.70 74.62 38.95
C ASP N 309 25.81 74.08 39.85
N ASN N 310 26.83 73.49 39.26
CA ASN N 310 27.99 73.08 40.05
C ASN N 310 28.91 74.24 40.35
N THR N 311 28.73 75.37 39.68
CA THR N 311 29.53 76.55 39.95
C THR N 311 28.83 77.50 40.92
N GLY N 312 27.72 77.07 41.51
CA GLY N 312 27.01 77.90 42.46
C GLY N 312 26.14 78.97 41.85
N THR N 313 26.06 79.04 40.53
CA THR N 313 25.21 80.02 39.87
C THR N 313 23.74 79.64 40.05
N ASN N 314 22.90 80.65 40.26
CA ASN N 314 21.48 80.41 40.44
C ASN N 314 20.75 80.53 39.11
N TRP N 315 19.60 79.85 39.03
CA TRP N 315 18.81 79.81 37.82
C TRP N 315 17.33 79.67 38.17
N HIS N 316 16.53 80.58 37.63
CA HIS N 316 15.08 80.52 37.81
C HIS N 316 14.45 79.81 36.62
N LEU N 317 13.31 79.18 36.88
CA LEU N 317 12.56 78.45 35.88
C LEU N 317 11.16 78.20 36.40
N ASN N 318 10.22 77.95 35.50
CA ASN N 318 8.84 77.71 35.87
C ASN N 318 8.43 76.26 35.60
N LEU N 319 7.25 75.90 36.11
CA LEU N 319 6.61 74.62 35.85
C LEU N 319 5.11 74.82 35.83
N ARG N 320 4.42 73.97 35.07
CA ARG N 320 2.97 74.05 34.98
C ARG N 320 2.40 72.65 34.76
N GLY N 321 1.11 72.60 34.49
CA GLY N 321 0.51 71.39 33.96
C GLY N 321 0.91 71.17 32.51
N GLY N 322 1.48 70.01 32.22
CA GLY N 322 1.94 69.70 30.88
C GLY N 322 3.38 69.29 30.79
N THR N 323 4.03 68.99 31.90
CA THR N 323 5.46 68.72 31.90
C THR N 323 5.70 67.22 31.84
N ARG N 324 6.53 66.80 30.90
CA ARG N 324 6.95 65.40 30.79
C ARG N 324 8.39 65.28 31.27
N VAL N 325 8.69 64.17 31.94
CA VAL N 325 10.02 63.90 32.48
C VAL N 325 10.29 62.41 32.30
N VAL N 326 11.49 61.98 32.70
CA VAL N 326 11.86 60.58 32.62
C VAL N 326 12.04 60.04 34.03
N ASN N 327 11.87 58.73 34.16
CA ASN N 327 12.07 58.03 35.42
C ASN N 327 13.47 57.42 35.37
N LEU N 328 14.44 58.14 35.93
CA LEU N 328 15.84 57.77 35.80
C LEU N 328 16.18 56.48 36.51
N ASP N 329 15.32 55.99 37.39
CA ASP N 329 15.53 54.66 37.93
C ASP N 329 15.37 53.63 36.82
N GLN N 330 15.97 52.45 37.02
CA GLN N 330 15.88 51.33 36.09
C GLN N 330 16.01 51.79 34.64
N ILE N 331 17.15 52.39 34.34
CA ILE N 331 17.45 52.90 33.00
C ILE N 331 18.69 52.27 32.40
N ALA N 332 19.54 51.59 33.19
CA ALA N 332 20.76 51.00 32.66
C ALA N 332 21.64 52.06 32.03
N PRO N 333 22.51 52.72 32.82
CA PRO N 333 23.01 54.07 32.52
C PRO N 333 23.25 54.38 31.06
N MET N 334 22.88 55.60 30.67
CA MET N 334 22.51 55.92 29.31
C MET N 334 23.08 57.29 28.97
N ARG N 335 22.98 57.68 27.70
CA ARG N 335 23.39 59.00 27.27
C ARG N 335 22.24 59.71 26.55
N PHE N 336 21.99 60.95 26.93
CA PHE N 336 20.96 61.77 26.33
C PHE N 336 21.58 62.95 25.59
N VAL N 337 20.95 63.35 24.51
CA VAL N 337 21.40 64.51 23.74
C VAL N 337 20.24 65.04 22.90
N LEU N 338 20.07 66.35 22.88
CA LEU N 338 18.84 66.97 22.39
C LEU N 338 19.14 67.88 21.21
N ASP N 339 18.19 67.95 20.29
CA ASP N 339 18.29 68.76 19.08
C ASP N 339 17.03 69.61 18.98
N LEU N 340 17.13 70.87 19.37
CA LEU N 340 16.00 71.78 19.28
C LEU N 340 15.81 72.37 17.90
N GLY N 341 16.69 72.05 16.96
CA GLY N 341 16.63 72.63 15.64
C GLY N 341 15.30 72.44 14.94
N GLY N 342 14.66 73.56 14.59
CA GLY N 342 13.39 73.53 13.88
C GLY N 342 12.22 74.02 14.69
N LYS N 343 12.29 73.98 16.00
CA LYS N 343 11.14 74.33 16.81
C LYS N 343 11.06 75.85 17.03
N SER N 344 9.85 76.38 16.91
CA SER N 344 9.67 77.82 16.86
C SER N 344 9.69 78.45 18.24
N TYR N 345 8.75 78.06 19.11
CA TYR N 345 8.64 78.56 20.48
C TYR N 345 8.44 80.06 20.56
N LYS N 346 8.19 80.73 19.44
CA LYS N 346 8.07 82.18 19.45
C LYS N 346 6.74 82.61 20.05
N GLU N 347 6.80 83.51 21.03
CA GLU N 347 5.60 83.94 21.75
C GLU N 347 5.45 85.44 21.60
N THR N 348 4.31 85.95 22.07
CA THR N 348 4.09 87.39 22.06
C THR N 348 4.95 88.09 23.11
N SER N 349 5.01 87.53 24.31
CA SER N 349 5.83 88.07 25.39
C SER N 349 7.07 87.22 25.63
N TRP N 350 7.49 86.44 24.64
CA TRP N 350 8.67 85.59 24.84
C TRP N 350 9.36 85.35 23.51
N ASP N 351 10.68 85.52 23.50
CA ASP N 351 11.51 85.20 22.37
C ASP N 351 12.46 84.09 22.77
N PRO N 352 12.50 82.95 22.06
CA PRO N 352 13.53 81.96 22.35
C PRO N 352 14.93 82.48 22.14
N ASN N 353 15.13 83.37 21.16
CA ASN N 353 16.46 83.80 20.80
C ASN N 353 17.16 84.47 21.98
N GLY N 354 18.34 83.97 22.32
CA GLY N 354 19.09 84.51 23.42
C GLY N 354 18.67 84.06 24.79
N LYS N 355 17.88 83.00 24.89
CA LYS N 355 17.48 82.47 26.19
C LYS N 355 18.41 81.32 26.58
N LYS N 356 18.06 80.61 27.65
CA LYS N 356 18.86 79.50 28.13
C LYS N 356 17.98 78.28 28.35
N VAL N 357 18.46 77.14 27.88
CA VAL N 357 17.88 75.83 28.13
C VAL N 357 18.97 74.94 28.69
N GLY N 358 18.59 74.06 29.61
CA GLY N 358 19.56 73.14 30.17
C GLY N 358 18.91 71.91 30.76
N PHE N 359 19.74 70.89 31.00
CA PHE N 359 19.29 69.64 31.60
C PHE N 359 19.25 69.80 33.11
N ILE N 360 18.10 69.49 33.72
CA ILE N 360 17.93 69.59 35.16
C ILE N 360 17.53 68.22 35.68
N VAL N 361 18.17 67.80 36.76
CA VAL N 361 17.97 66.48 37.36
C VAL N 361 17.40 66.66 38.76
N PHE N 362 16.46 65.80 39.13
CA PHE N 362 15.74 65.90 40.41
C PHE N 362 15.96 64.64 41.23
N GLN N 363 16.36 64.80 42.48
CA GLN N 363 16.62 63.70 43.41
C GLN N 363 15.69 63.89 44.61
N SER N 364 14.53 63.24 44.60
CA SER N 364 13.56 63.43 45.67
C SER N 364 12.93 62.09 46.05
N LYS N 365 11.91 62.17 46.91
CA LYS N 365 11.15 61.03 47.36
C LYS N 365 9.70 61.04 46.91
N ILE N 366 9.06 62.20 46.85
CA ILE N 366 7.64 62.26 46.50
C ILE N 366 7.47 61.94 45.03
N PRO N 367 6.45 61.18 44.64
CA PRO N 367 6.20 60.94 43.22
C PRO N 367 5.94 62.22 42.45
N PHE N 368 6.34 62.20 41.18
CA PHE N 368 6.21 63.37 40.31
C PHE N 368 4.77 63.82 40.17
N GLU N 369 3.85 62.88 39.96
CA GLU N 369 2.48 63.23 39.60
C GLU N 369 1.76 64.02 40.68
N LEU N 370 2.33 64.13 41.86
CA LEU N 370 1.68 64.78 42.99
C LEU N 370 2.42 66.05 43.38
N TRP N 371 2.75 66.89 42.41
CA TRP N 371 3.51 68.11 42.68
C TRP N 371 2.63 69.34 42.52
N THR N 372 2.58 70.17 43.56
CA THR N 372 2.01 71.51 43.44
C THR N 372 2.94 72.56 44.03
N ALA N 373 3.77 72.17 44.99
CA ALA N 373 4.56 73.12 45.77
C ALA N 373 6.04 72.98 45.46
N ALA N 374 6.79 74.03 45.83
CA ALA N 374 8.23 74.04 45.62
C ALA N 374 8.95 73.05 46.52
N SER N 375 8.53 72.98 47.79
CA SER N 375 9.27 72.20 48.79
C SER N 375 9.25 70.71 48.51
N GLN N 376 8.34 70.23 47.66
CA GLN N 376 8.26 68.80 47.41
C GLN N 376 9.46 68.26 46.65
N ILE N 377 10.13 69.10 45.84
CA ILE N 377 11.15 68.62 44.93
C ILE N 377 12.36 67.99 45.61
N GLY N 378 12.52 68.17 46.92
CA GLY N 378 13.75 67.71 47.53
C GLY N 378 14.94 68.45 46.93
N GLN N 379 16.04 67.75 46.72
CA GLN N 379 17.22 68.34 46.10
C GLN N 379 17.18 68.08 44.60
N ALA N 380 17.33 69.14 43.82
CA ALA N 380 17.42 69.05 42.37
C ALA N 380 18.65 69.83 41.90
N THR N 381 19.12 69.51 40.71
CA THR N 381 20.35 70.10 40.18
C THR N 381 20.22 70.31 38.69
N VAL N 382 20.91 71.35 38.21
CA VAL N 382 21.10 71.58 36.78
C VAL N 382 22.56 71.32 36.48
N VAL N 383 22.83 70.72 35.32
CA VAL N 383 24.17 70.18 35.09
C VAL N 383 24.80 70.77 33.83
N ASN N 384 23.99 71.18 32.87
CA ASN N 384 24.51 71.54 31.56
C ASN N 384 23.48 72.34 30.79
N TYR N 385 23.87 73.51 30.31
CA TYR N 385 22.97 74.40 29.59
C TYR N 385 23.68 74.93 28.36
N VAL N 386 22.89 75.38 27.37
CA VAL N 386 23.43 75.91 26.12
C VAL N 386 22.67 77.18 25.74
N GLN N 387 23.25 77.96 24.84
CA GLN N 387 22.65 79.14 24.25
C GLN N 387 21.75 78.76 23.08
N LEU N 388 20.77 79.61 22.79
CA LEU N 388 19.83 79.37 21.70
C LEU N 388 19.80 80.55 20.76
N TYR N 389 19.77 80.25 19.46
CA TYR N 389 19.73 81.23 18.38
C TYR N 389 18.56 80.91 17.48
N ALA N 390 17.77 81.92 17.12
CA ALA N 390 16.55 81.74 16.34
C ALA N 390 16.68 82.52 15.03
N GLU N 391 16.56 81.81 13.92
CA GLU N 391 16.61 82.39 12.58
C GLU N 391 15.32 82.04 11.84
N ASP N 392 15.24 82.46 10.58
CA ASP N 392 14.01 82.32 9.82
C ASP N 392 14.09 81.15 8.86
N SER N 393 12.92 80.72 8.39
CA SER N 393 12.76 79.48 7.64
C SER N 393 12.17 79.75 6.26
N SER N 394 11.83 78.67 5.56
CA SER N 394 11.06 78.78 4.34
C SER N 394 9.71 79.41 4.59
N PHE N 395 9.05 79.04 5.68
CA PHE N 395 7.81 79.69 6.04
C PHE N 395 8.06 81.17 6.31
N THR N 396 7.20 82.02 5.76
CA THR N 396 7.40 83.45 5.88
C THR N 396 7.05 83.92 7.30
N ALA N 397 7.95 84.72 7.87
CA ALA N 397 7.74 85.40 9.14
C ALA N 397 7.72 84.42 10.31
N GLN N 398 8.57 83.40 10.25
CA GLN N 398 8.74 82.47 11.35
C GLN N 398 10.18 82.51 11.85
N SER N 399 10.37 82.02 13.07
CA SER N 399 11.69 82.01 13.70
C SER N 399 12.01 80.59 14.13
N ILE N 400 13.21 80.12 13.79
CA ILE N 400 13.60 78.72 13.93
C ILE N 400 14.88 78.66 14.74
N ILE N 401 14.91 77.77 15.72
CA ILE N 401 16.10 77.57 16.53
C ILE N 401 17.14 76.82 15.70
N ALA N 402 18.41 77.06 16.02
CA ALA N 402 19.53 76.43 15.31
C ALA N 402 19.83 75.05 15.91
N THR N 403 20.87 74.41 15.37
CA THR N 403 21.23 73.08 15.83
C THR N 403 21.77 73.12 17.25
N THR N 404 21.24 72.25 18.11
CA THR N 404 21.69 72.16 19.49
C THR N 404 22.30 70.80 19.74
N SER N 405 23.28 70.76 20.64
CA SER N 405 23.90 69.52 21.05
C SER N 405 23.85 69.35 22.56
N LEU N 406 22.94 70.07 23.22
CA LEU N 406 22.72 69.88 24.65
C LEU N 406 22.57 68.40 24.96
N ALA N 407 23.46 67.89 25.81
CA ALA N 407 23.54 66.46 26.06
C ALA N 407 23.66 66.18 27.54
N TYR N 408 23.33 64.94 27.91
CA TYR N 408 23.63 64.44 29.23
C TYR N 408 23.98 62.97 29.15
N ASN N 409 24.95 62.55 29.95
CA ASN N 409 25.30 61.15 30.09
C ASN N 409 25.00 60.68 31.51
N TYR N 410 24.05 59.75 31.62
CA TYR N 410 23.59 59.22 32.89
C TYR N 410 24.41 58.03 33.36
N GLU N 411 24.68 58.00 34.68
CA GLU N 411 25.19 56.85 35.37
C GLU N 411 24.73 56.91 36.82
N PRO N 412 24.19 55.82 37.35
CA PRO N 412 23.72 55.84 38.74
C PRO N 412 24.80 56.12 39.75
N GLU N 413 26.04 55.71 39.47
CA GLU N 413 27.07 55.63 40.51
C GLU N 413 27.32 57.00 41.14
N GLN N 414 27.46 58.04 40.32
CA GLN N 414 27.68 59.36 40.88
C GLN N 414 26.45 59.86 41.63
N LEU N 415 25.24 59.48 41.18
CA LEU N 415 24.04 59.86 41.90
C LEU N 415 23.92 59.18 43.26
N ASN N 416 24.65 58.09 43.46
CA ASN N 416 24.61 57.32 44.71
C ASN N 416 23.19 56.82 45.01
N LYS N 417 22.72 55.94 44.12
CA LYS N 417 21.48 55.22 44.39
C LYS N 417 21.66 54.46 45.69
N THR N 418 20.98 54.90 46.75
CA THR N 418 21.25 54.38 48.09
C THR N 418 20.02 53.73 48.72
N ASP N 419 18.92 54.47 48.80
CA ASP N 419 17.76 54.03 49.54
C ASP N 419 16.65 53.59 48.58
N PRO N 420 15.63 52.88 49.07
CA PRO N 420 14.57 52.44 48.15
C PRO N 420 13.69 53.55 47.61
N GLU N 421 13.33 54.53 48.43
CA GLU N 421 12.21 55.41 48.11
C GLU N 421 12.61 56.65 47.32
N MET N 422 13.88 56.79 46.94
CA MET N 422 14.28 57.95 46.15
C MET N 422 13.61 57.94 44.78
N ASN N 423 13.49 59.14 44.20
CA ASN N 423 13.03 59.31 42.83
C ASN N 423 14.07 60.12 42.05
N TYR N 424 14.11 59.90 40.75
CA TYR N 424 15.09 60.56 39.90
C TYR N 424 14.41 60.93 38.58
N TYR N 425 14.74 62.12 38.08
CA TYR N 425 14.07 62.68 36.92
C TYR N 425 15.04 63.52 36.12
N LEU N 426 14.80 63.63 34.82
CA LEU N 426 15.56 64.51 33.94
C LEU N 426 14.60 65.47 33.26
N LEU N 427 14.83 66.76 33.45
CA LEU N 427 13.94 67.77 32.92
C LEU N 427 14.69 68.68 31.97
N ALA N 428 14.04 68.99 30.86
CA ALA N 428 14.52 69.97 29.90
C ALA N 428 13.52 71.11 29.84
N THR N 429 14.01 72.33 29.98
CA THR N 429 13.13 73.49 29.99
C THR N 429 13.94 74.75 29.71
N PHE N 430 13.23 75.80 29.36
CA PHE N 430 13.80 77.14 29.37
C PHE N 430 14.25 77.50 30.77
N ILE N 431 15.45 78.04 30.89
CA ILE N 431 15.97 78.48 32.17
C ILE N 431 16.49 79.90 32.01
N ASP N 432 16.56 80.61 33.14
CA ASP N 432 17.04 81.98 33.13
C ASP N 432 17.65 82.29 34.49
N SER N 433 18.65 83.19 34.47
CA SER N 433 19.24 83.70 35.69
C SER N 433 18.31 84.62 36.46
N ALA N 434 17.22 85.06 35.84
CA ALA N 434 16.22 85.89 36.49
C ALA N 434 14.89 85.17 36.44
N ALA N 435 13.93 85.69 37.20
CA ALA N 435 12.63 85.05 37.30
C ALA N 435 11.87 85.16 35.99
N ILE N 436 10.83 84.35 35.85
CA ILE N 436 9.95 84.36 34.69
C ILE N 436 8.51 84.47 35.18
N THR N 437 7.71 85.26 34.50
CA THR N 437 6.28 85.23 34.75
C THR N 437 5.67 84.03 34.05
N PRO N 438 5.02 83.11 34.77
CA PRO N 438 4.58 81.86 34.13
C PRO N 438 3.62 82.08 32.98
N THR N 439 2.91 83.22 32.94
CA THR N 439 2.01 83.50 31.83
C THR N 439 2.72 84.19 30.67
N ASN N 440 3.97 84.62 30.84
CA ASN N 440 4.70 85.20 29.72
C ASN N 440 5.04 84.15 28.68
N MET N 441 5.57 83.01 29.12
CA MET N 441 5.79 81.84 28.27
C MET N 441 4.88 80.74 28.76
N THR N 442 4.05 80.21 27.87
CA THR N 442 3.05 79.23 28.28
C THR N 442 3.48 77.78 28.06
N GLN N 443 4.62 77.54 27.41
CA GLN N 443 4.98 76.17 27.06
C GLN N 443 5.41 75.39 28.31
N PRO N 444 4.78 74.26 28.60
CA PRO N 444 5.14 73.51 29.81
C PRO N 444 6.59 73.07 29.86
N ASP N 445 7.16 72.66 28.74
CA ASP N 445 8.56 72.27 28.71
C ASP N 445 9.11 72.60 27.33
N VAL N 446 10.26 72.01 27.00
CA VAL N 446 10.87 72.18 25.70
C VAL N 446 10.98 70.84 24.96
N TRP N 447 10.21 69.85 25.41
CA TRP N 447 10.50 68.48 25.02
C TRP N 447 10.11 68.15 23.59
N ASP N 448 9.21 68.93 22.99
CA ASP N 448 8.74 68.61 21.64
C ASP N 448 9.83 68.96 20.62
N ALA N 449 10.93 68.23 20.70
CA ALA N 449 12.03 68.34 19.75
C ALA N 449 12.77 67.01 19.73
N LEU N 450 13.54 66.79 18.66
CA LEU N 450 14.10 65.47 18.43
C LEU N 450 15.13 65.12 19.49
N LEU N 451 15.00 63.93 20.04
CA LEU N 451 15.88 63.44 21.09
C LEU N 451 16.67 62.25 20.58
N THR N 452 17.97 62.27 20.82
CA THR N 452 18.84 61.14 20.54
C THR N 452 19.14 60.46 21.86
N MET N 453 18.66 59.23 22.00
CA MET N 453 18.71 58.51 23.26
C MET N 453 19.67 57.35 23.05
N SER N 454 20.82 57.40 23.70
CA SER N 454 21.89 56.51 23.31
C SER N 454 22.30 55.57 24.45
N PRO N 455 22.63 54.33 24.14
CA PRO N 455 23.08 53.40 25.18
C PRO N 455 24.44 53.82 25.73
N LEU N 456 24.75 53.31 26.91
CA LEU N 456 26.02 53.60 27.52
C LEU N 456 26.63 52.43 28.28
N SER N 457 25.99 51.25 28.27
CA SER N 457 26.57 50.08 28.90
C SER N 457 26.05 48.83 28.19
N ALA N 458 26.97 48.04 27.65
CA ALA N 458 26.59 46.83 26.95
C ALA N 458 26.21 45.69 27.88
N GLY N 459 26.42 45.84 29.18
CA GLY N 459 26.17 44.74 30.10
C GLY N 459 24.75 44.68 30.61
N GLU N 460 23.81 45.29 29.89
CA GLU N 460 22.43 45.40 30.34
C GLU N 460 21.45 45.04 29.24
N VAL N 461 20.27 44.59 29.64
CA VAL N 461 19.15 44.38 28.74
C VAL N 461 17.88 44.87 29.45
N THR N 462 16.85 45.15 28.65
CA THR N 462 15.61 45.71 29.18
C THR N 462 14.41 45.10 28.48
N VAL N 463 13.29 45.13 29.19
CA VAL N 463 11.99 44.71 28.67
C VAL N 463 10.96 45.75 29.08
N LYS N 464 10.49 46.54 28.12
CA LYS N 464 9.55 47.62 28.40
C LYS N 464 10.15 48.62 29.38
N GLY N 465 11.35 49.09 29.07
CA GLY N 465 11.95 50.19 29.78
C GLY N 465 12.59 49.86 31.09
N ALA N 466 12.51 48.62 31.56
CA ALA N 466 13.03 48.22 32.86
C ALA N 466 14.20 47.27 32.68
N VAL N 467 15.32 47.58 33.35
CA VAL N 467 16.50 46.71 33.32
C VAL N 467 16.19 45.39 34.01
N VAL N 468 16.80 44.32 33.52
CA VAL N 468 16.71 42.99 34.13
C VAL N 468 18.07 42.34 34.03
N SER N 469 18.24 41.23 34.73
CA SER N 469 19.48 40.48 34.67
C SER N 469 19.34 39.16 33.93
N GLU N 470 18.12 38.70 33.68
CA GLU N 470 17.89 37.45 32.98
C GLU N 470 16.63 37.56 32.16
N VAL N 471 16.63 36.94 30.98
CA VAL N 471 15.48 36.95 30.09
C VAL N 471 15.28 35.56 29.51
N VAL N 472 14.02 35.18 29.35
CA VAL N 472 13.67 33.91 28.72
C VAL N 472 13.35 34.18 27.26
N PRO N 473 14.31 34.00 26.35
CA PRO N 473 14.09 34.43 24.95
C PRO N 473 12.85 33.83 24.29
N ALA N 474 12.16 32.89 24.93
CA ALA N 474 10.87 32.47 24.41
C ALA N 474 9.83 33.57 24.52
N ASP N 475 9.84 34.31 25.63
CA ASP N 475 8.76 35.26 25.89
C ASP N 475 8.69 36.38 24.86
N LEU N 476 9.82 36.71 24.22
CA LEU N 476 9.83 37.82 23.28
C LEU N 476 9.00 37.54 22.04
N ILE N 477 8.57 36.30 21.84
CA ILE N 477 7.86 35.93 20.62
C ILE N 477 6.46 36.53 20.64
N GLY N 478 6.20 37.47 19.73
CA GLY N 478 4.88 38.02 19.59
C GLY N 478 4.39 38.87 20.74
N SER N 479 5.28 39.36 21.58
CA SER N 479 4.87 40.15 22.73
C SER N 479 4.91 41.65 22.47
N TYR N 480 5.23 42.08 21.26
CA TYR N 480 5.52 43.49 20.99
C TYR N 480 4.63 43.99 19.86
N THR N 481 3.55 44.68 20.20
CA THR N 481 2.80 45.40 19.19
C THR N 481 3.62 46.59 18.71
N PRO N 482 3.42 47.04 17.46
CA PRO N 482 4.29 48.09 16.91
C PRO N 482 4.42 49.31 17.80
N GLU N 483 3.33 49.73 18.44
CA GLU N 483 3.44 50.83 19.37
C GLU N 483 4.27 50.47 20.60
N SER N 484 4.17 49.22 21.06
CA SER N 484 5.06 48.78 22.13
C SER N 484 6.49 48.69 21.65
N LEU N 485 6.67 48.43 20.36
CA LEU N 485 8.02 48.25 19.81
C LEU N 485 8.73 49.59 19.64
N ASN N 486 8.18 50.45 18.77
CA ASN N 486 8.85 51.68 18.40
C ASN N 486 9.12 52.59 19.59
N THR N 487 8.37 52.44 20.69
CA THR N 487 8.46 53.33 21.83
C THR N 487 9.30 52.76 22.95
N SER N 488 10.39 52.07 22.62
CA SER N 488 11.17 51.34 23.61
C SER N 488 12.59 51.87 23.70
N LEU N 489 13.22 51.54 24.82
CA LEU N 489 14.61 51.92 25.06
C LEU N 489 15.52 51.32 24.02
N PRO N 490 16.65 51.96 23.73
CA PRO N 490 17.58 51.39 22.74
C PRO N 490 18.09 50.02 23.13
N ASN N 491 18.31 49.76 24.41
CA ASN N 491 18.73 48.43 24.84
C ASN N 491 17.54 47.56 25.23
N ASP N 492 16.53 47.50 24.38
CA ASP N 492 15.48 46.54 24.61
C ASP N 492 15.99 45.15 24.26
N ALA N 493 15.46 44.15 24.96
CA ALA N 493 15.89 42.78 24.71
C ALA N 493 15.74 42.39 23.25
N ALA N 494 14.67 42.85 22.61
CA ALA N 494 14.43 42.47 21.21
C ALA N 494 15.44 43.10 20.27
N ARG N 495 15.78 44.37 20.47
CA ARG N 495 16.67 45.04 19.53
C ARG N 495 17.99 44.30 19.40
N CYS N 496 18.49 43.71 20.48
CA CYS N 496 19.57 42.75 20.37
C CYS N 496 19.08 41.47 19.70
N MET N 497 17.96 40.94 20.18
CA MET N 497 17.42 39.69 19.65
C MET N 497 17.12 39.81 18.16
N ILE N 498 16.62 40.97 17.72
CA ILE N 498 16.33 41.15 16.31
C ILE N 498 17.60 41.00 15.48
N ASP N 499 18.71 41.55 15.98
CA ASP N 499 19.96 41.48 15.26
C ASP N 499 20.49 40.06 15.18
N ARG N 500 20.46 39.33 16.30
CA ARG N 500 20.89 37.94 16.26
C ARG N 500 20.01 37.14 15.31
N ALA N 501 18.70 37.36 15.36
CA ALA N 501 17.82 36.75 14.39
C ALA N 501 18.13 37.26 12.98
N SER N 502 18.54 38.52 12.87
CA SER N 502 18.89 39.06 11.56
C SER N 502 20.05 38.29 10.95
N LYS N 503 20.97 37.80 11.78
CA LYS N 503 22.11 37.04 11.28
C LYS N 503 21.63 35.81 10.53
N ILE N 504 20.70 35.07 11.11
CA ILE N 504 20.24 33.81 10.51
C ILE N 504 19.73 34.04 9.10
N ALA N 505 18.99 35.13 8.89
CA ALA N 505 18.46 35.41 7.55
C ALA N 505 19.58 35.44 6.53
N GLU N 506 20.69 36.10 6.86
CA GLU N 506 21.83 36.10 5.97
C GLU N 506 22.37 34.69 5.76
N ALA N 507 22.42 33.89 6.82
CA ALA N 507 22.86 32.51 6.67
C ALA N 507 21.97 31.76 5.69
N ILE N 508 20.66 31.98 5.79
CA ILE N 508 19.74 31.29 4.89
C ILE N 508 19.92 31.78 3.46
N LYS N 509 19.94 33.10 3.27
CA LYS N 509 19.88 33.64 1.93
C LYS N 509 21.11 33.28 1.11
N ILE N 510 22.21 32.90 1.75
CA ILE N 510 23.32 32.32 1.01
C ILE N 510 22.92 30.97 0.44
N ASP N 511 22.28 30.14 1.26
CA ASP N 511 21.95 28.77 0.85
C ASP N 511 20.73 28.76 -0.08
N ASP N 512 19.59 29.20 0.43
CA ASP N 512 18.33 29.00 -0.28
C ASP N 512 18.30 29.78 -1.58
N ASP N 513 17.91 29.09 -2.66
CA ASP N 513 17.57 29.76 -3.91
C ASP N 513 16.13 29.48 -4.33
N ALA N 514 15.37 28.77 -3.52
CA ALA N 514 13.99 28.46 -3.86
C ALA N 514 13.20 29.73 -4.13
N GLY N 515 12.43 29.71 -5.21
CA GLY N 515 11.61 30.84 -5.57
C GLY N 515 10.35 30.88 -4.74
N PRO N 516 9.41 31.73 -5.15
CA PRO N 516 8.12 31.79 -4.44
C PRO N 516 7.37 30.49 -4.56
N ASP N 517 6.94 29.96 -3.40
CA ASP N 517 6.16 28.73 -3.32
C ASP N 517 6.96 27.51 -3.75
N GLU N 518 8.14 27.35 -3.15
CA GLU N 518 8.88 26.10 -3.23
C GLU N 518 9.31 25.69 -1.84
N TYR N 519 9.09 24.42 -1.52
CA TYR N 519 9.67 23.85 -0.31
C TYR N 519 11.19 23.95 -0.36
N SER N 520 11.79 24.20 0.79
CA SER N 520 13.23 24.25 0.92
C SER N 520 13.63 23.51 2.17
N PRO N 521 14.82 22.93 2.21
CA PRO N 521 15.25 22.20 3.42
C PRO N 521 15.40 23.08 4.64
N ASN N 522 15.00 24.34 4.55
CA ASN N 522 14.98 25.23 5.70
C ASN N 522 13.59 25.74 6.02
N SER N 523 12.58 25.32 5.25
CA SER N 523 11.19 25.61 5.58
C SER N 523 10.50 24.46 6.28
N VAL N 524 10.93 23.23 6.00
CA VAL N 524 10.28 22.03 6.54
C VAL N 524 10.35 21.97 8.06
N PRO N 525 11.29 22.64 8.76
CA PRO N 525 11.09 22.74 10.21
C PRO N 525 9.77 23.39 10.56
N ILE N 526 9.35 24.42 9.81
CA ILE N 526 8.07 25.03 10.08
C ILE N 526 6.94 24.08 9.73
N GLN N 527 7.01 23.46 8.55
CA GLN N 527 5.96 22.53 8.15
C GLN N 527 5.83 21.38 9.13
N GLY N 528 6.95 20.84 9.58
CA GLY N 528 6.92 19.80 10.58
C GLY N 528 6.27 20.23 11.88
N GLN N 529 6.20 21.53 12.13
CA GLN N 529 5.50 22.00 13.32
C GLN N 529 4.00 22.01 13.08
N LEU N 530 3.55 22.71 12.05
CA LEU N 530 2.12 22.82 11.79
C LEU N 530 1.49 21.46 11.52
N ALA N 531 2.29 20.51 11.04
CA ALA N 531 1.76 19.20 10.74
C ALA N 531 1.13 18.61 11.99
N ILE N 532 1.94 18.33 13.00
CA ILE N 532 1.40 17.72 14.22
C ILE N 532 0.65 18.73 15.08
N SER N 533 0.81 20.03 14.83
CA SER N 533 0.01 21.00 15.57
C SER N 533 -1.47 20.86 15.24
N GLN N 534 -1.79 20.66 13.97
CA GLN N 534 -3.18 20.48 13.57
C GLN N 534 -3.74 19.15 14.05
N LEU N 535 -2.87 18.17 14.33
CA LEU N 535 -3.33 16.94 14.94
C LEU N 535 -3.92 17.15 16.32
N GLU N 536 -3.53 18.23 16.99
CA GLU N 536 -3.93 18.45 18.37
C GLU N 536 -5.41 18.76 18.48
N THR N 537 -5.98 18.40 19.63
CA THR N 537 -7.31 18.80 20.02
C THR N 537 -7.17 19.87 21.10
N GLY N 538 -7.88 20.99 20.94
CA GLY N 538 -7.72 22.08 21.87
C GLY N 538 -8.67 23.24 21.68
N TYR N 539 -8.19 24.45 21.96
CA TYR N 539 -9.04 25.63 22.09
C TYR N 539 -9.50 26.11 20.72
N GLY N 540 -10.79 26.39 20.60
CA GLY N 540 -11.36 26.96 19.40
C GLY N 540 -11.85 25.91 18.42
N VAL N 541 -12.70 26.36 17.50
CA VAL N 541 -13.22 25.48 16.46
C VAL N 541 -12.10 25.04 15.53
N ARG N 542 -11.96 23.71 15.37
CA ARG N 542 -10.87 23.15 14.59
C ARG N 542 -11.20 23.14 13.11
N ILE N 543 -10.16 23.21 12.28
CA ILE N 543 -10.26 23.05 10.83
C ILE N 543 -9.12 22.17 10.37
N PHE N 544 -9.40 21.24 9.47
CA PHE N 544 -8.34 20.39 8.92
C PHE N 544 -7.92 20.89 7.54
N ASN N 545 -6.80 20.36 7.06
CA ASN N 545 -6.29 20.71 5.73
C ASN N 545 -5.35 19.61 5.26
N PRO N 546 -5.05 19.57 3.96
CA PRO N 546 -4.08 18.60 3.44
C PRO N 546 -2.64 19.05 3.65
N LYS N 547 -1.71 18.25 3.11
CA LYS N 547 -0.29 18.53 3.24
C LYS N 547 0.23 19.47 2.16
N GLY N 548 -0.37 19.42 0.97
CA GLY N 548 0.07 20.31 -0.09
C GLY N 548 -0.04 21.77 0.30
N ILE N 549 -1.08 22.11 1.06
CA ILE N 549 -1.24 23.48 1.52
C ILE N 549 -0.23 23.82 2.60
N LEU N 550 0.00 22.91 3.56
CA LEU N 550 0.83 23.26 4.71
C LEU N 550 2.17 23.84 4.28
N SER N 551 2.81 23.22 3.29
CA SER N 551 4.12 23.67 2.85
C SER N 551 4.08 25.11 2.39
N LYS N 552 3.07 25.50 1.62
CA LYS N 552 3.07 26.86 1.11
C LYS N 552 2.72 27.87 2.18
N ILE N 553 2.13 27.45 3.31
CA ILE N 553 2.21 28.30 4.49
C ILE N 553 3.64 28.34 5.02
N ALA N 554 4.27 27.17 5.14
CA ALA N 554 5.60 27.12 5.72
C ALA N 554 6.60 27.92 4.88
N SER N 555 6.57 27.72 3.57
CA SER N 555 7.51 28.43 2.70
C SER N 555 7.28 29.93 2.77
N ARG N 556 6.02 30.36 2.72
CA ARG N 556 5.73 31.79 2.79
C ARG N 556 6.14 32.37 4.14
N ALA N 557 5.85 31.66 5.21
CA ALA N 557 6.19 32.16 6.54
C ALA N 557 7.68 32.24 6.73
N MET N 558 8.40 31.14 6.44
CA MET N 558 9.84 31.12 6.69
C MET N 558 10.53 32.19 5.88
N GLN N 559 10.13 32.35 4.62
CA GLN N 559 10.72 33.40 3.80
C GLN N 559 10.35 34.78 4.34
N ALA N 560 9.17 34.92 4.94
CA ALA N 560 8.81 36.22 5.51
C ALA N 560 9.81 36.65 6.58
N PHE N 561 10.44 35.68 7.23
CA PHE N 561 11.56 35.97 8.12
C PHE N 561 12.71 36.59 7.35
N ILE N 562 13.00 36.09 6.16
CA ILE N 562 14.13 36.59 5.39
C ILE N 562 13.94 38.07 5.07
N GLY N 563 12.71 38.46 4.72
CA GLY N 563 12.44 39.86 4.45
C GLY N 563 12.77 40.75 5.63
N ASP N 564 12.34 40.35 6.82
CA ASP N 564 12.64 41.12 8.04
C ASP N 564 12.56 40.28 9.30
N PRO N 565 13.46 40.49 10.25
CA PRO N 565 13.41 39.70 11.49
C PRO N 565 12.36 40.18 12.46
N SER N 566 12.11 41.49 12.52
CA SER N 566 11.32 42.09 13.58
C SER N 566 9.89 41.55 13.65
N THR N 567 9.51 40.72 12.70
CA THR N 567 8.17 40.14 12.71
C THR N 567 8.02 39.02 13.72
N ILE N 568 9.12 38.38 14.14
CA ILE N 568 9.00 37.31 15.12
C ILE N 568 8.74 37.83 16.52
N ILE N 569 8.59 39.14 16.68
CA ILE N 569 8.20 39.72 17.96
C ILE N 569 6.95 40.57 17.85
N THR N 570 6.50 40.90 16.64
CA THR N 570 5.24 41.59 16.48
C THR N 570 4.10 40.72 17.00
N GLN N 571 3.09 41.37 17.56
CA GLN N 571 1.99 40.65 18.19
C GLN N 571 1.09 40.01 17.15
N ALA N 572 0.61 38.81 17.49
CA ALA N 572 -0.24 38.02 16.59
C ALA N 572 0.43 37.85 15.23
N ALA N 573 1.74 37.62 15.25
CA ALA N 573 2.45 37.33 14.01
C ALA N 573 1.84 36.08 13.39
N PRO N 574 1.48 36.12 12.11
CA PRO N 574 0.59 35.09 11.56
C PRO N 574 1.09 33.67 11.76
N VAL N 575 2.39 33.44 11.61
CA VAL N 575 3.00 32.14 11.84
C VAL N 575 4.07 32.19 12.91
N LEU N 576 4.86 33.27 12.93
CA LEU N 576 6.02 33.34 13.81
C LEU N 576 5.69 33.76 15.24
N SER N 577 4.45 34.17 15.53
CA SER N 577 4.06 34.44 16.90
C SER N 577 4.06 33.22 17.78
N ASP N 578 4.14 32.03 17.20
CA ASP N 578 4.21 30.79 17.95
C ASP N 578 5.68 30.48 18.22
N LYS N 579 6.05 30.43 19.51
CA LYS N 579 7.46 30.21 19.83
C LYS N 579 7.95 28.86 19.34
N ASN N 580 7.06 27.87 19.26
CA ASN N 580 7.48 26.56 18.80
C ASN N 580 7.94 26.61 17.36
N ASN N 581 7.41 27.55 16.58
CA ASN N 581 7.88 27.69 15.21
C ASN N 581 9.29 28.23 15.17
N TRP N 582 9.57 29.28 15.95
CA TRP N 582 10.89 29.91 15.90
C TRP N 582 11.97 28.98 16.45
N ILE N 583 11.62 28.12 17.40
CA ILE N 583 12.62 27.19 17.92
C ILE N 583 13.00 26.16 16.87
N ALA N 584 12.01 25.57 16.21
CA ALA N 584 12.28 24.52 15.25
C ALA N 584 13.18 25.02 14.13
N LEU N 585 12.89 26.21 13.62
CA LEU N 585 13.75 26.81 12.60
C LEU N 585 15.12 27.11 13.16
N ALA N 586 15.18 27.52 14.43
CA ALA N 586 16.46 27.85 15.05
C ALA N 586 17.38 26.63 15.11
N GLN N 587 16.80 25.44 15.25
CA GLN N 587 17.60 24.22 15.28
C GLN N 587 17.45 23.39 14.01
N GLY N 588 16.45 23.66 13.17
CA GLY N 588 16.42 23.02 11.88
C GLY N 588 17.59 23.42 11.00
N VAL N 589 18.05 24.67 11.13
CA VAL N 589 19.10 25.16 10.26
C VAL N 589 20.43 24.51 10.58
N LYS N 590 20.77 24.41 11.88
CA LYS N 590 22.05 23.82 12.27
C LYS N 590 22.24 22.45 11.63
N THR N 591 21.17 21.65 11.57
CA THR N 591 21.25 20.36 10.91
C THR N 591 21.34 20.51 9.39
N SER N 592 20.66 21.51 8.84
CA SER N 592 20.64 21.67 7.39
C SER N 592 22.01 22.01 6.85
N LEU N 593 22.72 22.93 7.53
CA LEU N 593 23.95 23.45 6.96
C LEU N 593 25.10 22.46 7.09
N ARG N 594 25.16 21.77 8.22
CA ARG N 594 26.30 20.88 8.47
C ARG N 594 26.33 19.69 7.53
N THR N 595 25.23 19.39 6.85
CA THR N 595 25.12 18.20 6.03
C THR N 595 25.22 18.47 4.55
N LYS N 596 25.39 19.72 4.12
CA LYS N 596 25.63 19.98 2.71
C LYS N 596 26.96 19.38 2.30
N SER N 597 27.02 18.91 1.06
CA SER N 597 28.19 18.18 0.57
C SER N 597 28.61 18.79 -0.78
N LEU N 598 29.39 19.87 -0.71
CA LEU N 598 29.92 20.55 -1.89
C LEU N 598 28.88 20.63 -3.01
N SER N 599 27.66 20.92 -2.63
CA SER N 599 26.55 20.98 -3.56
C SER N 599 26.16 22.43 -3.82
N ALA N 600 25.09 22.59 -4.59
CA ALA N 600 24.62 23.90 -5.00
C ALA N 600 23.10 23.90 -5.05
N GLY N 601 22.55 25.00 -5.52
CA GLY N 601 21.12 25.04 -5.81
C GLY N 601 20.86 24.80 -7.29
N VAL N 602 19.69 24.24 -7.57
CA VAL N 602 19.33 23.94 -8.96
C VAL N 602 19.22 25.22 -9.76
N LYS N 603 18.56 26.24 -9.21
CA LYS N 603 18.40 27.49 -9.94
C LYS N 603 19.72 28.23 -10.03
N THR N 604 20.51 28.22 -8.96
CA THR N 604 21.78 28.91 -8.97
C THR N 604 22.69 28.35 -10.05
N ALA N 605 22.86 27.03 -10.08
CA ALA N 605 23.85 26.42 -10.96
C ALA N 605 23.54 26.71 -12.42
N VAL N 606 22.28 26.55 -12.81
CA VAL N 606 21.94 26.81 -14.22
C VAL N 606 22.17 28.27 -14.57
N SER N 607 21.88 29.18 -13.63
CA SER N 607 22.12 30.59 -13.89
C SER N 607 23.61 30.88 -13.99
N LYS N 608 24.38 30.42 -13.01
CA LYS N 608 25.79 30.75 -12.96
C LYS N 608 26.54 30.25 -14.18
N LEU N 609 26.18 29.07 -14.68
CA LEU N 609 26.81 28.57 -15.89
C LEU N 609 26.54 29.49 -17.07
N SER N 610 25.29 29.95 -17.21
CA SER N 610 24.96 30.82 -18.32
C SER N 610 25.58 32.20 -18.16
N SER N 611 25.59 32.73 -16.93
CA SER N 611 26.04 34.09 -16.72
C SER N 611 27.51 34.24 -17.09
N SER N 612 28.35 33.28 -16.71
CA SER N 612 29.76 33.35 -17.04
C SER N 612 30.00 33.27 -18.54
N GLU N 613 29.14 32.56 -19.27
CA GLU N 613 29.35 32.39 -20.70
C GLU N 613 29.33 33.73 -21.43
N SER N 614 28.42 34.62 -21.05
CA SER N 614 28.38 35.95 -21.65
C SER N 614 29.72 36.65 -21.50
N ILE N 615 30.35 36.50 -20.34
CA ILE N 615 31.64 37.13 -20.12
C ILE N 615 32.67 36.59 -21.10
N GLN N 616 32.60 35.28 -21.40
CA GLN N 616 33.49 34.73 -22.41
C GLN N 616 33.26 35.38 -23.77
N ASN N 617 32.00 35.61 -24.14
CA ASN N 617 31.72 36.39 -25.33
C ASN N 617 32.24 37.80 -25.19
N TRP N 618 31.89 38.45 -24.07
CA TRP N 618 32.19 39.86 -23.90
C TRP N 618 33.70 40.10 -23.90
N THR N 619 34.45 39.25 -23.19
CA THR N 619 35.91 39.37 -23.25
C THR N 619 36.42 39.11 -24.65
N GLN N 620 35.86 38.11 -25.33
CA GLN N 620 36.27 37.85 -26.71
C GLN N 620 36.04 39.07 -27.59
N GLY N 621 34.84 39.65 -27.50
CA GLY N 621 34.54 40.81 -28.32
C GLY N 621 35.52 41.94 -28.08
N PHE N 622 35.95 42.12 -26.83
CA PHE N 622 36.96 43.11 -26.53
C PHE N 622 38.22 42.88 -27.36
N LEU N 623 38.76 41.67 -27.33
CA LEU N 623 39.99 41.39 -28.05
C LEU N 623 39.79 41.58 -29.55
N ASP N 624 38.61 41.20 -30.06
CA ASP N 624 38.29 41.49 -31.45
C ASP N 624 38.41 42.97 -31.75
N LYS N 625 38.04 43.82 -30.80
CA LYS N 625 38.29 45.25 -30.96
C LYS N 625 39.79 45.54 -30.92
N VAL N 626 40.51 44.85 -30.03
CA VAL N 626 41.94 45.12 -29.88
C VAL N 626 42.69 44.82 -31.17
N SER N 627 42.36 43.70 -31.81
CA SER N 627 43.13 43.27 -32.98
C SER N 627 43.11 44.34 -34.06
N ALA N 628 41.96 44.93 -34.32
CA ALA N 628 41.82 45.84 -35.45
C ALA N 628 42.24 47.28 -35.14
N HIS N 629 42.68 47.58 -33.91
CA HIS N 629 43.29 48.86 -33.63
C HIS N 629 44.79 48.77 -33.36
N PHE N 630 45.35 47.58 -33.33
CA PHE N 630 46.80 47.40 -33.26
C PHE N 630 47.19 46.20 -34.11
N PRO N 631 46.97 46.28 -35.42
CA PRO N 631 47.02 45.07 -36.25
C PRO N 631 48.42 44.51 -36.32
N ALA N 632 48.52 43.27 -36.09
CA ALA N 632 49.82 42.63 -36.11
C ALA N 632 50.23 42.30 -37.53
N PRO N 633 51.55 42.29 -37.82
CA PRO N 633 52.08 41.98 -39.15
C PRO N 633 51.85 40.52 -39.55
N THR O 9 16.27 -5.81 1.99
CA THR O 9 16.60 -6.86 2.96
C THR O 9 16.56 -6.32 4.37
N ILE O 10 16.13 -5.08 4.49
CA ILE O 10 15.87 -4.46 5.78
C ILE O 10 14.46 -3.90 5.72
N ASN O 11 13.89 -3.68 6.90
CA ASN O 11 12.46 -3.37 7.01
C ASN O 11 12.30 -2.03 7.72
N VAL O 12 12.22 -0.95 6.95
CA VAL O 12 11.91 0.35 7.53
C VAL O 12 10.46 0.41 7.97
N THR O 13 9.58 -0.31 7.28
CA THR O 13 8.17 -0.30 7.65
C THR O 13 7.97 -1.00 8.99
N GLY O 14 8.72 -2.06 9.25
CA GLY O 14 8.58 -2.80 10.49
C GLY O 14 9.35 -2.16 11.62
N ASP O 15 9.35 -2.87 12.75
CA ASP O 15 10.08 -2.46 13.93
C ASP O 15 11.47 -3.09 13.92
N GLY O 16 12.17 -3.00 15.06
CA GLY O 16 13.51 -3.51 15.19
C GLY O 16 14.58 -2.46 15.08
N ASN O 17 14.24 -1.24 14.74
CA ASN O 17 15.22 -0.18 14.52
C ASN O 17 15.28 0.76 15.72
N VAL O 18 16.30 1.60 15.73
CA VAL O 18 16.58 2.52 16.83
C VAL O 18 16.60 3.93 16.28
N PHE O 19 15.63 4.74 16.67
CA PHE O 19 15.60 6.16 16.33
C PHE O 19 15.90 6.92 17.60
N LYS O 20 17.15 7.33 17.76
CA LYS O 20 17.63 7.90 19.02
C LYS O 20 18.73 8.89 18.72
N PRO O 21 18.39 10.10 18.29
CA PRO O 21 19.41 11.13 18.09
C PRO O 21 20.03 11.56 19.40
N SER O 22 21.29 11.98 19.31
CA SER O 22 22.05 12.34 20.50
C SER O 22 23.05 13.41 20.16
N ALA O 23 23.68 13.96 21.20
CA ALA O 23 24.80 14.88 20.99
C ALA O 23 25.96 14.17 20.32
N GLU O 24 26.31 12.97 20.79
CA GLU O 24 27.48 12.26 20.31
C GLU O 24 27.32 11.75 18.89
N THR O 25 26.12 11.86 18.32
CA THR O 25 25.81 11.33 17.00
C THR O 25 25.31 12.43 16.10
N SER O 26 25.99 13.58 16.11
CA SER O 26 25.60 14.70 15.27
C SER O 26 25.76 14.35 13.80
N SER O 27 24.81 14.81 12.99
CA SER O 27 24.73 14.46 11.57
C SER O 27 25.45 15.51 10.74
N THR O 28 26.64 15.17 10.25
CA THR O 28 27.40 16.05 9.38
C THR O 28 28.06 15.23 8.29
N ALA O 29 27.92 15.65 7.02
CA ALA O 29 28.62 14.87 6.00
C ALA O 29 29.96 15.47 5.61
N VAL O 30 29.96 16.55 4.84
CA VAL O 30 31.15 17.23 4.30
C VAL O 30 30.78 18.64 3.84
N PRO O 31 30.67 19.61 4.73
CA PRO O 31 30.32 20.97 4.28
C PRO O 31 31.32 21.55 3.30
N SER O 32 32.61 21.60 3.63
CA SER O 32 33.59 22.23 2.76
C SER O 32 34.99 21.74 3.13
N LEU O 33 35.93 22.00 2.23
CA LEU O 33 37.31 21.62 2.44
C LEU O 33 38.24 22.81 2.21
N SER O 34 39.41 22.74 2.83
CA SER O 34 40.45 23.75 2.64
C SER O 34 40.96 23.65 1.22
N LEU O 35 40.60 24.63 0.40
CA LEU O 35 40.98 24.62 -1.01
C LEU O 35 41.61 25.93 -1.45
N SER O 36 42.05 26.75 -0.51
CA SER O 36 42.71 27.99 -0.88
C SER O 36 43.92 27.68 -1.76
N PRO O 37 44.07 28.36 -2.89
CA PRO O 37 45.15 27.98 -3.82
C PRO O 37 46.53 28.20 -3.23
N GLY O 38 46.66 29.11 -2.27
CA GLY O 38 47.96 29.43 -1.73
C GLY O 38 48.62 28.25 -1.08
N MET O 39 48.09 27.81 0.06
CA MET O 39 48.70 26.69 0.73
C MET O 39 48.34 25.37 0.08
N LEU O 40 47.63 25.42 -1.06
CA LEU O 40 47.47 24.27 -1.93
C LEU O 40 48.57 24.21 -2.99
N ASN O 41 48.99 25.37 -3.51
CA ASN O 41 50.00 25.46 -4.55
C ASN O 41 49.65 24.63 -5.77
N PRO P 1 57.77 19.39 -1.22
CA PRO P 1 57.51 19.07 -2.62
C PRO P 1 56.40 19.90 -3.25
N GLY P 2 56.77 20.92 -3.99
CA GLY P 2 55.80 21.76 -4.67
C GLY P 2 56.39 22.50 -5.84
N GLY P 3 55.76 22.39 -7.01
CA GLY P 3 56.26 23.09 -8.17
C GLY P 3 56.51 22.22 -9.38
N VAL P 4 57.79 22.07 -9.74
CA VAL P 4 58.17 21.59 -11.05
C VAL P 4 59.22 20.51 -10.93
N PRO P 5 59.20 19.48 -11.76
CA PRO P 5 60.35 18.59 -11.87
C PRO P 5 61.34 19.10 -12.91
N TRP P 6 62.61 18.76 -12.70
CA TRP P 6 63.67 19.34 -13.50
C TRP P 6 64.70 18.27 -13.88
N ILE P 7 65.51 18.59 -14.89
CA ILE P 7 66.41 17.63 -15.52
C ILE P 7 67.75 18.31 -15.78
N ALA P 8 68.83 17.66 -15.35
CA ALA P 8 70.17 18.15 -15.66
C ALA P 8 70.45 18.04 -17.15
N VAL P 9 71.25 18.98 -17.67
CA VAL P 9 71.77 18.82 -19.02
C VAL P 9 73.29 18.97 -19.02
N GLY P 10 73.79 19.95 -18.29
CA GLY P 10 75.21 20.27 -18.27
C GLY P 10 75.85 20.11 -16.91
N ASP P 11 76.52 21.15 -16.46
CA ASP P 11 77.17 21.15 -15.16
C ASP P 11 76.13 21.20 -14.04
N GLU P 12 76.46 20.54 -12.92
CA GLU P 12 75.55 20.41 -11.80
C GLU P 12 76.25 20.54 -10.47
N THR P 13 77.57 20.81 -10.47
CA THR P 13 78.37 20.62 -9.28
C THR P 13 78.06 21.67 -8.21
N SER P 14 77.64 22.85 -8.62
CA SER P 14 77.42 23.96 -7.70
C SER P 14 75.95 24.34 -7.66
N VAL P 15 75.53 24.84 -6.49
CA VAL P 15 74.25 25.51 -6.39
C VAL P 15 74.35 26.87 -7.06
N THR P 16 73.36 27.19 -7.88
CA THR P 16 73.32 28.44 -8.65
C THR P 16 74.53 28.54 -9.60
N SER P 17 74.51 27.65 -10.58
CA SER P 17 75.31 27.71 -11.78
C SER P 17 74.39 27.78 -12.98
N PRO P 18 74.87 28.21 -14.15
CA PRO P 18 74.00 28.31 -15.33
C PRO P 18 73.64 26.94 -15.88
N GLY P 19 73.99 25.92 -15.12
CA GLY P 19 73.86 24.53 -15.47
C GLY P 19 72.49 23.93 -15.24
N ALA P 20 71.57 24.16 -16.18
N ALA P 20 71.57 24.16 -16.18
CA ALA P 20 70.28 23.47 -16.19
CA ALA P 20 70.28 23.47 -16.19
C ALA P 20 70.48 21.98 -15.94
C ALA P 20 70.48 21.98 -15.94
N LEU P 21 69.55 21.34 -15.21
CA LEU P 21 68.27 21.85 -14.64
C LEU P 21 67.27 22.41 -15.66
N ARG P 22 66.80 21.50 -16.52
CA ARG P 22 65.77 21.72 -17.51
C ARG P 22 64.51 20.95 -17.11
N ARG P 23 63.36 21.42 -17.58
CA ARG P 23 62.10 20.88 -17.12
C ARG P 23 61.78 19.54 -17.78
N MET P 24 61.10 18.67 -17.01
CA MET P 24 60.68 17.38 -17.53
C MET P 24 59.51 17.54 -18.49
N THR P 25 58.97 16.40 -18.91
CA THR P 25 57.96 16.27 -19.94
C THR P 25 57.58 14.80 -19.99
N SER P 26 56.36 14.51 -20.46
CA SER P 26 55.86 13.14 -20.38
C SER P 26 56.73 12.14 -21.14
N LYS P 27 57.31 12.52 -22.28
CA LYS P 27 58.32 11.62 -22.84
C LYS P 27 59.70 11.79 -22.22
N ASP P 28 59.77 12.15 -20.94
CA ASP P 28 60.91 11.71 -20.14
C ASP P 28 60.51 10.55 -19.23
N ILE P 29 59.27 10.51 -18.78
CA ILE P 29 58.71 9.37 -18.06
C ILE P 29 57.46 8.91 -18.80
N PRO P 30 57.58 7.87 -19.64
CA PRO P 30 56.55 7.62 -20.66
C PRO P 30 55.18 7.25 -20.10
N GLU P 31 55.10 6.81 -18.85
CA GLU P 31 53.82 6.39 -18.30
C GLU P 31 52.85 7.55 -18.12
N THR P 32 53.35 8.79 -18.17
CA THR P 32 52.60 9.98 -17.82
C THR P 32 51.91 10.60 -19.04
N ALA P 33 51.16 9.81 -19.79
CA ALA P 33 50.39 10.31 -20.91
C ALA P 33 49.00 9.74 -20.84
N ILE P 34 48.05 10.37 -21.56
CA ILE P 34 46.74 9.77 -21.68
C ILE P 34 46.78 8.83 -22.86
N ILE P 35 47.52 7.73 -22.72
CA ILE P 35 47.39 6.53 -23.52
C ILE P 35 47.61 5.38 -22.56
N ASN P 36 48.20 5.70 -21.40
CA ASN P 36 48.65 4.72 -20.43
C ASN P 36 47.96 4.85 -19.07
N THR P 37 47.25 5.95 -18.82
CA THR P 37 46.40 6.03 -17.65
C THR P 37 45.37 4.91 -17.66
N ASP P 38 45.16 4.27 -16.51
CA ASP P 38 44.18 3.20 -16.40
C ASP P 38 42.78 3.76 -16.20
N ALA P 49 44.34 7.15 -31.49
CA ALA P 49 43.80 8.12 -32.44
C ALA P 49 43.19 9.32 -31.72
N LEU P 50 42.06 9.08 -31.04
CA LEU P 50 41.53 10.10 -30.13
C LEU P 50 42.60 10.52 -29.14
N VAL P 51 43.39 9.58 -28.67
CA VAL P 51 44.68 9.87 -28.03
C VAL P 51 45.52 10.58 -29.08
N PRO P 52 45.85 11.86 -28.89
CA PRO P 52 46.53 12.60 -29.97
C PRO P 52 48.04 12.42 -29.97
N TYR P 53 48.63 11.85 -28.91
CA TYR P 53 50.06 11.53 -28.79
C TYR P 53 50.96 12.74 -28.61
N ILE P 54 50.55 13.75 -27.84
CA ILE P 54 51.37 14.93 -27.61
C ILE P 54 51.74 15.00 -26.14
N ASP P 55 52.96 15.46 -25.87
CA ASP P 55 53.43 15.57 -24.51
C ASP P 55 52.97 16.88 -23.87
N GLU P 56 52.74 16.80 -22.58
CA GLU P 56 52.21 17.90 -21.79
C GLU P 56 53.10 18.09 -20.57
N PRO P 57 53.08 19.26 -19.95
CA PRO P 57 53.99 19.52 -18.83
C PRO P 57 53.65 18.69 -17.62
N LEU P 58 54.61 18.63 -16.70
CA LEU P 58 54.48 17.89 -15.46
C LEU P 58 54.40 18.86 -14.30
N VAL P 59 53.54 18.54 -13.33
CA VAL P 59 53.29 19.40 -12.19
C VAL P 59 53.41 18.57 -10.91
N VAL P 60 54.00 19.14 -9.88
CA VAL P 60 54.22 18.45 -8.62
C VAL P 60 53.05 18.69 -7.70
N VAL P 61 52.42 17.62 -7.25
CA VAL P 61 51.26 17.73 -6.38
C VAL P 61 51.71 17.87 -4.93
N THR P 62 51.22 18.91 -4.27
CA THR P 62 51.53 19.13 -2.88
C THR P 62 50.84 18.06 -2.04
N GLU P 63 51.55 17.56 -1.02
CA GLU P 63 50.98 16.50 -0.22
C GLU P 63 49.72 16.98 0.49
N HIS P 64 49.62 18.27 0.78
CA HIS P 64 48.38 18.82 1.31
C HIS P 64 47.29 18.81 0.24
N ALA P 65 47.66 18.84 -1.03
CA ALA P 65 46.69 18.70 -2.11
C ALA P 65 46.23 17.26 -2.26
N ILE P 66 47.15 16.31 -2.06
CA ILE P 66 46.77 14.90 -2.14
C ILE P 66 45.75 14.56 -1.07
N THR P 67 46.03 14.97 0.16
CA THR P 67 45.17 14.64 1.29
C THR P 67 43.80 15.31 1.20
N ASN P 68 43.62 16.27 0.29
CA ASN P 68 42.40 17.06 0.26
C ASN P 68 41.43 16.58 -0.81
N PHE P 69 41.89 16.41 -2.06
CA PHE P 69 40.98 16.02 -3.12
C PHE P 69 40.33 14.67 -2.82
N THR P 70 41.11 13.74 -2.27
CA THR P 70 40.56 12.43 -1.91
C THR P 70 39.40 12.59 -0.94
N LYS P 71 39.55 13.44 0.06
CA LYS P 71 38.43 13.74 0.94
C LYS P 71 37.26 14.32 0.14
N ALA P 72 37.55 15.24 -0.77
CA ALA P 72 36.49 15.84 -1.57
C ALA P 72 35.76 14.80 -2.41
N GLU P 73 36.42 13.69 -2.71
CA GLU P 73 35.76 12.60 -3.42
C GLU P 73 34.86 11.80 -2.48
N MET P 74 35.18 11.77 -1.19
CA MET P 74 34.30 11.12 -0.24
C MET P 74 32.95 11.80 -0.15
N ALA P 75 32.84 13.03 -0.69
CA ALA P 75 31.53 13.67 -0.77
C ALA P 75 30.56 12.83 -1.58
N LEU P 76 31.06 12.12 -2.59
CA LEU P 76 30.21 11.20 -3.35
C LEU P 76 29.84 10.00 -2.50
N GLU P 77 30.79 9.48 -1.73
CA GLU P 77 30.64 8.18 -1.08
C GLU P 77 29.38 8.10 -0.24
N PHE P 78 28.93 9.21 0.31
CA PHE P 78 27.74 9.17 1.15
C PHE P 78 26.51 8.79 0.35
N ASN P 79 26.56 8.87 -0.97
CA ASN P 79 25.39 8.63 -1.81
C ASN P 79 25.71 7.74 -2.99
N ARG P 80 26.71 6.87 -2.87
CA ARG P 80 26.98 5.94 -3.95
C ARG P 80 25.81 4.98 -4.16
N GLU P 81 25.04 4.72 -3.12
CA GLU P 81 23.86 3.87 -3.25
C GLU P 81 22.93 4.40 -4.32
N PHE P 82 22.71 5.72 -4.34
CA PHE P 82 21.90 6.32 -5.38
C PHE P 82 22.66 6.39 -6.70
N LEU P 83 23.98 6.47 -6.66
CA LEU P 83 24.76 6.45 -7.89
C LEU P 83 24.67 5.11 -8.58
N ASP P 84 24.71 4.02 -7.80
CA ASP P 84 24.49 2.70 -8.39
C ASP P 84 23.13 2.64 -9.06
N LYS P 85 22.15 3.33 -8.49
CA LYS P 85 20.84 3.42 -9.12
C LYS P 85 20.93 4.15 -10.44
N MET P 86 21.76 5.19 -10.53
CA MET P 86 21.93 5.90 -11.80
C MET P 86 23.07 5.36 -12.64
N ARG P 87 23.83 4.39 -12.14
CA ARG P 87 24.90 3.76 -12.91
C ARG P 87 25.89 4.80 -13.42
N VAL P 88 26.30 5.69 -12.52
CA VAL P 88 27.22 6.78 -12.83
C VAL P 88 28.48 6.59 -12.00
N LEU P 89 29.63 6.68 -12.66
CA LEU P 89 30.94 6.58 -12.01
C LEU P 89 31.03 5.26 -11.24
N SER P 90 30.98 4.16 -11.99
CA SER P 90 30.93 2.83 -11.40
C SER P 90 32.23 2.43 -10.73
N VAL P 91 33.31 3.18 -10.90
CA VAL P 91 34.57 2.91 -10.22
C VAL P 91 34.93 4.12 -9.37
N SER P 92 35.38 3.87 -8.16
CA SER P 92 35.88 4.96 -7.33
C SER P 92 37.08 5.59 -8.01
N PRO P 93 37.08 6.91 -8.22
CA PRO P 93 38.22 7.56 -8.89
C PRO P 93 39.56 7.22 -8.26
N LYS P 94 39.71 7.42 -6.95
CA LYS P 94 40.96 7.14 -6.26
C LYS P 94 42.12 7.89 -6.92
N TYR P 95 42.12 9.19 -6.67
CA TYR P 95 43.13 10.13 -7.13
C TYR P 95 44.52 9.51 -7.16
N SER P 96 44.81 8.68 -6.15
CA SER P 96 46.15 8.11 -5.99
C SER P 96 46.61 7.34 -7.23
N ASP P 97 45.70 6.60 -7.87
CA ASP P 97 46.10 5.79 -9.02
C ASP P 97 46.59 6.65 -10.16
N LEU P 98 45.93 7.77 -10.41
CA LEU P 98 46.38 8.68 -11.46
C LEU P 98 47.81 9.14 -11.22
N LEU P 99 48.24 9.15 -9.97
CA LEU P 99 49.54 9.68 -9.64
C LEU P 99 50.65 8.69 -10.00
N THR P 100 51.73 9.22 -10.57
CA THR P 100 52.97 8.49 -10.72
C THR P 100 54.01 9.12 -9.80
N TYR P 101 54.94 8.31 -9.33
CA TYR P 101 55.98 8.78 -8.44
C TYR P 101 57.31 8.69 -9.17
N VAL P 102 58.00 9.83 -9.26
CA VAL P 102 59.36 9.91 -9.75
C VAL P 102 60.15 10.73 -8.75
N ASP P 103 61.42 10.98 -9.03
CA ASP P 103 62.25 11.69 -8.06
C ASP P 103 63.40 12.39 -8.77
N CYS P 104 63.46 13.71 -8.61
CA CYS P 104 64.44 14.53 -9.32
C CYS P 104 64.58 15.85 -8.58
N TYR P 105 65.25 16.81 -9.20
CA TYR P 105 65.32 18.15 -8.66
C TYR P 105 63.96 18.82 -8.79
N VAL P 106 63.36 19.17 -7.66
CA VAL P 106 62.01 19.71 -7.63
C VAL P 106 62.08 21.15 -7.13
N GLY P 107 61.10 21.95 -7.56
CA GLY P 107 61.07 23.33 -7.14
C GLY P 107 60.17 24.13 -8.05
N VAL P 108 60.22 25.44 -7.86
CA VAL P 108 59.48 26.37 -8.70
C VAL P 108 60.40 27.26 -9.53
N SER P 109 61.66 27.39 -9.15
CA SER P 109 62.65 28.06 -9.99
C SER P 109 63.88 27.18 -10.06
N ALA P 110 64.52 27.17 -11.24
CA ALA P 110 65.66 26.29 -11.44
C ALA P 110 66.81 26.65 -10.51
N ARG P 111 67.07 27.95 -10.33
CA ARG P 111 68.16 28.35 -9.45
C ARG P 111 67.98 27.78 -8.06
N GLN P 112 66.73 27.57 -7.63
CA GLN P 112 66.48 26.91 -6.36
C GLN P 112 66.05 25.45 -6.51
N ALA P 113 65.88 24.97 -7.74
CA ALA P 113 65.77 23.53 -7.92
C ALA P 113 67.13 22.84 -7.83
N LEU P 114 68.19 23.53 -8.28
CA LEU P 114 69.56 23.07 -8.11
C LEU P 114 69.85 22.54 -6.71
N ASN P 115 69.16 23.07 -5.70
CA ASN P 115 69.41 22.68 -4.32
C ASN P 115 68.21 21.97 -3.72
N ASN P 116 67.46 21.22 -4.52
CA ASN P 116 66.33 20.49 -3.93
C ASN P 116 66.09 19.23 -4.75
N PHE P 117 66.72 18.13 -4.32
CA PHE P 117 66.55 16.84 -4.96
C PHE P 117 65.91 15.88 -3.97
N GLN P 118 64.79 15.26 -4.36
CA GLN P 118 63.97 14.51 -3.43
C GLN P 118 63.65 13.14 -3.99
N LYS P 119 63.31 12.22 -3.07
CA LYS P 119 62.94 10.85 -3.39
C LYS P 119 61.42 10.73 -3.43
N GLN P 120 60.91 9.99 -4.40
CA GLN P 120 59.49 9.63 -4.46
C GLN P 120 58.60 10.86 -4.46
N VAL P 121 58.70 11.62 -5.54
CA VAL P 121 58.02 12.91 -5.67
C VAL P 121 56.73 12.70 -6.45
N PRO P 122 55.56 12.99 -5.89
CA PRO P 122 54.30 12.70 -6.57
C PRO P 122 54.02 13.70 -7.68
N VAL P 123 53.98 13.22 -8.91
CA VAL P 123 53.92 14.07 -10.09
C VAL P 123 52.69 13.71 -10.91
N ILE P 124 52.07 14.73 -11.50
CA ILE P 124 50.89 14.57 -12.35
C ILE P 124 50.99 15.55 -13.50
N THR P 125 50.13 15.37 -14.50
CA THR P 125 50.05 16.25 -15.66
C THR P 125 48.67 16.88 -15.73
N PRO P 126 48.57 18.18 -16.05
CA PRO P 126 47.31 18.90 -15.83
C PRO P 126 46.13 18.36 -16.61
N THR P 127 46.35 17.83 -17.82
CA THR P 127 45.25 17.24 -18.57
C THR P 127 44.62 16.11 -17.78
N ARG P 128 45.46 15.20 -17.27
CA ARG P 128 44.98 14.13 -16.40
C ARG P 128 44.35 14.71 -15.14
N GLN P 129 44.97 15.76 -14.58
CA GLN P 129 44.40 16.43 -13.42
C GLN P 129 43.03 17.00 -13.74
N THR P 130 42.88 17.61 -14.91
CA THR P 130 41.57 18.10 -15.32
C THR P 130 40.60 16.94 -15.51
N MET P 131 41.10 15.77 -15.87
CA MET P 131 40.24 14.60 -16.04
C MET P 131 39.68 14.13 -14.69
N TYR P 132 40.40 14.37 -13.61
CA TYR P 132 39.92 13.88 -12.32
C TYR P 132 38.88 14.83 -11.73
N VAL P 133 39.08 16.14 -11.90
CA VAL P 133 38.17 17.10 -11.28
C VAL P 133 36.81 17.07 -11.97
N ASP P 134 36.81 17.02 -13.31
CA ASP P 134 35.55 17.06 -14.02
C ASP P 134 34.80 15.74 -13.93
N SER P 135 35.52 14.66 -13.60
CA SER P 135 34.84 13.40 -13.30
C SER P 135 34.08 13.50 -11.99
N ILE P 136 34.64 14.22 -11.02
CA ILE P 136 33.91 14.50 -9.79
C ILE P 136 32.66 15.30 -10.10
N GLN P 137 32.85 16.50 -10.65
CA GLN P 137 31.73 17.41 -10.84
C GLN P 137 30.72 16.88 -11.84
N ALA P 138 31.12 15.94 -12.70
CA ALA P 138 30.13 15.29 -13.53
C ALA P 138 29.09 14.60 -12.68
N ALA P 139 29.53 13.88 -11.65
CA ALA P 139 28.60 13.22 -10.74
C ALA P 139 27.87 14.23 -9.87
N LEU P 140 28.58 15.24 -9.38
CA LEU P 140 27.98 16.21 -8.48
C LEU P 140 26.73 16.84 -9.08
N LYS P 141 26.70 17.02 -10.40
CA LYS P 141 25.49 17.53 -11.05
C LYS P 141 24.34 16.55 -10.91
N ALA P 142 24.62 15.26 -11.05
CA ALA P 142 23.56 14.26 -10.93
C ALA P 142 23.01 14.22 -9.50
N LEU P 143 23.83 14.53 -8.52
CA LEU P 143 23.39 14.53 -7.13
C LEU P 143 22.58 15.77 -6.78
N GLU P 144 22.34 16.66 -7.73
CA GLU P 144 21.88 18.00 -7.40
C GLU P 144 20.55 17.95 -6.65
N LYS P 145 19.55 17.27 -7.22
CA LYS P 145 18.27 17.18 -6.54
C LYS P 145 18.27 16.13 -5.43
N TRP P 146 18.95 15.01 -5.65
CA TRP P 146 18.88 13.90 -4.71
C TRP P 146 19.34 14.31 -3.32
N GLU P 147 20.28 15.26 -3.25
CA GLU P 147 20.73 15.69 -1.93
C GLU P 147 19.72 16.62 -1.27
N ILE P 148 19.00 17.43 -2.06
CA ILE P 148 18.00 18.31 -1.49
C ILE P 148 16.99 17.51 -0.68
N ASP P 149 16.56 16.37 -1.20
CA ASP P 149 15.57 15.55 -0.51
C ASP P 149 16.13 15.00 0.80
N LEU P 150 17.39 14.58 0.80
CA LEU P 150 17.99 14.07 2.03
C LEU P 150 18.01 15.12 3.12
N ARG P 151 18.33 16.37 2.77
CA ARG P 151 18.27 17.43 3.76
C ARG P 151 16.83 17.66 4.23
N VAL P 152 15.87 17.64 3.31
CA VAL P 152 14.48 17.86 3.68
C VAL P 152 14.04 16.83 4.71
N ALA P 153 14.36 15.56 4.47
CA ALA P 153 14.00 14.53 5.42
C ALA P 153 14.69 14.74 6.75
N GLN P 154 15.97 15.09 6.72
CA GLN P 154 16.76 15.18 7.94
C GLN P 154 16.22 16.23 8.89
N THR P 155 15.66 17.32 8.36
CA THR P 155 15.24 18.43 9.19
C THR P 155 13.75 18.67 9.20
N LEU P 156 12.95 17.86 8.50
CA LEU P 156 11.51 17.97 8.64
C LEU P 156 11.09 17.65 10.07
N LEU P 157 11.83 16.77 10.73
CA LEU P 157 11.74 16.49 12.15
C LEU P 157 13.14 16.50 12.71
N PRO P 158 13.30 16.87 13.99
CA PRO P 158 14.65 17.03 14.55
C PRO P 158 15.41 15.72 14.54
N THR P 159 16.71 15.82 14.23
CA THR P 159 17.61 14.68 14.34
C THR P 159 18.87 15.04 15.10
N ASN P 160 18.89 16.16 15.81
CA ASN P 160 20.04 16.54 16.60
C ASN P 160 19.59 17.31 17.82
N VAL P 161 19.87 16.77 18.99
CA VAL P 161 19.70 17.50 20.25
C VAL P 161 20.90 18.42 20.37
N PRO P 162 20.81 19.53 21.10
CA PRO P 162 22.03 20.23 21.50
C PRO P 162 22.90 19.36 22.38
N ILE P 163 22.35 18.92 23.50
CA ILE P 163 23.04 18.05 24.45
C ILE P 163 22.04 17.04 25.00
N GLY P 164 22.51 15.81 25.17
CA GLY P 164 21.68 14.73 25.65
C GLY P 164 21.31 13.75 24.55
N GLU P 165 20.13 13.15 24.67
CA GLU P 165 19.64 12.23 23.64
C GLU P 165 18.16 11.98 23.87
N VAL P 166 17.42 11.87 22.77
CA VAL P 166 16.00 11.61 22.81
C VAL P 166 15.69 10.54 21.78
N SER P 167 14.61 9.79 22.02
CA SER P 167 14.28 8.64 21.20
C SER P 167 12.79 8.62 20.90
N CYS P 168 12.44 7.86 19.86
CA CYS P 168 11.05 7.70 19.47
C CYS P 168 10.90 6.36 18.77
N PRO P 169 9.75 5.71 18.91
CA PRO P 169 9.49 4.51 18.10
C PRO P 169 9.66 4.81 16.62
N MET P 170 10.56 4.06 15.98
CA MET P 170 10.83 4.23 14.55
C MET P 170 9.54 4.16 13.74
N GLN P 171 8.68 3.20 14.08
CA GLN P 171 7.47 2.98 13.30
C GLN P 171 6.52 4.16 13.36
N SER P 172 6.72 5.08 14.30
CA SER P 172 5.93 6.30 14.30
C SER P 172 6.51 7.32 13.32
N VAL P 173 7.78 7.67 13.51
CA VAL P 173 8.40 8.72 12.69
C VAL P 173 8.43 8.32 11.23
N VAL P 174 8.47 7.03 10.94
CA VAL P 174 8.41 6.59 9.55
C VAL P 174 7.10 7.03 8.93
N LYS P 175 6.01 6.86 9.66
CA LYS P 175 4.69 7.25 9.14
C LYS P 175 4.59 8.76 8.97
N LEU P 176 5.24 9.54 9.83
CA LEU P 176 5.14 10.99 9.72
C LEU P 176 5.68 11.47 8.38
N LEU P 177 6.82 10.94 7.96
CA LEU P 177 7.41 11.34 6.69
C LEU P 177 6.50 11.01 5.53
N ASP P 178 5.87 9.83 5.57
CA ASP P 178 4.93 9.45 4.53
C ASP P 178 3.79 10.46 4.42
N ASP P 179 3.39 11.05 5.53
CA ASP P 179 2.35 12.07 5.48
C ASP P 179 2.89 13.45 5.14
N GLN P 180 4.21 13.64 5.10
CA GLN P 180 4.69 15.01 5.03
C GLN P 180 5.64 15.26 3.88
N LEU P 181 6.44 14.27 3.52
CA LEU P 181 7.34 14.43 2.40
C LEU P 181 6.53 14.65 1.13
N PRO P 182 6.80 15.69 0.35
CA PRO P 182 6.05 15.92 -0.88
C PRO P 182 6.23 14.77 -1.85
N ASP P 183 5.39 14.75 -2.88
CA ASP P 183 5.42 13.63 -3.81
C ASP P 183 6.70 13.63 -4.63
N ASP P 184 7.22 14.80 -4.97
CA ASP P 184 8.44 14.87 -5.75
C ASP P 184 9.66 14.36 -5.00
N SER P 185 9.53 13.97 -3.75
CA SER P 185 10.67 13.47 -3.00
C SER P 185 11.11 12.13 -3.56
N LEU P 186 12.40 12.01 -3.86
CA LEU P 186 12.94 10.76 -4.36
C LEU P 186 12.78 9.64 -3.33
N ILE P 187 12.56 10.01 -2.06
CA ILE P 187 12.39 8.99 -1.03
C ILE P 187 11.24 8.06 -1.38
N ARG P 188 10.13 8.63 -1.85
CA ARG P 188 8.95 7.85 -2.18
C ARG P 188 9.20 6.93 -3.36
N ARG P 189 10.41 6.93 -3.89
CA ARG P 189 10.80 5.97 -4.91
C ARG P 189 12.02 5.14 -4.54
N TYR P 190 12.82 5.57 -3.58
CA TYR P 190 14.00 4.82 -3.14
C TYR P 190 13.99 4.68 -1.63
N PRO P 191 12.98 4.00 -1.07
CA PRO P 191 12.87 3.97 0.40
C PRO P 191 14.06 3.30 1.06
N LYS P 192 14.45 2.13 0.56
CA LYS P 192 15.58 1.43 1.16
C LYS P 192 16.86 2.24 0.98
N GLU P 193 17.01 2.92 -0.15
CA GLU P 193 18.21 3.72 -0.39
C GLU P 193 18.38 4.81 0.65
N ALA P 194 17.29 5.49 1.01
CA ALA P 194 17.39 6.57 1.99
C ALA P 194 17.74 6.01 3.36
N ALA P 195 17.29 4.80 3.67
CA ALA P 195 17.63 4.19 4.96
C ALA P 195 19.14 4.00 5.09
N VAL P 196 19.83 3.83 3.96
CA VAL P 196 21.25 3.54 4.01
C VAL P 196 22.09 4.81 3.90
N ALA P 197 21.60 5.81 3.18
CA ALA P 197 22.33 7.07 3.10
C ALA P 197 22.31 7.79 4.43
N LEU P 198 21.15 7.86 5.08
CA LEU P 198 21.03 8.57 6.35
C LEU P 198 21.92 7.93 7.41
N ALA P 199 21.92 6.59 7.46
CA ALA P 199 22.65 5.91 8.52
C ALA P 199 24.13 6.25 8.49
N LYS P 200 24.71 6.33 7.29
CA LYS P 200 26.11 6.71 7.22
C LYS P 200 26.32 8.15 7.67
N ARG P 201 25.27 8.95 7.68
CA ARG P 201 25.38 10.34 8.09
C ARG P 201 25.05 10.58 9.55
N ASN P 202 24.15 9.80 10.13
CA ASN P 202 23.75 9.96 11.52
C ASN P 202 24.07 8.71 12.31
N GLY P 203 24.65 8.88 13.49
CA GLY P 203 24.86 7.75 14.37
C GLY P 203 23.57 7.18 14.90
N GLY P 204 22.63 8.05 15.26
CA GLY P 204 21.41 7.63 15.93
C GLY P 204 20.48 6.78 15.08
N ILE P 205 20.73 6.70 13.78
CA ILE P 205 19.87 5.96 12.87
C ILE P 205 20.48 4.57 12.70
N GLN P 206 19.95 3.60 13.44
CA GLN P 206 20.47 2.24 13.46
C GLN P 206 19.36 1.29 13.05
N TRP P 207 19.65 0.41 12.10
CA TRP P 207 18.65 -0.40 11.44
C TRP P 207 18.72 -1.87 11.86
N MET P 208 17.54 -2.49 11.96
CA MET P 208 17.43 -3.93 12.13
C MET P 208 17.89 -4.66 10.89
N ASP P 209 18.96 -5.44 11.03
CA ASP P 209 19.47 -6.25 9.93
C ASP P 209 18.90 -7.66 10.10
N VAL P 210 17.82 -7.94 9.36
CA VAL P 210 16.95 -9.05 9.72
C VAL P 210 17.64 -10.40 9.67
N SER P 211 18.66 -10.56 8.81
CA SER P 211 19.18 -11.90 8.55
C SER P 211 19.74 -12.53 9.82
N GLU P 212 20.50 -11.75 10.60
CA GLU P 212 20.97 -12.21 11.89
C GLU P 212 20.26 -11.52 13.03
N GLY P 213 19.52 -10.45 12.78
CA GLY P 213 18.76 -9.79 13.81
C GLY P 213 19.61 -8.99 14.77
N THR P 214 20.17 -7.88 14.29
CA THR P 214 21.05 -7.06 15.10
C THR P 214 20.86 -5.59 14.74
N VAL P 215 21.28 -4.73 15.68
CA VAL P 215 21.29 -3.29 15.51
C VAL P 215 22.63 -2.76 15.99
N MET P 216 23.23 -1.87 15.20
CA MET P 216 24.56 -1.38 15.50
C MET P 216 24.79 -0.09 14.73
N ASN P 217 25.68 0.74 15.27
CA ASN P 217 26.04 1.99 14.61
C ASN P 217 26.72 1.71 13.28
N GLU P 218 26.41 2.52 12.28
CA GLU P 218 27.03 2.39 10.97
C GLU P 218 27.77 3.64 10.54
N ALA P 219 27.73 4.71 11.33
CA ALA P 219 28.12 6.03 10.85
C ALA P 219 29.59 6.08 10.49
N VAL P 220 29.94 7.00 9.59
CA VAL P 220 31.29 7.10 9.07
C VAL P 220 32.08 8.22 9.71
N ASN P 221 31.45 9.11 10.48
CA ASN P 221 32.08 10.30 10.99
C ASN P 221 32.00 10.39 12.50
N ALA P 222 32.30 9.28 13.18
CA ALA P 222 32.20 9.26 14.64
C ALA P 222 33.22 10.17 15.32
N VAL P 223 34.27 10.57 14.62
CA VAL P 223 35.29 11.41 15.23
C VAL P 223 35.00 12.89 15.02
N ALA P 224 34.47 13.28 13.87
CA ALA P 224 34.12 14.68 13.68
C ALA P 224 33.01 15.10 14.63
N ALA P 225 31.96 14.28 14.72
CA ALA P 225 30.79 14.65 15.50
C ALA P 225 31.11 14.85 16.97
N SER P 226 32.23 14.32 17.45
CA SER P 226 32.63 14.54 18.83
C SER P 226 32.90 16.02 19.09
N ALA P 227 33.73 16.62 18.25
CA ALA P 227 34.12 18.02 18.45
C ALA P 227 32.94 18.97 18.34
N LEU P 228 31.83 18.53 17.76
CA LEU P 228 30.64 19.34 17.63
C LEU P 228 29.75 19.26 18.85
N ALA P 229 29.70 18.12 19.50
CA ALA P 229 28.90 18.00 20.70
C ALA P 229 29.70 18.47 21.92
N PRO P 230 29.03 19.10 22.87
CA PRO P 230 29.70 19.47 24.12
C PRO P 230 29.96 18.22 24.96
N SER P 231 30.96 18.32 25.83
CA SER P 231 31.17 17.28 26.83
C SER P 231 30.18 17.50 27.97
N ALA P 232 30.49 16.93 29.12
CA ALA P 232 29.57 16.99 30.26
C ALA P 232 29.13 18.42 30.57
N SER P 233 30.07 19.35 30.71
CA SER P 233 29.70 20.64 31.27
C SER P 233 30.31 21.86 30.62
N ALA P 234 30.86 21.78 29.42
CA ALA P 234 31.46 22.91 28.74
C ALA P 234 31.12 22.88 27.27
N PRO P 235 31.13 24.02 26.59
CA PRO P 235 30.71 24.06 25.18
C PRO P 235 31.65 23.23 24.32
N PRO P 236 31.24 22.90 23.09
CA PRO P 236 32.07 22.08 22.22
C PRO P 236 33.40 22.76 21.88
N LEU P 237 34.42 21.92 21.67
CA LEU P 237 35.75 22.43 21.36
C LEU P 237 35.72 23.29 20.10
N GLU P 238 35.05 22.83 19.06
CA GLU P 238 35.12 23.52 17.77
C GLU P 238 34.58 24.94 17.90
N GLU P 239 33.49 25.11 18.63
CA GLU P 239 32.87 26.44 18.73
C GLU P 239 33.77 27.40 19.49
N LYS P 240 34.35 26.95 20.59
CA LYS P 240 35.27 27.81 21.33
C LYS P 240 36.45 28.22 20.46
N SER P 241 37.00 27.27 19.70
CA SER P 241 38.04 27.63 18.74
C SER P 241 37.50 28.57 17.69
N LYS P 242 36.31 28.27 17.16
CA LYS P 242 35.75 29.07 16.08
C LYS P 242 35.38 30.46 16.56
N LEU P 243 34.81 30.57 17.75
CA LEU P 243 34.43 31.87 18.28
C LEU P 243 35.64 32.78 18.44
N THR P 244 36.73 32.25 18.97
CA THR P 244 37.90 33.07 19.23
C THR P 244 38.47 33.66 17.96
N GLU P 245 38.68 32.83 16.93
CA GLU P 245 39.31 33.33 15.73
C GLU P 245 38.46 34.34 14.99
N GLN P 246 37.14 34.32 15.21
CA GLN P 246 36.31 35.40 14.69
C GLN P 246 36.62 36.71 15.38
N ALA P 247 36.61 36.69 16.72
CA ALA P 247 36.99 37.88 17.46
C ALA P 247 38.44 38.24 17.18
N MET P 248 39.31 37.23 17.10
CA MET P 248 40.71 37.48 16.80
C MET P 248 40.88 38.15 15.44
N ASP P 249 40.03 37.80 14.48
CA ASP P 249 40.13 38.41 13.16
C ASP P 249 39.75 39.89 13.20
N LEU P 250 38.63 40.21 13.86
CA LEU P 250 38.18 41.60 13.89
C LEU P 250 39.25 42.51 14.46
N VAL P 251 40.03 42.01 15.42
CA VAL P 251 41.12 42.82 15.95
C VAL P 251 42.11 43.17 14.86
N THR P 252 42.43 42.21 14.00
CA THR P 252 43.41 42.46 12.95
C THR P 252 42.90 43.48 11.94
N ALA P 253 41.64 43.39 11.56
CA ALA P 253 41.10 44.34 10.59
C ALA P 253 41.09 45.76 11.14
N ALA P 254 40.90 45.92 12.45
CA ALA P 254 40.83 47.25 13.02
C ALA P 254 42.18 47.95 13.01
N GLU P 255 43.27 47.24 12.72
CA GLU P 255 44.59 47.83 12.59
C GLU P 255 45.02 48.54 13.87
N PRO P 256 45.18 47.80 14.97
CA PRO P 256 45.43 48.47 16.25
C PRO P 256 46.68 49.32 16.25
N GLU P 257 47.70 48.92 15.49
CA GLU P 257 48.90 49.74 15.39
C GLU P 257 48.59 51.09 14.76
N ILE P 258 47.78 51.10 13.71
CA ILE P 258 47.54 52.34 12.97
C ILE P 258 46.68 53.30 13.79
N ILE P 259 45.62 52.79 14.41
CA ILE P 259 44.67 53.68 15.07
C ILE P 259 45.18 54.01 16.46
N ALA P 260 46.41 53.63 16.75
CA ALA P 260 47.08 53.99 17.99
C ALA P 260 48.43 54.62 17.70
N SER P 261 48.53 55.31 16.57
CA SER P 261 49.78 55.93 16.16
C SER P 261 49.89 57.33 16.76
N LEU P 262 51.08 57.66 17.24
CA LEU P 262 51.34 58.98 17.78
C LEU P 262 52.07 59.89 16.80
N VAL P 263 52.25 59.45 15.57
CA VAL P 263 53.02 60.21 14.58
C VAL P 263 52.15 60.46 13.35
N PRO P 264 52.56 61.35 12.45
CA PRO P 264 51.78 61.59 11.24
C PRO P 264 51.59 60.34 10.41
N VAL P 265 50.41 60.24 9.80
CA VAL P 265 50.02 59.06 9.02
C VAL P 265 49.33 59.48 7.72
N PRO P 266 49.63 58.83 6.60
CA PRO P 266 48.96 59.20 5.34
C PRO P 266 47.47 58.93 5.38
N ALA P 267 46.74 59.73 4.61
CA ALA P 267 45.28 59.58 4.58
C ALA P 267 44.81 58.25 4.02
N PRO P 268 45.28 57.78 2.86
CA PRO P 268 44.71 56.54 2.31
C PRO P 268 44.83 55.35 3.24
N VAL P 269 45.95 55.21 3.94
CA VAL P 269 46.08 54.10 4.87
C VAL P 269 45.12 54.27 6.05
N PHE P 270 44.83 55.51 6.45
CA PHE P 270 43.92 55.73 7.56
C PHE P 270 42.47 55.50 7.16
N ALA P 271 42.08 55.97 5.99
CA ALA P 271 40.67 56.03 5.63
C ALA P 271 40.10 54.64 5.37
N ILE P 272 38.77 54.55 5.47
CA ILE P 272 38.00 53.38 5.06
C ILE P 272 36.74 53.92 4.39
N PRO P 273 35.93 53.10 3.71
CA PRO P 273 34.77 53.63 3.00
C PRO P 273 33.88 54.45 3.90
N PRO P 274 33.45 55.61 3.45
CA PRO P 274 32.71 56.52 4.31
C PRO P 274 31.21 56.28 4.28
N LYS P 275 30.45 57.13 4.98
CA LYS P 275 29.01 57.06 5.05
C LYS P 275 28.45 58.39 4.58
N PRO P 276 27.27 58.38 3.97
CA PRO P 276 26.63 59.65 3.62
C PRO P 276 26.15 60.38 4.87
N ALA P 277 25.92 61.68 4.72
CA ALA P 277 25.41 62.50 5.79
C ALA P 277 24.35 63.45 5.28
N ASP P 278 23.61 64.03 6.23
CA ASP P 278 22.54 64.96 5.92
C ASP P 278 22.58 66.15 6.88
N TYR P 279 22.31 67.34 6.33
CA TYR P 279 22.33 68.56 7.11
C TYR P 279 21.18 69.45 6.68
N ASN P 280 21.05 70.59 7.37
CA ASN P 280 20.14 71.66 7.01
C ASN P 280 20.85 72.97 7.25
N VAL P 281 21.06 73.75 6.19
CA VAL P 281 22.05 74.81 6.22
C VAL P 281 21.60 75.97 7.09
N ARG P 282 20.39 76.49 6.87
CA ARG P 282 19.95 77.63 7.67
C ARG P 282 19.96 77.31 9.16
N THR P 283 19.80 76.04 9.51
CA THR P 283 19.85 75.66 10.91
C THR P 283 21.27 75.63 11.44
N LEU P 284 22.24 75.22 10.63
CA LEU P 284 23.61 75.14 11.11
C LEU P 284 24.15 76.51 11.47
N ARG P 285 24.83 76.59 12.60
CA ARG P 285 25.50 77.81 13.00
C ARG P 285 26.64 78.16 12.06
N ILE P 286 26.98 79.46 12.02
CA ILE P 286 28.05 79.91 11.14
C ILE P 286 29.40 79.84 11.85
N ASP P 287 29.41 79.73 13.17
CA ASP P 287 30.63 79.83 13.96
C ASP P 287 31.22 78.50 14.34
N GLU P 288 30.44 77.42 14.29
CA GLU P 288 30.95 76.09 14.58
C GLU P 288 31.56 75.44 13.34
N ALA P 289 30.92 75.59 12.19
CA ALA P 289 31.40 75.02 10.94
C ALA P 289 31.96 76.14 10.08
N THR P 290 33.25 76.06 9.77
CA THR P 290 33.88 77.08 8.94
C THR P 290 33.46 77.00 7.49
N TRP P 291 33.02 75.83 7.03
CA TRP P 291 32.87 75.59 5.60
C TRP P 291 31.55 76.15 5.08
N LEU P 292 31.00 77.14 5.79
CA LEU P 292 29.83 77.89 5.34
C LEU P 292 30.19 79.37 5.36
N ARG P 293 29.90 80.07 4.26
CA ARG P 293 30.09 81.51 4.17
C ARG P 293 28.77 82.17 3.83
N MET P 294 28.44 83.26 4.54
CA MET P 294 27.14 83.90 4.50
C MET P 294 27.32 85.41 4.54
N ILE P 295 26.75 86.11 3.56
CA ILE P 295 26.88 87.57 3.48
C ILE P 295 26.26 88.21 4.70
N PRO P 296 26.97 89.08 5.43
CA PRO P 296 26.44 89.63 6.68
C PRO P 296 25.12 90.34 6.44
N LYS P 297 24.21 90.15 7.38
CA LYS P 297 22.87 90.70 7.29
C LYS P 297 22.89 92.19 7.62
N SER P 298 21.69 92.75 7.73
CA SER P 298 21.49 94.13 8.20
C SER P 298 22.09 95.13 7.20
N MET P 299 22.41 94.64 6.02
CA MET P 299 22.93 95.50 4.97
C MET P 299 21.80 95.92 4.04
N ASN P 300 20.74 95.10 4.02
CA ASN P 300 19.54 95.34 3.22
C ASN P 300 19.81 95.56 1.74
N THR P 301 20.73 94.77 1.18
CA THR P 301 21.05 94.91 -0.24
C THR P 301 20.66 93.66 -1.02
N PRO P 302 19.73 93.84 -1.98
CA PRO P 302 19.20 92.82 -2.88
C PRO P 302 19.43 93.25 -4.33
N PHE P 303 20.65 93.05 -4.82
CA PHE P 303 20.98 93.44 -6.19
C PHE P 303 20.76 92.30 -7.19
N GLN P 304 20.21 92.64 -8.35
CA GLN P 304 19.96 91.65 -9.39
C GLN P 304 21.23 91.36 -10.17
N ILE P 305 21.27 90.15 -10.75
CA ILE P 305 22.34 89.73 -11.64
C ILE P 305 21.77 88.82 -12.72
N GLN P 306 22.41 88.82 -13.88
CA GLN P 306 22.04 87.99 -15.02
C GLN P 306 23.15 86.98 -15.27
N VAL P 307 22.80 85.70 -15.28
CA VAL P 307 23.80 84.63 -15.20
C VAL P 307 23.44 83.54 -16.19
N THR P 308 24.44 83.04 -16.92
CA THR P 308 24.22 82.03 -17.94
C THR P 308 24.41 80.63 -17.38
N ASP P 309 24.07 79.64 -18.20
CA ASP P 309 24.24 78.22 -17.90
C ASP P 309 25.33 77.67 -18.80
N ASN P 310 25.52 76.34 -18.73
CA ASN P 310 26.45 75.71 -19.67
C ASN P 310 25.91 75.67 -21.08
N THR P 311 24.60 75.73 -21.28
CA THR P 311 24.03 75.67 -22.61
C THR P 311 23.72 77.03 -23.21
N GLY P 312 24.04 78.11 -22.52
CA GLY P 312 23.84 79.45 -23.02
C GLY P 312 22.54 80.09 -22.61
N THR P 313 21.56 79.31 -22.17
CA THR P 313 20.27 79.86 -21.75
C THR P 313 20.46 80.69 -20.49
N ASN P 314 20.35 82.01 -20.63
CA ASN P 314 20.64 82.94 -19.55
C ASN P 314 19.61 82.80 -18.43
N TRP P 315 19.94 83.41 -17.28
CA TRP P 315 19.11 83.30 -16.09
C TRP P 315 19.27 84.52 -15.19
N HIS P 316 18.33 84.64 -14.26
CA HIS P 316 18.31 85.74 -13.30
C HIS P 316 18.17 85.18 -11.89
N LEU P 317 18.69 85.94 -10.93
CA LEU P 317 18.68 85.62 -9.49
C LEU P 317 19.17 86.83 -8.69
N ASN P 318 18.68 86.98 -7.44
CA ASN P 318 19.10 88.09 -6.61
C ASN P 318 19.79 87.57 -5.36
N LEU P 319 20.80 88.31 -4.91
CA LEU P 319 21.56 87.94 -3.73
C LEU P 319 21.44 89.05 -2.70
N ARG P 320 20.92 88.71 -1.52
CA ARG P 320 20.70 89.67 -0.46
C ARG P 320 21.52 89.31 0.76
N GLY P 321 21.47 90.18 1.76
CA GLY P 321 22.13 89.88 3.02
C GLY P 321 21.55 88.63 3.64
N GLY P 322 22.44 87.81 4.20
CA GLY P 322 22.02 86.58 4.82
C GLY P 322 22.03 85.36 3.92
N THR P 323 22.26 85.55 2.62
CA THR P 323 22.40 84.41 1.72
C THR P 323 23.65 83.61 2.09
N ARG P 324 23.54 82.30 2.06
CA ARG P 324 24.64 81.40 2.44
C ARG P 324 25.12 80.63 1.23
N VAL P 325 26.44 80.47 1.13
CA VAL P 325 27.07 79.58 0.18
C VAL P 325 27.91 78.58 0.95
N VAL P 326 28.62 77.72 0.21
CA VAL P 326 29.58 76.80 0.79
C VAL P 326 30.95 77.14 0.24
N ASN P 327 31.97 77.11 1.10
CA ASN P 327 33.33 77.40 0.67
C ASN P 327 33.90 76.12 0.10
N LEU P 328 34.08 76.11 -1.22
CA LEU P 328 34.30 74.87 -1.95
C LEU P 328 35.78 74.57 -2.20
N ASP P 329 36.69 75.40 -1.73
CA ASP P 329 38.10 75.05 -1.82
C ASP P 329 38.52 74.20 -0.63
N GLN P 330 39.48 73.32 -0.86
CA GLN P 330 39.96 72.35 0.12
C GLN P 330 38.80 71.67 0.86
N ILE P 331 37.97 70.99 0.08
CA ILE P 331 36.81 70.26 0.59
C ILE P 331 36.82 68.79 0.18
N ALA P 332 37.91 68.30 -0.42
CA ALA P 332 38.04 66.88 -0.69
C ALA P 332 36.88 66.33 -1.51
N PRO P 333 36.91 66.51 -2.83
CA PRO P 333 35.70 66.44 -3.67
C PRO P 333 34.64 65.42 -3.29
N MET P 334 33.39 65.88 -3.27
CA MET P 334 32.27 65.03 -2.92
C MET P 334 31.02 65.55 -3.62
N ARG P 335 29.92 64.85 -3.43
CA ARG P 335 28.70 65.03 -4.21
C ARG P 335 27.58 65.52 -3.32
N PHE P 336 26.74 66.40 -3.87
CA PHE P 336 25.59 66.94 -3.17
C PHE P 336 24.32 66.60 -3.92
N VAL P 337 23.23 66.43 -3.19
CA VAL P 337 21.89 66.36 -3.77
C VAL P 337 20.88 66.76 -2.70
N LEU P 338 19.99 67.69 -3.04
CA LEU P 338 19.21 68.43 -2.06
C LEU P 338 17.73 68.09 -2.22
N ASP P 339 16.98 68.16 -1.11
CA ASP P 339 15.57 67.79 -1.10
C ASP P 339 14.76 68.88 -0.41
N LEU P 340 14.11 69.74 -1.21
CA LEU P 340 13.31 70.82 -0.64
C LEU P 340 11.95 70.35 -0.16
N GLY P 341 11.58 69.11 -0.40
CA GLY P 341 10.29 68.62 0.03
C GLY P 341 10.05 68.83 1.51
N GLY P 342 8.89 69.35 1.86
CA GLY P 342 8.54 69.63 3.24
C GLY P 342 8.47 71.09 3.60
N LYS P 343 8.90 71.97 2.70
CA LYS P 343 8.94 73.40 2.96
C LYS P 343 7.96 74.14 2.05
N SER P 344 7.53 75.32 2.49
CA SER P 344 6.46 76.01 1.77
C SER P 344 6.98 77.02 0.76
N TYR P 345 7.69 78.04 1.22
CA TYR P 345 8.23 79.13 0.40
C TYR P 345 7.15 80.00 -0.23
N LYS P 346 5.90 79.87 0.21
CA LYS P 346 4.79 80.56 -0.44
C LYS P 346 4.63 81.94 0.16
N GLU P 347 5.29 82.93 -0.44
CA GLU P 347 5.09 84.31 -0.04
C GLU P 347 3.76 84.83 -0.59
N THR P 348 3.23 85.87 0.05
CA THR P 348 2.03 86.49 -0.48
C THR P 348 2.30 87.16 -1.82
N SER P 349 3.40 87.89 -1.94
CA SER P 349 3.79 88.46 -3.21
C SER P 349 4.32 87.41 -4.17
N TRP P 350 5.00 86.38 -3.66
CA TRP P 350 5.78 85.47 -4.49
C TRP P 350 5.26 84.05 -4.35
N ASP P 351 4.92 83.45 -5.47
CA ASP P 351 4.40 82.08 -5.58
C ASP P 351 5.53 81.14 -5.99
N PRO P 352 5.69 80.00 -5.32
CA PRO P 352 6.75 79.05 -5.72
C PRO P 352 6.33 77.97 -6.70
N ASN P 353 5.20 78.07 -7.39
CA ASN P 353 4.77 76.98 -8.26
C ASN P 353 5.43 77.10 -9.63
N GLY P 354 6.23 76.09 -9.99
CA GLY P 354 6.80 76.02 -11.31
C GLY P 354 8.10 76.77 -11.50
N LYS P 355 8.66 77.35 -10.45
CA LYS P 355 9.88 78.12 -10.60
C LYS P 355 11.09 77.20 -10.50
N LYS P 356 12.27 77.77 -10.69
CA LYS P 356 13.47 76.98 -10.88
C LYS P 356 14.49 77.29 -9.80
N VAL P 357 14.73 76.31 -8.93
CA VAL P 357 15.89 76.33 -8.06
C VAL P 357 17.05 75.77 -8.86
N GLY P 358 18.27 75.93 -8.36
CA GLY P 358 19.40 75.33 -9.02
C GLY P 358 20.69 75.65 -8.30
N PHE P 359 21.72 74.89 -8.64
CA PHE P 359 23.06 75.13 -8.14
C PHE P 359 23.78 76.12 -9.06
N ILE P 360 24.48 77.08 -8.45
CA ILE P 360 25.29 78.02 -9.19
C ILE P 360 26.64 78.08 -8.50
N VAL P 361 27.69 78.38 -9.26
CA VAL P 361 29.06 78.38 -8.77
C VAL P 361 29.68 79.74 -9.03
N PHE P 362 30.44 80.23 -8.07
CA PHE P 362 31.12 81.52 -8.16
C PHE P 362 32.62 81.32 -8.07
N GLN P 363 33.30 81.40 -9.20
CA GLN P 363 34.75 81.43 -9.24
C GLN P 363 35.17 82.89 -9.24
N SER P 364 35.66 83.37 -8.10
CA SER P 364 35.94 84.78 -7.93
C SER P 364 37.26 84.98 -7.19
N LYS P 365 37.90 86.11 -7.48
CA LYS P 365 39.04 86.55 -6.68
C LYS P 365 38.59 87.08 -5.33
N ILE P 366 37.51 87.83 -5.31
CA ILE P 366 37.10 88.59 -4.12
C ILE P 366 36.46 87.64 -3.11
N PRO P 367 36.68 87.83 -1.81
CA PRO P 367 35.94 87.08 -0.81
C PRO P 367 34.43 87.29 -0.95
N PHE P 368 33.68 86.24 -0.67
CA PHE P 368 32.24 86.26 -0.91
C PHE P 368 31.53 87.33 -0.07
N GLU P 369 31.89 87.45 1.21
CA GLU P 369 31.16 88.35 2.10
C GLU P 369 31.34 89.81 1.74
N LEU P 370 32.27 90.14 0.86
CA LEU P 370 32.59 91.53 0.54
C LEU P 370 31.79 92.07 -0.64
N TRP P 371 30.62 91.52 -0.90
CA TRP P 371 29.97 91.71 -2.20
C TRP P 371 28.77 92.65 -2.12
N THR P 372 28.66 93.51 -3.13
CA THR P 372 27.53 94.43 -3.23
C THR P 372 26.98 94.60 -4.64
N ALA P 373 27.69 94.18 -5.69
CA ALA P 373 27.26 94.46 -7.04
C ALA P 373 27.71 93.33 -7.96
N ALA P 374 27.15 93.32 -9.16
CA ALA P 374 27.38 92.25 -10.11
C ALA P 374 28.85 92.08 -10.48
N SER P 375 29.65 93.13 -10.31
CA SER P 375 31.05 93.05 -10.73
C SER P 375 31.81 91.99 -9.94
N GLN P 376 31.54 91.88 -8.65
CA GLN P 376 32.45 91.22 -7.73
C GLN P 376 32.38 89.70 -7.80
N ILE P 377 31.73 89.13 -8.82
CA ILE P 377 31.47 87.70 -8.83
C ILE P 377 32.45 86.89 -9.66
N GLY P 378 33.04 87.48 -10.70
CA GLY P 378 33.90 86.69 -11.56
C GLY P 378 33.10 85.70 -12.38
N GLN P 379 33.74 84.60 -12.76
CA GLN P 379 33.14 83.62 -13.64
C GLN P 379 32.11 82.82 -12.86
N ALA P 380 30.89 82.75 -13.39
CA ALA P 380 29.80 82.09 -12.69
C ALA P 380 28.81 81.53 -13.69
N THR P 381 28.43 80.27 -13.51
CA THR P 381 27.50 79.61 -14.41
C THR P 381 26.56 78.73 -13.61
N VAL P 382 25.47 78.32 -14.26
CA VAL P 382 24.41 77.52 -13.62
C VAL P 382 24.56 76.09 -14.08
N VAL P 383 24.62 75.16 -13.13
CA VAL P 383 24.99 73.78 -13.41
C VAL P 383 23.80 72.82 -13.39
N ASN P 384 22.66 73.23 -12.83
CA ASN P 384 21.53 72.32 -12.73
C ASN P 384 20.31 73.10 -12.30
N TYR P 385 19.14 72.57 -12.65
CA TYR P 385 17.87 73.16 -12.25
C TYR P 385 16.80 72.09 -12.32
N VAL P 386 15.67 72.36 -11.66
CA VAL P 386 14.53 71.45 -11.66
C VAL P 386 13.24 72.26 -11.70
N GLN P 387 12.15 71.57 -12.02
CA GLN P 387 10.82 72.13 -12.06
C GLN P 387 10.11 71.84 -10.74
N LEU P 388 9.28 72.77 -10.29
CA LEU P 388 8.65 72.69 -8.97
C LEU P 388 7.14 72.58 -9.10
N TYR P 389 6.54 71.77 -8.24
CA TYR P 389 5.08 71.62 -8.21
C TYR P 389 4.59 71.66 -6.78
N ALA P 390 3.55 72.45 -6.55
CA ALA P 390 3.03 72.70 -5.21
C ALA P 390 1.90 71.74 -4.88
N GLU P 391 1.94 71.18 -3.69
CA GLU P 391 0.95 70.22 -3.22
C GLU P 391 0.27 70.80 -1.98
N ASP P 392 -0.73 70.08 -1.45
CA ASP P 392 -1.51 70.53 -0.31
C ASP P 392 -1.24 69.62 0.88
N SER P 393 -1.13 70.23 2.06
CA SER P 393 -0.56 69.55 3.23
C SER P 393 -1.50 69.62 4.44
N SER P 394 -0.92 69.23 5.59
CA SER P 394 -1.69 69.12 6.83
C SER P 394 -2.21 70.46 7.30
N PHE P 395 -1.34 71.45 7.41
CA PHE P 395 -1.77 72.77 7.87
C PHE P 395 -2.65 73.40 6.82
N THR P 396 -3.90 73.68 7.19
CA THR P 396 -4.89 74.13 6.24
C THR P 396 -4.53 75.51 5.69
N ALA P 397 -4.84 75.74 4.41
CA ALA P 397 -4.74 77.03 3.75
C ALA P 397 -3.29 77.45 3.51
N GLN P 398 -2.44 76.48 3.17
CA GLN P 398 -1.14 76.77 2.60
C GLN P 398 -0.58 75.50 1.96
N SER P 399 0.37 75.69 1.06
CA SER P 399 0.94 74.61 0.27
C SER P 399 2.40 74.38 0.62
N ILE P 400 2.88 73.21 0.22
CA ILE P 400 4.27 72.77 0.43
C ILE P 400 4.86 72.33 -0.89
N ILE P 401 6.14 72.62 -1.07
CA ILE P 401 6.83 72.24 -2.29
C ILE P 401 7.16 70.74 -2.24
N ALA P 402 7.09 70.09 -3.39
CA ALA P 402 7.12 68.63 -3.46
C ALA P 402 8.55 68.11 -3.32
N THR P 403 8.74 66.81 -3.59
CA THR P 403 10.02 66.15 -3.36
C THR P 403 11.01 66.44 -4.48
N THR P 404 12.23 66.78 -4.11
CA THR P 404 13.24 67.25 -5.05
C THR P 404 14.55 66.54 -4.82
N SER P 405 15.30 66.35 -5.90
CA SER P 405 16.64 65.78 -5.85
C SER P 405 17.59 66.59 -6.70
N LEU P 406 17.58 67.91 -6.51
CA LEU P 406 18.53 68.76 -7.20
C LEU P 406 19.94 68.27 -6.90
N ALA P 407 20.64 67.78 -7.91
CA ALA P 407 21.85 67.01 -7.71
C ALA P 407 23.04 67.67 -8.39
N TYR P 408 24.22 67.41 -7.82
CA TYR P 408 25.47 67.88 -8.39
C TYR P 408 26.64 67.22 -7.69
N ASN P 409 27.61 66.73 -8.46
CA ASN P 409 28.82 66.19 -7.91
C ASN P 409 29.97 67.15 -8.17
N TYR P 410 30.82 67.35 -7.17
CA TYR P 410 31.89 68.32 -7.26
C TYR P 410 33.24 67.61 -7.37
N GLU P 411 34.10 68.22 -8.15
CA GLU P 411 35.43 67.78 -8.51
C GLU P 411 36.33 69.00 -8.73
N PRO P 412 37.56 68.97 -8.22
CA PRO P 412 38.49 70.08 -8.49
C PRO P 412 39.37 69.82 -9.70
N GLU P 413 39.40 68.58 -10.17
CA GLU P 413 40.33 68.17 -11.21
C GLU P 413 39.95 68.68 -12.60
N GLN P 414 38.73 69.18 -12.77
CA GLN P 414 38.37 69.86 -14.00
C GLN P 414 38.20 71.37 -13.81
N LEU P 415 38.00 71.82 -12.57
CA LEU P 415 38.07 73.26 -12.32
C LEU P 415 39.49 73.77 -12.54
N ASN P 416 40.50 73.01 -12.12
CA ASN P 416 41.91 73.27 -12.42
C ASN P 416 42.35 74.63 -11.89
N LYS P 417 42.33 74.75 -10.56
CA LYS P 417 42.76 75.97 -9.93
C LYS P 417 44.25 76.20 -10.14
N THR P 418 44.63 77.42 -10.42
CA THR P 418 46.03 77.82 -10.49
C THR P 418 46.34 79.08 -9.71
N ASP P 419 45.35 79.95 -9.51
CA ASP P 419 45.55 81.19 -8.81
C ASP P 419 45.17 81.01 -7.35
N PRO P 420 46.11 81.10 -6.40
CA PRO P 420 45.72 80.95 -4.99
C PRO P 420 44.69 81.97 -4.54
N GLU P 421 44.78 83.20 -5.01
CA GLU P 421 43.80 84.22 -4.66
C GLU P 421 42.45 83.98 -5.32
N MET P 422 42.35 83.02 -6.23
CA MET P 422 41.06 82.64 -6.75
C MET P 422 40.24 81.95 -5.66
N ASN P 423 38.93 81.86 -5.85
CA ASN P 423 38.07 81.25 -4.85
C ASN P 423 36.86 80.61 -5.54
N TYR P 424 36.28 79.63 -4.87
CA TYR P 424 35.13 78.90 -5.40
C TYR P 424 34.01 78.88 -4.37
N TYR P 425 32.78 79.08 -4.84
CA TYR P 425 31.62 79.08 -3.96
C TYR P 425 30.50 78.30 -4.62
N LEU P 426 29.37 78.21 -3.91
CA LEU P 426 28.23 77.43 -4.37
C LEU P 426 26.99 77.82 -3.57
N LEU P 427 25.91 78.18 -4.27
CA LEU P 427 24.68 78.60 -3.63
C LEU P 427 23.50 77.89 -4.30
N ALA P 428 22.30 78.36 -3.97
CA ALA P 428 21.08 77.86 -4.58
C ALA P 428 19.94 78.79 -4.22
N THR P 429 19.24 79.30 -5.23
CA THR P 429 18.05 80.10 -5.01
C THR P 429 17.24 80.07 -6.29
N PHE P 430 16.04 80.64 -6.22
CA PHE P 430 15.16 80.64 -7.38
C PHE P 430 15.84 81.37 -8.54
N ILE P 431 16.19 80.62 -9.58
CA ILE P 431 16.64 81.22 -10.83
C ILE P 431 15.39 81.47 -11.66
N ASP P 432 15.49 82.42 -12.59
CA ASP P 432 14.35 82.69 -13.44
C ASP P 432 14.82 83.21 -14.79
N SER P 433 13.90 83.15 -15.75
CA SER P 433 14.13 83.71 -17.08
C SER P 433 13.94 85.22 -17.12
N ALA P 434 13.31 85.80 -16.10
CA ALA P 434 13.10 87.25 -16.02
C ALA P 434 13.71 87.77 -14.74
N ALA P 435 13.97 89.08 -14.71
CA ALA P 435 14.49 89.70 -13.50
C ALA P 435 13.51 89.52 -12.35
N ILE P 436 14.04 89.23 -11.17
CA ILE P 436 13.23 89.12 -9.96
C ILE P 436 13.34 90.42 -9.18
N THR P 437 12.19 90.95 -8.78
CA THR P 437 12.19 92.14 -7.95
C THR P 437 12.56 91.74 -6.52
N PRO P 438 13.60 92.33 -5.94
CA PRO P 438 14.05 91.87 -4.62
C PRO P 438 13.00 91.99 -3.54
N THR P 439 12.03 92.88 -3.72
CA THR P 439 10.93 92.99 -2.76
C THR P 439 9.93 91.86 -2.88
N ASN P 440 10.10 90.95 -3.83
CA ASN P 440 9.21 89.80 -3.98
C ASN P 440 9.78 88.54 -3.36
N MET P 441 11.00 88.16 -3.71
CA MET P 441 11.69 87.03 -3.09
C MET P 441 12.45 87.58 -1.89
N THR P 442 11.77 87.62 -0.74
CA THR P 442 12.41 88.13 0.46
C THR P 442 13.41 87.13 1.03
N GLN P 443 13.22 85.85 0.76
CA GLN P 443 14.11 84.82 1.27
C GLN P 443 15.50 84.96 0.66
N PRO P 444 16.57 84.87 1.46
CA PRO P 444 17.91 85.07 0.90
C PRO P 444 18.34 83.96 -0.03
N ASP P 445 18.19 82.71 0.40
CA ASP P 445 18.60 81.54 -0.36
C ASP P 445 17.57 80.44 -0.11
N VAL P 446 17.84 79.25 -0.61
CA VAL P 446 16.83 78.20 -0.51
C VAL P 446 17.38 76.94 0.14
N TRP P 447 18.44 77.08 0.94
CA TRP P 447 18.96 75.96 1.70
C TRP P 447 18.06 75.51 2.85
N ASP P 448 16.93 76.18 3.10
CA ASP P 448 16.10 75.72 4.20
C ASP P 448 15.44 74.39 3.86
N ALA P 449 16.22 73.33 3.82
CA ALA P 449 15.74 71.99 3.49
C ALA P 449 16.84 71.00 3.86
N LEU P 450 16.59 69.74 3.56
CA LEU P 450 17.59 68.69 3.73
C LEU P 450 18.68 68.84 2.68
N LEU P 451 19.87 68.35 3.02
CA LEU P 451 20.96 68.24 2.06
C LEU P 451 21.75 66.98 2.36
N THR P 452 21.67 66.01 1.46
CA THR P 452 22.45 64.78 1.61
C THR P 452 23.82 64.96 1.00
N MET P 453 24.86 64.66 1.77
CA MET P 453 26.23 64.78 1.33
C MET P 453 26.90 63.41 1.33
N SER P 454 27.55 63.07 0.21
CA SER P 454 28.21 61.79 0.05
C SER P 454 29.60 61.99 -0.52
N PRO P 455 30.63 61.41 0.09
CA PRO P 455 31.98 61.60 -0.42
C PRO P 455 32.17 60.97 -1.79
N LEU P 456 33.06 61.57 -2.58
CA LEU P 456 33.41 61.07 -3.90
C LEU P 456 34.82 60.51 -3.97
N SER P 457 35.45 60.26 -2.83
CA SER P 457 36.74 59.61 -2.80
C SER P 457 36.97 59.10 -1.39
N ALA P 458 37.64 57.95 -1.29
CA ALA P 458 37.92 57.35 0.00
C ALA P 458 39.41 57.26 0.28
N GLY P 459 40.17 58.22 -0.23
CA GLY P 459 41.59 58.29 0.07
C GLY P 459 41.95 59.60 0.72
N GLU P 460 40.98 60.52 0.73
CA GLU P 460 41.16 61.85 1.28
C GLU P 460 40.36 61.97 2.58
N VAL P 461 40.92 62.70 3.54
CA VAL P 461 40.35 62.79 4.87
C VAL P 461 40.23 64.26 5.27
N THR P 462 39.16 64.60 5.97
CA THR P 462 38.93 65.96 6.45
C THR P 462 38.95 65.99 7.96
N VAL P 463 39.56 67.02 8.53
CA VAL P 463 39.68 67.16 9.98
C VAL P 463 39.10 68.51 10.39
N LYS P 464 38.19 68.50 11.36
CA LYS P 464 37.61 69.69 11.96
C LYS P 464 37.23 70.72 10.90
N GLY P 465 36.32 70.32 10.02
CA GLY P 465 35.77 71.22 9.02
C GLY P 465 36.65 71.50 7.84
N ALA P 466 37.80 70.86 7.71
CA ALA P 466 38.73 71.13 6.63
C ALA P 466 39.47 69.86 6.25
N VAL P 467 39.99 69.85 5.04
CA VAL P 467 40.71 68.69 4.53
C VAL P 467 42.18 68.80 4.90
N VAL P 468 42.82 67.66 5.07
CA VAL P 468 44.23 67.60 5.42
C VAL P 468 44.82 66.37 4.75
N SER P 469 46.07 66.47 4.35
CA SER P 469 46.75 65.36 3.70
C SER P 469 47.40 64.41 4.69
N GLU P 470 47.29 64.67 5.98
CA GLU P 470 48.09 63.93 6.94
C GLU P 470 47.32 63.88 8.25
N VAL P 471 47.38 62.75 8.94
CA VAL P 471 46.66 62.61 10.21
C VAL P 471 47.57 61.96 11.24
N VAL P 472 47.48 62.45 12.48
CA VAL P 472 47.97 61.74 13.65
C VAL P 472 46.75 61.16 14.36
N PRO P 473 46.56 59.85 14.35
CA PRO P 473 45.37 59.30 15.02
C PRO P 473 45.34 59.60 16.51
N ALA P 474 46.48 59.94 17.10
CA ALA P 474 46.49 60.26 18.53
C ALA P 474 45.78 61.57 18.85
N ASP P 475 45.91 62.59 17.99
CA ASP P 475 45.33 63.88 18.34
C ASP P 475 43.81 63.91 18.27
N LEU P 476 43.18 62.87 17.73
CA LEU P 476 41.73 62.85 17.63
C LEU P 476 41.04 62.48 18.93
N ILE P 477 41.78 62.12 19.97
CA ILE P 477 41.17 61.60 21.18
C ILE P 477 40.71 62.76 22.04
N GLY P 478 39.42 62.77 22.39
CA GLY P 478 38.88 63.81 23.25
C GLY P 478 39.05 65.21 22.72
N SER P 479 38.99 65.36 21.40
CA SER P 479 39.22 66.66 20.78
C SER P 479 37.96 67.30 20.22
N TYR P 480 36.94 66.53 19.92
CA TYR P 480 35.69 67.05 19.38
C TYR P 480 34.70 67.32 20.50
N THR P 481 33.66 68.09 20.16
CA THR P 481 32.56 68.39 21.06
C THR P 481 31.24 68.05 20.39
N PRO P 482 30.18 67.79 21.17
CA PRO P 482 28.91 67.37 20.55
C PRO P 482 28.40 68.32 19.49
N GLU P 483 28.97 69.50 19.37
CA GLU P 483 28.71 70.36 18.21
C GLU P 483 29.75 70.14 17.12
N SER P 484 30.98 69.78 17.50
CA SER P 484 32.02 69.56 16.50
C SER P 484 31.69 68.37 15.61
N LEU P 485 30.87 67.44 16.08
CA LEU P 485 30.62 66.23 15.31
C LEU P 485 29.71 66.49 14.14
N ASN P 486 28.52 67.04 14.41
CA ASN P 486 27.54 67.21 13.35
C ASN P 486 28.00 68.20 12.28
N THR P 487 29.03 68.98 12.53
CA THR P 487 29.58 69.85 11.52
C THR P 487 30.61 69.17 10.64
N SER P 488 30.97 67.93 10.95
CA SER P 488 32.02 67.26 10.19
C SER P 488 31.53 66.86 8.81
N LEU P 489 32.35 67.12 7.81
CA LEU P 489 32.05 66.65 6.47
C LEU P 489 32.04 65.13 6.46
N PRO P 490 31.23 64.52 5.60
CA PRO P 490 31.07 63.05 5.66
C PRO P 490 32.38 62.28 5.59
N ASN P 491 33.42 62.84 4.99
CA ASN P 491 34.73 62.21 5.01
C ASN P 491 35.61 62.76 6.11
N ASP P 492 35.11 62.78 7.34
CA ASP P 492 35.91 63.33 8.44
C ASP P 492 36.71 62.22 9.10
N ALA P 493 37.86 62.61 9.66
CA ALA P 493 38.70 61.65 10.35
C ALA P 493 37.98 61.06 11.55
N ALA P 494 37.23 61.90 12.29
CA ALA P 494 36.46 61.40 13.41
C ALA P 494 35.51 60.29 12.97
N ARG P 495 34.74 60.54 11.92
CA ARG P 495 33.80 59.54 11.43
C ARG P 495 34.54 58.29 11.00
N CYS P 496 35.68 58.45 10.31
CA CYS P 496 36.46 57.29 9.91
C CYS P 496 37.13 56.62 11.11
N MET P 497 37.51 57.40 12.12
CA MET P 497 38.16 56.82 13.29
C MET P 497 37.23 55.90 14.05
N ILE P 498 36.02 56.37 14.36
CA ILE P 498 35.09 55.55 15.12
C ILE P 498 34.72 54.29 14.35
N ASP P 499 34.80 54.34 13.03
CA ASP P 499 34.46 53.18 12.23
C ASP P 499 35.45 52.04 12.44
N ARG P 500 36.73 52.36 12.62
CA ARG P 500 37.69 51.31 12.98
C ARG P 500 37.42 50.81 14.38
N ALA P 501 37.15 51.71 15.33
CA ALA P 501 36.98 51.30 16.72
C ALA P 501 35.74 50.44 16.89
N SER P 502 34.74 50.61 16.03
CA SER P 502 33.57 49.74 16.09
C SER P 502 33.98 48.29 15.96
N LYS P 503 35.00 48.02 15.13
CA LYS P 503 35.50 46.65 15.01
C LYS P 503 36.05 46.14 16.32
N ILE P 504 36.79 46.98 17.04
CA ILE P 504 37.36 46.58 18.32
C ILE P 504 36.25 46.23 19.30
N ALA P 505 35.27 47.13 19.44
CA ALA P 505 34.30 47.01 20.51
C ALA P 505 33.53 45.70 20.42
N GLU P 506 33.05 45.35 19.23
CA GLU P 506 32.32 44.10 19.07
C GLU P 506 33.22 42.91 19.37
N ALA P 507 34.50 42.98 19.01
CA ALA P 507 35.41 41.89 19.35
C ALA P 507 35.56 41.75 20.86
N ILE P 508 35.62 42.87 21.58
CA ILE P 508 35.73 42.79 23.03
C ILE P 508 34.51 42.10 23.62
N LYS P 509 33.32 42.45 23.12
CA LYS P 509 32.10 41.83 23.61
C LYS P 509 32.08 40.32 23.36
N ILE P 510 32.90 39.82 22.43
CA ILE P 510 32.90 38.39 22.18
C ILE P 510 33.45 37.63 23.39
N ASP P 511 34.72 37.88 23.74
CA ASP P 511 35.30 37.15 24.85
C ASP P 511 34.67 37.58 26.18
N ASP P 512 34.38 38.86 26.33
CA ASP P 512 33.93 39.37 27.62
C ASP P 512 32.44 39.16 27.79
N ASP P 513 32.07 38.52 28.90
CA ASP P 513 30.68 38.40 29.32
C ASP P 513 30.47 39.04 30.67
N ALA P 514 31.35 39.95 31.07
CA ALA P 514 31.34 40.49 32.42
C ALA P 514 30.10 41.35 32.65
N GLY P 515 29.76 41.52 33.92
CA GLY P 515 28.68 42.39 34.32
C GLY P 515 29.22 43.65 34.97
N PRO P 516 28.33 44.44 35.56
CA PRO P 516 28.75 45.74 36.11
C PRO P 516 29.76 45.58 37.23
N ASP P 517 30.82 46.39 37.18
CA ASP P 517 31.88 46.42 38.18
C ASP P 517 32.58 45.07 38.34
N GLU P 518 32.59 44.23 37.31
CA GLU P 518 33.31 42.97 37.36
C GLU P 518 34.61 43.08 36.58
N TYR P 519 35.73 42.88 37.27
CA TYR P 519 37.04 43.02 36.63
C TYR P 519 37.18 42.01 35.52
N SER P 520 37.61 42.48 34.36
CA SER P 520 37.73 41.66 33.17
C SER P 520 39.12 41.86 32.57
N PRO P 521 39.58 40.88 31.78
CA PRO P 521 40.84 41.08 31.05
C PRO P 521 40.84 42.31 30.17
N ASN P 522 39.66 42.78 29.77
CA ASN P 522 39.52 43.97 28.96
C ASN P 522 39.23 45.21 29.79
N SER P 523 39.59 45.19 31.06
CA SER P 523 39.37 46.31 31.96
C SER P 523 40.63 46.77 32.67
N VAL P 524 41.46 45.84 33.13
CA VAL P 524 42.69 46.22 33.82
C VAL P 524 43.69 46.90 32.87
N PRO P 525 43.66 46.69 31.54
CA PRO P 525 44.52 47.55 30.70
C PRO P 525 44.25 49.02 30.91
N ILE P 526 42.98 49.40 31.09
CA ILE P 526 42.68 50.77 31.51
C ILE P 526 43.15 50.98 32.95
N GLN P 527 42.77 50.07 33.83
CA GLN P 527 43.08 50.24 35.25
C GLN P 527 44.58 50.39 35.47
N GLY P 528 45.39 49.83 34.58
CA GLY P 528 46.83 49.97 34.73
C GLY P 528 47.28 51.42 34.73
N GLN P 529 46.79 52.21 33.79
CA GLN P 529 47.17 53.62 33.74
C GLN P 529 46.57 54.39 34.90
N LEU P 530 45.36 54.02 35.32
CA LEU P 530 44.69 54.76 36.39
C LEU P 530 45.48 54.74 37.68
N ALA P 531 46.03 53.58 38.04
CA ALA P 531 46.92 53.53 39.20
C ALA P 531 48.12 54.43 38.98
N ILE P 532 48.65 54.45 37.76
CA ILE P 532 49.82 55.28 37.46
C ILE P 532 49.42 56.74 37.34
N SER P 533 48.34 57.03 36.62
CA SER P 533 47.95 58.42 36.38
C SER P 533 47.58 59.12 37.67
N GLN P 534 46.84 58.44 38.53
CA GLN P 534 46.44 59.03 39.81
C GLN P 534 47.65 59.47 40.61
N LEU P 535 48.68 58.64 40.68
CA LEU P 535 49.78 58.92 41.58
C LEU P 535 50.55 60.16 41.12
N GLU P 536 50.94 60.21 39.85
CA GLU P 536 51.67 61.36 39.35
C GLU P 536 50.74 62.57 39.30
N THR P 537 51.23 63.69 39.81
CA THR P 537 50.38 64.84 40.15
C THR P 537 49.75 65.41 38.89
N GLY P 538 48.45 65.70 38.95
CA GLY P 538 47.74 66.21 37.78
C GLY P 538 47.55 67.71 37.78
N TYR P 539 46.29 68.15 37.69
CA TYR P 539 45.94 69.57 37.70
C TYR P 539 44.83 69.77 38.73
N GLY P 540 45.22 70.07 39.96
CA GLY P 540 44.26 70.26 41.04
C GLY P 540 44.74 69.74 42.37
N VAL P 541 43.81 69.21 43.16
CA VAL P 541 44.13 68.61 44.45
C VAL P 541 44.31 67.12 44.24
N ARG P 542 45.51 66.61 44.56
CA ARG P 542 45.77 65.19 44.40
C ARG P 542 44.84 64.38 45.31
N ILE P 543 44.34 63.27 44.77
CA ILE P 543 43.40 62.40 45.48
C ILE P 543 43.77 60.95 45.18
N PHE P 544 43.79 60.13 46.23
CA PHE P 544 44.19 58.74 46.16
C PHE P 544 42.96 57.84 46.21
N ASN P 545 42.97 56.79 45.41
CA ASN P 545 41.93 55.77 45.39
C ASN P 545 42.53 54.42 45.77
N PRO P 546 41.72 53.51 46.29
CA PRO P 546 42.15 52.12 46.42
C PRO P 546 41.93 51.36 45.12
N LYS P 547 42.43 50.13 45.09
CA LYS P 547 42.20 49.32 43.90
C LYS P 547 40.73 48.97 43.75
N GLY P 548 40.01 48.83 44.87
CA GLY P 548 38.59 48.57 44.78
C GLY P 548 37.85 49.66 44.02
N ILE P 549 38.14 50.92 44.34
CA ILE P 549 37.53 52.03 43.62
C ILE P 549 38.00 52.04 42.18
N LEU P 550 39.31 51.86 41.96
CA LEU P 550 39.85 51.98 40.61
C LEU P 550 39.28 50.91 39.69
N SER P 551 39.22 49.66 40.15
CA SER P 551 38.84 48.57 39.27
C SER P 551 37.41 48.73 38.76
N LYS P 552 36.50 49.18 39.62
CA LYS P 552 35.13 49.40 39.17
C LYS P 552 35.08 50.40 38.03
N ILE P 553 35.84 51.50 38.15
CA ILE P 553 35.80 52.54 37.13
C ILE P 553 36.18 51.95 35.77
N ALA P 554 37.29 51.24 35.71
CA ALA P 554 37.74 50.65 34.46
C ALA P 554 36.66 49.76 33.86
N SER P 555 35.91 49.06 34.71
CA SER P 555 34.80 48.27 34.21
C SER P 555 33.78 49.16 33.49
N ARG P 556 33.15 50.06 34.24
CA ARG P 556 32.10 50.88 33.67
C ARG P 556 32.63 51.77 32.55
N ALA P 557 33.85 52.27 32.72
CA ALA P 557 34.43 53.12 31.69
C ALA P 557 34.67 52.35 30.41
N MET P 558 35.13 51.11 30.52
CA MET P 558 35.30 50.28 29.33
C MET P 558 33.96 50.03 28.64
N GLN P 559 32.93 49.73 29.43
CA GLN P 559 31.61 49.52 28.86
C GLN P 559 31.07 50.79 28.22
N ALA P 560 31.30 51.94 28.84
CA ALA P 560 30.80 53.19 28.27
C ALA P 560 31.31 53.39 26.86
N PHE P 561 32.51 52.87 26.56
CA PHE P 561 32.99 52.85 25.19
C PHE P 561 32.23 51.82 24.35
N ILE P 562 31.81 50.73 24.97
CA ILE P 562 31.15 49.68 24.19
C ILE P 562 29.78 50.15 23.72
N GLY P 563 29.04 50.83 24.59
CA GLY P 563 27.73 51.32 24.18
C GLY P 563 27.82 52.29 23.01
N ASP P 564 28.48 53.42 23.22
CA ASP P 564 28.81 54.34 22.15
C ASP P 564 30.33 54.30 21.98
N PRO P 565 30.85 53.74 20.90
CA PRO P 565 32.28 53.88 20.63
C PRO P 565 32.68 55.32 20.41
N SER P 566 31.79 56.13 19.82
CA SER P 566 32.17 57.46 19.37
C SER P 566 32.56 58.38 20.52
N THR P 567 32.27 57.99 21.76
CA THR P 567 32.68 58.80 22.90
C THR P 567 34.18 58.94 23.03
N ILE P 568 34.96 58.11 22.32
CA ILE P 568 36.42 58.26 22.35
C ILE P 568 36.83 59.65 21.90
N ILE P 569 36.20 60.16 20.85
CA ILE P 569 36.62 61.41 20.23
C ILE P 569 35.82 62.56 20.82
N THR P 570 35.21 62.36 21.98
CA THR P 570 34.31 63.33 22.57
C THR P 570 34.99 64.10 23.69
N GLN P 571 34.73 65.40 23.76
CA GLN P 571 35.38 66.27 24.73
C GLN P 571 35.03 65.85 26.15
N ALA P 572 36.02 65.97 27.03
CA ALA P 572 35.83 65.79 28.47
C ALA P 572 35.19 64.45 28.79
N ALA P 573 35.57 63.42 28.04
CA ALA P 573 35.10 62.08 28.36
C ALA P 573 35.66 61.66 29.72
N PRO P 574 34.92 60.86 30.47
CA PRO P 574 35.38 60.45 31.80
C PRO P 574 36.82 59.97 31.82
N VAL P 575 37.15 58.96 31.03
CA VAL P 575 38.54 58.54 30.90
C VAL P 575 38.95 58.55 29.44
N LEU P 576 38.02 58.15 28.56
CA LEU P 576 38.34 57.87 27.17
C LEU P 576 38.92 59.09 26.46
N SER P 577 38.69 60.30 26.97
CA SER P 577 39.19 61.48 26.28
C SER P 577 40.71 61.50 26.23
N ASP P 578 41.37 60.98 27.25
CA ASP P 578 42.82 61.01 27.31
C ASP P 578 43.43 60.03 26.31
N LYS P 579 44.49 60.48 25.64
CA LYS P 579 45.16 59.62 24.67
C LYS P 579 45.76 58.39 25.32
N ASN P 580 46.36 58.56 26.50
CA ASN P 580 47.10 57.44 27.11
C ASN P 580 46.18 56.27 27.39
N ASN P 581 45.07 56.51 28.10
CA ASN P 581 44.16 55.42 28.43
C ASN P 581 43.67 54.69 27.20
N TRP P 582 43.52 55.39 26.08
CA TRP P 582 43.13 54.74 24.85
C TRP P 582 44.27 53.91 24.26
N ILE P 583 45.49 54.45 24.31
CA ILE P 583 46.65 53.73 23.77
C ILE P 583 46.85 52.42 24.51
N ALA P 584 46.82 52.46 25.84
CA ALA P 584 46.97 51.24 26.62
C ALA P 584 45.80 50.28 26.40
N LEU P 585 44.72 50.75 25.78
CA LEU P 585 43.57 49.89 25.53
C LEU P 585 43.78 49.05 24.28
N ALA P 586 44.14 49.70 23.17
CA ALA P 586 44.26 48.98 21.90
C ALA P 586 45.37 47.94 21.98
N GLN P 587 46.55 48.33 22.45
CA GLN P 587 47.64 47.37 22.57
C GLN P 587 47.41 46.35 23.67
N GLY P 588 46.40 46.54 24.51
CA GLY P 588 46.07 45.50 25.47
C GLY P 588 45.33 44.34 24.85
N VAL P 589 44.41 44.63 23.93
CA VAL P 589 43.43 43.64 23.48
C VAL P 589 44.12 42.42 22.89
N LYS P 590 45.08 42.65 21.99
CA LYS P 590 45.75 41.53 21.32
C LYS P 590 46.41 40.60 22.33
N THR P 591 47.15 41.17 23.27
CA THR P 591 47.83 40.35 24.27
C THR P 591 46.84 39.49 25.05
N SER P 592 45.59 39.96 25.18
CA SER P 592 44.59 39.18 25.87
C SER P 592 44.16 37.98 25.05
N LEU P 593 43.60 38.22 23.86
CA LEU P 593 43.11 37.12 23.04
C LEU P 593 44.22 36.15 22.68
N ARG P 594 45.40 36.66 22.35
CA ARG P 594 46.49 35.80 21.90
C ARG P 594 46.91 34.79 22.97
N THR P 595 46.66 35.07 24.24
CA THR P 595 47.01 34.14 25.30
C THR P 595 45.88 33.20 25.66
N LYS P 596 44.71 33.34 25.05
CA LYS P 596 43.59 32.45 25.35
C LYS P 596 43.95 31.01 25.00
N SER P 597 43.44 30.07 25.80
CA SER P 597 43.67 28.64 25.56
C SER P 597 42.33 27.91 25.59
N LEU P 598 41.64 27.91 24.45
CA LEU P 598 40.45 27.10 24.22
C LEU P 598 39.50 27.07 25.42
N SER P 599 38.98 28.24 25.77
CA SER P 599 38.02 28.27 26.86
C SER P 599 36.95 29.31 26.57
N ALA P 600 35.82 29.12 27.22
CA ALA P 600 34.74 30.08 27.26
C ALA P 600 34.77 30.78 28.62
N GLY P 601 33.81 31.67 28.84
CA GLY P 601 33.71 32.35 30.10
C GLY P 601 33.09 31.48 31.16
N VAL P 602 33.25 31.90 32.41
CA VAL P 602 32.60 31.20 33.50
C VAL P 602 31.10 31.41 33.46
N LYS P 603 30.68 32.65 33.18
CA LYS P 603 29.26 32.95 33.11
C LYS P 603 28.61 32.26 31.91
N THR P 604 29.28 32.32 30.76
CA THR P 604 28.68 31.79 29.54
C THR P 604 28.44 30.30 29.64
N ALA P 605 29.41 29.56 30.17
CA ALA P 605 29.36 28.10 30.06
C ALA P 605 28.09 27.53 30.68
N VAL P 606 27.82 27.90 31.93
CA VAL P 606 26.64 27.35 32.61
C VAL P 606 25.38 27.75 31.85
N SER P 607 25.34 28.96 31.31
CA SER P 607 24.18 29.38 30.53
C SER P 607 24.02 28.51 29.30
N LYS P 608 25.13 28.21 28.62
CA LYS P 608 25.06 27.33 27.46
C LYS P 608 24.53 25.97 27.86
N LEU P 609 24.91 25.48 29.05
CA LEU P 609 24.33 24.23 29.53
C LEU P 609 22.84 24.38 29.78
N SER P 610 22.46 25.44 30.49
CA SER P 610 21.06 25.67 30.77
C SER P 610 20.28 25.88 29.49
N SER P 611 20.79 26.72 28.59
CA SER P 611 20.07 27.05 27.38
C SER P 611 19.96 25.88 26.43
N SER P 612 20.79 24.84 26.60
CA SER P 612 20.75 23.69 25.73
C SER P 612 19.89 22.58 26.30
N GLU P 613 20.02 22.31 27.61
CA GLU P 613 19.20 21.30 28.25
C GLU P 613 17.71 21.60 28.11
N SER P 614 17.34 22.87 28.02
CA SER P 614 15.93 23.21 27.86
C SER P 614 15.42 22.73 26.51
N ILE P 615 16.24 22.87 25.48
CA ILE P 615 15.85 22.41 24.15
C ILE P 615 15.65 20.90 24.16
N GLN P 616 16.54 20.17 24.82
CA GLN P 616 16.36 18.73 24.94
C GLN P 616 15.01 18.40 25.56
N ASN P 617 14.61 19.16 26.57
CA ASN P 617 13.27 18.99 27.12
C ASN P 617 12.22 19.41 26.10
N TRP P 618 12.51 20.46 25.35
CA TRP P 618 11.59 20.88 24.30
C TRP P 618 11.45 19.82 23.21
N THR P 619 12.57 19.23 22.79
CA THR P 619 12.51 18.31 21.66
C THR P 619 11.91 16.97 22.04
N GLN P 620 12.11 16.51 23.27
CA GLN P 620 11.52 15.23 23.67
C GLN P 620 10.01 15.37 23.81
N GLY P 621 9.56 16.40 24.51
CA GLY P 621 8.14 16.67 24.56
C GLY P 621 7.56 16.93 23.18
N PHE P 622 8.33 17.59 22.33
CA PHE P 622 7.93 17.70 20.93
C PHE P 622 7.79 16.33 20.28
N LEU P 623 8.79 15.48 20.47
CA LEU P 623 8.92 14.28 19.67
C LEU P 623 7.83 13.26 19.99
N ASP P 624 7.63 12.97 21.28
CA ASP P 624 6.68 11.91 21.63
C ASP P 624 5.25 12.25 21.23
N LYS P 625 4.95 13.54 21.04
CA LYS P 625 3.65 13.92 20.52
C LYS P 625 3.38 13.23 19.19
N VAL P 626 4.41 13.08 18.36
CA VAL P 626 4.28 12.28 17.15
C VAL P 626 3.96 10.84 17.52
N SER P 627 4.64 10.31 18.53
CA SER P 627 4.39 8.94 18.97
C SER P 627 2.97 8.78 19.48
N ALA P 628 2.27 9.87 19.77
CA ALA P 628 0.87 9.77 20.15
C ALA P 628 -0.01 9.58 18.92
N HIS P 629 -0.02 10.57 18.03
CA HIS P 629 -0.94 10.55 16.91
C HIS P 629 -0.48 9.63 15.79
N PHE P 630 0.68 9.01 15.92
CA PHE P 630 1.18 8.03 14.97
C PHE P 630 1.57 6.78 15.72
N PRO P 631 0.59 6.06 16.27
CA PRO P 631 0.91 4.94 17.16
C PRO P 631 1.56 3.79 16.41
N ALA P 632 2.63 3.26 16.99
CA ALA P 632 3.21 2.03 16.49
C ALA P 632 2.25 0.87 16.76
N PRO P 633 2.30 -0.19 15.95
CA PRO P 633 1.37 -1.30 16.19
C PRO P 633 1.94 -2.37 17.12
N ILE Q 10 62.46 29.79 43.51
CA ILE Q 10 62.82 31.01 42.79
C ILE Q 10 62.38 32.19 43.63
N ASN Q 11 63.32 33.09 43.91
CA ASN Q 11 62.99 34.26 44.72
C ASN Q 11 62.13 35.20 43.88
N VAL Q 12 60.81 35.07 44.00
CA VAL Q 12 59.91 35.79 43.11
C VAL Q 12 60.04 37.29 43.32
N THR Q 13 60.21 37.72 44.57
CA THR Q 13 60.41 39.11 44.88
C THR Q 13 61.87 39.53 44.78
N GLY Q 14 62.76 38.60 44.41
CA GLY Q 14 64.18 38.86 44.42
C GLY Q 14 64.69 39.36 43.08
N ASP Q 15 66.01 39.49 43.02
CA ASP Q 15 66.69 40.00 41.85
C ASP Q 15 67.07 38.84 40.92
N GLY Q 16 67.87 39.14 39.90
CA GLY Q 16 68.22 38.14 38.91
C GLY Q 16 67.14 38.02 37.86
N ASN Q 17 65.91 38.27 38.27
CA ASN Q 17 64.78 38.16 37.37
C ASN Q 17 64.82 39.28 36.34
N VAL Q 18 64.48 38.94 35.09
CA VAL Q 18 64.68 39.83 33.95
C VAL Q 18 63.35 40.04 33.25
N PHE Q 19 63.03 41.31 32.97
CA PHE Q 19 61.77 41.70 32.33
C PHE Q 19 62.10 42.43 31.03
N LYS Q 20 61.94 41.74 29.91
CA LYS Q 20 62.40 42.26 28.61
C LYS Q 20 61.49 41.79 27.50
N PRO Q 21 60.29 42.35 27.39
CA PRO Q 21 59.42 42.00 26.27
C PRO Q 21 60.04 42.42 24.95
N SER Q 22 59.71 41.66 23.90
CA SER Q 22 60.13 42.01 22.56
C SER Q 22 59.14 41.43 21.57
N ALA Q 23 59.19 41.95 20.34
CA ALA Q 23 58.31 41.44 19.28
C ALA Q 23 58.56 39.96 19.05
N GLU Q 24 59.82 39.53 19.11
CA GLU Q 24 60.13 38.11 18.91
C GLU Q 24 59.55 37.24 20.00
N THR Q 25 59.25 37.82 21.16
CA THR Q 25 58.71 37.09 22.30
C THR Q 25 57.23 37.34 22.48
N SER Q 26 56.50 37.42 21.36
CA SER Q 26 55.07 37.65 21.43
C SER Q 26 54.41 36.59 22.31
N SER Q 27 53.55 37.04 23.22
CA SER Q 27 52.97 36.17 24.24
C SER Q 27 51.71 35.53 23.68
N THR Q 28 51.84 34.29 23.22
CA THR Q 28 50.71 33.46 22.84
C THR Q 28 50.87 32.09 23.47
N ALA Q 29 49.75 31.44 23.78
CA ALA Q 29 49.81 30.03 24.17
C ALA Q 29 49.10 29.13 23.17
N VAL Q 30 47.79 29.24 23.03
CA VAL Q 30 47.03 28.40 22.10
C VAL Q 30 45.63 28.97 21.87
N PRO Q 31 45.50 30.00 21.04
CA PRO Q 31 44.18 30.58 20.79
C PRO Q 31 43.17 29.58 20.22
N SER Q 32 43.46 29.02 19.06
CA SER Q 32 42.44 28.27 18.33
C SER Q 32 43.08 27.17 17.50
N LEU Q 33 42.25 26.25 17.03
CA LEU Q 33 42.66 25.11 16.23
C LEU Q 33 41.67 24.91 15.09
N SER Q 34 41.98 23.96 14.22
CA SER Q 34 41.13 23.62 13.08
C SER Q 34 40.30 22.39 13.43
N LEU Q 35 39.01 22.59 13.66
CA LEU Q 35 38.10 21.49 13.98
C LEU Q 35 36.86 21.57 13.10
N SER Q 36 37.06 21.76 11.81
CA SER Q 36 35.93 21.80 10.91
C SER Q 36 35.36 20.38 10.74
N PRO Q 37 34.06 20.26 10.47
CA PRO Q 37 33.53 18.95 10.09
C PRO Q 37 34.11 18.45 8.78
N GLY Q 38 34.42 19.35 7.85
CA GLY Q 38 34.91 18.92 6.55
C GLY Q 38 36.30 18.31 6.62
N MET Q 39 37.16 18.86 7.47
CA MET Q 39 38.56 18.43 7.54
C MET Q 39 38.75 17.17 8.38
N LEU Q 40 37.97 17.00 9.44
CA LEU Q 40 38.21 15.91 10.38
C LEU Q 40 37.70 14.56 9.88
N ASN Q 41 36.61 14.54 9.12
CA ASN Q 41 35.93 13.30 8.74
C ASN Q 41 35.48 12.53 9.96
N PRO R 1 44.01 7.94 5.37
CA PRO R 1 43.09 7.83 4.23
C PRO R 1 41.69 8.31 4.59
N GLY R 2 41.05 7.65 5.55
CA GLY R 2 39.75 8.08 6.03
C GLY R 2 38.64 7.10 5.80
N GLY R 3 37.58 7.20 6.61
CA GLY R 3 36.46 6.30 6.47
C GLY R 3 36.35 5.26 7.56
N VAL R 4 36.07 4.02 7.17
CA VAL R 4 35.86 2.95 8.12
C VAL R 4 36.66 1.74 7.65
N PRO R 5 37.26 0.95 8.54
CA PRO R 5 37.91 -0.29 8.09
C PRO R 5 36.88 -1.30 7.62
N TRP R 6 37.35 -2.24 6.81
CA TRP R 6 36.50 -3.27 6.24
C TRP R 6 37.22 -4.60 6.32
N ILE R 7 36.44 -5.68 6.26
CA ILE R 7 36.99 -7.01 6.11
C ILE R 7 36.32 -7.65 4.89
N ALA R 8 37.02 -8.60 4.28
CA ALA R 8 36.55 -9.25 3.07
C ALA R 8 35.98 -10.62 3.39
N VAL R 9 34.80 -10.90 2.87
CA VAL R 9 34.15 -12.19 3.10
C VAL R 9 34.05 -13.02 1.83
N GLY R 10 34.18 -12.42 0.65
CA GLY R 10 34.06 -13.20 -0.58
C GLY R 10 35.17 -14.22 -0.75
N ASP R 11 36.39 -13.86 -0.36
CA ASP R 11 37.61 -14.66 -0.45
C ASP R 11 38.02 -14.85 -1.92
N GLU R 12 37.20 -14.42 -2.87
CA GLU R 12 37.56 -14.54 -4.28
C GLU R 12 37.13 -13.31 -5.05
N THR R 13 36.91 -12.20 -4.34
CA THR R 13 36.42 -10.97 -4.92
C THR R 13 37.58 -10.02 -5.13
N SER R 14 37.61 -9.37 -6.30
CA SER R 14 38.70 -8.47 -6.63
C SER R 14 38.26 -7.02 -6.72
N VAL R 15 37.36 -6.70 -7.66
CA VAL R 15 36.83 -5.36 -7.82
C VAL R 15 35.42 -5.50 -8.34
N THR R 16 34.61 -4.46 -8.12
CA THR R 16 33.20 -4.44 -8.53
C THR R 16 32.54 -5.80 -8.31
N SER R 17 32.45 -6.17 -7.04
CA SER R 17 31.99 -7.50 -6.67
C SER R 17 30.77 -7.42 -5.77
N PRO R 18 29.84 -8.36 -5.90
CA PRO R 18 28.57 -8.28 -5.16
C PRO R 18 28.69 -8.22 -3.64
N GLY R 19 29.33 -9.20 -3.03
CA GLY R 19 29.33 -9.22 -1.57
C GLY R 19 30.71 -9.24 -0.96
N ALA R 20 31.64 -8.50 -1.54
CA ALA R 20 33.04 -8.63 -1.16
C ALA R 20 33.28 -8.27 0.31
N LEU R 21 32.81 -7.10 0.73
CA LEU R 21 33.30 -6.49 1.95
C LEU R 21 32.23 -6.43 3.03
N ARG R 22 32.69 -6.36 4.27
CA ARG R 22 31.84 -6.22 5.44
C ARG R 22 32.52 -5.27 6.41
N ARG R 23 31.78 -4.83 7.42
CA ARG R 23 32.34 -3.92 8.41
C ARG R 23 33.25 -4.68 9.36
N MET R 24 34.35 -4.05 9.74
CA MET R 24 35.21 -4.56 10.80
C MET R 24 34.67 -4.11 12.14
N THR R 25 34.61 -5.04 13.10
CA THR R 25 34.17 -4.72 14.46
C THR R 25 35.19 -5.18 15.49
N SER R 26 34.83 -5.12 16.76
CA SER R 26 35.80 -5.41 17.83
C SER R 26 36.01 -6.90 18.05
N LYS R 27 35.10 -7.75 17.59
CA LYS R 27 35.40 -9.17 17.56
C LYS R 27 36.46 -9.50 16.51
N ASP R 28 36.55 -8.71 15.44
CA ASP R 28 37.66 -8.88 14.51
C ASP R 28 38.97 -8.42 15.16
N ILE R 29 38.94 -7.34 15.92
CA ILE R 29 40.14 -6.84 16.58
C ILE R 29 39.86 -6.75 18.07
N PRO R 30 40.18 -7.77 18.85
CA PRO R 30 39.79 -7.78 20.27
C PRO R 30 40.41 -6.64 21.06
N GLU R 31 41.60 -6.19 20.68
CA GLU R 31 42.25 -5.10 21.40
C GLU R 31 41.42 -3.84 21.34
N THR R 32 40.91 -3.50 20.16
CA THR R 32 40.04 -2.35 20.01
C THR R 32 38.67 -2.66 20.60
N ALA R 33 38.66 -2.83 21.91
CA ALA R 33 37.45 -3.10 22.67
C ALA R 33 37.68 -2.63 24.09
N ILE R 34 36.63 -2.07 24.69
CA ILE R 34 36.88 -1.24 25.86
C ILE R 34 36.93 -2.10 27.11
N ILE R 35 38.00 -2.88 27.23
CA ILE R 35 38.49 -3.42 28.48
C ILE R 35 40.00 -3.30 28.44
N ASN R 36 40.53 -3.13 27.23
CA ASN R 36 41.95 -3.03 26.99
C ASN R 36 42.40 -1.59 26.85
N THR R 37 41.47 -0.65 26.95
CA THR R 37 41.84 0.74 27.12
C THR R 37 42.52 0.91 28.47
N ASP R 38 43.64 1.60 28.49
CA ASP R 38 44.32 1.87 29.75
C ASP R 38 43.46 2.75 30.64
N ASN R 39 43.39 2.40 31.92
CA ASN R 39 42.57 3.14 32.87
C ASN R 39 43.24 4.42 33.34
N SER R 40 44.21 4.93 32.58
CA SER R 40 44.86 6.18 32.92
C SER R 40 43.83 7.29 33.08
N SER R 41 43.99 8.08 34.14
CA SER R 41 43.05 9.10 34.62
C SER R 41 41.81 8.49 35.27
N GLY R 42 41.66 7.16 35.25
CA GLY R 42 40.54 6.53 35.91
C GLY R 42 39.25 6.56 35.12
N ALA R 43 39.34 6.59 33.79
CA ALA R 43 38.16 6.79 32.97
C ALA R 43 37.20 5.60 33.08
N VAL R 44 37.70 4.39 32.91
CA VAL R 44 36.84 3.21 32.87
C VAL R 44 36.65 2.66 34.28
N PRO R 45 35.41 2.39 34.70
CA PRO R 45 35.18 1.83 36.03
C PRO R 45 35.85 0.47 36.19
N SER R 46 36.82 0.41 37.11
CA SER R 46 37.62 -0.80 37.27
C SER R 46 36.79 -1.99 37.72
N GLU R 47 35.85 -1.78 38.65
CA GLU R 47 35.05 -2.88 39.16
C GLU R 47 34.29 -3.54 38.02
N SER R 48 34.50 -4.85 37.85
CA SER R 48 34.14 -5.53 36.62
C SER R 48 32.64 -5.50 36.32
N ALA R 49 31.80 -5.23 37.30
CA ALA R 49 30.36 -5.34 37.08
C ALA R 49 29.84 -4.36 36.05
N LEU R 50 30.55 -3.27 35.79
CA LEU R 50 30.05 -2.19 34.95
C LEU R 50 30.99 -2.01 33.76
N VAL R 51 30.86 -2.88 32.77
CA VAL R 51 31.59 -2.84 31.51
C VAL R 51 30.74 -3.57 30.47
N PRO R 52 30.47 -2.96 29.33
CA PRO R 52 29.36 -3.47 28.49
C PRO R 52 29.62 -4.78 27.79
N TYR R 53 30.83 -5.02 27.28
CA TYR R 53 31.21 -6.24 26.56
C TYR R 53 30.52 -6.39 25.21
N ILE R 54 29.72 -5.42 24.79
CA ILE R 54 29.00 -5.47 23.52
C ILE R 54 29.90 -4.84 22.46
N ASP R 55 29.83 -5.37 21.24
CA ASP R 55 30.78 -4.87 20.23
C ASP R 55 30.46 -3.44 19.82
N GLU R 56 31.48 -2.79 19.28
CA GLU R 56 31.38 -1.40 18.88
C GLU R 56 32.15 -1.22 17.58
N PRO R 57 31.75 -0.26 16.75
CA PRO R 57 32.35 -0.16 15.41
C PRO R 57 33.75 0.43 15.45
N LEU R 58 34.31 0.67 14.26
CA LEU R 58 35.67 1.16 14.12
C LEU R 58 35.70 2.23 13.05
N VAL R 59 36.40 3.31 13.33
CA VAL R 59 36.46 4.45 12.43
C VAL R 59 37.91 4.81 12.18
N VAL R 60 38.19 5.18 10.95
CA VAL R 60 39.54 5.52 10.53
C VAL R 60 39.82 6.98 10.89
N VAL R 61 41.03 7.25 11.35
CA VAL R 61 41.43 8.59 11.75
C VAL R 61 42.40 9.11 10.69
N THR R 62 42.21 10.36 10.29
CA THR R 62 43.09 10.97 9.31
C THR R 62 44.26 11.66 10.00
N GLU R 63 45.26 12.01 9.20
CA GLU R 63 46.44 12.69 9.72
C GLU R 63 46.07 14.00 10.39
N HIS R 64 45.33 14.85 9.67
CA HIS R 64 44.98 16.14 10.23
C HIS R 64 44.25 15.99 11.56
N ALA R 65 43.47 14.92 11.70
CA ALA R 65 42.75 14.69 12.95
C ALA R 65 43.71 14.63 14.12
N ILE R 66 44.61 13.65 14.13
CA ILE R 66 45.54 13.54 15.24
C ILE R 66 46.40 14.80 15.36
N THR R 67 46.63 15.48 14.23
CA THR R 67 47.39 16.72 14.28
C THR R 67 46.68 17.79 15.10
N ASN R 68 45.37 17.67 15.29
CA ASN R 68 44.61 18.63 16.08
C ASN R 68 44.26 18.11 17.46
N PHE R 69 43.90 16.84 17.59
CA PHE R 69 43.64 16.28 18.90
C PHE R 69 44.91 16.16 19.73
N THR R 70 46.07 16.10 19.08
CA THR R 70 47.30 16.24 19.85
C THR R 70 47.50 17.69 20.26
N LYS R 71 47.28 18.62 19.33
CA LYS R 71 47.42 20.03 19.66
C LYS R 71 46.49 20.42 20.79
N ALA R 72 45.24 19.94 20.75
CA ALA R 72 44.29 20.27 21.80
C ALA R 72 44.77 19.83 23.17
N GLU R 73 45.62 18.80 23.22
CA GLU R 73 46.12 18.34 24.51
C GLU R 73 46.93 19.41 25.21
N MET R 74 47.71 20.18 24.46
CA MET R 74 48.59 21.17 25.10
C MET R 74 47.83 22.33 25.73
N ALA R 75 46.55 22.49 25.44
CA ALA R 75 45.77 23.49 26.17
C ALA R 75 45.85 23.25 27.67
N LEU R 76 45.82 21.99 28.08
CA LEU R 76 46.09 21.65 29.47
C LEU R 76 47.52 21.99 29.86
N GLU R 77 48.47 21.62 29.00
CA GLU R 77 49.84 21.46 29.45
C GLU R 77 50.59 22.77 29.59
N PHE R 78 49.98 23.90 29.26
CA PHE R 78 50.56 25.17 29.71
C PHE R 78 50.37 25.39 31.20
N ASN R 79 49.36 24.77 31.80
CA ASN R 79 49.01 25.04 33.18
C ASN R 79 49.25 23.83 34.08
N ARG R 80 50.21 22.97 33.71
CA ARG R 80 50.37 21.70 34.41
C ARG R 80 50.66 21.90 35.88
N GLU R 81 51.49 22.89 36.22
CA GLU R 81 51.81 23.14 37.62
C GLU R 81 50.54 23.44 38.42
N PHE R 82 49.56 24.09 37.79
CA PHE R 82 48.32 24.36 38.50
C PHE R 82 47.45 23.11 38.61
N LEU R 83 47.42 22.28 37.56
CA LEU R 83 46.62 21.06 37.59
C LEU R 83 47.03 20.17 38.76
N ASP R 84 48.34 19.97 38.92
CA ASP R 84 48.81 19.10 39.99
C ASP R 84 48.39 19.61 41.35
N LYS R 85 48.27 20.93 41.50
CA LYS R 85 47.70 21.48 42.73
C LYS R 85 46.26 21.02 42.90
N MET R 86 45.52 20.90 41.81
CA MET R 86 44.14 20.47 41.86
C MET R 86 44.01 18.96 41.81
N ARG R 87 45.12 18.24 41.73
CA ARG R 87 45.16 16.77 41.76
C ARG R 87 44.18 16.19 40.73
N VAL R 88 44.46 16.48 39.46
CA VAL R 88 43.55 16.13 38.36
C VAL R 88 44.37 15.94 37.10
N LEU R 89 44.03 14.89 36.34
CA LEU R 89 44.77 14.47 35.15
C LEU R 89 46.25 14.33 35.46
N SER R 90 46.55 13.38 36.35
CA SER R 90 47.92 13.14 36.76
C SER R 90 48.80 12.77 35.58
N VAL R 91 48.33 11.85 34.74
CA VAL R 91 49.09 11.35 33.60
C VAL R 91 48.45 11.86 32.32
N SER R 92 49.27 12.42 31.44
CA SER R 92 48.75 13.10 30.26
C SER R 92 48.12 12.10 29.29
N PRO R 93 47.13 12.54 28.51
CA PRO R 93 46.36 11.58 27.68
C PRO R 93 47.19 10.77 26.69
N LYS R 94 48.02 11.40 25.87
CA LYS R 94 48.78 10.70 24.82
C LYS R 94 47.82 10.00 23.84
N TYR R 95 47.16 10.84 23.05
CA TYR R 95 46.25 10.37 22.01
C TYR R 95 46.72 9.12 21.31
N SER R 96 47.97 9.13 20.83
CA SER R 96 48.47 8.02 20.01
C SER R 96 48.42 6.70 20.76
N ASP R 97 48.59 6.72 22.09
CA ASP R 97 48.45 5.49 22.84
C ASP R 97 47.04 4.93 22.77
N LEU R 98 46.05 5.77 22.49
CA LEU R 98 44.69 5.30 22.25
C LEU R 98 44.51 4.70 20.87
N LEU R 99 45.41 4.97 19.93
CA LEU R 99 45.22 4.48 18.58
C LEU R 99 45.52 2.98 18.50
N THR R 100 45.47 2.45 17.29
CA THR R 100 45.67 1.04 16.96
C THR R 100 45.72 0.93 15.45
N TYR R 101 46.49 -0.01 14.94
CA TYR R 101 46.77 -0.08 13.52
C TYR R 101 46.42 -1.44 12.94
N VAL R 102 45.77 -1.41 11.78
CA VAL R 102 45.53 -2.58 10.95
C VAL R 102 45.93 -2.19 9.55
N ASP R 103 46.16 -3.18 8.70
CA ASP R 103 46.27 -2.93 7.26
C ASP R 103 45.17 -3.72 6.58
N CYS R 104 43.98 -3.14 6.56
CA CYS R 104 42.81 -3.74 5.94
C CYS R 104 42.18 -2.73 5.00
N TYR R 105 41.15 -3.18 4.28
CA TYR R 105 40.47 -2.31 3.32
C TYR R 105 39.83 -1.13 4.04
N VAL R 106 40.02 0.06 3.49
CA VAL R 106 39.57 1.30 4.11
C VAL R 106 38.72 2.06 3.10
N GLY R 107 37.65 2.67 3.57
CA GLY R 107 36.78 3.44 2.72
C GLY R 107 35.48 3.76 3.40
N VAL R 108 34.68 4.59 2.73
CA VAL R 108 33.37 4.97 3.24
C VAL R 108 32.35 3.93 2.78
N SER R 109 32.13 3.83 1.48
CA SER R 109 31.38 2.73 0.92
C SER R 109 32.35 1.64 0.47
N ALA R 110 31.88 0.40 0.53
CA ALA R 110 32.77 -0.72 0.20
C ALA R 110 33.24 -0.65 -1.24
N ARG R 111 32.40 -0.13 -2.14
CA ARG R 111 32.80 0.03 -3.53
C ARG R 111 34.07 0.86 -3.65
N GLN R 112 34.26 1.81 -2.74
CA GLN R 112 35.48 2.60 -2.73
C GLN R 112 36.58 1.93 -1.92
N ALA R 113 36.22 1.22 -0.86
CA ALA R 113 37.21 0.50 -0.07
C ALA R 113 37.74 -0.70 -0.79
N LEU R 114 37.01 -1.20 -1.78
CA LEU R 114 37.35 -2.45 -2.44
C LEU R 114 38.70 -2.39 -3.13
N ASN R 115 39.17 -1.19 -3.48
CA ASN R 115 40.48 -1.03 -4.08
C ASN R 115 41.42 -0.19 -3.23
N ASN R 116 41.04 0.14 -2.00
CA ASN R 116 41.84 0.96 -1.10
C ASN R 116 42.31 0.09 0.05
N PHE R 117 43.44 -0.58 -0.16
CA PHE R 117 44.03 -1.48 0.82
C PHE R 117 45.33 -0.84 1.30
N GLN R 118 45.26 -0.08 2.38
CA GLN R 118 46.43 0.64 2.86
C GLN R 118 47.20 -0.20 3.87
N LYS R 119 48.15 0.43 4.54
CA LYS R 119 49.04 -0.23 5.48
C LYS R 119 49.11 0.58 6.76
N GLN R 120 49.04 -0.12 7.89
CA GLN R 120 49.06 0.52 9.21
C GLN R 120 48.06 1.65 9.29
N VAL R 121 46.81 1.31 9.02
CA VAL R 121 45.71 2.27 9.08
C VAL R 121 45.36 2.47 10.55
N PRO R 122 45.44 3.68 11.10
CA PRO R 122 45.00 3.89 12.48
C PRO R 122 43.51 3.64 12.60
N VAL R 123 43.09 3.13 13.75
CA VAL R 123 41.71 2.74 13.96
C VAL R 123 41.36 3.00 15.42
N ILE R 124 40.07 3.24 15.68
CA ILE R 124 39.60 3.47 17.02
C ILE R 124 38.09 3.30 17.05
N THR R 125 37.57 2.87 18.17
CA THR R 125 36.15 2.74 18.39
C THR R 125 35.54 4.12 18.65
N PRO R 126 34.26 4.29 18.31
CA PRO R 126 33.59 5.55 18.66
C PRO R 126 33.56 5.82 20.15
N THR R 127 33.46 4.77 20.98
CA THR R 127 33.33 5.00 22.41
C THR R 127 34.66 5.42 23.03
N ARG R 128 35.78 4.89 22.53
CA ARG R 128 37.07 5.32 23.05
C ARG R 128 37.32 6.79 22.73
N GLN R 129 36.82 7.26 21.60
CA GLN R 129 36.98 8.66 21.24
C GLN R 129 36.27 9.56 22.25
N THR R 130 34.98 9.32 22.49
CA THR R 130 34.26 10.13 23.45
C THR R 130 34.93 10.10 24.82
N MET R 131 35.62 9.01 25.13
CA MET R 131 36.39 8.93 26.36
C MET R 131 37.57 9.88 26.35
N TYR R 132 38.03 10.28 25.16
CA TYR R 132 39.20 11.16 25.09
C TYR R 132 38.81 12.63 25.12
N VAL R 133 37.93 13.04 24.21
CA VAL R 133 37.65 14.46 24.04
C VAL R 133 37.13 15.07 25.33
N ASP R 134 36.26 14.34 26.04
CA ASP R 134 35.73 14.87 27.29
C ASP R 134 36.83 15.09 28.31
N SER R 135 37.81 14.18 28.36
CA SER R 135 38.91 14.33 29.31
C SER R 135 39.59 15.69 29.15
N ILE R 136 39.98 16.05 27.93
CA ILE R 136 40.54 17.37 27.70
C ILE R 136 39.57 18.45 28.13
N GLN R 137 38.33 18.37 27.67
CA GLN R 137 37.38 19.43 27.99
C GLN R 137 37.02 19.40 29.47
N ALA R 138 37.17 18.24 30.11
CA ALA R 138 36.98 18.18 31.56
C ALA R 138 37.97 19.08 32.28
N ALA R 139 39.26 18.93 31.97
CA ALA R 139 40.26 19.76 32.61
C ALA R 139 40.11 21.23 32.22
N LEU R 140 39.85 21.49 30.93
CA LEU R 140 39.58 22.86 30.49
C LEU R 140 38.51 23.50 31.34
N LYS R 141 37.46 22.74 31.68
CA LYS R 141 36.43 23.25 32.57
C LYS R 141 37.00 23.55 33.95
N ALA R 142 37.91 22.71 34.42
CA ALA R 142 38.46 22.89 35.77
C ALA R 142 39.34 24.13 35.85
N LEU R 143 39.96 24.53 34.76
CA LEU R 143 40.95 25.59 34.76
C LEU R 143 40.36 26.96 34.52
N GLU R 144 39.03 27.06 34.46
CA GLU R 144 38.40 28.27 33.94
C GLU R 144 38.81 29.51 34.72
N LYS R 145 38.67 29.49 36.04
CA LYS R 145 38.84 30.71 36.81
C LYS R 145 40.32 31.04 36.92
N TRP R 146 41.17 30.01 36.96
CA TRP R 146 42.61 30.21 36.85
C TRP R 146 42.98 30.89 35.53
N GLU R 147 42.26 30.57 34.46
CA GLU R 147 42.58 31.14 33.16
C GLU R 147 42.37 32.65 33.17
N ILE R 148 41.26 33.12 33.74
CA ILE R 148 40.98 34.55 33.74
C ILE R 148 42.03 35.31 34.54
N ASP R 149 42.51 34.72 35.62
CA ASP R 149 43.50 35.42 36.43
C ASP R 149 44.82 35.60 35.68
N LEU R 150 45.20 34.60 34.89
CA LEU R 150 46.41 34.73 34.10
C LEU R 150 46.29 35.86 33.09
N ARG R 151 45.12 36.01 32.48
CA ARG R 151 44.95 37.06 31.49
C ARG R 151 44.96 38.44 32.13
N VAL R 152 44.30 38.60 33.28
CA VAL R 152 44.27 39.92 33.90
C VAL R 152 45.65 40.33 34.36
N ALA R 153 46.48 39.38 34.78
CA ALA R 153 47.88 39.71 35.09
C ALA R 153 48.57 40.28 33.86
N GLN R 154 48.50 39.56 32.75
CA GLN R 154 49.24 39.97 31.55
C GLN R 154 48.75 41.31 31.03
N THR R 155 47.44 41.52 31.03
CA THR R 155 46.87 42.70 30.41
C THR R 155 46.91 43.93 31.30
N LEU R 156 47.41 43.83 32.53
CA LEU R 156 47.41 45.00 33.39
C LEU R 156 48.41 46.04 32.90
N LEU R 157 49.52 45.59 32.33
CA LEU R 157 50.54 46.47 31.77
C LEU R 157 51.13 45.78 30.55
N PRO R 158 51.72 46.55 29.64
CA PRO R 158 52.21 45.95 28.39
C PRO R 158 53.21 44.83 28.63
N THR R 159 52.82 43.61 28.26
CA THR R 159 53.72 42.47 28.28
C THR R 159 54.27 42.16 26.90
N ASN R 160 53.68 42.73 25.86
CA ASN R 160 54.18 42.61 24.50
C ASN R 160 54.32 43.99 23.91
N VAL R 161 55.42 44.21 23.20
CA VAL R 161 55.66 45.44 22.46
C VAL R 161 55.57 45.13 20.97
N PRO R 162 54.84 45.90 20.18
CA PRO R 162 54.67 45.54 18.77
C PRO R 162 55.98 45.39 18.03
N ILE R 163 56.94 46.26 18.30
CA ILE R 163 58.20 46.28 17.57
C ILE R 163 59.33 46.64 18.54
N GLY R 164 60.46 45.96 18.42
CA GLY R 164 61.59 46.24 19.28
C GLY R 164 61.49 45.54 20.63
N GLU R 165 62.13 46.14 21.63
CA GLU R 165 62.14 45.57 22.97
C GLU R 165 62.22 46.67 24.02
N VAL R 166 61.76 46.35 25.23
CA VAL R 166 61.76 47.28 26.36
C VAL R 166 62.26 46.54 27.59
N SER R 167 62.41 47.28 28.70
CA SER R 167 63.02 46.72 29.89
C SER R 167 62.55 47.47 31.12
N CYS R 168 62.57 46.77 32.26
CA CYS R 168 62.13 47.33 33.54
C CYS R 168 62.55 46.42 34.68
N PRO R 169 63.01 46.98 35.81
CA PRO R 169 63.39 46.14 36.94
C PRO R 169 62.23 45.30 37.45
N MET R 170 62.53 44.06 37.83
CA MET R 170 61.48 43.11 38.17
C MET R 170 60.80 43.47 39.49
N GLN R 171 61.59 43.75 40.52
CA GLN R 171 61.00 44.07 41.81
C GLN R 171 60.01 45.22 41.66
N SER R 172 60.32 46.16 40.77
CA SER R 172 59.40 47.27 40.53
C SER R 172 58.10 46.78 39.91
N VAL R 173 58.19 45.87 38.95
CA VAL R 173 56.97 45.52 38.21
C VAL R 173 56.07 44.62 39.05
N VAL R 174 56.65 43.68 39.80
CA VAL R 174 55.84 42.80 40.64
C VAL R 174 55.15 43.60 41.74
N LYS R 175 55.84 44.61 42.27
CA LYS R 175 55.24 45.42 43.32
C LYS R 175 54.03 46.18 42.80
N LEU R 176 54.11 46.68 41.57
CA LEU R 176 52.96 47.36 40.98
C LEU R 176 51.81 46.40 40.72
N LEU R 177 52.12 45.12 40.52
CA LEU R 177 51.04 44.14 40.41
C LEU R 177 50.49 43.76 41.77
N ASP R 178 51.27 43.98 42.84
CA ASP R 178 50.82 43.55 44.15
C ASP R 178 49.55 44.28 44.57
N ASP R 179 49.48 45.57 44.31
CA ASP R 179 48.38 46.39 44.80
C ASP R 179 47.24 46.52 43.79
N GLN R 180 47.36 45.94 42.60
CA GLN R 180 46.32 46.08 41.60
C GLN R 180 45.62 44.77 41.25
N LEU R 181 46.30 43.64 41.35
CA LEU R 181 45.59 42.38 41.21
C LEU R 181 44.54 42.25 42.30
N PRO R 182 43.36 41.73 41.98
CA PRO R 182 42.31 41.59 43.01
C PRO R 182 42.76 40.64 44.10
N ASP R 183 42.28 40.89 45.32
CA ASP R 183 42.70 40.08 46.45
C ASP R 183 42.24 38.64 46.29
N ASP R 184 41.07 38.42 45.72
CA ASP R 184 40.56 37.08 45.53
C ASP R 184 41.18 36.36 44.33
N SER R 185 42.25 36.91 43.75
CA SER R 185 42.89 36.24 42.63
C SER R 185 43.69 35.03 43.09
N LEU R 186 43.82 34.04 42.22
CA LEU R 186 44.64 32.87 42.51
C LEU R 186 46.11 33.09 42.24
N ILE R 187 46.50 34.22 41.64
CA ILE R 187 47.90 34.60 41.69
C ILE R 187 48.31 34.83 43.13
N ARG R 188 47.39 35.37 43.93
CA ARG R 188 47.67 35.56 45.34
C ARG R 188 47.88 34.22 46.02
N ARG R 189 47.04 33.23 45.70
CA ARG R 189 47.15 31.93 46.33
C ARG R 189 48.42 31.21 45.89
N TYR R 190 48.70 31.20 44.58
CA TYR R 190 49.78 30.38 44.01
C TYR R 190 50.70 31.24 43.17
N PRO R 191 51.57 32.04 43.80
CA PRO R 191 52.52 32.84 43.01
C PRO R 191 53.52 32.00 42.23
N LYS R 192 54.23 31.10 42.91
CA LYS R 192 55.36 30.41 42.28
C LYS R 192 54.92 29.60 41.07
N GLU R 193 53.69 29.07 41.10
CA GLU R 193 53.16 28.40 39.92
C GLU R 193 52.93 29.40 38.79
N ALA R 194 52.22 30.49 39.09
CA ALA R 194 51.91 31.47 38.05
C ALA R 194 53.19 31.99 37.42
N ALA R 195 54.23 32.21 38.22
CA ALA R 195 55.47 32.79 37.70
C ALA R 195 56.05 31.91 36.61
N VAL R 196 56.08 30.59 36.80
CA VAL R 196 56.60 29.74 35.74
C VAL R 196 55.55 29.55 34.65
N ALA R 197 54.27 29.67 34.98
CA ALA R 197 53.24 29.61 33.96
C ALA R 197 53.35 30.79 33.00
N LEU R 198 53.62 31.98 33.54
CA LEU R 198 53.84 33.14 32.67
C LEU R 198 55.03 32.92 31.74
N ALA R 199 56.16 32.51 32.31
CA ALA R 199 57.39 32.44 31.54
C ALA R 199 57.34 31.38 30.46
N LYS R 200 56.39 30.46 30.50
CA LYS R 200 56.25 29.52 29.40
C LYS R 200 55.60 30.16 28.18
N ARG R 201 54.90 31.28 28.36
CA ARG R 201 54.15 31.90 27.26
C ARG R 201 54.59 33.34 27.03
N ASN R 202 55.83 33.67 27.37
CA ASN R 202 56.39 34.99 27.07
C ASN R 202 57.90 34.91 27.17
N GLY R 203 58.59 35.09 26.04
CA GLY R 203 60.04 35.02 26.05
C GLY R 203 60.69 36.10 26.88
N GLY R 204 60.06 37.27 26.98
CA GLY R 204 60.61 38.33 27.80
C GLY R 204 60.61 37.98 29.28
N ILE R 205 59.51 37.43 29.77
CA ILE R 205 59.38 37.17 31.19
C ILE R 205 60.19 35.95 31.55
N GLN R 206 61.14 36.12 32.47
CA GLN R 206 62.05 35.06 32.85
C GLN R 206 62.10 34.99 34.37
N TRP R 207 62.84 34.00 34.88
CA TRP R 207 63.00 33.81 36.31
C TRP R 207 64.38 33.21 36.57
N MET R 208 65.28 34.03 37.09
CA MET R 208 66.60 33.53 37.43
C MET R 208 66.50 32.48 38.52
N ASP R 209 67.41 31.52 38.48
CA ASP R 209 67.30 30.32 39.30
C ASP R 209 68.25 30.45 40.49
N VAL R 210 67.71 30.37 41.70
CA VAL R 210 68.53 30.64 42.88
C VAL R 210 69.57 29.56 43.10
N SER R 211 69.42 28.41 42.43
CA SER R 211 70.35 27.32 42.66
C SER R 211 71.74 27.64 42.12
N GLU R 212 71.83 27.85 40.81
CA GLU R 212 73.11 28.14 40.15
C GLU R 212 73.22 29.59 39.71
N GLY R 213 72.28 30.44 40.09
CA GLY R 213 72.35 31.83 39.68
C GLY R 213 72.33 32.00 38.18
N THR R 214 71.34 31.41 37.51
CA THR R 214 71.23 31.45 36.06
C THR R 214 69.83 31.86 35.65
N VAL R 215 69.73 32.62 34.56
CA VAL R 215 68.46 33.01 33.98
C VAL R 215 68.51 32.73 32.49
N MET R 216 67.35 32.42 31.92
CA MET R 216 67.30 31.84 30.58
C MET R 216 65.95 32.14 29.96
N ASN R 217 65.88 32.01 28.64
CA ASN R 217 64.62 32.12 27.94
C ASN R 217 63.85 30.81 28.03
N GLU R 218 62.56 30.89 28.32
CA GLU R 218 61.78 29.71 28.65
C GLU R 218 60.57 29.47 27.76
N ALA R 219 60.05 30.50 27.09
CA ALA R 219 58.81 30.35 26.35
C ALA R 219 58.89 29.22 25.33
N VAL R 220 57.74 28.68 24.99
CA VAL R 220 57.69 27.48 24.16
C VAL R 220 57.30 27.75 22.70
N ASN R 221 56.56 28.83 22.43
CA ASN R 221 56.06 29.10 21.09
C ASN R 221 56.97 30.02 20.31
N ALA R 222 58.29 29.89 20.51
CA ALA R 222 59.24 30.78 19.85
C ALA R 222 59.03 30.79 18.35
N VAL R 223 58.73 29.63 17.75
CA VAL R 223 58.53 29.58 16.31
C VAL R 223 57.25 30.32 15.92
N ALA R 224 56.22 30.27 16.77
CA ALA R 224 55.01 31.01 16.49
C ALA R 224 55.28 32.51 16.46
N ALA R 225 55.89 33.03 17.52
CA ALA R 225 55.96 34.46 17.71
C ALA R 225 56.79 35.16 16.64
N SER R 226 57.58 34.42 15.87
CA SER R 226 58.36 35.05 14.81
C SER R 226 57.45 35.61 13.72
N ALA R 227 56.46 34.83 13.28
CA ALA R 227 55.59 35.30 12.21
C ALA R 227 54.79 36.52 12.60
N LEU R 228 54.71 36.82 13.90
CA LEU R 228 53.99 37.99 14.40
C LEU R 228 54.92 39.17 14.64
N ALA R 229 56.06 39.22 13.97
CA ALA R 229 57.07 40.21 14.26
C ALA R 229 57.24 41.16 13.09
N PRO R 230 57.17 42.47 13.31
CA PRO R 230 57.60 43.40 12.28
C PRO R 230 59.08 43.23 12.03
N SER R 231 59.48 43.40 10.79
CA SER R 231 60.87 43.34 10.46
C SER R 231 61.43 44.77 10.41
N ALA R 232 62.68 44.89 9.98
CA ALA R 232 63.22 46.22 9.71
C ALA R 232 62.51 46.88 8.54
N SER R 233 61.72 46.14 7.78
CA SER R 233 61.15 46.69 6.57
C SER R 233 59.63 46.59 6.49
N ALA R 234 59.05 45.44 6.83
CA ALA R 234 57.65 45.21 6.55
C ALA R 234 56.93 44.61 7.76
N PRO R 235 55.60 44.68 7.79
CA PRO R 235 54.86 44.21 8.95
C PRO R 235 54.95 42.71 9.09
N PRO R 236 54.44 42.15 10.18
CA PRO R 236 54.49 40.70 10.37
C PRO R 236 53.83 39.94 9.24
N LEU R 237 54.27 38.68 9.07
CA LEU R 237 53.73 37.82 8.03
C LEU R 237 52.27 37.51 8.25
N GLU R 238 51.80 37.52 9.49
CA GLU R 238 50.47 37.02 9.81
C GLU R 238 49.36 37.75 9.08
N GLU R 239 49.18 39.03 9.38
CA GLU R 239 48.09 39.78 8.77
C GLU R 239 48.29 39.96 7.28
N LYS R 240 49.53 40.14 6.83
CA LYS R 240 49.77 40.24 5.39
C LYS R 240 49.23 39.03 4.66
N SER R 241 49.20 37.87 5.32
CA SER R 241 48.43 36.76 4.81
C SER R 241 46.93 37.01 4.97
N LYS R 242 46.53 37.47 6.15
CA LYS R 242 45.10 37.58 6.48
C LYS R 242 44.39 38.53 5.53
N LEU R 243 44.91 39.74 5.38
CA LEU R 243 44.16 40.79 4.71
C LEU R 243 43.75 40.37 3.30
N THR R 244 44.72 39.89 2.52
CA THR R 244 44.39 39.46 1.17
C THR R 244 43.41 38.31 1.17
N GLU R 245 43.31 37.56 2.26
CA GLU R 245 42.29 36.54 2.35
C GLU R 245 40.91 37.16 2.52
N GLN R 246 40.78 38.13 3.43
CA GLN R 246 39.50 38.75 3.68
C GLN R 246 38.97 39.47 2.44
N ALA R 247 39.87 40.08 1.67
CA ALA R 247 39.48 40.65 0.38
C ALA R 247 38.88 39.58 -0.51
N MET R 248 39.57 38.45 -0.64
CA MET R 248 39.01 37.32 -1.38
C MET R 248 37.84 36.70 -0.63
N ASP R 249 37.69 36.98 0.65
CA ASP R 249 36.52 36.51 1.37
C ASP R 249 35.31 37.35 1.04
N LEU R 250 35.53 38.57 0.55
CA LEU R 250 34.42 39.43 0.17
C LEU R 250 34.09 39.28 -1.31
N VAL R 251 35.10 39.40 -2.17
CA VAL R 251 34.89 39.22 -3.60
C VAL R 251 34.18 37.90 -3.87
N THR R 252 34.42 36.89 -3.02
CA THR R 252 33.75 35.61 -3.18
C THR R 252 32.28 35.69 -2.76
N ALA R 253 32.02 36.23 -1.58
CA ALA R 253 30.64 36.30 -1.11
C ALA R 253 29.82 37.33 -1.87
N ALA R 254 30.46 38.16 -2.69
CA ALA R 254 29.72 39.05 -3.56
C ALA R 254 29.55 38.52 -4.97
N GLU R 255 30.04 37.30 -5.24
CA GLU R 255 29.77 36.52 -6.45
C GLU R 255 29.73 37.37 -7.72
N PRO R 256 30.89 37.86 -8.17
CA PRO R 256 30.90 38.83 -9.29
C PRO R 256 30.30 38.30 -10.57
N GLU R 257 30.35 36.98 -10.80
CA GLU R 257 29.79 36.42 -12.02
C GLU R 257 28.31 36.71 -12.16
N ILE R 258 27.63 37.01 -11.06
CA ILE R 258 26.24 37.42 -11.13
C ILE R 258 26.13 38.89 -11.51
N ILE R 259 26.84 39.76 -10.80
CA ILE R 259 26.70 41.19 -10.97
C ILE R 259 27.28 41.65 -12.30
N ALA R 260 27.90 40.73 -13.02
CA ALA R 260 28.43 41.02 -14.34
C ALA R 260 27.61 40.40 -15.46
N SER R 261 26.61 39.58 -15.13
CA SER R 261 25.90 38.82 -16.14
C SER R 261 25.23 39.74 -17.16
N LEU R 262 25.51 39.47 -18.43
CA LEU R 262 24.81 40.11 -19.54
C LEU R 262 23.65 39.27 -20.04
N VAL R 263 23.14 38.35 -19.23
CA VAL R 263 22.07 37.45 -19.64
C VAL R 263 20.93 37.54 -18.63
N PRO R 264 19.73 37.15 -19.02
CA PRO R 264 18.61 37.11 -18.07
C PRO R 264 18.95 36.24 -16.86
N VAL R 265 18.72 36.78 -15.67
CA VAL R 265 19.07 36.09 -14.43
C VAL R 265 17.82 36.00 -13.54
N PRO R 266 17.49 34.82 -13.02
CA PRO R 266 16.32 34.71 -12.15
C PRO R 266 16.46 35.56 -10.91
N ALA R 267 15.34 36.08 -10.44
CA ALA R 267 15.35 36.99 -9.30
C ALA R 267 15.90 36.38 -8.02
N PRO R 268 15.48 35.20 -7.57
CA PRO R 268 15.91 34.75 -6.24
C PRO R 268 17.41 34.58 -6.08
N VAL R 269 18.13 34.19 -7.13
CA VAL R 269 19.56 34.03 -6.97
C VAL R 269 20.25 35.38 -6.88
N PHE R 270 19.55 36.44 -7.27
CA PHE R 270 20.12 37.77 -7.25
C PHE R 270 19.67 38.59 -6.07
N ALA R 271 18.53 38.26 -5.47
CA ALA R 271 18.05 39.00 -4.33
C ALA R 271 18.94 38.75 -3.11
N ILE R 272 18.91 39.71 -2.20
CA ILE R 272 19.67 39.63 -0.94
C ILE R 272 18.73 40.16 0.14
N PRO R 273 19.07 40.04 1.42
CA PRO R 273 18.19 40.59 2.46
C PRO R 273 18.06 42.10 2.33
N PRO R 274 16.89 42.58 1.97
CA PRO R 274 16.70 44.00 1.69
C PRO R 274 16.62 44.79 3.00
N LYS R 275 16.37 46.09 2.85
CA LYS R 275 16.30 46.98 3.99
C LYS R 275 15.01 47.76 3.95
N PRO R 276 14.48 48.16 5.11
CA PRO R 276 13.29 49.01 5.12
C PRO R 276 13.58 50.35 4.46
N ALA R 277 12.55 50.92 3.86
CA ALA R 277 12.67 52.22 3.21
C ALA R 277 11.55 53.13 3.67
N ASP R 278 11.78 54.42 3.59
CA ASP R 278 10.90 55.41 4.19
C ASP R 278 10.37 56.36 3.13
N TYR R 279 9.12 56.81 3.31
CA TYR R 279 8.49 57.71 2.36
C TYR R 279 7.51 58.63 3.08
N ASN R 280 7.26 59.78 2.46
CA ASN R 280 6.18 60.68 2.82
C ASN R 280 5.26 60.75 1.60
N VAL R 281 4.16 60.00 1.64
CA VAL R 281 3.40 59.68 0.42
C VAL R 281 2.89 60.95 -0.25
N ARG R 282 2.42 61.91 0.54
CA ARG R 282 1.79 63.09 -0.02
C ARG R 282 2.72 63.83 -0.98
N THR R 283 4.01 63.92 -0.63
CA THR R 283 4.91 64.86 -1.25
C THR R 283 5.47 64.35 -2.58
N LEU R 284 5.19 63.11 -2.95
CA LEU R 284 5.79 62.55 -4.15
C LEU R 284 5.27 63.22 -5.41
N ARG R 285 6.07 63.09 -6.47
CA ARG R 285 5.69 63.53 -7.80
C ARG R 285 5.03 62.25 -8.32
N ILE R 286 3.82 62.35 -8.86
CA ILE R 286 3.10 61.14 -9.26
C ILE R 286 3.74 60.53 -10.50
N ASP R 287 4.24 61.36 -11.41
CA ASP R 287 4.75 60.86 -12.68
C ASP R 287 5.93 59.93 -12.51
N GLU R 288 6.57 59.93 -11.34
CA GLU R 288 7.67 59.03 -11.03
C GLU R 288 7.21 57.76 -10.34
N ALA R 289 6.51 57.87 -9.20
CA ALA R 289 6.15 56.70 -8.42
C ALA R 289 5.06 55.91 -9.14
N THR R 290 5.47 55.14 -10.15
CA THR R 290 4.58 54.41 -11.02
C THR R 290 3.67 53.42 -10.29
N TRP R 291 3.88 53.23 -9.00
CA TRP R 291 3.08 52.29 -8.22
C TRP R 291 1.99 53.00 -7.41
N LEU R 292 1.75 54.28 -7.70
CA LEU R 292 0.71 55.04 -7.04
C LEU R 292 -0.46 55.25 -8.00
N ARG R 293 -1.61 55.54 -7.42
CA ARG R 293 -2.81 55.87 -8.18
C ARG R 293 -3.51 57.03 -7.48
N MET R 294 -4.15 57.90 -8.27
CA MET R 294 -4.73 59.12 -7.72
C MET R 294 -6.04 59.44 -8.44
N ILE R 295 -7.10 59.64 -7.67
CA ILE R 295 -8.39 60.07 -8.20
C ILE R 295 -8.25 61.52 -8.68
N PRO R 296 -8.55 61.80 -9.95
CA PRO R 296 -8.24 63.12 -10.52
C PRO R 296 -8.78 64.25 -9.67
N LYS R 297 -8.09 65.39 -9.71
CA LYS R 297 -8.52 66.57 -9.00
C LYS R 297 -9.49 67.39 -9.83
N SER R 298 -10.18 68.31 -9.16
CA SER R 298 -10.95 69.37 -9.79
C SER R 298 -12.03 68.80 -10.70
N MET R 299 -13.01 68.16 -10.06
CA MET R 299 -14.30 67.95 -10.69
C MET R 299 -15.46 68.44 -9.84
N ASN R 300 -15.23 68.88 -8.60
CA ASN R 300 -16.29 69.29 -7.71
C ASN R 300 -17.02 68.16 -7.03
N THR R 301 -17.01 66.96 -7.61
CA THR R 301 -17.65 65.80 -7.02
C THR R 301 -17.03 65.44 -5.67
N PRO R 302 -17.85 64.84 -4.81
CA PRO R 302 -17.44 64.39 -3.48
C PRO R 302 -18.56 63.57 -2.86
N PHE R 303 -18.25 62.43 -2.24
CA PHE R 303 -19.31 61.55 -1.77
C PHE R 303 -18.85 60.75 -0.56
N GLN R 304 -19.71 59.83 -0.11
CA GLN R 304 -19.46 58.99 1.06
C GLN R 304 -19.77 57.54 0.75
N ILE R 305 -19.09 56.63 1.46
CA ILE R 305 -19.32 55.20 1.33
C ILE R 305 -19.22 54.56 2.71
N GLN R 306 -19.75 53.34 2.81
CA GLN R 306 -19.79 52.59 4.07
C GLN R 306 -19.20 51.21 3.86
N VAL R 307 -18.19 50.87 4.65
CA VAL R 307 -17.51 49.59 4.55
C VAL R 307 -17.25 49.03 5.94
N THR R 308 -17.45 47.72 6.10
CA THR R 308 -17.29 47.06 7.38
C THR R 308 -15.85 46.60 7.57
N ASP R 309 -15.62 45.86 8.66
CA ASP R 309 -14.35 45.22 8.95
C ASP R 309 -14.61 43.74 9.21
N ASN R 310 -13.54 43.02 9.58
CA ASN R 310 -13.68 41.59 9.86
C ASN R 310 -14.76 41.34 10.91
N THR R 311 -14.89 42.25 11.89
CA THR R 311 -15.96 42.11 12.87
C THR R 311 -17.32 42.42 12.28
N GLY R 312 -17.38 43.30 11.28
CA GLY R 312 -18.63 43.69 10.69
C GLY R 312 -19.13 45.06 11.09
N THR R 313 -18.34 45.81 11.87
CA THR R 313 -18.77 47.14 12.28
C THR R 313 -18.86 48.04 11.06
N ASN R 314 -20.00 48.69 10.90
CA ASN R 314 -20.18 49.58 9.77
C ASN R 314 -19.64 50.96 10.09
N TRP R 315 -19.01 51.58 9.09
CA TRP R 315 -18.36 52.88 9.26
C TRP R 315 -18.87 53.83 8.18
N HIS R 316 -18.33 55.04 8.20
CA HIS R 316 -18.56 56.03 7.16
C HIS R 316 -17.25 56.73 6.86
N LEU R 317 -17.13 57.23 5.63
CA LEU R 317 -15.95 57.95 5.17
C LEU R 317 -16.26 58.72 3.88
N ASN R 318 -15.28 59.47 3.42
CA ASN R 318 -15.39 60.27 2.20
C ASN R 318 -14.39 59.83 1.16
N LEU R 319 -14.72 60.10 -0.10
CA LEU R 319 -13.75 60.08 -1.20
C LEU R 319 -13.94 61.34 -2.03
N ARG R 320 -12.84 61.92 -2.47
CA ARG R 320 -12.86 63.18 -3.21
C ARG R 320 -11.63 63.22 -4.10
N GLY R 321 -11.66 64.15 -5.05
CA GLY R 321 -10.55 64.29 -5.97
C GLY R 321 -9.26 64.66 -5.26
N GLY R 322 -8.15 64.18 -5.82
CA GLY R 322 -6.85 64.36 -5.22
C GLY R 322 -6.42 63.23 -4.30
N THR R 323 -7.34 62.39 -3.86
CA THR R 323 -6.99 61.29 -2.99
C THR R 323 -6.14 60.26 -3.73
N ARG R 324 -5.20 59.66 -3.00
CA ARG R 324 -4.23 58.75 -3.58
C ARG R 324 -4.32 57.39 -2.90
N VAL R 325 -4.22 56.33 -3.72
CA VAL R 325 -4.07 54.98 -3.20
C VAL R 325 -2.85 54.36 -3.86
N VAL R 326 -2.32 53.33 -3.22
CA VAL R 326 -1.27 52.53 -3.81
C VAL R 326 -1.90 51.39 -4.58
N ASN R 327 -1.29 51.03 -5.71
CA ASN R 327 -1.81 49.97 -6.57
C ASN R 327 -1.30 48.64 -6.05
N LEU R 328 -2.10 47.97 -5.22
CA LEU R 328 -1.63 46.78 -4.50
C LEU R 328 -1.16 45.67 -5.39
N ASP R 329 -1.58 45.65 -6.64
CA ASP R 329 -1.02 44.66 -7.55
C ASP R 329 0.48 44.83 -7.61
N GLN R 330 1.18 43.69 -7.71
CA GLN R 330 2.61 43.63 -7.99
C GLN R 330 3.46 44.44 -7.00
N ILE R 331 2.99 44.58 -5.77
CA ILE R 331 3.77 45.35 -4.80
C ILE R 331 4.64 44.38 -4.02
N ALA R 332 4.86 43.19 -4.58
CA ALA R 332 5.93 42.31 -4.09
C ALA R 332 5.82 42.09 -2.59
N PRO R 333 4.93 41.19 -2.12
CA PRO R 333 4.27 41.37 -0.82
C PRO R 333 5.09 42.08 0.25
N MET R 334 4.48 43.10 0.83
CA MET R 334 5.18 44.21 1.44
C MET R 334 4.54 44.50 2.78
N ARG R 335 5.07 45.48 3.53
CA ARG R 335 4.54 45.81 4.84
C ARG R 335 4.39 47.31 4.99
N PHE R 336 3.35 47.74 5.70
CA PHE R 336 3.04 49.15 5.86
C PHE R 336 2.96 49.53 7.33
N VAL R 337 3.80 50.48 7.73
CA VAL R 337 3.68 51.11 9.04
C VAL R 337 3.74 52.61 8.83
N LEU R 338 2.66 53.29 9.19
CA LEU R 338 2.47 54.70 8.90
C LEU R 338 2.31 55.45 10.22
N ASP R 339 3.05 56.54 10.37
CA ASP R 339 3.04 57.33 11.61
C ASP R 339 2.45 58.71 11.32
N LEU R 340 1.16 58.86 11.59
CA LEU R 340 0.52 60.16 11.44
C LEU R 340 1.02 61.18 12.46
N GLY R 341 1.64 60.71 13.54
CA GLY R 341 2.00 61.63 14.61
C GLY R 341 2.95 62.72 14.12
N GLY R 342 2.77 63.92 14.63
CA GLY R 342 3.62 65.05 14.30
C GLY R 342 3.05 66.03 13.30
N LYS R 343 1.85 65.81 12.80
CA LYS R 343 1.18 66.70 11.87
C LYS R 343 0.00 67.37 12.55
N SER R 344 -0.69 68.25 11.83
CA SER R 344 -1.76 69.06 12.42
C SER R 344 -3.15 68.52 12.12
N TYR R 345 -3.49 68.40 10.84
CA TYR R 345 -4.77 67.84 10.39
C TYR R 345 -5.97 68.49 11.08
N LYS R 346 -5.87 69.77 11.42
CA LYS R 346 -6.96 70.49 12.04
C LYS R 346 -7.68 71.35 11.01
N GLU R 347 -9.00 71.21 10.94
CA GLU R 347 -9.82 72.05 10.10
C GLU R 347 -10.50 73.13 10.93
N THR R 348 -11.13 74.07 10.23
CA THR R 348 -11.86 75.12 10.91
C THR R 348 -13.07 74.59 11.68
N SER R 349 -13.55 73.39 11.33
CA SER R 349 -14.64 72.78 12.07
C SER R 349 -14.47 71.28 12.25
N TRP R 350 -13.24 70.77 12.15
CA TRP R 350 -12.99 69.33 12.20
C TRP R 350 -11.70 69.13 12.98
N ASP R 351 -11.83 68.74 14.23
CA ASP R 351 -10.67 68.48 15.08
C ASP R 351 -10.19 67.06 14.86
N PRO R 352 -8.89 66.84 14.68
CA PRO R 352 -8.41 65.47 14.46
C PRO R 352 -8.54 64.60 15.70
N ASN R 353 -8.52 65.20 16.88
CA ASN R 353 -8.51 64.43 18.12
C ASN R 353 -9.80 63.63 18.27
N GLY R 354 -9.66 62.37 18.68
CA GLY R 354 -10.77 61.51 18.93
C GLY R 354 -11.21 60.67 17.75
N LYS R 355 -11.10 61.21 16.54
CA LYS R 355 -11.54 60.48 15.37
C LYS R 355 -10.65 59.26 15.14
N LYS R 356 -10.98 58.49 14.11
CA LYS R 356 -10.25 57.27 13.82
C LYS R 356 -9.78 57.28 12.38
N VAL R 357 -8.65 56.61 12.16
CA VAL R 357 -8.09 56.42 10.84
C VAL R 357 -7.87 54.93 10.66
N GLY R 358 -7.74 54.52 9.41
CA GLY R 358 -7.52 53.10 9.16
C GLY R 358 -7.22 52.83 7.70
N PHE R 359 -6.79 51.60 7.46
CA PHE R 359 -6.48 51.12 6.12
C PHE R 359 -7.72 50.53 5.48
N ILE R 360 -7.85 50.70 4.17
CA ILE R 360 -9.02 50.26 3.43
C ILE R 360 -8.55 49.57 2.16
N VAL R 361 -8.76 48.29 2.06
CA VAL R 361 -8.45 47.56 0.85
C VAL R 361 -9.65 47.66 -0.08
N PHE R 362 -9.38 47.64 -1.38
CA PHE R 362 -10.43 47.78 -2.38
C PHE R 362 -10.38 46.65 -3.39
N GLN R 363 -11.53 46.37 -3.99
CA GLN R 363 -11.64 45.46 -5.13
C GLN R 363 -12.75 46.00 -6.02
N SER R 364 -12.38 46.47 -7.20
CA SER R 364 -13.36 46.98 -8.15
C SER R 364 -12.78 46.91 -9.55
N LYS R 365 -13.57 46.39 -10.49
CA LYS R 365 -13.08 46.16 -11.85
C LYS R 365 -12.75 47.48 -12.55
N ILE R 366 -13.59 48.49 -12.37
CA ILE R 366 -13.32 49.78 -13.04
C ILE R 366 -12.03 50.36 -12.48
N PRO R 367 -11.16 50.93 -13.31
CA PRO R 367 -9.91 51.50 -12.79
C PRO R 367 -10.20 52.59 -11.76
N PHE R 368 -9.27 52.74 -10.82
CA PHE R 368 -9.53 53.56 -9.63
C PHE R 368 -9.87 54.99 -10.01
N GLU R 369 -9.08 55.60 -10.89
CA GLU R 369 -9.26 57.01 -11.19
C GLU R 369 -10.59 57.32 -11.85
N LEU R 370 -11.28 56.32 -12.39
CA LEU R 370 -12.60 56.54 -12.95
C LEU R 370 -13.71 56.41 -11.92
N TRP R 371 -13.38 56.14 -10.67
CA TRP R 371 -14.38 56.16 -9.61
C TRP R 371 -15.03 57.52 -9.53
N THR R 372 -16.35 57.56 -9.53
CA THR R 372 -17.05 58.81 -9.28
C THR R 372 -18.28 58.68 -8.40
N ALA R 373 -18.72 57.46 -8.07
CA ALA R 373 -19.88 57.23 -7.24
C ALA R 373 -19.58 56.13 -6.25
N ALA R 374 -20.50 55.93 -5.31
CA ALA R 374 -20.38 54.84 -4.35
C ALA R 374 -20.71 53.48 -4.94
N SER R 375 -21.26 53.44 -6.16
CA SER R 375 -21.76 52.18 -6.68
C SER R 375 -20.62 51.25 -7.07
N GLN R 376 -19.60 51.76 -7.75
CA GLN R 376 -18.65 50.92 -8.45
C GLN R 376 -17.49 50.44 -7.60
N ILE R 377 -17.40 50.85 -6.33
CA ILE R 377 -16.28 50.39 -5.52
C ILE R 377 -16.29 48.89 -5.33
N GLY R 378 -17.45 48.25 -5.54
CA GLY R 378 -17.53 46.81 -5.49
C GLY R 378 -17.34 46.25 -4.10
N GLN R 379 -16.17 45.67 -3.87
CA GLN R 379 -15.86 44.97 -2.64
C GLN R 379 -14.77 45.73 -1.88
N ALA R 380 -14.98 45.94 -0.58
CA ALA R 380 -14.02 46.67 0.23
C ALA R 380 -14.04 46.17 1.66
N THR R 381 -12.93 46.36 2.36
CA THR R 381 -12.79 45.89 3.73
C THR R 381 -11.85 46.84 4.47
N VAL R 382 -12.08 46.97 5.78
CA VAL R 382 -11.23 47.76 6.66
C VAL R 382 -10.39 46.78 7.48
N VAL R 383 -9.08 46.81 7.30
CA VAL R 383 -8.25 45.79 7.93
C VAL R 383 -7.71 46.24 9.29
N ASN R 384 -7.43 47.52 9.47
CA ASN R 384 -6.85 47.99 10.72
C ASN R 384 -7.25 49.44 10.95
N TYR R 385 -7.14 49.88 12.19
CA TYR R 385 -7.55 51.23 12.56
C TYR R 385 -7.06 51.54 13.97
N VAL R 386 -7.00 52.85 14.28
CA VAL R 386 -6.64 53.31 15.62
C VAL R 386 -7.47 54.54 15.95
N GLN R 387 -7.38 54.97 17.21
CA GLN R 387 -7.99 56.19 17.68
C GLN R 387 -6.90 57.21 18.01
N LEU R 388 -7.06 58.43 17.48
CA LEU R 388 -5.99 59.41 17.48
C LEU R 388 -6.00 60.27 18.74
N TYR R 389 -4.83 60.72 19.14
CA TYR R 389 -4.65 61.71 20.18
C TYR R 389 -3.81 62.88 19.65
N ALA R 390 -4.09 64.07 20.16
CA ALA R 390 -3.47 65.31 19.70
C ALA R 390 -2.77 65.99 20.86
N GLU R 391 -1.66 66.67 20.59
CA GLU R 391 -0.90 67.34 21.63
C GLU R 391 -0.38 68.68 21.11
N ASP R 392 -0.30 69.67 21.99
CA ASP R 392 0.18 71.00 21.63
C ASP R 392 1.70 70.98 21.52
N SER R 393 2.22 71.63 20.49
CA SER R 393 3.62 71.54 20.12
C SER R 393 4.33 72.86 20.35
N SER R 394 5.60 72.91 19.95
CA SER R 394 6.42 74.11 20.16
C SER R 394 5.82 75.33 19.48
N PHE R 395 5.38 75.16 18.24
CA PHE R 395 4.78 76.27 17.50
C PHE R 395 3.49 76.66 18.22
N THR R 396 3.53 77.81 18.88
CA THR R 396 2.48 78.18 19.82
C THR R 396 1.15 78.42 19.10
N ALA R 397 0.06 78.13 19.81
CA ALA R 397 -1.34 78.26 19.41
C ALA R 397 -1.86 77.09 18.57
N GLN R 398 -1.14 75.99 18.46
CA GLN R 398 -1.61 74.82 17.73
C GLN R 398 -1.44 73.57 18.56
N SER R 399 -2.01 72.47 18.04
CA SER R 399 -1.87 71.15 18.60
C SER R 399 -1.43 70.18 17.51
N ILE R 400 -0.93 69.02 17.93
CA ILE R 400 -0.24 68.11 17.02
C ILE R 400 -0.53 66.67 17.43
N ILE R 401 -0.84 65.82 16.45
CA ILE R 401 -1.19 64.43 16.74
C ILE R 401 -0.01 63.69 17.34
N ALA R 402 -0.30 62.84 18.33
CA ALA R 402 0.72 62.02 18.98
C ALA R 402 1.05 60.80 18.12
N THR R 403 2.02 60.03 18.58
CA THR R 403 2.60 58.96 17.76
C THR R 403 1.58 57.88 17.43
N THR R 404 1.58 57.46 16.17
CA THR R 404 0.77 56.35 15.71
C THR R 404 1.66 55.35 14.98
N SER R 405 1.23 54.09 14.99
CA SER R 405 1.96 53.01 14.35
C SER R 405 1.00 52.08 13.62
N LEU R 406 0.09 52.67 12.85
CA LEU R 406 -0.83 51.89 12.03
C LEU R 406 -0.11 50.82 11.24
N ALA R 407 -0.42 49.56 11.53
CA ALA R 407 0.25 48.44 10.91
C ALA R 407 -0.65 47.81 9.86
N TYR R 408 -0.01 47.27 8.83
CA TYR R 408 -0.66 46.43 7.85
C TYR R 408 0.41 45.85 6.94
N ASN R 409 0.16 44.63 6.47
CA ASN R 409 1.07 43.96 5.57
C ASN R 409 0.27 43.28 4.47
N TYR R 410 0.90 43.14 3.30
CA TYR R 410 0.23 42.64 2.12
C TYR R 410 0.69 41.23 1.82
N GLU R 411 -0.26 40.34 1.56
CA GLU R 411 0.08 38.99 1.18
C GLU R 411 -0.84 38.53 0.05
N PRO R 412 -0.30 38.21 -1.11
CA PRO R 412 -1.14 37.78 -2.24
C PRO R 412 -1.93 36.52 -1.95
N GLU R 413 -1.54 35.73 -0.95
CA GLU R 413 -2.24 34.48 -0.69
C GLU R 413 -3.71 34.70 -0.40
N GLN R 414 -4.03 35.57 0.56
CA GLN R 414 -5.41 35.76 0.96
C GLN R 414 -6.24 36.36 -0.16
N LEU R 415 -5.67 37.33 -0.88
CA LEU R 415 -6.44 38.03 -1.89
C LEU R 415 -6.83 37.10 -3.03
N ASN R 416 -5.91 36.24 -3.46
CA ASN R 416 -6.18 35.18 -4.44
C ASN R 416 -6.66 35.77 -5.77
N LYS R 417 -5.76 36.51 -6.40
CA LYS R 417 -6.08 37.23 -7.63
C LYS R 417 -6.00 36.28 -8.82
N THR R 418 -7.14 35.87 -9.29
CA THR R 418 -7.20 35.00 -10.46
C THR R 418 -7.91 35.67 -11.63
N ASP R 419 -8.84 36.56 -11.35
CA ASP R 419 -9.52 37.28 -12.42
C ASP R 419 -8.54 38.28 -13.01
N PRO R 420 -8.19 38.18 -14.29
CA PRO R 420 -7.25 39.13 -14.89
C PRO R 420 -7.81 40.54 -15.00
N GLU R 421 -9.00 40.81 -14.48
CA GLU R 421 -9.64 42.11 -14.55
C GLU R 421 -9.81 42.74 -13.18
N MET R 422 -9.10 42.27 -12.17
CA MET R 422 -9.30 42.73 -10.80
C MET R 422 -8.29 43.80 -10.43
N ASN R 423 -8.67 44.63 -9.47
CA ASN R 423 -7.86 45.76 -9.04
C ASN R 423 -7.81 45.79 -7.53
N TYR R 424 -6.73 46.34 -6.99
CA TYR R 424 -6.51 46.31 -5.55
C TYR R 424 -5.87 47.62 -5.09
N TYR R 425 -6.50 48.25 -4.10
CA TYR R 425 -6.10 49.59 -3.67
C TYR R 425 -6.14 49.71 -2.16
N LEU R 426 -5.12 50.37 -1.61
CA LEU R 426 -5.01 50.63 -0.17
C LEU R 426 -4.96 52.13 0.06
N LEU R 427 -5.52 52.56 1.18
CA LEU R 427 -5.75 53.98 1.43
C LEU R 427 -5.95 54.21 2.92
N ALA R 428 -5.33 55.25 3.45
CA ALA R 428 -5.46 55.64 4.85
C ALA R 428 -6.25 56.93 4.93
N THR R 429 -7.36 56.90 5.67
CA THR R 429 -8.27 58.04 5.69
C THR R 429 -8.94 58.08 7.06
N PHE R 430 -9.63 59.19 7.34
CA PHE R 430 -10.46 59.26 8.53
C PHE R 430 -11.61 58.27 8.42
N ILE R 431 -11.94 57.63 9.53
CA ILE R 431 -13.05 56.68 9.58
C ILE R 431 -13.86 56.96 10.84
N ASP R 432 -15.18 56.84 10.70
CA ASP R 432 -16.06 57.05 11.83
C ASP R 432 -17.33 56.27 11.61
N SER R 433 -18.05 56.02 12.70
CA SER R 433 -19.37 55.42 12.62
C SER R 433 -20.33 56.30 11.83
N ALA R 434 -20.61 57.49 12.35
CA ALA R 434 -21.53 58.40 11.70
C ALA R 434 -20.95 58.93 10.40
N ALA R 435 -21.83 59.40 9.53
CA ALA R 435 -21.38 60.01 8.28
C ALA R 435 -20.61 61.29 8.58
N ILE R 436 -19.88 61.75 7.57
CA ILE R 436 -19.13 62.99 7.63
C ILE R 436 -19.72 63.94 6.60
N THR R 437 -19.93 65.19 6.99
CA THR R 437 -20.33 66.19 6.01
C THR R 437 -19.24 66.32 4.97
N PRO R 438 -19.58 66.37 3.68
CA PRO R 438 -18.54 66.50 2.65
C PRO R 438 -17.67 67.72 2.81
N THR R 439 -18.21 68.82 3.32
CA THR R 439 -17.44 70.04 3.47
C THR R 439 -16.90 70.25 4.87
N ASN R 440 -17.43 69.54 5.87
CA ASN R 440 -16.90 69.69 7.22
C ASN R 440 -15.52 69.05 7.37
N MET R 441 -15.17 68.13 6.49
CA MET R 441 -13.82 67.58 6.40
C MET R 441 -13.39 67.67 4.95
N THR R 442 -12.22 68.28 4.71
CA THR R 442 -11.83 68.64 3.35
C THR R 442 -10.51 68.05 2.90
N GLN R 443 -9.81 67.28 3.74
CA GLN R 443 -8.58 66.66 3.29
C GLN R 443 -8.89 65.57 2.26
N PRO R 444 -8.00 65.35 1.31
CA PRO R 444 -8.24 64.28 0.33
C PRO R 444 -7.97 62.91 0.89
N ASP R 445 -6.97 62.82 1.77
CA ASP R 445 -6.60 61.59 2.45
C ASP R 445 -5.89 61.98 3.74
N VAL R 446 -5.21 61.03 4.36
CA VAL R 446 -4.33 61.35 5.47
C VAL R 446 -2.90 60.92 5.17
N TRP R 447 -2.60 60.72 3.89
CA TRP R 447 -1.28 60.25 3.46
C TRP R 447 -0.17 61.27 3.69
N ASP R 448 -0.45 62.40 4.32
CA ASP R 448 0.56 63.42 4.56
C ASP R 448 1.25 63.14 5.90
N ALA R 449 1.83 61.95 5.97
CA ALA R 449 2.54 61.52 7.16
C ALA R 449 3.83 60.84 6.72
N LEU R 450 4.47 60.13 7.64
CA LEU R 450 5.69 59.41 7.37
C LEU R 450 5.35 57.94 7.19
N LEU R 451 5.78 57.37 6.06
CA LEU R 451 5.48 55.98 5.76
C LEU R 451 6.78 55.19 5.72
N THR R 452 6.86 54.14 6.52
CA THR R 452 8.00 53.23 6.51
C THR R 452 7.59 51.95 5.80
N MET R 453 8.38 51.54 4.83
CA MET R 453 8.02 50.45 3.95
C MET R 453 9.02 49.31 4.16
N SER R 454 8.52 48.08 4.27
CA SER R 454 9.40 46.94 4.50
C SER R 454 8.96 45.72 3.70
N PRO R 455 9.90 45.03 3.08
CA PRO R 455 9.54 43.90 2.21
C PRO R 455 9.32 42.61 2.99
N LEU R 456 8.52 41.74 2.39
CA LEU R 456 8.24 40.43 2.97
C LEU R 456 8.68 39.29 2.07
N SER R 457 8.71 39.48 0.77
CA SER R 457 9.19 38.48 -0.17
C SER R 457 10.61 38.85 -0.57
N ALA R 458 11.58 38.17 0.01
CA ALA R 458 12.98 38.34 -0.38
C ALA R 458 13.37 37.46 -1.54
N GLY R 459 12.46 36.65 -2.06
CA GLY R 459 12.68 35.89 -3.26
C GLY R 459 12.07 36.47 -4.50
N GLU R 460 11.77 37.77 -4.50
CA GLU R 460 11.13 38.42 -5.63
C GLU R 460 11.48 39.90 -5.60
N VAL R 461 11.88 40.43 -6.76
CA VAL R 461 12.44 41.76 -6.84
C VAL R 461 11.72 42.57 -7.91
N THR R 462 11.36 43.79 -7.56
CA THR R 462 10.83 44.74 -8.53
C THR R 462 11.94 45.54 -9.20
N VAL R 463 11.70 45.92 -10.45
CA VAL R 463 12.56 46.83 -11.19
C VAL R 463 11.70 47.98 -11.68
N LYS R 464 12.17 49.21 -11.45
CA LYS R 464 11.41 50.43 -11.78
C LYS R 464 10.00 50.35 -11.22
N GLY R 465 9.88 49.88 -9.98
CA GLY R 465 8.57 49.79 -9.36
C GLY R 465 7.67 48.71 -9.92
N ALA R 466 8.20 47.79 -10.71
CA ALA R 466 7.40 46.71 -11.30
C ALA R 466 8.04 45.37 -11.01
N VAL R 467 7.25 44.44 -10.47
CA VAL R 467 7.76 43.11 -10.17
C VAL R 467 8.21 42.43 -11.45
N VAL R 468 9.14 41.49 -11.32
CA VAL R 468 9.68 40.80 -12.49
C VAL R 468 10.28 39.47 -12.02
N SER R 469 10.13 38.45 -12.86
CA SER R 469 10.65 37.13 -12.49
C SER R 469 12.16 37.05 -12.67
N GLU R 470 12.72 37.71 -13.67
CA GLU R 470 14.16 37.68 -13.88
C GLU R 470 14.66 39.08 -14.18
N VAL R 471 15.95 39.30 -13.91
CA VAL R 471 16.59 40.59 -14.10
C VAL R 471 17.92 40.38 -14.82
N VAL R 472 18.39 41.42 -15.49
CA VAL R 472 19.65 41.39 -16.23
C VAL R 472 20.58 42.42 -15.62
N PRO R 473 21.48 42.02 -14.72
CA PRO R 473 22.27 43.01 -13.99
C PRO R 473 23.10 43.90 -14.89
N ALA R 474 23.51 43.42 -16.06
CA ALA R 474 24.31 44.24 -16.96
C ALA R 474 23.57 45.50 -17.38
N ASP R 475 22.28 45.37 -17.70
CA ASP R 475 21.57 46.48 -18.30
C ASP R 475 21.08 47.51 -17.28
N LEU R 476 21.19 47.22 -15.98
CA LEU R 476 20.83 48.22 -14.98
C LEU R 476 21.85 49.34 -14.88
N ILE R 477 23.07 49.14 -15.36
CA ILE R 477 24.14 50.11 -15.14
C ILE R 477 23.87 51.36 -15.96
N GLY R 478 24.01 52.51 -15.32
CA GLY R 478 23.82 53.78 -15.99
C GLY R 478 22.43 53.99 -16.55
N SER R 479 21.40 53.69 -15.75
CA SER R 479 20.03 53.86 -16.23
C SER R 479 19.08 54.45 -15.20
N TYR R 480 19.58 55.01 -14.11
CA TYR R 480 18.73 55.60 -13.08
C TYR R 480 19.04 57.07 -12.86
N THR R 481 17.99 57.85 -12.72
CA THR R 481 17.84 59.25 -12.36
C THR R 481 17.53 59.36 -10.88
N PRO R 482 18.30 60.18 -10.15
CA PRO R 482 18.13 60.23 -8.69
C PRO R 482 16.74 60.65 -8.27
N GLU R 483 16.01 61.35 -9.13
CA GLU R 483 14.59 61.56 -8.87
C GLU R 483 13.87 60.24 -8.74
N SER R 484 14.18 59.29 -9.63
CA SER R 484 13.51 58.00 -9.60
C SER R 484 13.94 57.16 -8.41
N LEU R 485 15.24 57.17 -8.09
CA LEU R 485 15.76 56.22 -7.13
C LEU R 485 15.18 56.45 -5.74
N ASN R 486 14.94 57.71 -5.37
CA ASN R 486 14.30 57.97 -4.09
C ASN R 486 12.88 57.43 -4.06
N THR R 487 12.20 57.39 -5.21
CA THR R 487 10.85 56.86 -5.28
C THR R 487 10.82 55.36 -5.57
N SER R 488 11.93 54.66 -5.35
CA SER R 488 11.96 53.24 -5.64
C SER R 488 11.40 52.44 -4.46
N LEU R 489 10.97 51.23 -4.75
CA LEU R 489 10.52 50.37 -3.67
C LEU R 489 11.72 49.80 -2.91
N PRO R 490 11.55 49.52 -1.62
CA PRO R 490 12.68 49.02 -0.84
C PRO R 490 13.29 47.76 -1.40
N ASN R 491 12.47 46.85 -1.93
CA ASN R 491 13.00 45.65 -2.57
C ASN R 491 13.15 45.85 -4.08
N ASP R 492 13.80 46.95 -4.47
CA ASP R 492 14.09 47.17 -5.87
C ASP R 492 15.40 46.49 -6.23
N ALA R 493 15.61 46.30 -7.52
CA ALA R 493 16.82 45.63 -7.99
C ALA R 493 18.07 46.37 -7.54
N ALA R 494 18.09 47.68 -7.75
CA ALA R 494 19.26 48.47 -7.38
C ALA R 494 19.56 48.34 -5.90
N ARG R 495 18.51 48.42 -5.06
CA ARG R 495 18.68 48.27 -3.63
C ARG R 495 19.47 47.01 -3.30
N CYS R 496 19.11 45.89 -3.92
CA CYS R 496 19.87 44.68 -3.72
C CYS R 496 21.24 44.77 -4.37
N MET R 497 21.39 45.58 -5.42
CA MET R 497 22.66 45.60 -6.11
C MET R 497 23.57 46.71 -5.61
N ILE R 498 23.02 47.77 -5.02
CA ILE R 498 23.86 48.85 -4.51
C ILE R 498 24.75 48.37 -3.38
N ASP R 499 24.17 47.70 -2.40
CA ASP R 499 24.98 47.25 -1.27
C ASP R 499 25.81 46.03 -1.64
N ARG R 500 25.28 45.15 -2.47
CA ARG R 500 26.06 44.01 -2.93
C ARG R 500 27.30 44.47 -3.67
N ALA R 501 27.14 45.41 -4.60
CA ALA R 501 28.31 46.00 -5.25
C ALA R 501 29.15 46.82 -4.30
N SER R 502 28.54 47.41 -3.27
CA SER R 502 29.34 48.07 -2.24
C SER R 502 30.29 47.08 -1.59
N LYS R 503 29.85 45.83 -1.42
CA LYS R 503 30.68 44.80 -0.84
C LYS R 503 31.98 44.60 -1.61
N ILE R 504 31.97 44.86 -2.91
CA ILE R 504 33.21 44.84 -3.67
C ILE R 504 34.12 45.97 -3.23
N ALA R 505 33.53 47.12 -2.86
CA ALA R 505 34.32 48.32 -2.62
C ALA R 505 35.27 48.14 -1.43
N GLU R 506 34.84 47.44 -0.39
CA GLU R 506 35.73 47.29 0.76
C GLU R 506 37.01 46.56 0.38
N ALA R 507 36.90 45.54 -0.48
CA ALA R 507 38.09 44.84 -0.93
C ALA R 507 39.08 45.80 -1.57
N ILE R 508 38.60 46.63 -2.49
CA ILE R 508 39.51 47.54 -3.19
C ILE R 508 40.23 48.43 -2.18
N LYS R 509 39.51 48.90 -1.16
CA LYS R 509 40.16 49.73 -0.15
C LYS R 509 41.18 48.92 0.64
N ILE R 510 40.84 47.68 1.00
CA ILE R 510 41.75 46.85 1.78
C ILE R 510 42.97 46.44 0.97
N ASP R 511 42.91 46.52 -0.35
CA ASP R 511 44.08 46.23 -1.17
C ASP R 511 44.76 47.51 -1.65
N ASP R 512 43.98 48.50 -2.05
CA ASP R 512 44.53 49.73 -2.62
C ASP R 512 44.66 50.79 -1.55
N ASP R 513 45.91 51.15 -1.25
CA ASP R 513 46.24 52.33 -0.47
C ASP R 513 46.66 53.49 -1.36
N ALA R 514 46.13 53.53 -2.58
CA ALA R 514 46.56 54.54 -3.54
C ALA R 514 45.98 55.89 -3.21
N GLY R 515 46.82 56.92 -3.36
CA GLY R 515 46.38 58.29 -3.16
C GLY R 515 45.74 58.86 -4.40
N PRO R 516 45.50 60.18 -4.40
CA PRO R 516 44.77 60.80 -5.51
C PRO R 516 45.60 60.90 -6.78
N ASP R 517 44.98 60.50 -7.88
CA ASP R 517 45.41 60.76 -9.26
C ASP R 517 46.51 59.84 -9.77
N GLU R 518 46.88 58.79 -9.07
CA GLU R 518 47.85 57.86 -9.62
C GLU R 518 47.19 56.51 -9.89
N TYR R 519 47.82 55.74 -10.75
CA TYR R 519 47.28 54.44 -11.14
C TYR R 519 47.21 53.51 -9.93
N SER R 520 46.59 52.36 -10.15
CA SER R 520 46.40 51.36 -9.11
C SER R 520 46.11 50.04 -9.78
N PRO R 521 46.48 48.91 -9.16
CA PRO R 521 46.22 47.61 -9.78
C PRO R 521 44.75 47.35 -10.01
N ASN R 522 43.87 48.09 -9.34
CA ASN R 522 42.44 47.97 -9.56
C ASN R 522 41.84 49.20 -10.24
N SER R 523 42.55 50.31 -10.32
CA SER R 523 42.08 51.43 -11.12
C SER R 523 42.45 51.30 -12.58
N VAL R 524 43.52 50.58 -12.89
CA VAL R 524 44.00 50.44 -14.26
C VAL R 524 43.05 49.66 -15.18
N PRO R 525 42.29 48.65 -14.74
CA PRO R 525 41.42 47.96 -15.70
C PRO R 525 40.44 48.88 -16.39
N ILE R 526 39.97 49.92 -15.68
CA ILE R 526 39.14 50.93 -16.32
C ILE R 526 39.91 51.64 -17.42
N GLN R 527 41.17 51.98 -17.16
CA GLN R 527 41.97 52.73 -18.11
C GLN R 527 42.04 52.03 -19.46
N GLY R 528 42.30 50.74 -19.47
CA GLY R 528 42.29 50.00 -20.71
C GLY R 528 40.93 50.06 -21.39
N GLN R 529 39.86 49.94 -20.60
CA GLN R 529 38.53 50.02 -21.17
C GLN R 529 38.19 51.40 -21.68
N LEU R 530 38.99 52.41 -21.37
CA LEU R 530 38.77 53.75 -21.90
C LEU R 530 39.53 53.97 -23.19
N ALA R 531 40.80 53.57 -23.23
CA ALA R 531 41.62 53.83 -24.40
C ALA R 531 40.98 53.25 -25.65
N ILE R 532 40.64 51.96 -25.61
CA ILE R 532 40.14 51.30 -26.81
C ILE R 532 38.82 51.90 -27.26
N SER R 533 37.96 52.30 -26.32
CA SER R 533 36.71 52.94 -26.71
C SER R 533 36.96 54.22 -27.50
N GLN R 534 38.08 54.89 -27.22
CA GLN R 534 38.41 56.09 -27.99
C GLN R 534 38.69 55.76 -29.44
N LEU R 535 39.42 54.67 -29.69
CA LEU R 535 40.05 54.50 -30.99
C LEU R 535 39.09 54.02 -32.07
N GLU R 536 37.85 53.67 -31.72
CA GLU R 536 36.93 53.11 -32.70
C GLU R 536 36.36 54.22 -33.59
N THR R 537 35.63 53.80 -34.63
CA THR R 537 35.05 54.70 -35.61
C THR R 537 33.59 54.96 -35.24
N GLY R 538 33.29 56.19 -34.83
CA GLY R 538 31.96 56.45 -34.29
C GLY R 538 31.42 57.87 -34.39
N TYR R 539 30.37 58.13 -33.62
CA TYR R 539 29.61 59.37 -33.64
C TYR R 539 30.42 60.51 -33.05
N GLY R 540 29.78 61.69 -32.98
CA GLY R 540 30.35 62.82 -32.25
C GLY R 540 31.69 63.29 -32.80
N VAL R 541 32.52 63.79 -31.89
CA VAL R 541 33.81 64.38 -32.22
C VAL R 541 34.88 63.55 -31.50
N ARG R 542 35.67 62.80 -32.27
CA ARG R 542 36.71 61.96 -31.68
C ARG R 542 37.80 62.84 -31.05
N ILE R 543 38.53 62.26 -30.09
CA ILE R 543 39.57 62.96 -29.35
C ILE R 543 40.65 61.98 -28.94
N PHE R 544 41.91 62.30 -29.26
CA PHE R 544 43.06 61.57 -28.73
C PHE R 544 43.57 62.27 -27.48
N ASN R 545 44.23 61.50 -26.62
CA ASN R 545 44.76 62.02 -25.36
C ASN R 545 45.90 61.13 -24.90
N PRO R 546 46.95 61.70 -24.32
CA PRO R 546 48.07 60.88 -23.87
C PRO R 546 47.68 60.06 -22.65
N LYS R 547 48.39 58.95 -22.47
CA LYS R 547 48.10 58.04 -21.37
C LYS R 547 48.29 58.71 -20.02
N GLY R 548 49.00 59.83 -19.96
CA GLY R 548 49.12 60.56 -18.71
C GLY R 548 47.78 61.00 -18.16
N ILE R 549 46.87 61.38 -19.05
CA ILE R 549 45.53 61.77 -18.60
C ILE R 549 44.65 60.55 -18.42
N LEU R 550 44.68 59.63 -19.39
CA LEU R 550 43.81 58.45 -19.35
C LEU R 550 43.98 57.68 -18.05
N SER R 551 45.21 57.61 -17.55
CA SER R 551 45.47 56.90 -16.31
C SER R 551 44.77 57.58 -15.13
N LYS R 552 44.84 58.92 -15.07
CA LYS R 552 44.22 59.63 -13.96
C LYS R 552 42.71 59.41 -13.95
N ILE R 553 42.08 59.49 -15.11
CA ILE R 553 40.62 59.47 -15.18
C ILE R 553 40.07 58.24 -14.46
N ALA R 554 40.68 57.09 -14.73
CA ALA R 554 40.27 55.86 -14.06
C ALA R 554 40.43 55.98 -12.54
N SER R 555 41.62 56.42 -12.09
CA SER R 555 41.83 56.57 -10.66
C SER R 555 40.86 57.58 -10.08
N ARG R 556 40.66 58.70 -10.78
CA ARG R 556 39.65 59.66 -10.33
C ARG R 556 38.27 59.03 -10.31
N ALA R 557 37.98 58.18 -11.29
CA ALA R 557 36.67 57.52 -11.33
C ALA R 557 36.56 56.43 -10.29
N MET R 558 37.62 55.66 -10.08
CA MET R 558 37.53 54.58 -9.10
C MET R 558 37.37 55.12 -7.69
N GLN R 559 38.04 56.24 -7.38
CA GLN R 559 37.89 56.83 -6.07
C GLN R 559 36.45 57.20 -5.79
N ALA R 560 35.68 57.50 -6.85
CA ALA R 560 34.25 57.70 -6.67
C ALA R 560 33.58 56.42 -6.20
N PHE R 561 33.97 55.27 -6.76
CA PHE R 561 33.25 54.04 -6.48
C PHE R 561 33.30 53.69 -4.99
N ILE R 562 34.49 53.75 -4.39
CA ILE R 562 34.57 53.58 -2.96
C ILE R 562 33.85 54.72 -2.25
N GLY R 563 34.01 55.93 -2.76
CA GLY R 563 33.33 57.08 -2.16
C GLY R 563 31.82 56.90 -2.15
N ASP R 564 31.28 56.38 -3.24
CA ASP R 564 29.88 56.01 -3.28
C ASP R 564 29.68 54.97 -4.38
N PRO R 565 29.25 53.75 -4.02
CA PRO R 565 28.92 52.77 -5.05
C PRO R 565 27.63 53.07 -5.77
N SER R 566 26.68 53.74 -5.12
CA SER R 566 25.38 53.97 -5.72
C SER R 566 25.46 54.83 -6.97
N THR R 567 26.57 55.52 -7.19
CA THR R 567 26.67 56.44 -8.31
C THR R 567 26.77 55.72 -9.65
N ILE R 568 27.13 54.44 -9.66
CA ILE R 568 27.34 53.79 -10.94
C ILE R 568 26.02 53.66 -11.70
N ILE R 569 24.91 53.47 -11.00
CA ILE R 569 23.62 53.38 -11.67
C ILE R 569 23.01 54.75 -11.92
N THR R 570 23.52 55.78 -11.26
CA THR R 570 23.04 57.13 -11.55
C THR R 570 23.28 57.45 -13.01
N GLN R 571 22.29 58.06 -13.63
CA GLN R 571 22.35 58.33 -15.07
C GLN R 571 23.50 59.27 -15.39
N ALA R 572 24.28 58.91 -16.41
CA ALA R 572 25.26 59.78 -17.02
C ALA R 572 26.40 60.16 -16.07
N ALA R 573 26.74 59.30 -15.12
CA ALA R 573 27.97 59.51 -14.38
C ALA R 573 29.14 59.48 -15.36
N PRO R 574 30.19 60.28 -15.13
CA PRO R 574 31.18 60.51 -16.18
C PRO R 574 31.80 59.25 -16.77
N VAL R 575 32.11 58.26 -15.92
CA VAL R 575 32.84 57.07 -16.36
C VAL R 575 32.09 55.79 -16.04
N LEU R 576 31.56 55.67 -14.83
CA LEU R 576 31.01 54.40 -14.39
C LEU R 576 29.66 54.07 -15.03
N SER R 577 29.01 55.05 -15.68
CA SER R 577 27.70 54.77 -16.25
C SER R 577 27.76 53.67 -17.28
N ASP R 578 28.79 53.68 -18.13
CA ASP R 578 28.92 52.69 -19.17
C ASP R 578 29.15 51.30 -18.60
N LYS R 579 28.60 50.28 -19.26
CA LYS R 579 28.72 48.93 -18.74
C LYS R 579 30.11 48.34 -18.99
N ASN R 580 30.70 48.61 -20.16
CA ASN R 580 32.03 48.07 -20.45
C ASN R 580 33.03 48.52 -19.39
N ASN R 581 32.89 49.75 -18.90
CA ASN R 581 33.66 50.15 -17.73
C ASN R 581 33.34 49.26 -16.54
N TRP R 582 32.06 48.97 -16.32
CA TRP R 582 31.66 48.26 -15.11
C TRP R 582 32.23 46.85 -15.10
N ILE R 583 32.06 46.12 -16.20
CA ILE R 583 32.47 44.72 -16.25
C ILE R 583 33.97 44.60 -16.03
N ALA R 584 34.75 45.43 -16.72
CA ALA R 584 36.21 45.33 -16.62
C ALA R 584 36.69 45.64 -15.22
N LEU R 585 35.87 46.29 -14.39
CA LEU R 585 36.23 46.48 -13.00
C LEU R 585 36.01 45.19 -12.21
N ALA R 586 34.96 44.44 -12.53
CA ALA R 586 34.55 43.34 -11.66
C ALA R 586 35.33 42.07 -11.95
N GLN R 587 36.27 42.12 -12.89
CA GLN R 587 37.09 40.94 -13.12
C GLN R 587 38.49 41.11 -12.55
N GLY R 588 39.05 42.32 -12.69
CA GLY R 588 40.35 42.59 -12.08
C GLY R 588 40.32 42.45 -10.57
N VAL R 589 39.18 42.76 -9.95
CA VAL R 589 39.06 42.57 -8.51
C VAL R 589 39.32 41.11 -8.15
N LYS R 590 38.90 40.19 -9.01
CA LYS R 590 39.21 38.78 -8.78
C LYS R 590 40.68 38.50 -9.07
N THR R 591 41.18 38.99 -10.20
CA THR R 591 42.50 38.57 -10.66
C THR R 591 43.61 39.21 -9.85
N SER R 592 43.49 40.50 -9.53
CA SER R 592 44.54 41.14 -8.76
C SER R 592 44.68 40.48 -7.40
N LEU R 593 43.56 40.16 -6.77
CA LEU R 593 43.61 39.60 -5.43
C LEU R 593 44.14 38.18 -5.42
N ARG R 594 44.27 37.54 -6.59
CA ARG R 594 44.83 36.20 -6.66
C ARG R 594 46.31 36.18 -7.01
N THR R 595 46.90 37.33 -7.34
CA THR R 595 48.30 37.39 -7.71
C THR R 595 49.17 38.06 -6.66
N LYS R 596 48.57 38.68 -5.66
CA LYS R 596 49.36 39.22 -4.56
C LYS R 596 50.14 38.09 -3.89
N SER R 597 51.35 38.41 -3.42
CA SER R 597 52.20 37.41 -2.78
C SER R 597 52.71 37.96 -1.47
N LEU R 598 51.88 37.85 -0.43
CA LEU R 598 52.27 38.20 0.93
C LEU R 598 52.95 39.56 0.99
N SER R 599 52.32 40.54 0.35
CA SER R 599 52.85 41.89 0.28
C SER R 599 51.81 42.90 0.75
N ALA R 600 52.29 43.98 1.36
CA ALA R 600 51.49 45.17 1.59
C ALA R 600 51.98 46.27 0.66
N GLY R 601 51.11 47.23 0.37
CA GLY R 601 51.50 48.32 -0.50
C GLY R 601 52.65 49.11 0.08
N VAL R 602 53.38 49.79 -0.80
CA VAL R 602 54.56 50.54 -0.39
C VAL R 602 54.20 51.53 0.72
N LYS R 603 53.11 52.27 0.55
CA LYS R 603 52.79 53.30 1.52
C LYS R 603 52.33 52.69 2.83
N THR R 604 51.57 51.59 2.78
CA THR R 604 51.24 50.88 4.01
C THR R 604 52.47 50.28 4.66
N ALA R 605 53.46 49.88 3.87
CA ALA R 605 54.66 49.32 4.46
C ALA R 605 55.43 50.37 5.27
N VAL R 606 55.60 51.56 4.69
CA VAL R 606 56.42 52.57 5.33
C VAL R 606 55.73 53.09 6.60
N SER R 607 54.44 53.38 6.49
CA SER R 607 53.74 54.01 7.60
C SER R 607 53.67 53.09 8.81
N LYS R 608 53.36 51.81 8.59
CA LYS R 608 53.06 50.94 9.73
C LYS R 608 54.24 50.80 10.67
N LEU R 609 55.46 50.69 10.12
CA LEU R 609 56.62 50.63 11.01
C LEU R 609 56.75 51.92 11.81
N SER R 610 56.55 53.06 11.17
CA SER R 610 56.67 54.33 11.88
C SER R 610 55.58 54.49 12.93
N SER R 611 54.35 54.07 12.61
CA SER R 611 53.31 54.05 13.62
C SER R 611 53.66 53.07 14.73
N SER R 612 54.41 52.02 14.40
CA SER R 612 54.79 51.03 15.39
C SER R 612 55.92 51.54 16.27
N GLU R 613 56.97 52.11 15.66
CA GLU R 613 58.07 52.64 16.45
C GLU R 613 57.61 53.75 17.38
N SER R 614 56.56 54.48 16.99
CA SER R 614 56.03 55.50 17.87
C SER R 614 55.50 54.89 19.16
N ILE R 615 54.77 53.78 19.03
CA ILE R 615 54.16 53.15 20.18
C ILE R 615 55.23 52.68 21.15
N GLN R 616 56.25 51.99 20.63
CA GLN R 616 57.29 51.43 21.47
C GLN R 616 57.90 52.48 22.38
N ASN R 617 58.07 53.70 21.88
CA ASN R 617 58.52 54.79 22.74
C ASN R 617 57.53 55.01 23.88
N TRP R 618 56.23 55.02 23.57
CA TRP R 618 55.24 55.22 24.61
C TRP R 618 55.22 54.06 25.59
N THR R 619 55.61 52.86 25.15
CA THR R 619 55.66 51.74 26.07
C THR R 619 56.77 51.93 27.09
N GLN R 620 57.97 52.29 26.63
CA GLN R 620 59.01 52.66 27.58
C GLN R 620 58.60 53.89 28.36
N GLY R 621 57.75 54.73 27.77
CA GLY R 621 57.22 55.86 28.51
C GLY R 621 56.43 55.42 29.72
N PHE R 622 55.55 54.43 29.55
CA PHE R 622 54.80 53.93 30.69
C PHE R 622 55.70 53.17 31.66
N LEU R 623 56.57 52.32 31.15
CA LEU R 623 57.40 51.50 32.02
C LEU R 623 58.33 52.35 32.86
N ASP R 624 58.89 53.41 32.28
CA ASP R 624 59.75 54.29 33.05
C ASP R 624 59.00 54.96 34.18
N LYS R 625 57.67 55.10 34.04
CA LYS R 625 56.87 55.61 35.14
C LYS R 625 56.68 54.57 36.22
N VAL R 626 56.65 53.29 35.84
CA VAL R 626 56.47 52.23 36.83
C VAL R 626 57.63 52.23 37.82
N SER R 627 58.85 52.40 37.32
CA SER R 627 60.02 52.37 38.19
C SER R 627 59.98 53.51 39.21
N ALA R 628 59.68 54.73 38.76
CA ALA R 628 59.87 55.87 39.63
C ALA R 628 58.91 55.86 40.80
N HIS R 629 57.72 55.31 40.63
CA HIS R 629 56.74 55.26 41.71
C HIS R 629 56.75 53.92 42.42
N PHE R 630 57.71 53.06 42.11
CA PHE R 630 57.84 51.75 42.75
C PHE R 630 59.30 51.31 42.66
N PRO R 631 60.16 51.89 43.48
CA PRO R 631 61.60 51.64 43.33
C PRO R 631 61.99 50.24 43.73
N ALA R 632 63.30 49.95 43.71
CA ALA R 632 63.80 48.63 44.05
C ALA R 632 65.12 48.77 44.79
N PRO R 633 65.28 48.05 45.91
CA PRO R 633 66.46 48.11 46.77
C PRO R 633 67.77 47.90 46.02
N THR S 9 136.34 71.33 -8.53
CA THR S 9 136.34 70.32 -9.57
C THR S 9 135.83 70.90 -10.88
N ILE S 10 134.65 71.48 -10.83
CA ILE S 10 134.14 72.31 -11.91
C ILE S 10 134.43 73.77 -11.57
N ASN S 11 134.85 74.53 -12.57
CA ASN S 11 135.02 75.98 -12.42
C ASN S 11 133.76 76.64 -12.97
N VAL S 12 133.07 77.39 -12.11
CA VAL S 12 131.85 78.05 -12.54
C VAL S 12 132.15 79.13 -13.57
N THR S 13 133.31 79.78 -13.43
CA THR S 13 133.69 80.87 -14.30
C THR S 13 134.51 80.43 -15.50
N GLY S 14 135.07 79.24 -15.48
CA GLY S 14 135.94 78.80 -16.56
C GLY S 14 135.21 78.61 -17.86
N ASP S 15 135.99 78.49 -18.93
CA ASP S 15 135.44 78.28 -20.26
C ASP S 15 135.03 76.83 -20.43
N GLY S 16 134.55 76.50 -21.62
CA GLY S 16 134.10 75.17 -21.94
C GLY S 16 132.70 74.86 -21.48
N ASN S 17 132.21 75.50 -20.43
CA ASN S 17 130.85 75.28 -20.01
C ASN S 17 129.88 75.67 -21.12
N VAL S 18 128.69 75.08 -21.08
CA VAL S 18 127.75 75.14 -22.19
C VAL S 18 126.43 75.70 -21.69
N PHE S 19 125.90 76.67 -22.42
CA PHE S 19 124.58 77.26 -22.15
C PHE S 19 123.80 77.23 -23.45
N LYS S 20 123.08 76.15 -23.70
CA LYS S 20 122.28 75.98 -24.91
C LYS S 20 120.88 75.52 -24.54
N PRO S 21 120.04 76.43 -24.05
CA PRO S 21 118.65 76.06 -23.78
C PRO S 21 117.95 75.57 -25.03
N SER S 22 117.19 74.49 -24.89
CA SER S 22 116.43 73.94 -25.99
C SER S 22 115.06 73.50 -25.49
N ALA S 23 114.08 73.60 -26.36
CA ALA S 23 112.74 73.16 -26.01
C ALA S 23 112.72 71.68 -25.70
N GLU S 24 113.45 70.88 -26.48
CA GLU S 24 113.45 69.44 -26.29
C GLU S 24 114.04 69.05 -24.95
N THR S 25 114.74 69.96 -24.27
CA THR S 25 115.30 69.66 -22.97
C THR S 25 114.79 70.61 -21.92
N SER S 26 113.50 70.96 -21.99
CA SER S 26 112.90 71.90 -21.07
C SER S 26 113.10 71.47 -19.63
N SER S 27 113.02 72.43 -18.72
CA SER S 27 113.23 72.17 -17.30
C SER S 27 111.94 71.76 -16.63
N THR S 28 112.03 70.82 -15.70
CA THR S 28 110.91 70.38 -14.88
C THR S 28 111.46 69.56 -13.71
N ALA S 29 111.13 69.95 -12.48
CA ALA S 29 111.73 69.24 -11.37
C ALA S 29 110.82 68.14 -10.84
N VAL S 30 109.71 68.52 -10.20
CA VAL S 30 108.69 67.60 -9.73
C VAL S 30 107.45 68.38 -9.28
N PRO S 31 106.60 68.81 -10.20
CA PRO S 31 105.51 69.73 -9.84
C PRO S 31 104.57 69.17 -8.79
N SER S 32 103.91 68.05 -9.09
CA SER S 32 103.00 67.41 -8.15
C SER S 32 102.72 66.00 -8.67
N LEU S 33 101.98 65.22 -7.89
CA LEU S 33 101.72 63.84 -8.24
C LEU S 33 100.39 63.41 -7.62
N SER S 34 99.95 62.21 -7.98
CA SER S 34 98.64 61.72 -7.59
C SER S 34 98.63 61.24 -6.15
N LEU S 35 97.74 61.83 -5.34
CA LEU S 35 97.59 61.43 -3.95
C LEU S 35 96.13 61.40 -3.50
N SER S 36 95.19 61.27 -4.42
CA SER S 36 93.79 61.19 -4.04
C SER S 36 93.55 59.90 -3.25
N PRO S 37 92.85 59.97 -2.12
CA PRO S 37 92.77 58.79 -1.25
C PRO S 37 92.09 57.61 -1.90
N GLY S 38 91.25 57.86 -2.90
CA GLY S 38 90.55 56.76 -3.55
C GLY S 38 91.50 55.78 -4.21
N MET S 39 92.71 56.21 -4.51
CA MET S 39 93.68 55.39 -5.21
C MET S 39 94.93 55.10 -4.39
N LEU S 40 94.92 55.39 -3.09
CA LEU S 40 95.92 54.87 -2.18
C LEU S 40 95.39 53.83 -1.20
N ASN S 41 94.09 53.80 -0.96
CA ASN S 41 93.50 52.93 0.05
C ASN S 41 94.13 53.17 1.41
N PRO T 1 96.46 44.11 -4.50
CA PRO T 1 95.07 44.15 -4.06
C PRO T 1 94.78 45.40 -3.23
N GLY T 2 94.50 45.22 -1.95
CA GLY T 2 94.35 46.36 -1.05
C GLY T 2 93.63 45.94 0.21
N GLY T 3 93.74 46.80 1.22
CA GLY T 3 93.00 46.57 2.45
C GLY T 3 93.85 46.16 3.62
N VAL T 4 93.44 45.09 4.29
CA VAL T 4 94.08 44.67 5.55
C VAL T 4 94.25 43.16 5.54
N PRO T 5 95.39 42.68 6.05
CA PRO T 5 95.62 41.24 6.10
C PRO T 5 94.62 40.52 7.01
N TRP T 6 94.69 39.21 7.00
CA TRP T 6 93.80 38.37 7.78
C TRP T 6 94.50 37.06 8.12
N ILE T 7 93.98 36.39 9.15
CA ILE T 7 94.45 35.07 9.54
C ILE T 7 93.23 34.20 9.79
N ALA T 8 93.43 32.89 9.72
CA ALA T 8 92.34 31.93 9.83
C ALA T 8 92.39 31.25 11.19
N VAL T 9 91.22 31.01 11.77
CA VAL T 9 91.15 30.32 13.05
C VAL T 9 90.38 29.01 12.97
N GLY T 10 89.68 28.77 11.86
CA GLY T 10 89.02 27.51 11.63
C GLY T 10 89.24 27.02 10.23
N ASP T 11 88.33 26.20 9.71
CA ASP T 11 88.40 25.82 8.30
C ASP T 11 87.41 26.64 7.47
N GLU T 12 87.95 27.52 6.63
CA GLU T 12 87.14 28.28 5.68
C GLU T 12 86.81 27.43 4.47
N THR T 13 86.12 26.32 4.76
CA THR T 13 85.85 25.31 3.74
C THR T 13 85.23 25.95 2.50
N SER T 14 84.30 26.86 2.71
CA SER T 14 83.67 27.59 1.62
C SER T 14 83.61 29.07 1.97
N VAL T 15 83.58 29.89 0.93
CA VAL T 15 83.32 31.30 1.12
C VAL T 15 81.93 31.48 1.73
N THR T 16 81.74 32.61 2.40
CA THR T 16 80.64 32.81 3.34
C THR T 16 80.70 31.76 4.45
N SER T 17 81.76 31.84 5.24
CA SER T 17 81.88 31.01 6.41
C SER T 17 81.77 31.86 7.66
N PRO T 18 80.95 31.44 8.63
CA PRO T 18 80.57 32.34 9.73
C PRO T 18 81.71 32.73 10.66
N GLY T 19 82.93 32.30 10.39
CA GLY T 19 84.06 32.66 11.24
C GLY T 19 85.34 32.44 10.44
N ALA T 20 86.46 32.36 11.14
CA ALA T 20 87.74 31.87 10.63
C ALA T 20 88.50 32.88 9.81
N LEU T 21 88.12 34.16 9.82
CA LEU T 21 89.03 35.21 9.41
C LEU T 21 89.24 36.17 10.57
N ARG T 22 90.51 36.40 10.90
CA ARG T 22 90.90 37.28 12.00
C ARG T 22 91.92 38.28 11.49
N ARG T 23 91.86 39.48 12.04
CA ARG T 23 92.85 40.50 11.74
C ARG T 23 94.22 40.08 12.27
N MET T 24 95.28 40.39 11.54
CA MET T 24 96.62 40.08 12.02
C MET T 24 97.12 41.21 12.91
N THR T 25 98.32 41.00 13.46
CA THR T 25 98.88 41.92 14.42
C THR T 25 100.40 41.90 14.27
N SER T 26 101.03 42.96 14.77
CA SER T 26 102.49 43.00 14.79
C SER T 26 103.05 41.81 15.55
N LYS T 27 102.26 41.25 16.47
CA LYS T 27 102.64 40.00 17.11
C LYS T 27 102.75 38.85 16.11
N ASP T 28 101.85 38.76 15.15
CA ASP T 28 101.93 37.69 14.16
C ASP T 28 103.14 37.85 13.25
N ILE T 29 103.59 39.08 13.02
CA ILE T 29 104.79 39.31 12.22
C ILE T 29 105.72 40.27 12.95
N PRO T 30 106.76 39.76 13.61
CA PRO T 30 107.66 40.66 14.37
C PRO T 30 108.39 41.66 13.51
N GLU T 31 108.64 41.35 12.24
CA GLU T 31 109.35 42.30 11.38
C GLU T 31 108.55 43.58 11.22
N THR T 32 107.23 43.49 11.36
CA THR T 32 106.37 44.67 11.31
C THR T 32 106.07 45.22 12.69
N ALA T 33 107.11 45.42 13.48
CA ALA T 33 107.00 46.06 14.77
C ALA T 33 108.27 46.87 14.97
N ILE T 34 108.14 48.01 15.64
CA ILE T 34 109.30 48.90 15.69
C ILE T 34 110.17 48.51 16.87
N ILE T 35 110.88 47.40 16.71
CA ILE T 35 112.13 47.13 17.41
C ILE T 35 113.00 46.48 16.35
N ASN T 36 112.36 46.07 15.26
CA ASN T 36 113.02 45.39 14.15
C ASN T 36 113.25 46.31 12.97
N THR T 37 112.97 47.61 13.14
CA THR T 37 112.94 48.52 12.00
C THR T 37 114.33 49.06 11.71
N ASP T 38 114.72 48.97 10.44
CA ASP T 38 116.03 49.46 10.04
C ASP T 38 116.16 50.95 10.30
N ASN T 39 116.94 51.29 11.33
CA ASN T 39 117.03 52.66 11.81
C ASN T 39 118.15 53.44 11.15
N SER T 40 118.54 53.07 9.93
CA SER T 40 119.20 54.05 9.08
C SER T 40 118.27 55.26 8.98
N SER T 41 118.85 56.45 9.05
CA SER T 41 118.18 57.74 9.19
C SER T 41 117.67 58.00 10.60
N GLY T 42 117.70 57.02 11.48
CA GLY T 42 117.69 57.27 12.91
C GLY T 42 116.51 58.05 13.47
N ALA T 43 115.28 57.65 13.12
CA ALA T 43 114.12 58.33 13.68
C ALA T 43 113.69 57.70 15.01
N VAL T 44 113.46 56.39 15.01
CA VAL T 44 113.10 55.74 16.27
C VAL T 44 114.29 55.80 17.21
N PRO T 45 114.10 55.95 18.52
CA PRO T 45 115.27 55.95 19.42
C PRO T 45 115.96 54.61 19.44
N SER T 46 117.23 54.59 19.80
CA SER T 46 117.91 53.36 20.13
C SER T 46 117.87 53.05 21.61
N GLU T 47 117.45 54.01 22.44
CA GLU T 47 117.49 53.85 23.88
C GLU T 47 116.45 52.82 24.31
N SER T 48 116.76 52.09 25.38
CA SER T 48 115.94 50.94 25.76
C SER T 48 114.54 51.36 26.19
N ALA T 49 114.44 52.37 27.05
CA ALA T 49 113.15 52.70 27.65
C ALA T 49 112.15 53.28 26.67
N LEU T 50 112.58 54.08 25.70
CA LEU T 50 111.64 54.87 24.90
C LEU T 50 111.31 54.11 23.62
N VAL T 51 110.46 53.09 23.77
CA VAL T 51 109.96 52.27 22.68
C VAL T 51 108.57 51.81 23.11
N PRO T 52 107.56 51.90 22.25
CA PRO T 52 106.19 51.58 22.71
C PRO T 52 106.03 50.17 23.24
N TYR T 53 106.67 49.18 22.63
CA TYR T 53 106.71 47.82 23.16
C TYR T 53 105.34 47.13 23.13
N ILE T 54 104.41 47.65 22.33
CA ILE T 54 103.02 47.18 22.35
C ILE T 54 102.61 46.79 20.95
N ASP T 55 101.81 45.73 20.84
CA ASP T 55 101.36 45.23 19.54
C ASP T 55 100.38 46.20 18.90
N GLU T 56 100.27 46.08 17.58
CA GLU T 56 99.64 47.10 16.76
C GLU T 56 99.11 46.44 15.49
N PRO T 57 98.27 47.15 14.73
CA PRO T 57 97.68 46.52 13.53
C PRO T 57 98.50 46.79 12.28
N LEU T 58 98.21 45.99 11.26
CA LEU T 58 98.88 46.02 9.96
C LEU T 58 97.92 46.44 8.87
N VAL T 59 98.45 47.10 7.85
CA VAL T 59 97.66 47.58 6.73
C VAL T 59 98.43 47.30 5.44
N VAL T 60 97.70 46.95 4.38
CA VAL T 60 98.30 46.62 3.10
C VAL T 60 98.45 47.89 2.28
N VAL T 61 99.61 48.07 1.66
CA VAL T 61 99.82 49.18 0.75
C VAL T 61 99.57 48.72 -0.68
N THR T 62 98.75 49.48 -1.39
CA THR T 62 98.46 49.19 -2.78
C THR T 62 99.71 49.33 -3.63
N GLU T 63 99.74 48.58 -4.73
CA GLU T 63 100.84 48.67 -5.68
C GLU T 63 101.00 50.09 -6.21
N HIS T 64 99.89 50.80 -6.42
CA HIS T 64 99.97 52.09 -7.08
C HIS T 64 100.59 53.15 -6.17
N ALA T 65 100.28 53.08 -4.87
CA ALA T 65 100.94 53.98 -3.93
C ALA T 65 102.44 53.74 -3.87
N ILE T 66 102.88 52.50 -4.12
CA ILE T 66 104.30 52.21 -4.13
C ILE T 66 104.99 53.05 -5.17
N THR T 67 104.36 53.25 -6.31
CA THR T 67 104.86 54.20 -7.28
C THR T 67 104.84 55.61 -6.71
N ASN T 68 103.78 55.98 -6.00
CA ASN T 68 103.65 57.35 -5.54
C ASN T 68 104.64 57.67 -4.44
N PHE T 69 104.54 56.98 -3.30
CA PHE T 69 105.44 57.27 -2.18
C PHE T 69 106.89 57.11 -2.56
N THR T 70 107.20 56.29 -3.57
CA THR T 70 108.56 56.28 -4.09
C THR T 70 108.87 57.55 -4.85
N LYS T 71 107.96 57.98 -5.72
CA LYS T 71 108.16 59.23 -6.42
C LYS T 71 108.17 60.41 -5.45
N ALA T 72 107.76 60.17 -4.21
CA ALA T 72 107.78 61.24 -3.21
C ALA T 72 109.19 61.65 -2.82
N GLU T 73 110.10 60.70 -2.58
CA GLU T 73 111.44 61.10 -2.15
C GLU T 73 112.29 61.58 -3.32
N MET T 74 111.91 61.21 -4.54
CA MET T 74 112.65 61.68 -5.71
C MET T 74 112.64 63.20 -5.79
N ALA T 75 111.68 63.84 -5.12
CA ALA T 75 111.76 65.28 -4.95
C ALA T 75 113.00 65.66 -4.17
N LEU T 76 113.33 64.91 -3.12
CA LEU T 76 114.40 65.31 -2.23
C LEU T 76 115.77 65.20 -2.88
N GLU T 77 116.00 64.15 -3.64
CA GLU T 77 117.34 63.96 -4.20
C GLU T 77 117.76 65.10 -5.11
N PHE T 78 116.83 65.90 -5.61
CA PHE T 78 117.20 67.07 -6.39
C PHE T 78 117.93 68.12 -5.56
N ASN T 79 118.20 67.84 -4.29
CA ASN T 79 118.85 68.79 -3.41
C ASN T 79 119.87 68.10 -2.50
N ARG T 80 120.26 66.87 -2.84
CA ARG T 80 121.29 66.16 -2.08
C ARG T 80 122.54 67.00 -1.95
N GLU T 81 122.85 67.78 -2.99
CA GLU T 81 124.02 68.65 -2.98
C GLU T 81 123.86 69.77 -1.98
N PHE T 82 122.65 70.02 -1.51
CA PHE T 82 122.46 71.02 -0.46
C PHE T 82 122.11 70.38 0.87
N LEU T 83 121.55 69.18 0.83
CA LEU T 83 121.16 68.49 2.06
C LEU T 83 122.36 68.23 2.95
N ASP T 84 123.46 67.76 2.34
CA ASP T 84 124.66 67.48 3.14
C ASP T 84 125.26 68.75 3.71
N LYS T 85 125.00 69.90 3.10
CA LYS T 85 125.55 71.13 3.67
C LYS T 85 124.90 71.44 5.01
N MET T 86 123.58 71.33 5.10
CA MET T 86 122.95 71.36 6.42
C MET T 86 123.24 70.11 7.24
N ARG T 87 123.71 69.04 6.60
CA ARG T 87 123.88 67.73 7.24
C ARG T 87 122.57 67.31 7.91
N VAL T 88 121.56 67.17 7.06
CA VAL T 88 120.26 66.65 7.47
C VAL T 88 119.86 65.55 6.49
N LEU T 89 119.35 64.45 7.02
CA LEU T 89 118.95 63.31 6.22
C LEU T 89 120.10 62.81 5.35
N SER T 90 121.10 62.27 6.03
CA SER T 90 122.31 61.77 5.40
C SER T 90 122.08 60.61 4.47
N VAL T 91 121.17 59.66 4.72
CA VAL T 91 121.01 58.50 3.86
C VAL T 91 119.62 58.50 3.26
N SER T 92 119.52 57.98 2.05
CA SER T 92 118.25 57.93 1.36
C SER T 92 117.27 57.03 2.13
N PRO T 93 116.00 57.41 2.21
CA PRO T 93 115.03 56.55 2.93
C PRO T 93 114.82 55.17 2.34
N LYS T 94 114.53 55.07 1.04
CA LYS T 94 114.21 53.79 0.39
C LYS T 94 113.00 53.12 1.02
N TYR T 95 111.82 53.72 0.84
CA TYR T 95 110.53 53.19 1.27
C TYR T 95 110.41 51.68 1.11
N SER T 96 110.96 51.15 0.02
CA SER T 96 110.86 49.72 -0.26
C SER T 96 111.29 48.88 0.94
N ASP T 97 112.39 49.27 1.59
CA ASP T 97 112.91 48.49 2.70
C ASP T 97 111.98 48.49 3.90
N LEU T 98 111.22 49.56 4.10
CA LEU T 98 110.34 49.62 5.27
C LEU T 98 109.24 48.55 5.22
N LEU T 99 108.86 48.11 4.01
CA LEU T 99 107.79 47.15 3.87
C LEU T 99 108.27 45.74 4.23
N THR T 100 107.30 44.84 4.40
CA THR T 100 107.58 43.42 4.51
C THR T 100 106.60 42.67 3.61
N TYR T 101 107.11 41.69 2.89
CA TYR T 101 106.31 40.91 1.96
C TYR T 101 105.94 39.57 2.59
N VAL T 102 104.69 39.45 3.00
CA VAL T 102 104.15 38.20 3.49
C VAL T 102 102.87 37.93 2.73
N ASP T 103 102.47 36.66 2.66
CA ASP T 103 101.31 36.24 1.88
C ASP T 103 100.24 35.68 2.81
N CYS T 104 99.01 36.16 2.66
CA CYS T 104 97.88 35.72 3.45
C CYS T 104 96.61 36.28 2.81
N TYR T 105 95.48 36.16 3.50
CA TYR T 105 94.22 36.73 3.03
C TYR T 105 94.23 38.24 3.25
N VAL T 106 93.99 38.99 2.18
CA VAL T 106 93.98 40.45 2.23
C VAL T 106 92.62 40.94 1.82
N GLY T 107 92.11 41.94 2.55
CA GLY T 107 90.84 42.54 2.20
C GLY T 107 90.41 43.65 3.15
N VAL T 108 89.60 44.60 2.65
CA VAL T 108 88.98 45.57 3.55
C VAL T 108 87.87 44.91 4.38
N SER T 109 87.07 44.05 3.77
CA SER T 109 86.11 43.26 4.52
C SER T 109 86.49 41.80 4.43
N ALA T 110 86.19 41.06 5.51
CA ALA T 110 86.52 39.64 5.53
C ALA T 110 85.74 38.87 4.47
N ARG T 111 84.51 39.29 4.20
CA ARG T 111 83.66 38.55 3.28
C ARG T 111 84.33 38.37 1.93
N GLN T 112 84.98 39.39 1.41
CA GLN T 112 85.78 39.22 0.21
C GLN T 112 87.21 38.79 0.51
N ALA T 113 87.69 38.99 1.73
CA ALA T 113 89.01 38.50 2.09
C ALA T 113 89.06 36.98 2.10
N LEU T 114 88.02 36.33 2.59
CA LEU T 114 88.02 34.88 2.62
C LEU T 114 88.17 34.32 1.22
N ASN T 115 87.62 35.02 0.23
CA ASN T 115 87.69 34.60 -1.16
C ASN T 115 88.96 35.04 -1.86
N ASN T 116 89.85 35.75 -1.17
CA ASN T 116 91.04 36.32 -1.81
C ASN T 116 92.28 35.87 -1.05
N PHE T 117 93.12 35.08 -1.71
CA PHE T 117 94.41 34.69 -1.16
C PHE T 117 95.53 35.08 -2.11
N GLN T 118 96.49 35.85 -1.60
CA GLN T 118 97.49 36.49 -2.45
C GLN T 118 98.89 36.17 -1.96
N LYS T 119 99.86 36.32 -2.85
CA LYS T 119 101.23 35.92 -2.60
C LYS T 119 102.14 37.14 -2.64
N GLN T 120 103.00 37.27 -1.63
CA GLN T 120 103.99 38.34 -1.55
C GLN T 120 103.31 39.70 -1.57
N VAL T 121 102.55 39.97 -0.51
CA VAL T 121 101.75 41.18 -0.39
C VAL T 121 102.50 42.15 0.52
N PRO T 122 102.68 43.41 0.11
CA PRO T 122 103.45 44.35 0.93
C PRO T 122 102.59 44.91 2.06
N VAL T 123 103.03 44.68 3.28
CA VAL T 123 102.24 45.03 4.46
C VAL T 123 103.07 45.93 5.36
N ILE T 124 102.39 46.82 6.10
CA ILE T 124 103.04 47.86 6.88
C ILE T 124 102.16 48.21 8.06
N THR T 125 102.73 48.95 9.05
CA THR T 125 102.02 49.43 10.22
C THR T 125 101.80 50.93 10.15
N PRO T 126 100.70 51.44 10.69
CA PRO T 126 100.50 52.89 10.71
C PRO T 126 101.57 53.65 11.45
N THR T 127 102.08 53.10 12.55
CA THR T 127 103.11 53.80 13.33
C THR T 127 104.37 53.98 12.50
N ARG T 128 104.76 52.94 11.76
CA ARG T 128 105.92 53.08 10.89
C ARG T 128 105.58 53.86 9.65
N GLN T 129 104.31 53.85 9.25
CA GLN T 129 103.88 54.66 8.11
C GLN T 129 104.07 56.14 8.39
N THR T 130 103.76 56.59 9.59
CA THR T 130 104.00 57.98 9.96
C THR T 130 105.49 58.29 9.94
N MET T 131 106.33 57.36 10.39
CA MET T 131 107.76 57.54 10.34
C MET T 131 108.25 57.96 8.97
N TYR T 132 107.86 57.24 7.92
CA TYR T 132 108.40 57.48 6.59
C TYR T 132 108.07 58.88 6.08
N VAL T 133 106.83 59.32 6.30
CA VAL T 133 106.44 60.63 5.78
C VAL T 133 107.08 61.74 6.57
N ASP T 134 107.27 61.55 7.88
CA ASP T 134 107.99 62.53 8.67
C ASP T 134 109.41 62.68 8.16
N SER T 135 110.02 61.55 7.77
CA SER T 135 111.34 61.60 7.17
C SER T 135 111.32 62.41 5.88
N ILE T 136 110.17 62.46 5.21
CA ILE T 136 110.06 63.28 4.01
C ILE T 136 109.84 64.74 4.39
N GLN T 137 108.72 65.03 5.05
CA GLN T 137 108.34 66.43 5.25
C GLN T 137 109.39 67.18 6.04
N ALA T 138 110.20 66.48 6.83
CA ALA T 138 111.22 67.17 7.61
C ALA T 138 112.22 67.88 6.70
N ALA T 139 112.61 67.23 5.61
CA ALA T 139 113.48 67.89 4.64
C ALA T 139 112.75 69.01 3.93
N LEU T 140 111.54 68.76 3.44
CA LEU T 140 110.80 69.79 2.71
C LEU T 140 110.62 71.06 3.53
N LYS T 141 110.57 70.95 4.86
CA LYS T 141 110.65 72.16 5.67
C LYS T 141 112.00 72.82 5.50
N ALA T 142 113.08 72.03 5.54
CA ALA T 142 114.41 72.61 5.52
C ALA T 142 114.73 73.31 4.21
N LEU T 143 114.29 72.74 3.09
CA LEU T 143 114.71 73.25 1.79
C LEU T 143 113.95 74.50 1.38
N GLU T 144 113.29 75.18 2.30
CA GLU T 144 112.22 76.10 1.92
C GLU T 144 112.71 77.25 1.05
N LYS T 145 113.72 78.00 1.50
CA LYS T 145 114.21 79.07 0.65
C LYS T 145 115.11 78.56 -0.47
N TRP T 146 115.84 77.47 -0.24
CA TRP T 146 116.66 76.91 -1.30
C TRP T 146 115.80 76.60 -2.52
N GLU T 147 114.61 76.06 -2.30
CA GLU T 147 113.66 75.90 -3.39
C GLU T 147 113.30 77.25 -3.99
N ILE T 148 113.09 78.25 -3.13
CA ILE T 148 112.74 79.58 -3.61
C ILE T 148 113.88 80.18 -4.42
N ASP T 149 115.11 80.04 -3.93
CA ASP T 149 116.24 80.66 -4.62
C ASP T 149 116.46 80.05 -5.99
N LEU T 150 116.48 78.72 -6.09
CA LEU T 150 116.74 78.09 -7.37
C LEU T 150 115.68 78.48 -8.39
N ARG T 151 114.42 78.54 -7.96
CA ARG T 151 113.37 78.92 -8.89
C ARG T 151 113.56 80.35 -9.39
N VAL T 152 114.31 81.17 -8.65
CA VAL T 152 114.61 82.51 -9.14
C VAL T 152 115.52 82.44 -10.35
N ALA T 153 116.62 81.68 -10.24
CA ALA T 153 117.65 81.73 -11.27
C ALA T 153 117.12 81.22 -12.60
N GLN T 154 116.34 80.16 -12.58
CA GLN T 154 115.76 79.64 -13.82
C GLN T 154 114.85 80.67 -14.47
N THR T 155 114.19 81.50 -13.67
CA THR T 155 113.17 82.40 -14.18
C THR T 155 113.60 83.86 -14.19
N LEU T 156 114.76 84.20 -13.62
CA LEU T 156 115.27 85.56 -13.79
C LEU T 156 115.56 85.84 -15.25
N LEU T 157 116.33 84.98 -15.89
CA LEU T 157 116.67 85.08 -17.30
C LEU T 157 116.18 83.83 -18.00
N PRO T 158 115.87 83.91 -19.29
CA PRO T 158 115.27 82.75 -19.97
C PRO T 158 116.14 81.50 -19.93
N THR T 159 115.57 80.40 -19.45
CA THR T 159 116.21 79.10 -19.51
C THR T 159 115.43 78.11 -20.35
N ASN T 160 114.15 78.38 -20.58
CA ASN T 160 113.33 77.54 -21.42
C ASN T 160 113.10 78.25 -22.75
N VAL T 161 112.40 77.56 -23.64
CA VAL T 161 111.94 78.15 -24.89
C VAL T 161 110.82 77.26 -25.40
N PRO T 162 109.74 77.83 -25.96
CA PRO T 162 108.69 76.98 -26.52
C PRO T 162 109.17 76.04 -27.59
N ILE T 163 110.08 76.48 -28.47
CA ILE T 163 110.46 75.67 -29.62
C ILE T 163 111.88 76.01 -30.02
N GLY T 164 112.56 75.06 -30.67
CA GLY T 164 113.92 75.28 -31.12
C GLY T 164 114.88 75.37 -29.96
N GLU T 165 116.09 75.84 -30.25
CA GLU T 165 117.07 76.03 -29.19
C GLU T 165 117.65 77.43 -29.32
N VAL T 166 118.33 77.86 -28.25
CA VAL T 166 119.00 79.15 -28.19
C VAL T 166 120.29 78.98 -27.41
N SER T 167 121.18 79.97 -27.50
CA SER T 167 122.50 79.84 -26.91
C SER T 167 123.06 81.19 -26.53
N CYS T 168 124.08 81.15 -25.66
CA CYS T 168 124.74 82.34 -25.12
C CYS T 168 126.03 81.92 -24.43
N PRO T 169 127.07 82.73 -24.46
CA PRO T 169 128.27 82.42 -23.68
C PRO T 169 127.95 82.26 -22.20
N MET T 170 128.41 81.13 -21.64
CA MET T 170 128.21 80.86 -20.21
C MET T 170 128.89 81.92 -19.36
N GLN T 171 130.10 82.31 -19.75
CA GLN T 171 130.86 83.25 -18.93
C GLN T 171 130.21 84.61 -18.91
N SER T 172 129.23 84.86 -19.79
CA SER T 172 128.48 86.11 -19.72
C SER T 172 127.42 86.04 -18.64
N VAL T 173 126.56 85.01 -18.70
CA VAL T 173 125.40 84.97 -17.80
C VAL T 173 125.86 84.84 -16.35
N VAL T 174 126.94 84.11 -16.10
CA VAL T 174 127.42 83.95 -14.74
C VAL T 174 127.76 85.31 -14.12
N LYS T 175 128.18 86.26 -14.96
CA LYS T 175 128.42 87.61 -14.48
C LYS T 175 127.12 88.35 -14.20
N LEU T 176 126.10 88.12 -15.03
CA LEU T 176 124.82 88.78 -14.81
C LEU T 176 124.23 88.41 -13.47
N LEU T 177 124.27 87.12 -13.12
CA LEU T 177 123.69 86.69 -11.86
C LEU T 177 124.38 87.33 -10.68
N ASP T 178 125.70 87.44 -10.73
CA ASP T 178 126.45 88.13 -9.69
C ASP T 178 125.99 89.56 -9.53
N ASP T 179 125.44 90.17 -10.58
CA ASP T 179 125.04 91.56 -10.55
C ASP T 179 123.63 91.77 -10.02
N GLN T 180 122.70 90.86 -10.27
CA GLN T 180 121.30 91.12 -9.98
C GLN T 180 120.73 90.29 -8.85
N LEU T 181 121.36 89.15 -8.55
CA LEU T 181 120.80 88.26 -7.54
C LEU T 181 120.80 88.95 -6.18
N PRO T 182 119.70 88.88 -5.43
CA PRO T 182 119.70 89.43 -4.08
C PRO T 182 120.77 88.75 -3.24
N ASP T 183 121.43 89.53 -2.40
CA ASP T 183 122.55 89.00 -1.64
C ASP T 183 122.10 88.06 -0.53
N ASP T 184 120.84 88.15 -0.13
CA ASP T 184 120.32 87.19 0.83
C ASP T 184 120.13 85.81 0.22
N SER T 185 120.24 85.66 -1.10
CA SER T 185 120.12 84.37 -1.73
C SER T 185 121.23 83.43 -1.27
N LEU T 186 120.86 82.18 -1.02
CA LEU T 186 121.86 81.16 -0.74
C LEU T 186 122.76 80.89 -1.93
N ILE T 187 122.32 81.22 -3.16
CA ILE T 187 123.10 80.91 -4.34
C ILE T 187 124.47 81.57 -4.27
N ARG T 188 124.55 82.77 -3.68
CA ARG T 188 125.87 83.34 -3.45
C ARG T 188 126.71 82.49 -2.51
N ARG T 189 126.09 81.91 -1.48
CA ARG T 189 126.85 81.14 -0.50
C ARG T 189 127.51 79.92 -1.14
N TYR T 190 126.79 79.19 -1.98
CA TYR T 190 127.24 77.91 -2.49
C TYR T 190 127.06 77.86 -4.00
N PRO T 191 127.88 78.61 -4.74
CA PRO T 191 127.73 78.60 -6.21
C PRO T 191 127.92 77.23 -6.81
N LYS T 192 128.93 76.48 -6.37
CA LYS T 192 129.23 75.18 -6.97
C LYS T 192 128.08 74.20 -6.78
N GLU T 193 127.63 74.04 -5.55
CA GLU T 193 126.55 73.09 -5.27
C GLU T 193 125.28 73.49 -5.99
N ALA T 194 124.95 74.79 -5.95
CA ALA T 194 123.77 75.26 -6.67
C ALA T 194 123.91 75.06 -8.17
N ALA T 195 125.12 75.16 -8.69
CA ALA T 195 125.35 74.91 -10.11
C ALA T 195 124.98 73.48 -10.48
N VAL T 196 125.41 72.52 -9.66
CA VAL T 196 125.07 71.13 -9.93
C VAL T 196 123.57 70.91 -9.77
N ALA T 197 122.94 71.62 -8.83
CA ALA T 197 121.50 71.49 -8.65
C ALA T 197 120.76 71.86 -9.92
N LEU T 198 121.11 72.99 -10.53
CA LEU T 198 120.41 73.44 -11.72
C LEU T 198 120.59 72.46 -12.87
N ALA T 199 121.79 71.89 -12.99
CA ALA T 199 122.08 70.99 -14.10
C ALA T 199 121.19 69.76 -14.07
N LYS T 200 120.93 69.22 -12.88
CA LYS T 200 120.10 68.02 -12.79
C LYS T 200 118.76 68.20 -13.49
N ARG T 201 118.19 69.40 -13.43
CA ARG T 201 116.85 69.64 -13.93
C ARG T 201 116.82 70.47 -15.22
N ASN T 202 117.97 70.73 -15.83
CA ASN T 202 118.01 71.51 -17.06
C ASN T 202 119.16 71.02 -17.92
N GLY T 203 118.83 70.46 -19.08
CA GLY T 203 119.87 69.91 -19.94
C GLY T 203 120.72 70.98 -20.59
N GLY T 204 120.19 72.19 -20.74
CA GLY T 204 120.97 73.24 -21.35
C GLY T 204 122.17 73.65 -20.54
N ILE T 205 122.07 73.58 -19.22
CA ILE T 205 123.15 74.04 -18.35
C ILE T 205 124.14 72.89 -18.20
N GLN T 206 125.31 73.04 -18.80
CA GLN T 206 126.28 71.95 -18.84
C GLN T 206 127.65 72.43 -18.38
N TRP T 207 128.25 71.67 -17.47
CA TRP T 207 129.53 72.01 -16.88
C TRP T 207 130.62 71.07 -17.36
N MET T 208 131.74 71.65 -17.75
CA MET T 208 132.89 70.87 -18.22
C MET T 208 133.54 70.22 -17.03
N ASP T 209 133.88 68.94 -17.16
CA ASP T 209 134.49 68.20 -16.06
C ASP T 209 135.99 68.40 -16.15
N VAL T 210 136.49 69.43 -15.45
CA VAL T 210 137.86 69.89 -15.63
C VAL T 210 138.87 68.77 -15.49
N SER T 211 138.57 67.76 -14.70
CA SER T 211 139.46 66.61 -14.56
C SER T 211 139.83 66.03 -15.93
N GLU T 212 138.83 65.75 -16.76
CA GLU T 212 139.09 65.15 -18.06
C GLU T 212 138.58 65.97 -19.24
N GLY T 213 138.00 67.14 -19.02
CA GLY T 213 137.53 67.96 -20.13
C GLY T 213 136.38 67.37 -20.91
N THR T 214 135.42 66.76 -20.23
CA THR T 214 134.26 66.22 -20.92
C THR T 214 133.00 67.00 -20.53
N VAL T 215 132.14 67.22 -21.52
CA VAL T 215 130.85 67.87 -21.31
C VAL T 215 129.78 66.99 -21.94
N MET T 216 128.70 66.76 -21.20
CA MET T 216 127.61 65.90 -21.67
C MET T 216 126.31 66.47 -21.14
N ASN T 217 125.20 65.93 -21.61
CA ASN T 217 123.92 66.25 -21.00
C ASN T 217 123.81 65.61 -19.62
N GLU T 218 123.22 66.34 -18.68
CA GLU T 218 123.09 65.90 -17.30
C GLU T 218 121.67 65.87 -16.76
N ALA T 219 120.70 66.49 -17.44
CA ALA T 219 119.34 66.53 -16.93
C ALA T 219 118.81 65.12 -16.71
N VAL T 220 118.11 64.92 -15.60
CA VAL T 220 117.64 63.59 -15.24
C VAL T 220 116.16 63.40 -15.52
N ASN T 221 115.48 64.42 -16.03
CA ASN T 221 114.06 64.32 -16.33
C ASN T 221 113.77 64.27 -17.81
N ALA T 222 114.68 63.71 -18.59
CA ALA T 222 114.61 63.85 -20.05
C ALA T 222 113.30 63.32 -20.62
N VAL T 223 112.80 62.20 -20.12
CA VAL T 223 111.57 61.64 -20.65
C VAL T 223 110.39 62.60 -20.51
N ALA T 224 110.22 63.21 -19.33
CA ALA T 224 109.12 64.16 -19.16
C ALA T 224 109.26 65.34 -20.10
N ALA T 225 110.48 65.83 -20.29
CA ALA T 225 110.71 66.99 -21.15
C ALA T 225 110.28 66.72 -22.59
N SER T 226 110.29 65.46 -23.01
CA SER T 226 109.84 65.15 -24.36
C SER T 226 108.33 65.34 -24.47
N ALA T 227 107.60 65.16 -23.38
CA ALA T 227 106.16 65.38 -23.41
C ALA T 227 105.80 66.84 -23.56
N LEU T 228 106.58 67.73 -22.94
CA LEU T 228 106.35 69.17 -23.07
C LEU T 228 106.94 69.74 -24.36
N ALA T 229 107.86 69.01 -24.98
CA ALA T 229 108.49 69.51 -26.18
C ALA T 229 107.52 69.43 -27.37
N PRO T 230 107.47 70.45 -28.22
CA PRO T 230 106.73 70.32 -29.47
C PRO T 230 107.59 69.71 -30.55
N SER T 231 106.93 69.11 -31.53
CA SER T 231 107.64 68.78 -32.75
C SER T 231 107.58 69.97 -33.69
N ALA T 232 108.18 69.83 -34.86
CA ALA T 232 108.19 70.93 -35.81
C ALA T 232 106.83 71.17 -36.44
N SER T 233 105.81 70.40 -36.07
CA SER T 233 104.49 70.61 -36.64
C SER T 233 103.35 70.40 -35.64
N ALA T 234 103.64 70.08 -34.39
CA ALA T 234 102.59 69.76 -33.45
C ALA T 234 102.82 70.51 -32.15
N PRO T 235 101.76 70.88 -31.45
CA PRO T 235 101.91 71.37 -30.08
C PRO T 235 102.22 70.20 -29.17
N PRO T 236 102.73 70.47 -27.97
CA PRO T 236 103.12 69.38 -27.06
C PRO T 236 101.97 68.42 -26.79
N LEU T 237 102.30 67.13 -26.75
CA LEU T 237 101.29 66.12 -26.49
C LEU T 237 100.69 66.30 -25.11
N GLU T 238 101.48 66.80 -24.16
CA GLU T 238 100.92 67.15 -22.87
C GLU T 238 99.92 68.29 -23.01
N GLU T 239 100.33 69.37 -23.65
CA GLU T 239 99.46 70.54 -23.79
C GLU T 239 98.26 70.22 -24.68
N LYS T 240 98.45 69.33 -25.65
CA LYS T 240 97.33 68.96 -26.53
C LYS T 240 96.25 68.22 -25.75
N SER T 241 96.64 67.39 -24.78
CA SER T 241 95.65 66.61 -24.05
C SER T 241 95.10 67.37 -22.85
N LYS T 242 95.95 68.17 -22.19
CA LYS T 242 95.48 68.97 -21.06
C LYS T 242 94.27 69.79 -21.45
N LEU T 243 94.25 70.31 -22.67
CA LEU T 243 93.12 71.12 -23.12
C LEU T 243 91.83 70.30 -23.16
N THR T 244 91.91 69.07 -23.66
CA THR T 244 90.69 68.30 -23.86
C THR T 244 90.02 67.93 -22.54
N GLU T 245 90.81 67.52 -21.55
CA GLU T 245 90.20 67.08 -20.31
C GLU T 245 89.50 68.21 -19.58
N GLN T 246 89.88 69.46 -19.82
CA GLN T 246 89.11 70.58 -19.32
C GLN T 246 87.76 70.66 -20.01
N ALA T 247 87.74 70.48 -21.33
CA ALA T 247 86.48 70.50 -22.05
C ALA T 247 85.57 69.36 -21.62
N MET T 248 86.14 68.16 -21.45
CA MET T 248 85.36 67.07 -20.90
C MET T 248 84.88 67.40 -19.49
N ASP T 249 85.70 68.15 -18.74
CA ASP T 249 85.31 68.52 -17.39
C ASP T 249 84.03 69.35 -17.38
N LEU T 250 83.99 70.44 -18.16
CA LEU T 250 82.85 71.35 -18.09
C LEU T 250 81.56 70.66 -18.44
N VAL T 251 81.56 69.81 -19.45
CA VAL T 251 80.33 69.10 -19.82
C VAL T 251 79.87 68.24 -18.66
N THR T 252 80.79 67.52 -18.03
CA THR T 252 80.44 66.76 -16.84
C THR T 252 80.00 67.68 -15.71
N ALA T 253 80.53 68.89 -15.65
CA ALA T 253 80.03 69.86 -14.68
C ALA T 253 78.71 70.46 -15.14
N ALA T 254 78.58 70.74 -16.43
CA ALA T 254 77.33 71.26 -16.95
C ALA T 254 76.23 70.23 -16.90
N GLU T 255 76.57 68.93 -16.93
CA GLU T 255 75.63 67.84 -16.82
C GLU T 255 74.53 67.99 -17.87
N PRO T 256 74.82 67.68 -19.13
CA PRO T 256 73.84 67.95 -20.20
C PRO T 256 72.49 67.26 -20.01
N GLU T 257 72.48 66.02 -19.54
CA GLU T 257 71.26 65.23 -19.56
C GLU T 257 70.20 65.78 -18.64
N ILE T 258 70.56 66.72 -17.75
CA ILE T 258 69.54 67.44 -17.00
C ILE T 258 68.99 68.59 -17.81
N ILE T 259 69.81 69.17 -18.70
CA ILE T 259 69.38 70.33 -19.47
C ILE T 259 68.78 69.94 -20.80
N ALA T 260 68.38 68.69 -20.97
CA ALA T 260 67.70 68.25 -22.18
C ALA T 260 66.49 67.40 -21.85
N SER T 261 66.12 67.32 -20.57
CA SER T 261 65.06 66.44 -20.14
C SER T 261 63.70 67.02 -20.53
N LEU T 262 62.93 66.25 -21.30
CA LEU T 262 61.57 66.61 -21.63
C LEU T 262 60.59 66.27 -20.52
N VAL T 263 60.98 65.38 -19.60
CA VAL T 263 60.13 65.06 -18.46
C VAL T 263 60.52 66.05 -17.37
N PRO T 264 59.67 66.29 -16.38
CA PRO T 264 59.97 67.33 -15.39
C PRO T 264 61.17 66.96 -14.53
N VAL T 265 61.80 67.98 -13.97
CA VAL T 265 62.98 67.82 -13.11
C VAL T 265 62.66 68.33 -11.72
N PRO T 266 62.95 67.57 -10.67
CA PRO T 266 62.74 68.10 -9.32
C PRO T 266 63.52 69.39 -9.10
N ALA T 267 62.87 70.35 -8.45
CA ALA T 267 63.41 71.70 -8.41
C ALA T 267 64.80 71.77 -7.78
N PRO T 268 65.06 71.23 -6.58
CA PRO T 268 66.40 71.41 -5.99
C PRO T 268 67.50 70.81 -6.85
N VAL T 269 67.24 69.69 -7.51
CA VAL T 269 68.26 69.08 -8.36
C VAL T 269 68.65 70.04 -9.48
N PHE T 270 67.68 70.77 -10.01
CA PHE T 270 67.96 71.67 -11.12
C PHE T 270 68.63 72.95 -10.66
N ALA T 271 68.38 73.35 -9.41
CA ALA T 271 68.79 74.67 -8.96
C ALA T 271 70.29 74.71 -8.65
N ILE T 272 70.95 75.75 -9.14
CA ILE T 272 72.38 75.95 -8.92
C ILE T 272 72.54 77.20 -8.09
N PRO T 273 73.76 77.58 -7.67
CA PRO T 273 73.95 78.88 -7.02
C PRO T 273 73.28 79.99 -7.81
N PRO T 274 72.45 80.80 -7.16
CA PRO T 274 71.82 81.91 -7.85
C PRO T 274 72.71 83.14 -7.92
N LYS T 275 72.18 84.24 -8.44
CA LYS T 275 72.93 85.47 -8.61
C LYS T 275 72.04 86.66 -8.31
N PRO T 276 72.55 87.66 -7.59
CA PRO T 276 71.76 88.86 -7.32
C PRO T 276 71.53 89.68 -8.57
N ALA T 277 70.46 90.48 -8.54
CA ALA T 277 70.11 91.37 -9.63
C ALA T 277 69.58 92.69 -9.09
N ASP T 278 69.15 93.55 -10.00
CA ASP T 278 68.59 94.85 -9.67
C ASP T 278 67.24 95.03 -10.33
N TYR T 279 66.43 95.90 -9.74
CA TYR T 279 65.19 96.36 -10.35
C TYR T 279 64.93 97.80 -9.90
N ASN T 280 64.12 98.50 -10.68
CA ASN T 280 63.59 99.80 -10.30
C ASN T 280 62.09 99.75 -10.43
N VAL T 281 61.40 99.64 -9.30
CA VAL T 281 59.99 99.26 -9.29
C VAL T 281 59.09 100.18 -10.11
N ARG T 282 59.29 101.49 -10.01
CA ARG T 282 58.46 102.39 -10.82
C ARG T 282 58.74 102.21 -12.30
N THR T 283 60.00 102.03 -12.67
CA THR T 283 60.37 101.81 -14.06
C THR T 283 59.69 100.60 -14.66
N LEU T 284 59.36 99.61 -13.84
CA LEU T 284 58.76 98.39 -14.33
C LEU T 284 57.27 98.58 -14.56
N ARG T 285 56.77 97.95 -15.62
CA ARG T 285 55.33 97.92 -15.86
C ARG T 285 54.66 96.98 -14.88
N ILE T 286 53.38 97.25 -14.61
CA ILE T 286 52.63 96.43 -13.67
C ILE T 286 52.26 95.06 -14.24
N ASP T 287 52.11 94.94 -15.55
CA ASP T 287 51.61 93.72 -16.17
C ASP T 287 52.70 92.72 -16.48
N GLU T 288 53.88 93.21 -16.87
CA GLU T 288 55.00 92.33 -17.19
C GLU T 288 55.58 91.68 -15.94
N ALA T 289 55.75 92.46 -14.89
CA ALA T 289 56.13 91.94 -13.58
C ALA T 289 54.87 91.47 -12.88
N THR T 290 54.60 90.18 -12.95
CA THR T 290 53.42 89.65 -12.29
C THR T 290 53.56 89.66 -10.78
N TRP T 291 54.75 89.97 -10.26
CA TRP T 291 55.02 89.98 -8.84
C TRP T 291 54.79 91.34 -8.20
N LEU T 292 53.90 92.17 -8.74
CA LEU T 292 53.58 93.46 -8.14
C LEU T 292 52.08 93.69 -8.08
N ARG T 293 51.62 94.18 -6.94
CA ARG T 293 50.29 94.73 -6.81
C ARG T 293 50.39 96.25 -6.85
N MET T 294 49.26 96.92 -7.02
CA MET T 294 49.24 98.37 -7.22
C MET T 294 47.82 98.84 -6.99
N ILE T 295 47.65 99.81 -6.09
CA ILE T 295 46.29 100.36 -5.95
C ILE T 295 45.95 101.14 -7.21
N PRO T 296 44.83 100.83 -7.87
CA PRO T 296 44.50 101.52 -9.12
C PRO T 296 44.33 103.01 -8.88
N LYS T 297 44.82 103.80 -9.83
CA LYS T 297 44.70 105.24 -9.72
C LYS T 297 43.26 105.67 -9.97
N SER T 298 43.06 106.98 -10.03
CA SER T 298 41.76 107.58 -10.30
C SER T 298 40.71 107.06 -9.32
N MET T 299 40.97 107.28 -8.04
CA MET T 299 40.01 106.91 -7.01
C MET T 299 39.85 107.94 -5.90
N ASN T 300 40.68 108.96 -5.84
CA ASN T 300 40.50 110.04 -4.87
C ASN T 300 40.62 109.63 -3.42
N THR T 301 40.84 108.34 -3.16
CA THR T 301 40.97 107.87 -1.79
C THR T 301 42.37 108.13 -1.27
N PRO T 302 42.48 108.94 -0.22
CA PRO T 302 43.79 109.27 0.37
C PRO T 302 43.59 109.28 1.88
N PHE T 303 44.03 108.23 2.54
CA PHE T 303 43.79 108.03 3.96
C PHE T 303 45.10 107.71 4.65
N GLN T 304 45.04 107.67 5.98
CA GLN T 304 46.21 107.38 6.81
C GLN T 304 45.86 106.38 7.90
N ILE T 305 46.80 105.47 8.18
CA ILE T 305 46.64 104.45 9.21
C ILE T 305 47.93 104.32 10.02
N GLN T 306 47.77 104.22 11.33
CA GLN T 306 48.90 104.00 12.23
C GLN T 306 49.38 102.56 12.14
N VAL T 307 50.68 102.39 12.36
CA VAL T 307 51.30 101.07 12.39
C VAL T 307 52.28 101.05 13.55
N THR T 308 52.34 99.92 14.24
CA THR T 308 53.33 99.71 15.28
C THR T 308 54.54 99.00 14.72
N ASP T 309 55.62 99.03 15.49
CA ASP T 309 56.84 98.28 15.19
C ASP T 309 56.85 97.05 16.09
N ASN T 310 57.97 96.32 16.05
CA ASN T 310 58.11 95.20 16.97
C ASN T 310 58.33 95.64 18.40
N THR T 311 58.53 96.92 18.65
CA THR T 311 58.62 97.45 20.00
C THR T 311 57.38 98.22 20.43
N GLY T 312 56.30 98.15 19.65
CA GLY T 312 55.12 98.92 19.96
C GLY T 312 55.21 100.40 19.66
N THR T 313 56.16 100.82 18.83
CA THR T 313 56.28 102.23 18.49
C THR T 313 55.30 102.57 17.37
N ASN T 314 54.27 103.31 17.71
CA ASN T 314 53.30 103.76 16.72
C ASN T 314 53.98 104.67 15.70
N TRP T 315 53.59 104.52 14.44
CA TRP T 315 54.03 105.39 13.37
C TRP T 315 52.82 105.76 12.52
N HIS T 316 53.00 106.73 11.63
CA HIS T 316 51.93 107.21 10.76
C HIS T 316 52.43 107.28 9.32
N LEU T 317 51.49 107.11 8.38
CA LEU T 317 51.76 107.05 6.93
C LEU T 317 50.45 107.18 6.11
N ASN T 318 50.53 107.73 4.89
CA ASN T 318 49.35 107.91 4.05
C ASN T 318 49.34 106.87 2.93
N LEU T 319 48.18 106.72 2.29
CA LEU T 319 48.04 105.85 1.14
C LEU T 319 47.21 106.57 0.08
N ARG T 320 47.45 106.21 -1.17
CA ARG T 320 46.70 106.79 -2.27
C ARG T 320 46.77 105.85 -3.47
N GLY T 321 46.04 106.18 -4.51
CA GLY T 321 46.11 105.43 -5.74
C GLY T 321 47.50 105.49 -6.34
N GLY T 322 47.90 104.39 -6.99
CA GLY T 322 49.20 104.31 -7.60
C GLY T 322 50.31 103.85 -6.69
N THR T 323 49.99 103.26 -5.55
CA THR T 323 51.03 102.72 -4.67
C THR T 323 51.26 101.24 -4.98
N ARG T 324 52.53 100.86 -5.13
CA ARG T 324 52.89 99.54 -5.60
C ARG T 324 53.53 98.73 -4.47
N VAL T 325 53.01 97.52 -4.24
CA VAL T 325 53.63 96.58 -3.33
C VAL T 325 54.04 95.34 -4.12
N VAL T 326 54.65 94.41 -3.42
CA VAL T 326 55.04 93.13 -4.01
C VAL T 326 54.14 92.03 -3.46
N ASN T 327 53.69 91.15 -4.34
CA ASN T 327 52.87 90.01 -3.93
C ASN T 327 53.80 89.08 -3.15
N LEU T 328 53.93 89.37 -1.86
CA LEU T 328 55.06 88.84 -1.10
C LEU T 328 55.07 87.31 -1.03
N ASP T 329 53.92 86.68 -0.93
CA ASP T 329 53.92 85.24 -0.85
C ASP T 329 54.34 84.64 -2.19
N GLN T 330 54.59 83.33 -2.17
CA GLN T 330 55.00 82.57 -3.35
C GLN T 330 56.12 83.26 -4.13
N ILE T 331 57.11 83.80 -3.41
CA ILE T 331 58.22 84.47 -4.08
C ILE T 331 59.52 83.74 -3.74
N ALA T 332 59.41 82.56 -3.12
CA ALA T 332 60.60 81.75 -2.87
C ALA T 332 61.63 82.51 -2.03
N PRO T 333 61.54 82.41 -0.68
CA PRO T 333 62.15 83.40 0.24
C PRO T 333 63.45 84.03 -0.19
N MET T 334 63.53 85.35 -0.01
CA MET T 334 64.54 86.14 -0.69
C MET T 334 64.85 87.39 0.13
N ARG T 335 65.99 88.00 -0.15
CA ARG T 335 66.46 89.16 0.60
C ARG T 335 66.37 90.42 -0.23
N PHE T 336 65.74 91.45 0.33
CA PHE T 336 65.62 92.74 -0.33
C PHE T 336 66.51 93.75 0.38
N VAL T 337 67.30 94.47 -0.39
CA VAL T 337 68.06 95.61 0.11
C VAL T 337 67.73 96.79 -0.79
N LEU T 338 67.89 98.00 -0.28
CA LEU T 338 67.34 99.17 -0.95
C LEU T 338 68.27 100.36 -0.87
N ASP T 339 68.53 100.98 -2.02
CA ASP T 339 69.30 102.22 -2.10
C ASP T 339 68.47 103.27 -2.80
N LEU T 340 68.08 104.30 -2.07
CA LEU T 340 67.30 105.43 -2.56
C LEU T 340 68.17 106.64 -2.88
N GLY T 341 69.50 106.52 -2.74
CA GLY T 341 70.36 107.68 -2.93
C GLY T 341 70.33 108.17 -4.35
N GLY T 342 70.61 109.48 -4.52
CA GLY T 342 70.68 110.12 -5.81
C GLY T 342 69.37 110.71 -6.26
N LYS T 343 68.36 110.73 -5.39
CA LYS T 343 67.04 111.20 -5.77
C LYS T 343 66.64 112.41 -4.95
N SER T 344 65.65 113.14 -5.45
CA SER T 344 65.25 114.41 -4.86
C SER T 344 64.09 114.24 -3.87
N TYR T 345 62.93 113.80 -4.35
CA TYR T 345 61.72 113.72 -3.52
C TYR T 345 61.42 115.02 -2.79
N LYS T 346 61.79 116.16 -3.39
CA LYS T 346 61.70 117.44 -2.69
C LYS T 346 60.34 118.07 -2.94
N GLU T 347 59.31 117.58 -2.26
CA GLU T 347 57.98 118.15 -2.40
C GLU T 347 57.92 119.53 -1.73
N THR T 348 57.04 120.37 -2.27
CA THR T 348 57.08 121.80 -1.94
C THR T 348 56.90 122.07 -0.45
N SER T 349 56.06 121.28 0.21
CA SER T 349 55.81 121.46 1.64
C SER T 349 56.37 120.30 2.45
N TRP T 350 57.31 119.55 1.90
CA TRP T 350 57.88 118.37 2.53
C TRP T 350 59.35 118.25 2.12
N ASP T 351 60.25 118.65 3.01
CA ASP T 351 61.65 118.35 2.75
C ASP T 351 61.88 116.86 2.92
N PRO T 352 62.94 116.30 2.33
CA PRO T 352 63.29 114.90 2.62
C PRO T 352 64.24 114.75 3.80
N ASN T 353 64.94 115.80 4.19
CA ASN T 353 66.05 115.64 5.12
C ASN T 353 65.53 115.34 6.52
N GLY T 354 66.11 114.31 7.13
CA GLY T 354 65.72 113.92 8.46
C GLY T 354 64.35 113.31 8.58
N LYS T 355 64.00 112.34 7.74
CA LYS T 355 62.75 111.61 7.86
C LYS T 355 63.03 110.11 8.02
N LYS T 356 61.94 109.34 8.11
CA LYS T 356 61.99 107.90 8.23
C LYS T 356 61.39 107.26 7.00
N VAL T 357 62.04 106.22 6.48
CA VAL T 357 61.46 105.35 5.48
C VAL T 357 61.61 103.92 5.98
N GLY T 358 60.63 103.09 5.71
CA GLY T 358 60.61 101.78 6.32
C GLY T 358 59.94 100.75 5.44
N PHE T 359 60.37 99.51 5.64
CA PHE T 359 59.67 98.37 5.08
C PHE T 359 58.59 97.91 6.04
N ILE T 360 57.38 97.72 5.54
CA ILE T 360 56.28 97.33 6.40
C ILE T 360 55.64 96.09 5.81
N VAL T 361 55.62 95.00 6.59
CA VAL T 361 54.94 93.78 6.19
C VAL T 361 53.46 93.97 6.40
N PHE T 362 52.67 93.54 5.45
CA PHE T 362 51.22 93.61 5.56
C PHE T 362 50.66 92.20 5.56
N GLN T 363 49.92 91.87 6.61
CA GLN T 363 49.15 90.63 6.65
C GLN T 363 47.68 91.02 6.56
N SER T 364 46.95 90.41 5.64
CA SER T 364 45.53 90.68 5.50
C SER T 364 44.90 89.65 4.59
N LYS T 365 43.57 89.52 4.71
CA LYS T 365 42.83 88.63 3.84
C LYS T 365 42.41 89.33 2.55
N ILE T 366 42.00 90.58 2.65
CA ILE T 366 41.38 91.27 1.52
C ILE T 366 42.46 91.58 0.48
N PRO T 367 42.22 91.27 -0.78
CA PRO T 367 43.22 91.57 -1.81
C PRO T 367 43.49 93.06 -1.90
N PHE T 368 44.74 93.40 -2.23
CA PHE T 368 45.23 94.75 -2.04
C PHE T 368 44.51 95.77 -2.93
N GLU T 369 44.26 95.44 -4.19
CA GLU T 369 43.70 96.40 -5.11
C GLU T 369 42.33 96.89 -4.70
N LEU T 370 41.66 96.19 -3.80
CA LEU T 370 40.36 96.61 -3.29
C LEU T 370 40.48 97.51 -2.07
N TRP T 371 41.70 97.89 -1.69
CA TRP T 371 41.91 98.59 -0.43
C TRP T 371 41.48 100.04 -0.53
N THR T 372 40.48 100.40 0.26
CA THR T 372 40.02 101.78 0.35
C THR T 372 39.63 102.21 1.75
N ALA T 373 39.90 101.42 2.77
CA ALA T 373 39.44 101.72 4.12
C ALA T 373 40.52 101.31 5.10
N ALA T 374 40.38 101.76 6.35
CA ALA T 374 41.30 101.36 7.40
C ALA T 374 41.07 99.93 7.87
N SER T 375 39.82 99.45 7.87
CA SER T 375 39.53 98.10 8.34
C SER T 375 39.77 97.04 7.28
N GLN T 376 40.56 97.34 6.25
CA GLN T 376 40.88 96.36 5.22
C GLN T 376 42.39 96.13 5.14
N ILE T 377 43.12 96.53 6.17
CA ILE T 377 44.58 96.44 6.19
C ILE T 377 45.07 95.19 6.88
N GLY T 378 44.25 94.53 7.70
CA GLY T 378 44.70 93.43 8.51
C GLY T 378 45.84 93.81 9.43
N GLN T 379 46.78 92.87 9.65
CA GLN T 379 47.91 93.08 10.53
C GLN T 379 49.07 93.66 9.74
N ALA T 380 49.75 94.65 10.32
CA ALA T 380 50.92 95.24 9.67
C ALA T 380 51.85 95.79 10.72
N THR T 381 53.15 95.50 10.59
CA THR T 381 54.17 95.96 11.52
C THR T 381 55.41 96.41 10.77
N VAL T 382 56.17 97.31 11.39
CA VAL T 382 57.35 97.90 10.75
C VAL T 382 58.59 97.13 11.18
N VAL T 383 59.45 96.79 10.23
CA VAL T 383 60.50 95.83 10.50
C VAL T 383 61.89 96.41 10.26
N ASN T 384 61.95 97.60 9.65
CA ASN T 384 63.23 98.27 9.48
C ASN T 384 62.95 99.70 9.05
N TYR T 385 63.80 100.63 9.47
CA TYR T 385 63.61 102.04 9.16
C TYR T 385 64.92 102.77 9.36
N VAL T 386 65.15 103.80 8.55
CA VAL T 386 66.42 104.53 8.55
C VAL T 386 66.13 106.02 8.42
N GLN T 387 67.20 106.81 8.61
CA GLN T 387 67.17 108.26 8.57
C GLN T 387 67.74 108.71 7.24
N LEU T 388 67.35 109.89 6.77
CA LEU T 388 67.81 110.38 5.49
C LEU T 388 68.65 111.63 5.64
N TYR T 389 69.50 111.87 4.64
CA TYR T 389 70.27 113.10 4.55
C TYR T 389 70.16 113.60 3.10
N ALA T 390 70.18 114.91 2.91
CA ALA T 390 69.93 115.51 1.61
C ALA T 390 71.05 116.45 1.22
N GLU T 391 71.63 116.23 0.04
CA GLU T 391 72.82 116.96 -0.39
C GLU T 391 72.62 117.46 -1.82
N ASP T 392 73.61 118.20 -2.33
CA ASP T 392 73.45 118.85 -3.61
C ASP T 392 73.99 117.98 -4.75
N SER T 393 73.60 118.35 -5.97
CA SER T 393 73.99 117.62 -7.17
C SER T 393 74.52 118.54 -8.25
N SER T 394 74.87 117.95 -9.40
CA SER T 394 75.22 118.74 -10.58
C SER T 394 74.16 119.79 -10.87
N PHE T 395 72.90 119.36 -10.91
CA PHE T 395 71.79 120.27 -11.19
C PHE T 395 71.63 121.20 -9.99
N THR T 396 71.57 122.50 -10.27
CA THR T 396 71.64 123.50 -9.22
C THR T 396 70.36 123.58 -8.42
N ALA T 397 70.49 124.01 -7.16
CA ALA T 397 69.36 124.35 -6.30
C ALA T 397 68.43 123.15 -6.05
N GLN T 398 68.89 121.96 -6.38
CA GLN T 398 68.08 120.77 -6.14
C GLN T 398 68.90 119.81 -5.30
N SER T 399 68.22 119.11 -4.41
CA SER T 399 68.87 118.38 -3.34
C SER T 399 68.72 116.88 -3.54
N ILE T 400 69.74 116.16 -3.06
CA ILE T 400 69.94 114.76 -3.36
C ILE T 400 70.14 113.97 -2.08
N ILE T 401 69.43 112.86 -1.99
CA ILE T 401 69.52 111.96 -0.85
C ILE T 401 70.80 111.15 -0.95
N ALA T 402 71.52 111.05 0.17
CA ALA T 402 72.70 110.23 0.22
C ALA T 402 72.34 108.75 0.13
N THR T 403 73.36 107.90 0.15
CA THR T 403 73.14 106.48 0.10
C THR T 403 72.37 106.01 1.32
N THR T 404 71.63 104.92 1.16
CA THR T 404 70.87 104.31 2.24
C THR T 404 70.81 102.81 2.01
N SER T 405 70.61 102.07 3.09
CA SER T 405 70.72 100.61 3.07
C SER T 405 69.56 99.97 3.81
N LEU T 406 68.34 100.43 3.56
CA LEU T 406 67.17 99.81 4.16
C LEU T 406 67.01 98.39 3.64
N ALA T 407 67.18 97.39 4.50
CA ALA T 407 67.21 96.00 4.07
C ALA T 407 66.26 95.13 4.88
N TYR T 408 65.46 94.33 4.18
CA TYR T 408 64.70 93.28 4.83
C TYR T 408 64.81 92.02 3.98
N ASN T 409 64.97 90.88 4.65
CA ASN T 409 64.96 89.57 4.01
C ASN T 409 63.75 88.75 4.46
N TYR T 410 62.96 88.31 3.49
CA TYR T 410 61.71 87.59 3.74
C TYR T 410 61.92 86.09 3.66
N GLU T 411 61.48 85.37 4.69
CA GLU T 411 61.43 83.91 4.69
C GLU T 411 60.09 83.47 5.27
N PRO T 412 59.30 82.71 4.52
CA PRO T 412 57.90 82.51 4.90
C PRO T 412 57.73 81.55 6.04
N GLU T 413 58.71 80.69 6.28
CA GLU T 413 58.59 79.64 7.28
C GLU T 413 58.27 80.21 8.66
N GLN T 414 58.81 81.38 9.00
CA GLN T 414 58.59 81.94 10.33
C GLN T 414 57.18 82.49 10.47
N LEU T 415 56.62 83.05 9.39
CA LEU T 415 55.24 83.54 9.45
C LEU T 415 54.23 82.41 9.62
N ASN T 416 54.60 81.18 9.26
CA ASN T 416 53.72 80.01 9.31
C ASN T 416 52.39 80.30 8.63
N LYS T 417 52.50 80.67 7.36
CA LYS T 417 51.33 80.94 6.56
C LYS T 417 50.53 79.65 6.38
N THR T 418 49.29 79.65 6.88
CA THR T 418 48.40 78.50 6.78
C THR T 418 47.21 78.75 5.87
N ASP T 419 46.43 79.79 6.14
CA ASP T 419 45.26 80.07 5.33
C ASP T 419 45.71 80.48 3.93
N PRO T 420 45.33 79.74 2.89
CA PRO T 420 45.78 80.09 1.54
C PRO T 420 45.33 81.47 1.07
N GLU T 421 44.13 81.90 1.46
CA GLU T 421 43.56 83.16 1.00
C GLU T 421 44.29 84.37 1.58
N MET T 422 44.96 84.21 2.73
CA MET T 422 45.64 85.32 3.37
C MET T 422 46.70 85.88 2.44
N ASN T 423 46.72 87.20 2.29
CA ASN T 423 47.59 87.86 1.36
C ASN T 423 48.77 88.49 2.10
N TYR T 424 49.89 88.63 1.39
CA TYR T 424 51.08 89.26 1.95
C TYR T 424 51.61 90.29 0.97
N TYR T 425 51.79 91.51 1.47
CA TYR T 425 52.28 92.62 0.67
C TYR T 425 53.34 93.38 1.44
N LEU T 426 54.41 93.76 0.73
CA LEU T 426 55.50 94.50 1.34
C LEU T 426 55.60 95.87 0.68
N LEU T 427 55.67 96.91 1.50
CA LEU T 427 55.66 98.29 1.03
C LEU T 427 56.71 99.10 1.76
N ALA T 428 57.32 100.04 1.03
CA ALA T 428 58.31 100.95 1.58
C ALA T 428 57.81 102.38 1.44
N THR T 429 57.76 103.11 2.55
CA THR T 429 57.13 104.42 2.54
C THR T 429 57.72 105.27 3.67
N PHE T 430 57.53 106.59 3.54
CA PHE T 430 57.84 107.49 4.64
C PHE T 430 56.95 107.17 5.83
N ILE T 431 57.53 107.24 7.03
CA ILE T 431 56.75 107.06 8.25
C ILE T 431 57.14 108.12 9.26
N ASP T 432 56.24 108.40 10.21
CA ASP T 432 56.47 109.40 11.23
C ASP T 432 55.65 109.05 12.48
N SER T 433 56.08 109.60 13.61
CA SER T 433 55.33 109.44 14.85
C SER T 433 54.12 110.36 14.91
N ALA T 434 53.95 111.23 13.93
CA ALA T 434 52.80 112.12 13.85
C ALA T 434 52.17 111.97 12.48
N ALA T 435 50.94 112.44 12.34
CA ALA T 435 50.20 112.24 11.11
C ALA T 435 50.84 112.99 9.95
N ILE T 436 50.91 112.34 8.80
CA ILE T 436 51.37 113.00 7.58
C ILE T 436 50.16 113.50 6.81
N THR T 437 50.22 114.76 6.40
CA THR T 437 49.07 115.36 5.74
C THR T 437 48.96 114.88 4.30
N PRO T 438 47.81 114.35 3.89
CA PRO T 438 47.67 113.88 2.50
C PRO T 438 47.96 114.94 1.47
N THR T 439 47.64 116.20 1.75
CA THR T 439 47.92 117.26 0.78
C THR T 439 49.42 117.47 0.61
N ASN T 440 50.23 117.03 1.57
CA ASN T 440 51.67 117.25 1.47
C ASN T 440 52.41 116.02 0.93
N MET T 441 51.68 114.94 0.65
CA MET T 441 52.21 113.73 0.03
C MET T 441 51.57 113.55 -1.35
N THR T 442 52.30 113.95 -2.37
CA THR T 442 51.96 113.56 -3.72
C THR T 442 52.54 112.20 -4.09
N GLN T 443 53.61 111.78 -3.40
CA GLN T 443 54.26 110.53 -3.74
C GLN T 443 53.46 109.36 -3.17
N PRO T 444 53.16 108.35 -3.98
CA PRO T 444 52.43 107.19 -3.44
C PRO T 444 53.27 106.34 -2.54
N ASP T 445 54.55 106.22 -2.85
CA ASP T 445 55.47 105.29 -2.19
C ASP T 445 56.87 105.73 -2.58
N VAL T 446 57.87 105.11 -1.98
CA VAL T 446 59.23 105.60 -2.16
C VAL T 446 60.01 104.64 -3.05
N TRP T 447 59.31 103.99 -3.97
CA TRP T 447 59.89 102.93 -4.76
C TRP T 447 60.78 103.41 -5.90
N ASP T 448 60.90 104.71 -6.15
CA ASP T 448 61.83 105.19 -7.17
C ASP T 448 63.25 105.14 -6.63
N ALA T 449 63.68 103.92 -6.31
CA ALA T 449 64.99 103.69 -5.71
C ALA T 449 65.63 102.51 -6.41
N LEU T 450 66.95 102.55 -6.51
CA LEU T 450 67.67 101.35 -6.93
C LEU T 450 67.39 100.24 -5.94
N LEU T 451 67.03 99.07 -6.47
CA LEU T 451 66.60 97.96 -5.63
C LEU T 451 67.43 96.74 -6.00
N THR T 452 68.14 96.20 -5.02
CA THR T 452 68.98 95.03 -5.21
C THR T 452 68.31 93.85 -4.52
N MET T 453 68.28 92.72 -5.20
CA MET T 453 67.56 91.56 -4.71
C MET T 453 68.52 90.37 -4.69
N SER T 454 68.60 89.72 -3.54
CA SER T 454 69.51 88.62 -3.36
C SER T 454 68.72 87.42 -2.88
N PRO T 455 68.75 86.30 -3.60
CA PRO T 455 68.13 85.08 -3.09
C PRO T 455 68.88 84.60 -1.86
N LEU T 456 68.13 84.00 -0.94
CA LEU T 456 68.71 83.38 0.23
C LEU T 456 68.73 81.86 0.13
N SER T 457 68.13 81.31 -0.93
CA SER T 457 67.80 79.89 -0.95
C SER T 457 68.04 79.35 -2.34
N ALA T 458 69.05 78.50 -2.49
CA ALA T 458 69.38 77.91 -3.77
C ALA T 458 68.61 76.62 -4.03
N GLY T 459 67.47 76.43 -3.38
CA GLY T 459 66.70 75.22 -3.57
C GLY T 459 65.43 75.43 -4.35
N GLU T 460 64.88 76.63 -4.28
CA GLU T 460 63.59 76.94 -4.88
C GLU T 460 63.77 77.64 -6.21
N VAL T 461 62.93 77.29 -7.17
CA VAL T 461 63.01 77.80 -8.52
C VAL T 461 61.72 78.54 -8.82
N THR T 462 61.82 79.62 -9.59
CA THR T 462 60.68 80.46 -9.91
C THR T 462 60.62 80.67 -11.40
N VAL T 463 59.41 80.53 -11.97
CA VAL T 463 59.19 80.78 -13.39
C VAL T 463 58.16 81.91 -13.51
N LYS T 464 58.47 82.87 -14.37
CA LYS T 464 57.60 84.02 -14.62
C LYS T 464 57.20 84.70 -13.31
N GLY T 465 58.19 84.85 -12.42
CA GLY T 465 57.92 85.37 -11.10
C GLY T 465 57.03 84.50 -10.25
N ALA T 466 56.87 83.22 -10.58
CA ALA T 466 56.04 82.33 -9.80
C ALA T 466 56.85 81.10 -9.42
N VAL T 467 56.68 80.68 -8.17
CA VAL T 467 57.50 79.62 -7.59
C VAL T 467 56.86 78.28 -7.92
N VAL T 468 57.69 77.35 -8.40
CA VAL T 468 57.25 75.98 -8.63
C VAL T 468 58.29 75.05 -8.04
N SER T 469 57.87 73.82 -7.77
CA SER T 469 58.75 72.80 -7.19
C SER T 469 59.13 71.75 -8.21
N GLU T 470 58.80 71.97 -9.47
CA GLU T 470 59.05 70.94 -10.48
C GLU T 470 59.02 71.63 -11.84
N VAL T 471 60.10 71.54 -12.59
CA VAL T 471 60.22 72.26 -13.86
C VAL T 471 60.59 71.27 -14.95
N VAL T 472 60.15 71.56 -16.18
CA VAL T 472 60.57 70.81 -17.37
C VAL T 472 61.59 71.67 -18.10
N PRO T 473 62.88 71.35 -18.02
CA PRO T 473 63.90 72.23 -18.61
C PRO T 473 63.75 72.42 -20.09
N ALA T 474 63.01 71.56 -20.77
CA ALA T 474 62.85 71.69 -22.22
C ALA T 474 62.02 72.91 -22.57
N ASP T 475 60.91 73.15 -21.86
CA ASP T 475 59.95 74.16 -22.30
C ASP T 475 60.59 75.54 -22.35
N LEU T 476 61.65 75.75 -21.60
CA LEU T 476 62.23 77.08 -21.48
C LEU T 476 62.99 77.49 -22.73
N ILE T 477 63.05 76.62 -23.74
CA ILE T 477 63.72 77.00 -24.98
C ILE T 477 62.80 77.91 -25.77
N GLY T 478 63.25 79.15 -25.97
CA GLY T 478 62.47 80.09 -26.76
C GLY T 478 61.09 80.40 -26.24
N SER T 479 60.96 80.71 -24.95
CA SER T 479 59.65 81.08 -24.40
C SER T 479 59.63 82.47 -23.80
N TYR T 480 60.73 82.92 -23.21
CA TYR T 480 60.80 84.23 -22.56
C TYR T 480 61.07 85.31 -23.60
N THR T 481 60.19 86.27 -23.68
CA THR T 481 60.47 87.48 -24.43
C THR T 481 61.53 88.29 -23.70
N PRO T 482 62.31 89.09 -24.44
CA PRO T 482 63.37 89.87 -23.77
C PRO T 482 62.85 90.75 -22.66
N GLU T 483 61.65 91.29 -22.84
CA GLU T 483 61.01 92.06 -21.78
C GLU T 483 60.69 91.20 -20.58
N SER T 484 60.36 89.93 -20.79
CA SER T 484 60.04 89.02 -19.70
C SER T 484 61.26 88.56 -18.91
N LEU T 485 62.44 88.56 -19.52
CA LEU T 485 63.63 88.12 -18.79
C LEU T 485 63.97 89.09 -17.67
N ASN T 486 64.27 90.33 -18.04
CA ASN T 486 64.64 91.36 -17.08
C ASN T 486 63.61 91.54 -15.96
N THR T 487 62.34 91.46 -16.33
CA THR T 487 61.26 91.63 -15.35
C THR T 487 60.97 90.35 -14.57
N SER T 488 61.90 89.41 -14.59
CA SER T 488 61.70 88.16 -13.87
C SER T 488 62.63 88.08 -12.66
N LEU T 489 62.15 87.40 -11.63
CA LEU T 489 62.84 87.31 -10.35
C LEU T 489 64.21 86.64 -10.49
N PRO T 490 65.20 87.12 -9.73
CA PRO T 490 66.57 86.58 -9.86
C PRO T 490 66.66 85.10 -9.60
N ASN T 491 65.80 84.54 -8.77
CA ASN T 491 65.80 83.11 -8.54
C ASN T 491 64.95 82.40 -9.60
N ASP T 492 65.21 82.71 -10.86
CA ASP T 492 64.45 82.13 -11.94
C ASP T 492 65.19 80.94 -12.53
N ALA T 493 64.42 80.02 -13.09
CA ALA T 493 65.01 78.88 -13.78
C ALA T 493 65.84 79.35 -14.97
N ALA T 494 65.33 80.32 -15.73
CA ALA T 494 66.03 80.76 -16.92
C ALA T 494 67.41 81.31 -16.58
N ARG T 495 67.51 82.03 -15.47
CA ARG T 495 68.81 82.46 -14.99
C ARG T 495 69.67 81.27 -14.62
N CYS T 496 69.09 80.30 -13.93
CA CYS T 496 69.82 79.08 -13.58
C CYS T 496 70.03 78.16 -14.77
N MET T 497 69.39 78.42 -15.90
CA MET T 497 69.55 77.57 -17.07
C MET T 497 70.60 78.10 -18.03
N ILE T 498 70.69 79.42 -18.17
CA ILE T 498 71.73 79.98 -19.02
C ILE T 498 73.11 79.64 -18.47
N ASP T 499 73.21 79.43 -17.15
CA ASP T 499 74.51 79.19 -16.55
C ASP T 499 74.99 77.77 -16.84
N ARG T 500 74.16 76.78 -16.58
CA ARG T 500 74.53 75.41 -16.93
C ARG T 500 74.77 75.29 -18.43
N ALA T 501 73.91 75.91 -19.23
CA ALA T 501 74.14 75.92 -20.66
C ALA T 501 75.42 76.64 -21.04
N SER T 502 75.82 77.62 -20.23
CA SER T 502 77.00 78.42 -20.57
C SER T 502 78.24 77.55 -20.66
N LYS T 503 78.39 76.62 -19.72
CA LYS T 503 79.59 75.80 -19.69
C LYS T 503 79.82 75.07 -21.01
N ILE T 504 78.76 74.69 -21.70
CA ILE T 504 78.95 74.14 -23.04
C ILE T 504 79.60 75.18 -23.94
N ALA T 505 79.03 76.38 -23.99
CA ALA T 505 79.66 77.45 -24.76
C ALA T 505 81.06 77.74 -24.23
N GLU T 506 81.27 77.52 -22.94
CA GLU T 506 82.61 77.69 -22.38
C GLU T 506 83.55 76.58 -22.80
N ALA T 507 82.99 75.47 -23.33
CA ALA T 507 83.82 74.35 -23.71
C ALA T 507 83.93 74.21 -25.22
N ILE T 508 82.88 74.59 -25.95
CA ILE T 508 82.95 74.58 -27.41
C ILE T 508 84.04 75.54 -27.89
N LYS T 509 84.29 76.61 -27.14
CA LYS T 509 85.40 77.49 -27.47
C LYS T 509 86.73 76.75 -27.34
N ILE T 510 86.86 75.89 -26.32
CA ILE T 510 88.09 75.14 -26.15
C ILE T 510 88.34 74.24 -27.36
N ASP T 511 87.30 73.57 -27.83
CA ASP T 511 87.44 72.67 -28.97
C ASP T 511 87.56 73.44 -30.27
N ASP T 512 86.51 74.14 -30.67
CA ASP T 512 86.47 74.69 -32.01
C ASP T 512 87.36 75.91 -32.16
N ASP T 513 87.91 76.06 -33.36
CA ASP T 513 88.69 77.21 -33.76
C ASP T 513 88.23 77.69 -35.12
N ALA T 514 87.23 77.01 -35.67
CA ALA T 514 86.71 77.32 -36.98
C ALA T 514 85.92 78.61 -36.92
N GLY T 515 86.33 79.57 -37.75
CA GLY T 515 85.80 80.91 -37.69
C GLY T 515 84.54 81.08 -38.50
N PRO T 516 84.55 82.08 -39.39
CA PRO T 516 83.32 82.46 -40.10
C PRO T 516 82.90 81.39 -41.09
N ASP T 517 81.80 80.70 -40.78
CA ASP T 517 80.97 79.92 -41.68
C ASP T 517 81.54 78.58 -42.11
N GLU T 518 82.76 78.22 -41.75
CA GLU T 518 83.24 76.88 -42.09
C GLU T 518 82.80 75.93 -40.98
N TYR T 519 82.40 74.73 -41.38
CA TYR T 519 81.69 73.83 -40.48
C TYR T 519 82.61 73.23 -39.43
N SER T 520 82.03 72.84 -38.31
CA SER T 520 82.68 72.10 -37.26
C SER T 520 81.76 70.96 -36.83
N PRO T 521 82.33 69.89 -36.27
CA PRO T 521 81.48 68.82 -35.76
C PRO T 521 80.50 69.31 -34.69
N ASN T 522 80.89 70.36 -33.98
CA ASN T 522 80.02 71.00 -33.01
C ASN T 522 78.81 71.66 -33.64
N SER T 523 78.80 71.82 -34.96
CA SER T 523 77.72 72.53 -35.64
C SER T 523 76.73 71.61 -36.32
N VAL T 524 77.20 70.50 -36.89
CA VAL T 524 76.36 69.67 -37.73
C VAL T 524 75.17 69.04 -36.99
N PRO T 525 75.19 68.81 -35.67
CA PRO T 525 73.97 68.31 -35.04
C PRO T 525 72.80 69.24 -35.22
N ILE T 526 73.04 70.55 -35.33
CA ILE T 526 71.98 71.46 -35.74
C ILE T 526 71.64 71.25 -37.20
N GLN T 527 72.65 71.03 -38.05
CA GLN T 527 72.38 70.76 -39.46
C GLN T 527 71.40 69.63 -39.64
N GLY T 528 71.62 68.52 -38.94
CA GLY T 528 70.80 67.35 -39.15
C GLY T 528 69.33 67.62 -38.94
N GLN T 529 69.01 68.40 -37.90
CA GLN T 529 67.62 68.75 -37.68
C GLN T 529 67.08 69.61 -38.81
N LEU T 530 67.87 70.58 -39.26
CA LEU T 530 67.43 71.43 -40.36
C LEU T 530 67.15 70.61 -41.61
N ALA T 531 67.91 69.53 -41.79
CA ALA T 531 67.73 68.69 -42.97
C ALA T 531 66.34 68.08 -43.00
N ILE T 532 65.86 67.62 -41.84
CA ILE T 532 64.57 66.93 -41.80
C ILE T 532 63.44 67.93 -41.60
N SER T 533 63.68 68.98 -40.81
CA SER T 533 62.65 69.99 -40.61
C SER T 533 62.31 70.67 -41.93
N GLN T 534 63.32 71.04 -42.72
CA GLN T 534 63.07 71.62 -44.03
C GLN T 534 62.36 70.61 -44.92
N LEU T 535 62.62 69.33 -44.69
CA LEU T 535 62.05 68.28 -45.52
C LEU T 535 60.68 67.84 -45.01
N GLU T 536 60.18 68.49 -43.96
CA GLU T 536 58.88 68.14 -43.44
C GLU T 536 57.88 69.28 -43.59
N THR T 537 56.74 68.96 -44.20
CA THR T 537 55.60 69.86 -44.31
C THR T 537 55.19 70.28 -42.90
N GLY T 538 54.81 71.55 -42.75
CA GLY T 538 54.31 72.07 -41.51
C GLY T 538 53.14 73.03 -41.72
N TYR T 539 53.26 74.20 -41.08
CA TYR T 539 52.26 75.26 -41.18
C TYR T 539 52.90 76.45 -41.87
N GLY T 540 52.84 76.45 -43.20
CA GLY T 540 53.43 77.51 -43.98
C GLY T 540 53.75 77.02 -45.38
N VAL T 541 54.68 77.74 -46.02
CA VAL T 541 55.10 77.43 -47.39
C VAL T 541 56.55 76.93 -47.35
N ARG T 542 56.83 75.89 -48.12
CA ARG T 542 58.12 75.23 -48.05
C ARG T 542 59.12 75.88 -49.02
N ILE T 543 60.28 76.26 -48.48
CA ILE T 543 61.39 76.79 -49.27
C ILE T 543 62.57 75.85 -49.07
N PHE T 544 63.15 75.37 -50.16
CA PHE T 544 64.15 74.32 -50.11
C PHE T 544 65.54 74.90 -50.35
N ASN T 545 66.48 74.57 -49.46
CA ASN T 545 67.86 74.95 -49.63
C ASN T 545 68.72 73.72 -49.86
N PRO T 546 69.72 73.81 -50.74
CA PRO T 546 70.62 72.68 -50.95
C PRO T 546 71.41 72.36 -49.69
N LYS T 547 72.18 71.27 -49.78
CA LYS T 547 72.93 70.81 -48.61
C LYS T 547 73.92 71.86 -48.13
N GLY T 548 74.44 72.68 -49.03
CA GLY T 548 75.44 73.66 -48.63
C GLY T 548 74.87 74.77 -47.76
N ILE T 549 73.75 75.34 -48.18
CA ILE T 549 73.20 76.51 -47.48
C ILE T 549 72.87 76.16 -46.04
N LEU T 550 72.30 74.97 -45.82
CA LEU T 550 72.00 74.53 -44.47
C LEU T 550 73.25 74.50 -43.61
N SER T 551 74.41 74.22 -44.21
CA SER T 551 75.65 74.17 -43.44
C SER T 551 76.09 75.56 -43.01
N LYS T 552 76.03 76.52 -43.93
CA LYS T 552 76.39 77.89 -43.58
C LYS T 552 75.45 78.43 -42.51
N ILE T 553 74.18 78.07 -42.61
CA ILE T 553 73.20 78.51 -41.61
C ILE T 553 73.59 77.99 -40.23
N ALA T 554 73.97 76.73 -40.15
CA ALA T 554 74.32 76.14 -38.86
C ALA T 554 75.56 76.76 -38.26
N SER T 555 76.58 77.01 -39.09
CA SER T 555 77.80 77.65 -38.58
C SER T 555 77.48 78.95 -37.86
N ARG T 556 76.55 79.73 -38.41
CA ARG T 556 76.15 80.97 -37.77
C ARG T 556 75.40 80.74 -36.47
N ALA T 557 74.74 79.58 -36.34
CA ALA T 557 73.98 79.31 -35.13
C ALA T 557 74.91 79.15 -33.92
N MET T 558 76.11 78.61 -34.14
CA MET T 558 77.06 78.51 -33.03
C MET T 558 77.43 79.89 -32.50
N GLN T 559 77.87 80.80 -33.37
CA GLN T 559 78.23 82.13 -32.93
C GLN T 559 77.03 82.82 -32.28
N ALA T 560 75.82 82.50 -32.77
CA ALA T 560 74.62 83.00 -32.11
C ALA T 560 74.53 82.48 -30.68
N PHE T 561 74.87 81.22 -30.48
CA PHE T 561 74.77 80.64 -29.15
C PHE T 561 76.03 80.90 -28.33
N ILE T 562 77.20 80.79 -28.94
CA ILE T 562 78.45 80.99 -28.23
C ILE T 562 78.55 82.43 -27.73
N GLY T 563 78.12 83.38 -28.57
CA GLY T 563 78.21 84.79 -28.18
C GLY T 563 77.39 85.11 -26.94
N ASP T 564 76.16 84.62 -26.88
CA ASP T 564 75.34 84.89 -25.71
C ASP T 564 74.38 83.73 -25.45
N PRO T 565 74.60 82.96 -24.38
CA PRO T 565 73.70 81.84 -24.09
C PRO T 565 72.27 82.25 -23.81
N SER T 566 72.02 83.50 -23.42
CA SER T 566 70.66 83.96 -23.23
C SER T 566 69.84 83.92 -24.50
N THR T 567 70.48 83.80 -25.66
CA THR T 567 69.76 83.91 -26.92
C THR T 567 69.06 82.63 -27.32
N ILE T 568 69.09 81.58 -26.50
CA ILE T 568 68.35 80.39 -26.86
C ILE T 568 66.98 80.37 -26.20
N ILE T 569 66.86 80.96 -25.01
CA ILE T 569 65.59 80.98 -24.29
C ILE T 569 64.73 82.17 -24.69
N THR T 570 65.23 83.03 -25.56
CA THR T 570 64.47 84.18 -26.02
C THR T 570 63.37 83.71 -26.96
N GLN T 571 62.18 84.29 -26.80
CA GLN T 571 61.10 84.01 -27.74
C GLN T 571 61.56 84.34 -29.15
N ALA T 572 61.17 83.47 -30.09
CA ALA T 572 61.34 83.71 -31.51
C ALA T 572 62.78 84.02 -31.87
N ALA T 573 63.69 83.31 -31.22
CA ALA T 573 65.07 83.28 -31.65
C ALA T 573 65.13 82.65 -33.04
N PRO T 574 66.15 82.98 -33.84
CA PRO T 574 66.17 82.52 -35.23
C PRO T 574 66.03 81.02 -35.39
N VAL T 575 67.00 80.25 -34.89
CA VAL T 575 66.95 78.81 -35.04
C VAL T 575 66.98 78.11 -33.68
N LEU T 576 67.81 78.60 -32.76
CA LEU T 576 67.99 77.91 -31.50
C LEU T 576 66.67 77.79 -30.75
N SER T 577 65.70 78.67 -31.03
CA SER T 577 64.42 78.65 -30.34
C SER T 577 63.74 77.29 -30.43
N ASP T 578 63.97 76.54 -31.50
CA ASP T 578 63.43 75.20 -31.61
C ASP T 578 63.95 74.35 -30.45
N LYS T 579 63.04 73.59 -29.84
CA LYS T 579 63.48 72.66 -28.80
C LYS T 579 64.35 71.56 -29.38
N ASN T 580 64.03 71.06 -30.58
CA ASN T 580 64.79 69.96 -31.15
C ASN T 580 66.21 70.39 -31.48
N ASN T 581 66.35 71.54 -32.15
CA ASN T 581 67.68 71.98 -32.54
C ASN T 581 68.57 72.14 -31.33
N TRP T 582 68.03 72.73 -30.26
CA TRP T 582 68.78 72.83 -29.02
C TRP T 582 69.27 71.48 -28.55
N ILE T 583 68.38 70.49 -28.47
CA ILE T 583 68.75 69.20 -27.92
C ILE T 583 69.87 68.58 -28.73
N ALA T 584 69.72 68.56 -30.06
CA ALA T 584 70.70 67.90 -30.91
C ALA T 584 72.09 68.44 -30.67
N LEU T 585 72.20 69.71 -30.29
CA LEU T 585 73.48 70.29 -29.92
C LEU T 585 74.04 69.63 -28.66
N ALA T 586 73.17 69.31 -27.69
CA ALA T 586 73.63 68.84 -26.40
C ALA T 586 74.30 67.47 -26.51
N GLN T 587 73.53 66.45 -26.91
CA GLN T 587 74.12 65.13 -27.05
C GLN T 587 75.17 65.09 -28.14
N GLY T 588 75.10 66.00 -29.10
CA GLY T 588 76.12 66.06 -30.12
C GLY T 588 77.50 66.34 -29.56
N VAL T 589 77.58 67.10 -28.47
CA VAL T 589 78.88 67.57 -28.00
C VAL T 589 79.71 66.42 -27.46
N LYS T 590 79.15 65.59 -26.59
CA LYS T 590 79.95 64.60 -25.88
C LYS T 590 80.66 63.67 -26.85
N THR T 591 79.93 63.12 -27.81
CA THR T 591 80.56 62.25 -28.79
C THR T 591 81.61 62.99 -29.59
N SER T 592 81.45 64.30 -29.76
CA SER T 592 82.47 65.08 -30.44
C SER T 592 83.70 65.27 -29.58
N LEU T 593 83.65 64.84 -28.32
CA LEU T 593 84.79 64.92 -27.41
C LEU T 593 85.26 63.54 -26.96
N ARG T 594 84.36 62.56 -26.83
CA ARG T 594 84.80 61.22 -26.50
C ARG T 594 85.63 60.61 -27.62
N THR T 595 85.48 61.13 -28.84
CA THR T 595 86.09 60.53 -30.02
C THR T 595 87.33 61.26 -30.50
N LYS T 596 87.63 62.44 -29.95
CA LYS T 596 88.87 63.09 -30.33
C LYS T 596 90.06 62.26 -29.87
N SER T 597 91.03 62.10 -30.78
CA SER T 597 92.18 61.23 -30.54
C SER T 597 93.41 62.11 -30.50
N LEU T 598 93.67 62.68 -29.33
CA LEU T 598 94.86 63.49 -29.04
C LEU T 598 95.24 64.36 -30.23
N SER T 599 94.31 65.22 -30.62
CA SER T 599 94.49 66.03 -31.81
C SER T 599 93.91 67.42 -31.59
N ALA T 600 94.41 68.36 -32.37
CA ALA T 600 93.95 69.74 -32.36
C ALA T 600 93.54 70.16 -33.77
N GLY T 601 92.85 71.29 -33.87
CA GLY T 601 92.37 71.74 -35.17
C GLY T 601 93.49 72.19 -36.08
N VAL T 602 93.17 72.30 -37.37
CA VAL T 602 94.18 72.68 -38.36
C VAL T 602 94.59 74.13 -38.17
N LYS T 603 93.63 75.03 -37.97
CA LYS T 603 93.99 76.42 -37.78
C LYS T 603 94.81 76.61 -36.51
N THR T 604 94.38 75.98 -35.41
CA THR T 604 95.06 76.17 -34.14
C THR T 604 96.53 75.82 -34.24
N ALA T 605 96.86 74.74 -34.93
CA ALA T 605 98.24 74.27 -34.98
C ALA T 605 99.15 75.29 -35.65
N VAL T 606 98.78 75.71 -36.88
CA VAL T 606 99.70 76.48 -37.70
C VAL T 606 100.04 77.81 -37.04
N SER T 607 99.12 78.35 -36.24
CA SER T 607 99.42 79.61 -35.55
C SER T 607 100.55 79.44 -34.56
N LYS T 608 100.54 78.33 -33.81
CA LYS T 608 101.50 78.17 -32.72
C LYS T 608 102.93 78.17 -33.25
N LEU T 609 103.18 77.46 -34.36
CA LEU T 609 104.51 77.48 -34.95
C LEU T 609 104.98 78.90 -35.20
N SER T 610 104.13 79.73 -35.77
CA SER T 610 104.48 81.13 -35.96
C SER T 610 104.72 81.82 -34.62
N SER T 611 103.84 81.62 -33.66
CA SER T 611 103.99 82.26 -32.36
C SER T 611 105.20 81.71 -31.63
N SER T 612 105.35 80.38 -31.60
CA SER T 612 106.41 79.78 -30.83
C SER T 612 107.79 80.18 -31.34
N GLU T 613 107.97 80.23 -32.66
CA GLU T 613 109.27 80.61 -33.18
C GLU T 613 109.58 82.08 -32.95
N SER T 614 108.58 82.95 -33.02
CA SER T 614 108.82 84.36 -32.76
C SER T 614 109.34 84.57 -31.34
N ILE T 615 108.74 83.87 -30.37
CA ILE T 615 109.25 83.92 -29.00
C ILE T 615 110.70 83.45 -28.96
N GLN T 616 111.00 82.37 -29.68
CA GLN T 616 112.38 81.91 -29.77
C GLN T 616 113.27 82.94 -30.43
N ASN T 617 112.76 83.59 -31.47
CA ASN T 617 113.48 84.71 -32.05
C ASN T 617 113.67 85.82 -31.03
N TRP T 618 112.59 86.25 -30.38
CA TRP T 618 112.71 87.35 -29.44
C TRP T 618 113.68 87.03 -28.32
N THR T 619 113.69 85.77 -27.87
CA THR T 619 114.60 85.37 -26.81
C THR T 619 116.05 85.52 -27.24
N GLN T 620 116.42 84.91 -28.37
CA GLN T 620 117.80 85.02 -28.82
C GLN T 620 118.17 86.47 -29.08
N GLY T 621 117.19 87.31 -29.38
CA GLY T 621 117.43 88.73 -29.41
C GLY T 621 117.72 89.30 -28.03
N PHE T 622 117.25 88.64 -26.99
CA PHE T 622 117.55 89.10 -25.64
C PHE T 622 118.88 88.54 -25.14
N LEU T 623 119.15 87.26 -25.40
CA LEU T 623 120.35 86.62 -24.87
C LEU T 623 121.61 87.31 -25.35
N ASP T 624 121.69 87.60 -26.65
CA ASP T 624 122.92 88.17 -27.20
C ASP T 624 123.26 89.49 -26.53
N LYS T 625 122.25 90.33 -26.27
CA LYS T 625 122.49 91.57 -25.54
C LYS T 625 123.24 91.29 -24.24
N VAL T 626 122.88 90.19 -23.56
CA VAL T 626 123.60 89.82 -22.36
C VAL T 626 125.06 89.55 -22.68
N SER T 627 125.33 88.86 -23.79
CA SER T 627 126.71 88.63 -24.18
C SER T 627 127.43 89.94 -24.46
N ALA T 628 126.77 90.89 -25.13
CA ALA T 628 127.36 92.17 -25.45
C ALA T 628 127.80 92.93 -24.20
N HIS T 629 126.85 93.31 -23.35
CA HIS T 629 127.16 94.12 -22.18
C HIS T 629 128.03 93.39 -21.17
N PHE T 630 128.18 92.08 -21.30
CA PHE T 630 128.97 91.28 -20.36
C PHE T 630 129.94 90.44 -21.16
N PRO T 631 130.97 91.05 -21.72
CA PRO T 631 131.87 90.31 -22.62
C PRO T 631 132.75 89.33 -21.86
N ALA T 632 133.06 88.22 -22.52
CA ALA T 632 133.90 87.18 -21.95
C ALA T 632 135.36 87.42 -22.31
N PRO T 633 136.29 87.17 -21.38
CA PRO T 633 137.73 87.37 -21.62
C PRO T 633 138.29 86.44 -22.69
N ASN U 3 27.56 -35.30 81.81
CA ASN U 3 27.70 -36.59 81.17
C ASN U 3 29.17 -36.88 80.89
N VAL U 4 29.56 -38.13 81.01
CA VAL U 4 30.93 -38.57 80.73
C VAL U 4 30.84 -39.74 79.75
N TRP U 5 30.89 -39.36 78.46
CA TRP U 5 30.87 -40.22 77.25
C TRP U 5 29.61 -41.00 76.83
N GLY U 6 28.47 -40.68 77.43
CA GLY U 6 27.23 -41.41 77.23
C GLY U 6 26.39 -41.84 78.43
N VAL U 7 26.49 -41.10 79.54
CA VAL U 7 25.75 -41.39 80.75
C VAL U 7 25.17 -40.08 81.28
N ARG U 8 23.95 -39.77 80.87
CA ARG U 8 23.29 -38.64 81.50
C ARG U 8 23.14 -38.94 82.98
N LEU U 9 23.85 -38.18 83.79
CA LEU U 9 23.82 -38.39 85.22
C LEU U 9 22.62 -37.66 85.81
N ALA U 10 22.40 -37.87 87.10
CA ALA U 10 21.45 -37.04 87.82
C ALA U 10 22.01 -35.64 88.00
N ASP U 11 21.13 -34.73 88.39
CA ASP U 11 21.54 -33.39 88.79
C ASP U 11 21.64 -33.24 90.29
N SER U 12 21.48 -34.34 91.04
CA SER U 12 21.59 -34.31 92.49
C SER U 12 22.59 -35.36 92.96
N LEU U 13 23.40 -34.96 93.93
CA LEU U 13 24.38 -35.85 94.54
C LEU U 13 23.83 -36.38 95.84
N SER U 14 24.09 -37.65 96.12
CA SER U 14 23.61 -38.23 97.37
C SER U 14 24.51 -39.37 97.81
N SER U 15 24.78 -39.42 99.10
CA SER U 15 25.66 -40.42 99.68
C SER U 15 25.07 -40.89 100.99
N PRO U 16 25.42 -42.10 101.42
CA PRO U 16 25.01 -42.55 102.75
C PRO U 16 25.69 -41.73 103.83
N THR U 17 25.06 -41.68 105.00
CA THR U 17 25.59 -40.92 106.11
C THR U 17 26.03 -41.78 107.28
N ILE U 18 25.14 -42.57 107.85
CA ILE U 18 25.40 -43.26 109.11
C ILE U 18 26.03 -44.62 108.80
N GLU U 19 27.24 -44.83 109.28
CA GLU U 19 28.03 -45.99 108.92
C GLU U 19 27.88 -47.06 109.99
N THR U 20 27.35 -48.22 109.60
CA THR U 20 26.99 -49.27 110.55
C THR U 20 28.20 -49.70 111.38
N ARG U 21 27.98 -49.86 112.68
CA ARG U 21 29.04 -50.28 113.57
C ARG U 21 29.50 -51.69 113.21
N THR U 22 30.72 -52.02 113.60
CA THR U 22 31.26 -53.33 113.30
C THR U 22 30.91 -54.34 114.39
N ARG U 23 30.71 -55.59 113.96
CA ARG U 23 30.65 -56.72 114.87
C ARG U 23 31.85 -57.61 114.59
N GLN U 24 32.15 -58.51 115.52
CA GLN U 24 33.26 -59.43 115.34
C GLN U 24 32.81 -60.87 115.51
N TYR U 25 33.37 -61.75 114.69
CA TYR U 25 32.84 -63.10 114.56
C TYR U 25 33.19 -63.95 115.77
N THR U 26 32.24 -64.78 116.19
CA THR U 26 32.37 -65.61 117.37
C THR U 26 32.05 -67.07 117.04
N LEU U 27 32.56 -67.97 117.87
CA LEU U 27 32.35 -69.39 117.64
C LEU U 27 30.86 -69.71 117.55
N HIS U 28 30.05 -69.13 118.42
CA HIS U 28 28.63 -69.42 118.38
C HIS U 28 28.04 -69.02 117.05
N ASP U 29 28.51 -67.91 116.47
CA ASP U 29 28.06 -67.53 115.14
C ASP U 29 28.44 -68.60 114.12
N LEU U 30 29.66 -69.12 114.22
CA LEU U 30 30.10 -70.14 113.28
C LEU U 30 29.21 -71.38 113.36
N CYS U 31 29.03 -71.90 114.56
CA CYS U 31 28.18 -73.07 114.73
C CYS U 31 26.76 -72.78 114.26
N SER U 32 26.26 -71.59 114.60
CA SER U 32 24.90 -71.22 114.21
C SER U 32 24.73 -71.28 112.71
N ASP U 33 25.63 -70.59 111.98
CA ASP U 33 25.53 -70.54 110.53
C ASP U 33 25.71 -71.92 109.92
N LEU U 34 26.58 -72.74 110.50
CA LEU U 34 26.83 -74.06 109.94
C LEU U 34 25.66 -75.00 110.07
N ASP U 35 24.50 -74.53 110.55
CA ASP U 35 23.35 -75.39 110.64
C ASP U 35 22.54 -75.40 109.34
N ALA U 36 22.81 -74.46 108.45
CA ALA U 36 22.18 -74.39 107.12
C ALA U 36 20.66 -74.50 107.23
N ASN U 37 20.10 -73.76 108.18
CA ASN U 37 18.69 -73.91 108.47
C ASN U 37 17.83 -73.17 107.44
N PRO U 38 16.55 -73.52 107.35
CA PRO U 38 15.65 -72.89 106.37
C PRO U 38 15.68 -71.37 106.41
N GLY U 39 15.87 -70.81 107.60
CA GLY U 39 15.92 -69.37 107.73
C GLY U 39 17.15 -68.75 107.09
N ARG U 40 18.32 -69.01 107.67
CA ARG U 40 19.54 -68.31 107.29
C ARG U 40 20.56 -69.30 106.77
N GLU U 41 20.72 -69.30 105.45
CA GLU U 41 21.75 -70.11 104.83
C GLU U 41 22.99 -69.25 104.59
N PRO U 42 24.15 -69.89 104.45
CA PRO U 42 25.38 -69.13 104.21
C PRO U 42 25.54 -68.72 102.76
N TRP U 43 24.44 -68.78 102.00
CA TRP U 43 24.46 -68.49 100.58
C TRP U 43 23.21 -67.70 100.24
N LYS U 44 23.00 -67.45 98.96
CA LYS U 44 21.82 -66.74 98.51
C LYS U 44 21.50 -67.18 97.09
N PRO U 45 20.23 -67.46 96.78
CA PRO U 45 19.88 -67.94 95.43
C PRO U 45 20.01 -66.86 94.36
N LEU U 46 20.40 -67.29 93.16
CA LEU U 46 20.45 -66.40 92.01
C LEU U 46 19.46 -66.87 90.95
N ARG U 47 18.40 -66.09 90.80
CA ARG U 47 17.29 -66.37 89.90
C ARG U 47 17.53 -65.64 88.58
N ASN U 48 17.00 -66.20 87.49
CA ASN U 48 17.12 -65.60 86.18
C ASN U 48 15.91 -64.73 85.89
N GLN U 49 16.14 -63.57 85.27
CA GLN U 49 15.08 -62.58 85.12
C GLN U 49 14.30 -62.68 83.83
N ARG U 50 14.43 -63.78 83.10
CA ARG U 50 13.49 -64.12 82.05
C ARG U 50 12.89 -65.50 82.24
N THR U 51 13.73 -66.49 82.50
CA THR U 51 13.30 -67.86 82.69
C THR U 51 12.79 -68.14 84.08
N ASN U 52 13.03 -67.22 85.03
CA ASN U 52 12.67 -67.44 86.42
C ASN U 52 13.16 -68.80 86.90
N ASN U 53 14.40 -69.11 86.56
CA ASN U 53 15.09 -70.30 87.03
C ASN U 53 16.40 -69.89 87.67
N ILE U 54 16.98 -70.81 88.42
CA ILE U 54 18.17 -70.52 89.23
C ILE U 54 19.41 -70.93 88.45
N VAL U 55 20.36 -70.00 88.32
CA VAL U 55 21.56 -70.27 87.55
C VAL U 55 22.84 -69.96 88.30
N ALA U 56 22.78 -69.62 89.59
CA ALA U 56 23.98 -69.37 90.37
C ALA U 56 23.60 -69.21 91.84
N VAL U 57 24.61 -69.04 92.67
CA VAL U 57 24.43 -68.81 94.09
C VAL U 57 25.57 -67.93 94.59
N GLN U 58 25.20 -66.91 95.38
CA GLN U 58 26.15 -65.96 95.93
C GLN U 58 26.67 -66.47 97.27
N LEU U 59 27.99 -66.51 97.40
CA LEU U 59 28.63 -67.09 98.56
C LEU U 59 28.87 -66.03 99.63
N PHE U 60 28.78 -66.45 100.89
CA PHE U 60 29.04 -65.58 102.02
C PHE U 60 30.09 -66.21 102.90
N ARG U 61 30.28 -65.70 104.12
CA ARG U 61 31.29 -66.21 105.01
C ARG U 61 30.65 -66.96 106.16
N PRO U 62 31.05 -68.21 106.42
CA PRO U 62 32.11 -68.97 105.78
C PRO U 62 31.75 -69.47 104.39
N LEU U 63 32.63 -70.27 103.78
CA LEU U 63 32.64 -70.68 102.36
C LEU U 63 33.22 -69.62 101.43
N GLN U 64 34.19 -68.83 101.86
CA GLN U 64 34.87 -67.93 100.95
C GLN U 64 36.30 -68.35 100.69
N GLY U 65 36.56 -69.66 100.64
CA GLY U 65 37.87 -70.19 100.32
C GLY U 65 37.77 -71.24 99.25
N LEU U 66 36.78 -71.09 98.37
CA LEU U 66 36.53 -72.06 97.31
C LEU U 66 37.41 -71.65 96.14
N VAL U 67 38.69 -72.00 96.23
CA VAL U 67 39.69 -71.34 95.41
C VAL U 67 40.48 -72.33 94.58
N LEU U 68 39.87 -73.45 94.25
CA LEU U 68 40.50 -74.44 93.38
C LEU U 68 39.59 -74.69 92.18
N ASP U 69 39.94 -75.69 91.39
CA ASP U 69 39.09 -76.11 90.28
C ASP U 69 37.82 -76.75 90.82
N THR U 70 36.68 -76.43 90.19
CA THR U 70 35.40 -76.92 90.70
C THR U 70 35.27 -78.43 90.59
N GLN U 71 36.09 -79.09 89.78
CA GLN U 71 36.01 -80.54 89.68
C GLN U 71 36.48 -81.22 90.96
N LEU U 72 37.55 -80.71 91.58
CA LEU U 72 38.01 -81.29 92.83
C LEU U 72 36.92 -81.23 93.90
N TYR U 73 36.03 -80.25 93.81
CA TYR U 73 34.95 -80.14 94.77
C TYR U 73 33.83 -81.14 94.50
N GLY U 74 33.55 -81.45 93.24
CA GLY U 74 32.58 -82.47 92.91
C GLY U 74 31.16 -82.16 93.35
N PHE U 75 30.71 -80.95 93.08
CA PHE U 75 29.40 -80.49 93.51
C PHE U 75 28.30 -81.15 92.67
N PRO U 76 27.11 -81.31 93.25
CA PRO U 76 25.94 -81.70 92.44
C PRO U 76 25.55 -80.62 91.45
N GLY U 77 24.59 -80.92 90.57
CA GLY U 77 24.23 -80.02 89.50
C GLY U 77 22.90 -79.30 89.60
N ALA U 78 22.24 -79.33 90.75
CA ALA U 78 20.97 -78.64 90.91
C ALA U 78 20.95 -77.89 92.22
N PHE U 79 20.51 -76.63 92.16
CA PHE U 79 20.62 -75.74 93.31
C PHE U 79 19.94 -76.33 94.53
N ASP U 80 18.68 -76.74 94.40
CA ASP U 80 18.00 -77.32 95.55
C ASP U 80 18.68 -78.61 95.99
N ASP U 81 19.20 -79.37 95.03
CA ASP U 81 19.94 -80.58 95.36
C ASP U 81 21.23 -80.24 96.10
N TRP U 82 21.97 -79.25 95.58
CA TRP U 82 23.18 -78.75 96.23
C TRP U 82 22.91 -78.28 97.64
N GLU U 83 21.73 -77.69 97.87
CA GLU U 83 21.39 -77.22 99.21
C GLU U 83 21.47 -78.35 100.21
N ARG U 84 20.77 -79.46 99.92
CA ARG U 84 20.76 -80.57 100.85
C ARG U 84 22.11 -81.26 100.87
N PHE U 85 22.83 -81.25 99.75
CA PHE U 85 24.16 -81.83 99.73
C PHE U 85 25.08 -81.13 100.72
N MET U 86 25.13 -79.79 100.64
CA MET U 86 25.97 -79.04 101.57
C MET U 86 25.46 -79.20 103.00
N ARG U 87 24.13 -79.23 103.17
CA ARG U 87 23.59 -79.38 104.52
C ARG U 87 24.03 -80.70 105.14
N GLU U 88 24.13 -81.74 104.32
CA GLU U 88 24.61 -83.03 104.81
C GLU U 88 26.13 -83.03 105.00
N LYS U 89 26.87 -82.35 104.12
CA LYS U 89 28.33 -82.38 104.21
C LYS U 89 28.84 -81.56 105.40
N LEU U 90 28.21 -80.44 105.70
CA LEU U 90 28.80 -79.51 106.65
C LEU U 90 28.46 -79.88 108.09
N ARG U 91 27.43 -80.70 108.29
CA ARG U 91 27.13 -81.13 109.64
C ARG U 91 28.24 -82.04 110.18
N VAL U 92 28.91 -82.78 109.29
CA VAL U 92 30.10 -83.53 109.67
C VAL U 92 31.14 -82.58 110.24
N LEU U 93 31.39 -81.48 109.53
CA LEU U 93 32.37 -80.52 110.01
C LEU U 93 31.95 -79.90 111.33
N LYS U 94 30.64 -79.76 111.54
CA LYS U 94 30.13 -79.21 112.79
C LYS U 94 30.51 -80.19 113.90
N TYR U 95 30.01 -81.42 113.77
CA TYR U 95 30.31 -82.48 114.72
C TYR U 95 31.79 -82.61 115.00
N GLU U 96 32.63 -82.29 114.03
CA GLU U 96 34.07 -82.35 114.28
C GLU U 96 34.58 -81.13 115.04
N VAL U 97 34.27 -79.93 114.56
CA VAL U 97 34.89 -78.73 115.10
C VAL U 97 34.47 -78.52 116.56
N LEU U 98 33.20 -78.83 116.87
CA LEU U 98 32.77 -78.61 118.24
C LEU U 98 33.45 -79.57 119.21
N ARG U 99 34.06 -80.64 118.70
CA ARG U 99 34.78 -81.56 119.57
C ARG U 99 36.08 -80.95 120.10
N ILE U 100 36.92 -80.43 119.21
CA ILE U 100 38.17 -79.84 119.66
C ILE U 100 37.93 -78.64 120.55
N TYR U 101 36.97 -77.80 120.17
CA TYR U 101 36.62 -76.62 120.96
C TYR U 101 35.24 -76.86 121.54
N PRO U 102 35.12 -77.47 122.71
CA PRO U 102 33.80 -77.72 123.29
C PRO U 102 33.02 -76.44 123.53
N ILE U 103 31.71 -76.53 123.33
CA ILE U 103 30.85 -75.34 123.36
C ILE U 103 30.58 -74.83 124.76
N SER U 104 31.10 -75.48 125.80
CA SER U 104 31.00 -74.95 127.15
C SER U 104 31.76 -73.65 127.27
N ASN U 105 33.08 -73.73 127.16
CA ASN U 105 33.97 -72.60 127.39
C ASN U 105 34.64 -72.11 126.11
N TYR U 106 33.96 -72.21 124.98
CA TYR U 106 34.47 -71.66 123.74
C TYR U 106 33.40 -70.95 122.92
N SER U 107 32.14 -70.98 123.37
CA SER U 107 31.04 -70.57 122.51
C SER U 107 31.13 -69.10 122.09
N ASN U 108 31.72 -68.25 122.93
CA ASN U 108 31.75 -66.82 122.69
C ASN U 108 33.15 -66.30 122.41
N GLU U 109 34.05 -67.16 121.94
CA GLU U 109 35.45 -66.79 121.86
C GLU U 109 35.81 -66.18 120.51
N HIS U 110 36.64 -65.15 120.54
CA HIS U 110 37.04 -64.46 119.33
C HIS U 110 37.72 -65.41 118.36
N VAL U 111 37.07 -65.65 117.23
CA VAL U 111 37.49 -66.64 116.25
C VAL U 111 38.01 -65.92 115.02
N ASN U 112 39.18 -66.35 114.55
CA ASN U 112 39.73 -65.85 113.30
C ASN U 112 38.87 -66.33 112.15
N VAL U 113 38.63 -65.44 111.20
CA VAL U 113 37.82 -65.82 110.04
C VAL U 113 38.67 -66.46 108.95
N PHE U 114 39.93 -66.06 108.82
CA PHE U 114 40.77 -66.59 107.75
C PHE U 114 40.93 -68.09 107.90
N VAL U 115 41.29 -68.53 109.11
CA VAL U 115 41.47 -69.95 109.35
C VAL U 115 40.18 -70.70 109.08
N ALA U 116 39.04 -70.07 109.38
CA ALA U 116 37.75 -70.74 109.20
C ALA U 116 37.42 -70.93 107.73
N ASN U 117 37.56 -69.86 106.95
CA ASN U 117 37.28 -69.98 105.52
C ASN U 117 38.25 -70.97 104.87
N ALA U 118 39.53 -70.89 105.21
CA ALA U 118 40.49 -71.83 104.64
C ALA U 118 40.15 -73.26 105.02
N LEU U 119 39.74 -73.46 106.28
CA LEU U 119 39.41 -74.79 106.75
C LEU U 119 38.23 -75.36 105.98
N VAL U 120 37.19 -74.55 105.79
CA VAL U 120 36.04 -75.10 105.09
C VAL U 120 36.38 -75.33 103.63
N GLY U 121 37.24 -74.49 103.03
CA GLY U 121 37.69 -74.78 101.68
C GLY U 121 38.42 -76.10 101.58
N ALA U 122 39.34 -76.35 102.52
CA ALA U 122 40.08 -77.61 102.51
C ALA U 122 39.15 -78.80 102.69
N PHE U 123 38.17 -78.66 103.58
CA PHE U 123 37.25 -79.74 103.84
C PHE U 123 36.38 -80.04 102.64
N LEU U 124 35.92 -79.00 101.94
CA LEU U 124 35.16 -79.23 100.72
C LEU U 124 36.03 -79.71 99.59
N SER U 125 37.34 -79.51 99.67
CA SER U 125 38.27 -79.99 98.65
C SER U 125 38.98 -81.27 99.09
N ASN U 126 38.56 -81.87 100.19
CA ASN U 126 39.07 -83.17 100.64
C ASN U 126 40.59 -83.13 100.84
N GLN U 127 41.07 -82.06 101.45
CA GLN U 127 42.49 -81.84 101.69
C GLN U 127 42.82 -82.13 103.15
N ALA U 128 44.02 -81.73 103.59
CA ALA U 128 44.48 -81.97 104.95
C ALA U 128 43.99 -80.83 105.84
N PHE U 129 42.82 -80.99 106.43
CA PHE U 129 42.14 -79.89 107.11
C PHE U 129 42.16 -80.01 108.62
N TYR U 130 43.10 -80.77 109.18
CA TYR U 130 43.26 -80.84 110.63
C TYR U 130 44.43 -80.01 111.12
N ASP U 131 45.05 -79.22 110.25
CA ASP U 131 46.19 -78.42 110.68
C ASP U 131 45.78 -77.01 111.07
N LEU U 132 44.48 -76.74 111.17
CA LEU U 132 43.98 -75.40 111.40
C LEU U 132 43.19 -75.28 112.68
N LEU U 133 42.59 -76.37 113.14
CA LEU U 133 41.82 -76.34 114.38
C LEU U 133 42.61 -75.80 115.55
N PRO U 134 43.87 -76.16 115.77
CA PRO U 134 44.64 -75.50 116.84
C PRO U 134 44.84 -74.01 116.60
N LEU U 135 44.76 -73.54 115.35
CA LEU U 135 44.78 -72.12 115.04
C LEU U 135 43.40 -71.57 114.72
N LEU U 136 42.35 -72.11 115.35
CA LEU U 136 41.00 -71.76 114.97
C LEU U 136 40.55 -70.45 115.62
N ILE U 137 40.85 -70.28 116.92
CA ILE U 137 40.52 -69.03 117.59
C ILE U 137 41.62 -68.01 117.37
N ILE U 138 41.32 -66.77 117.76
CA ILE U 138 42.33 -65.71 117.82
C ILE U 138 43.05 -65.78 119.15
N ASN U 139 44.28 -65.24 119.17
CA ASN U 139 45.00 -65.02 120.42
C ASN U 139 45.36 -63.56 120.63
N ASP U 140 46.06 -62.95 119.68
CA ASP U 140 46.50 -61.58 119.85
C ASP U 140 46.16 -60.68 118.68
N THR U 141 46.28 -61.16 117.45
CA THR U 141 46.05 -60.35 116.28
C THR U 141 45.42 -61.19 115.18
N MET U 142 44.53 -60.57 114.42
CA MET U 142 43.92 -61.25 113.29
C MET U 142 44.89 -61.47 112.15
N ILE U 143 46.11 -60.95 112.25
CA ILE U 143 47.17 -61.18 111.28
C ILE U 143 48.42 -61.75 111.94
N GLY U 144 48.81 -61.21 113.10
CA GLY U 144 50.09 -61.55 113.68
C GLY U 144 50.30 -63.03 113.87
N ASP U 145 49.23 -63.76 114.19
CA ASP U 145 49.34 -65.19 114.40
C ASP U 145 49.73 -65.88 113.10
N LEU U 146 49.04 -65.55 112.01
CA LEU U 146 49.22 -66.20 110.72
C LEU U 146 50.56 -65.90 110.08
N LEU U 147 51.31 -64.93 110.62
CA LEU U 147 52.70 -64.83 110.20
C LEU U 147 53.54 -65.97 110.75
N GLY U 148 52.98 -66.81 111.61
CA GLY U 148 53.74 -67.84 112.28
C GLY U 148 54.00 -69.13 111.54
N THR U 149 52.98 -69.96 111.36
CA THR U 149 53.22 -71.37 111.07
C THR U 149 53.05 -71.69 109.59
N GLY U 150 53.95 -72.54 109.08
CA GLY U 150 53.94 -72.97 107.69
C GLY U 150 52.88 -74.00 107.41
N ALA U 151 51.63 -73.54 107.40
CA ALA U 151 50.46 -74.41 107.56
C ALA U 151 50.12 -75.11 106.26
N SER U 152 48.89 -75.62 106.19
CA SER U 152 48.35 -76.42 105.10
C SER U 152 48.46 -75.69 103.76
N LEU U 153 48.14 -76.37 102.66
CA LEU U 153 48.59 -76.00 101.33
C LEU U 153 48.64 -74.49 101.17
N SER U 154 49.85 -73.97 100.97
CA SER U 154 50.06 -72.53 100.96
C SER U 154 49.40 -71.88 99.77
N GLN U 155 48.94 -72.68 98.81
CA GLN U 155 48.09 -72.18 97.75
C GLN U 155 46.89 -71.44 98.32
N PHE U 156 46.62 -71.61 99.61
CA PHE U 156 45.71 -70.73 100.32
C PHE U 156 46.40 -69.43 100.72
N PHE U 157 47.40 -69.50 101.59
CA PHE U 157 47.99 -68.26 102.09
C PHE U 157 49.42 -68.52 102.54
N GLN U 158 50.29 -67.54 102.29
CA GLN U 158 51.69 -67.60 102.65
C GLN U 158 52.05 -66.37 103.46
N SER U 159 53.23 -66.39 104.06
CA SER U 159 53.77 -65.25 104.79
C SER U 159 55.04 -64.78 104.07
N HIS U 160 55.09 -63.48 103.79
CA HIS U 160 56.13 -62.87 102.96
C HIS U 160 56.80 -61.74 103.71
N GLY U 161 57.26 -62.03 104.92
CA GLY U 161 57.85 -61.00 105.76
C GLY U 161 56.88 -60.61 106.84
N ASP U 162 56.49 -59.34 106.86
CA ASP U 162 55.36 -58.89 107.65
C ASP U 162 54.07 -58.90 106.86
N VAL U 163 54.11 -59.44 105.65
CA VAL U 163 53.00 -59.38 104.71
C VAL U 163 52.41 -60.77 104.55
N LEU U 164 51.10 -60.87 104.58
CA LEU U 164 50.38 -62.13 104.47
C LEU U 164 49.74 -62.20 103.09
N GLU U 165 50.28 -63.05 102.22
CA GLU U 165 49.84 -63.15 100.84
C GLU U 165 48.78 -64.23 100.76
N VAL U 166 47.50 -63.84 100.72
CA VAL U 166 46.43 -64.82 100.79
C VAL U 166 45.80 -64.96 99.41
N ALA U 167 44.91 -65.94 99.29
CA ALA U 167 44.24 -66.22 98.03
C ALA U 167 42.81 -65.71 98.07
N ALA U 168 42.44 -64.94 97.06
CA ALA U 168 41.12 -64.32 97.01
C ALA U 168 40.05 -65.38 96.85
N GLY U 169 39.16 -65.47 97.82
CA GLY U 169 38.07 -66.43 97.74
C GLY U 169 37.10 -66.11 96.63
N ARG U 170 36.47 -67.17 96.12
CA ARG U 170 35.48 -67.05 95.07
C ARG U 170 34.21 -66.42 95.66
N LYS U 171 33.46 -65.72 94.82
CA LYS U 171 32.25 -65.05 95.27
C LYS U 171 30.97 -65.68 94.74
N TYR U 172 30.97 -66.11 93.49
CA TYR U 172 29.79 -66.66 92.86
C TYR U 172 30.05 -68.10 92.45
N LEU U 173 29.02 -68.93 92.52
CA LEU U 173 29.19 -70.32 92.11
C LEU U 173 28.24 -70.58 90.94
N GLN U 174 28.80 -70.83 89.77
CA GLN U 174 28.02 -71.01 88.56
C GLN U 174 27.26 -72.34 88.62
N MET U 175 26.25 -72.48 87.78
CA MET U 175 25.37 -73.64 87.78
C MET U 175 25.09 -74.13 86.36
N GLU U 176 24.66 -75.39 86.28
CA GLU U 176 24.40 -76.02 85.00
C GLU U 176 23.41 -75.23 84.16
N ASN U 177 22.41 -74.61 84.78
CA ASN U 177 21.41 -73.89 84.00
C ASN U 177 21.97 -72.65 83.33
N TYR U 178 23.20 -72.24 83.67
CA TYR U 178 23.73 -71.01 83.13
C TYR U 178 23.79 -71.10 81.61
N SER U 179 23.27 -70.08 80.94
CA SER U 179 23.11 -70.15 79.49
C SER U 179 23.51 -68.85 78.79
N ASN U 180 24.16 -67.93 79.50
CA ASN U 180 24.67 -66.68 78.94
C ASN U 180 23.57 -65.79 78.39
N ASP U 181 22.32 -66.09 78.73
CA ASP U 181 21.22 -65.24 78.31
C ASP U 181 21.37 -63.85 78.93
N ASP U 182 20.69 -62.88 78.33
CA ASP U 182 20.69 -61.54 78.90
C ASP U 182 20.25 -61.57 80.35
N ASP U 183 19.08 -62.15 80.61
CA ASP U 183 18.51 -62.13 81.94
C ASP U 183 19.18 -63.12 82.89
N ASP U 184 20.20 -63.82 82.41
CA ASP U 184 21.13 -64.42 83.33
C ASP U 184 21.86 -63.32 84.09
N PRO U 185 22.27 -63.56 85.33
CA PRO U 185 23.01 -62.55 86.06
C PRO U 185 24.49 -62.64 85.75
N PRO U 186 25.16 -61.52 85.66
CA PRO U 186 26.60 -61.54 85.35
C PRO U 186 27.46 -61.75 86.58
N LEU U 187 28.35 -62.73 86.53
CA LEU U 187 29.15 -63.12 87.67
C LEU U 187 30.44 -62.33 87.78
N PHE U 188 30.76 -61.50 86.80
CA PHE U 188 31.85 -60.53 86.88
C PHE U 188 33.19 -61.20 87.14
N ALA U 189 33.40 -62.37 86.55
CA ALA U 189 34.64 -63.14 86.64
C ALA U 189 34.99 -63.49 88.07
N LYS U 190 33.99 -63.59 88.94
CA LYS U 190 34.19 -64.02 90.32
C LYS U 190 33.72 -65.45 90.54
N ASP U 191 33.99 -66.34 89.58
CA ASP U 191 33.71 -67.76 89.77
C ASP U 191 34.86 -68.64 89.32
N LEU U 192 35.68 -68.18 88.38
CA LEU U 192 36.75 -68.98 87.82
C LEU U 192 37.84 -69.13 88.86
N SER U 193 38.67 -70.16 88.68
CA SER U 193 39.53 -70.71 89.73
C SER U 193 40.18 -69.64 90.59
N ASP U 194 41.05 -68.82 90.01
CA ASP U 194 41.60 -67.68 90.71
C ASP U 194 41.40 -66.44 89.86
N TYR U 195 41.01 -65.35 90.51
CA TYR U 195 40.69 -64.12 89.80
C TYR U 195 41.35 -62.90 90.42
N ALA U 196 41.73 -62.97 91.69
CA ALA U 196 42.42 -61.89 92.36
C ALA U 196 43.30 -62.48 93.45
N LYS U 197 44.01 -61.59 94.13
CA LYS U 197 44.90 -61.93 95.22
C LYS U 197 44.81 -60.81 96.25
N ALA U 198 44.68 -61.18 97.51
CA ALA U 198 44.67 -60.20 98.59
C ALA U 198 45.98 -60.23 99.33
N PHE U 199 46.47 -59.05 99.69
CA PHE U 199 47.74 -58.90 100.40
C PHE U 199 47.45 -58.15 101.69
N TYR U 200 47.60 -58.84 102.81
CA TYR U 200 47.14 -58.32 104.09
C TYR U 200 48.32 -57.94 104.96
N SER U 201 48.18 -56.84 105.68
CA SER U 201 49.11 -56.46 106.73
C SER U 201 48.39 -55.49 107.65
N ASP U 202 49.15 -54.76 108.45
CA ASP U 202 48.59 -53.89 109.45
C ASP U 202 48.66 -52.41 109.10
N THR U 203 49.69 -51.97 108.39
CA THR U 203 49.75 -50.58 107.93
C THR U 203 50.03 -50.57 106.43
N TYR U 204 49.66 -49.47 105.78
CA TYR U 204 49.83 -49.39 104.33
C TYR U 204 51.25 -49.03 103.91
N GLU U 205 52.08 -48.55 104.84
CA GLU U 205 53.46 -48.26 104.50
C GLU U 205 54.20 -49.53 104.08
N VAL U 206 54.06 -50.60 104.86
CA VAL U 206 54.71 -51.85 104.49
C VAL U 206 54.15 -52.34 103.17
N LEU U 207 52.91 -51.98 102.85
CA LEU U 207 52.33 -52.35 101.56
C LEU U 207 53.07 -51.64 100.43
N ASP U 208 53.32 -50.34 100.56
CA ASP U 208 54.12 -49.67 99.55
C ASP U 208 55.51 -50.30 99.44
N ARG U 209 56.10 -50.64 100.58
CA ARG U 209 57.43 -51.24 100.54
C ARG U 209 57.41 -52.56 99.79
N PHE U 210 56.41 -53.40 100.07
CA PHE U 210 56.36 -54.71 99.45
C PHE U 210 56.06 -54.58 97.97
N PHE U 211 55.33 -53.54 97.58
CA PHE U 211 54.99 -53.38 96.18
C PHE U 211 56.02 -52.57 95.41
N TRP U 212 57.01 -52.00 96.08
CA TRP U 212 58.19 -51.56 95.35
C TRP U 212 58.92 -52.71 94.68
N THR U 213 58.76 -53.94 95.19
CA THR U 213 59.25 -55.13 94.49
C THR U 213 58.15 -56.19 94.39
N HIS U 214 57.28 -56.02 93.39
CA HIS U 214 56.45 -57.08 92.83
C HIS U 214 55.65 -56.49 91.67
N ASP U 215 55.51 -57.25 90.60
CA ASP U 215 54.94 -56.71 89.37
C ASP U 215 53.58 -56.09 89.62
N SER U 216 53.37 -54.90 89.06
CA SER U 216 52.10 -54.20 89.18
C SER U 216 51.41 -54.06 87.82
N SER U 217 51.74 -54.94 86.89
CA SER U 217 51.12 -54.88 85.56
C SER U 217 49.67 -55.33 85.58
N ALA U 218 49.05 -55.44 86.76
CA ALA U 218 47.64 -55.77 86.80
C ALA U 218 46.82 -54.66 87.44
N GLY U 219 47.46 -53.71 88.07
CA GLY U 219 46.72 -52.79 88.91
C GLY U 219 46.59 -53.32 90.33
N VAL U 220 46.57 -52.39 91.28
CA VAL U 220 46.48 -52.73 92.69
C VAL U 220 45.38 -51.90 93.33
N LEU U 221 44.35 -52.60 93.83
CA LEU U 221 43.18 -51.97 94.44
C LEU U 221 43.30 -51.80 95.95
N VAL U 222 42.51 -50.88 96.50
CA VAL U 222 42.55 -50.55 97.92
C VAL U 222 41.15 -50.27 98.44
N HIS U 223 40.85 -50.82 99.62
CA HIS U 223 39.58 -50.58 100.33
C HIS U 223 39.87 -49.55 101.42
N TYR U 224 40.04 -48.29 101.01
CA TYR U 224 40.43 -47.28 102.00
C TYR U 224 39.41 -47.15 103.10
N ASP U 225 38.12 -47.19 102.76
CA ASP U 225 37.04 -46.92 103.71
C ASP U 225 37.06 -47.93 104.85
N LYS U 226 36.78 -49.19 104.53
CA LYS U 226 36.60 -50.22 105.56
C LYS U 226 36.95 -51.56 104.95
N PRO U 227 38.13 -52.09 105.23
CA PRO U 227 38.51 -53.40 104.71
C PRO U 227 37.61 -54.50 105.26
N THR U 228 37.44 -55.54 104.45
CA THR U 228 36.58 -56.66 104.83
C THR U 228 37.13 -57.43 106.02
N ASN U 229 38.45 -57.48 106.18
CA ASN U 229 39.06 -58.03 107.38
C ASN U 229 40.32 -57.30 107.84
N GLY U 230 40.73 -56.23 107.19
CA GLY U 230 41.93 -55.53 107.61
C GLY U 230 42.70 -54.88 106.50
N HIS U 231 43.54 -53.91 106.86
CA HIS U 231 44.29 -53.10 105.90
C HIS U 231 44.95 -53.99 104.86
N HIS U 232 44.56 -53.83 103.60
CA HIS U 232 45.00 -54.78 102.60
C HIS U 232 44.96 -54.18 101.20
N TYR U 233 45.83 -54.67 100.34
CA TYR U 233 45.81 -54.36 98.93
C TYR U 233 45.25 -55.54 98.15
N LEU U 234 44.92 -55.29 96.88
CA LEU U 234 44.27 -56.26 96.01
C LEU U 234 45.00 -56.30 94.68
N LEU U 235 44.87 -57.43 93.96
CA LEU U 235 45.44 -57.51 92.61
C LEU U 235 44.79 -58.63 91.82
N GLY U 236 44.11 -58.28 90.72
CA GLY U 236 43.47 -59.27 89.88
C GLY U 236 44.37 -59.82 88.79
N THR U 237 44.00 -60.98 88.27
CA THR U 237 44.82 -61.76 87.34
C THR U 237 44.48 -61.45 85.89
N LEU U 238 44.91 -62.33 84.99
CA LEU U 238 44.66 -62.24 83.56
C LEU U 238 43.29 -62.79 83.14
N THR U 239 42.52 -63.35 84.06
CA THR U 239 41.18 -63.81 83.71
C THR U 239 40.41 -62.71 83.00
N GLN U 240 39.56 -63.10 82.05
CA GLN U 240 38.79 -62.14 81.30
C GLN U 240 37.31 -62.48 81.34
N MET U 241 36.49 -61.46 81.16
CA MET U 241 35.05 -61.64 81.06
C MET U 241 34.66 -61.86 79.61
N VAL U 242 33.66 -62.71 79.40
CA VAL U 242 33.22 -63.04 78.06
C VAL U 242 31.70 -63.02 78.01
N SER U 243 31.06 -63.04 79.17
CA SER U 243 29.61 -63.05 79.24
C SER U 243 29.01 -61.68 78.99
N ALA U 244 29.79 -60.74 78.48
CA ALA U 244 29.26 -59.43 78.10
C ALA U 244 29.64 -59.17 76.65
N PRO U 245 28.91 -59.77 75.72
CA PRO U 245 29.19 -59.54 74.31
C PRO U 245 28.65 -58.19 73.89
N PRO U 246 29.33 -57.49 72.98
CA PRO U 246 30.49 -57.93 72.21
C PRO U 246 31.86 -57.72 72.85
N TYR U 247 31.94 -57.24 74.08
CA TYR U 247 33.21 -56.81 74.64
C TYR U 247 33.99 -57.96 75.27
N ILE U 248 35.17 -57.62 75.81
CA ILE U 248 35.99 -58.54 76.58
C ILE U 248 36.56 -57.77 77.75
N ILE U 249 36.00 -58.02 78.93
CA ILE U 249 36.41 -57.32 80.14
C ILE U 249 37.54 -58.01 80.88
N ASN U 250 38.47 -57.19 81.34
CA ASN U 250 39.62 -57.65 82.10
C ASN U 250 39.23 -57.93 83.54
N ALA U 251 40.07 -58.71 84.22
CA ALA U 251 39.75 -59.17 85.57
C ALA U 251 39.65 -58.01 86.55
N THR U 252 40.65 -57.15 86.57
CA THR U 252 40.60 -55.98 87.45
C THR U 252 39.40 -55.11 87.13
N ASP U 253 39.16 -54.89 85.84
CA ASP U 253 37.99 -54.15 85.40
C ASP U 253 36.71 -54.75 85.95
N ALA U 254 36.68 -56.07 86.14
CA ALA U 254 35.45 -56.69 86.65
C ALA U 254 35.14 -56.22 88.06
N MET U 255 36.14 -56.24 88.95
CA MET U 255 35.90 -55.74 90.30
C MET U 255 35.58 -54.25 90.28
N LEU U 256 36.28 -53.48 89.45
CA LEU U 256 35.97 -52.05 89.39
C LEU U 256 34.53 -51.83 88.95
N LEU U 257 34.08 -52.63 87.99
CA LEU U 257 32.72 -52.52 87.48
C LEU U 257 31.70 -52.84 88.57
N GLU U 258 31.95 -53.92 89.32
CA GLU U 258 31.12 -54.17 90.49
C GLU U 258 31.08 -52.93 91.38
N SER U 259 32.23 -52.57 91.92
CA SER U 259 32.29 -51.52 92.93
C SER U 259 31.61 -50.25 92.45
N CYS U 260 31.67 -49.97 91.14
CA CYS U 260 30.96 -48.83 90.61
C CYS U 260 29.47 -48.98 90.80
N LEU U 261 28.92 -50.12 90.42
CA LEU U 261 27.48 -50.28 90.34
C LEU U 261 26.83 -50.52 91.70
N GLU U 262 27.51 -51.22 92.63
CA GLU U 262 26.92 -51.23 93.96
C GLU U 262 26.90 -49.83 94.57
N GLN U 263 27.91 -49.02 94.29
CA GLN U 263 27.89 -47.67 94.86
C GLN U 263 26.80 -46.81 94.22
N PHE U 264 26.68 -46.85 92.89
CA PHE U 264 25.57 -46.16 92.25
C PHE U 264 24.23 -46.61 92.83
N SER U 265 24.04 -47.92 92.98
CA SER U 265 22.79 -48.40 93.57
C SER U 265 22.62 -47.91 95.00
N ALA U 266 23.71 -47.90 95.76
CA ALA U 266 23.62 -47.55 97.18
C ALA U 266 23.23 -46.10 97.37
N ASN U 267 23.76 -45.22 96.51
CA ASN U 267 23.49 -43.80 96.71
C ASN U 267 22.00 -43.49 96.68
N VAL U 268 21.27 -44.11 95.75
CA VAL U 268 19.86 -43.79 95.59
C VAL U 268 19.09 -44.08 96.87
N ARG U 269 19.32 -45.24 97.47
CA ARG U 269 18.51 -45.69 98.60
C ARG U 269 18.78 -44.91 99.88
N ALA U 270 19.65 -43.90 99.84
CA ALA U 270 20.08 -43.22 101.05
C ALA U 270 18.92 -42.55 101.78
N ARG U 271 19.00 -42.56 103.11
CA ARG U 271 18.11 -41.88 104.03
C ARG U 271 18.97 -41.37 105.19
N PRO U 272 18.72 -40.15 105.68
CA PRO U 272 19.65 -39.57 106.66
C PRO U 272 19.74 -40.35 107.95
N ALA U 273 18.81 -41.26 108.22
CA ALA U 273 18.88 -42.10 109.40
C ALA U 273 19.25 -43.55 109.10
N GLN U 274 19.17 -43.98 107.84
CA GLN U 274 19.41 -45.38 107.51
C GLN U 274 20.90 -45.70 107.62
N PRO U 275 21.30 -46.63 108.47
CA PRO U 275 22.71 -47.02 108.53
C PRO U 275 23.10 -47.88 107.34
N VAL U 276 24.41 -48.09 107.20
CA VAL U 276 24.95 -48.85 106.09
C VAL U 276 26.30 -49.43 106.47
N THR U 277 26.64 -50.57 105.87
CA THR U 277 27.88 -51.26 106.21
C THR U 277 29.10 -50.41 105.90
N ARG U 278 29.21 -49.92 104.67
CA ARG U 278 30.39 -49.20 104.23
C ARG U 278 29.98 -47.87 103.64
N LEU U 279 30.64 -46.80 104.08
CA LEU U 279 30.34 -45.48 103.53
C LEU U 279 30.70 -45.42 102.05
N ASP U 280 31.82 -46.02 101.67
CA ASP U 280 32.22 -46.10 100.29
C ASP U 280 32.41 -47.56 99.91
N GLN U 281 32.14 -47.86 98.65
CA GLN U 281 32.32 -49.19 98.09
C GLN U 281 33.25 -49.20 96.89
N CYS U 282 33.30 -48.11 96.13
CA CYS U 282 34.12 -48.08 94.92
C CYS U 282 35.58 -48.24 95.27
N TYR U 283 36.26 -49.12 94.56
CA TYR U 283 37.67 -49.33 94.81
C TYR U 283 38.46 -48.16 94.26
N HIS U 284 39.75 -48.14 94.54
CA HIS U 284 40.61 -47.11 93.96
C HIS U 284 41.97 -47.70 93.65
N LEU U 285 42.35 -47.65 92.38
CA LEU U 285 43.65 -48.15 91.97
C LEU U 285 44.74 -47.39 92.70
N ARG U 286 45.78 -48.11 93.11
CA ARG U 286 46.88 -47.52 93.85
C ARG U 286 48.22 -47.74 93.16
N TRP U 287 48.35 -48.83 92.41
CA TRP U 287 49.61 -49.09 91.74
C TRP U 287 49.32 -49.76 90.42
N GLY U 288 50.17 -49.47 89.42
CA GLY U 288 50.02 -50.02 88.09
C GLY U 288 49.33 -49.13 87.09
N ALA U 289 49.07 -47.87 87.44
CA ALA U 289 48.41 -46.96 86.51
C ALA U 289 49.23 -46.71 85.26
N GLN U 290 50.52 -47.05 85.27
CA GLN U 290 51.36 -46.91 84.09
C GLN U 290 50.96 -47.84 82.95
N TYR U 291 49.96 -48.70 83.14
CA TYR U 291 49.42 -49.49 82.05
C TYR U 291 48.00 -49.08 81.69
N VAL U 292 47.56 -47.92 82.16
CA VAL U 292 46.20 -47.45 81.94
C VAL U 292 46.25 -46.26 80.99
N GLY U 293 45.69 -46.43 79.80
CA GLY U 293 45.73 -45.39 78.80
C GLY U 293 44.57 -44.42 78.93
N GLU U 294 44.80 -43.20 78.44
CA GLU U 294 43.79 -42.16 78.55
C GLU U 294 42.53 -42.49 77.77
N ASP U 295 42.52 -43.60 77.04
CA ASP U 295 41.36 -44.03 76.27
C ASP U 295 41.04 -45.49 76.49
N SER U 296 41.74 -46.18 77.38
CA SER U 296 41.34 -47.53 77.70
C SER U 296 40.02 -47.52 78.46
N LEU U 297 39.40 -48.69 78.55
CA LEU U 297 38.20 -48.81 79.36
C LEU U 297 38.52 -48.55 80.83
N THR U 298 39.66 -49.06 81.29
CA THR U 298 39.99 -49.02 82.70
C THR U 298 40.05 -47.59 83.20
N TYR U 299 40.60 -46.69 82.40
CA TYR U 299 40.68 -45.29 82.79
C TYR U 299 39.30 -44.72 83.05
N ARG U 300 38.36 -44.99 82.14
CA ARG U 300 37.01 -44.50 82.30
C ARG U 300 36.37 -45.07 83.56
N LEU U 301 36.62 -46.35 83.85
CA LEU U 301 36.11 -46.91 85.10
C LEU U 301 36.72 -46.23 86.32
N GLY U 302 38.01 -45.91 86.25
CA GLY U 302 38.60 -45.13 87.33
C GLY U 302 37.90 -43.80 87.52
N VAL U 303 37.52 -43.16 86.42
CA VAL U 303 36.75 -41.92 86.51
C VAL U 303 35.42 -42.19 87.19
N LEU U 304 34.74 -43.24 86.76
CA LEU U 304 33.40 -43.54 87.26
C LEU U 304 33.43 -43.83 88.76
N SER U 305 34.44 -44.55 89.21
CA SER U 305 34.52 -44.83 90.64
C SER U 305 34.67 -43.55 91.44
N LEU U 306 35.41 -42.58 90.91
CA LEU U 306 35.50 -41.30 91.58
C LEU U 306 34.12 -40.64 91.65
N LEU U 307 33.45 -40.52 90.51
CA LEU U 307 32.16 -39.82 90.50
C LEU U 307 31.13 -40.53 91.36
N ALA U 308 31.12 -41.86 91.34
CA ALA U 308 30.21 -42.61 92.20
C ALA U 308 30.51 -42.34 93.65
N THR U 309 31.79 -42.32 94.01
CA THR U 309 32.16 -42.00 95.38
C THR U 309 31.68 -40.61 95.76
N ASN U 310 31.67 -39.70 94.80
CA ASN U 310 31.30 -38.33 95.08
C ASN U 310 29.80 -38.10 95.08
N GLY U 311 29.02 -39.14 95.32
CA GLY U 311 27.59 -39.00 95.49
C GLY U 311 26.79 -38.92 94.21
N TYR U 312 27.44 -38.98 93.06
CA TYR U 312 26.71 -38.90 91.81
C TYR U 312 25.73 -40.06 91.70
N GLN U 313 24.60 -39.80 91.06
CA GLN U 313 23.57 -40.79 90.85
C GLN U 313 23.23 -40.87 89.37
N LEU U 314 22.68 -42.00 88.96
CA LEU U 314 22.46 -42.29 87.55
C LEU U 314 21.02 -42.01 87.18
N ALA U 315 20.82 -41.12 86.19
CA ALA U 315 19.49 -40.89 85.67
C ALA U 315 18.90 -42.15 85.06
N ARG U 316 19.74 -43.05 84.60
CA ARG U 316 19.27 -44.35 84.17
C ARG U 316 18.76 -45.15 85.36
N PRO U 317 17.76 -46.00 85.17
CA PRO U 317 17.38 -46.93 86.23
C PRO U 317 18.44 -48.01 86.41
N ILE U 318 18.34 -48.70 87.53
CA ILE U 318 19.28 -49.78 87.87
C ILE U 318 18.45 -50.99 88.28
N PRO U 319 18.48 -52.07 87.51
CA PRO U 319 17.69 -53.25 87.86
C PRO U 319 18.14 -53.80 89.20
N ARG U 320 17.17 -54.30 89.97
CA ARG U 320 17.51 -54.80 91.30
C ARG U 320 18.37 -56.05 91.21
N GLN U 321 18.12 -56.90 90.22
CA GLN U 321 18.99 -58.02 89.92
C GLN U 321 19.62 -57.79 88.55
N LEU U 322 20.92 -57.55 88.55
CA LEU U 322 21.61 -57.19 87.31
C LEU U 322 21.58 -58.34 86.31
N THR U 323 21.38 -57.99 85.04
CA THR U 323 21.39 -58.95 83.96
C THR U 323 22.37 -58.49 82.89
N ASN U 324 22.80 -59.46 82.08
CA ASN U 324 23.79 -59.26 81.04
C ASN U 324 23.55 -58.13 80.06
N ARG U 325 22.31 -57.98 79.59
CA ARG U 325 22.03 -56.94 78.61
C ARG U 325 22.20 -55.55 79.23
N TRP U 326 21.79 -55.40 80.49
CA TRP U 326 21.99 -54.11 81.15
C TRP U 326 23.47 -53.77 81.25
N LEU U 327 24.30 -54.74 81.63
CA LEU U 327 25.72 -54.46 81.76
C LEU U 327 26.30 -54.04 80.42
N SER U 328 26.03 -54.83 79.37
CA SER U 328 26.59 -54.51 78.07
C SER U 328 26.13 -53.15 77.58
N SER U 329 24.85 -52.83 77.80
CA SER U 329 24.35 -51.51 77.46
C SER U 329 25.13 -50.43 78.20
N PHE U 330 25.30 -50.61 79.50
CA PHE U 330 25.97 -49.59 80.30
C PHE U 330 27.44 -49.45 79.93
N VAL U 331 28.04 -50.51 79.40
CA VAL U 331 29.44 -50.43 79.01
C VAL U 331 29.58 -49.75 77.67
N SER U 332 28.74 -50.13 76.70
CA SER U 332 28.69 -49.40 75.45
C SER U 332 28.38 -47.94 75.68
N GLN U 333 27.65 -47.66 76.75
CA GLN U 333 27.27 -46.30 77.10
C GLN U 333 28.53 -45.49 77.44
N ILE U 334 29.53 -46.15 77.99
CA ILE U 334 30.77 -45.46 78.33
C ILE U 334 31.63 -45.27 77.10
N MET U 335 31.77 -46.31 76.28
CA MET U 335 32.73 -46.30 75.19
C MET U 335 32.29 -45.45 74.01
N SER U 336 31.36 -44.53 74.22
CA SER U 336 30.88 -43.67 73.16
C SER U 336 31.71 -42.39 73.09
N ASP U 337 31.41 -41.59 72.08
CA ASP U 337 32.06 -40.30 71.96
C ASP U 337 31.58 -39.36 73.05
N GLY U 338 32.41 -38.39 73.38
CA GLY U 338 32.11 -37.44 74.42
C GLY U 338 33.38 -36.99 75.09
N VAL U 339 33.23 -36.53 76.33
CA VAL U 339 34.34 -36.05 77.13
C VAL U 339 33.99 -36.31 78.59
N ASN U 340 35.01 -36.45 79.41
CA ASN U 340 34.81 -36.46 80.87
C ASN U 340 34.50 -35.03 81.25
N GLU U 341 33.22 -34.66 81.14
CA GLU U 341 32.85 -33.26 81.29
C GLU U 341 33.17 -32.74 82.68
N THR U 342 32.89 -33.54 83.71
CA THR U 342 32.98 -33.06 85.08
C THR U 342 34.43 -32.80 85.47
N PRO U 343 34.67 -31.89 86.41
CA PRO U 343 36.06 -31.53 86.73
C PRO U 343 36.77 -32.52 87.64
N LEU U 344 36.23 -33.72 87.79
CA LEU U 344 36.89 -34.75 88.58
C LEU U 344 37.86 -35.54 87.72
N TRP U 345 39.14 -35.55 88.12
CA TRP U 345 40.17 -36.22 87.35
C TRP U 345 41.04 -37.05 88.27
N PRO U 346 41.30 -38.30 87.92
CA PRO U 346 42.04 -39.17 88.84
C PRO U 346 43.49 -38.79 88.97
N GLN U 347 44.10 -39.31 90.03
CA GLN U 347 45.52 -39.13 90.31
C GLN U 347 45.96 -40.32 91.13
N GLU U 348 47.25 -40.63 91.06
CA GLU U 348 47.72 -41.84 91.72
C GLU U 348 47.77 -41.68 93.23
N ARG U 349 47.57 -40.46 93.73
CA ARG U 349 47.93 -40.16 95.11
C ARG U 349 46.85 -40.62 96.08
N TYR U 350 45.61 -40.20 95.87
CA TYR U 350 44.56 -40.45 96.86
C TYR U 350 43.20 -40.24 96.20
N VAL U 351 42.16 -40.26 97.01
CA VAL U 351 40.79 -39.98 96.58
C VAL U 351 40.41 -38.61 97.08
N GLN U 352 40.12 -37.71 96.15
CA GLN U 352 39.76 -36.34 96.42
C GLN U 352 38.24 -36.19 96.49
N ILE U 353 37.79 -35.16 97.20
CA ILE U 353 36.38 -34.95 97.48
C ILE U 353 36.02 -33.51 97.15
N ALA U 354 34.89 -33.32 96.48
CA ALA U 354 34.39 -31.98 96.25
C ALA U 354 34.06 -31.32 97.58
N TYR U 355 34.30 -30.02 97.66
CA TYR U 355 34.02 -29.28 98.89
C TYR U 355 32.59 -29.49 99.34
N ASP U 356 31.67 -29.59 98.39
CA ASP U 356 30.25 -29.79 98.64
C ASP U 356 29.82 -31.24 98.49
N SER U 357 30.70 -32.18 98.80
CA SER U 357 30.15 -33.48 98.50
C SER U 357 29.36 -34.02 99.69
N PRO U 358 28.28 -34.76 99.42
CA PRO U 358 27.50 -35.32 100.53
C PRO U 358 28.29 -36.26 101.42
N SER U 359 29.26 -36.98 100.86
CA SER U 359 29.96 -38.02 101.60
C SER U 359 30.78 -37.42 102.73
N VAL U 360 30.96 -38.22 103.78
CA VAL U 360 31.62 -37.77 104.99
C VAL U 360 32.75 -38.72 105.36
N VAL U 361 33.40 -39.32 104.36
CA VAL U 361 34.45 -40.26 104.70
C VAL U 361 35.66 -39.54 105.27
N ASP U 362 35.87 -38.28 104.90
CA ASP U 362 36.97 -37.53 105.46
C ASP U 362 36.90 -37.52 106.98
N GLY U 363 35.71 -37.24 107.53
CA GLY U 363 35.54 -37.36 108.96
C GLY U 363 35.65 -38.78 109.45
N ALA U 364 35.17 -39.74 108.65
CA ALA U 364 35.11 -41.14 109.07
C ALA U 364 36.48 -41.80 109.19
N THR U 365 37.23 -41.89 108.10
CA THR U 365 38.56 -42.50 108.10
C THR U 365 39.61 -41.45 108.44
N GLN U 366 40.86 -41.85 108.28
CA GLN U 366 42.01 -41.02 108.63
C GLN U 366 42.97 -40.82 107.47
N TYR U 367 43.24 -41.87 106.70
CA TYR U 367 44.30 -41.88 105.70
C TYR U 367 43.71 -42.29 104.37
N GLY U 368 43.94 -41.47 103.34
CA GLY U 368 43.58 -41.85 102.00
C GLY U 368 42.74 -40.84 101.24
N TYR U 369 41.91 -40.10 101.95
CA TYR U 369 40.99 -39.15 101.33
C TYR U 369 41.43 -37.73 101.62
N VAL U 370 41.42 -36.88 100.60
CA VAL U 370 41.83 -35.48 100.76
C VAL U 370 40.82 -34.59 100.07
N ARG U 371 39.94 -33.98 100.85
CA ARG U 371 38.89 -33.12 100.32
C ARG U 371 39.48 -31.80 99.81
N LYS U 372 38.90 -31.27 98.75
CA LYS U 372 39.39 -30.06 98.12
C LYS U 372 38.52 -28.86 98.48
N ASN U 373 39.13 -27.69 98.51
CA ASN U 373 38.39 -26.46 98.72
C ASN U 373 38.20 -25.66 97.43
N GLN U 374 38.77 -26.11 96.33
CA GLN U 374 38.67 -25.40 95.05
C GLN U 374 38.06 -26.29 93.97
N LEU U 375 37.23 -27.25 94.38
CA LEU U 375 36.60 -28.21 93.48
C LEU U 375 35.15 -28.30 93.93
N ARG U 376 34.28 -27.55 93.28
CA ARG U 376 32.89 -27.39 93.74
C ARG U 376 31.92 -27.82 92.65
N LEU U 377 31.00 -28.70 93.01
CA LEU U 377 29.99 -29.23 92.10
C LEU U 377 28.67 -28.58 92.51
N GLY U 378 28.37 -27.42 91.93
CA GLY U 378 27.28 -26.62 92.42
C GLY U 378 25.93 -27.24 92.13
N MET U 379 25.64 -28.34 92.81
CA MET U 379 24.54 -29.22 92.45
C MET U 379 23.62 -29.40 93.65
N ARG U 380 22.31 -29.36 93.41
CA ARG U 380 21.33 -29.47 94.48
C ARG U 380 21.33 -30.90 95.00
N ILE U 381 21.29 -31.07 96.31
CA ILE U 381 21.57 -32.34 96.97
C ILE U 381 20.27 -33.01 97.38
N SER U 382 20.10 -34.26 96.94
CA SER U 382 18.95 -35.09 97.24
C SER U 382 19.21 -36.43 96.56
N ALA U 383 18.29 -37.37 96.75
CA ALA U 383 18.35 -38.64 96.07
C ALA U 383 17.55 -38.55 94.77
N LEU U 384 17.31 -39.69 94.14
CA LEU U 384 16.49 -39.78 92.95
C LEU U 384 15.14 -40.39 93.28
N GLN U 385 14.14 -40.00 92.51
CA GLN U 385 12.77 -40.42 92.76
C GLN U 385 12.53 -41.78 92.12
N SER U 386 12.43 -42.81 92.94
CA SER U 386 12.27 -44.17 92.43
C SER U 386 10.95 -44.31 91.67
N LEU U 387 11.02 -44.39 90.35
CA LEU U 387 9.84 -44.55 89.52
C LEU U 387 9.81 -45.94 88.91
N SER U 388 8.61 -46.46 88.70
CA SER U 388 8.47 -47.65 87.88
C SER U 388 8.42 -47.24 86.41
N ASP U 389 8.15 -48.22 85.54
CA ASP U 389 8.10 -47.99 84.10
C ASP U 389 6.75 -47.39 83.70
N THR U 390 6.66 -47.00 82.43
CA THR U 390 5.40 -46.53 81.85
C THR U 390 5.18 -47.23 80.52
N PRO U 391 4.07 -47.91 80.32
CA PRO U 391 3.89 -48.69 79.10
C PRO U 391 3.62 -47.87 77.84
N SER U 392 2.72 -46.90 77.91
CA SER U 392 2.39 -46.15 76.70
C SER U 392 3.04 -44.76 76.75
N PRO U 393 3.39 -44.20 75.60
CA PRO U 393 4.19 -42.96 75.59
C PRO U 393 3.45 -41.81 76.24
N VAL U 394 4.19 -40.75 76.52
CA VAL U 394 3.71 -39.71 77.42
C VAL U 394 3.56 -38.39 76.66
N GLN U 395 2.42 -37.74 76.84
CA GLN U 395 2.20 -36.41 76.27
C GLN U 395 3.17 -35.42 76.91
N TRP U 396 3.65 -34.48 76.11
CA TRP U 396 4.62 -33.51 76.61
C TRP U 396 4.30 -32.15 76.04
N LEU U 397 4.69 -31.11 76.78
CA LEU U 397 4.59 -29.75 76.29
C LEU U 397 5.95 -29.08 76.37
N PRO U 398 6.61 -28.81 75.25
CA PRO U 398 7.81 -27.98 75.30
C PRO U 398 7.47 -26.56 75.71
N GLN U 399 8.34 -25.97 76.52
CA GLN U 399 8.31 -24.55 76.84
C GLN U 399 9.42 -23.83 76.08
N TYR U 400 9.11 -22.62 75.64
CA TYR U 400 10.00 -21.85 74.79
C TYR U 400 10.85 -20.89 75.61
N THR U 401 12.02 -20.60 75.09
CA THR U 401 12.91 -19.57 75.60
C THR U 401 13.19 -18.57 74.50
N ILE U 402 13.92 -17.51 74.83
CA ILE U 402 14.14 -16.45 73.85
C ILE U 402 15.28 -16.76 72.89
N ASP U 403 16.04 -17.82 73.12
CA ASP U 403 17.17 -18.12 72.25
C ASP U 403 16.68 -18.44 70.84
N GLN U 404 17.47 -18.04 69.86
CA GLN U 404 17.11 -18.21 68.46
C GLN U 404 18.16 -19.07 67.77
N ALA U 405 17.86 -19.43 66.52
CA ALA U 405 18.74 -20.29 65.73
C ALA U 405 18.44 -20.05 64.27
N ALA U 406 19.08 -20.84 63.41
CA ALA U 406 18.86 -20.71 61.98
C ALA U 406 17.80 -21.69 61.52
N MET U 407 16.83 -21.18 60.76
CA MET U 407 15.77 -22.04 60.26
C MET U 407 16.36 -23.18 59.43
N ASP U 408 17.34 -22.86 58.58
CA ASP U 408 17.95 -23.89 57.76
C ASP U 408 18.73 -24.90 58.59
N GLU U 409 19.18 -24.51 59.78
CA GLU U 409 19.88 -25.47 60.63
C GLU U 409 18.90 -26.50 61.19
N GLY U 410 17.70 -26.07 61.53
CA GLY U 410 16.69 -26.95 62.08
C GLY U 410 16.44 -28.16 61.21
N ASP U 411 15.89 -27.94 60.02
CA ASP U 411 15.53 -29.08 59.18
C ASP U 411 16.74 -29.92 58.81
N LEU U 412 17.91 -29.29 58.71
CA LEU U 412 19.13 -30.07 58.49
C LEU U 412 19.32 -31.09 59.61
N MET U 413 19.21 -30.64 60.86
CA MET U 413 19.39 -31.58 61.96
C MET U 413 18.26 -32.58 62.04
N VAL U 414 17.04 -32.16 61.69
CA VAL U 414 15.92 -33.09 61.69
C VAL U 414 16.17 -34.20 60.69
N SER U 415 16.63 -33.85 59.50
CA SER U 415 17.01 -34.86 58.53
C SER U 415 18.12 -35.74 59.08
N ARG U 416 19.06 -35.14 59.79
CA ARG U 416 20.14 -35.90 60.39
C ARG U 416 19.68 -36.79 61.53
N LEU U 417 18.47 -36.61 62.03
CA LEU U 417 18.00 -37.36 63.18
C LEU U 417 16.87 -38.35 62.91
N THR U 418 15.90 -38.00 62.06
CA THR U 418 14.63 -38.72 62.05
C THR U 418 14.75 -40.16 61.58
N GLN U 419 13.72 -40.94 61.89
CA GLN U 419 13.56 -42.32 61.45
C GLN U 419 12.86 -42.43 60.11
N LEU U 420 12.37 -41.33 59.57
CA LEU U 420 11.68 -41.40 58.30
C LEU U 420 12.65 -41.82 57.20
N PRO U 421 12.16 -42.55 56.19
CA PRO U 421 10.77 -42.95 56.00
C PRO U 421 10.38 -44.21 56.78
N LEU U 422 9.10 -44.33 57.13
CA LEU U 422 8.57 -45.54 57.72
C LEU U 422 7.08 -45.58 57.48
N ARG U 423 6.49 -46.72 57.80
CA ARG U 423 5.10 -47.00 57.46
C ARG U 423 4.22 -46.98 58.69
N PRO U 424 3.30 -46.03 58.82
CA PRO U 424 2.43 -45.97 59.99
C PRO U 424 1.33 -47.01 59.89
N ASP U 425 0.39 -46.92 60.81
CA ASP U 425 -0.91 -47.55 60.66
C ASP U 425 -1.92 -46.43 60.52
N TYR U 426 -2.79 -46.54 59.53
CA TYR U 426 -3.55 -45.37 59.10
C TYR U 426 -4.60 -44.99 60.12
N GLY U 427 -5.34 -45.98 60.63
CA GLY U 427 -6.45 -45.71 61.52
C GLY U 427 -7.72 -45.41 60.76
N ASN U 428 -8.69 -44.86 61.46
CA ASN U 428 -9.97 -44.58 60.84
C ASN U 428 -10.31 -43.11 60.92
N ILE U 429 -10.66 -42.54 59.78
CA ILE U 429 -11.08 -41.15 59.71
C ILE U 429 -12.44 -40.96 60.35
N TRP U 430 -13.32 -41.95 60.24
CA TRP U 430 -14.72 -41.77 60.56
C TRP U 430 -15.14 -42.86 61.52
N VAL U 431 -16.04 -42.52 62.44
CA VAL U 431 -16.56 -43.54 63.35
C VAL U 431 -18.06 -43.40 63.41
N GLY U 432 -18.69 -44.15 64.30
CA GLY U 432 -20.10 -44.01 64.54
C GLY U 432 -20.96 -44.64 63.46
N ASP U 433 -22.26 -44.62 63.71
CA ASP U 433 -23.22 -45.21 62.79
C ASP U 433 -23.43 -44.30 61.59
N ALA U 434 -24.47 -44.62 60.80
CA ALA U 434 -24.76 -43.91 59.58
C ALA U 434 -25.81 -42.83 59.80
N LEU U 435 -25.88 -41.90 58.86
CA LEU U 435 -26.87 -40.83 58.89
C LEU U 435 -27.78 -40.94 57.67
N SER U 436 -29.07 -40.76 57.90
CA SER U 436 -30.09 -40.97 56.88
C SER U 436 -30.71 -39.65 56.48
N TYR U 437 -30.95 -39.48 55.18
CA TYR U 437 -31.65 -38.33 54.66
C TYR U 437 -32.80 -38.82 53.82
N TYR U 438 -33.88 -38.05 53.79
CA TYR U 438 -35.05 -38.43 53.02
C TYR U 438 -35.78 -37.18 52.57
N VAL U 439 -36.59 -37.35 51.53
CA VAL U 439 -37.51 -36.31 51.11
C VAL U 439 -38.79 -36.97 50.64
N ASP U 440 -39.92 -36.38 51.04
CA ASP U 440 -41.23 -36.91 50.70
C ASP U 440 -41.94 -35.95 49.74
N TYR U 441 -42.97 -36.48 49.09
CA TYR U 441 -43.76 -35.66 48.18
C TYR U 441 -44.77 -34.83 48.98
N ASN U 442 -44.93 -33.57 48.58
CA ASN U 442 -45.96 -32.72 49.14
C ASN U 442 -46.69 -32.00 48.02
N ARG U 443 -48.02 -31.99 48.10
CA ARG U 443 -48.80 -31.33 47.06
C ARG U 443 -48.53 -29.83 47.04
N SER U 444 -48.10 -29.25 48.16
CA SER U 444 -48.14 -27.80 48.34
C SER U 444 -46.96 -27.08 47.70
N HIS U 445 -45.91 -27.78 47.29
CA HIS U 445 -44.72 -27.09 46.83
C HIS U 445 -44.90 -26.55 45.42
N ARG U 446 -43.95 -25.71 45.02
CA ARG U 446 -43.87 -25.27 43.64
C ARG U 446 -43.54 -26.46 42.74
N VAL U 447 -44.20 -26.51 41.59
CA VAL U 447 -43.99 -27.61 40.66
C VAL U 447 -42.69 -27.37 39.91
N VAL U 448 -41.64 -28.09 40.29
CA VAL U 448 -40.40 -28.07 39.56
C VAL U 448 -40.50 -29.11 38.44
N LEU U 449 -39.81 -28.83 37.35
CA LEU U 449 -39.81 -29.72 36.20
C LEU U 449 -38.60 -30.63 36.24
N SER U 450 -38.61 -31.66 35.39
CA SER U 450 -37.49 -32.57 35.34
C SER U 450 -36.22 -31.90 34.86
N SER U 451 -36.32 -30.84 34.07
CA SER U 451 -35.19 -30.33 33.31
C SER U 451 -34.35 -29.32 34.07
N GLU U 452 -34.66 -29.03 35.32
CA GLU U 452 -33.87 -28.06 36.08
C GLU U 452 -33.44 -28.62 37.43
N LEU U 453 -33.23 -29.92 37.51
CA LEU U 453 -32.61 -30.51 38.68
C LEU U 453 -31.11 -30.63 38.44
N PRO U 454 -30.28 -30.58 39.48
CA PRO U 454 -28.84 -30.51 39.28
C PRO U 454 -28.28 -31.76 38.60
N GLN U 455 -27.57 -31.53 37.50
CA GLN U 455 -26.86 -32.60 36.81
C GLN U 455 -25.65 -33.02 37.63
N LEU U 456 -25.22 -34.26 37.42
CA LEU U 456 -24.08 -34.77 38.15
C LEU U 456 -22.80 -34.10 37.66
N PRO U 457 -21.72 -34.13 38.45
CA PRO U 457 -20.48 -33.51 38.00
C PRO U 457 -19.89 -34.30 36.84
N ASP U 458 -19.12 -33.61 36.02
CA ASP U 458 -18.59 -34.22 34.81
C ASP U 458 -17.20 -34.81 35.00
N THR U 459 -16.43 -34.30 35.96
CA THR U 459 -15.18 -34.93 36.35
C THR U 459 -15.41 -36.07 37.32
N TYR U 460 -16.64 -36.53 37.44
CA TYR U 460 -16.99 -37.51 38.47
C TYR U 460 -16.29 -38.84 38.26
N PHE U 461 -15.83 -39.11 37.04
CA PHE U 461 -15.15 -40.35 36.74
C PHE U 461 -13.65 -40.18 36.61
N ASP U 462 -13.16 -38.95 36.46
CA ASP U 462 -11.73 -38.73 36.37
C ASP U 462 -11.06 -39.22 37.65
N GLY U 463 -9.89 -39.83 37.45
CA GLY U 463 -9.33 -40.79 38.38
C GLY U 463 -9.09 -40.36 39.81
N ASP U 464 -8.61 -39.14 40.03
CA ASP U 464 -8.27 -38.73 41.39
C ASP U 464 -9.50 -38.74 42.28
N GLU U 465 -10.70 -38.57 41.70
CA GLU U 465 -11.94 -38.51 42.45
C GLU U 465 -12.19 -39.92 42.87
N GLN U 466 -11.95 -40.82 41.93
CA GLN U 466 -12.10 -42.24 42.23
C GLN U 466 -11.18 -42.65 43.36
N TYR U 467 -9.95 -42.11 43.36
CA TYR U 467 -9.03 -42.32 44.47
C TYR U 467 -9.64 -41.81 45.78
N GLY U 468 -10.23 -40.63 45.75
CA GLY U 468 -10.81 -40.09 46.97
C GLY U 468 -11.94 -40.96 47.50
N ARG U 469 -12.80 -41.41 46.59
CA ARG U 469 -13.88 -42.31 46.99
C ARG U 469 -13.35 -43.63 47.54
N SER U 470 -12.26 -44.15 46.98
CA SER U 470 -11.64 -45.34 47.53
C SER U 470 -11.11 -45.08 48.94
N LEU U 471 -10.36 -44.00 49.09
CA LEU U 471 -9.72 -43.72 50.38
C LEU U 471 -10.72 -43.51 51.49
N PHE U 472 -11.80 -42.77 51.21
CA PHE U 472 -12.80 -42.56 52.24
C PHE U 472 -13.46 -43.87 52.65
N SER U 473 -13.76 -44.73 51.67
CA SER U 473 -14.46 -45.96 51.99
C SER U 473 -13.59 -46.92 52.79
N LEU U 474 -12.30 -46.97 52.49
CA LEU U 474 -11.45 -47.91 53.22
C LEU U 474 -11.40 -47.60 54.71
N ALA U 475 -11.48 -46.33 55.07
CA ALA U 475 -11.27 -45.91 56.45
C ALA U 475 -12.57 -45.70 57.23
N ARG U 476 -13.59 -46.54 57.03
CA ARG U 476 -14.91 -46.33 57.60
C ARG U 476 -15.20 -47.39 58.65
N LYS U 477 -15.28 -46.98 59.91
CA LYS U 477 -15.64 -47.91 60.98
C LYS U 477 -17.13 -48.21 60.88
N ILE U 478 -17.49 -49.35 60.30
CA ILE U 478 -18.88 -49.74 60.19
C ILE U 478 -18.98 -51.22 59.85
N GLY U 479 -20.14 -51.81 60.09
CA GLY U 479 -20.35 -53.21 59.80
C GLY U 479 -20.79 -53.48 58.37
N ASP U 480 -21.69 -54.45 58.20
CA ASP U 480 -22.16 -54.84 56.88
C ASP U 480 -22.96 -53.71 56.23
N ARG U 481 -22.38 -53.07 55.21
CA ARG U 481 -23.01 -51.89 54.63
C ARG U 481 -24.37 -52.22 54.04
N SER U 482 -24.45 -53.26 53.22
CA SER U 482 -25.72 -53.67 52.67
C SER U 482 -26.74 -53.94 53.76
N LEU U 483 -26.30 -54.44 54.92
CA LEU U 483 -27.22 -54.64 56.02
C LEU U 483 -27.76 -53.31 56.54
N VAL U 484 -26.87 -52.37 56.85
CA VAL U 484 -27.31 -51.16 57.54
C VAL U 484 -28.17 -50.31 56.62
N LYS U 485 -27.80 -50.22 55.34
CA LYS U 485 -28.59 -49.44 54.39
C LYS U 485 -29.99 -50.03 54.26
N ASP U 486 -30.08 -51.36 54.13
CA ASP U 486 -31.38 -51.97 53.97
C ASP U 486 -32.23 -51.81 55.21
N THR U 487 -31.61 -51.90 56.40
CA THR U 487 -32.38 -51.63 57.62
C THR U 487 -32.93 -50.21 57.60
N ALA U 488 -32.08 -49.24 57.26
CA ALA U 488 -32.53 -47.85 57.24
C ALA U 488 -33.71 -47.68 56.31
N VAL U 489 -33.59 -48.19 55.10
CA VAL U 489 -34.62 -47.95 54.09
C VAL U 489 -35.91 -48.68 54.45
N LEU U 490 -35.81 -49.89 55.00
CA LEU U 490 -37.02 -50.61 55.36
C LEU U 490 -37.75 -49.92 56.51
N LYS U 491 -37.00 -49.50 57.54
CA LYS U 491 -37.62 -48.77 58.63
C LYS U 491 -38.32 -47.51 58.11
N HIS U 492 -37.64 -46.75 57.26
CA HIS U 492 -38.26 -45.53 56.78
C HIS U 492 -39.36 -45.82 55.76
N ALA U 493 -39.42 -47.06 55.25
CA ALA U 493 -40.47 -47.40 54.32
C ALA U 493 -41.74 -47.83 55.03
N TYR U 494 -41.63 -48.32 56.26
CA TYR U 494 -42.81 -48.71 57.00
C TYR U 494 -43.45 -47.53 57.72
N GLN U 495 -43.26 -46.33 57.22
CA GLN U 495 -43.75 -45.11 57.84
C GLN U 495 -44.26 -44.11 56.79
N ALA U 496 -44.92 -44.61 55.75
CA ALA U 496 -45.51 -43.76 54.71
C ALA U 496 -46.99 -44.11 54.57
N ILE U 497 -47.86 -43.14 54.82
CA ILE U 497 -49.29 -43.38 54.98
C ILE U 497 -50.05 -43.01 53.70
N ASP U 498 -51.11 -43.75 53.44
CA ASP U 498 -52.08 -43.37 52.42
C ASP U 498 -53.17 -42.52 53.04
N PRO U 499 -53.31 -41.25 52.64
CA PRO U 499 -54.49 -40.48 53.06
C PRO U 499 -55.79 -41.12 52.64
N ASN U 500 -55.81 -41.77 51.48
CA ASN U 500 -57.06 -42.35 50.99
C ASN U 500 -57.58 -43.44 51.91
N THR U 501 -56.69 -44.08 52.69
CA THR U 501 -57.11 -45.13 53.61
C THR U 501 -56.42 -45.05 54.96
N GLY U 502 -55.65 -43.99 55.24
CA GLY U 502 -55.21 -43.71 56.59
C GLY U 502 -54.20 -44.67 57.16
N LYS U 503 -53.40 -45.32 56.33
CA LYS U 503 -52.48 -46.33 56.84
C LYS U 503 -51.32 -46.49 55.87
N GLU U 504 -50.38 -47.33 56.27
CA GLU U 504 -49.22 -47.62 55.44
C GLU U 504 -49.63 -48.36 54.18
N TYR U 505 -48.97 -48.03 53.07
CA TYR U 505 -48.96 -48.92 51.92
C TYR U 505 -48.19 -50.20 52.22
N LEU U 506 -47.47 -50.24 53.33
CA LEU U 506 -46.64 -51.36 53.72
C LEU U 506 -47.27 -52.04 54.94
N ARG U 507 -48.09 -53.03 54.70
CA ARG U 507 -48.59 -53.90 55.75
C ARG U 507 -47.67 -55.10 55.89
N SER U 508 -48.13 -56.14 56.57
CA SER U 508 -47.36 -57.37 56.66
C SER U 508 -47.85 -58.39 55.64
N GLY U 509 -47.17 -59.54 55.61
CA GLY U 509 -47.49 -60.67 54.73
C GLY U 509 -47.28 -60.34 53.26
N GLN U 510 -46.88 -59.11 52.97
CA GLN U 510 -46.68 -58.70 51.57
C GLN U 510 -45.63 -59.51 50.82
N SER U 511 -46.03 -60.14 49.70
CA SER U 511 -45.10 -60.90 48.87
C SER U 511 -43.98 -59.96 48.46
N VAL U 512 -42.78 -60.21 48.96
CA VAL U 512 -41.66 -59.28 48.82
C VAL U 512 -40.58 -59.92 47.97
N ALA U 513 -40.21 -59.21 46.90
CA ALA U 513 -39.14 -59.63 46.03
C ALA U 513 -37.88 -58.82 46.32
N TYR U 514 -36.81 -59.50 46.70
CA TYR U 514 -35.51 -58.85 46.84
C TYR U 514 -34.75 -59.08 45.55
N PHE U 515 -34.67 -58.07 44.71
CA PHE U 515 -33.96 -58.18 43.44
C PHE U 515 -32.52 -57.79 43.63
N GLY U 516 -31.60 -58.65 43.22
CA GLY U 516 -30.19 -58.43 43.41
C GLY U 516 -29.61 -59.05 44.66
N ALA U 517 -29.99 -60.27 45.00
CA ALA U 517 -29.56 -60.84 46.26
C ALA U 517 -28.10 -61.27 46.21
N SER U 518 -27.21 -60.31 46.40
CA SER U 518 -25.79 -60.60 46.50
C SER U 518 -25.57 -61.54 47.68
N ALA U 519 -24.74 -62.56 47.47
CA ALA U 519 -24.53 -63.56 48.51
C ALA U 519 -23.88 -62.95 49.74
N GLY U 520 -22.77 -62.26 49.54
CA GLY U 520 -22.02 -61.75 50.66
C GLY U 520 -21.09 -62.82 51.18
N HIS U 521 -19.78 -62.60 51.06
CA HIS U 521 -18.83 -63.64 51.42
C HIS U 521 -18.71 -63.84 52.93
N SER U 522 -19.59 -63.24 53.71
CA SER U 522 -19.57 -63.40 55.16
C SER U 522 -20.00 -64.79 55.61
N GLY U 523 -20.51 -65.62 54.71
CA GLY U 523 -20.96 -66.95 55.08
C GLY U 523 -22.46 -67.13 55.23
N ALA U 524 -23.23 -66.04 55.32
CA ALA U 524 -24.67 -66.18 55.40
C ALA U 524 -25.31 -66.53 54.06
N ASP U 525 -24.57 -66.38 52.97
CA ASP U 525 -24.99 -66.83 51.63
C ASP U 525 -26.15 -66.00 51.12
N GLN U 526 -26.64 -65.10 51.95
CA GLN U 526 -27.82 -64.32 51.66
C GLN U 526 -27.55 -62.87 52.04
N PRO U 527 -28.38 -61.92 51.61
CA PRO U 527 -28.32 -60.59 52.20
C PRO U 527 -28.58 -60.68 53.69
N LEU U 528 -27.88 -59.85 54.45
CA LEU U 528 -27.83 -60.01 55.90
C LEU U 528 -28.93 -59.30 56.66
N VAL U 529 -30.09 -59.07 56.04
CA VAL U 529 -31.18 -58.43 56.77
C VAL U 529 -32.45 -59.28 56.72
N ILE U 530 -32.50 -60.26 55.83
CA ILE U 530 -33.73 -61.02 55.62
C ILE U 530 -34.14 -61.73 56.90
N GLU U 531 -33.20 -62.44 57.50
CA GLU U 531 -33.51 -63.18 58.72
C GLU U 531 -33.89 -62.25 59.86
N PRO U 532 -33.17 -61.16 60.13
CA PRO U 532 -33.66 -60.23 61.15
C PRO U 532 -35.02 -59.68 60.81
N TRP U 533 -35.30 -59.46 59.52
CA TRP U 533 -36.59 -58.94 59.11
C TRP U 533 -37.71 -59.89 59.52
N ILE U 534 -37.67 -61.12 59.03
CA ILE U 534 -38.75 -62.05 59.32
C ILE U 534 -38.81 -62.36 60.81
N GLN U 535 -37.66 -62.37 61.48
CA GLN U 535 -37.67 -62.56 62.92
C GLN U 535 -38.40 -61.42 63.60
N GLY U 536 -38.60 -60.32 62.89
CA GLY U 536 -39.16 -59.16 63.53
C GLY U 536 -38.27 -58.58 64.59
N LYS U 537 -36.96 -58.76 64.44
CA LYS U 537 -35.96 -58.18 65.33
C LYS U 537 -35.71 -56.73 65.02
N ILE U 538 -36.62 -56.09 64.30
CA ILE U 538 -36.54 -54.67 64.00
C ILE U 538 -37.83 -54.04 64.50
N SER U 539 -37.70 -53.00 65.31
CA SER U 539 -38.86 -52.20 65.65
C SER U 539 -39.37 -51.51 64.40
N GLY U 540 -40.69 -51.48 64.22
CA GLY U 540 -41.29 -50.76 63.12
C GLY U 540 -41.33 -51.50 61.81
N VAL U 541 -40.87 -52.74 61.75
CA VAL U 541 -40.85 -53.47 60.49
C VAL U 541 -41.51 -54.82 60.70
N PRO U 542 -42.84 -54.92 60.53
CA PRO U 542 -43.49 -56.21 60.73
C PRO U 542 -42.91 -57.25 59.79
N PRO U 543 -42.73 -58.48 60.25
CA PRO U 543 -42.22 -59.52 59.38
C PRO U 543 -43.17 -59.77 58.23
N PRO U 544 -42.66 -60.12 57.07
CA PRO U 544 -43.51 -60.38 55.91
C PRO U 544 -43.97 -61.82 55.84
N SER U 545 -44.60 -62.20 54.73
CA SER U 545 -44.90 -63.61 54.50
C SER U 545 -43.65 -64.37 54.09
N SER U 546 -43.05 -63.96 52.97
CA SER U 546 -41.90 -64.65 52.41
C SER U 546 -41.04 -63.62 51.71
N VAL U 547 -39.90 -64.09 51.20
CA VAL U 547 -39.00 -63.30 50.36
C VAL U 547 -38.45 -64.22 49.28
N ARG U 548 -38.36 -63.72 48.05
CA ARG U 548 -37.73 -64.45 46.97
C ARG U 548 -36.52 -63.68 46.47
N GLN U 549 -35.38 -64.35 46.41
CA GLN U 549 -34.10 -63.72 46.15
C GLN U 549 -33.68 -63.97 44.71
N PHE U 550 -33.79 -62.96 43.87
CA PHE U 550 -33.29 -63.03 42.51
C PHE U 550 -32.10 -62.11 42.38
N GLY U 551 -31.10 -62.56 41.63
CA GLY U 551 -29.91 -61.77 41.42
C GLY U 551 -28.82 -62.59 40.76
N TYR U 552 -27.80 -61.88 40.28
CA TYR U 552 -26.69 -62.54 39.60
C TYR U 552 -25.91 -63.44 40.55
N ASP U 553 -25.66 -62.98 41.78
CA ASP U 553 -24.84 -63.72 42.73
C ASP U 553 -25.65 -64.26 43.90
N VAL U 554 -26.92 -64.55 43.68
CA VAL U 554 -27.73 -65.17 44.71
C VAL U 554 -27.24 -66.60 44.94
N ALA U 555 -27.53 -67.12 46.13
CA ALA U 555 -27.15 -68.49 46.44
C ALA U 555 -28.34 -69.27 46.96
N ARG U 556 -29.21 -68.60 47.70
CA ARG U 556 -30.39 -69.23 48.28
C ARG U 556 -31.65 -68.97 47.46
N GLY U 557 -31.53 -68.36 46.28
CA GLY U 557 -32.67 -68.07 45.47
C GLY U 557 -32.54 -68.55 44.03
N ALA U 558 -32.77 -67.65 43.08
CA ALA U 558 -32.72 -68.00 41.67
C ALA U 558 -31.90 -66.97 40.92
N ILE U 559 -31.27 -67.41 39.84
CA ILE U 559 -30.32 -66.61 39.08
C ILE U 559 -30.99 -66.15 37.80
N VAL U 560 -30.86 -64.86 37.49
CA VAL U 560 -31.31 -64.30 36.23
C VAL U 560 -30.73 -62.90 36.09
N ASP U 561 -30.63 -62.42 34.85
CA ASP U 561 -30.32 -61.02 34.58
C ASP U 561 -31.65 -60.29 34.44
N LEU U 562 -31.95 -59.41 35.40
CA LEU U 562 -33.29 -58.86 35.55
C LEU U 562 -33.70 -57.93 34.42
N ALA U 563 -32.79 -57.10 33.91
CA ALA U 563 -33.17 -56.00 33.03
C ALA U 563 -33.97 -56.45 31.82
N ARG U 564 -34.06 -57.75 31.57
CA ARG U 564 -34.77 -58.33 30.44
C ARG U 564 -35.81 -59.29 30.99
N PRO U 565 -36.84 -59.62 30.22
CA PRO U 565 -37.96 -60.37 30.79
C PRO U 565 -37.56 -61.73 31.34
N PHE U 566 -38.29 -62.17 32.38
CA PHE U 566 -38.07 -63.45 33.03
C PHE U 566 -39.35 -63.88 33.70
N PRO U 567 -39.70 -65.17 33.67
CA PRO U 567 -41.03 -65.62 34.11
C PRO U 567 -41.12 -65.72 35.63
N SER U 568 -42.07 -65.00 36.22
CA SER U 568 -42.22 -65.03 37.66
C SER U 568 -43.63 -64.62 38.04
N GLY U 569 -43.99 -64.89 39.28
CA GLY U 569 -45.25 -64.46 39.84
C GLY U 569 -45.18 -63.01 40.31
N ASP U 570 -46.25 -62.60 40.97
CA ASP U 570 -46.46 -61.21 41.34
C ASP U 570 -46.20 -60.99 42.83
N TYR U 571 -45.42 -59.97 43.11
CA TYR U 571 -45.10 -59.59 44.48
C TYR U 571 -45.81 -58.30 44.83
N GLN U 572 -46.03 -58.10 46.13
CA GLN U 572 -46.66 -56.88 46.59
C GLN U 572 -45.67 -55.77 46.89
N PHE U 573 -44.50 -56.10 47.44
CA PHE U 573 -43.45 -55.11 47.61
C PHE U 573 -42.18 -55.63 46.95
N VAL U 574 -41.51 -54.78 46.19
CA VAL U 574 -40.28 -55.18 45.51
C VAL U 574 -39.15 -54.26 45.94
N TYR U 575 -38.24 -54.80 46.74
CA TYR U 575 -37.00 -54.11 47.07
C TYR U 575 -35.97 -54.41 45.99
N SER U 576 -35.17 -53.40 45.65
CA SER U 576 -34.10 -53.55 44.66
C SER U 576 -32.78 -53.12 45.28
N ASP U 577 -31.72 -53.85 44.98
CA ASP U 577 -30.37 -53.44 45.32
C ASP U 577 -29.44 -53.83 44.19
N VAL U 578 -29.83 -53.49 42.98
CA VAL U 578 -29.15 -53.96 41.79
C VAL U 578 -28.03 -53.01 41.42
N ASP U 579 -26.83 -53.54 41.27
CA ASP U 579 -25.74 -52.81 40.66
C ASP U 579 -26.07 -52.48 39.21
N GLN U 580 -25.66 -51.28 38.81
CA GLN U 580 -25.77 -50.86 37.42
C GLN U 580 -24.42 -50.50 36.83
N VAL U 581 -23.32 -50.81 37.52
CA VAL U 581 -21.98 -50.51 37.07
C VAL U 581 -21.41 -51.83 36.55
N VAL U 582 -22.29 -52.78 36.27
CA VAL U 582 -21.86 -54.11 35.88
C VAL U 582 -22.36 -54.42 34.47
N ASP U 583 -23.67 -54.49 34.29
CA ASP U 583 -24.22 -54.65 32.96
C ASP U 583 -24.15 -53.30 32.26
N GLY U 584 -23.98 -53.30 30.95
CA GLY U 584 -23.74 -52.09 30.22
C GLY U 584 -22.33 -51.61 30.44
N HIS U 585 -21.69 -51.24 29.34
CA HIS U 585 -20.26 -50.96 29.36
C HIS U 585 -19.99 -49.64 30.05
N ASP U 586 -18.72 -49.27 30.14
CA ASP U 586 -18.32 -48.20 31.04
C ASP U 586 -18.68 -46.83 30.47
N ASP U 587 -19.91 -46.37 30.74
CA ASP U 587 -20.33 -45.01 30.46
C ASP U 587 -21.57 -44.64 31.27
N LEU U 588 -22.28 -43.59 30.89
CA LEU U 588 -23.45 -43.18 31.65
C LEU U 588 -24.77 -43.33 30.93
N SER U 589 -24.80 -43.30 29.58
CA SER U 589 -26.08 -43.44 28.90
C SER U 589 -26.57 -44.88 28.90
N ILE U 590 -25.68 -45.84 28.74
CA ILE U 590 -26.10 -47.23 28.85
C ILE U 590 -26.66 -47.48 30.24
N SER U 591 -26.00 -46.93 31.25
CA SER U 591 -26.51 -47.04 32.62
C SER U 591 -27.87 -46.36 32.75
N SER U 592 -28.05 -45.21 32.10
CA SER U 592 -29.34 -44.56 32.11
C SER U 592 -30.42 -45.48 31.56
N GLY U 593 -30.13 -46.18 30.48
CA GLY U 593 -31.06 -47.15 29.93
C GLY U 593 -31.32 -48.33 30.85
N LEU U 594 -30.27 -48.84 31.50
CA LEU U 594 -30.46 -49.87 32.51
C LEU U 594 -31.46 -49.43 33.57
N VAL U 595 -31.37 -48.17 34.00
CA VAL U 595 -32.28 -47.73 35.06
C VAL U 595 -33.73 -47.77 34.59
N GLU U 596 -34.01 -47.36 33.36
CA GLU U 596 -35.37 -47.45 32.86
C GLU U 596 -35.83 -48.88 32.76
N SER U 597 -34.95 -49.76 32.26
CA SER U 597 -35.29 -51.17 32.19
C SER U 597 -35.69 -51.68 33.56
N LEU U 598 -34.89 -51.36 34.57
CA LEU U 598 -35.16 -51.83 35.93
C LEU U 598 -36.48 -51.26 36.44
N LEU U 599 -36.73 -49.98 36.18
CA LEU U 599 -37.97 -49.39 36.67
C LEU U 599 -39.17 -50.06 36.04
N SER U 600 -39.11 -50.37 34.74
CA SER U 600 -40.23 -51.04 34.11
C SER U 600 -40.39 -52.47 34.62
N SER U 601 -39.28 -53.19 34.80
CA SER U 601 -39.37 -54.56 35.29
C SER U 601 -39.99 -54.60 36.68
N CYS U 602 -39.57 -53.69 37.55
CA CYS U 602 -40.17 -53.61 38.88
C CYS U 602 -41.63 -53.22 38.78
N MET U 603 -41.94 -52.25 37.90
CA MET U 603 -43.31 -51.84 37.66
C MET U 603 -44.19 -53.04 37.33
N HIS U 604 -43.67 -53.97 36.54
CA HIS U 604 -44.42 -55.17 36.21
C HIS U 604 -44.46 -56.20 37.34
N ALA U 605 -43.37 -56.34 38.09
CA ALA U 605 -43.34 -57.37 39.13
C ALA U 605 -44.39 -57.11 40.21
N THR U 606 -44.52 -55.85 40.64
CA THR U 606 -45.48 -55.53 41.68
C THR U 606 -46.91 -55.72 41.18
N ALA U 607 -47.78 -56.16 42.07
CA ALA U 607 -49.20 -56.18 41.82
C ALA U 607 -49.75 -54.76 41.92
N PRO U 608 -50.95 -54.51 41.36
CA PRO U 608 -51.59 -53.21 41.57
C PRO U 608 -51.72 -52.88 43.04
N GLY U 609 -51.38 -51.65 43.39
CA GLY U 609 -51.44 -51.20 44.77
C GLY U 609 -50.21 -51.49 45.59
N GLY U 610 -49.21 -52.15 45.03
CA GLY U 610 -48.00 -52.47 45.75
C GLY U 610 -47.07 -51.29 45.88
N SER U 611 -45.77 -51.59 45.90
CA SER U 611 -44.76 -50.57 46.12
C SER U 611 -43.40 -51.14 45.79
N PHE U 612 -42.45 -50.25 45.49
CA PHE U 612 -41.12 -50.77 45.22
C PHE U 612 -40.07 -49.72 45.48
N VAL U 613 -38.90 -50.20 45.87
CA VAL U 613 -37.71 -49.39 46.08
C VAL U 613 -36.68 -49.79 45.03
N VAL U 614 -36.03 -48.80 44.44
CA VAL U 614 -34.96 -49.05 43.48
C VAL U 614 -33.71 -48.30 43.90
N LYS U 615 -32.56 -48.84 43.51
CA LYS U 615 -31.27 -48.23 43.77
C LYS U 615 -30.74 -47.57 42.51
N ILE U 616 -30.06 -46.44 42.68
CA ILE U 616 -29.53 -45.66 41.58
C ILE U 616 -28.07 -45.37 41.85
N ASN U 617 -27.20 -45.84 40.94
CA ASN U 617 -25.78 -45.58 41.06
C ASN U 617 -25.43 -44.17 40.65
N PHE U 618 -26.05 -43.66 39.58
CA PHE U 618 -25.68 -42.35 39.04
C PHE U 618 -26.94 -41.56 38.73
N PRO U 619 -27.28 -40.60 39.56
CA PRO U 619 -28.45 -39.77 39.27
C PRO U 619 -28.14 -38.75 38.19
N THR U 620 -28.63 -38.96 36.98
CA THR U 620 -28.46 -37.99 35.91
C THR U 620 -29.80 -37.42 35.50
N ARG U 621 -29.74 -36.31 34.78
CA ARG U 621 -30.96 -35.58 34.42
C ARG U 621 -31.94 -36.42 33.59
N PRO U 622 -31.54 -37.03 32.47
CA PRO U 622 -32.54 -37.70 31.64
C PRO U 622 -33.22 -38.85 32.34
N VAL U 623 -32.59 -39.41 33.36
CA VAL U 623 -33.26 -40.47 34.11
C VAL U 623 -34.48 -39.89 34.82
N TRP U 624 -34.37 -38.73 35.45
CA TRP U 624 -35.59 -38.18 36.03
C TRP U 624 -36.53 -37.67 34.97
N HIS U 625 -36.02 -37.25 33.83
CA HIS U 625 -36.90 -36.96 32.70
C HIS U 625 -37.80 -38.15 32.42
N TYR U 626 -37.18 -39.33 32.24
CA TYR U 626 -37.93 -40.55 31.98
C TYR U 626 -38.88 -40.85 33.13
N ILE U 627 -38.41 -40.75 34.36
CA ILE U 627 -39.23 -41.06 35.53
C ILE U 627 -40.46 -40.18 35.56
N GLU U 628 -40.29 -38.92 35.20
CA GLU U 628 -41.39 -37.98 35.28
C GLU U 628 -42.41 -38.24 34.19
N GLN U 629 -41.95 -38.55 32.97
CA GLN U 629 -42.93 -38.74 31.92
C GLN U 629 -43.35 -40.19 31.76
N LYS U 630 -42.92 -41.09 32.63
CA LYS U 630 -43.23 -42.50 32.42
C LYS U 630 -43.74 -43.24 33.65
N ILE U 631 -43.45 -42.78 34.85
CA ILE U 631 -43.81 -43.48 36.08
C ILE U 631 -44.66 -42.62 37.00
N LEU U 632 -44.25 -41.37 37.21
CA LEU U 632 -44.97 -40.49 38.13
C LEU U 632 -46.48 -40.50 37.94
N PRO U 633 -47.04 -40.55 36.73
CA PRO U 633 -48.51 -40.57 36.64
C PRO U 633 -49.12 -41.93 36.94
N ASN U 634 -48.33 -42.84 37.51
CA ASN U 634 -48.82 -44.20 37.74
C ASN U 634 -48.61 -44.64 39.18
N ILE U 635 -48.43 -43.70 40.10
CA ILE U 635 -48.29 -44.00 41.52
C ILE U 635 -49.20 -43.09 42.34
N THR U 636 -49.10 -43.21 43.65
CA THR U 636 -49.87 -42.40 44.56
C THR U 636 -48.98 -41.47 45.38
N SER U 637 -47.87 -41.99 45.88
CA SER U 637 -46.87 -41.17 46.54
C SER U 637 -45.50 -41.75 46.25
N TYR U 638 -44.47 -40.95 46.50
CA TYR U 638 -43.10 -41.39 46.28
C TYR U 638 -42.20 -40.75 47.32
N MET U 639 -41.03 -41.34 47.47
CA MET U 639 -40.05 -40.91 48.47
C MET U 639 -38.68 -41.00 47.82
N LEU U 640 -37.73 -40.20 48.31
CA LEU U 640 -36.32 -40.40 48.02
C LEU U 640 -35.56 -40.56 49.33
N ILE U 641 -34.57 -41.45 49.33
CA ILE U 641 -33.84 -41.80 50.55
C ILE U 641 -32.36 -41.96 50.24
N LYS U 642 -31.52 -41.48 51.16
CA LYS U 642 -30.07 -41.53 51.00
C LYS U 642 -29.43 -41.82 52.35
N PRO U 643 -29.00 -43.06 52.58
CA PRO U 643 -28.13 -43.32 53.72
C PRO U 643 -26.70 -42.98 53.34
N PHE U 644 -25.96 -42.38 54.27
CA PHE U 644 -24.62 -41.89 53.99
C PHE U 644 -23.61 -42.69 54.79
N VAL U 645 -22.91 -43.61 54.12
CA VAL U 645 -21.90 -44.44 54.74
C VAL U 645 -20.53 -44.24 54.09
N THR U 646 -20.52 -43.76 52.85
CA THR U 646 -19.29 -43.44 52.14
C THR U 646 -19.59 -42.30 51.17
N ASN U 647 -18.60 -41.44 50.96
CA ASN U 647 -18.80 -40.27 50.14
C ASN U 647 -19.02 -40.69 48.70
N ASN U 648 -20.29 -40.83 48.35
CA ASN U 648 -20.71 -41.23 47.02
C ASN U 648 -22.01 -40.52 46.64
N VAL U 649 -22.62 -40.96 45.54
CA VAL U 649 -23.86 -40.39 45.05
C VAL U 649 -24.98 -41.40 44.97
N GLU U 650 -24.87 -42.53 45.67
CA GLU U 650 -25.91 -43.55 45.64
C GLU U 650 -27.23 -42.98 46.09
N LEU U 651 -28.32 -43.47 45.52
CA LEU U 651 -29.61 -42.94 45.92
C LEU U 651 -30.66 -44.06 45.87
N PHE U 652 -31.72 -43.90 46.65
CA PHE U 652 -32.83 -44.84 46.65
C PHE U 652 -34.12 -44.10 46.33
N PHE U 653 -34.92 -44.67 45.44
CA PHE U 653 -36.18 -44.05 45.05
C PHE U 653 -37.31 -45.03 45.33
N VAL U 654 -38.35 -44.56 46.02
CA VAL U 654 -39.41 -45.42 46.52
C VAL U 654 -40.74 -44.96 45.94
N ALA U 655 -41.57 -45.90 45.52
CA ALA U 655 -42.85 -45.59 44.89
C ALA U 655 -43.95 -46.43 45.53
N PHE U 656 -45.16 -45.84 45.60
CA PHE U 656 -46.29 -46.45 46.29
C PHE U 656 -47.51 -46.45 45.38
N GLY U 657 -48.40 -47.40 45.60
CA GLY U 657 -49.68 -47.39 44.90
C GLY U 657 -49.57 -47.57 43.40
N VAL U 658 -48.77 -48.56 42.99
CA VAL U 658 -48.48 -48.78 41.59
C VAL U 658 -49.77 -48.98 40.80
N HIS U 659 -49.77 -48.50 39.55
CA HIS U 659 -50.88 -48.67 38.61
C HIS U 659 -52.12 -47.91 39.02
N GLN U 660 -51.96 -46.88 39.86
CA GLN U 660 -53.03 -45.96 40.20
C GLN U 660 -52.64 -44.57 39.75
N HIS U 661 -53.56 -43.90 39.05
CA HIS U 661 -53.26 -42.65 38.40
C HIS U 661 -53.30 -41.48 39.38
N SER U 662 -52.40 -40.54 39.17
CA SER U 662 -52.32 -39.32 39.95
C SER U 662 -51.75 -38.24 39.06
N SER U 663 -51.29 -37.15 39.66
CA SER U 663 -50.59 -36.10 38.94
C SER U 663 -49.34 -35.70 39.69
N LEU U 664 -48.57 -36.68 40.14
CA LEU U 664 -47.38 -36.39 40.92
C LEU U 664 -46.27 -35.90 39.99
N THR U 665 -45.62 -34.81 40.40
CA THR U 665 -44.44 -34.28 39.73
C THR U 665 -43.44 -33.86 40.78
N TRP U 666 -42.21 -33.62 40.34
CA TRP U 666 -41.18 -33.18 41.26
C TRP U 666 -41.57 -31.85 41.89
N THR U 667 -41.02 -31.58 43.07
CA THR U 667 -41.45 -30.44 43.87
C THR U 667 -40.23 -29.68 44.39
N SER U 668 -40.51 -28.65 45.19
CA SER U 668 -39.42 -27.81 45.70
C SER U 668 -38.46 -28.63 46.55
N GLY U 669 -38.99 -29.42 47.47
CA GLY U 669 -38.15 -30.16 48.38
C GLY U 669 -37.19 -31.07 47.65
N VAL U 670 -37.64 -31.66 46.55
CA VAL U 670 -36.75 -32.47 45.73
C VAL U 670 -35.58 -31.63 45.25
N TYR U 671 -35.88 -30.43 44.76
CA TYR U 671 -34.82 -29.55 44.25
C TYR U 671 -33.80 -29.25 45.35
N PHE U 672 -34.29 -28.85 46.52
CA PHE U 672 -33.38 -28.51 47.61
C PHE U 672 -32.58 -29.72 48.07
N PHE U 673 -33.24 -30.87 48.18
CA PHE U 673 -32.56 -32.07 48.61
C PHE U 673 -31.45 -32.43 47.63
N LEU U 674 -31.74 -32.40 46.34
CA LEU U 674 -30.72 -32.72 45.36
C LEU U 674 -29.57 -31.73 45.45
N VAL U 675 -29.89 -30.46 45.69
CA VAL U 675 -28.84 -29.46 45.85
C VAL U 675 -27.89 -29.87 46.96
N ASP U 676 -28.44 -30.21 48.13
CA ASP U 676 -27.54 -30.56 49.23
C ASP U 676 -26.84 -31.88 48.97
N HIS U 677 -27.53 -32.80 48.30
CA HIS U 677 -27.02 -34.15 48.09
C HIS U 677 -25.90 -34.14 47.06
N PHE U 678 -25.77 -33.05 46.32
CA PHE U 678 -24.58 -32.89 45.49
C PHE U 678 -23.51 -32.06 46.18
N TYR U 679 -23.93 -31.02 46.90
CA TYR U 679 -22.98 -30.12 47.52
C TYR U 679 -22.12 -30.84 48.56
N ARG U 680 -22.77 -31.55 49.48
CA ARG U 680 -22.05 -32.27 50.52
C ARG U 680 -21.00 -33.18 49.91
N TYR U 681 -21.40 -33.91 48.87
CA TYR U 681 -20.49 -34.81 48.19
C TYR U 681 -19.28 -34.08 47.65
N GLU U 682 -19.52 -32.96 46.97
CA GLU U 682 -18.40 -32.24 46.36
C GLU U 682 -17.41 -31.79 47.43
N THR U 683 -17.93 -31.25 48.53
CA THR U 683 -17.05 -30.78 49.60
C THR U 683 -16.25 -31.91 50.21
N LEU U 684 -16.94 -32.99 50.59
CA LEU U 684 -16.24 -34.11 51.22
C LEU U 684 -15.19 -34.70 50.29
N SER U 685 -15.50 -34.79 49.00
CA SER U 685 -14.53 -35.33 48.05
C SER U 685 -13.29 -34.45 47.98
N THR U 686 -13.48 -33.13 47.92
CA THR U 686 -12.33 -32.24 47.92
C THR U 686 -11.48 -32.47 49.16
N ILE U 687 -12.12 -32.55 50.32
CA ILE U 687 -11.36 -32.68 51.56
C ILE U 687 -10.64 -34.02 51.60
N SER U 688 -11.31 -35.08 51.18
CA SER U 688 -10.72 -36.41 51.22
C SER U 688 -9.58 -36.55 50.23
N ARG U 689 -9.55 -35.72 49.20
CA ARG U 689 -8.49 -35.85 48.20
C ARG U 689 -7.14 -35.31 48.66
N GLN U 690 -6.96 -35.02 49.94
CA GLN U 690 -5.70 -34.47 50.39
C GLN U 690 -4.95 -35.39 51.35
N LEU U 691 -5.59 -36.41 51.87
CA LEU U 691 -4.88 -37.25 52.81
C LEU U 691 -3.91 -38.18 52.09
N PRO U 692 -2.85 -38.62 52.78
CA PRO U 692 -1.94 -39.59 52.16
C PRO U 692 -2.65 -40.91 51.96
N SER U 693 -2.15 -41.69 51.00
CA SER U 693 -2.84 -42.91 50.59
C SER U 693 -2.87 -43.95 51.70
N PHE U 694 -3.91 -44.77 51.68
CA PHE U 694 -4.11 -45.80 52.70
C PHE U 694 -2.93 -46.76 52.72
N GLY U 695 -2.22 -46.81 53.83
CA GLY U 695 -1.01 -47.60 53.86
C GLY U 695 0.05 -46.97 53.00
N TYR U 696 0.59 -45.85 53.43
CA TYR U 696 1.60 -45.14 52.65
C TYR U 696 2.93 -45.22 53.38
N VAL U 697 3.89 -44.42 52.93
CA VAL U 697 5.23 -44.36 53.52
C VAL U 697 5.54 -42.89 53.76
N ASP U 698 5.34 -42.42 54.98
CA ASP U 698 5.60 -41.02 55.29
C ASP U 698 7.09 -40.69 55.40
N ASP U 699 7.55 -39.73 54.60
CA ASP U 699 8.94 -39.31 54.65
C ASP U 699 9.10 -37.80 54.74
N GLY U 700 8.01 -37.04 54.82
CA GLY U 700 8.10 -35.61 55.02
C GLY U 700 7.45 -34.77 53.95
N SER U 701 7.33 -35.31 52.74
CA SER U 701 6.74 -34.59 51.62
C SER U 701 5.21 -34.60 51.69
N SER U 702 4.65 -35.62 52.31
CA SER U 702 3.21 -35.75 52.45
C SER U 702 2.64 -34.64 53.32
N VAL U 703 1.43 -34.20 53.01
CA VAL U 703 0.78 -33.13 53.78
C VAL U 703 0.58 -33.56 55.23
N THR U 704 0.18 -34.82 55.42
CA THR U 704 -0.02 -35.34 56.77
C THR U 704 0.97 -36.47 56.99
N GLY U 705 1.75 -36.37 58.06
CA GLY U 705 2.74 -37.39 58.37
C GLY U 705 3.07 -37.50 59.85
N ILE U 706 3.61 -38.64 60.24
CA ILE U 706 3.99 -38.87 61.63
C ILE U 706 5.47 -38.53 61.80
N GLU U 707 5.74 -37.28 62.19
CA GLU U 707 7.11 -36.82 62.38
C GLU U 707 7.65 -37.46 63.63
N THR U 708 8.96 -37.71 63.65
CA THR U 708 9.59 -38.42 64.75
C THR U 708 11.11 -38.27 64.68
N ILE U 709 11.75 -37.97 65.81
CA ILE U 709 13.20 -37.93 65.88
C ILE U 709 13.68 -38.49 67.21
N SER U 710 14.85 -39.13 67.17
CA SER U 710 15.39 -39.79 68.34
C SER U 710 16.86 -39.46 68.52
N ILE U 711 17.27 -39.43 69.79
CA ILE U 711 18.65 -39.19 70.18
C ILE U 711 19.16 -40.42 70.93
N GLU U 712 20.34 -40.88 70.55
CA GLU U 712 20.98 -42.01 71.18
C GLU U 712 21.94 -41.51 72.24
N ASN U 713 21.81 -42.03 73.46
CA ASN U 713 22.59 -41.55 74.60
C ASN U 713 22.43 -40.04 74.74
N PRO U 714 21.29 -39.58 75.22
CA PRO U 714 21.05 -38.14 75.26
C PRO U 714 21.87 -37.48 76.35
N GLY U 715 22.28 -36.25 76.06
CA GLY U 715 22.96 -35.41 77.03
C GLY U 715 22.31 -34.05 77.03
N PHE U 716 21.88 -33.56 78.19
CA PHE U 716 21.10 -32.33 78.29
C PHE U 716 21.78 -31.26 79.12
N SER U 717 22.36 -31.63 80.27
CA SER U 717 22.79 -30.64 81.25
C SER U 717 23.76 -29.63 80.66
N ASN U 718 24.80 -30.10 80.00
CA ASN U 718 25.86 -29.23 79.54
C ASN U 718 25.53 -28.72 78.14
N MET U 719 26.51 -28.05 77.53
CA MET U 719 26.33 -27.56 76.17
C MET U 719 26.05 -28.74 75.26
N THR U 720 24.88 -28.74 74.62
CA THR U 720 24.60 -29.75 73.62
C THR U 720 24.75 -29.15 72.23
N GLN U 721 23.94 -28.14 71.94
CA GLN U 721 23.89 -27.47 70.64
C GLN U 721 23.65 -28.48 69.52
N ALA U 722 23.30 -29.71 69.89
CA ALA U 722 23.12 -30.80 68.95
C ALA U 722 21.66 -31.20 68.86
N ALA U 723 21.06 -31.55 70.00
CA ALA U 723 19.64 -31.82 70.04
C ALA U 723 18.84 -30.61 70.49
N ARG U 724 19.47 -29.61 71.09
CA ARG U 724 18.74 -28.40 71.41
C ARG U 724 18.12 -27.81 70.14
N ILE U 725 18.82 -27.94 69.02
CA ILE U 725 18.20 -27.60 67.74
C ILE U 725 17.34 -28.75 67.24
N GLY U 726 17.71 -29.97 67.58
CA GLY U 726 17.00 -31.12 67.04
C GLY U 726 15.54 -31.15 67.43
N ILE U 727 15.25 -31.02 68.72
CA ILE U 727 13.86 -30.99 69.16
C ILE U 727 13.18 -29.71 68.69
N SER U 728 13.91 -28.60 68.68
CA SER U 728 13.30 -27.32 68.35
C SER U 728 12.82 -27.29 66.91
N GLY U 729 13.56 -27.91 66.00
CA GLY U 729 13.11 -28.00 64.63
C GLY U 729 11.79 -28.73 64.50
N LEU U 730 11.67 -29.88 65.16
CA LEU U 730 10.42 -30.62 65.13
C LEU U 730 9.29 -29.82 65.76
N CYS U 731 9.58 -29.13 66.86
CA CYS U 731 8.56 -28.33 67.51
C CYS U 731 8.03 -27.26 66.56
N ALA U 732 8.94 -26.53 65.92
CA ALA U 732 8.52 -25.54 64.93
C ALA U 732 7.78 -26.19 63.77
N ASN U 733 8.13 -27.43 63.44
CA ASN U 733 7.42 -28.15 62.39
C ASN U 733 5.96 -28.35 62.74
N VAL U 734 5.70 -28.91 63.92
CA VAL U 734 4.39 -29.45 64.25
C VAL U 734 3.86 -28.94 65.58
N GLY U 735 4.24 -27.74 66.00
CA GLY U 735 3.79 -27.21 67.27
C GLY U 735 2.29 -27.09 67.37
N ASN U 736 1.79 -26.89 68.60
CA ASN U 736 0.38 -26.68 68.88
C ASN U 736 -0.44 -27.93 68.64
N ALA U 737 0.20 -29.00 68.16
CA ALA U 737 -0.44 -30.30 68.08
C ALA U 737 0.20 -31.23 69.10
N ARG U 738 -0.58 -32.19 69.60
CA ARG U 738 -0.14 -33.03 70.71
C ARG U 738 1.14 -33.77 70.34
N LYS U 739 2.17 -33.62 71.17
CA LYS U 739 3.49 -34.19 70.91
C LYS U 739 3.83 -35.17 72.02
N SER U 740 4.14 -36.41 71.65
CA SER U 740 4.32 -37.49 72.63
C SER U 740 5.72 -38.06 72.56
N ILE U 741 6.18 -38.59 73.70
CA ILE U 741 7.59 -38.89 73.92
C ILE U 741 7.71 -40.31 74.47
N ALA U 742 8.91 -40.86 74.34
CA ALA U 742 9.30 -42.10 74.99
C ALA U 742 10.80 -42.07 75.26
N ILE U 743 11.20 -42.70 76.36
CA ILE U 743 12.61 -42.85 76.70
C ILE U 743 12.85 -44.30 77.08
N TYR U 744 13.75 -44.96 76.36
CA TYR U 744 14.00 -46.37 76.58
C TYR U 744 15.40 -46.67 76.08
N GLU U 745 15.72 -47.95 75.90
CA GLU U 745 17.04 -48.33 75.42
C GLU U 745 16.91 -49.35 74.29
N SER U 746 17.66 -49.14 73.21
CA SER U 746 17.66 -50.06 72.09
C SER U 746 19.09 -50.38 71.69
N HIS U 747 19.39 -51.66 71.54
CA HIS U 747 20.69 -52.11 71.05
C HIS U 747 21.82 -51.50 71.88
N GLY U 748 21.60 -51.44 73.18
CA GLY U 748 22.60 -50.96 74.12
C GLY U 748 22.63 -49.46 74.30
N ALA U 749 21.97 -48.69 73.44
CA ALA U 749 22.05 -47.23 73.49
C ALA U 749 20.76 -46.68 74.08
N ARG U 750 20.91 -45.79 75.04
CA ARG U 750 19.80 -45.15 75.72
C ARG U 750 19.22 -44.08 74.81
N VAL U 751 18.02 -44.30 74.29
CA VAL U 751 17.47 -43.51 73.20
C VAL U 751 16.16 -42.86 73.62
N LEU U 752 16.00 -41.62 73.20
CA LEU U 752 14.80 -40.82 73.40
C LEU U 752 14.13 -40.59 72.05
N THR U 753 12.82 -40.80 71.98
CA THR U 753 12.08 -40.65 70.73
C THR U 753 10.91 -39.70 70.92
N ILE U 754 10.73 -38.84 69.91
CA ILE U 754 9.69 -37.83 69.86
C ILE U 754 8.82 -38.12 68.64
N THR U 755 7.49 -38.12 68.83
CA THR U 755 6.56 -38.29 67.72
C THR U 755 5.48 -37.22 67.77
N SER U 756 4.98 -36.87 66.59
CA SER U 756 3.96 -35.85 66.41
C SER U 756 3.46 -35.92 64.97
N ARG U 757 2.63 -34.93 64.59
CA ARG U 757 1.94 -34.98 63.30
C ARG U 757 1.93 -33.59 62.68
N ARG U 758 2.06 -33.55 61.36
CA ARG U 758 2.11 -32.30 60.60
C ARG U 758 0.87 -32.14 59.74
N SER U 759 0.42 -30.89 59.67
CA SER U 759 -0.82 -30.48 59.02
C SER U 759 -0.57 -29.20 58.25
N PRO U 760 -1.44 -28.84 57.32
CA PRO U 760 -1.28 -27.55 56.65
C PRO U 760 -1.22 -26.37 57.60
N ALA U 761 -2.01 -26.38 58.67
CA ALA U 761 -1.96 -25.26 59.60
C ALA U 761 -0.66 -25.27 60.39
N SER U 762 -0.24 -26.46 60.83
CA SER U 762 1.00 -26.57 61.60
C SER U 762 2.18 -26.05 60.79
N ALA U 763 2.23 -26.36 59.51
CA ALA U 763 3.27 -25.88 58.62
C ALA U 763 3.00 -24.47 58.10
N ARG U 764 1.80 -23.95 58.31
CA ARG U 764 1.52 -22.55 58.04
C ARG U 764 2.10 -21.67 59.13
N ARG U 765 2.08 -22.15 60.36
CA ARG U 765 2.74 -21.44 61.45
C ARG U 765 4.23 -21.26 61.16
N LYS U 766 4.87 -22.31 60.63
CA LYS U 766 6.29 -22.21 60.31
C LYS U 766 6.56 -21.12 59.29
N SER U 767 5.61 -20.86 58.41
CA SER U 767 5.81 -19.84 57.39
C SER U 767 5.92 -18.44 57.97
N ARG U 768 5.54 -18.25 59.23
CA ARG U 768 5.53 -16.93 59.83
C ARG U 768 6.80 -16.61 60.61
N LEU U 769 7.61 -17.61 60.97
CA LEU U 769 8.83 -17.33 61.69
C LEU U 769 9.87 -16.73 60.76
N ARG U 770 10.86 -16.05 61.35
CA ARG U 770 12.08 -15.70 60.63
C ARG U 770 13.29 -16.41 61.24
N TYR U 771 13.60 -16.13 62.49
CA TYR U 771 14.59 -16.94 63.18
C TYR U 771 13.89 -18.18 63.74
N LEU U 772 14.68 -19.12 64.24
CA LEU U 772 14.11 -20.33 64.80
C LEU U 772 13.95 -20.18 66.30
N PRO U 773 12.73 -20.24 66.83
CA PRO U 773 12.57 -20.23 68.29
C PRO U 773 13.19 -21.47 68.90
N LEU U 774 13.68 -21.31 70.13
CA LEU U 774 14.34 -22.39 70.84
C LEU U 774 13.60 -22.70 72.13
N ILE U 775 13.94 -23.85 72.71
CA ILE U 775 13.15 -24.45 73.76
C ILE U 775 14.02 -24.72 74.99
N ASP U 776 13.42 -24.53 76.16
CA ASP U 776 14.07 -24.90 77.40
C ASP U 776 13.92 -26.40 77.60
N PRO U 777 15.02 -27.14 77.72
CA PRO U 777 14.93 -28.58 77.95
C PRO U 777 14.86 -28.99 79.41
N ARG U 778 14.70 -28.06 80.35
CA ARG U 778 14.68 -28.42 81.77
C ARG U 778 13.62 -29.47 82.07
N SER U 779 12.54 -29.50 81.29
CA SER U 779 11.48 -30.47 81.53
C SER U 779 11.97 -31.90 81.36
N LEU U 780 13.08 -32.09 80.66
CA LEU U 780 13.41 -33.43 80.19
C LEU U 780 14.59 -34.07 80.92
N GLU U 781 15.67 -33.34 81.22
CA GLU U 781 16.80 -34.02 81.85
C GLU U 781 16.40 -34.55 83.22
N VAL U 782 15.31 -34.04 83.77
CA VAL U 782 14.81 -34.53 85.04
C VAL U 782 14.18 -35.92 84.90
N GLN U 783 13.95 -36.38 83.69
CA GLN U 783 13.34 -37.70 83.54
C GLN U 783 14.26 -38.80 84.05
N ALA U 784 13.83 -39.46 85.12
CA ALA U 784 14.57 -40.55 85.74
C ALA U 784 13.82 -41.87 85.59
N ARG U 785 12.64 -41.84 84.99
CA ARG U 785 11.83 -43.04 84.81
C ARG U 785 12.07 -43.64 83.43
N THR U 786 11.44 -44.76 83.14
CA THR U 786 11.62 -45.43 81.87
C THR U 786 10.26 -45.61 81.19
N ILE U 787 10.23 -45.33 79.90
CA ILE U 787 8.99 -45.29 79.13
C ILE U 787 9.17 -46.18 77.92
N LEU U 788 8.21 -47.08 77.69
CA LEU U 788 8.25 -47.88 76.48
C LEU U 788 7.95 -47.01 75.26
N PRO U 789 8.55 -47.33 74.12
CA PRO U 789 8.16 -46.68 72.87
C PRO U 789 6.86 -47.23 72.34
N ALA U 790 6.44 -46.86 71.13
CA ALA U 790 5.18 -47.34 70.59
C ALA U 790 5.28 -47.45 69.07
N ASP U 791 4.11 -47.68 68.43
CA ASP U 791 4.00 -47.85 66.99
C ASP U 791 3.21 -46.69 66.39
N PRO U 792 3.75 -46.05 65.35
CA PRO U 792 3.09 -44.88 64.76
C PRO U 792 1.71 -45.23 64.22
N VAL U 793 0.71 -44.47 64.66
CA VAL U 793 -0.62 -44.48 64.05
C VAL U 793 -0.95 -43.06 63.66
N LEU U 794 -1.26 -42.85 62.38
CA LEU U 794 -1.59 -41.52 61.90
C LEU U 794 -2.86 -40.99 62.55
N PHE U 795 -3.98 -41.66 62.31
CA PHE U 795 -5.25 -41.29 62.92
C PHE U 795 -5.33 -41.96 64.29
N GLU U 796 -5.02 -41.18 65.31
CA GLU U 796 -4.75 -41.75 66.62
C GLU U 796 -6.05 -42.04 67.37
N ASN U 797 -7.02 -41.15 67.26
CA ASN U 797 -8.22 -41.28 68.08
C ASN U 797 -8.99 -42.54 67.72
N VAL U 798 -9.54 -43.18 68.74
CA VAL U 798 -10.18 -44.48 68.61
C VAL U 798 -11.64 -44.38 69.01
N SER U 799 -12.05 -43.20 69.47
CA SER U 799 -13.32 -43.01 70.16
C SER U 799 -14.27 -42.07 69.45
N GLY U 800 -13.77 -41.14 68.65
CA GLY U 800 -14.62 -40.11 68.08
C GLY U 800 -14.37 -38.78 68.74
N ALA U 801 -14.37 -37.71 67.94
CA ALA U 801 -14.03 -36.39 68.46
C ALA U 801 -15.09 -35.89 69.43
N SER U 802 -14.64 -35.20 70.47
CA SER U 802 -15.53 -34.70 71.49
C SER U 802 -16.35 -33.54 70.93
N PRO U 803 -17.47 -33.18 71.59
CA PRO U 803 -18.31 -32.09 71.06
C PRO U 803 -17.59 -30.77 70.89
N HIS U 804 -17.03 -30.23 71.97
CA HIS U 804 -16.64 -28.84 72.00
C HIS U 804 -15.39 -28.58 71.19
N VAL U 805 -14.52 -29.57 71.06
CA VAL U 805 -13.39 -29.40 70.16
C VAL U 805 -13.89 -29.19 68.74
N CYS U 806 -14.85 -30.00 68.32
CA CYS U 806 -15.43 -29.85 66.99
C CYS U 806 -16.13 -28.51 66.87
N LEU U 807 -16.79 -28.07 67.93
CA LEU U 807 -17.43 -26.77 67.90
C LEU U 807 -16.40 -25.67 67.66
N THR U 808 -15.28 -25.74 68.37
CA THR U 808 -14.22 -24.75 68.19
C THR U 808 -13.66 -24.78 66.77
N MET U 809 -13.48 -25.98 66.21
CA MET U 809 -13.01 -26.09 64.84
C MET U 809 -13.99 -25.46 63.86
N MET U 810 -15.28 -25.79 63.98
CA MET U 810 -16.28 -25.23 63.08
C MET U 810 -16.35 -23.72 63.24
N TYR U 811 -16.05 -23.24 64.45
CA TYR U 811 -15.93 -21.80 64.64
C TYR U 811 -14.76 -21.24 63.86
N ASN U 812 -13.57 -21.77 64.09
CA ASN U 812 -12.36 -21.17 63.53
C ASN U 812 -12.32 -21.26 62.01
N PHE U 813 -13.05 -22.20 61.42
CA PHE U 813 -13.10 -22.19 59.95
C PHE U 813 -13.68 -20.87 59.44
N GLU U 814 -14.67 -20.32 60.14
CA GLU U 814 -15.24 -19.06 59.68
C GLU U 814 -14.19 -17.96 59.65
N VAL U 815 -13.38 -17.84 60.70
CA VAL U 815 -12.39 -16.76 60.74
C VAL U 815 -11.26 -17.03 59.76
N SER U 816 -10.85 -18.29 59.64
CA SER U 816 -9.76 -18.62 58.73
C SER U 816 -10.15 -18.39 57.29
N SER U 817 -11.42 -18.59 56.95
CA SER U 817 -11.91 -18.26 55.63
C SER U 817 -12.08 -16.76 55.45
N ALA U 818 -12.58 -16.06 56.48
CA ALA U 818 -12.98 -14.68 56.34
C ALA U 818 -11.83 -13.69 56.42
N VAL U 819 -10.59 -14.17 56.35
CA VAL U 819 -9.42 -13.30 56.39
C VAL U 819 -8.63 -13.51 55.12
N TYR U 820 -8.30 -12.42 54.43
CA TYR U 820 -7.48 -12.46 53.24
C TYR U 820 -6.07 -12.01 53.57
N ASP U 821 -5.23 -11.94 52.55
CA ASP U 821 -3.84 -11.58 52.78
C ASP U 821 -3.72 -10.11 53.17
N GLY U 822 -2.78 -9.83 54.06
CA GLY U 822 -2.43 -8.48 54.40
C GLY U 822 -3.37 -7.79 55.36
N ASP U 823 -4.51 -8.40 55.69
CA ASP U 823 -5.46 -7.77 56.57
C ASP U 823 -4.85 -7.59 57.95
N VAL U 824 -4.98 -6.39 58.51
CA VAL U 824 -4.41 -6.09 59.81
C VAL U 824 -5.39 -6.54 60.89
N VAL U 825 -4.95 -7.46 61.74
CA VAL U 825 -5.85 -8.27 62.54
C VAL U 825 -5.69 -7.92 64.02
N LEU U 826 -6.82 -7.74 64.69
CA LEU U 826 -6.89 -7.55 66.12
C LEU U 826 -7.80 -8.63 66.69
N ASP U 827 -7.22 -9.60 67.38
CA ASP U 827 -7.98 -10.71 67.93
C ASP U 827 -8.10 -10.58 69.44
N LEU U 828 -9.33 -10.63 69.93
CA LEU U 828 -9.66 -10.55 71.34
C LEU U 828 -9.94 -11.95 71.86
N GLY U 829 -9.72 -12.14 73.16
CA GLY U 829 -9.85 -13.45 73.74
C GLY U 829 -8.76 -14.41 73.35
N THR U 830 -7.68 -13.91 72.76
CA THR U 830 -6.65 -14.77 72.19
C THR U 830 -6.09 -15.72 73.24
N GLY U 831 -6.15 -17.01 72.95
CA GLY U 831 -5.64 -18.01 73.85
C GLY U 831 -4.14 -17.85 74.03
N PRO U 832 -3.62 -18.33 75.17
CA PRO U 832 -2.15 -18.36 75.35
C PRO U 832 -1.42 -19.14 74.27
N GLU U 833 -1.98 -20.26 73.79
CA GLU U 833 -1.33 -21.02 72.74
C GLU U 833 -1.45 -20.38 71.37
N ALA U 834 -2.33 -19.40 71.21
CA ALA U 834 -2.41 -18.58 70.00
C ALA U 834 -2.67 -19.45 68.77
N LYS U 835 -3.87 -20.02 68.74
CA LYS U 835 -4.31 -20.78 67.58
C LYS U 835 -4.17 -19.97 66.30
N ILE U 836 -4.33 -18.64 66.42
CA ILE U 836 -4.36 -17.75 65.28
C ILE U 836 -3.06 -17.78 64.52
N LEU U 837 -1.95 -17.91 65.23
CA LEU U 837 -0.65 -17.99 64.60
C LEU U 837 -0.54 -19.21 63.69
N GLU U 838 -1.56 -20.05 63.67
CA GLU U 838 -1.60 -21.27 62.90
C GLU U 838 -2.76 -21.28 61.92
N LEU U 839 -3.58 -20.22 61.89
CA LEU U 839 -4.77 -20.17 61.06
C LEU U 839 -4.71 -19.15 59.93
N ILE U 840 -4.10 -17.99 60.15
CA ILE U 840 -4.14 -16.90 59.18
C ILE U 840 -2.95 -17.01 58.23
N PRO U 841 -2.94 -16.30 57.10
CA PRO U 841 -1.74 -16.27 56.26
C PRO U 841 -0.54 -15.72 57.01
N ALA U 842 0.62 -15.87 56.38
CA ALA U 842 1.88 -15.48 57.01
C ALA U 842 2.33 -14.09 56.62
N THR U 843 1.40 -13.21 56.29
CA THR U 843 1.69 -11.82 55.92
C THR U 843 0.67 -10.87 56.54
N SER U 844 0.05 -11.27 57.64
CA SER U 844 -0.93 -10.43 58.30
C SER U 844 -0.52 -10.19 59.74
N PRO U 845 -0.36 -8.95 60.15
CA PRO U 845 -0.04 -8.66 61.55
C PRO U 845 -1.21 -8.98 62.46
N VAL U 846 -0.89 -9.42 63.66
CA VAL U 846 -1.91 -9.82 64.63
C VAL U 846 -1.59 -9.24 65.99
N THR U 847 -2.65 -9.13 66.80
CA THR U 847 -2.56 -8.70 68.18
C THR U 847 -3.26 -9.71 69.07
N CYS U 848 -2.55 -10.17 70.08
CA CYS U 848 -3.09 -11.03 71.12
C CYS U 848 -3.59 -10.14 72.24
N VAL U 849 -4.89 -10.21 72.53
CA VAL U 849 -5.49 -9.41 73.57
C VAL U 849 -6.10 -10.39 74.57
N ASP U 850 -5.39 -10.67 75.65
CA ASP U 850 -5.89 -11.58 76.66
C ASP U 850 -5.23 -11.22 77.99
N ILE U 851 -5.48 -12.06 78.99
CA ILE U 851 -5.10 -11.81 80.37
C ILE U 851 -3.89 -12.64 80.75
N ARG U 852 -4.03 -13.97 80.71
CA ARG U 852 -2.93 -14.83 81.08
C ARG U 852 -1.75 -14.60 80.14
N PRO U 853 -0.53 -14.66 80.66
CA PRO U 853 0.64 -14.62 79.79
C PRO U 853 0.63 -15.79 78.82
N THR U 854 1.10 -15.52 77.61
CA THR U 854 1.18 -16.55 76.59
C THR U 854 2.42 -17.40 76.81
N ALA U 855 2.63 -18.35 75.91
CA ALA U 855 3.87 -19.09 75.87
C ALA U 855 4.60 -18.94 74.55
N GLN U 856 3.96 -18.40 73.53
CA GLN U 856 4.58 -18.29 72.24
C GLN U 856 5.78 -17.37 72.30
N PRO U 857 6.81 -17.64 71.52
CA PRO U 857 8.04 -16.84 71.60
C PRO U 857 7.83 -15.39 71.20
N SER U 858 8.89 -14.61 71.25
CA SER U 858 8.82 -13.20 70.91
C SER U 858 9.76 -12.77 69.81
N GLY U 859 10.92 -13.40 69.66
CA GLY U 859 11.97 -12.85 68.84
C GLY U 859 12.19 -13.47 67.48
N CYS U 860 11.22 -14.21 66.95
CA CYS U 860 11.42 -14.95 65.71
C CYS U 860 10.40 -14.65 64.63
N TRP U 861 9.65 -13.56 64.75
CA TRP U 861 8.46 -13.38 63.92
C TRP U 861 8.76 -12.48 62.73
N ASN U 862 8.63 -13.05 61.54
CA ASN U 862 9.01 -12.36 60.31
C ASN U 862 8.15 -11.12 60.08
N VAL U 863 6.84 -11.24 60.19
CA VAL U 863 5.98 -10.06 60.12
C VAL U 863 5.55 -9.70 61.53
N ARG U 864 4.86 -8.56 61.66
CA ARG U 864 4.48 -8.07 62.98
C ARG U 864 3.59 -9.07 63.70
N THR U 865 3.77 -9.15 65.01
CA THR U 865 2.98 -9.99 65.89
C THR U 865 3.14 -9.46 67.30
N THR U 866 2.04 -9.03 67.92
CA THR U 866 2.11 -8.44 69.25
C THR U 866 1.23 -9.22 70.20
N PHE U 867 1.53 -9.12 71.49
CA PHE U 867 0.77 -9.77 72.54
C PHE U 867 0.51 -8.76 73.64
N LEU U 868 -0.50 -9.02 74.46
CA LEU U 868 -0.87 -8.09 75.51
C LEU U 868 -1.27 -8.83 76.77
N GLU U 869 -1.15 -8.15 77.91
CA GLU U 869 -1.59 -8.64 79.22
C GLU U 869 -2.55 -7.60 79.80
N LEU U 870 -3.84 -7.73 79.47
CA LEU U 870 -4.88 -6.85 79.97
C LEU U 870 -6.23 -7.45 79.60
N ASP U 871 -7.29 -6.71 79.90
CA ASP U 871 -8.65 -7.16 79.65
C ASP U 871 -9.23 -6.50 78.41
N TYR U 872 -9.95 -7.27 77.61
CA TYR U 872 -10.64 -6.69 76.47
C TYR U 872 -12.03 -6.20 76.80
N LEU U 873 -12.51 -6.41 78.02
CA LEU U 873 -13.69 -5.71 78.48
C LEU U 873 -13.35 -4.38 79.13
N SER U 874 -12.06 -4.12 79.34
CA SER U 874 -11.60 -2.97 80.12
C SER U 874 -11.68 -1.71 79.25
N ASP U 875 -11.03 -0.65 79.70
CA ASP U 875 -11.10 0.65 79.04
C ASP U 875 -9.72 1.25 78.87
N GLY U 876 -9.64 2.25 77.99
CA GLY U 876 -8.43 3.04 77.84
C GLY U 876 -7.21 2.31 77.32
N TRP U 877 -7.40 1.50 76.29
CA TRP U 877 -6.29 0.83 75.60
C TRP U 877 -6.47 0.78 74.11
N ILE U 878 -7.48 1.44 73.55
CA ILE U 878 -7.95 1.09 72.23
C ILE U 878 -7.31 1.97 71.18
N THR U 879 -7.06 3.23 71.52
CA THR U 879 -6.69 4.23 70.52
C THR U 879 -5.36 3.90 69.87
N GLY U 880 -4.51 3.13 70.55
CA GLY U 880 -3.19 2.93 70.02
C GLY U 880 -3.03 1.78 69.07
N VAL U 881 -4.10 1.06 68.75
CA VAL U 881 -4.01 -0.25 68.12
C VAL U 881 -4.64 -0.18 66.73
N ARG U 882 -3.84 -0.52 65.72
CA ARG U 882 -4.35 -0.69 64.37
C ARG U 882 -5.21 -1.95 64.31
N GLY U 883 -5.96 -2.10 63.22
CA GLY U 883 -6.79 -3.28 63.07
C GLY U 883 -7.96 -3.17 62.10
N ASP U 884 -8.22 -4.26 61.38
CA ASP U 884 -9.29 -4.31 60.39
C ASP U 884 -10.39 -5.28 60.80
N ILE U 885 -10.05 -6.51 61.14
CA ILE U 885 -11.01 -7.53 61.52
C ILE U 885 -10.83 -7.81 63.00
N VAL U 886 -11.87 -7.58 63.78
CA VAL U 886 -11.84 -7.79 65.22
C VAL U 886 -12.71 -8.99 65.57
N THR U 887 -12.17 -9.88 66.39
CA THR U 887 -12.74 -11.21 66.64
C THR U 887 -12.98 -11.43 68.13
N CYS U 888 -13.84 -12.40 68.42
CA CYS U 888 -14.05 -12.89 69.78
C CYS U 888 -14.83 -14.19 69.67
N MET U 889 -14.24 -15.29 70.14
CA MET U 889 -14.74 -16.63 69.85
C MET U 889 -14.75 -17.47 71.11
N LEU U 890 -15.92 -17.97 71.50
CA LEU U 890 -16.07 -18.83 72.68
C LEU U 890 -15.60 -18.13 73.95
N SER U 891 -15.72 -16.81 74.00
CA SER U 891 -15.09 -16.03 75.05
C SER U 891 -16.08 -15.20 75.85
N LEU U 892 -16.98 -14.48 75.19
CA LEU U 892 -17.72 -13.42 75.88
C LEU U 892 -18.71 -13.99 76.90
N GLY U 893 -19.28 -15.16 76.64
CA GLY U 893 -20.20 -15.73 77.63
C GLY U 893 -19.50 -16.04 78.93
N ALA U 894 -18.33 -16.69 78.86
CA ALA U 894 -17.55 -16.92 80.06
C ALA U 894 -17.10 -15.62 80.69
N ALA U 895 -16.75 -14.63 79.86
CA ALA U 895 -16.35 -13.34 80.39
C ALA U 895 -17.47 -12.70 81.22
N ALA U 896 -18.68 -12.69 80.68
CA ALA U 896 -19.81 -12.10 81.38
C ALA U 896 -20.13 -12.89 82.65
N ALA U 897 -20.06 -14.22 82.55
CA ALA U 897 -20.32 -15.03 83.75
C ALA U 897 -19.32 -14.72 84.84
N GLY U 898 -18.03 -14.58 84.49
CA GLY U 898 -17.01 -14.40 85.49
C GLY U 898 -17.16 -13.12 86.26
N LYS U 899 -17.42 -12.01 85.56
CA LYS U 899 -17.56 -10.71 86.18
C LYS U 899 -18.93 -10.51 86.80
N SER U 900 -19.70 -11.59 86.96
CA SER U 900 -21.07 -11.54 87.45
C SER U 900 -21.91 -10.59 86.61
N MET U 901 -21.65 -10.56 85.30
CA MET U 901 -22.25 -9.57 84.43
C MET U 901 -23.20 -10.26 83.46
N THR U 902 -24.28 -9.56 83.13
CA THR U 902 -25.29 -10.11 82.24
C THR U 902 -24.82 -10.04 80.79
N PHE U 903 -25.45 -10.83 79.94
CA PHE U 903 -25.06 -10.83 78.54
C PHE U 903 -25.33 -9.49 77.89
N ASP U 904 -26.43 -8.84 78.25
CA ASP U 904 -26.75 -7.54 77.68
C ASP U 904 -25.66 -6.52 77.99
N ALA U 905 -25.32 -6.40 79.27
CA ALA U 905 -24.29 -5.44 79.66
C ALA U 905 -22.95 -5.79 79.06
N ALA U 906 -22.61 -7.07 79.01
CA ALA U 906 -21.34 -7.47 78.43
C ALA U 906 -21.27 -7.09 76.96
N PHE U 907 -22.34 -7.36 76.22
CA PHE U 907 -22.36 -7.00 74.81
C PHE U 907 -22.22 -5.50 74.64
N GLN U 908 -22.98 -4.72 75.42
CA GLN U 908 -22.94 -3.28 75.24
C GLN U 908 -21.57 -2.73 75.57
N GLN U 909 -20.91 -3.29 76.59
CA GLN U 909 -19.60 -2.79 76.95
C GLN U 909 -18.57 -3.15 75.88
N LEU U 910 -18.71 -4.33 75.28
CA LEU U 910 -17.81 -4.65 74.17
C LEU U 910 -18.02 -3.70 73.01
N ILE U 911 -19.28 -3.40 72.69
CA ILE U 911 -19.56 -2.41 71.65
C ILE U 911 -18.93 -1.08 71.99
N LYS U 912 -19.06 -0.66 73.25
CA LYS U 912 -18.50 0.62 73.65
C LYS U 912 -17.00 0.63 73.48
N VAL U 913 -16.34 -0.47 73.84
CA VAL U 913 -14.89 -0.54 73.71
C VAL U 913 -14.49 -0.48 72.25
N LEU U 914 -15.27 -1.11 71.38
CA LEU U 914 -14.94 -1.07 69.96
C LEU U 914 -15.38 0.23 69.30
N SER U 915 -16.13 1.07 69.99
CA SER U 915 -16.67 2.28 69.37
C SER U 915 -15.56 3.23 68.96
N LYS U 916 -14.68 3.57 69.89
CA LYS U 916 -13.62 4.52 69.63
C LYS U 916 -12.39 3.87 69.03
N SER U 917 -12.54 2.69 68.46
CA SER U 917 -11.45 1.99 67.79
C SER U 917 -11.32 2.50 66.36
N THR U 918 -10.51 1.80 65.58
CA THR U 918 -10.35 2.10 64.17
C THR U 918 -10.67 0.91 63.27
N ALA U 919 -11.33 -0.12 63.79
CA ALA U 919 -11.51 -1.35 63.04
C ALA U 919 -12.45 -1.13 61.85
N ASN U 920 -12.65 -2.20 61.10
CA ASN U 920 -13.49 -2.16 59.91
C ASN U 920 -14.59 -3.22 59.91
N VAL U 921 -14.32 -4.43 60.42
CA VAL U 921 -15.31 -5.51 60.44
C VAL U 921 -15.17 -6.26 61.76
N VAL U 922 -16.29 -6.75 62.29
CA VAL U 922 -16.33 -7.42 63.59
C VAL U 922 -16.87 -8.83 63.44
N LEU U 923 -16.21 -9.77 64.13
CA LEU U 923 -16.64 -11.16 64.27
C LEU U 923 -16.80 -11.46 65.75
N VAL U 924 -18.01 -11.86 66.16
CA VAL U 924 -18.22 -12.12 67.58
C VAL U 924 -19.12 -13.33 67.76
N GLN U 925 -18.65 -14.33 68.51
CA GLN U 925 -19.54 -15.39 68.96
C GLN U 925 -20.46 -14.83 70.04
N VAL U 926 -21.73 -15.20 69.97
CA VAL U 926 -22.76 -14.60 70.80
C VAL U 926 -23.65 -15.68 71.39
N ASN U 927 -23.77 -15.70 72.71
CA ASN U 927 -24.73 -16.58 73.38
C ASN U 927 -26.11 -15.97 73.22
N CYS U 928 -26.86 -16.50 72.25
CA CYS U 928 -28.19 -16.02 71.89
C CYS U 928 -28.85 -17.05 70.99
N PRO U 929 -30.13 -17.37 71.19
CA PRO U 929 -30.76 -18.43 70.40
C PRO U 929 -30.89 -18.04 68.94
N THR U 930 -31.45 -18.96 68.16
CA THR U 930 -31.69 -18.74 66.74
C THR U 930 -33.02 -19.31 66.29
N ASP U 931 -33.85 -19.77 67.23
CA ASP U 931 -35.06 -20.51 66.90
C ASP U 931 -35.89 -20.65 68.18
N VAL U 932 -36.84 -21.59 68.15
CA VAL U 932 -37.53 -21.99 69.37
C VAL U 932 -36.52 -22.49 70.39
N VAL U 933 -36.65 -22.02 71.62
CA VAL U 933 -35.75 -22.46 72.68
C VAL U 933 -36.05 -23.92 73.02
N ARG U 934 -35.01 -24.74 73.02
CA ARG U 934 -35.10 -26.14 73.38
C ARG U 934 -33.94 -26.48 74.30
N SER U 935 -33.75 -27.77 74.53
CA SER U 935 -32.61 -28.27 75.30
C SER U 935 -31.94 -29.39 74.52
N ILE U 936 -30.61 -29.39 74.54
CA ILE U 936 -29.85 -30.53 74.07
C ILE U 936 -29.51 -31.36 75.29
N LYS U 937 -29.88 -32.64 75.25
CA LYS U 937 -29.75 -33.48 76.42
C LYS U 937 -28.29 -33.62 76.82
N GLY U 938 -28.02 -33.53 78.13
CA GLY U 938 -26.72 -33.80 78.69
C GLY U 938 -25.57 -32.97 78.16
N TYR U 939 -25.83 -32.03 77.26
CA TYR U 939 -24.77 -31.24 76.65
C TYR U 939 -24.94 -29.76 76.86
N LEU U 940 -26.16 -29.27 76.81
CA LEU U 940 -26.45 -27.85 77.00
C LEU U 940 -27.90 -27.76 77.44
N GLU U 941 -28.13 -27.41 78.71
CA GLU U 941 -29.47 -27.31 79.25
C GLU U 941 -29.78 -25.85 79.50
N ILE U 942 -30.95 -25.42 79.05
CA ILE U 942 -31.25 -24.00 78.89
C ILE U 942 -32.43 -23.64 79.76
N ASP U 943 -32.27 -22.61 80.58
CA ASP U 943 -33.32 -22.14 81.45
C ASP U 943 -34.02 -20.94 80.84
N SER U 944 -35.36 -20.99 80.82
CA SER U 944 -36.10 -19.89 80.21
C SER U 944 -36.66 -18.93 81.25
N THR U 945 -36.36 -19.12 82.53
CA THR U 945 -36.68 -18.12 83.54
C THR U 945 -35.64 -17.02 83.53
N ASN U 946 -34.41 -17.35 83.89
CA ASN U 946 -33.30 -16.42 83.74
C ASN U 946 -32.52 -16.78 82.48
N LYS U 947 -32.06 -15.75 81.77
CA LYS U 947 -31.55 -15.94 80.42
C LYS U 947 -30.23 -16.71 80.45
N ARG U 948 -30.29 -17.96 80.88
CA ARG U 948 -29.10 -18.69 81.25
C ARG U 948 -29.00 -20.02 80.52
N TYR U 949 -27.81 -20.29 80.00
CA TYR U 949 -27.39 -21.59 79.53
C TYR U 949 -26.62 -22.32 80.63
N ARG U 950 -26.54 -23.63 80.50
CA ARG U 950 -25.68 -24.44 81.36
C ARG U 950 -24.99 -25.49 80.52
N PHE U 951 -23.69 -25.64 80.78
CA PHE U 951 -22.88 -26.69 80.15
C PHE U 951 -22.56 -27.71 81.24
N PRO U 952 -23.17 -28.88 81.22
CA PRO U 952 -22.92 -29.84 82.30
C PRO U 952 -21.54 -30.45 82.24
N LYS U 953 -21.07 -30.81 81.05
CA LYS U 953 -19.72 -31.35 80.94
C LYS U 953 -18.67 -30.35 81.37
N PHE U 954 -19.05 -29.07 81.42
CA PHE U 954 -18.14 -28.00 81.82
C PHE U 954 -18.47 -27.51 83.22
N GLY U 955 -19.70 -27.77 83.66
CA GLY U 955 -20.16 -27.37 84.98
C GLY U 955 -20.11 -25.87 85.20
N ARG U 956 -20.99 -25.14 84.52
CA ARG U 956 -21.04 -23.69 84.66
C ARG U 956 -22.38 -23.12 84.20
N ASP U 957 -22.81 -22.04 84.85
CA ASP U 957 -24.05 -21.36 84.51
C ASP U 957 -23.69 -20.01 83.90
N GLU U 958 -24.16 -19.77 82.68
CA GLU U 958 -23.82 -18.54 81.99
C GLU U 958 -25.10 -17.86 81.54
N PRO U 959 -25.06 -16.57 81.24
CA PRO U 959 -26.25 -15.90 80.73
C PRO U 959 -26.29 -15.80 79.21
N TYR U 960 -27.42 -15.33 78.66
CA TYR U 960 -27.52 -14.99 77.25
C TYR U 960 -28.51 -13.83 77.10
N SER U 961 -28.92 -13.57 75.86
CA SER U 961 -29.90 -12.53 75.57
C SER U 961 -30.64 -12.93 74.30
N ASP U 962 -31.30 -11.96 73.66
CA ASP U 962 -32.19 -12.24 72.56
C ASP U 962 -31.79 -11.44 71.31
N MET U 963 -32.20 -11.95 70.14
CA MET U 963 -31.72 -11.42 68.88
C MET U 963 -32.07 -9.94 68.74
N ASP U 964 -33.36 -9.61 68.92
CA ASP U 964 -33.80 -8.25 68.69
C ASP U 964 -33.18 -7.31 69.71
N ALA U 965 -33.00 -7.78 70.94
CA ALA U 965 -32.39 -6.95 71.97
C ALA U 965 -30.98 -6.56 71.58
N LEU U 966 -30.19 -7.51 71.07
CA LEU U 966 -28.81 -7.23 70.72
C LEU U 966 -28.74 -6.35 69.49
N GLU U 967 -29.66 -6.55 68.53
CA GLU U 967 -29.53 -5.88 67.25
C GLU U 967 -29.51 -4.36 67.40
N LYS U 968 -30.36 -3.82 68.28
CA LYS U 968 -30.46 -2.37 68.41
C LYS U 968 -29.16 -1.78 68.93
N ILE U 969 -28.49 -2.50 69.82
CA ILE U 969 -27.21 -2.02 70.34
C ILE U 969 -26.20 -1.87 69.21
N CYS U 970 -26.14 -2.86 68.31
CA CYS U 970 -25.28 -2.74 67.15
C CYS U 970 -25.73 -1.62 66.23
N ARG U 971 -27.05 -1.43 66.11
CA ARG U 971 -27.56 -0.35 65.28
C ARG U 971 -27.16 1.02 65.82
N THR U 972 -27.01 1.14 67.14
CA THR U 972 -26.78 2.44 67.77
C THR U 972 -25.41 3.02 67.38
N ALA U 973 -24.33 2.36 67.79
CA ALA U 973 -23.00 2.92 67.56
C ALA U 973 -22.67 2.99 66.08
N TRP U 974 -23.19 2.05 65.29
CA TRP U 974 -23.01 2.08 63.84
C TRP U 974 -24.38 2.13 63.19
N PRO U 975 -24.84 3.31 62.75
CA PRO U 975 -26.07 3.36 61.93
C PRO U 975 -25.87 2.81 60.53
N ASN U 976 -24.63 2.61 60.10
CA ASN U 976 -24.31 1.95 58.85
C ASN U 976 -23.95 0.49 59.05
N CYS U 977 -24.52 -0.16 60.06
CA CYS U 977 -24.13 -1.53 60.38
C CYS U 977 -25.00 -2.52 59.62
N SER U 978 -24.35 -3.34 58.81
CA SER U 978 -24.99 -4.47 58.15
C SER U 978 -24.62 -5.70 58.95
N ILE U 979 -25.63 -6.40 59.44
CA ILE U 979 -25.44 -7.45 60.42
C ILE U 979 -25.91 -8.75 59.80
N THR U 980 -25.07 -9.77 59.83
CA THR U 980 -25.47 -11.07 59.33
C THR U 980 -25.11 -12.16 60.32
N TRP U 981 -25.82 -13.27 60.23
CA TRP U 981 -25.75 -14.36 61.17
C TRP U 981 -25.37 -15.60 60.36
N VAL U 982 -24.06 -15.78 60.17
CA VAL U 982 -23.58 -16.75 59.19
C VAL U 982 -24.08 -18.14 59.56
N PRO U 983 -24.68 -18.88 58.63
CA PRO U 983 -25.20 -20.21 58.97
C PRO U 983 -24.14 -21.28 58.85
N LEU U 984 -24.32 -22.32 59.65
CA LEU U 984 -23.38 -23.44 59.62
C LEU U 984 -24.04 -24.81 59.61
N SER U 985 -25.27 -24.96 60.06
CA SER U 985 -25.81 -26.30 60.25
C SER U 985 -26.31 -26.91 58.97
N TYR U 986 -25.55 -26.72 57.90
CA TYR U 986 -25.53 -27.55 56.72
C TYR U 986 -24.15 -27.68 56.09
N ASP U 987 -23.22 -26.81 56.42
CA ASP U 987 -21.91 -26.82 55.80
C ASP U 987 -21.08 -27.95 56.38
N LEU U 988 -20.18 -28.48 55.57
CA LEU U 988 -19.18 -29.41 56.03
C LEU U 988 -17.77 -28.96 55.74
N ARG U 989 -17.59 -27.87 54.99
CA ARG U 989 -16.24 -27.40 54.70
C ARG U 989 -15.44 -27.24 55.97
N TRP U 990 -16.08 -26.82 57.06
CA TRP U 990 -15.36 -26.63 58.30
C TRP U 990 -14.64 -27.88 58.77
N THR U 991 -15.15 -29.06 58.41
CA THR U 991 -14.52 -30.30 58.83
C THR U 991 -13.12 -30.47 58.26
N ARG U 992 -12.75 -29.72 57.22
CA ARG U 992 -11.38 -29.80 56.75
C ARG U 992 -10.38 -29.37 57.81
N LEU U 993 -10.83 -28.67 58.85
CA LEU U 993 -9.90 -28.31 59.91
C LEU U 993 -9.62 -29.48 60.85
N ALA U 994 -10.15 -30.66 60.54
CA ALA U 994 -9.91 -31.87 61.31
C ALA U 994 -9.13 -32.91 60.53
N LEU U 995 -9.66 -33.28 59.35
CA LEU U 995 -9.14 -34.44 58.63
C LEU U 995 -7.68 -34.26 58.31
N LEU U 996 -7.22 -33.02 58.28
CA LEU U 996 -5.88 -32.74 57.82
C LEU U 996 -4.89 -32.67 58.95
N GLU U 997 -5.30 -33.10 60.15
CA GLU U 997 -4.35 -33.45 61.20
C GLU U 997 -4.78 -34.70 61.93
N SER U 998 -5.61 -35.53 61.31
CA SER U 998 -5.99 -36.83 61.83
C SER U 998 -6.76 -36.71 63.14
N THR U 999 -7.87 -35.99 63.06
CA THR U 999 -8.82 -35.84 64.16
C THR U 999 -10.08 -36.61 63.78
N THR U 1000 -10.17 -37.85 64.28
CA THR U 1000 -11.25 -38.74 63.86
C THR U 1000 -12.61 -38.16 64.20
N LEU U 1001 -13.58 -38.36 63.30
CA LEU U 1001 -14.89 -37.74 63.39
C LEU U 1001 -15.99 -38.77 63.62
N SER U 1002 -17.02 -38.37 64.36
CA SER U 1002 -18.22 -39.16 64.52
C SER U 1002 -19.43 -38.39 64.04
N SER U 1003 -20.39 -39.11 63.44
CA SER U 1003 -21.61 -38.48 62.99
C SER U 1003 -22.34 -37.79 64.13
N ALA U 1004 -22.49 -38.47 65.26
CA ALA U 1004 -23.23 -37.89 66.38
C ALA U 1004 -22.56 -36.62 66.88
N SER U 1005 -21.23 -36.65 66.98
CA SER U 1005 -20.48 -35.47 67.39
C SER U 1005 -20.67 -34.32 66.41
N ILE U 1006 -20.94 -34.63 65.15
CA ILE U 1006 -21.28 -33.59 64.19
C ILE U 1006 -22.65 -33.02 64.50
N ARG U 1007 -23.64 -33.89 64.60
CA ARG U 1007 -25.02 -33.45 64.72
C ARG U 1007 -25.22 -32.60 65.96
N ILE U 1008 -24.62 -33.03 67.08
CA ILE U 1008 -24.73 -32.25 68.29
C ILE U 1008 -24.04 -30.92 68.12
N ALA U 1009 -23.00 -30.86 67.28
CA ALA U 1009 -22.33 -29.59 67.06
C ALA U 1009 -23.24 -28.62 66.31
N GLU U 1010 -23.92 -29.08 65.28
CA GLU U 1010 -24.92 -28.20 64.66
C GLU U 1010 -25.95 -27.74 65.69
N LEU U 1011 -26.50 -28.68 66.45
CA LEU U 1011 -27.55 -28.31 67.39
C LEU U 1011 -27.05 -27.31 68.42
N MET U 1012 -25.85 -27.52 68.97
CA MET U 1012 -25.24 -26.56 69.88
C MET U 1012 -24.99 -25.22 69.20
N TYR U 1013 -24.72 -25.23 67.90
CA TYR U 1013 -24.44 -23.98 67.22
C TYR U 1013 -25.70 -23.17 66.98
N LYS U 1014 -26.86 -23.83 66.92
CA LYS U 1014 -28.10 -23.08 66.80
C LYS U 1014 -28.39 -22.20 68.01
N TYR U 1015 -27.55 -22.24 69.04
CA TYR U 1015 -27.72 -21.34 70.16
C TYR U 1015 -26.44 -20.62 70.53
N MET U 1016 -25.35 -20.87 69.82
CA MET U 1016 -24.11 -20.11 69.99
C MET U 1016 -23.65 -19.64 68.62
N PRO U 1017 -24.44 -18.81 67.96
CA PRO U 1017 -24.16 -18.43 66.58
C PRO U 1017 -23.00 -17.45 66.54
N ILE U 1018 -22.66 -17.02 65.33
CA ILE U 1018 -21.56 -16.08 65.11
C ILE U 1018 -22.12 -14.87 64.39
N MET U 1019 -21.77 -13.69 64.88
CA MET U 1019 -22.27 -12.41 64.39
C MET U 1019 -21.18 -11.82 63.51
N ARG U 1020 -21.54 -11.49 62.28
CA ARG U 1020 -20.63 -10.87 61.32
C ARG U 1020 -21.17 -9.47 61.04
N ILE U 1021 -20.46 -8.47 61.52
CA ILE U 1021 -20.92 -7.08 61.48
C ILE U 1021 -19.99 -6.28 60.59
N ASP U 1022 -20.56 -5.65 59.57
CA ASP U 1022 -19.83 -4.70 58.74
C ASP U 1022 -20.27 -3.30 59.12
N ILE U 1023 -19.31 -2.44 59.42
CA ILE U 1023 -19.64 -1.12 59.94
C ILE U 1023 -20.16 -0.19 58.84
N HIS U 1024 -20.01 -0.57 57.58
CA HIS U 1024 -20.38 0.32 56.48
C HIS U 1024 -21.02 -0.46 55.34
N GLY U 1025 -21.65 -1.58 55.66
CA GLY U 1025 -22.51 -2.26 54.73
C GLY U 1025 -23.84 -1.56 54.60
N LEU U 1026 -24.69 -2.13 53.77
CA LEU U 1026 -25.98 -1.53 53.49
C LEU U 1026 -27.04 -2.13 54.41
N PRO U 1027 -27.77 -1.33 55.18
CA PRO U 1027 -28.68 -1.86 56.18
C PRO U 1027 -29.87 -2.62 55.58
N MET U 1028 -30.46 -3.44 56.44
CA MET U 1028 -31.66 -4.23 56.16
C MET U 1028 -32.53 -4.18 57.44
N GLU U 1029 -33.81 -3.83 57.29
CA GLU U 1029 -34.71 -3.70 58.42
C GLU U 1029 -35.78 -4.77 58.36
N LYS U 1030 -36.00 -5.44 59.48
CA LYS U 1030 -36.99 -6.51 59.59
C LYS U 1030 -38.32 -5.93 60.02
N ARG U 1031 -39.38 -6.24 59.27
CA ARG U 1031 -40.65 -5.52 59.40
C ARG U 1031 -41.77 -6.39 59.95
N GLY U 1032 -42.11 -7.50 59.30
CA GLY U 1032 -43.23 -8.32 59.73
C GLY U 1032 -42.87 -9.25 60.86
N ASN U 1033 -43.65 -10.32 60.98
CA ASN U 1033 -43.40 -11.38 61.94
C ASN U 1033 -42.69 -12.53 61.22
N PHE U 1034 -41.52 -12.91 61.72
CA PHE U 1034 -40.69 -13.90 61.04
C PHE U 1034 -40.89 -15.27 61.67
N ILE U 1035 -42.02 -15.89 61.32
CA ILE U 1035 -42.33 -17.25 61.73
C ILE U 1035 -42.86 -18.00 60.52
N VAL U 1036 -42.48 -19.28 60.42
CA VAL U 1036 -42.97 -20.10 59.32
C VAL U 1036 -44.49 -20.12 59.34
N GLY U 1037 -45.08 -20.10 58.15
CA GLY U 1037 -46.52 -19.99 58.05
C GLY U 1037 -47.05 -18.60 58.28
N GLN U 1038 -46.18 -17.59 58.28
CA GLN U 1038 -46.59 -16.21 58.50
C GLN U 1038 -45.98 -15.30 57.45
N ASN U 1039 -46.71 -14.26 57.10
CA ASN U 1039 -46.18 -13.26 56.18
C ASN U 1039 -45.00 -12.53 56.81
N CYS U 1040 -43.97 -12.32 56.01
CA CYS U 1040 -42.83 -11.51 56.39
C CYS U 1040 -42.75 -10.31 55.46
N SER U 1041 -42.07 -9.27 55.92
CA SER U 1041 -41.95 -8.06 55.12
C SER U 1041 -40.57 -7.48 55.31
N LEU U 1042 -39.97 -7.01 54.23
CA LEU U 1042 -38.69 -6.32 54.28
C LEU U 1042 -38.75 -5.13 53.34
N VAL U 1043 -38.08 -4.05 53.77
CA VAL U 1043 -37.89 -2.88 52.93
C VAL U 1043 -36.41 -2.60 52.88
N ILE U 1044 -35.86 -2.52 51.68
CA ILE U 1044 -34.42 -2.43 51.46
C ILE U 1044 -34.10 -1.11 50.76
N PRO U 1045 -33.62 -0.10 51.48
CA PRO U 1045 -33.47 1.23 50.88
C PRO U 1045 -32.33 1.29 49.88
N GLY U 1046 -32.06 2.51 49.42
CA GLY U 1046 -30.82 2.86 48.75
C GLY U 1046 -30.46 2.11 47.50
N PHE U 1047 -31.38 1.99 46.54
CA PHE U 1047 -31.12 1.21 45.35
C PHE U 1047 -31.77 1.87 44.14
N ASN U 1048 -31.80 1.13 43.04
CA ASN U 1048 -32.41 1.56 41.79
C ASN U 1048 -33.32 0.46 41.26
N ALA U 1049 -34.28 0.88 40.44
CA ALA U 1049 -35.28 -0.03 39.91
C ALA U 1049 -34.69 -1.05 38.94
N GLN U 1050 -33.44 -0.88 38.53
CA GLN U 1050 -32.80 -1.83 37.63
C GLN U 1050 -31.84 -2.77 38.35
N ASP U 1051 -32.15 -3.16 39.58
CA ASP U 1051 -31.27 -3.97 40.40
C ASP U 1051 -32.02 -5.18 40.96
N VAL U 1052 -31.27 -6.21 41.32
CA VAL U 1052 -31.82 -7.52 41.58
C VAL U 1052 -31.47 -7.95 43.00
N PHE U 1053 -32.25 -8.91 43.52
CA PHE U 1053 -31.91 -9.58 44.75
C PHE U 1053 -32.11 -11.08 44.56
N ASN U 1054 -31.28 -11.86 45.25
CA ASN U 1054 -31.34 -13.31 45.23
C ASN U 1054 -31.32 -13.83 46.66
N CYS U 1055 -32.25 -14.72 46.98
CA CYS U 1055 -32.28 -15.36 48.28
C CYS U 1055 -31.66 -16.75 48.17
N TYR U 1056 -30.72 -17.02 49.06
CA TYR U 1056 -30.07 -18.31 49.16
C TYR U 1056 -30.48 -19.00 50.45
N PHE U 1057 -30.38 -20.33 50.43
CA PHE U 1057 -30.76 -21.15 51.57
C PHE U 1057 -30.02 -22.47 51.43
N ASN U 1058 -29.04 -22.69 52.30
CA ASN U 1058 -28.18 -23.87 52.23
C ASN U 1058 -27.41 -23.91 50.91
N SER U 1059 -26.96 -22.74 50.46
CA SER U 1059 -26.31 -22.58 49.16
C SER U 1059 -27.24 -22.96 48.01
N ALA U 1060 -28.55 -22.93 48.24
CA ALA U 1060 -29.53 -23.01 47.16
C ALA U 1060 -29.94 -21.60 46.75
N LEU U 1061 -30.99 -21.52 45.96
CA LEU U 1061 -31.51 -20.24 45.50
C LEU U 1061 -33.02 -20.25 45.68
N ALA U 1062 -33.49 -19.58 46.73
CA ALA U 1062 -34.92 -19.54 46.97
C ALA U 1062 -35.64 -18.84 45.83
N PHE U 1063 -35.08 -17.73 45.35
CA PHE U 1063 -35.72 -16.92 44.33
C PHE U 1063 -34.80 -15.77 43.96
N SER U 1064 -35.14 -15.13 42.86
CA SER U 1064 -34.55 -13.86 42.47
C SER U 1064 -35.66 -12.93 42.02
N THR U 1065 -35.39 -11.63 42.06
CA THR U 1065 -36.45 -10.68 41.76
C THR U 1065 -36.78 -10.65 40.27
N GLU U 1066 -35.78 -10.86 39.40
CA GLU U 1066 -36.02 -10.79 37.96
C GLU U 1066 -37.15 -11.70 37.54
N ASP U 1067 -37.15 -12.94 38.04
CA ASP U 1067 -38.29 -13.83 37.85
C ASP U 1067 -38.98 -13.98 39.19
N VAL U 1068 -40.04 -13.19 39.38
CA VAL U 1068 -40.87 -13.33 40.58
C VAL U 1068 -41.57 -14.67 40.58
N ASN U 1069 -41.97 -15.16 39.40
CA ASN U 1069 -42.94 -16.26 39.35
C ASN U 1069 -42.29 -17.59 39.68
N ALA U 1070 -41.38 -18.05 38.84
CA ALA U 1070 -40.69 -19.32 39.06
C ALA U 1070 -39.71 -19.15 40.22
N ALA U 1071 -40.28 -18.87 41.38
CA ALA U 1071 -39.54 -18.60 42.60
C ALA U 1071 -39.83 -19.72 43.58
N MET U 1072 -38.78 -20.27 44.17
CA MET U 1072 -38.99 -21.59 44.74
C MET U 1072 -39.64 -21.51 46.11
N ILE U 1073 -39.84 -20.31 46.63
CA ILE U 1073 -40.37 -20.07 47.98
C ILE U 1073 -41.88 -19.97 47.87
N PRO U 1074 -42.63 -20.28 48.93
CA PRO U 1074 -44.10 -20.18 48.86
C PRO U 1074 -44.65 -18.81 48.48
N GLN U 1075 -43.96 -17.71 48.77
CA GLN U 1075 -44.57 -16.41 48.49
C GLN U 1075 -43.51 -15.36 48.23
N VAL U 1076 -43.74 -14.56 47.19
CA VAL U 1076 -42.83 -13.48 46.79
C VAL U 1076 -43.65 -12.22 46.57
N SER U 1077 -43.03 -11.06 46.81
CA SER U 1077 -43.55 -9.78 46.40
C SER U 1077 -42.39 -8.85 46.08
N ALA U 1078 -42.65 -7.83 45.26
CA ALA U 1078 -41.59 -6.95 44.80
C ALA U 1078 -42.19 -5.60 44.40
N GLN U 1079 -41.84 -4.55 45.14
CA GLN U 1079 -42.35 -3.21 44.91
C GLN U 1079 -41.21 -2.22 45.04
N PHE U 1080 -41.35 -1.07 44.41
CA PHE U 1080 -40.30 -0.07 44.45
C PHE U 1080 -40.91 1.31 44.64
N ASP U 1081 -40.19 2.16 45.37
CA ASP U 1081 -40.68 3.49 45.73
C ASP U 1081 -39.86 4.52 44.96
N ALA U 1082 -40.29 4.82 43.74
CA ALA U 1082 -39.56 5.77 42.92
C ALA U 1082 -39.44 7.13 43.59
N THR U 1083 -40.32 7.43 44.54
CA THR U 1083 -40.21 8.63 45.35
C THR U 1083 -38.95 8.59 46.22
N LYS U 1084 -38.70 7.45 46.86
CA LYS U 1084 -37.62 7.34 47.83
C LYS U 1084 -36.51 6.38 47.41
N GLY U 1085 -36.70 5.63 46.32
CA GLY U 1085 -35.69 4.65 45.96
C GLY U 1085 -35.60 3.49 46.90
N GLU U 1086 -36.67 3.18 47.64
CA GLU U 1086 -36.70 2.10 48.60
C GLU U 1086 -37.41 0.90 47.99
N TRP U 1087 -36.76 -0.26 47.99
CA TRP U 1087 -37.34 -1.50 47.49
C TRP U 1087 -38.14 -2.19 48.60
N THR U 1088 -39.00 -3.12 48.20
CA THR U 1088 -39.89 -3.78 49.17
C THR U 1088 -40.13 -5.21 48.72
N LEU U 1089 -39.82 -6.17 49.59
CA LEU U 1089 -40.01 -7.58 49.33
C LEU U 1089 -40.84 -8.19 50.46
N ASP U 1090 -42.00 -8.73 50.14
CA ASP U 1090 -42.94 -9.19 51.17
C ASP U 1090 -43.34 -10.63 50.88
N MET U 1091 -42.96 -11.52 51.80
CA MET U 1091 -42.68 -12.91 51.50
C MET U 1091 -43.51 -13.82 52.40
N VAL U 1092 -43.46 -15.12 52.09
CA VAL U 1092 -43.76 -16.18 53.06
C VAL U 1092 -42.75 -17.30 52.84
N PHE U 1093 -42.19 -17.82 53.93
CA PHE U 1093 -41.26 -18.93 53.89
C PHE U 1093 -41.95 -20.21 54.36
N SER U 1094 -41.19 -21.32 54.32
CA SER U 1094 -41.69 -22.61 54.76
C SER U 1094 -40.69 -23.42 55.57
N ASP U 1095 -39.47 -22.94 55.79
CA ASP U 1095 -38.48 -23.66 56.56
C ASP U 1095 -37.87 -22.74 57.61
N ALA U 1096 -37.81 -23.22 58.84
CA ALA U 1096 -37.13 -22.47 59.89
C ALA U 1096 -35.63 -22.44 59.62
N GLY U 1097 -34.96 -21.45 60.19
CA GLY U 1097 -33.53 -21.36 59.99
C GLY U 1097 -33.08 -20.02 59.46
N ILE U 1098 -32.06 -20.01 58.60
CA ILE U 1098 -31.51 -18.76 58.09
C ILE U 1098 -31.63 -18.74 56.57
N TYR U 1099 -32.14 -17.64 56.05
CA TYR U 1099 -32.03 -17.35 54.64
C TYR U 1099 -31.11 -16.16 54.48
N THR U 1100 -30.50 -16.02 53.31
CA THR U 1100 -29.63 -14.88 53.07
C THR U 1100 -30.05 -14.16 51.80
N MET U 1101 -30.13 -12.84 51.87
CA MET U 1101 -30.45 -12.05 50.70
C MET U 1101 -29.21 -11.31 50.22
N GLN U 1102 -28.93 -11.44 48.93
CA GLN U 1102 -27.78 -10.83 48.30
C GLN U 1102 -28.28 -9.99 47.14
N ALA U 1103 -27.55 -8.94 46.78
CA ALA U 1103 -28.04 -8.01 45.77
C ALA U 1103 -27.09 -7.92 44.59
N LEU U 1104 -27.67 -7.60 43.44
CA LEU U 1104 -26.97 -7.47 42.18
C LEU U 1104 -27.24 -6.08 41.62
N VAL U 1105 -26.19 -5.28 41.47
CA VAL U 1105 -26.32 -3.88 41.07
C VAL U 1105 -25.62 -3.70 39.74
N GLY U 1106 -26.37 -3.21 38.75
CA GLY U 1106 -25.81 -2.83 37.47
C GLY U 1106 -25.91 -3.94 36.43
N SER U 1107 -25.51 -3.60 35.21
CA SER U 1107 -25.49 -4.58 34.12
C SER U 1107 -24.14 -5.28 34.19
N ASN U 1108 -23.71 -5.59 35.42
CA ASN U 1108 -22.43 -6.25 35.65
C ASN U 1108 -22.51 -7.46 36.58
N ALA U 1109 -21.54 -8.35 36.46
CA ALA U 1109 -21.50 -9.57 37.27
C ALA U 1109 -21.11 -9.33 38.73
N ASN U 1110 -20.85 -8.07 39.09
CA ASN U 1110 -20.46 -7.76 40.47
C ASN U 1110 -21.59 -8.08 41.45
N PRO U 1111 -21.24 -8.71 42.57
CA PRO U 1111 -22.22 -9.08 43.60
C PRO U 1111 -21.97 -8.45 44.97
N VAL U 1112 -23.01 -7.88 45.56
CA VAL U 1112 -22.89 -7.27 46.88
C VAL U 1112 -23.47 -8.29 47.88
N SER U 1113 -23.10 -8.19 49.16
CA SER U 1113 -23.61 -9.15 50.11
C SER U 1113 -24.38 -8.41 51.19
N LEU U 1114 -25.69 -8.43 51.08
CA LEU U 1114 -26.54 -7.79 52.06
C LEU U 1114 -26.68 -8.73 53.25
N GLY U 1115 -27.26 -8.22 54.33
CA GLY U 1115 -27.43 -9.00 55.52
C GLY U 1115 -28.38 -10.17 55.30
N SER U 1116 -28.19 -11.20 56.11
CA SER U 1116 -29.06 -12.36 56.11
C SER U 1116 -30.14 -12.16 57.17
N PHE U 1117 -31.10 -13.08 57.21
CA PHE U 1117 -32.14 -13.02 58.22
C PHE U 1117 -32.52 -14.43 58.66
N VAL U 1118 -33.16 -14.47 59.81
CA VAL U 1118 -33.56 -15.73 60.42
C VAL U 1118 -35.08 -15.81 60.47
N VAL U 1119 -35.60 -16.97 60.08
CA VAL U 1119 -36.97 -17.37 60.35
C VAL U 1119 -36.92 -18.42 61.45
N ASP U 1120 -38.00 -18.57 62.20
CA ASP U 1120 -38.04 -19.58 63.26
C ASP U 1120 -39.35 -20.34 63.21
N SER U 1121 -39.28 -21.61 63.62
CA SER U 1121 -40.44 -22.48 63.53
C SER U 1121 -41.50 -22.09 64.57
N PRO U 1122 -42.76 -22.39 64.30
CA PRO U 1122 -43.81 -22.18 65.31
C PRO U 1122 -43.51 -22.92 66.60
N ASP U 1123 -44.24 -22.51 67.64
CA ASP U 1123 -44.01 -23.03 68.99
C ASP U 1123 -44.07 -24.55 69.04
N VAL U 1124 -43.38 -25.13 70.01
CA VAL U 1124 -43.31 -26.58 70.17
C VAL U 1124 -44.34 -27.08 71.18
N ASP U 1125 -45.31 -26.25 71.55
CA ASP U 1125 -46.20 -26.55 72.65
C ASP U 1125 -47.34 -27.48 72.22
N ILE U 1126 -47.68 -28.41 73.11
CA ILE U 1126 -48.67 -29.44 72.81
C ILE U 1126 -49.58 -29.62 74.02
N THR U 1127 -50.87 -29.78 73.73
CA THR U 1127 -51.87 -30.12 74.73
C THR U 1127 -52.76 -31.17 74.10
N ASP U 1128 -53.42 -31.99 74.91
CA ASP U 1128 -54.20 -33.10 74.38
C ASP U 1128 -55.42 -33.38 75.25
N ALA U 1129 -56.48 -33.90 74.63
CA ALA U 1129 -57.73 -34.18 75.31
C ALA U 1129 -57.91 -35.68 75.46
N TRP U 1130 -58.25 -36.11 76.67
CA TRP U 1130 -58.47 -37.50 77.00
C TRP U 1130 -59.87 -37.68 77.54
N PRO U 1131 -60.75 -38.37 76.82
CA PRO U 1131 -62.12 -38.54 77.31
C PRO U 1131 -62.19 -39.43 78.54
N ALA U 1132 -63.42 -39.73 78.97
CA ALA U 1132 -63.60 -40.50 80.20
C ALA U 1132 -63.96 -41.95 79.90
N GLN U 1133 -64.68 -42.20 78.81
CA GLN U 1133 -64.96 -43.56 78.37
C GLN U 1133 -63.80 -44.07 77.56
N LEU U 1134 -63.41 -45.33 77.79
CA LEU U 1134 -62.27 -45.92 77.11
C LEU U 1134 -62.71 -47.17 76.36
N ASP U 1135 -62.50 -47.17 75.05
CA ASP U 1135 -62.90 -48.29 74.21
C ASP U 1135 -61.81 -49.35 74.33
N PHE U 1136 -61.97 -50.22 75.32
CA PHE U 1136 -61.05 -51.35 75.45
C PHE U 1136 -61.22 -52.40 74.34
N THR U 1137 -62.11 -52.16 73.37
CA THR U 1137 -62.30 -53.05 72.24
C THR U 1137 -61.27 -52.78 71.15
N ILE U 1138 -61.49 -53.39 69.98
CA ILE U 1138 -60.55 -53.27 68.87
C ILE U 1138 -60.58 -51.87 68.26
N ALA U 1139 -61.76 -51.26 68.17
CA ALA U 1139 -61.83 -49.91 67.61
C ALA U 1139 -60.96 -48.96 68.42
N GLY U 1140 -61.08 -49.02 69.74
CA GLY U 1140 -60.19 -48.29 70.60
C GLY U 1140 -60.58 -46.86 70.77
N THR U 1141 -60.22 -46.28 71.91
CA THR U 1141 -60.55 -44.88 72.17
C THR U 1141 -59.80 -43.98 71.21
N ASP U 1142 -60.41 -42.82 70.96
CA ASP U 1142 -59.81 -41.79 70.12
C ASP U 1142 -59.79 -40.48 70.89
N VAL U 1143 -58.66 -39.79 70.80
CA VAL U 1143 -58.37 -38.64 71.64
C VAL U 1143 -57.90 -37.49 70.77
N ASP U 1144 -57.98 -36.29 71.32
CA ASP U 1144 -57.64 -35.07 70.60
C ASP U 1144 -56.25 -34.61 71.04
N ILE U 1145 -55.41 -34.30 70.07
CA ILE U 1145 -54.07 -33.78 70.31
C ILE U 1145 -53.93 -32.47 69.57
N THR U 1146 -54.05 -31.36 70.29
CA THR U 1146 -53.96 -30.02 69.71
C THR U 1146 -52.53 -29.78 69.30
N VAL U 1147 -52.32 -29.57 68.00
CA VAL U 1147 -50.98 -29.33 67.45
C VAL U 1147 -51.10 -28.36 66.31
N ASN U 1148 -50.22 -27.37 66.28
CA ASN U 1148 -50.06 -26.55 65.11
C ASN U 1148 -49.63 -27.42 63.94
N PRO U 1149 -50.32 -27.35 62.79
CA PRO U 1149 -50.20 -28.43 61.80
C PRO U 1149 -48.82 -28.58 61.19
N TYR U 1150 -47.97 -27.55 61.28
CA TYR U 1150 -46.65 -27.65 60.68
C TYR U 1150 -45.88 -28.86 61.20
N TYR U 1151 -46.01 -29.17 62.48
CA TYR U 1151 -45.36 -30.34 63.04
C TYR U 1151 -46.11 -31.61 62.64
N ARG U 1152 -45.38 -32.55 62.05
CA ARG U 1152 -45.86 -33.90 61.77
C ARG U 1152 -45.42 -34.83 62.89
N LEU U 1153 -46.28 -35.74 63.31
CA LEU U 1153 -46.13 -36.45 64.58
C LEU U 1153 -46.13 -37.96 64.42
N MET U 1154 -45.29 -38.61 65.21
CA MET U 1154 -45.32 -40.06 65.39
C MET U 1154 -45.05 -40.35 66.86
N THR U 1155 -44.88 -41.63 67.19
CA THR U 1155 -44.60 -42.03 68.56
C THR U 1155 -43.45 -43.04 68.61
N PHE U 1156 -42.85 -43.14 69.80
CA PHE U 1156 -41.65 -43.92 70.01
C PHE U 1156 -41.71 -44.56 71.38
N VAL U 1157 -40.70 -45.39 71.70
CA VAL U 1157 -40.49 -45.90 73.05
C VAL U 1157 -38.99 -45.97 73.31
N ARG U 1158 -38.62 -45.79 74.57
CA ARG U 1158 -37.23 -45.93 75.00
C ARG U 1158 -37.05 -47.30 75.64
N ILE U 1159 -36.30 -48.17 74.97
CA ILE U 1159 -35.98 -49.51 75.44
C ILE U 1159 -34.47 -49.63 75.52
N ASP U 1160 -33.96 -49.92 76.72
CA ASP U 1160 -32.52 -50.12 76.93
C ASP U 1160 -31.74 -48.86 76.58
N GLY U 1161 -32.35 -47.69 76.79
CA GLY U 1161 -31.75 -46.44 76.42
C GLY U 1161 -31.83 -46.13 74.95
N GLN U 1162 -32.48 -46.97 74.17
CA GLN U 1162 -32.47 -46.86 72.72
C GLN U 1162 -33.87 -46.59 72.21
N TRP U 1163 -33.99 -45.72 71.23
CA TRP U 1163 -35.29 -45.40 70.66
C TRP U 1163 -35.75 -46.52 69.73
N GLN U 1164 -36.97 -46.99 69.98
CA GLN U 1164 -37.63 -47.97 69.12
C GLN U 1164 -38.89 -47.35 68.55
N ILE U 1165 -39.21 -47.74 67.32
CA ILE U 1165 -40.36 -47.18 66.59
C ILE U 1165 -41.63 -47.85 67.09
N ALA U 1166 -42.60 -47.05 67.50
CA ALA U 1166 -43.86 -47.59 67.97
C ALA U 1166 -44.60 -48.27 66.82
N ASN U 1167 -45.45 -49.22 67.17
CA ASN U 1167 -46.15 -49.98 66.15
C ASN U 1167 -47.12 -49.08 65.39
N PRO U 1168 -47.01 -48.98 64.07
CA PRO U 1168 -48.02 -48.21 63.32
C PRO U 1168 -49.39 -48.83 63.42
N ASP U 1169 -49.49 -50.10 63.81
CA ASP U 1169 -50.80 -50.72 64.00
C ASP U 1169 -51.43 -50.36 65.34
N LYS U 1170 -50.68 -49.67 66.20
CA LYS U 1170 -51.15 -49.40 67.56
C LYS U 1170 -51.88 -48.07 67.63
N PHE U 1171 -51.19 -46.99 67.26
CA PHE U 1171 -51.78 -45.66 67.24
C PHE U 1171 -51.96 -45.24 65.78
N GLN U 1172 -53.03 -44.50 65.53
CA GLN U 1172 -53.27 -43.94 64.20
C GLN U 1172 -53.62 -42.46 64.34
N PHE U 1173 -52.77 -41.59 63.80
CA PHE U 1173 -53.19 -40.21 63.64
C PHE U 1173 -54.13 -40.11 62.45
N PHE U 1174 -55.00 -39.09 62.48
CA PHE U 1174 -55.87 -38.74 61.36
C PHE U 1174 -56.67 -37.51 61.74
N SER U 1175 -57.46 -37.02 60.78
CA SER U 1175 -58.19 -35.78 60.97
C SER U 1175 -59.69 -35.92 60.72
N THR U 1180 -59.31 -30.88 62.50
CA THR U 1180 -58.58 -31.07 63.76
C THR U 1180 -57.76 -32.34 63.69
N LEU U 1181 -57.23 -32.77 64.84
CA LEU U 1181 -56.39 -33.96 64.90
C LEU U 1181 -56.96 -34.93 65.92
N VAL U 1182 -56.99 -36.20 65.56
CA VAL U 1182 -57.50 -37.26 66.41
C VAL U 1182 -56.59 -38.46 66.28
N MET U 1183 -56.26 -39.07 67.41
CA MET U 1183 -55.40 -40.24 67.46
C MET U 1183 -56.17 -41.43 68.02
N ASN U 1184 -56.02 -42.56 67.34
CA ASN U 1184 -56.62 -43.83 67.68
C ASN U 1184 -55.62 -44.72 68.39
N VAL U 1185 -56.13 -45.57 69.27
CA VAL U 1185 -55.30 -46.41 70.11
C VAL U 1185 -56.11 -47.61 70.56
N LYS U 1186 -55.47 -48.78 70.52
CA LYS U 1186 -56.01 -50.01 71.10
C LYS U 1186 -55.39 -50.17 72.47
N LEU U 1187 -56.22 -50.42 73.48
CA LEU U 1187 -55.77 -50.33 74.85
C LEU U 1187 -55.36 -51.69 75.39
N ASP U 1188 -54.36 -51.69 76.25
CA ASP U 1188 -53.79 -52.92 76.79
C ASP U 1188 -53.19 -52.66 78.16
N ILE U 1189 -53.15 -53.72 78.96
CA ILE U 1189 -52.48 -53.67 80.26
C ILE U 1189 -51.00 -53.38 80.09
N ALA U 1190 -50.40 -53.95 79.05
CA ALA U 1190 -48.98 -53.73 78.81
C ALA U 1190 -48.64 -52.25 78.79
N ASP U 1191 -49.53 -51.43 78.23
CA ASP U 1191 -49.26 -50.01 78.10
C ASP U 1191 -49.09 -49.34 79.45
N LYS U 1192 -49.56 -49.97 80.53
CA LYS U 1192 -49.34 -49.41 81.87
C LYS U 1192 -47.87 -49.40 82.24
N TYR U 1193 -47.10 -50.41 81.81
CA TYR U 1193 -45.73 -50.54 82.28
C TYR U 1193 -44.72 -50.01 81.28
N LEU U 1194 -45.17 -49.32 80.24
CA LEU U 1194 -44.26 -48.64 79.32
C LEU U 1194 -44.78 -47.25 79.04
N LEU U 1195 -43.89 -46.26 79.15
CA LEU U 1195 -44.19 -44.88 78.83
C LEU U 1195 -44.12 -44.70 77.32
N TYR U 1196 -44.82 -43.70 76.80
CA TYR U 1196 -44.93 -43.49 75.36
C TYR U 1196 -44.75 -42.01 75.02
N TYR U 1197 -44.03 -41.76 73.93
CA TYR U 1197 -43.61 -40.42 73.53
C TYR U 1197 -44.14 -40.08 72.14
N ILE U 1198 -44.64 -38.86 72.00
CA ILE U 1198 -44.95 -38.28 70.70
C ILE U 1198 -43.74 -37.45 70.28
N ARG U 1199 -43.17 -37.79 69.13
CA ARG U 1199 -41.95 -37.20 68.61
C ARG U 1199 -42.21 -36.71 67.18
N ASP U 1200 -41.29 -35.89 66.69
CA ASP U 1200 -41.50 -35.15 65.45
C ASP U 1200 -40.37 -35.42 64.46
N VAL U 1201 -40.74 -35.64 63.19
CA VAL U 1201 -39.79 -36.14 62.20
C VAL U 1201 -39.72 -35.25 60.97
N GLN U 1202 -40.25 -34.03 61.03
CA GLN U 1202 -40.36 -33.20 59.84
C GLN U 1202 -39.03 -32.83 59.24
N SER U 1203 -38.06 -32.45 60.05
CA SER U 1203 -36.73 -32.14 59.55
C SER U 1203 -35.91 -33.41 59.48
N ARG U 1204 -34.60 -33.24 59.31
CA ARG U 1204 -33.69 -34.39 59.31
C ARG U 1204 -33.64 -35.09 60.66
N ASP U 1205 -33.64 -34.34 61.76
CA ASP U 1205 -33.57 -34.91 63.10
C ASP U 1205 -34.97 -35.22 63.60
N VAL U 1206 -35.01 -35.90 64.74
CA VAL U 1206 -36.24 -36.42 65.30
C VAL U 1206 -36.27 -36.08 66.80
N GLY U 1207 -37.41 -35.57 67.26
CA GLY U 1207 -37.55 -35.31 68.68
C GLY U 1207 -36.83 -34.08 69.15
N PHE U 1208 -36.27 -33.30 68.23
CA PHE U 1208 -35.55 -32.10 68.65
C PHE U 1208 -36.51 -31.03 69.12
N TYR U 1209 -37.68 -30.94 68.50
CA TYR U 1209 -38.63 -29.89 68.90
C TYR U 1209 -39.68 -30.44 69.86
N ILE U 1210 -40.31 -31.57 69.52
CA ILE U 1210 -41.39 -32.12 70.31
C ILE U 1210 -40.99 -33.51 70.76
N GLN U 1211 -40.79 -33.67 72.06
CA GLN U 1211 -40.57 -34.97 72.71
C GLN U 1211 -41.54 -34.99 73.88
N HIS U 1212 -42.78 -35.37 73.60
CA HIS U 1212 -43.83 -35.26 74.60
C HIS U 1212 -44.20 -36.64 75.12
N PRO U 1213 -43.77 -37.02 76.33
CA PRO U 1213 -44.25 -38.26 76.91
C PRO U 1213 -45.75 -38.18 77.17
N LEU U 1214 -46.39 -39.34 77.13
CA LEU U 1214 -47.82 -39.45 77.43
C LEU U 1214 -47.96 -40.00 78.84
N GLN U 1215 -47.67 -39.14 79.81
CA GLN U 1215 -47.86 -39.53 81.20
C GLN U 1215 -49.29 -39.96 81.47
N LEU U 1216 -50.24 -39.43 80.71
CA LEU U 1216 -51.63 -39.83 80.88
C LEU U 1216 -51.81 -41.32 80.61
N LEU U 1217 -50.97 -41.89 79.76
CA LEU U 1217 -51.15 -43.29 79.37
C LEU U 1217 -50.78 -44.23 80.50
N ASN U 1218 -49.78 -43.87 81.31
CA ASN U 1218 -49.36 -44.69 82.43
C ASN U 1218 -50.22 -44.46 83.66
N THR U 1219 -51.43 -43.96 83.48
CA THR U 1219 -52.31 -43.61 84.58
C THR U 1219 -53.71 -44.17 84.35
N ILE U 1220 -53.81 -45.21 83.53
CA ILE U 1220 -55.11 -45.76 83.16
C ILE U 1220 -55.64 -46.62 84.31
N THR U 1221 -56.96 -46.71 84.38
CA THR U 1221 -57.67 -47.49 85.39
C THR U 1221 -58.34 -48.70 84.74
N LEU U 1222 -57.79 -49.89 85.00
CA LEU U 1222 -58.24 -51.08 84.30
C LEU U 1222 -59.65 -51.47 84.71
N PRO U 1223 -60.33 -52.24 83.87
CA PRO U 1223 -61.57 -52.90 84.30
C PRO U 1223 -61.28 -54.26 84.92
N THR U 1224 -62.34 -54.86 85.46
CA THR U 1224 -62.31 -56.25 85.87
C THR U 1224 -63.45 -57.05 85.26
N ASN U 1225 -64.50 -56.37 84.81
CA ASN U 1225 -65.70 -56.97 84.23
C ASN U 1225 -65.63 -57.01 82.72
N GLU U 1226 -64.42 -56.98 82.16
CA GLU U 1226 -64.23 -56.72 80.75
C GLU U 1226 -63.09 -57.56 80.20
N ASP U 1227 -63.26 -58.04 78.97
CA ASP U 1227 -62.18 -58.71 78.27
C ASP U 1227 -61.07 -57.71 77.97
N LEU U 1228 -59.87 -58.22 77.72
CA LEU U 1228 -58.73 -57.33 77.57
C LEU U 1228 -57.74 -57.85 76.53
N PHE U 1229 -57.12 -56.92 75.82
CA PHE U 1229 -55.90 -57.17 75.08
C PHE U 1229 -54.79 -57.28 76.11
N LEU U 1230 -53.72 -58.01 75.79
CA LEU U 1230 -52.59 -58.06 76.71
C LEU U 1230 -51.36 -58.61 76.01
N SER U 1231 -50.22 -57.96 76.21
CA SER U 1231 -48.96 -58.48 75.68
C SER U 1231 -47.88 -58.27 76.73
N ALA U 1232 -46.75 -58.92 76.53
CA ALA U 1232 -45.62 -58.74 77.42
C ALA U 1232 -45.05 -57.34 77.26
N PRO U 1233 -44.46 -56.78 78.31
CA PRO U 1233 -43.83 -55.47 78.16
C PRO U 1233 -42.52 -55.49 77.39
N ASP U 1234 -41.66 -56.47 77.66
CA ASP U 1234 -40.31 -56.38 77.13
C ASP U 1234 -39.68 -57.77 77.09
N MET U 1235 -38.36 -57.81 76.95
CA MET U 1235 -37.66 -59.08 76.90
C MET U 1235 -37.42 -59.65 78.29
N ARG U 1236 -37.85 -58.97 79.33
CA ARG U 1236 -37.68 -59.46 80.69
C ARG U 1236 -38.71 -60.55 80.95
N GLU U 1237 -38.89 -60.91 82.22
CA GLU U 1237 -39.66 -62.10 82.56
C GLU U 1237 -40.78 -61.73 83.52
N TRP U 1238 -41.92 -61.34 82.96
CA TRP U 1238 -43.10 -60.93 83.71
C TRP U 1238 -44.03 -62.12 83.85
N ALA U 1239 -44.47 -62.38 85.08
CA ALA U 1239 -45.41 -63.47 85.34
C ALA U 1239 -46.74 -62.91 85.82
N VAL U 1240 -47.83 -63.30 85.13
CA VAL U 1240 -49.14 -62.71 85.34
C VAL U 1240 -49.69 -63.12 86.69
N LYS U 1241 -50.60 -62.29 87.22
CA LYS U 1241 -51.35 -62.62 88.44
C LYS U 1241 -52.76 -62.06 88.35
N GLU U 1242 -53.74 -62.92 88.59
CA GLU U 1242 -55.15 -62.56 88.70
C GLU U 1242 -55.45 -62.36 90.18
N SER U 1243 -55.52 -61.11 90.60
CA SER U 1243 -55.68 -60.75 92.01
C SER U 1243 -54.59 -61.41 92.86
N GLY U 1244 -53.34 -61.16 92.46
CA GLY U 1244 -52.20 -61.61 93.22
C GLY U 1244 -51.94 -63.10 93.17
N ASN U 1245 -52.31 -63.77 92.09
CA ASN U 1245 -52.16 -65.21 91.96
C ASN U 1245 -51.56 -65.51 90.60
N THR U 1246 -50.31 -65.95 90.58
CA THR U 1246 -49.65 -66.26 89.32
C THR U 1246 -50.43 -67.29 88.54
N ILE U 1247 -50.55 -67.06 87.24
CA ILE U 1247 -51.24 -67.96 86.33
C ILE U 1247 -50.27 -68.63 85.36
N CYS U 1248 -49.53 -67.84 84.60
CA CYS U 1248 -48.46 -68.34 83.75
C CYS U 1248 -47.32 -67.32 83.77
N ILE U 1249 -46.39 -67.47 82.84
CA ILE U 1249 -45.19 -66.65 82.82
C ILE U 1249 -44.89 -66.23 81.38
N LEU U 1250 -45.04 -64.94 81.10
CA LEU U 1250 -44.71 -64.44 79.78
C LEU U 1250 -43.22 -64.61 79.50
N ASN U 1251 -42.91 -64.98 78.26
CA ASN U 1251 -41.52 -65.13 77.78
C ASN U 1251 -40.79 -66.25 78.48
N SER U 1252 -41.51 -67.29 78.90
CA SER U 1252 -40.91 -68.38 79.62
C SER U 1252 -40.71 -69.59 78.72
N GLN U 1253 -39.58 -70.27 78.92
CA GLN U 1253 -39.39 -71.57 78.31
C GLN U 1253 -40.50 -72.51 78.76
N GLY U 1254 -41.06 -73.24 77.81
CA GLY U 1254 -42.11 -74.19 78.13
C GLY U 1254 -43.37 -73.54 78.70
N PHE U 1255 -43.69 -72.34 78.25
CA PHE U 1255 -44.99 -71.77 78.55
C PHE U 1255 -46.08 -72.49 77.78
N VAL U 1256 -47.27 -72.55 78.38
CA VAL U 1256 -48.43 -73.20 77.79
C VAL U 1256 -49.59 -72.21 77.79
N LEU U 1257 -50.31 -72.15 76.69
CA LEU U 1257 -51.41 -71.20 76.56
C LEU U 1257 -52.59 -71.65 77.41
N PRO U 1258 -53.27 -70.74 78.10
CA PRO U 1258 -54.51 -71.11 78.77
C PRO U 1258 -55.61 -71.41 77.77
N GLN U 1259 -56.57 -72.23 78.20
CA GLN U 1259 -57.69 -72.56 77.35
C GLN U 1259 -58.67 -71.39 77.22
N ASP U 1260 -58.61 -70.42 78.13
CA ASP U 1260 -59.49 -69.27 78.10
C ASP U 1260 -58.82 -68.02 77.54
N TRP U 1261 -57.50 -68.03 77.39
CA TRP U 1261 -56.80 -66.99 76.67
C TRP U 1261 -57.00 -67.19 75.18
N ASP U 1262 -56.57 -66.19 74.40
CA ASP U 1262 -56.63 -66.30 72.95
C ASP U 1262 -55.69 -65.27 72.33
N VAL U 1263 -55.07 -65.66 71.22
CA VAL U 1263 -54.05 -64.86 70.55
C VAL U 1263 -54.69 -64.09 69.41
N LEU U 1264 -54.10 -62.94 69.08
CA LEU U 1264 -54.67 -61.99 68.14
C LEU U 1264 -53.84 -61.91 66.87
N THR U 1265 -54.53 -61.61 65.76
CA THR U 1265 -53.96 -61.75 64.42
C THR U 1265 -52.68 -60.96 64.26
N ASP U 1266 -52.70 -59.67 64.62
CA ASP U 1266 -51.60 -58.77 64.38
C ASP U 1266 -51.19 -58.12 65.71
N THR U 1267 -49.99 -58.44 66.16
CA THR U 1267 -49.56 -58.03 67.50
C THR U 1267 -49.51 -56.51 67.63
N ILE U 1268 -50.02 -56.02 68.76
CA ILE U 1268 -49.94 -54.61 69.10
C ILE U 1268 -48.59 -54.21 69.66
N SER U 1269 -47.64 -55.14 69.72
CA SER U 1269 -46.42 -54.91 70.47
C SER U 1269 -45.54 -53.88 69.78
N TRP U 1270 -44.61 -53.34 70.58
CA TRP U 1270 -43.64 -52.41 70.03
C TRP U 1270 -42.57 -53.13 69.23
N SER U 1271 -42.34 -54.42 69.53
CA SER U 1271 -41.47 -55.26 68.74
C SER U 1271 -42.31 -56.36 68.10
N PRO U 1272 -42.27 -56.52 66.78
CA PRO U 1272 -43.24 -57.39 66.11
C PRO U 1272 -43.15 -58.84 66.51
N SER U 1273 -42.04 -59.28 67.09
CA SER U 1273 -41.90 -60.68 67.46
C SER U 1273 -42.90 -61.07 68.55
N ILE U 1274 -43.00 -60.27 69.59
CA ILE U 1274 -43.82 -60.61 70.76
C ILE U 1274 -45.29 -60.57 70.37
N PRO U 1275 -46.03 -61.67 70.52
CA PRO U 1275 -47.45 -61.68 70.17
C PRO U 1275 -48.28 -60.90 71.17
N THR U 1276 -49.59 -60.90 70.93
CA THR U 1276 -50.55 -60.27 71.83
C THR U 1276 -51.75 -61.19 72.00
N TYR U 1277 -52.12 -61.44 73.25
CA TYR U 1277 -53.16 -62.37 73.64
C TYR U 1277 -54.41 -61.62 74.11
N ILE U 1278 -55.47 -62.40 74.27
CA ILE U 1278 -56.75 -61.92 74.77
C ILE U 1278 -56.98 -62.58 76.12
N VAL U 1279 -57.02 -61.78 77.18
CA VAL U 1279 -57.24 -62.30 78.52
C VAL U 1279 -58.69 -62.05 78.93
N PRO U 1280 -59.33 -63.02 79.57
CA PRO U 1280 -60.74 -62.88 79.95
C PRO U 1280 -60.85 -62.03 81.19
N PRO U 1281 -62.05 -61.53 81.52
CA PRO U 1281 -62.14 -60.43 82.49
C PRO U 1281 -61.59 -60.79 83.86
N GLY U 1282 -60.99 -59.81 84.50
CA GLY U 1282 -60.40 -60.00 85.81
C GLY U 1282 -59.31 -58.96 86.04
N ASP U 1283 -58.73 -59.01 87.23
CA ASP U 1283 -57.60 -58.17 87.59
C ASP U 1283 -56.32 -58.83 87.10
N TYR U 1284 -55.40 -58.03 86.58
CA TYR U 1284 -54.14 -58.55 86.07
C TYR U 1284 -52.95 -57.73 86.56
N THR U 1285 -52.12 -58.36 87.39
CA THR U 1285 -50.94 -57.69 87.94
C THR U 1285 -49.66 -58.42 87.55
N LEU U 1286 -48.69 -57.66 87.06
CA LEU U 1286 -47.40 -58.22 86.65
C LEU U 1286 -46.26 -57.69 87.52
N THR U 1287 -45.42 -58.59 88.01
CA THR U 1287 -44.29 -58.22 88.83
C THR U 1287 -42.96 -58.59 88.19
N PRO U 1288 -42.03 -57.62 88.13
CA PRO U 1288 -40.71 -57.82 87.54
C PRO U 1288 -39.86 -58.81 88.34
N LEU U 1289 -39.08 -59.63 87.64
CA LEU U 1289 -38.23 -60.62 88.29
C LEU U 1289 -36.97 -60.90 87.47
C1 MYR V . -20.53 -37.96 28.66
O1 MYR V . -20.16 -37.02 29.41
C2 MYR V . -21.82 -38.69 29.00
C3 MYR V . -23.00 -37.74 28.91
C4 MYR V . -22.99 -37.03 27.57
C5 MYR V . -23.31 -38.00 26.44
C6 MYR V . -23.76 -37.18 25.24
C7 MYR V . -25.23 -36.80 25.33
C8 MYR V . -26.05 -38.08 25.27
C9 MYR V . -26.66 -38.40 23.91
C10 MYR V . -25.67 -38.54 22.76
C11 MYR V . -25.58 -37.27 21.93
C12 MYR V . -26.71 -36.28 22.19
C13 MYR V . -27.73 -36.31 21.06
C14 MYR V . -28.43 -37.66 21.04
C1 MYR W . -20.66 -32.50 -48.60
O1 MYR W . -21.14 -31.63 -49.37
C2 MYR W . -21.39 -32.90 -47.35
C3 MYR W . -22.86 -33.09 -47.67
C4 MYR W . -23.54 -33.98 -46.63
C5 MYR W . -24.91 -34.41 -47.13
C6 MYR W . -25.72 -35.06 -46.00
C7 MYR W . -24.95 -36.19 -45.34
C8 MYR W . -25.90 -37.27 -44.88
C9 MYR W . -25.16 -38.43 -44.24
C10 MYR W . -26.02 -39.69 -44.30
C11 MYR W . -25.49 -40.77 -43.37
C12 MYR W . -26.25 -42.07 -43.60
C13 MYR W . -27.75 -41.84 -43.47
C14 MYR W . -28.51 -43.14 -43.76
C1 MYR X . -59.45 -90.56 -15.18
O1 MYR X . -59.69 -91.66 -15.75
C2 MYR X . -58.97 -89.39 -15.98
C3 MYR X . -58.55 -88.26 -15.05
C4 MYR X . -58.30 -86.98 -15.83
C5 MYR X . -57.77 -85.86 -14.93
C6 MYR X . -56.27 -85.97 -14.74
C7 MYR X . -55.82 -85.30 -13.44
C8 MYR X . -54.90 -84.10 -13.72
C9 MYR X . -53.47 -84.38 -13.30
C10 MYR X . -53.30 -84.11 -11.81
C11 MYR X . -53.69 -82.68 -11.49
C12 MYR X . -53.54 -82.39 -10.01
C13 MYR X . -53.50 -80.90 -9.72
C14 MYR X . -53.31 -80.66 -8.24
C1 MYR Y . -9.93 -28.09 2.45
O1 MYR Y . -9.78 -29.32 2.55
C2 MYR Y . -10.90 -27.50 1.45
C3 MYR Y . -12.30 -28.03 1.72
C4 MYR Y . -13.31 -27.56 0.67
C5 MYR Y . -13.17 -26.07 0.37
C6 MYR Y . -13.45 -25.19 1.57
C7 MYR Y . -13.68 -23.75 1.11
C8 MYR Y . -14.96 -23.68 0.28
C9 MYR Y . -14.87 -22.62 -0.82
C10 MYR Y . -16.27 -22.18 -1.22
C11 MYR Y . -16.28 -21.52 -2.59
C12 MYR Y . -15.20 -20.46 -2.70
C13 MYR Y . -15.31 -19.70 -4.02
C14 MYR Y . -14.08 -18.84 -4.28
C1 MYR Z . 32.70 26.24 -31.53
O1 MYR Z . 33.29 26.07 -30.45
C2 MYR Z . 32.00 25.06 -32.20
C3 MYR Z . 31.01 25.53 -33.25
C4 MYR Z . 30.01 24.42 -33.57
C5 MYR Z . 28.95 24.88 -34.56
C6 MYR Z . 27.88 23.82 -34.79
C7 MYR Z . 28.37 22.66 -35.65
C8 MYR Z . 28.04 21.33 -34.96
C9 MYR Z . 28.48 20.13 -35.78
C10 MYR Z . 27.58 19.93 -37.01
C11 MYR Z . 28.15 18.80 -37.85
C12 MYR Z . 27.70 18.90 -39.30
C13 MYR Z . 26.23 18.51 -39.47
C14 MYR Z . 25.82 18.62 -40.94
C1 MYR AA . -7.46 -21.00 -77.19
O1 MYR AA . -6.81 -21.44 -78.16
C2 MYR AA . -6.85 -20.93 -75.81
C3 MYR AA . -7.82 -20.22 -74.88
C4 MYR AA . -7.11 -19.63 -73.67
C5 MYR AA . -8.11 -18.90 -72.78
C6 MYR AA . -7.44 -18.36 -71.52
C7 MYR AA . -7.17 -19.44 -70.48
C8 MYR AA . -6.63 -18.80 -69.21
C9 MYR AA . -6.00 -19.82 -68.28
C10 MYR AA . -7.07 -20.56 -67.50
C11 MYR AA . -7.42 -19.85 -66.20
C12 MYR AA . -7.62 -20.85 -65.07
C13 MYR AA . -7.91 -20.14 -63.77
C14 MYR AA . -7.72 -21.06 -62.57
C1 MYR BA . 67.93 42.11 -28.58
O1 MYR BA . 68.66 42.87 -29.27
C2 MYR BA . 67.88 42.22 -27.07
C3 MYR BA . 67.39 43.60 -26.66
C4 MYR BA . 65.91 43.59 -26.24
C5 MYR BA . 64.97 43.36 -27.41
C6 MYR BA . 65.20 44.36 -28.54
C7 MYR BA . 63.90 45.04 -28.96
C8 MYR BA . 63.40 45.99 -27.89
C9 MYR BA . 62.19 46.78 -28.38
C10 MYR BA . 61.71 47.77 -27.32
C11 MYR BA . 61.23 47.08 -26.06
C12 MYR BA . 60.20 45.99 -26.40
C13 MYR BA . 58.82 46.59 -26.66
C14 MYR BA . 58.05 46.75 -25.35
C1 MYR CA . 6.72 1.82 -1.05
O1 MYR CA . 5.54 1.47 -1.24
C2 MYR CA . 7.06 3.26 -0.70
C3 MYR CA . 6.89 3.47 0.80
C4 MYR CA . 7.47 4.83 1.24
C5 MYR CA . 7.38 4.99 2.75
C6 MYR CA . 7.69 6.42 3.18
C7 MYR CA . 9.18 6.70 3.05
C8 MYR CA . 9.83 6.80 4.43
C9 MYR CA . 11.32 6.47 4.33
C10 MYR CA . 12.08 6.96 5.54
C11 MYR CA . 13.45 6.31 5.61
C12 MYR CA . 14.05 6.48 7.00
C13 MYR CA . 14.17 7.96 7.38
C14 MYR CA . 14.65 8.12 8.82
C1 MYR DA . 54.77 38.88 48.52
O1 MYR DA . 55.75 38.26 48.98
C2 MYR DA . 53.90 38.29 47.44
C3 MYR DA . 52.75 39.24 47.15
C4 MYR DA . 52.00 38.84 45.88
C5 MYR DA . 52.96 38.82 44.69
C6 MYR DA . 52.39 38.00 43.55
C7 MYR DA . 53.41 37.84 42.43
C8 MYR DA . 52.86 36.97 41.31
C9 MYR DA . 53.82 36.83 40.15
C10 MYR DA . 54.36 38.21 39.77
C11 MYR DA . 53.76 38.70 38.46
C12 MYR DA . 54.71 38.43 37.30
C13 MYR DA . 54.35 39.29 36.11
C14 MYR DA . 55.34 39.06 34.97
C1 MYR EA . 131.97 83.84 -5.75
O1 MYR EA . 131.54 84.39 -4.71
C2 MYR EA . 131.00 83.13 -6.67
C3 MYR EA . 129.84 84.06 -6.99
C4 MYR EA . 128.69 83.30 -7.66
C5 MYR EA . 127.56 84.22 -8.06
C6 MYR EA . 126.34 83.42 -8.50
C7 MYR EA . 126.64 82.54 -9.71
C8 MYR EA . 125.67 81.37 -9.76
C9 MYR EA . 125.84 80.54 -11.02
C10 MYR EA . 124.75 79.48 -11.10
C11 MYR EA . 124.76 78.75 -12.43
C12 MYR EA . 124.28 79.65 -13.57
C13 MYR EA . 123.65 78.85 -14.69
C14 MYR EA . 122.91 79.76 -15.65
#